data_3A0B
#
_entry.id   3A0B
#
_cell.length_a   130.589
_cell.length_b   226.394
_cell.length_c   307.514
_cell.angle_alpha   90.00
_cell.angle_beta   90.00
_cell.angle_gamma   90.00
#
_symmetry.space_group_name_H-M   'P 21 21 21'
#
loop_
_entity.id
_entity.type
_entity.pdbx_description
1 polymer 'Photosystem Q(B) protein'
2 polymer 'Photosystem II core light harvesting protein'
3 polymer 'Photosystem II CP43 protein'
4 polymer 'Photosystem II D2 protein'
5 polymer 'Cytochrome b559 subunit alpha'
6 polymer 'Cytochrome b559 subunit beta'
7 polymer 'Photosystem II reaction center protein H'
8 polymer 'Photosystem II reaction center protein I'
9 polymer 'Photosystem II reaction center protein J'
10 polymer 'Photosystem II reaction center protein K'
11 polymer 'Photosystem II reaction center protein L'
12 polymer 'Photosystem II reaction center protein M'
13 polymer 'Photosystem II manganese-stabilizing polypeptide'
14 polymer 'Photosystem II reaction center protein T'
15 polymer 'Photosystem II 12 kDa extrinsic protein'
16 polymer 'Cytochrome c-550'
17 polymer 'Photosystem II reaction center protein X'
18 polymer 'Photosystem II reaction center protein ycf12'
19 polymer 'Photosystem II reaction center protein Y'
20 polymer 'Photosystem II reaction center protein Z'
21 non-polymer 'OXYGEN EVOLVING SYSTEM'
22 non-polymer 'FE (II) ION'
23 non-polymer 'CHLOROPHYLL A'
24 non-polymer 'PHEOPHYTIN A'
25 non-polymer 5-[(2E,6E,10E,14E,18E,22E)-3,7,11,15,19,23,27-HEPTAMETHYLOCTACOSA-2,6,10,14,18,22,26-HEPTAENYL]-2,3-DIMETHYLBENZO-1,4-QUINONE
26 non-polymer BETA-CAROTENE
27 non-polymer 1,2-DIPALMITOYL-PHOSPHATIDYL-GLYCEROLE
28 non-polymer 'BROMIDE ION'
29 non-polymer '(1S)-2-(ALPHA-L-ALLOPYRANOSYLOXY)-1-[(TRIDECANOYLOXY)METHYL]ETHYL PALMITATE'
30 non-polymer 'DIGALACTOSYL DIACYL GLYCEROL (DGDG)'
31 non-polymer 'PROTOPORPHYRIN IX CONTAINING FE'
#
loop_
_entity_poly.entity_id
_entity_poly.type
_entity_poly.pdbx_seq_one_letter_code
_entity_poly.pdbx_strand_id
1 'polypeptide(L)'
;MTTTLQRRESANLWERFCNWVTSTDNRLYVGWFGVIMIPTLLAATICFVIAFIAAPPVDIDGIREPVSGSLLYGNNIITG
AVVPSSNAIGLHFYPIWEAASLDEWLYNGGPYQLIIFHFLLGASCYMGRQWELSYRLGMRPWICVAYSAPLASAFAVFLI
YPIGQGSFSDGMPLGISGTFNFMIVFQAEHNILMHPFHQLGVAGVFGGALFCAMHGSLVTSSLIRETTETESANYGYKFG
QEEETYNIVAAHGYFGRLIFQYASFNNSRSLHFFLAAWRVVGVWFAALGISTMAFNLNGFNFNHSVIDAKGNVINTWADI
INRANLGMEVMHERNAHNFPLDLA
;
A,a
2 'polypeptide(L)'
;GLPWYRVHTVLINDPGRLIAAHLMHTALVAGWAGSMALYELATFDPSDPVLNPMWRQGMFVLPFMARLGVTGSWSGWSIT
GETGIDPGFWSFEGVALAHIVLSGLLFLAACWHWVYWDLELFRDPRTGEPALDLPKMFGIHLFLAGLLCFGFGAFHLTGL
FGPGMWVSDPYGLTGSVQPVAPEWGPDGFNPYNPGGVVAHHIAAGIVGIIAGLFHILVRPPQRLYKALRMGNIETVLSSS
IAAVFFAAFVVAGTMWYGSATTPIELFGPTRYQWDSSYFQQEINRRVQASLASGATLEEAWSAIPEKLAFYDYIGNNPAK
GGLFRTGPMNKGDGIAQAWKGHAVFRNKEGEELFVRRMPAFFESFPVILTDKNGVVKADIPFRRAESKYSFEQQGVTVSF
YGGELNGQTFTDPPTVKSYARKAIFGEIFEFDTETLNSDGIFRTSPRGWFTFAHAVFALLFFFGHIWHGARTLFRDVFSG
IDPELSPE
;
B,b
3 'polypeptide(L)'
;DQESSGFAWWAGNARLINLSGKLLGAHVAHAGLIVFWAGAMTLFELAHFIPEKPMYEQGLILIPHIATLGWGVGPGGEVV
DTFPFFVVGVVHLISSAVLGFGGVYHAIRGPETLEEYSSFFGYDWKDKNKMTTILGFHLIVLGIGALLLVAKAMFFGGLY
DTWAPGGGDVRVITNPTLDPRVIFGYLLKSPFGGEGWIVSVNNLEDVVGGHIWIGLICIAGGIWHILTTPFGWARRAFIW
SGEAYLSYSLGALSMMGFIATCFVWFNNTVYPSEFYGPTGPEASQAQAMTFLIRDQKLGANVGSAQGPTGLGKYLMRSPT
GEIIFGGETMRFWDFRGPWLEPLRGPNGLDLNKIKNDIQPWQERRAAEYMTHAPLGSLNSVGGVATEINSVNFVSPRSWL
ATSHFVLAFFFLVGHLWHAGRARAAAAGFEKGIDRESEPVLSMPSLD
;
C,c
4 'polypeptide(L)'
;GWFDILDDWLKRDRFVFVGWSGILLFPCAYLALGGWLTGTTFVTSWYTHGLASSYLEGCNFLTVAVSTPANSMGHSLLLL
WGPEAQGDFTRWCQLGGLWTFIALHGAFGLIGFMLRQFEIARLVGVRPYNAIAFSAPIAVFVSVFLIYPLGQSSWFFAPS
FGVAAIFRFLLFFQGFHNWTLNPFHMMGVAGVLGGALLCAIHGATVENTLFQDGEGASTFRAFNPTQAEETYSMVTANRF
WSQIFGIAFSNKRWLHFFMLFVPVTGLWMSAIGVVGLALNLRSYDFISQEIRAAEDPEFETFYTKNLLLNEGIRAWMAPQ
DQPHENFVFPEEVLPRGNAL
;
D,d
5 'polypeptide(L)'
;VGTTGERPFSDIITSVRYWVIHSITIPALFIAGWLFVSTGLAYDVFGTPRPDSYYAQEQRSIPLVTDRFEAKQQVETFLE
QLK
;
E,e
6 'polypeptide(L)' TSNTPNQEPVSYPIFTVRWVAVHTLAVPTIFFLGAIAAMQFIQR F,f
7 'polypeptide(L)' ARRTWLGDILRPLNSEYGKVAPGWGTTPLMAVFMGLFLVFLLIILEIYNSTLILDGVNVSWKAL H,h
8 'polypeptide(L)' METLKITVYIVVTFFVLLFVFGFLSGDPARNPKRK I,i
9 'polypeptide(L)' MMSEGGRIPLWIVATVAGMGVIVIVGLFFYGAYAGLGSSL J,j
10 'polypeptide(L)' KLPEAYAIFDPLVDVLPVIPVLFFALAFVVQAAVGF K,k
11 'polypeptide(L)' MEPNPNRQPVELNRTSLYLGLLLILVLALLFSSYFFN L,l
12 'polypeptide(L)' MEVNQLGFIATALFVLVPSVFLIILYVQTESQQKSS M,m
13 'polypeptide(L)'
;TLTYDDIVGTGLANKCPTLDDTARGAYPIDSSQTYRIARLCLQPTTFLVKEEPKNKRQEAEFVPTKLVTRETTSLDQIQG
ELKVNSDGSLTFVEEDGIDFQPVTVQMAGGERIPLLFTVKNLVASTQPNVTSITTSTDFKGEFNVPSYRTANFLDPKGRG
LASGYDSAIALPQAKEEELARANVKRFSLTKGQISLNVAKVDGRTGEIAGTFESEQLSDDDMGAHEPHEVKIQGVFYASI
EP
;
O,o
14 'polypeptide(L)' METITYVFIFACIIALFFFAIFFREPPRIT T,t
15 'polypeptide(L)'
;EELVNVVDEKLGTAYGEKIDLNNTNIAAFIQYRGLYPTLAKLIVKNAPYESVEDVLNIPGLTERQKQILRENLEHFTVTE
VETALVEGGDRYNNGLYK
;
U,u
16 'polypeptide(L)'
;AELTPEVLTVPLNSEGKTITLTEKQYLEGKRLFQYACASCHVGGITKTNPSLDLRTETLALATPPRDNIEGLVDYMKNPT
TYDGEQEIAEVHPSLRSADIFPKMRNLTEKDLVAIAGHILVEPKILGDKWGGGKVYY
;
V,v
17 'polypeptide(L)' TITPSLKGFFIGLLSGAVVLGLTFAVLIAISQID X,x
18 'polypeptide(L)' IAQLTMIAMIGIAGPMIIFLLAVRRGNL Y,y
19 'polypeptide(L)'
;(UNK)(UNK)(UNK)(UNK)(UNK)(UNK)(UNK)(UNK)(UNK)(UNK)(UNK)(UNK)(UNK)(UNK)(UNK)(UNK)
(UNK)(UNK)(UNK)(UNK)(UNK)(UNK)(UNK)(UNK)
;
N,n
20 'polypeptide(L)' MTILFQLALAALVILSFVMVIGVPVAYASPQDWDRSKQLIFLGSGLWIALVLVVGVLNFFVV Z,z
#
loop_
_chem_comp.id
_chem_comp.type
_chem_comp.name
_chem_comp.formula
BCR non-polymer BETA-CAROTENE 'C40 H56'
BR non-polymer 'BROMIDE ION' 'Br -1'
CLA non-polymer 'CHLOROPHYLL A' 'C55 H72 Mg N4 O5'
DGD saccharide 'DIGALACTOSYL DIACYL GLYCEROL (DGDG)' 'C51 H96 O15'
FE2 non-polymer 'FE (II) ION' 'Fe 2'
HEM non-polymer 'PROTOPORPHYRIN IX CONTAINING FE' 'C34 H32 Fe N4 O4'
LHG non-polymer 1,2-DIPALMITOYL-PHOSPHATIDYL-GLYCEROLE 'C38 H75 O10 P'
MGE non-polymer '(1S)-2-(ALPHA-L-ALLOPYRANOSYLOXY)-1-[(TRIDECANOYLOXY)METHYL]ETHYL PALMITATE' 'C38 H72 O10'
OEC non-polymer 'OXYGEN EVOLVING SYSTEM' 'Ca Mn4 O4'
PHO non-polymer 'PHEOPHYTIN A' 'C55 H74 N4 O5'
PQ9 non-polymer 5-[(2E,6E,10E,14E,18E,22E)-3,7,11,15,19,23,27-HEPTAMETHYLOCTACOSA-2,6,10,14,18,22,26-HEPTAENYL]-2,3-DIMETHYLBENZO-1,4-QUINONE 'C43 H64 O2'
#
# COMPACT_ATOMS: atom_id res chain seq x y z
N SER A 10 -32.32 21.55 -55.84
CA SER A 10 -31.29 20.90 -54.97
C SER A 10 -30.31 21.92 -54.40
N ALA A 11 -29.81 21.67 -53.20
CA ALA A 11 -28.84 22.55 -52.56
C ALA A 11 -27.46 21.92 -52.67
N ASN A 12 -26.44 22.73 -52.94
CA ASN A 12 -25.08 22.22 -53.06
C ASN A 12 -24.57 21.79 -51.68
N LEU A 13 -23.40 21.15 -51.65
CA LEU A 13 -22.84 20.63 -50.41
C LEU A 13 -22.64 21.58 -49.23
N TRP A 14 -22.34 22.86 -49.46
CA TRP A 14 -22.17 23.81 -48.36
C TRP A 14 -23.52 24.06 -47.69
N GLU A 15 -24.57 24.26 -48.48
CA GLU A 15 -25.89 24.52 -47.94
C GLU A 15 -26.28 23.38 -46.99
N ARG A 16 -25.58 22.25 -47.10
CA ARG A 16 -25.83 21.10 -46.22
C ARG A 16 -25.05 21.36 -44.92
N PHE A 17 -23.74 21.50 -45.07
CA PHE A 17 -22.85 21.79 -43.96
C PHE A 17 -23.57 22.73 -43.00
N CYS A 18 -23.99 23.87 -43.56
CA CYS A 18 -24.69 24.92 -42.84
C CYS A 18 -26.00 24.51 -42.18
N ASN A 19 -26.42 23.28 -42.42
CA ASN A 19 -27.64 22.80 -41.81
C ASN A 19 -27.22 21.82 -40.72
N TRP A 20 -26.14 21.09 -40.98
CA TRP A 20 -25.60 20.11 -40.06
C TRP A 20 -25.11 20.83 -38.81
N VAL A 21 -24.44 21.96 -39.03
CA VAL A 21 -23.90 22.76 -37.94
C VAL A 21 -24.99 23.47 -37.15
N THR A 22 -26.13 23.68 -37.77
CA THR A 22 -27.22 24.37 -37.11
C THR A 22 -28.40 23.46 -36.86
N SER A 23 -28.23 22.18 -37.17
CA SER A 23 -29.32 21.26 -37.00
C SER A 23 -29.70 21.14 -35.56
N THR A 24 -30.99 21.32 -35.32
CA THR A 24 -31.54 21.23 -33.98
C THR A 24 -31.65 19.78 -33.59
N ASP A 25 -31.11 18.90 -34.42
CA ASP A 25 -31.18 17.46 -34.16
C ASP A 25 -29.98 16.86 -33.42
N ASN A 26 -28.78 17.08 -33.95
CA ASN A 26 -27.55 16.52 -33.39
C ASN A 26 -27.47 16.47 -31.85
N ARG A 27 -26.93 15.37 -31.33
CA ARG A 27 -26.80 15.13 -29.89
C ARG A 27 -26.40 16.36 -29.07
N LEU A 28 -25.45 17.12 -29.60
CA LEU A 28 -25.01 18.31 -28.93
C LEU A 28 -24.83 19.28 -30.07
N TYR A 29 -25.53 20.40 -29.97
CA TYR A 29 -25.52 21.44 -30.99
C TYR A 29 -24.13 21.98 -31.30
N VAL A 30 -23.80 21.99 -32.59
CA VAL A 30 -22.51 22.46 -33.05
C VAL A 30 -22.65 23.83 -33.67
N GLY A 31 -23.42 24.69 -33.03
CA GLY A 31 -23.63 26.03 -33.54
C GLY A 31 -22.40 26.71 -34.10
N TRP A 32 -22.61 27.68 -34.99
CA TRP A 32 -21.51 28.40 -35.60
C TRP A 32 -20.45 28.74 -34.56
N PHE A 33 -20.89 29.39 -33.50
CA PHE A 33 -20.00 29.74 -32.42
C PHE A 33 -19.22 28.47 -32.07
N GLY A 34 -19.94 27.36 -32.04
CA GLY A 34 -19.31 26.10 -31.72
C GLY A 34 -18.15 25.79 -32.64
N VAL A 35 -18.23 26.24 -33.89
CA VAL A 35 -17.16 25.97 -34.84
C VAL A 35 -15.79 26.58 -34.45
N ILE A 36 -15.84 27.53 -33.51
CA ILE A 36 -14.64 28.19 -32.97
C ILE A 36 -14.53 27.79 -31.49
N MET A 37 -15.66 27.40 -30.88
CA MET A 37 -15.68 27.00 -29.47
C MET A 37 -14.96 25.66 -29.30
N ILE A 38 -15.52 24.62 -29.92
CA ILE A 38 -14.94 23.27 -29.84
C ILE A 38 -13.45 23.22 -30.20
N PRO A 39 -13.09 23.58 -31.45
CA PRO A 39 -11.67 23.54 -31.81
C PRO A 39 -10.78 24.22 -30.76
N THR A 40 -11.28 25.31 -30.22
CA THR A 40 -10.57 26.05 -29.19
C THR A 40 -10.56 25.25 -27.91
N LEU A 41 -11.74 25.06 -27.33
CA LEU A 41 -11.86 24.33 -26.08
C LEU A 41 -10.98 23.07 -26.03
N LEU A 42 -10.98 22.28 -27.09
CA LEU A 42 -10.18 21.06 -27.12
C LEU A 42 -8.68 21.36 -27.07
N ALA A 43 -8.25 22.35 -27.84
CA ALA A 43 -6.87 22.73 -27.86
C ALA A 43 -6.48 22.85 -26.40
N ALA A 44 -7.04 23.85 -25.74
CA ALA A 44 -6.77 24.11 -24.34
C ALA A 44 -6.73 22.85 -23.51
N THR A 45 -7.91 22.36 -23.15
CA THR A 45 -8.04 21.18 -22.33
C THR A 45 -6.89 20.19 -22.50
N ILE A 46 -6.87 19.45 -23.61
CA ILE A 46 -5.79 18.45 -23.81
C ILE A 46 -4.39 19.01 -23.54
N CYS A 47 -4.16 20.27 -23.83
CA CYS A 47 -2.86 20.87 -23.54
C CYS A 47 -2.74 20.85 -22.03
N PHE A 48 -3.60 21.63 -21.37
CA PHE A 48 -3.63 21.70 -19.91
C PHE A 48 -3.55 20.31 -19.31
N VAL A 49 -4.51 19.48 -19.65
CA VAL A 49 -4.57 18.12 -19.15
C VAL A 49 -3.23 17.43 -19.16
N ILE A 50 -2.35 17.77 -20.08
CA ILE A 50 -1.07 17.11 -20.10
C ILE A 50 -0.02 17.80 -19.27
N ALA A 51 0.15 19.09 -19.51
CA ALA A 51 1.11 19.88 -18.77
C ALA A 51 0.74 20.00 -17.29
N PHE A 52 -0.36 19.36 -16.91
CA PHE A 52 -0.80 19.36 -15.52
C PHE A 52 -0.18 18.10 -14.96
N ILE A 53 0.15 17.20 -15.88
CA ILE A 53 0.79 15.96 -15.52
C ILE A 53 2.27 16.30 -15.48
N ALA A 54 2.90 16.27 -16.65
CA ALA A 54 4.32 16.56 -16.72
C ALA A 54 4.56 17.96 -17.21
N ALA A 55 4.70 18.87 -16.25
CA ALA A 55 4.94 20.29 -16.51
C ALA A 55 6.37 20.72 -16.11
N PRO A 56 7.27 20.85 -17.10
CA PRO A 56 8.62 21.25 -16.74
C PRO A 56 8.60 22.49 -15.86
N PRO A 57 9.59 22.60 -14.98
CA PRO A 57 9.74 23.70 -14.03
C PRO A 57 9.47 25.06 -14.65
N VAL A 58 8.39 25.73 -14.22
CA VAL A 58 8.12 27.03 -14.79
C VAL A 58 8.61 28.17 -13.93
N ASP A 59 8.97 29.27 -14.59
CA ASP A 59 9.53 30.45 -13.94
C ASP A 59 8.65 31.68 -14.14
N ILE A 60 7.56 31.77 -13.37
CA ILE A 60 6.63 32.89 -13.45
C ILE A 60 7.35 34.22 -13.32
N ASP A 61 7.39 34.76 -12.10
CA ASP A 61 8.05 36.04 -11.84
C ASP A 61 9.32 36.08 -12.68
N GLY A 62 9.79 37.27 -13.02
CA GLY A 62 10.99 37.39 -13.84
C GLY A 62 12.24 36.60 -13.47
N ILE A 63 12.79 36.89 -12.29
CA ILE A 63 13.99 36.23 -11.79
C ILE A 63 14.07 34.79 -12.30
N ARG A 64 15.25 34.34 -12.67
CA ARG A 64 15.30 32.98 -13.11
C ARG A 64 15.38 32.07 -11.89
N GLU A 65 14.21 31.67 -11.37
CA GLU A 65 14.09 30.75 -10.23
C GLU A 65 12.77 29.95 -10.41
N PRO A 66 12.69 29.12 -11.46
CA PRO A 66 11.51 28.31 -11.77
C PRO A 66 10.78 27.64 -10.61
N VAL A 67 9.49 27.92 -10.52
CA VAL A 67 8.63 27.38 -9.49
C VAL A 67 7.64 26.46 -10.14
N SER A 68 7.99 25.21 -10.38
CA SER A 68 7.04 24.34 -11.05
C SER A 68 6.26 23.33 -10.23
N GLY A 69 5.05 23.71 -9.88
CA GLY A 69 4.18 22.79 -9.19
C GLY A 69 3.69 21.96 -10.36
N SER A 70 3.47 20.68 -10.12
CA SER A 70 3.01 19.81 -11.18
C SER A 70 2.86 18.47 -10.52
N LEU A 71 2.67 17.43 -11.32
CA LEU A 71 2.53 16.07 -10.81
C LEU A 71 3.86 15.34 -10.98
N LEU A 72 4.27 15.15 -12.23
CA LEU A 72 5.55 14.55 -12.51
C LEU A 72 6.67 15.42 -11.99
N TYR A 73 6.35 16.20 -10.97
CA TYR A 73 7.32 16.89 -10.18
C TYR A 73 6.73 17.15 -8.81
N GLY A 74 5.67 17.95 -8.76
CA GLY A 74 5.02 18.27 -7.51
C GLY A 74 3.96 17.25 -7.17
N ASN A 75 4.29 15.98 -7.40
CA ASN A 75 3.38 14.87 -7.17
C ASN A 75 2.24 15.14 -6.18
N ASN A 76 1.32 16.02 -6.57
CA ASN A 76 0.09 16.21 -5.82
C ASN A 76 -0.98 16.96 -6.60
N ILE A 77 -2.22 16.86 -6.13
CA ILE A 77 -3.37 17.50 -6.78
C ILE A 77 -3.64 18.92 -6.29
N ILE A 78 -3.46 19.16 -5.00
CA ILE A 78 -3.69 20.50 -4.46
C ILE A 78 -2.49 21.36 -4.81
N THR A 79 -1.31 20.74 -4.81
CA THR A 79 -0.09 21.46 -5.12
C THR A 79 -0.13 21.95 -6.56
N GLY A 80 0.45 21.14 -7.44
CA GLY A 80 0.51 21.46 -8.86
C GLY A 80 -0.61 22.31 -9.44
N ALA A 81 -0.33 22.86 -10.61
CA ALA A 81 -1.25 23.70 -11.32
C ALA A 81 -0.49 24.17 -12.55
N VAL A 82 -1.16 24.94 -13.40
CA VAL A 82 -0.50 25.44 -14.59
C VAL A 82 0.04 26.82 -14.28
N VAL A 83 1.36 26.94 -14.25
CA VAL A 83 1.98 28.20 -13.94
C VAL A 83 1.99 29.20 -15.08
N PRO A 84 1.69 30.48 -14.77
CA PRO A 84 1.62 31.68 -15.61
C PRO A 84 2.77 31.93 -16.56
N SER A 85 2.79 33.12 -17.14
CA SER A 85 3.83 33.54 -18.06
C SER A 85 4.87 34.22 -17.17
N SER A 86 6.05 34.49 -17.70
CA SER A 86 7.10 35.16 -16.91
C SER A 86 7.30 36.62 -17.28
N ASN A 87 7.25 37.46 -16.25
CA ASN A 87 7.42 38.90 -16.40
C ASN A 87 8.25 39.10 -17.64
N ALA A 88 9.47 38.60 -17.63
CA ALA A 88 10.36 38.70 -18.78
C ALA A 88 9.59 39.11 -20.04
N ILE A 89 8.77 38.17 -20.54
CA ILE A 89 7.94 38.38 -21.73
C ILE A 89 6.56 38.73 -21.21
N GLY A 90 6.40 39.96 -20.78
CA GLY A 90 5.15 40.43 -20.20
C GLY A 90 4.11 41.01 -21.14
N LEU A 91 2.85 40.62 -20.92
CA LEU A 91 1.74 41.09 -21.76
C LEU A 91 2.10 40.92 -23.24
N HIS A 92 3.32 40.43 -23.46
CA HIS A 92 3.86 40.16 -24.79
C HIS A 92 3.21 38.82 -25.20
N PHE A 93 2.97 38.61 -26.48
CA PHE A 93 2.35 37.36 -26.89
C PHE A 93 3.45 36.34 -27.06
N TYR A 94 3.43 35.28 -26.25
CA TYR A 94 4.46 34.25 -26.37
C TYR A 94 3.90 33.03 -27.10
N PRO A 95 3.92 33.08 -28.43
CA PRO A 95 3.42 31.99 -29.27
C PRO A 95 4.35 30.81 -29.34
N ILE A 96 3.92 29.68 -28.79
CA ILE A 96 4.75 28.47 -28.80
C ILE A 96 5.81 28.50 -29.90
N TRP A 97 5.45 28.97 -31.08
CA TRP A 97 6.40 29.03 -32.17
C TRP A 97 7.44 30.15 -32.08
N GLU A 98 7.68 30.65 -30.88
CA GLU A 98 8.68 31.69 -30.68
C GLU A 98 9.86 31.02 -30.02
N ALA A 99 9.55 30.41 -28.87
CA ALA A 99 10.56 29.71 -28.10
C ALA A 99 11.45 28.97 -29.06
N ALA A 100 12.71 29.39 -29.15
CA ALA A 100 13.66 28.74 -30.04
C ALA A 100 13.77 27.23 -29.75
N SER A 101 13.08 26.78 -28.71
CA SER A 101 13.06 25.37 -28.33
C SER A 101 11.82 25.17 -27.49
N LEU A 102 11.08 24.12 -27.79
CA LEU A 102 9.88 23.84 -27.05
C LEU A 102 10.29 23.83 -25.58
N ASP A 103 11.55 23.55 -25.32
CA ASP A 103 12.04 23.51 -23.95
C ASP A 103 12.07 24.95 -23.42
N GLU A 104 12.25 25.90 -24.33
CA GLU A 104 12.27 27.32 -24.00
C GLU A 104 10.85 27.79 -23.79
N TRP A 105 9.97 27.39 -24.69
CA TRP A 105 8.56 27.73 -24.59
C TRP A 105 7.99 27.15 -23.28
N LEU A 106 8.76 26.26 -22.67
CA LEU A 106 8.36 25.62 -21.42
C LEU A 106 8.83 26.41 -20.23
N TYR A 107 10.12 26.76 -20.22
CA TYR A 107 10.68 27.52 -19.12
C TYR A 107 9.81 28.77 -18.89
N ASN A 108 9.49 29.44 -19.98
CA ASN A 108 8.73 30.67 -19.90
C ASN A 108 7.21 30.60 -19.88
N GLY A 109 6.66 29.66 -19.14
CA GLY A 109 5.21 29.53 -19.02
C GLY A 109 4.43 29.46 -20.31
N GLY A 110 5.12 29.37 -21.45
CA GLY A 110 4.43 29.29 -22.72
C GLY A 110 3.15 28.47 -22.74
N PRO A 111 3.15 27.28 -22.11
CA PRO A 111 1.92 26.49 -22.12
C PRO A 111 0.72 27.24 -21.53
N TYR A 112 0.99 28.03 -20.50
CA TYR A 112 -0.09 28.77 -19.89
C TYR A 112 -0.91 29.47 -20.97
N GLN A 113 -0.40 30.59 -21.49
CA GLN A 113 -1.08 31.40 -22.51
C GLN A 113 -1.92 30.54 -23.44
N LEU A 114 -1.29 30.00 -24.47
CA LEU A 114 -1.99 29.13 -25.42
C LEU A 114 -3.31 28.62 -24.84
N ILE A 115 -3.24 28.04 -23.64
CA ILE A 115 -4.44 27.51 -22.98
C ILE A 115 -5.41 28.62 -22.61
N ILE A 116 -4.94 29.55 -21.77
CA ILE A 116 -5.77 30.64 -21.35
C ILE A 116 -6.49 31.31 -22.52
N PHE A 117 -5.78 32.00 -23.41
CA PHE A 117 -6.44 32.67 -24.54
C PHE A 117 -7.51 31.80 -25.14
N HIS A 118 -7.23 30.51 -25.22
CA HIS A 118 -8.19 29.57 -25.78
C HIS A 118 -9.44 29.43 -24.93
N PHE A 119 -9.27 28.92 -23.72
CA PHE A 119 -10.39 28.75 -22.81
C PHE A 119 -11.10 30.07 -22.65
N LEU A 120 -10.39 31.18 -22.83
CA LEU A 120 -11.03 32.46 -22.70
C LEU A 120 -11.93 32.59 -23.90
N LEU A 121 -11.33 32.87 -25.06
CA LEU A 121 -12.15 33.03 -26.26
C LEU A 121 -13.22 31.96 -26.45
N GLY A 122 -12.88 30.70 -26.18
CA GLY A 122 -13.84 29.64 -26.34
C GLY A 122 -15.04 29.78 -25.43
N ALA A 123 -14.78 30.20 -24.20
CA ALA A 123 -15.83 30.38 -23.22
C ALA A 123 -16.73 31.48 -23.78
N SER A 124 -16.11 32.41 -24.50
CA SER A 124 -16.86 33.50 -25.08
C SER A 124 -17.72 32.80 -26.12
N CYS A 125 -17.15 31.81 -26.77
CA CYS A 125 -17.89 31.05 -27.76
C CYS A 125 -19.02 30.26 -27.14
N TYR A 126 -18.81 29.72 -25.95
CA TYR A 126 -19.85 28.97 -25.25
C TYR A 126 -20.93 29.99 -24.93
N MET A 127 -20.46 31.16 -24.49
CA MET A 127 -21.31 32.28 -24.15
C MET A 127 -22.27 32.47 -25.31
N GLY A 128 -21.72 32.64 -26.51
CA GLY A 128 -22.55 32.83 -27.67
C GLY A 128 -23.34 31.58 -28.00
N ARG A 129 -22.64 30.52 -28.41
CA ARG A 129 -23.32 29.28 -28.74
C ARG A 129 -24.14 28.80 -27.54
N GLN A 130 -24.42 29.68 -26.60
CA GLN A 130 -25.25 29.33 -25.46
C GLN A 130 -26.61 29.97 -25.71
N TRP A 131 -26.67 30.72 -26.79
CA TRP A 131 -27.88 31.40 -27.20
C TRP A 131 -28.29 30.89 -28.58
N GLU A 132 -27.36 30.26 -29.28
CA GLU A 132 -27.64 29.76 -30.63
C GLU A 132 -28.86 28.86 -30.66
N LEU A 133 -29.16 28.26 -29.51
CA LEU A 133 -30.32 27.39 -29.40
C LEU A 133 -31.48 28.28 -28.93
N SER A 134 -31.14 29.34 -28.19
CA SER A 134 -32.14 30.30 -27.71
C SER A 134 -32.91 30.81 -28.92
N TYR A 135 -32.24 30.77 -30.07
CA TYR A 135 -32.83 31.22 -31.32
C TYR A 135 -33.18 30.00 -32.18
N ARG A 136 -32.19 29.15 -32.45
CA ARG A 136 -32.43 27.94 -33.26
C ARG A 136 -33.59 27.10 -32.71
N LEU A 137 -34.09 27.51 -31.54
CA LEU A 137 -35.22 26.85 -30.90
C LEU A 137 -36.00 27.97 -30.22
N GLY A 138 -37.14 28.33 -30.79
CA GLY A 138 -37.95 29.41 -30.22
C GLY A 138 -38.03 29.41 -28.71
N MET A 139 -37.49 30.46 -28.10
CA MET A 139 -37.49 30.61 -26.64
C MET A 139 -36.72 31.86 -26.33
N ARG A 140 -36.96 32.41 -25.16
CA ARG A 140 -36.28 33.62 -24.72
C ARG A 140 -34.74 33.43 -24.74
N PRO A 141 -34.00 34.35 -25.42
CA PRO A 141 -32.54 34.39 -25.61
C PRO A 141 -31.62 34.63 -24.43
N TRP A 142 -32.14 35.23 -23.36
CA TRP A 142 -31.38 35.57 -22.17
C TRP A 142 -30.97 34.49 -21.20
N ILE A 143 -30.56 33.34 -21.73
CA ILE A 143 -30.06 32.29 -20.88
C ILE A 143 -28.59 32.66 -20.93
N CYS A 144 -28.09 32.73 -22.15
CA CYS A 144 -26.71 33.08 -22.42
C CYS A 144 -26.27 34.31 -21.66
N VAL A 145 -27.25 35.15 -21.33
CA VAL A 145 -26.96 36.37 -20.60
C VAL A 145 -26.63 36.08 -19.14
N ALA A 146 -27.20 35.01 -18.58
CA ALA A 146 -26.90 34.69 -17.20
C ALA A 146 -25.51 34.09 -17.14
N TYR A 147 -24.99 33.78 -18.32
CA TYR A 147 -23.67 33.21 -18.44
C TYR A 147 -22.67 34.34 -18.57
N SER A 148 -23.17 35.55 -18.49
CA SER A 148 -22.28 36.69 -18.61
C SER A 148 -21.50 36.74 -17.31
N ALA A 149 -22.23 36.76 -16.19
CA ALA A 149 -21.61 36.81 -14.88
C ALA A 149 -20.52 35.78 -14.84
N PRO A 150 -20.78 34.59 -15.39
CA PRO A 150 -19.66 33.66 -15.32
C PRO A 150 -18.47 34.14 -16.10
N LEU A 151 -18.49 33.88 -17.39
CA LEU A 151 -17.43 34.29 -18.29
C LEU A 151 -16.70 35.51 -17.73
N ALA A 152 -17.26 36.69 -17.97
CA ALA A 152 -16.71 37.97 -17.55
C ALA A 152 -15.75 37.83 -16.39
N SER A 153 -16.26 37.25 -15.32
CA SER A 153 -15.43 37.07 -14.15
C SER A 153 -14.12 36.47 -14.57
N ALA A 154 -14.16 35.18 -14.88
CA ALA A 154 -12.99 34.43 -15.31
C ALA A 154 -12.11 35.25 -16.24
N PHE A 155 -12.74 36.15 -16.99
CA PHE A 155 -12.02 37.02 -17.91
C PHE A 155 -11.25 38.03 -17.07
N ALA A 156 -11.96 38.55 -16.07
CA ALA A 156 -11.42 39.52 -15.13
C ALA A 156 -10.18 39.00 -14.42
N VAL A 157 -10.17 37.69 -14.20
CA VAL A 157 -9.08 37.05 -13.48
C VAL A 157 -8.04 36.37 -14.38
N PHE A 158 -8.20 36.54 -15.68
CA PHE A 158 -7.24 35.95 -16.60
C PHE A 158 -6.70 36.96 -17.59
N LEU A 159 -7.55 37.91 -18.00
CA LEU A 159 -7.13 38.92 -18.97
C LEU A 159 -7.04 40.35 -18.44
N ILE A 160 -8.10 40.81 -17.78
CA ILE A 160 -8.14 42.18 -17.25
C ILE A 160 -7.01 42.52 -16.32
N TYR A 161 -6.87 41.76 -15.24
CA TYR A 161 -5.81 42.05 -14.28
C TYR A 161 -4.47 42.11 -15.02
N PRO A 162 -4.22 41.15 -15.91
CA PRO A 162 -2.94 41.25 -16.61
C PRO A 162 -2.77 42.55 -17.41
N ILE A 163 -3.69 42.84 -18.32
CA ILE A 163 -3.57 44.05 -19.11
C ILE A 163 -3.40 45.19 -18.14
N GLY A 164 -4.21 45.16 -17.09
CA GLY A 164 -4.14 46.18 -16.06
C GLY A 164 -2.71 46.38 -15.59
N GLN A 165 -2.12 45.36 -14.97
CA GLN A 165 -0.75 45.46 -14.53
C GLN A 165 0.17 45.09 -15.69
N GLY A 166 1.48 44.99 -15.42
CA GLY A 166 2.47 44.66 -16.45
C GLY A 166 2.32 43.47 -17.38
N SER A 167 2.48 42.25 -16.86
CA SER A 167 2.36 41.03 -17.65
C SER A 167 1.42 40.03 -17.01
N PHE A 168 1.10 38.96 -17.74
CA PHE A 168 0.22 37.95 -17.19
C PHE A 168 0.73 37.34 -15.90
N SER A 169 2.03 37.50 -15.65
CA SER A 169 2.70 36.96 -14.46
C SER A 169 1.83 36.88 -13.19
N ASP A 170 0.83 37.77 -13.10
CA ASP A 170 -0.11 37.84 -11.97
C ASP A 170 -1.54 37.56 -12.45
N GLY A 171 -1.73 36.42 -13.12
CA GLY A 171 -3.04 36.10 -13.63
C GLY A 171 -3.57 34.74 -13.21
N MET A 172 -4.29 34.72 -12.09
CA MET A 172 -4.89 33.51 -11.54
C MET A 172 -4.30 32.17 -12.01
N PRO A 173 -3.15 31.77 -11.44
CA PRO A 173 -2.58 30.48 -11.89
C PRO A 173 -3.61 29.40 -11.77
N LEU A 174 -3.75 28.62 -12.83
CA LEU A 174 -4.71 27.55 -12.85
C LEU A 174 -4.24 26.31 -12.10
N GLY A 175 -4.74 26.15 -10.89
CA GLY A 175 -4.40 25.01 -10.07
C GLY A 175 -4.90 25.37 -8.71
N ILE A 176 -5.37 24.40 -7.95
CA ILE A 176 -5.93 24.68 -6.63
C ILE A 176 -5.16 25.73 -5.83
N SER A 177 -3.96 25.37 -5.36
CA SER A 177 -3.18 26.29 -4.54
C SER A 177 -2.75 27.59 -5.17
N GLY A 178 -2.53 27.58 -6.48
CA GLY A 178 -2.14 28.80 -7.17
C GLY A 178 -3.24 29.84 -7.00
N THR A 179 -4.48 29.34 -6.98
CA THR A 179 -5.66 30.20 -6.79
C THR A 179 -5.30 31.01 -5.56
N PHE A 180 -5.32 30.33 -4.42
CA PHE A 180 -5.01 30.96 -3.15
C PHE A 180 -3.86 31.93 -3.22
N ASN A 181 -2.73 31.50 -3.79
CA ASN A 181 -1.62 32.41 -3.86
C ASN A 181 -2.18 33.60 -4.55
N PHE A 182 -2.56 33.43 -5.82
CA PHE A 182 -3.12 34.55 -6.56
C PHE A 182 -4.03 35.42 -5.72
N MET A 183 -4.91 34.78 -4.96
CA MET A 183 -5.82 35.51 -4.11
C MET A 183 -5.11 36.32 -3.04
N ILE A 184 -4.42 35.63 -2.12
CA ILE A 184 -3.69 36.27 -1.01
C ILE A 184 -2.84 37.44 -1.47
N VAL A 185 -2.19 37.29 -2.60
CA VAL A 185 -1.39 38.39 -3.13
C VAL A 185 -2.35 39.56 -3.23
N PHE A 186 -3.37 39.36 -4.05
CA PHE A 186 -4.40 40.34 -4.28
C PHE A 186 -4.74 41.05 -2.98
N GLN A 187 -5.41 40.34 -2.07
CA GLN A 187 -5.80 40.93 -0.78
C GLN A 187 -4.72 41.76 -0.13
N ALA A 188 -3.47 41.51 -0.50
CA ALA A 188 -2.38 42.25 0.10
C ALA A 188 -1.91 43.42 -0.73
N GLU A 189 -2.38 43.54 -1.98
CA GLU A 189 -1.97 44.67 -2.83
C GLU A 189 -3.15 45.60 -3.10
N HIS A 190 -4.35 45.05 -2.91
CA HIS A 190 -5.63 45.74 -3.08
C HIS A 190 -6.43 45.32 -1.86
N ASN A 191 -6.89 46.25 -1.04
CA ASN A 191 -7.69 45.81 0.10
C ASN A 191 -9.00 45.35 -0.56
N ILE A 192 -8.95 44.19 -1.24
CA ILE A 192 -10.13 43.68 -1.96
C ILE A 192 -11.21 43.05 -1.06
N LEU A 193 -10.91 42.87 0.23
CA LEU A 193 -11.86 42.32 1.17
C LEU A 193 -12.57 43.52 1.76
N MET A 194 -11.94 44.68 1.57
CA MET A 194 -12.46 45.95 2.03
C MET A 194 -13.06 46.64 0.83
N HIS A 195 -13.76 45.87 0.01
CA HIS A 195 -14.41 46.44 -1.17
C HIS A 195 -15.91 46.29 -1.08
N PRO A 196 -16.61 47.32 -1.58
CA PRO A 196 -18.06 47.39 -1.61
C PRO A 196 -18.43 46.76 -2.95
N PHE A 197 -17.43 46.13 -3.57
CA PHE A 197 -17.66 45.44 -4.82
C PHE A 197 -17.55 43.97 -4.43
N HIS A 198 -16.37 43.55 -3.99
CA HIS A 198 -16.17 42.14 -3.62
C HIS A 198 -17.31 41.77 -2.69
N GLN A 199 -17.84 42.77 -2.02
CA GLN A 199 -18.96 42.55 -1.13
C GLN A 199 -20.07 41.90 -1.96
N LEU A 200 -20.33 42.52 -3.10
CA LEU A 200 -21.36 42.13 -4.06
C LEU A 200 -21.21 40.77 -4.72
N GLY A 201 -20.08 40.12 -4.49
CA GLY A 201 -19.89 38.79 -5.05
C GLY A 201 -20.39 37.93 -3.92
N VAL A 202 -19.88 38.27 -2.75
CA VAL A 202 -20.28 37.59 -1.56
C VAL A 202 -21.76 37.88 -1.46
N ALA A 203 -22.09 39.17 -1.47
CA ALA A 203 -23.47 39.64 -1.35
C ALA A 203 -24.49 38.74 -2.04
N GLY A 204 -24.20 38.39 -3.28
CA GLY A 204 -25.08 37.54 -4.05
C GLY A 204 -24.73 36.09 -3.86
N VAL A 205 -23.47 35.74 -4.04
CA VAL A 205 -23.03 34.37 -3.88
C VAL A 205 -23.50 33.88 -2.51
N PHE A 206 -23.29 34.74 -1.52
CA PHE A 206 -23.69 34.46 -0.13
C PHE A 206 -25.20 34.60 -0.07
N GLY A 207 -25.81 34.81 -1.23
CA GLY A 207 -27.25 34.94 -1.31
C GLY A 207 -27.78 33.70 -2.00
N GLY A 208 -27.33 33.50 -3.25
CA GLY A 208 -27.75 32.35 -4.02
C GLY A 208 -27.68 31.10 -3.18
N ALA A 209 -26.64 31.02 -2.36
CA ALA A 209 -26.51 29.88 -1.48
C ALA A 209 -27.71 29.94 -0.54
N LEU A 210 -27.95 31.12 0.02
CA LEU A 210 -29.07 31.34 0.95
C LEU A 210 -30.41 31.13 0.29
N PHE A 211 -30.51 31.50 -0.98
CA PHE A 211 -31.76 31.33 -1.68
C PHE A 211 -31.92 29.97 -2.35
N CYS A 212 -30.86 29.43 -2.93
CA CYS A 212 -30.96 28.11 -3.57
C CYS A 212 -31.55 27.13 -2.57
N ALA A 213 -31.29 27.41 -1.29
CA ALA A 213 -31.75 26.58 -0.20
C ALA A 213 -33.26 26.70 -0.03
N MET A 214 -33.79 27.86 -0.37
CA MET A 214 -35.22 28.15 -0.27
C MET A 214 -36.10 27.51 -1.32
N HIS A 215 -36.09 28.11 -2.52
CA HIS A 215 -36.84 27.61 -3.66
C HIS A 215 -36.65 26.10 -3.71
N GLY A 216 -35.45 25.62 -3.41
CA GLY A 216 -35.22 24.19 -3.39
C GLY A 216 -35.99 23.62 -2.20
N SER A 217 -35.90 24.35 -1.09
CA SER A 217 -36.58 23.97 0.14
C SER A 217 -38.07 23.92 -0.10
N LEU A 218 -38.70 25.09 -0.09
CA LEU A 218 -40.12 25.24 -0.27
C LEU A 218 -40.71 24.33 -1.32
N VAL A 219 -40.21 24.44 -2.55
CA VAL A 219 -40.67 23.59 -3.64
C VAL A 219 -40.82 22.15 -3.18
N THR A 220 -39.72 21.55 -2.75
CA THR A 220 -39.75 20.17 -2.28
C THR A 220 -40.69 20.10 -1.07
N SER A 221 -40.73 21.17 -0.28
CA SER A 221 -41.57 21.26 0.90
C SER A 221 -43.07 21.20 0.55
N SER A 222 -43.38 21.34 -0.74
CA SER A 222 -44.77 21.32 -1.21
C SER A 222 -45.02 20.37 -2.38
N LEU A 223 -45.10 19.08 -2.09
CA LEU A 223 -45.39 18.14 -3.15
C LEU A 223 -46.64 17.35 -2.84
N ILE A 224 -47.52 17.34 -3.83
CA ILE A 224 -48.80 16.64 -3.77
C ILE A 224 -48.79 15.37 -2.93
N ARG A 225 -49.00 14.22 -3.57
CA ARG A 225 -49.02 12.93 -2.88
C ARG A 225 -49.15 11.84 -3.93
N GLU A 226 -48.02 11.29 -4.38
CA GLU A 226 -48.04 10.26 -5.44
C GLU A 226 -47.46 8.85 -5.20
N THR A 227 -47.03 8.51 -3.98
CA THR A 227 -46.51 7.15 -3.77
C THR A 227 -46.58 6.55 -2.36
N THR A 228 -46.56 7.39 -1.33
CA THR A 228 -46.63 6.93 0.07
C THR A 228 -45.48 6.03 0.49
N GLU A 229 -44.26 6.57 0.48
CA GLU A 229 -43.07 5.81 0.88
C GLU A 229 -43.00 4.36 0.39
N THR A 230 -43.74 4.02 -0.68
CA THR A 230 -43.66 2.66 -1.22
C THR A 230 -42.27 2.65 -1.82
N GLU A 231 -41.99 3.72 -2.56
CA GLU A 231 -40.71 3.97 -3.20
C GLU A 231 -40.47 5.42 -2.76
N SER A 232 -40.05 6.31 -3.66
CA SER A 232 -39.78 7.70 -3.27
C SER A 232 -40.89 8.70 -3.58
N ALA A 233 -40.63 9.95 -3.24
CA ALA A 233 -41.56 11.05 -3.49
C ALA A 233 -41.11 11.83 -4.74
N ASN A 234 -39.88 11.58 -5.20
CA ASN A 234 -39.36 12.29 -6.36
C ASN A 234 -39.91 11.71 -7.67
N TYR A 235 -41.00 10.95 -7.58
CA TYR A 235 -41.64 10.38 -8.76
C TYR A 235 -42.92 11.12 -9.09
N GLY A 236 -43.31 12.01 -8.17
CA GLY A 236 -44.51 12.82 -8.32
C GLY A 236 -44.42 13.74 -9.51
N TYR A 237 -43.72 13.25 -10.53
CA TYR A 237 -43.54 14.01 -11.75
C TYR A 237 -42.97 13.16 -12.86
N LYS A 238 -43.81 12.77 -13.80
CA LYS A 238 -43.31 12.02 -14.94
C LYS A 238 -42.96 13.18 -15.87
N PHE A 239 -41.79 13.13 -16.47
CA PHE A 239 -41.32 14.19 -17.34
C PHE A 239 -42.17 14.54 -18.55
N GLY A 240 -42.37 15.84 -18.76
CA GLY A 240 -43.16 16.29 -19.89
C GLY A 240 -44.54 16.82 -19.54
N GLN A 241 -45.15 16.20 -18.53
CA GLN A 241 -46.48 16.59 -18.09
C GLN A 241 -46.52 18.09 -17.93
N GLU A 242 -47.63 18.72 -18.32
CA GLU A 242 -47.78 20.16 -18.22
C GLU A 242 -48.27 20.61 -16.84
N GLU A 243 -48.52 19.66 -15.95
CA GLU A 243 -48.96 19.99 -14.60
C GLU A 243 -47.69 20.50 -13.91
N GLU A 244 -47.79 20.86 -12.64
CA GLU A 244 -46.63 21.36 -11.87
C GLU A 244 -46.62 20.57 -10.58
N THR A 245 -45.87 19.47 -10.60
CA THR A 245 -45.79 18.56 -9.45
C THR A 245 -45.93 19.25 -8.09
N TYR A 246 -45.36 20.44 -7.96
CA TYR A 246 -45.46 21.19 -6.70
C TYR A 246 -46.57 22.22 -6.72
N ASN A 247 -47.11 22.49 -5.54
CA ASN A 247 -48.22 23.44 -5.38
C ASN A 247 -47.71 24.84 -5.09
N ILE A 248 -48.06 25.81 -5.94
CA ILE A 248 -47.59 27.18 -5.74
C ILE A 248 -48.16 27.79 -4.48
N VAL A 249 -49.45 28.11 -4.47
CA VAL A 249 -50.01 28.75 -3.29
C VAL A 249 -49.87 27.88 -2.04
N ALA A 250 -49.89 26.56 -2.19
CA ALA A 250 -49.73 25.71 -1.03
C ALA A 250 -48.39 26.09 -0.43
N ALA A 251 -47.47 26.44 -1.33
CA ALA A 251 -46.12 26.81 -0.95
C ALA A 251 -46.03 28.16 -0.25
N HIS A 252 -46.45 29.21 -0.94
CA HIS A 252 -46.42 30.57 -0.39
C HIS A 252 -47.12 30.62 0.96
N GLY A 253 -48.25 29.92 1.09
CA GLY A 253 -48.97 29.91 2.34
C GLY A 253 -48.02 29.75 3.51
N TYR A 254 -46.90 29.07 3.26
CA TYR A 254 -45.87 28.82 4.28
C TYR A 254 -44.98 30.05 4.49
N PHE A 255 -44.15 30.37 3.49
CA PHE A 255 -43.25 31.50 3.62
C PHE A 255 -43.98 32.78 3.97
N GLY A 256 -45.19 32.94 3.45
CA GLY A 256 -45.95 34.12 3.77
C GLY A 256 -46.22 34.05 5.27
N ARG A 257 -46.39 32.82 5.76
CA ARG A 257 -46.64 32.57 7.17
C ARG A 257 -45.35 32.63 8.02
N LEU A 258 -44.19 32.42 7.40
CA LEU A 258 -42.90 32.48 8.11
C LEU A 258 -42.63 33.96 8.39
N ILE A 259 -42.26 34.70 7.34
CA ILE A 259 -42.06 36.12 7.49
C ILE A 259 -43.38 36.66 6.99
N PHE A 260 -43.93 37.66 7.68
CA PHE A 260 -45.21 38.22 7.28
C PHE A 260 -45.45 38.17 5.77
N GLN A 261 -46.71 38.02 5.36
CA GLN A 261 -47.08 37.96 3.94
C GLN A 261 -46.45 39.15 3.22
N TYR A 262 -46.82 39.37 1.96
CA TYR A 262 -46.25 40.49 1.19
C TYR A 262 -44.73 40.27 1.03
N ALA A 263 -44.15 39.55 1.98
CA ALA A 263 -42.72 39.25 2.00
C ALA A 263 -42.39 37.93 1.27
N SER A 264 -43.38 37.06 1.14
CA SER A 264 -43.21 35.78 0.44
C SER A 264 -43.74 35.94 -0.98
N PHE A 265 -43.15 35.26 -1.96
CA PHE A 265 -43.58 35.43 -3.33
C PHE A 265 -44.86 34.77 -3.77
N ASN A 266 -45.72 35.62 -4.35
CA ASN A 266 -47.04 35.28 -4.85
C ASN A 266 -47.05 34.77 -6.29
N ASN A 267 -46.37 35.49 -7.17
CA ASN A 267 -46.28 35.12 -8.58
C ASN A 267 -45.06 34.23 -8.79
N SER A 268 -45.24 33.08 -9.42
CA SER A 268 -44.12 32.16 -9.63
C SER A 268 -43.01 32.60 -10.60
N ARG A 269 -43.36 33.38 -11.62
CA ARG A 269 -42.38 33.84 -12.61
C ARG A 269 -41.50 34.97 -12.10
N SER A 270 -42.03 35.72 -11.14
CA SER A 270 -41.35 36.84 -10.54
C SER A 270 -40.43 36.26 -9.48
N LEU A 271 -40.55 34.95 -9.31
CA LEU A 271 -39.76 34.21 -8.36
C LEU A 271 -38.50 33.78 -9.09
N HIS A 272 -38.63 32.69 -9.86
CA HIS A 272 -37.51 32.14 -10.62
C HIS A 272 -36.60 33.18 -11.22
N PHE A 273 -37.15 34.31 -11.68
CA PHE A 273 -36.29 35.33 -12.24
C PHE A 273 -35.35 35.77 -11.15
N PHE A 274 -35.95 36.21 -10.05
CA PHE A 274 -35.19 36.71 -8.92
C PHE A 274 -33.99 35.83 -8.62
N LEU A 275 -34.02 34.60 -9.10
CA LEU A 275 -32.93 33.68 -8.83
C LEU A 275 -31.72 33.86 -9.73
N ALA A 276 -31.90 34.62 -10.80
CA ALA A 276 -30.79 34.92 -11.69
C ALA A 276 -30.43 36.33 -11.26
N ALA A 277 -31.44 37.00 -10.71
CA ALA A 277 -31.32 38.38 -10.24
C ALA A 277 -30.25 38.51 -9.18
N TRP A 278 -30.34 37.66 -8.16
CA TRP A 278 -29.40 37.71 -7.06
C TRP A 278 -27.98 37.37 -7.46
N ARG A 279 -27.78 36.17 -7.98
CA ARG A 279 -26.44 35.74 -8.38
C ARG A 279 -25.84 36.72 -9.38
N VAL A 280 -26.12 36.49 -10.66
CA VAL A 280 -25.65 37.33 -11.74
C VAL A 280 -25.42 38.82 -11.44
N VAL A 281 -26.35 39.46 -10.72
CA VAL A 281 -26.21 40.88 -10.41
C VAL A 281 -24.91 41.24 -9.70
N GLY A 282 -24.56 40.48 -8.66
CA GLY A 282 -23.34 40.75 -7.91
C GLY A 282 -22.10 40.05 -8.43
N VAL A 283 -22.28 38.81 -8.86
CA VAL A 283 -21.19 38.02 -9.43
C VAL A 283 -20.59 38.84 -10.55
N TRP A 284 -21.41 39.72 -11.12
CA TRP A 284 -20.92 40.65 -12.14
C TRP A 284 -20.04 41.65 -11.42
N PHE A 285 -20.62 42.30 -10.43
CA PHE A 285 -19.90 43.30 -9.66
C PHE A 285 -18.51 42.83 -9.30
N ALA A 286 -18.44 41.67 -8.69
CA ALA A 286 -17.17 41.11 -8.31
C ALA A 286 -16.31 41.11 -9.53
N ALA A 287 -16.83 40.48 -10.55
CA ALA A 287 -16.14 40.39 -11.82
C ALA A 287 -15.60 41.77 -12.17
N LEU A 288 -16.36 42.81 -11.83
CA LEU A 288 -15.91 44.17 -12.10
C LEU A 288 -14.87 44.57 -11.08
N GLY A 289 -15.16 44.28 -9.81
CA GLY A 289 -14.24 44.63 -8.74
C GLY A 289 -12.80 44.29 -9.10
N ILE A 290 -12.52 43.00 -9.34
CA ILE A 290 -11.18 42.58 -9.70
C ILE A 290 -10.81 43.38 -10.94
N SER A 291 -11.65 43.29 -11.96
CA SER A 291 -11.38 44.03 -13.18
C SER A 291 -11.17 45.51 -12.93
N THR A 292 -11.66 46.03 -11.81
CA THR A 292 -11.51 47.46 -11.49
C THR A 292 -10.12 47.72 -10.94
N MET A 293 -9.72 46.89 -9.97
CA MET A 293 -8.43 47.00 -9.31
C MET A 293 -7.26 46.65 -10.22
N ALA A 294 -7.55 46.06 -11.37
CA ALA A 294 -6.50 45.73 -12.33
C ALA A 294 -5.98 47.05 -12.85
N PHE A 295 -6.53 48.14 -12.28
CA PHE A 295 -6.17 49.51 -12.63
C PHE A 295 -5.87 50.32 -11.36
N ASN A 296 -5.92 49.63 -10.23
CA ASN A 296 -5.62 50.18 -8.91
C ASN A 296 -6.58 51.13 -8.19
N LEU A 297 -7.85 50.77 -8.17
CA LEU A 297 -8.87 51.54 -7.44
C LEU A 297 -9.28 50.47 -6.45
N ASN A 298 -8.45 50.34 -5.43
CA ASN A 298 -8.62 49.33 -4.41
C ASN A 298 -9.58 49.60 -3.26
N GLY A 299 -9.87 48.53 -2.51
CA GLY A 299 -10.77 48.62 -1.38
C GLY A 299 -10.44 49.73 -0.44
N PHE A 300 -11.39 50.04 0.44
CA PHE A 300 -11.25 51.12 1.41
C PHE A 300 -9.98 51.18 2.23
N ASN A 301 -9.51 52.40 2.42
CA ASN A 301 -8.32 52.60 3.20
C ASN A 301 -8.69 53.32 4.46
N PHE A 302 -8.59 52.65 5.60
CA PHE A 302 -8.91 53.30 6.86
C PHE A 302 -7.75 53.24 7.81
N ASN A 303 -6.62 52.76 7.31
CA ASN A 303 -5.43 52.66 8.11
C ASN A 303 -5.28 53.92 8.95
N HIS A 304 -5.28 53.75 10.27
CA HIS A 304 -5.15 54.85 11.24
C HIS A 304 -6.36 55.74 11.33
N SER A 305 -7.02 55.99 10.20
CA SER A 305 -8.22 56.81 10.17
C SER A 305 -8.60 57.40 11.53
N VAL A 306 -9.20 56.58 12.38
CA VAL A 306 -9.63 56.98 13.72
C VAL A 306 -8.51 57.52 14.57
N ILE A 307 -8.62 58.78 14.99
CA ILE A 307 -7.58 59.41 15.77
C ILE A 307 -7.91 59.76 17.21
N ASP A 308 -6.89 60.26 17.91
CA ASP A 308 -7.02 60.65 19.29
C ASP A 308 -6.96 62.16 19.33
N ALA A 309 -7.04 62.71 20.54
CA ALA A 309 -7.03 64.16 20.77
C ALA A 309 -5.65 64.79 20.59
N LYS A 310 -4.68 64.27 21.33
CA LYS A 310 -3.29 64.74 21.24
C LYS A 310 -2.86 64.35 19.84
N GLY A 311 -3.35 63.19 19.42
CA GLY A 311 -3.05 62.65 18.11
C GLY A 311 -2.70 61.17 18.13
N ASN A 312 -2.65 60.57 19.32
CA ASN A 312 -2.33 59.16 19.42
C ASN A 312 -3.17 58.42 18.40
N VAL A 313 -2.68 57.30 17.90
CA VAL A 313 -3.48 56.60 16.92
C VAL A 313 -4.35 55.55 17.58
N ILE A 314 -5.66 55.75 17.48
CA ILE A 314 -6.65 54.83 18.05
C ILE A 314 -7.02 53.86 16.95
N ASN A 315 -6.81 52.57 17.21
CA ASN A 315 -7.03 51.52 16.23
C ASN A 315 -8.41 51.14 15.74
N THR A 316 -8.53 51.12 14.41
CA THR A 316 -9.76 50.75 13.72
C THR A 316 -9.62 49.25 13.52
N TRP A 317 -10.72 48.51 13.55
CA TRP A 317 -10.60 47.10 13.34
C TRP A 317 -9.76 46.98 12.07
N ALA A 318 -10.21 47.61 10.99
CA ALA A 318 -9.49 47.56 9.73
C ALA A 318 -8.02 47.92 9.81
N ASP A 319 -7.53 48.24 10.99
CA ASP A 319 -6.13 48.56 11.13
C ASP A 319 -5.46 47.22 11.27
N ILE A 320 -6.11 46.33 12.01
CA ILE A 320 -5.56 44.99 12.21
C ILE A 320 -5.43 44.42 10.83
N ILE A 321 -6.56 44.35 10.15
CA ILE A 321 -6.61 43.88 8.78
C ILE A 321 -5.36 44.33 8.04
N ASN A 322 -4.79 45.46 8.45
CA ASN A 322 -3.62 46.01 7.79
C ASN A 322 -2.40 45.18 8.00
N ARG A 323 -2.19 44.70 9.24
CA ARG A 323 -1.01 43.86 9.54
C ARG A 323 -1.08 42.54 8.78
N ALA A 324 -2.20 41.83 8.91
CA ALA A 324 -2.38 40.57 8.22
C ALA A 324 -2.23 40.81 6.73
N ASN A 325 -2.10 42.07 6.37
CA ASN A 325 -1.92 42.45 4.98
C ASN A 325 -0.45 42.78 4.78
N LEU A 326 0.04 43.71 5.58
CA LEU A 326 1.42 44.13 5.50
C LEU A 326 2.27 42.87 5.59
N GLY A 327 1.82 41.94 6.43
CA GLY A 327 2.51 40.67 6.60
C GLY A 327 2.67 39.99 5.26
N MET A 328 1.56 39.60 4.64
CA MET A 328 1.63 38.97 3.33
C MET A 328 2.31 39.93 2.36
N GLU A 329 2.00 41.22 2.47
CA GLU A 329 2.56 42.24 1.58
C GLU A 329 4.04 42.09 1.40
N VAL A 330 4.77 42.13 2.52
CA VAL A 330 6.23 42.02 2.50
C VAL A 330 6.76 40.69 1.91
N MET A 331 6.35 39.55 2.47
CA MET A 331 6.81 38.23 2.03
C MET A 331 6.53 37.80 0.57
N HIS A 332 5.41 38.22 0.00
CA HIS A 332 5.05 37.82 -1.36
C HIS A 332 6.16 38.18 -2.31
N GLU A 333 6.36 37.37 -3.34
CA GLU A 333 7.40 37.62 -4.32
C GLU A 333 8.69 38.16 -3.67
N ARG A 334 9.15 37.53 -2.59
CA ARG A 334 10.38 38.00 -1.96
C ARG A 334 11.44 37.95 -3.06
N ASN A 335 12.66 38.38 -2.74
CA ASN A 335 13.76 38.40 -3.71
C ASN A 335 13.42 38.57 -5.21
N ALA A 336 12.32 39.24 -5.53
CA ALA A 336 11.99 39.45 -6.92
C ALA A 336 11.95 40.92 -7.28
N HIS A 337 11.96 41.81 -6.29
CA HIS A 337 11.99 43.25 -6.55
C HIS A 337 13.05 43.94 -5.68
N ASN A 338 13.89 44.74 -6.33
CA ASN A 338 14.99 45.44 -5.66
C ASN A 338 14.72 46.88 -5.22
N PHE A 339 13.46 47.28 -5.14
CA PHE A 339 13.14 48.66 -4.75
C PHE A 339 12.06 48.66 -3.65
N PRO A 340 11.67 49.83 -3.08
CA PRO A 340 10.66 49.81 -2.03
C PRO A 340 9.17 49.90 -2.35
N LEU A 341 8.82 50.19 -3.59
CA LEU A 341 7.40 50.32 -3.92
C LEU A 341 6.89 49.34 -4.96
N ASP A 342 5.89 48.56 -4.60
CA ASP A 342 5.33 47.62 -5.55
C ASP A 342 4.25 48.34 -6.32
N LEU A 343 4.53 48.67 -7.57
CA LEU A 343 3.55 49.33 -8.40
C LEU A 343 2.88 48.27 -9.32
N ALA A 344 3.07 47.00 -8.97
CA ALA A 344 2.50 45.85 -9.69
C ALA A 344 2.90 44.50 -9.09
N TRP B 4 -31.55 2.35 -1.53
CA TRP B 4 -30.60 2.31 -0.38
C TRP B 4 -31.11 3.33 0.65
N TYR B 5 -31.32 4.56 0.19
CA TYR B 5 -31.77 5.71 0.97
C TYR B 5 -32.93 5.40 1.87
N ARG B 6 -33.50 4.21 1.73
CA ARG B 6 -34.64 3.81 2.53
C ARG B 6 -34.53 2.32 2.82
N VAL B 7 -33.48 1.71 2.27
CA VAL B 7 -33.23 0.28 2.39
C VAL B 7 -33.19 -0.32 3.78
N HIS B 8 -33.11 0.54 4.77
CA HIS B 8 -33.11 0.09 6.14
C HIS B 8 -34.39 0.49 6.82
N THR B 9 -35.46 0.64 6.04
CA THR B 9 -36.75 1.04 6.60
C THR B 9 -37.56 -0.24 6.82
N VAL B 10 -37.06 -1.33 6.26
CA VAL B 10 -37.70 -2.64 6.37
C VAL B 10 -37.86 -3.16 7.80
N LEU B 11 -37.59 -2.31 8.80
CA LEU B 11 -37.70 -2.77 10.18
C LEU B 11 -38.55 -1.86 11.06
N ILE B 12 -38.96 -0.71 10.56
CA ILE B 12 -39.75 0.24 11.35
C ILE B 12 -40.88 -0.38 12.15
N ASN B 13 -41.32 -1.55 11.71
CA ASN B 13 -42.41 -2.24 12.38
C ASN B 13 -42.02 -3.47 13.20
N ASP B 14 -41.99 -4.65 12.54
CA ASP B 14 -41.67 -5.93 13.21
C ASP B 14 -40.39 -5.94 14.02
N PRO B 15 -40.52 -5.86 15.35
CA PRO B 15 -39.31 -5.88 16.16
C PRO B 15 -38.64 -7.24 16.08
N GLY B 16 -39.01 -8.02 15.07
CA GLY B 16 -38.40 -9.32 14.94
C GLY B 16 -37.00 -9.14 14.40
N ARG B 17 -36.94 -8.95 13.08
CA ARG B 17 -35.68 -8.75 12.38
C ARG B 17 -35.14 -7.38 12.77
N LEU B 18 -35.78 -6.72 13.71
CA LEU B 18 -35.31 -5.41 14.12
C LEU B 18 -34.32 -5.59 15.27
N ILE B 19 -34.59 -6.56 16.15
CA ILE B 19 -33.68 -6.77 17.29
C ILE B 19 -32.37 -7.35 16.78
N ALA B 20 -32.48 -8.21 15.78
CA ALA B 20 -31.31 -8.84 15.19
C ALA B 20 -30.39 -7.76 14.62
N ALA B 21 -30.98 -6.66 14.15
CA ALA B 21 -30.20 -5.57 13.61
C ALA B 21 -29.33 -5.02 14.75
N HIS B 22 -30.01 -4.58 15.82
CA HIS B 22 -29.40 -4.05 17.05
C HIS B 22 -28.49 -5.11 17.67
N LEU B 23 -28.97 -6.35 17.64
CA LEU B 23 -28.24 -7.50 18.16
C LEU B 23 -26.92 -7.59 17.39
N MET B 24 -26.90 -7.09 16.15
CA MET B 24 -25.69 -7.15 15.33
C MET B 24 -24.77 -5.96 15.39
N HIS B 25 -25.29 -4.80 15.03
CA HIS B 25 -24.49 -3.60 15.12
C HIS B 25 -23.67 -3.81 16.39
N THR B 26 -24.39 -4.22 17.41
CA THR B 26 -23.85 -4.49 18.72
C THR B 26 -23.11 -5.83 18.88
N ALA B 27 -22.20 -6.11 17.96
CA ALA B 27 -21.44 -7.34 18.01
C ALA B 27 -20.36 -7.01 17.02
N LEU B 28 -20.62 -5.91 16.33
CA LEU B 28 -19.69 -5.38 15.38
C LEU B 28 -19.00 -4.35 16.26
N VAL B 29 -19.74 -3.88 17.27
CA VAL B 29 -19.19 -2.90 18.17
C VAL B 29 -18.24 -3.61 19.09
N ALA B 30 -18.71 -4.56 19.90
CA ALA B 30 -17.75 -5.25 20.74
C ALA B 30 -16.84 -6.11 19.82
N GLY B 31 -17.28 -6.36 18.59
CA GLY B 31 -16.44 -7.14 17.67
C GLY B 31 -15.21 -6.30 17.40
N TRP B 32 -15.43 -5.00 17.32
CA TRP B 32 -14.37 -4.04 17.09
C TRP B 32 -13.66 -3.76 18.41
N ALA B 33 -14.31 -4.09 19.51
CA ALA B 33 -13.75 -3.86 20.84
C ALA B 33 -12.33 -4.33 21.01
N GLY B 34 -12.27 -5.61 21.38
CA GLY B 34 -11.07 -6.33 21.69
C GLY B 34 -10.21 -6.36 20.46
N SER B 35 -10.81 -6.37 19.29
CA SER B 35 -10.00 -6.50 18.11
C SER B 35 -9.08 -5.29 18.11
N MET B 36 -9.63 -4.14 18.44
CA MET B 36 -8.79 -2.95 18.48
C MET B 36 -7.72 -3.14 19.53
N ALA B 37 -8.10 -3.72 20.65
CA ALA B 37 -7.18 -3.86 21.77
C ALA B 37 -6.00 -4.73 21.38
N LEU B 38 -6.27 -5.80 20.66
CA LEU B 38 -5.21 -6.70 20.29
C LEU B 38 -4.32 -5.83 19.45
N TYR B 39 -4.94 -5.06 18.56
CA TYR B 39 -4.11 -4.12 17.81
C TYR B 39 -3.39 -3.10 18.70
N GLU B 40 -4.14 -2.30 19.46
CA GLU B 40 -3.52 -1.32 20.34
C GLU B 40 -2.51 -2.12 21.14
N LEU B 41 -3.03 -3.14 21.80
CA LEU B 41 -2.26 -4.05 22.63
C LEU B 41 -1.02 -4.52 21.90
N ALA B 42 -1.21 -5.03 20.69
CA ALA B 42 -0.09 -5.52 19.90
C ALA B 42 0.91 -4.47 19.43
N THR B 43 0.90 -3.26 20.00
CA THR B 43 1.88 -2.26 19.58
C THR B 43 2.22 -1.24 20.66
N PHE B 44 1.67 -1.44 21.85
CA PHE B 44 1.93 -0.53 22.95
C PHE B 44 3.17 -0.95 23.72
N ASP B 45 4.32 -0.38 23.33
CA ASP B 45 5.59 -0.68 23.99
C ASP B 45 5.51 -0.17 25.43
N PRO B 46 5.30 -1.08 26.37
CA PRO B 46 5.18 -0.75 27.79
C PRO B 46 6.50 -0.44 28.49
N SER B 47 7.59 -0.95 27.95
CA SER B 47 8.91 -0.76 28.51
C SER B 47 9.15 0.51 29.32
N ASP B 48 8.40 1.58 29.07
CA ASP B 48 8.55 2.84 29.81
C ASP B 48 7.25 3.66 29.96
N PRO B 49 7.03 4.22 31.16
CA PRO B 49 5.82 5.03 31.35
C PRO B 49 6.13 6.49 31.64
N VAL B 50 7.42 6.86 31.65
CA VAL B 50 7.81 8.24 31.95
C VAL B 50 8.05 9.12 30.75
N LEU B 51 8.57 8.58 29.66
CA LEU B 51 8.77 9.43 28.52
C LEU B 51 8.05 8.87 27.33
N ASN B 52 7.45 7.70 27.51
CA ASN B 52 6.69 7.11 26.45
C ASN B 52 5.44 6.46 26.98
N PRO B 53 4.51 7.26 27.53
CA PRO B 53 3.26 6.74 28.08
C PRO B 53 2.25 6.33 26.99
N MET B 54 1.32 5.44 27.32
CA MET B 54 0.35 5.00 26.33
C MET B 54 -0.18 6.16 25.53
N TRP B 55 -0.40 7.29 26.20
CA TRP B 55 -0.94 8.45 25.51
C TRP B 55 0.00 9.16 24.53
N ARG B 56 1.28 8.74 24.53
CA ARG B 56 2.31 9.29 23.61
C ARG B 56 2.12 8.57 22.29
N GLN B 57 2.49 7.29 22.30
CA GLN B 57 2.36 6.45 21.14
C GLN B 57 0.87 6.26 21.00
N GLY B 58 0.22 7.18 20.29
CA GLY B 58 -1.21 7.10 20.10
C GLY B 58 -1.75 5.73 20.48
N MET B 59 -2.58 5.72 21.52
CA MET B 59 -3.25 4.51 22.01
C MET B 59 -4.65 5.05 22.31
N PHE B 60 -5.63 4.57 21.57
CA PHE B 60 -6.99 5.06 21.75
C PHE B 60 -7.94 4.27 22.65
N VAL B 61 -7.77 2.94 22.71
CA VAL B 61 -8.63 2.09 23.54
C VAL B 61 -7.98 1.76 24.90
N LEU B 62 -6.67 1.61 24.87
CA LEU B 62 -5.94 1.27 26.07
C LEU B 62 -6.32 2.22 27.20
N PRO B 63 -6.02 3.50 27.03
CA PRO B 63 -6.34 4.47 28.07
C PRO B 63 -7.66 4.25 28.82
N PHE B 64 -8.71 3.85 28.09
CA PHE B 64 -10.02 3.64 28.71
C PHE B 64 -10.12 2.47 29.65
N MET B 65 -9.27 1.48 29.46
CA MET B 65 -9.28 0.32 30.34
C MET B 65 -8.76 0.75 31.70
N ALA B 66 -7.49 1.14 31.73
CA ALA B 66 -6.85 1.58 32.96
C ALA B 66 -7.81 2.35 33.86
N ARG B 67 -8.31 3.46 33.35
CA ARG B 67 -9.23 4.30 34.10
C ARG B 67 -10.13 3.51 35.04
N LEU B 68 -10.88 2.57 34.47
CA LEU B 68 -11.82 1.73 35.24
C LEU B 68 -11.24 0.50 35.94
N GLY B 69 -9.92 0.32 35.88
CA GLY B 69 -9.34 -0.81 36.56
C GLY B 69 -8.28 -1.64 35.87
N VAL B 70 -8.68 -2.42 34.87
CA VAL B 70 -7.74 -3.27 34.17
C VAL B 70 -6.50 -2.50 33.77
N THR B 71 -5.42 -2.75 34.49
CA THR B 71 -4.12 -2.13 34.26
C THR B 71 -3.01 -3.21 34.19
N GLY B 72 -3.33 -4.44 34.60
CA GLY B 72 -2.35 -5.51 34.55
C GLY B 72 -2.52 -6.24 33.24
N SER B 73 -1.47 -6.90 32.76
CA SER B 73 -1.52 -7.64 31.51
C SER B 73 -0.84 -8.99 31.66
N TRP B 74 -1.35 -10.00 30.95
CA TRP B 74 -0.78 -11.35 31.00
C TRP B 74 0.66 -11.40 30.42
N SER B 75 1.16 -10.25 29.99
CA SER B 75 2.51 -10.18 29.47
C SER B 75 3.37 -10.14 30.72
N GLY B 76 2.78 -9.65 31.82
CA GLY B 76 3.50 -9.61 33.07
C GLY B 76 3.78 -8.23 33.61
N TRP B 77 3.44 -7.20 32.84
CA TRP B 77 3.67 -5.82 33.26
C TRP B 77 2.44 -5.12 33.79
N SER B 78 2.55 -3.80 33.83
CA SER B 78 1.48 -2.93 34.29
C SER B 78 1.79 -1.48 33.90
N ILE B 79 0.76 -0.78 33.47
CA ILE B 79 0.88 0.60 33.05
C ILE B 79 1.28 1.50 34.23
N THR B 80 1.75 0.84 35.29
CA THR B 80 2.21 1.51 36.51
C THR B 80 3.71 1.65 36.45
N GLY B 81 4.35 0.50 36.32
CA GLY B 81 5.79 0.40 36.29
C GLY B 81 6.07 -0.94 36.93
N GLU B 82 5.33 -1.24 38.02
CA GLU B 82 5.47 -2.48 38.80
C GLU B 82 5.59 -3.71 37.91
N THR B 83 6.25 -4.74 38.40
CA THR B 83 6.45 -5.95 37.61
C THR B 83 6.01 -7.28 38.27
N GLY B 84 5.79 -7.26 39.59
CA GLY B 84 5.39 -8.48 40.32
C GLY B 84 3.95 -8.66 40.82
N ILE B 85 2.99 -8.41 39.92
CA ILE B 85 1.54 -8.54 40.17
C ILE B 85 0.91 -9.00 38.85
N ASP B 86 -0.43 -8.97 38.78
CA ASP B 86 -1.13 -9.36 37.55
C ASP B 86 -2.59 -9.73 37.79
N PRO B 87 -3.52 -8.77 37.57
CA PRO B 87 -4.89 -9.23 37.82
C PRO B 87 -5.14 -10.55 37.03
N GLY B 88 -6.20 -11.29 37.37
CA GLY B 88 -6.45 -12.56 36.69
C GLY B 88 -6.82 -12.52 35.21
N PHE B 89 -8.01 -13.04 34.91
CA PHE B 89 -8.52 -13.06 33.55
C PHE B 89 -8.76 -11.61 33.08
N TRP B 90 -8.78 -10.68 34.03
CA TRP B 90 -9.05 -9.29 33.68
C TRP B 90 -7.82 -8.44 33.51
N SER B 91 -7.10 -8.78 32.44
CA SER B 91 -5.87 -8.15 32.00
C SER B 91 -6.21 -7.69 30.60
N PHE B 92 -5.63 -6.58 30.16
CA PHE B 92 -5.90 -6.10 28.80
C PHE B 92 -6.09 -7.26 27.82
N GLU B 93 -5.60 -8.43 28.20
CA GLU B 93 -5.71 -9.60 27.36
C GLU B 93 -7.15 -10.11 27.36
N GLY B 94 -7.63 -10.51 28.54
CA GLY B 94 -9.00 -11.00 28.67
C GLY B 94 -10.02 -9.96 28.27
N VAL B 95 -9.86 -8.76 28.82
CA VAL B 95 -10.72 -7.64 28.51
C VAL B 95 -10.93 -7.68 27.00
N ALA B 96 -9.84 -7.68 26.27
CA ALA B 96 -9.93 -7.74 24.81
C ALA B 96 -10.64 -9.04 24.47
N LEU B 97 -9.97 -10.16 24.76
CA LEU B 97 -10.51 -11.48 24.49
C LEU B 97 -11.99 -11.52 24.79
N ALA B 98 -12.35 -11.00 25.95
CA ALA B 98 -13.74 -10.97 26.39
C ALA B 98 -14.71 -10.52 25.29
N HIS B 99 -14.69 -9.23 24.96
CA HIS B 99 -15.57 -8.72 23.92
C HIS B 99 -15.54 -9.60 22.69
N ILE B 100 -14.34 -9.96 22.28
CA ILE B 100 -14.14 -10.81 21.12
C ILE B 100 -15.07 -12.01 21.17
N VAL B 101 -15.06 -12.74 22.28
CA VAL B 101 -15.96 -13.88 22.37
C VAL B 101 -17.39 -13.38 22.23
N LEU B 102 -17.72 -12.32 22.97
CA LEU B 102 -19.04 -11.67 22.95
C LEU B 102 -19.60 -11.43 21.55
N SER B 103 -18.78 -10.84 20.69
CA SER B 103 -19.17 -10.54 19.30
C SER B 103 -19.66 -11.80 18.61
N GLY B 104 -18.76 -12.76 18.41
CA GLY B 104 -19.15 -14.00 17.76
C GLY B 104 -20.28 -14.67 18.52
N LEU B 105 -20.37 -14.28 19.78
CA LEU B 105 -21.38 -14.76 20.70
C LEU B 105 -22.72 -14.08 20.35
N LEU B 106 -22.77 -12.74 20.34
CA LEU B 106 -23.97 -11.98 20.01
C LEU B 106 -24.43 -12.29 18.60
N PHE B 107 -23.48 -12.26 17.69
CA PHE B 107 -23.70 -12.59 16.29
C PHE B 107 -24.62 -13.80 16.30
N LEU B 108 -24.10 -14.91 16.81
CA LEU B 108 -24.84 -16.16 16.86
C LEU B 108 -26.32 -16.00 17.10
N ALA B 109 -26.67 -15.22 18.12
CA ALA B 109 -28.06 -15.00 18.46
C ALA B 109 -28.75 -14.00 17.54
N ALA B 110 -28.01 -13.03 17.03
CA ALA B 110 -28.60 -12.05 16.13
C ALA B 110 -29.40 -12.80 15.07
N CYS B 111 -28.89 -13.96 14.68
CA CYS B 111 -29.56 -14.79 13.67
C CYS B 111 -30.98 -15.14 14.09
N TRP B 112 -31.10 -15.81 15.23
CA TRP B 112 -32.40 -16.22 15.77
C TRP B 112 -33.49 -15.25 15.37
N HIS B 113 -33.29 -13.99 15.75
CA HIS B 113 -34.26 -12.95 15.51
C HIS B 113 -34.59 -12.47 14.08
N TRP B 114 -33.91 -12.96 13.04
CA TRP B 114 -34.33 -12.55 11.68
C TRP B 114 -35.23 -13.65 11.15
N VAL B 115 -34.77 -14.88 11.31
CA VAL B 115 -35.52 -16.06 10.86
C VAL B 115 -36.74 -16.26 11.74
N TYR B 116 -36.58 -16.01 13.02
CA TYR B 116 -37.67 -16.14 13.98
C TYR B 116 -38.24 -14.75 14.23
N TRP B 117 -38.66 -14.11 13.15
CA TRP B 117 -39.22 -12.75 13.20
C TRP B 117 -40.62 -12.78 13.74
N ASP B 118 -41.43 -13.71 13.26
CA ASP B 118 -42.79 -13.80 13.74
C ASP B 118 -42.74 -14.53 15.09
N LEU B 119 -42.85 -13.77 16.18
CA LEU B 119 -42.80 -14.32 17.53
C LEU B 119 -44.04 -14.04 18.39
N GLU B 120 -44.32 -14.98 19.27
CA GLU B 120 -45.44 -14.92 20.18
C GLU B 120 -45.67 -13.50 20.68
N LEU B 121 -45.19 -13.25 21.89
CA LEU B 121 -45.34 -11.96 22.56
C LEU B 121 -45.03 -10.77 21.66
N PHE B 122 -44.63 -11.06 20.43
CA PHE B 122 -44.30 -9.99 19.51
C PHE B 122 -45.47 -9.15 19.02
N ARG B 123 -46.68 -9.66 19.19
CA ARG B 123 -47.85 -8.89 18.75
C ARG B 123 -48.76 -8.49 19.90
N ASP B 124 -49.57 -7.45 19.66
CA ASP B 124 -50.54 -6.97 20.65
C ASP B 124 -51.70 -7.96 20.57
N PRO B 125 -52.20 -8.43 21.74
CA PRO B 125 -53.33 -9.39 21.79
C PRO B 125 -54.67 -8.95 21.18
N ARG B 126 -55.29 -7.94 21.78
CA ARG B 126 -56.58 -7.43 21.31
C ARG B 126 -56.65 -7.27 19.79
N THR B 127 -55.53 -6.95 19.15
CA THR B 127 -55.49 -6.77 17.70
C THR B 127 -54.72 -7.95 17.07
N GLY B 128 -54.88 -8.11 15.75
CA GLY B 128 -54.19 -9.18 15.06
C GLY B 128 -52.94 -8.68 14.35
N GLU B 129 -52.32 -7.64 14.90
CA GLU B 129 -51.12 -7.06 14.32
C GLU B 129 -50.01 -6.80 15.37
N PRO B 130 -48.75 -6.62 14.92
CA PRO B 130 -47.60 -6.37 15.79
C PRO B 130 -47.46 -4.94 16.25
N ALA B 131 -46.94 -4.75 17.46
CA ALA B 131 -46.76 -3.42 18.01
C ALA B 131 -45.99 -3.47 19.33
N LEU B 132 -45.52 -2.32 19.80
CA LEU B 132 -44.75 -2.25 21.05
C LEU B 132 -45.10 -1.15 22.05
N ASP B 133 -45.41 -1.58 23.27
CA ASP B 133 -45.75 -0.68 24.36
C ASP B 133 -44.47 0.06 24.79
N LEU B 134 -44.05 1.00 23.95
CA LEU B 134 -42.86 1.78 24.22
C LEU B 134 -42.71 2.26 25.68
N PRO B 135 -43.64 3.12 26.14
CA PRO B 135 -43.63 3.66 27.52
C PRO B 135 -43.33 2.60 28.56
N LYS B 136 -43.60 1.36 28.18
CA LYS B 136 -43.38 0.25 29.08
C LYS B 136 -41.93 -0.23 28.92
N MET B 137 -41.55 -0.67 27.72
CA MET B 137 -40.18 -1.13 27.56
C MET B 137 -39.24 -0.09 28.14
N PHE B 138 -39.48 1.19 27.87
CA PHE B 138 -38.64 2.23 28.44
C PHE B 138 -38.65 2.14 29.97
N GLY B 139 -39.83 1.89 30.54
CA GLY B 139 -39.95 1.78 31.97
C GLY B 139 -38.92 0.89 32.62
N ILE B 140 -38.76 -0.32 32.08
CA ILE B 140 -37.76 -1.26 32.62
C ILE B 140 -36.34 -0.98 32.11
N HIS B 141 -36.17 -0.74 30.81
CA HIS B 141 -34.84 -0.42 30.31
C HIS B 141 -34.33 0.65 31.28
N LEU B 142 -35.08 1.74 31.40
CA LEU B 142 -34.71 2.84 32.30
C LEU B 142 -34.35 2.27 33.66
N PHE B 143 -35.35 1.79 34.39
CA PHE B 143 -35.13 1.21 35.70
C PHE B 143 -33.77 0.50 35.76
N LEU B 144 -33.58 -0.47 34.86
CA LEU B 144 -32.34 -1.28 34.77
C LEU B 144 -31.13 -0.40 34.71
N ALA B 145 -31.17 0.55 33.80
CA ALA B 145 -30.08 1.49 33.68
C ALA B 145 -29.73 1.82 35.12
N GLY B 146 -30.66 2.48 35.79
CA GLY B 146 -30.47 2.90 37.17
C GLY B 146 -29.80 1.96 38.15
N LEU B 147 -30.26 0.71 38.22
CA LEU B 147 -29.69 -0.31 39.13
C LEU B 147 -28.24 -0.79 38.86
N LEU B 148 -27.94 -1.07 37.59
CA LEU B 148 -26.60 -1.36 37.11
C LEU B 148 -25.74 -0.11 37.36
N CYS B 149 -26.34 1.07 37.18
CA CYS B 149 -25.62 2.31 37.45
C CYS B 149 -25.35 2.17 38.92
N PHE B 150 -26.31 2.67 39.68
CA PHE B 150 -26.28 2.67 41.13
C PHE B 150 -25.09 1.92 41.71
N GLY B 151 -25.05 0.61 41.50
CA GLY B 151 -23.98 -0.18 42.06
C GLY B 151 -22.60 0.25 41.61
N PHE B 152 -22.53 1.05 40.55
CA PHE B 152 -21.23 1.49 40.02
C PHE B 152 -20.43 2.05 41.16
N GLY B 153 -20.88 3.20 41.67
CA GLY B 153 -20.19 3.80 42.78
C GLY B 153 -20.33 2.87 43.96
N ALA B 154 -21.53 2.34 44.14
CA ALA B 154 -21.79 1.44 45.25
C ALA B 154 -20.67 0.44 45.57
N PHE B 155 -20.18 -0.31 44.59
CA PHE B 155 -19.10 -1.25 44.89
C PHE B 155 -17.85 -0.98 44.07
N HIS B 156 -17.98 -1.01 42.75
CA HIS B 156 -16.86 -0.76 41.87
C HIS B 156 -16.04 0.42 42.32
N LEU B 157 -16.40 1.60 41.83
CA LEU B 157 -15.70 2.84 42.17
C LEU B 157 -15.29 3.03 43.64
N THR B 158 -16.02 2.40 44.57
CA THR B 158 -15.70 2.53 46.01
C THR B 158 -14.75 1.45 46.41
N GLY B 159 -14.89 0.31 45.75
CA GLY B 159 -14.06 -0.83 46.03
C GLY B 159 -14.83 -1.88 46.81
N LEU B 160 -15.96 -1.50 47.39
CA LEU B 160 -16.76 -2.44 48.17
C LEU B 160 -16.83 -3.77 47.43
N PHE B 161 -16.60 -3.70 46.11
CA PHE B 161 -16.55 -4.86 45.25
C PHE B 161 -16.01 -4.41 43.91
N GLY B 162 -14.69 -4.43 43.77
CA GLY B 162 -14.08 -4.03 42.52
C GLY B 162 -12.92 -3.06 42.57
N PRO B 163 -12.33 -2.75 41.41
CA PRO B 163 -11.20 -1.83 41.29
C PRO B 163 -11.73 -0.40 41.34
N GLY B 164 -11.21 0.43 42.24
CA GLY B 164 -11.68 1.81 42.34
C GLY B 164 -11.85 2.48 40.97
N MET B 165 -10.82 3.18 40.54
CA MET B 165 -10.78 3.86 39.26
C MET B 165 -9.46 4.61 39.29
N TRP B 166 -8.98 4.99 38.13
CA TRP B 166 -7.72 5.69 38.08
C TRP B 166 -7.88 7.12 38.58
N VAL B 167 -6.98 7.50 39.50
CA VAL B 167 -6.93 8.84 40.06
C VAL B 167 -5.47 9.21 40.32
N SER B 168 -5.14 10.46 40.01
CA SER B 168 -3.80 10.96 40.20
C SER B 168 -3.83 12.32 40.87
N ASP B 169 -2.70 12.70 41.47
CA ASP B 169 -2.57 13.95 42.17
C ASP B 169 -2.10 15.08 41.27
N PRO B 170 -2.75 16.25 41.38
CA PRO B 170 -2.56 17.50 40.66
C PRO B 170 -1.61 17.56 39.46
N TYR B 171 -0.52 16.81 39.51
CA TYR B 171 0.45 16.77 38.40
C TYR B 171 0.67 15.33 38.00
N GLY B 172 0.71 15.07 36.71
CA GLY B 172 0.96 13.70 36.28
C GLY B 172 2.14 13.32 37.13
N LEU B 173 2.07 12.19 37.82
CA LEU B 173 3.17 11.79 38.68
C LEU B 173 2.92 10.44 39.30
N THR B 174 2.04 10.42 40.28
CA THR B 174 1.72 9.21 41.02
C THR B 174 0.36 8.60 40.71
N GLY B 175 -0.13 8.77 39.49
CA GLY B 175 -1.41 8.18 39.16
C GLY B 175 -1.45 6.70 39.49
N SER B 176 -2.62 6.16 39.80
CA SER B 176 -2.75 4.73 40.12
C SER B 176 -4.21 4.36 40.34
N VAL B 177 -4.65 3.26 39.73
CA VAL B 177 -6.03 2.79 39.88
C VAL B 177 -6.25 2.68 41.39
N GLN B 178 -7.38 3.19 41.88
CA GLN B 178 -7.67 3.14 43.31
C GLN B 178 -9.12 3.50 43.69
N PRO B 179 -9.69 2.80 44.68
CA PRO B 179 -11.07 3.07 45.11
C PRO B 179 -11.33 4.51 45.53
N VAL B 180 -12.55 4.97 45.31
CA VAL B 180 -12.92 6.34 45.68
C VAL B 180 -14.25 6.39 46.41
N ALA B 181 -14.26 7.09 47.54
CA ALA B 181 -15.46 7.23 48.37
C ALA B 181 -16.19 8.53 47.98
N PRO B 182 -17.52 8.44 47.77
CA PRO B 182 -18.34 9.60 47.38
C PRO B 182 -18.26 10.78 48.31
N GLU B 183 -18.40 11.96 47.74
CA GLU B 183 -18.37 13.20 48.50
C GLU B 183 -19.45 14.06 47.86
N TRP B 184 -20.63 14.12 48.48
CA TRP B 184 -21.73 14.89 47.94
C TRP B 184 -21.92 16.28 48.50
N GLY B 185 -20.87 16.83 49.07
CA GLY B 185 -20.94 18.20 49.56
C GLY B 185 -20.83 18.98 48.25
N PRO B 186 -20.57 20.29 48.26
CA PRO B 186 -20.46 21.01 46.98
C PRO B 186 -19.35 20.44 46.08
N ASP B 187 -18.14 20.37 46.61
CA ASP B 187 -17.00 19.87 45.85
C ASP B 187 -17.32 18.55 45.18
N GLY B 188 -18.41 17.91 45.58
CA GLY B 188 -18.79 16.66 44.95
C GLY B 188 -19.21 16.93 43.52
N PHE B 189 -19.08 18.19 43.10
CA PHE B 189 -19.46 18.58 41.74
C PHE B 189 -18.33 19.24 40.96
N ASN B 190 -17.10 18.96 41.35
CA ASN B 190 -15.95 19.50 40.63
C ASN B 190 -15.57 18.43 39.65
N PRO B 191 -15.61 18.74 38.35
CA PRO B 191 -15.26 17.78 37.31
C PRO B 191 -13.99 17.00 37.59
N TYR B 192 -13.23 17.47 38.57
CA TYR B 192 -11.97 16.84 38.95
C TYR B 192 -12.05 15.97 40.23
N ASN B 193 -12.99 16.29 41.11
CA ASN B 193 -13.14 15.55 42.37
C ASN B 193 -13.77 14.18 42.17
N PRO B 194 -12.94 13.12 42.09
CA PRO B 194 -13.38 11.74 41.89
C PRO B 194 -14.61 11.35 42.69
N GLY B 195 -14.65 11.78 43.94
CA GLY B 195 -15.80 11.47 44.78
C GLY B 195 -17.11 11.99 44.22
N GLY B 196 -17.02 13.05 43.41
CA GLY B 196 -18.20 13.65 42.82
C GLY B 196 -18.67 12.89 41.59
N VAL B 197 -18.09 11.71 41.38
CA VAL B 197 -18.44 10.89 40.24
C VAL B 197 -18.93 9.53 40.74
N VAL B 198 -18.45 9.12 41.90
CA VAL B 198 -18.85 7.87 42.54
C VAL B 198 -20.09 8.14 43.40
N ALA B 199 -20.30 9.42 43.69
CA ALA B 199 -21.45 9.91 44.46
C ALA B 199 -22.59 10.28 43.50
N HIS B 200 -22.21 10.49 42.24
CA HIS B 200 -23.14 10.80 41.19
C HIS B 200 -23.81 9.47 40.85
N HIS B 201 -22.99 8.53 40.39
CA HIS B 201 -23.44 7.20 39.97
C HIS B 201 -24.28 6.40 40.96
N ILE B 202 -24.13 6.66 42.27
CA ILE B 202 -24.96 5.99 43.26
C ILE B 202 -26.26 6.80 43.31
N ALA B 203 -26.12 8.12 43.14
CA ALA B 203 -27.25 9.07 43.16
C ALA B 203 -28.23 8.77 42.02
N ALA B 204 -27.90 9.23 40.82
CA ALA B 204 -28.76 9.05 39.65
C ALA B 204 -29.05 7.59 39.28
N GLY B 205 -28.34 6.67 39.91
CA GLY B 205 -28.58 5.26 39.65
C GLY B 205 -29.78 4.91 40.51
N ILE B 206 -29.72 5.38 41.75
CA ILE B 206 -30.79 5.19 42.73
C ILE B 206 -32.04 5.81 42.12
N VAL B 207 -31.90 7.07 41.71
CA VAL B 207 -32.96 7.85 41.08
C VAL B 207 -33.33 7.26 39.73
N GLY B 208 -32.32 6.84 38.96
CA GLY B 208 -32.60 6.23 37.67
C GLY B 208 -33.54 5.05 37.90
N ILE B 209 -33.45 4.48 39.10
CA ILE B 209 -34.29 3.35 39.50
C ILE B 209 -35.74 3.80 39.72
N ILE B 210 -35.92 4.73 40.66
CA ILE B 210 -37.25 5.28 40.92
C ILE B 210 -37.92 5.49 39.56
N ALA B 211 -37.40 6.46 38.80
CA ALA B 211 -37.91 6.78 37.46
C ALA B 211 -38.32 5.52 36.71
N GLY B 212 -37.43 4.53 36.71
CA GLY B 212 -37.72 3.28 36.04
C GLY B 212 -39.01 2.67 36.54
N LEU B 213 -39.15 2.56 37.85
CA LEU B 213 -40.36 2.00 38.43
C LEU B 213 -41.54 2.86 37.99
N PHE B 214 -41.51 4.16 38.29
CA PHE B 214 -42.60 5.04 37.90
C PHE B 214 -42.96 4.79 36.44
N HIS B 215 -42.03 5.10 35.54
CA HIS B 215 -42.25 4.93 34.12
C HIS B 215 -42.73 3.56 33.66
N ILE B 216 -42.55 2.53 34.49
CA ILE B 216 -42.96 1.18 34.12
C ILE B 216 -44.42 0.94 34.51
N LEU B 217 -44.82 1.59 35.59
CA LEU B 217 -46.17 1.49 36.15
C LEU B 217 -47.16 2.52 35.56
N VAL B 218 -46.95 3.79 35.88
CA VAL B 218 -47.80 4.88 35.39
C VAL B 218 -48.14 4.78 33.88
N ARG B 219 -49.07 5.60 33.41
CA ARG B 219 -49.43 5.58 32.00
C ARG B 219 -49.23 6.93 31.34
N PRO B 220 -48.83 6.92 30.06
CA PRO B 220 -48.58 8.11 29.24
C PRO B 220 -49.78 9.01 28.98
N PRO B 221 -49.94 10.08 29.77
CA PRO B 221 -51.05 11.03 29.63
C PRO B 221 -51.31 11.49 28.20
N GLN B 222 -52.44 11.03 27.65
CA GLN B 222 -52.86 11.33 26.27
C GLN B 222 -52.24 12.52 25.58
N ARG B 223 -52.58 13.73 26.01
CA ARG B 223 -52.07 14.95 25.38
C ARG B 223 -50.55 14.95 25.16
N LEU B 224 -49.89 13.84 25.47
CA LEU B 224 -48.46 13.68 25.27
C LEU B 224 -48.24 12.56 24.26
N TYR B 225 -49.02 11.50 24.40
CA TYR B 225 -48.97 10.34 23.53
C TYR B 225 -49.60 10.68 22.18
N LYS B 226 -50.51 11.66 22.18
CA LYS B 226 -51.18 12.12 20.95
C LYS B 226 -50.53 13.41 20.41
N ALA B 227 -49.81 14.12 21.28
CA ALA B 227 -49.12 15.33 20.88
C ALA B 227 -47.90 14.81 20.15
N LEU B 228 -47.06 14.11 20.90
CA LEU B 228 -45.84 13.48 20.39
C LEU B 228 -46.27 12.12 19.87
N ARG B 229 -46.18 11.94 18.57
CA ARG B 229 -46.58 10.70 17.89
C ARG B 229 -46.04 9.38 18.44
N MET B 230 -45.71 9.30 19.73
CA MET B 230 -45.22 8.03 20.27
C MET B 230 -46.25 6.97 19.87
N GLY B 231 -45.83 5.72 19.86
CA GLY B 231 -46.70 4.67 19.38
C GLY B 231 -46.03 4.42 18.03
N ASN B 232 -45.25 5.40 17.60
CA ASN B 232 -44.48 5.33 16.36
C ASN B 232 -43.01 5.25 16.76
N ILE B 233 -42.47 4.04 16.63
CA ILE B 233 -41.09 3.72 16.96
C ILE B 233 -40.14 4.83 16.47
N GLU B 234 -40.63 5.62 15.53
CA GLU B 234 -39.91 6.73 14.94
C GLU B 234 -39.57 7.77 15.99
N THR B 235 -40.55 8.14 16.83
CA THR B 235 -40.34 9.16 17.85
C THR B 235 -39.26 8.86 18.86
N VAL B 236 -39.10 7.59 19.21
CA VAL B 236 -38.10 7.20 20.19
C VAL B 236 -36.69 7.22 19.61
N LEU B 237 -36.58 7.29 18.28
CA LEU B 237 -35.28 7.35 17.63
C LEU B 237 -34.76 8.77 17.60
N SER B 238 -35.68 9.73 17.75
CA SER B 238 -35.33 11.15 17.75
C SER B 238 -35.24 11.66 19.20
N SER B 239 -36.10 11.09 20.05
CA SER B 239 -36.15 11.43 21.48
C SER B 239 -34.87 10.90 22.17
N SER B 240 -34.00 10.27 21.39
CA SER B 240 -32.77 9.68 21.91
C SER B 240 -31.54 10.13 21.14
N ILE B 241 -31.65 10.26 19.83
CA ILE B 241 -30.53 10.76 19.05
C ILE B 241 -30.05 11.97 19.83
N ALA B 242 -31.03 12.79 20.22
CA ALA B 242 -30.82 14.03 20.97
C ALA B 242 -30.11 13.88 22.32
N ALA B 243 -30.33 12.76 23.01
CA ALA B 243 -29.70 12.53 24.29
C ALA B 243 -28.29 12.03 24.03
N VAL B 244 -28.11 11.26 22.96
CA VAL B 244 -26.79 10.71 22.62
C VAL B 244 -25.87 11.86 22.20
N PHE B 245 -26.36 12.72 21.30
CA PHE B 245 -25.55 13.84 20.89
C PHE B 245 -25.37 14.80 22.07
N PHE B 246 -26.36 14.90 22.95
CA PHE B 246 -26.24 15.78 24.10
C PHE B 246 -25.00 15.42 24.88
N ALA B 247 -24.98 14.21 25.44
CA ALA B 247 -23.85 13.74 26.23
C ALA B 247 -22.59 13.69 25.36
N ALA B 248 -22.77 13.36 24.09
CA ALA B 248 -21.64 13.31 23.15
C ALA B 248 -20.85 14.58 23.38
N PHE B 249 -21.40 15.67 22.90
CA PHE B 249 -20.80 16.99 23.04
C PHE B 249 -20.00 17.24 24.31
N VAL B 250 -20.47 16.72 25.44
CA VAL B 250 -19.80 16.97 26.71
C VAL B 250 -18.61 16.06 26.94
N VAL B 251 -18.67 14.83 26.43
CA VAL B 251 -17.54 13.95 26.62
C VAL B 251 -16.38 14.60 25.84
N ALA B 252 -16.68 15.08 24.64
CA ALA B 252 -15.70 15.75 23.79
C ALA B 252 -15.46 17.15 24.34
N GLY B 253 -15.82 17.36 25.59
CA GLY B 253 -15.61 18.65 26.21
C GLY B 253 -14.76 18.38 27.41
N THR B 254 -14.99 17.25 28.05
CA THR B 254 -14.17 16.85 29.18
C THR B 254 -12.72 16.64 28.75
N MET B 255 -12.53 16.00 27.60
CA MET B 255 -11.16 15.70 27.22
C MET B 255 -10.39 16.99 27.03
N TRP B 256 -11.02 17.96 26.37
CA TRP B 256 -10.39 19.26 26.16
C TRP B 256 -10.14 20.01 27.46
N TYR B 257 -11.11 19.95 28.36
CA TYR B 257 -11.07 20.72 29.60
C TYR B 257 -10.86 19.79 30.77
N GLY B 258 -9.89 20.10 31.62
CA GLY B 258 -9.59 19.18 32.68
C GLY B 258 -10.85 18.43 33.07
N SER B 259 -10.71 17.18 33.51
CA SER B 259 -11.87 16.39 33.93
C SER B 259 -11.48 15.03 34.51
N ALA B 260 -11.69 14.88 35.81
CA ALA B 260 -11.37 13.65 36.53
C ALA B 260 -11.63 12.32 35.83
N THR B 261 -12.46 12.29 34.80
CA THR B 261 -12.68 11.03 34.12
C THR B 261 -11.63 10.96 33.04
N THR B 262 -11.18 12.13 32.63
CA THR B 262 -10.15 12.26 31.61
C THR B 262 -8.80 12.60 32.25
N PRO B 263 -8.19 11.63 32.95
CA PRO B 263 -6.90 11.80 33.64
C PRO B 263 -5.87 12.27 32.64
N ILE B 264 -4.79 12.87 33.15
CA ILE B 264 -3.72 13.35 32.26
C ILE B 264 -2.97 12.12 31.82
N GLU B 265 -2.36 11.47 32.82
CA GLU B 265 -1.54 10.29 32.64
C GLU B 265 -2.14 9.22 31.76
N LEU B 266 -3.41 9.35 31.43
CA LEU B 266 -4.07 8.36 30.58
C LEU B 266 -4.31 8.78 29.12
N PHE B 267 -4.64 10.05 28.91
CA PHE B 267 -4.93 10.55 27.56
C PHE B 267 -3.99 11.61 27.09
N GLY B 268 -3.54 12.45 28.01
CA GLY B 268 -2.63 13.48 27.62
C GLY B 268 -2.74 14.69 28.49
N PRO B 269 -1.98 15.72 28.15
CA PRO B 269 -1.98 16.96 28.89
C PRO B 269 -3.11 17.86 28.41
N THR B 270 -3.65 18.65 29.31
CA THR B 270 -4.70 19.56 28.92
C THR B 270 -4.02 20.57 28.04
N ARG B 271 -4.63 20.89 26.91
CA ARG B 271 -4.07 21.91 26.05
C ARG B 271 -3.81 23.08 27.01
N TYR B 272 -4.79 23.34 27.88
CA TYR B 272 -4.74 24.43 28.85
C TYR B 272 -3.72 24.24 29.94
N GLN B 273 -2.81 23.28 29.74
CA GLN B 273 -1.79 23.04 30.73
C GLN B 273 -0.50 23.66 30.20
N TRP B 274 -0.52 24.01 28.93
CA TRP B 274 0.61 24.65 28.30
C TRP B 274 0.20 26.13 28.17
N ASP B 275 -1.09 26.40 28.37
CA ASP B 275 -1.64 27.78 28.31
C ASP B 275 -1.59 28.42 29.68
N SER B 276 -1.73 27.57 30.69
CA SER B 276 -1.69 27.97 32.09
C SER B 276 -0.23 28.13 32.44
N SER B 277 0.63 27.64 31.56
CA SER B 277 2.06 27.66 31.80
C SER B 277 2.20 26.72 32.97
N TYR B 278 1.06 26.21 33.40
CA TYR B 278 0.93 25.30 34.52
C TYR B 278 2.23 24.64 34.94
N PHE B 279 2.49 23.45 34.43
CA PHE B 279 3.71 22.74 34.79
C PHE B 279 4.82 23.66 35.27
N GLN B 280 5.09 24.73 34.52
CA GLN B 280 6.18 25.64 34.89
C GLN B 280 6.06 26.26 36.29
N GLN B 281 4.99 27.01 36.54
CA GLN B 281 4.80 27.64 37.85
C GLN B 281 5.06 26.66 38.99
N GLU B 282 5.02 25.38 38.67
CA GLU B 282 5.24 24.35 39.67
C GLU B 282 6.69 23.96 39.70
N ILE B 283 7.10 23.26 38.65
CA ILE B 283 8.46 22.79 38.53
C ILE B 283 9.33 23.83 39.16
N ASN B 284 9.10 25.07 38.75
CA ASN B 284 9.87 26.19 39.24
C ASN B 284 9.77 26.39 40.74
N ARG B 285 8.56 26.35 41.29
CA ARG B 285 8.42 26.55 42.72
C ARG B 285 9.20 25.46 43.47
N ARG B 286 9.41 24.32 42.82
CA ARG B 286 10.15 23.16 43.39
C ARG B 286 11.65 23.41 43.36
N VAL B 287 12.09 24.15 42.35
CA VAL B 287 13.49 24.48 42.23
C VAL B 287 13.73 25.59 43.23
N GLN B 288 12.64 26.28 43.61
CA GLN B 288 12.74 27.39 44.53
C GLN B 288 12.80 27.02 46.00
N ALA B 289 12.09 25.96 46.40
CA ALA B 289 12.09 25.50 47.78
C ALA B 289 13.34 24.63 48.06
N SER B 290 13.78 23.92 47.03
CA SER B 290 14.95 23.07 47.10
C SER B 290 16.19 23.95 47.14
N LEU B 291 16.18 24.99 46.29
CA LEU B 291 17.27 25.96 46.18
C LEU B 291 17.34 26.82 47.44
N ALA B 292 16.17 27.31 47.89
CA ALA B 292 16.06 28.16 49.08
C ALA B 292 16.48 27.44 50.36
N SER B 293 16.47 26.12 50.34
CA SER B 293 16.93 25.32 51.48
C SER B 293 18.38 24.95 51.12
N GLY B 294 18.97 23.96 51.78
CA GLY B 294 20.36 23.61 51.49
C GLY B 294 20.66 22.89 50.18
N ALA B 295 20.68 23.62 49.06
CA ALA B 295 20.94 23.02 47.75
C ALA B 295 21.42 23.98 46.68
N THR B 296 22.17 23.47 45.69
CA THR B 296 22.73 24.27 44.57
C THR B 296 21.94 24.28 43.26
N LEU B 297 22.05 25.40 42.55
CA LEU B 297 21.37 25.60 41.27
C LEU B 297 21.50 24.38 40.38
N GLU B 298 22.60 23.67 40.52
CA GLU B 298 22.88 22.47 39.77
C GLU B 298 22.18 21.29 40.44
N GLU B 299 22.04 21.37 41.76
CA GLU B 299 21.37 20.33 42.52
C GLU B 299 19.85 20.52 42.47
N ALA B 300 19.41 21.78 42.31
CA ALA B 300 17.99 22.13 42.31
C ALA B 300 17.10 21.45 41.28
N TRP B 301 17.40 21.65 40.00
CA TRP B 301 16.61 21.05 38.95
C TRP B 301 16.70 19.54 38.96
N SER B 302 17.81 19.02 39.45
CA SER B 302 18.03 17.59 39.51
C SER B 302 16.88 16.90 40.28
N ALA B 303 16.25 17.68 41.17
CA ALA B 303 15.12 17.21 41.97
C ALA B 303 13.91 16.94 41.07
N ILE B 304 13.55 17.97 40.30
CA ILE B 304 12.44 17.91 39.35
C ILE B 304 12.58 16.67 38.51
N PRO B 305 11.66 15.72 38.65
CA PRO B 305 11.73 14.48 37.87
C PRO B 305 11.20 14.45 36.43
N GLU B 306 11.89 13.66 35.62
CA GLU B 306 11.62 13.45 34.21
C GLU B 306 10.15 13.72 33.90
N LYS B 307 9.34 12.75 34.31
CA LYS B 307 7.90 12.78 34.12
C LYS B 307 7.40 14.20 34.07
N LEU B 308 7.68 14.91 35.15
CA LEU B 308 7.25 16.28 35.30
C LEU B 308 7.84 17.27 34.31
N ALA B 309 9.13 17.10 34.01
CA ALA B 309 9.79 18.01 33.05
C ALA B 309 9.18 17.76 31.69
N PHE B 310 9.04 16.49 31.35
CA PHE B 310 8.47 16.06 30.09
C PHE B 310 7.11 16.72 29.79
N TYR B 311 6.29 16.80 30.81
CA TYR B 311 4.98 17.40 30.67
C TYR B 311 5.03 18.86 30.21
N ASP B 312 6.01 19.62 30.68
CA ASP B 312 6.09 21.03 30.30
C ASP B 312 6.54 21.24 28.86
N TYR B 313 6.59 20.16 28.09
CA TYR B 313 7.02 20.24 26.68
C TYR B 313 5.79 20.48 25.78
N ILE B 314 5.95 21.29 24.75
CA ILE B 314 4.82 21.58 23.86
C ILE B 314 4.40 20.35 23.06
N GLY B 315 5.38 19.60 22.59
CA GLY B 315 5.09 18.42 21.80
C GLY B 315 4.12 17.47 22.48
N ASN B 316 3.83 17.69 23.75
CA ASN B 316 2.90 16.82 24.45
C ASN B 316 1.63 17.60 24.67
N ASN B 317 1.49 18.68 23.92
CA ASN B 317 0.29 19.50 23.98
C ASN B 317 -0.53 19.27 22.72
N PRO B 318 -1.63 18.50 22.83
CA PRO B 318 -2.55 18.18 21.73
C PRO B 318 -2.92 19.37 20.87
N ALA B 319 -2.68 20.56 21.40
CA ALA B 319 -2.99 21.78 20.68
C ALA B 319 -2.22 21.89 19.36
N LYS B 320 -0.98 21.38 19.34
CA LYS B 320 -0.12 21.49 18.15
C LYS B 320 -0.28 20.53 16.97
N GLY B 321 -1.15 19.54 17.08
CA GLY B 321 -1.34 18.60 15.99
C GLY B 321 -1.70 19.18 14.64
N GLY B 322 -2.51 18.43 13.89
CA GLY B 322 -2.95 18.84 12.57
C GLY B 322 -3.84 17.72 12.07
N LEU B 323 -4.81 18.05 11.23
CA LEU B 323 -5.72 17.03 10.72
C LEU B 323 -5.10 15.85 9.99
N PHE B 324 -3.94 16.04 9.38
CA PHE B 324 -3.35 14.93 8.67
C PHE B 324 -1.99 14.44 9.15
N ARG B 325 -1.80 14.58 10.46
CA ARG B 325 -0.62 14.10 11.16
C ARG B 325 -1.06 12.69 11.59
N THR B 326 -1.05 11.78 10.63
CA THR B 326 -1.51 10.38 10.72
C THR B 326 -0.93 9.34 11.72
N GLY B 327 -1.01 9.64 13.02
CA GLY B 327 -0.50 8.67 13.98
C GLY B 327 -0.13 9.15 15.37
N PRO B 328 0.48 8.25 16.18
CA PRO B 328 0.93 8.51 17.55
C PRO B 328 1.98 9.58 17.64
N MET B 329 1.76 10.54 18.53
CA MET B 329 2.67 11.65 18.74
C MET B 329 4.15 11.31 18.52
N ASN B 330 4.55 10.08 18.84
CA ASN B 330 5.94 9.62 18.68
C ASN B 330 6.51 9.72 17.28
N LYS B 331 5.68 9.55 16.28
CA LYS B 331 6.15 9.63 14.91
C LYS B 331 6.59 11.05 14.62
N GLY B 332 5.90 12.00 15.26
CA GLY B 332 6.19 13.41 15.06
C GLY B 332 7.56 13.92 15.49
N ASP B 333 7.77 14.13 16.79
CA ASP B 333 9.04 14.65 17.33
C ASP B 333 10.08 13.59 17.71
N GLY B 334 9.71 12.33 17.57
CA GLY B 334 10.62 11.24 17.87
C GLY B 334 10.24 10.59 19.18
N ILE B 335 10.73 9.37 19.41
CA ILE B 335 10.45 8.65 20.64
C ILE B 335 11.26 9.25 21.79
N ALA B 336 10.58 10.00 22.67
CA ALA B 336 11.20 10.65 23.82
C ALA B 336 12.10 9.66 24.57
N GLN B 337 13.40 9.93 24.61
CA GLN B 337 14.35 9.04 25.30
C GLN B 337 14.69 9.46 26.73
N ALA B 338 15.16 10.70 26.90
CA ALA B 338 15.49 11.23 28.22
C ALA B 338 15.50 12.75 28.24
N TRP B 339 15.34 13.34 29.43
CA TRP B 339 15.31 14.79 29.59
C TRP B 339 16.72 15.37 29.53
N LYS B 340 16.92 16.42 28.76
CA LYS B 340 18.24 17.03 28.63
C LYS B 340 18.62 18.01 29.75
N GLY B 341 17.66 18.42 30.56
CA GLY B 341 17.96 19.33 31.64
C GLY B 341 17.70 20.80 31.32
N HIS B 342 16.96 21.48 32.21
CA HIS B 342 16.63 22.88 32.01
C HIS B 342 17.86 23.72 31.71
N ALA B 343 17.69 24.62 30.76
CA ALA B 343 18.78 25.48 30.32
C ALA B 343 18.49 26.98 30.47
N VAL B 344 19.42 27.70 31.12
CA VAL B 344 19.29 29.16 31.30
C VAL B 344 20.32 29.91 30.46
N PHE B 345 19.85 30.85 29.68
CA PHE B 345 20.75 31.59 28.81
C PHE B 345 21.19 32.87 29.48
N ARG B 346 22.46 33.21 29.26
CA ARG B 346 23.11 34.39 29.80
C ARG B 346 23.98 35.02 28.70
N ASN B 347 24.66 36.11 29.02
CA ASN B 347 25.52 36.78 28.05
C ASN B 347 26.82 37.24 28.72
N LYS B 348 27.51 38.19 28.09
CA LYS B 348 28.73 38.74 28.65
C LYS B 348 28.32 39.20 30.04
N GLU B 349 27.53 40.28 30.07
CA GLU B 349 27.03 40.86 31.29
C GLU B 349 26.68 39.79 32.33
N GLY B 350 25.90 38.80 31.92
CA GLY B 350 25.52 37.73 32.84
C GLY B 350 24.06 37.72 33.29
N GLU B 351 23.27 38.63 32.74
CA GLU B 351 21.86 38.70 33.08
C GLU B 351 21.21 37.42 32.60
N GLU B 352 20.23 36.90 33.34
CA GLU B 352 19.56 35.67 32.94
C GLU B 352 18.48 35.91 31.89
N LEU B 353 18.82 35.76 30.61
CA LEU B 353 17.85 35.97 29.56
C LEU B 353 16.81 34.89 29.62
N PHE B 354 15.70 35.13 28.94
CA PHE B 354 14.59 34.17 28.88
C PHE B 354 14.04 34.06 27.47
N VAL B 355 13.87 32.83 27.00
CA VAL B 355 13.37 32.55 25.66
C VAL B 355 11.87 32.61 25.58
N ARG B 356 11.37 33.57 24.82
CA ARG B 356 9.94 33.75 24.63
C ARG B 356 9.47 32.49 23.93
N ARG B 357 8.40 31.89 24.41
CA ARG B 357 7.92 30.64 23.81
C ARG B 357 6.90 30.75 22.69
N MET B 358 6.67 29.62 22.04
CA MET B 358 5.73 29.49 20.93
C MET B 358 4.41 29.01 21.50
N PRO B 359 3.31 29.70 21.15
CA PRO B 359 2.01 29.26 21.69
C PRO B 359 1.05 28.68 20.62
N ALA B 360 0.18 27.75 21.04
CA ALA B 360 -0.82 27.09 20.18
C ALA B 360 -0.74 27.39 18.71
N PHE B 361 -1.53 28.38 18.29
CA PHE B 361 -1.66 28.77 16.90
C PHE B 361 -0.40 28.59 16.05
N PHE B 362 0.71 29.18 16.47
CA PHE B 362 1.92 29.19 15.64
C PHE B 362 2.58 27.83 15.41
N GLU B 363 2.84 27.49 14.15
CA GLU B 363 3.50 26.24 13.81
C GLU B 363 4.98 26.59 13.64
N SER B 364 5.27 27.89 13.73
CA SER B 364 6.63 28.41 13.59
C SER B 364 6.71 29.65 14.45
N PHE B 365 7.90 29.92 14.98
CA PHE B 365 8.11 31.10 15.82
C PHE B 365 9.53 31.65 15.64
N PRO B 366 9.77 32.91 16.06
CA PRO B 366 11.10 33.51 15.95
C PRO B 366 11.68 33.52 17.36
N VAL B 367 12.89 32.99 17.50
CA VAL B 367 13.55 32.91 18.78
C VAL B 367 13.95 34.29 19.29
N ILE B 368 13.23 34.73 20.30
CA ILE B 368 13.44 36.03 20.91
C ILE B 368 13.79 35.82 22.35
N LEU B 369 14.84 36.49 22.81
CA LEU B 369 15.30 36.40 24.18
C LEU B 369 15.07 37.67 24.95
N THR B 370 14.29 37.56 26.02
CA THR B 370 13.99 38.71 26.86
C THR B 370 14.30 38.33 28.29
N ASP B 371 15.20 39.08 28.93
CA ASP B 371 15.56 38.83 30.31
C ASP B 371 14.28 39.08 31.11
N LYS B 372 14.39 39.20 32.43
CA LYS B 372 13.18 39.46 33.19
C LYS B 372 12.74 40.89 32.93
N ASN B 373 11.67 41.31 33.59
CA ASN B 373 11.14 42.65 33.39
C ASN B 373 10.66 42.77 31.94
N GLY B 374 11.03 41.81 31.11
CA GLY B 374 10.57 41.77 29.74
C GLY B 374 11.22 42.55 28.62
N VAL B 375 12.52 42.85 28.71
CA VAL B 375 13.15 43.57 27.62
C VAL B 375 13.87 42.63 26.69
N VAL B 376 13.81 42.91 25.40
CA VAL B 376 14.49 42.07 24.44
C VAL B 376 16.00 42.21 24.65
N LYS B 377 16.70 41.09 24.94
CA LYS B 377 18.15 41.13 25.15
C LYS B 377 18.98 40.30 24.14
N ALA B 378 18.32 39.57 23.25
CA ALA B 378 18.98 38.75 22.23
C ALA B 378 17.95 38.03 21.37
N ASP B 379 18.26 37.77 20.11
CA ASP B 379 17.31 37.10 19.23
C ASP B 379 17.93 36.74 17.89
N ILE B 380 17.67 35.52 17.42
CA ILE B 380 18.21 35.12 16.13
C ILE B 380 17.42 35.85 15.04
N PRO B 381 18.05 36.84 14.39
CA PRO B 381 17.57 37.73 13.33
C PRO B 381 17.43 37.21 11.92
N PHE B 382 16.23 37.33 11.37
CA PHE B 382 15.96 36.91 10.01
C PHE B 382 16.75 37.87 9.13
N ARG B 383 16.79 39.14 9.51
CA ARG B 383 17.52 40.11 8.72
C ARG B 383 18.88 40.40 9.33
N ARG B 384 19.95 39.93 8.67
CA ARG B 384 21.30 40.17 9.15
C ARG B 384 22.02 41.24 8.32
N ALA B 385 22.11 42.43 8.90
CA ALA B 385 22.73 43.62 8.30
C ALA B 385 22.54 44.76 9.29
N GLU B 386 21.32 44.86 9.81
CA GLU B 386 21.00 45.88 10.81
C GLU B 386 20.70 45.16 12.12
N SER B 387 21.34 44.00 12.31
CA SER B 387 21.17 43.17 13.50
C SER B 387 21.74 43.85 14.72
N LYS B 388 20.88 44.06 15.71
CA LYS B 388 21.28 44.74 16.95
C LYS B 388 21.38 43.79 18.14
N TYR B 389 20.36 42.97 18.32
CA TYR B 389 20.33 42.06 19.44
C TYR B 389 20.88 40.70 19.07
N SER B 390 21.01 40.44 17.78
CA SER B 390 21.51 39.15 17.30
C SER B 390 22.40 38.45 18.31
N PHE B 391 22.28 37.13 18.44
CA PHE B 391 23.15 36.41 19.35
C PHE B 391 24.52 36.74 18.84
N GLU B 392 25.55 36.18 19.45
CA GLU B 392 26.90 36.43 18.98
C GLU B 392 27.24 37.86 19.36
N GLN B 393 26.61 38.83 18.70
CA GLN B 393 26.87 40.25 19.01
C GLN B 393 26.63 40.61 20.50
N GLN B 394 25.67 39.96 21.14
CA GLN B 394 25.42 40.18 22.56
C GLN B 394 26.03 38.90 23.16
N GLY B 395 26.48 38.03 22.26
CA GLY B 395 27.09 36.76 22.62
C GLY B 395 26.42 36.07 23.78
N VAL B 396 25.42 35.25 23.48
CA VAL B 396 24.69 34.51 24.50
C VAL B 396 25.39 33.16 24.73
N THR B 397 24.97 32.45 25.78
CA THR B 397 25.55 31.15 26.11
C THR B 397 24.55 30.45 27.03
N VAL B 398 24.28 29.18 26.83
CA VAL B 398 23.32 28.53 27.73
C VAL B 398 24.04 27.58 28.65
N SER B 399 23.43 27.28 29.80
CA SER B 399 24.03 26.34 30.76
C SER B 399 22.94 25.41 31.27
N PHE B 400 23.21 24.12 31.32
CA PHE B 400 22.21 23.18 31.78
C PHE B 400 22.40 22.77 33.22
N TYR B 401 21.31 22.79 33.97
CA TYR B 401 21.35 22.38 35.37
C TYR B 401 20.28 21.33 35.50
N GLY B 402 20.69 20.13 35.89
CA GLY B 402 19.76 19.02 36.05
C GLY B 402 19.61 18.35 34.70
N GLY B 403 18.96 17.20 34.66
CA GLY B 403 18.80 16.55 33.38
C GLY B 403 20.01 15.76 32.93
N GLU B 404 20.09 15.51 31.64
CA GLU B 404 21.17 14.73 31.08
C GLU B 404 22.36 15.57 30.67
N LEU B 405 22.12 16.71 30.06
CA LEU B 405 23.20 17.59 29.62
C LEU B 405 23.78 18.42 30.75
N ASN B 406 23.19 18.28 31.92
CA ASN B 406 23.58 19.00 33.12
C ASN B 406 25.05 19.36 33.25
N GLY B 407 25.29 20.37 34.06
CA GLY B 407 26.64 20.81 34.35
C GLY B 407 27.47 21.40 33.22
N GLN B 408 27.00 21.25 31.99
CA GLN B 408 27.76 21.79 30.89
C GLN B 408 27.35 23.23 30.68
N THR B 409 28.11 23.92 29.85
CA THR B 409 27.86 25.32 29.53
C THR B 409 28.30 25.47 28.08
N PHE B 410 27.38 25.74 27.17
CA PHE B 410 27.74 25.88 25.77
C PHE B 410 28.00 27.32 25.41
N THR B 411 29.03 27.55 24.61
CA THR B 411 29.36 28.90 24.24
C THR B 411 29.37 29.26 22.76
N ASP B 412 29.70 28.32 21.88
CA ASP B 412 29.73 28.60 20.45
C ASP B 412 28.37 28.90 19.81
N PRO B 413 28.15 30.16 19.35
CA PRO B 413 26.88 30.59 18.74
C PRO B 413 26.03 29.47 18.09
N PRO B 414 26.48 28.91 16.96
CA PRO B 414 25.68 27.86 16.35
C PRO B 414 24.93 27.02 17.37
N THR B 415 25.66 26.33 18.25
CA THR B 415 25.00 25.48 19.25
C THR B 415 24.04 26.26 20.15
N VAL B 416 24.53 27.32 20.80
CA VAL B 416 23.68 28.09 21.67
C VAL B 416 22.41 28.32 20.88
N LYS B 417 22.56 28.98 19.75
CA LYS B 417 21.44 29.29 18.89
C LYS B 417 20.55 28.06 18.75
N SER B 418 21.16 26.89 18.59
CA SER B 418 20.37 25.67 18.46
C SER B 418 19.48 25.47 19.68
N TYR B 419 20.07 25.54 20.86
CA TYR B 419 19.30 25.32 22.05
C TYR B 419 18.12 26.27 22.18
N ALA B 420 18.32 27.53 21.80
CA ALA B 420 17.25 28.52 21.88
C ALA B 420 16.09 28.08 21.02
N ARG B 421 16.40 27.47 19.89
CA ARG B 421 15.36 27.00 18.99
C ARG B 421 14.58 25.87 19.67
N LYS B 422 15.28 24.86 20.20
CA LYS B 422 14.61 23.75 20.87
C LYS B 422 14.15 24.23 22.22
N ALA B 423 14.31 25.53 22.45
CA ALA B 423 13.89 26.15 23.70
C ALA B 423 12.43 26.58 23.58
N ILE B 424 12.09 27.14 22.43
CA ILE B 424 10.75 27.61 22.13
C ILE B 424 9.69 26.54 22.37
N PHE B 425 10.10 25.27 22.45
CA PHE B 425 9.18 24.15 22.69
C PHE B 425 8.98 23.88 24.18
N GLY B 426 9.68 24.63 25.01
CA GLY B 426 9.60 24.44 26.44
C GLY B 426 10.84 23.70 26.92
N GLU B 427 10.64 22.57 27.58
CA GLU B 427 11.77 21.79 28.08
C GLU B 427 12.25 20.86 26.99
N ILE B 428 13.54 20.92 26.71
CA ILE B 428 14.15 20.09 25.68
C ILE B 428 14.47 18.68 26.14
N PHE B 429 14.22 17.73 25.26
CA PHE B 429 14.51 16.35 25.54
C PHE B 429 15.25 15.82 24.35
N GLU B 430 15.67 14.55 24.44
CA GLU B 430 16.37 13.89 23.35
C GLU B 430 15.44 12.84 22.80
N PHE B 431 15.17 12.91 21.51
CA PHE B 431 14.24 12.00 20.87
C PHE B 431 14.83 10.94 19.97
N ASP B 432 14.34 9.70 20.11
CA ASP B 432 14.78 8.63 19.23
C ASP B 432 13.83 8.75 18.06
N THR B 433 14.34 9.25 16.95
CA THR B 433 13.49 9.44 15.80
C THR B 433 13.64 8.27 14.86
N GLU B 434 14.82 7.67 14.89
CA GLU B 434 15.17 6.55 14.03
C GLU B 434 14.25 5.34 14.08
N THR B 435 14.00 4.83 15.28
CA THR B 435 13.17 3.65 15.44
C THR B 435 11.97 3.61 14.52
N LEU B 436 11.00 4.48 14.73
CA LEU B 436 9.85 4.49 13.85
C LEU B 436 9.98 5.57 12.79
N ASN B 437 11.22 5.94 12.48
CA ASN B 437 11.54 6.95 11.46
C ASN B 437 10.66 8.21 11.58
N SER B 438 10.79 8.92 12.69
CA SER B 438 9.98 10.12 12.86
C SER B 438 10.07 11.03 11.65
N ASP B 439 9.22 12.05 11.63
CA ASP B 439 9.19 13.01 10.52
C ASP B 439 9.50 14.41 11.04
N GLY B 440 9.13 14.68 12.28
CA GLY B 440 9.36 15.97 12.89
C GLY B 440 8.19 16.92 12.77
N ILE B 441 6.99 16.44 13.06
CA ILE B 441 5.84 17.31 12.97
C ILE B 441 4.80 17.00 14.02
N PHE B 442 5.22 16.95 15.28
CA PHE B 442 4.37 16.68 16.43
C PHE B 442 2.88 16.59 16.12
N ARG B 443 2.25 15.50 16.54
CA ARG B 443 0.83 15.29 16.31
C ARG B 443 0.04 15.45 17.59
N THR B 444 -1.25 15.72 17.45
CA THR B 444 -2.10 15.88 18.60
C THR B 444 -2.14 14.53 19.33
N SER B 445 -2.68 14.50 20.54
CA SER B 445 -2.76 13.28 21.35
C SER B 445 -4.12 12.63 21.28
N PRO B 446 -4.27 11.42 21.84
CA PRO B 446 -5.62 10.88 21.73
C PRO B 446 -6.55 11.79 22.54
N ARG B 447 -6.05 12.29 23.67
CA ARG B 447 -6.87 13.18 24.51
C ARG B 447 -7.51 14.20 23.61
N GLY B 448 -6.77 14.63 22.61
CA GLY B 448 -7.28 15.61 21.69
C GLY B 448 -8.11 14.91 20.64
N TRP B 449 -7.57 13.89 20.02
CA TRP B 449 -8.32 13.19 18.99
C TRP B 449 -9.75 12.94 19.39
N PHE B 450 -9.94 12.18 20.46
CA PHE B 450 -11.27 11.87 20.97
C PHE B 450 -12.12 13.11 20.76
N THR B 451 -11.70 14.19 21.42
CA THR B 451 -12.34 15.50 21.35
C THR B 451 -12.79 15.87 19.92
N PHE B 452 -11.99 15.46 18.93
CA PHE B 452 -12.28 15.78 17.52
C PHE B 452 -13.34 14.91 16.83
N ALA B 453 -13.68 13.77 17.39
CA ALA B 453 -14.69 12.97 16.71
C ALA B 453 -16.03 13.12 17.37
N HIS B 454 -16.02 13.43 18.66
CA HIS B 454 -17.23 13.68 19.42
C HIS B 454 -17.53 15.10 19.03
N ALA B 455 -17.16 15.28 17.76
CA ALA B 455 -17.26 16.47 16.98
C ALA B 455 -18.35 16.26 16.00
N VAL B 456 -17.86 15.97 14.81
CA VAL B 456 -18.63 15.68 13.61
C VAL B 456 -19.68 14.63 13.95
N PHE B 457 -19.39 13.83 14.96
CA PHE B 457 -20.29 12.79 15.37
C PHE B 457 -21.36 13.34 16.29
N ALA B 458 -21.02 14.42 16.98
CA ALA B 458 -21.95 15.11 17.85
C ALA B 458 -22.73 16.08 16.94
N LEU B 459 -22.00 16.79 16.09
CA LEU B 459 -22.59 17.73 15.16
C LEU B 459 -23.51 17.09 14.13
N LEU B 460 -23.08 15.98 13.58
CA LEU B 460 -23.90 15.32 12.61
C LEU B 460 -25.12 14.80 13.31
N PHE B 461 -24.92 14.29 14.50
CA PHE B 461 -26.05 13.76 15.24
C PHE B 461 -27.18 14.74 15.38
N PHE B 462 -26.87 15.86 16.02
CA PHE B 462 -27.91 16.84 16.19
C PHE B 462 -28.69 16.94 14.90
N PHE B 463 -28.08 17.05 13.73
CA PHE B 463 -28.86 17.51 12.57
C PHE B 463 -30.13 16.72 12.16
N GLY B 464 -30.08 15.40 12.06
CA GLY B 464 -31.27 14.58 11.93
C GLY B 464 -32.05 14.26 13.16
N HIS B 465 -31.60 14.75 14.29
CA HIS B 465 -32.44 14.57 15.45
C HIS B 465 -33.62 15.45 14.96
N ILE B 466 -33.29 16.27 13.96
CA ILE B 466 -34.17 17.20 13.27
C ILE B 466 -34.86 16.45 12.14
N TRP B 467 -34.08 15.69 11.34
CA TRP B 467 -34.63 14.91 10.23
C TRP B 467 -35.54 13.74 10.67
N HIS B 468 -35.10 12.95 11.66
CA HIS B 468 -35.92 11.86 12.15
C HIS B 468 -37.03 12.45 12.97
N GLY B 469 -36.68 13.47 13.76
CA GLY B 469 -37.67 14.16 14.56
C GLY B 469 -38.64 14.93 13.68
N ALA B 470 -38.41 14.86 12.38
CA ALA B 470 -39.25 15.53 11.40
C ALA B 470 -40.02 14.47 10.64
N ARG B 471 -39.60 13.22 10.74
CA ARG B 471 -40.31 12.15 10.08
C ARG B 471 -41.28 11.66 11.14
N THR B 472 -41.04 12.12 12.37
CA THR B 472 -41.87 11.77 13.50
C THR B 472 -43.17 12.58 13.54
N LEU B 473 -43.05 13.90 13.63
CA LEU B 473 -44.23 14.75 13.69
C LEU B 473 -44.92 14.94 12.35
N PHE B 474 -44.20 14.67 11.27
CA PHE B 474 -44.79 14.84 9.94
C PHE B 474 -44.97 13.53 9.19
N ARG B 475 -45.36 12.46 9.89
CA ARG B 475 -45.57 11.19 9.21
C ARG B 475 -46.44 11.45 7.98
N ASP B 476 -47.72 11.74 8.21
CA ASP B 476 -48.68 12.02 7.14
C ASP B 476 -48.12 12.68 5.88
N VAL B 477 -47.62 13.90 6.01
CA VAL B 477 -47.07 14.62 4.86
C VAL B 477 -46.11 13.76 4.08
N PHE B 478 -44.83 13.92 4.36
CA PHE B 478 -43.76 13.20 3.68
C PHE B 478 -44.13 12.64 2.32
N SER B 479 -44.90 11.55 2.30
CA SER B 479 -45.30 10.93 1.04
C SER B 479 -45.81 12.03 0.10
N GLY B 480 -46.22 13.14 0.70
CA GLY B 480 -46.72 14.28 -0.06
C GLY B 480 -47.88 14.96 0.65
N ILE B 481 -47.97 16.29 0.56
CA ILE B 481 -49.06 16.99 1.21
C ILE B 481 -50.36 16.84 0.40
N ASP B 482 -51.48 16.65 1.12
CA ASP B 482 -52.84 16.48 0.55
C ASP B 482 -53.11 17.21 -0.78
N PRO B 483 -53.22 16.46 -1.88
CA PRO B 483 -53.48 17.03 -3.22
C PRO B 483 -54.68 17.96 -3.28
N GLU B 484 -55.31 18.21 -2.13
CA GLU B 484 -56.48 19.09 -2.14
C GLU B 484 -56.74 19.94 -0.90
N LEU B 485 -56.24 21.16 -0.94
CA LEU B 485 -56.43 22.16 0.13
C LEU B 485 -57.07 23.38 -0.55
N SER B 486 -57.67 24.29 0.24
CA SER B 486 -58.36 25.47 -0.32
C SER B 486 -57.59 26.83 -0.33
N PRO B 487 -57.92 27.78 0.59
CA PRO B 487 -57.13 29.02 0.48
C PRO B 487 -55.92 29.06 1.43
N GLU B 488 -56.21 29.03 2.73
CA GLU B 488 -55.21 29.05 3.81
C GLU B 488 -53.77 29.43 3.48
N ASP C 1 -52.52 56.80 -20.90
CA ASP C 1 -53.26 55.66 -21.51
C ASP C 1 -52.40 54.40 -21.68
N GLN C 2 -51.15 54.44 -21.21
CA GLN C 2 -50.25 53.30 -21.32
C GLN C 2 -50.15 52.44 -20.04
N GLU C 3 -49.32 51.38 -20.10
CA GLU C 3 -49.07 50.39 -19.01
C GLU C 3 -50.04 49.21 -19.17
N SER C 4 -51.26 49.50 -19.64
CA SER C 4 -52.26 48.48 -19.88
C SER C 4 -51.92 48.03 -21.29
N SER C 5 -51.87 48.97 -22.22
CA SER C 5 -51.55 48.68 -23.63
C SER C 5 -50.02 48.66 -23.83
N GLY C 6 -49.32 49.52 -23.10
CA GLY C 6 -47.88 49.52 -23.17
C GLY C 6 -47.52 48.26 -22.41
N PHE C 7 -46.40 47.63 -22.73
CA PHE C 7 -46.05 46.42 -22.02
C PHE C 7 -45.82 46.55 -20.52
N ALA C 8 -44.59 46.81 -20.09
CA ALA C 8 -44.25 46.93 -18.66
C ALA C 8 -43.97 48.32 -18.13
N TRP C 9 -43.63 48.42 -16.85
CA TRP C 9 -43.34 49.72 -16.22
C TRP C 9 -41.87 50.12 -16.24
N TRP C 10 -41.05 49.40 -15.49
CA TRP C 10 -39.63 49.72 -15.45
C TRP C 10 -39.26 49.82 -16.90
N ALA C 11 -39.63 48.80 -17.65
CA ALA C 11 -39.37 48.74 -19.07
C ALA C 11 -40.43 49.58 -19.75
N GLY C 12 -41.24 50.28 -18.94
CA GLY C 12 -42.29 51.12 -19.48
C GLY C 12 -41.80 51.96 -20.63
N ASN C 13 -40.60 52.50 -20.45
CA ASN C 13 -39.96 53.30 -21.47
C ASN C 13 -39.69 52.37 -22.62
N ALA C 14 -39.53 52.92 -23.81
CA ALA C 14 -39.25 52.13 -25.01
C ALA C 14 -40.40 52.13 -25.99
N ARG C 15 -41.55 52.67 -25.59
CA ARG C 15 -42.67 52.71 -26.52
C ARG C 15 -42.11 53.41 -27.76
N LEU C 16 -42.42 52.85 -28.92
CA LEU C 16 -42.00 53.37 -30.22
C LEU C 16 -42.05 52.20 -31.19
N ILE C 17 -42.84 52.32 -32.27
CA ILE C 17 -43.00 51.23 -33.27
C ILE C 17 -42.55 51.60 -34.71
N ASN C 18 -43.25 52.54 -35.34
CA ASN C 18 -42.90 53.01 -36.69
C ASN C 18 -42.12 54.30 -36.44
N LEU C 19 -42.77 55.19 -35.68
CA LEU C 19 -42.27 56.52 -35.32
C LEU C 19 -42.73 56.99 -33.93
N SER C 20 -42.22 58.14 -33.53
CA SER C 20 -42.55 58.77 -32.26
C SER C 20 -41.62 59.96 -32.14
N GLY C 21 -42.23 61.13 -31.97
CA GLY C 21 -41.45 62.34 -31.82
C GLY C 21 -41.11 62.53 -30.36
N LYS C 22 -41.66 61.68 -29.50
CA LYS C 22 -41.40 61.77 -28.06
C LYS C 22 -40.03 61.19 -27.77
N LEU C 23 -39.77 60.02 -28.33
CA LEU C 23 -38.48 59.38 -28.14
C LEU C 23 -37.51 60.24 -28.94
N LEU C 24 -38.03 60.95 -29.94
CA LEU C 24 -37.20 61.84 -30.76
C LEU C 24 -36.65 62.88 -29.79
N GLY C 25 -37.55 63.67 -29.25
CA GLY C 25 -37.14 64.69 -28.30
C GLY C 25 -36.62 64.07 -27.03
N ALA C 26 -36.53 62.75 -26.97
CA ALA C 26 -36.05 62.06 -25.78
C ALA C 26 -34.55 61.80 -25.92
N HIS C 27 -34.12 61.59 -27.15
CA HIS C 27 -32.70 61.41 -27.39
C HIS C 27 -32.14 62.82 -27.50
N VAL C 28 -32.97 63.73 -28.01
CA VAL C 28 -32.61 65.15 -28.18
C VAL C 28 -32.86 65.81 -26.83
N ALA C 29 -33.24 64.95 -25.89
CA ALA C 29 -33.49 65.37 -24.53
C ALA C 29 -32.24 65.04 -23.75
N HIS C 30 -32.05 63.75 -23.51
CA HIS C 30 -30.90 63.26 -22.79
C HIS C 30 -29.62 63.83 -23.39
N ALA C 31 -29.47 63.69 -24.69
CA ALA C 31 -28.28 64.19 -25.38
C ALA C 31 -28.03 65.67 -25.09
N GLY C 32 -28.93 66.30 -24.35
CA GLY C 32 -28.73 67.68 -24.01
C GLY C 32 -28.14 67.60 -22.63
N LEU C 33 -28.74 66.71 -21.84
CA LEU C 33 -28.33 66.42 -20.48
C LEU C 33 -26.81 66.29 -20.43
N ILE C 34 -26.27 65.46 -21.34
CA ILE C 34 -24.84 65.20 -21.48
C ILE C 34 -24.04 66.50 -21.64
N VAL C 35 -24.57 67.41 -22.44
CA VAL C 35 -23.93 68.68 -22.70
C VAL C 35 -23.85 69.47 -21.40
N PHE C 36 -24.86 69.27 -20.56
CA PHE C 36 -24.94 69.92 -19.27
C PHE C 36 -23.80 69.52 -18.35
N TRP C 37 -23.52 68.22 -18.24
CA TRP C 37 -22.45 67.72 -17.39
C TRP C 37 -21.16 68.30 -17.91
N ALA C 38 -21.03 68.31 -19.23
CA ALA C 38 -19.85 68.85 -19.86
C ALA C 38 -19.52 70.19 -19.24
N GLY C 39 -20.48 71.11 -19.30
CA GLY C 39 -20.26 72.43 -18.76
C GLY C 39 -20.40 72.52 -17.25
N ALA C 40 -21.32 71.73 -16.69
CA ALA C 40 -21.54 71.73 -15.26
C ALA C 40 -20.26 71.48 -14.47
N MET C 41 -19.70 70.27 -14.64
CA MET C 41 -18.48 69.89 -13.93
C MET C 41 -17.27 70.70 -14.34
N THR C 42 -17.23 71.16 -15.59
CA THR C 42 -16.10 71.96 -16.02
C THR C 42 -15.97 73.10 -15.04
N LEU C 43 -17.05 73.88 -14.97
CA LEU C 43 -17.17 75.05 -14.09
C LEU C 43 -16.92 74.64 -12.63
N PHE C 44 -16.85 73.33 -12.41
CA PHE C 44 -16.64 72.78 -11.08
C PHE C 44 -15.18 72.46 -10.86
N GLU C 45 -14.37 72.58 -11.90
CA GLU C 45 -12.97 72.28 -11.77
C GLU C 45 -12.18 73.55 -11.75
N LEU C 46 -12.46 74.43 -12.70
CA LEU C 46 -11.77 75.72 -12.76
C LEU C 46 -12.06 76.39 -11.44
N ALA C 47 -13.23 76.08 -10.89
CA ALA C 47 -13.65 76.63 -9.62
C ALA C 47 -12.82 75.99 -8.53
N HIS C 48 -11.80 75.23 -8.92
CA HIS C 48 -10.96 74.55 -7.95
C HIS C 48 -9.47 74.59 -8.20
N PHE C 49 -9.04 74.15 -9.37
CA PHE C 49 -7.61 74.12 -9.67
C PHE C 49 -6.78 75.21 -8.99
N ILE C 50 -6.05 74.82 -7.94
CA ILE C 50 -5.17 75.73 -7.19
C ILE C 50 -4.29 76.48 -8.19
N PRO C 51 -3.77 77.66 -7.82
CA PRO C 51 -2.93 78.39 -8.78
C PRO C 51 -2.06 77.43 -9.56
N GLU C 52 -1.10 76.85 -8.87
CA GLU C 52 -0.18 75.90 -9.47
C GLU C 52 0.10 74.72 -8.57
N LYS C 53 -0.46 73.59 -8.94
CA LYS C 53 -0.29 72.38 -8.18
C LYS C 53 -0.71 71.30 -9.17
N PRO C 54 0.13 70.28 -9.37
CA PRO C 54 -0.12 69.15 -10.30
C PRO C 54 -1.60 68.98 -10.73
N MET C 55 -1.86 69.17 -12.02
CA MET C 55 -3.22 69.05 -12.54
C MET C 55 -3.93 67.76 -12.14
N TYR C 56 -3.18 66.79 -11.65
CA TYR C 56 -3.76 65.51 -11.26
C TYR C 56 -3.99 65.34 -9.76
N GLU C 57 -3.31 66.12 -8.92
CA GLU C 57 -3.49 66.01 -7.47
C GLU C 57 -4.86 66.50 -7.09
N GLN C 58 -5.52 67.15 -8.05
CA GLN C 58 -6.87 67.67 -7.87
C GLN C 58 -7.74 66.81 -8.81
N GLY C 59 -8.95 66.50 -8.39
CA GLY C 59 -9.81 65.66 -9.21
C GLY C 59 -10.24 66.26 -10.54
N LEU C 60 -9.28 66.47 -11.44
CA LEU C 60 -9.58 67.06 -12.74
C LEU C 60 -9.42 66.08 -13.91
N ILE C 61 -10.46 65.98 -14.75
CA ILE C 61 -10.42 65.09 -15.89
C ILE C 61 -10.97 65.78 -17.14
N LEU C 62 -11.87 66.71 -16.92
CA LEU C 62 -12.46 67.46 -18.00
C LEU C 62 -11.42 68.49 -18.44
N ILE C 63 -10.94 69.25 -17.47
CA ILE C 63 -9.91 70.27 -17.70
C ILE C 63 -8.74 69.64 -18.42
N PRO C 64 -8.17 68.57 -17.84
CA PRO C 64 -7.03 67.85 -18.41
C PRO C 64 -7.20 67.53 -19.92
N HIS C 65 -8.46 67.43 -20.35
CA HIS C 65 -8.75 67.19 -21.75
C HIS C 65 -8.61 68.50 -22.49
N ILE C 66 -9.42 69.48 -22.11
CA ILE C 66 -9.41 70.78 -22.75
C ILE C 66 -7.98 71.27 -22.92
N ALA C 67 -7.10 70.79 -22.05
CA ALA C 67 -5.70 71.19 -22.06
C ALA C 67 -4.94 70.63 -23.24
N THR C 68 -4.99 69.32 -23.39
CA THR C 68 -4.29 68.63 -24.45
C THR C 68 -4.39 69.31 -25.83
N LEU C 69 -5.49 70.04 -26.09
CA LEU C 69 -5.64 70.70 -27.38
C LEU C 69 -4.73 71.90 -27.40
N GLY C 70 -4.63 72.56 -26.25
CA GLY C 70 -3.76 73.72 -26.11
C GLY C 70 -4.45 74.97 -25.56
N TRP C 71 -5.40 74.78 -24.66
CA TRP C 71 -6.11 75.91 -24.09
C TRP C 71 -5.66 76.17 -22.67
N GLY C 72 -4.72 77.09 -22.52
CA GLY C 72 -4.18 77.42 -21.23
C GLY C 72 -2.87 76.70 -21.01
N VAL C 73 -2.45 75.94 -22.02
CA VAL C 73 -1.21 75.15 -22.01
C VAL C 73 -0.10 75.59 -21.08
N GLY C 74 0.96 76.13 -21.66
CA GLY C 74 2.09 76.59 -20.87
C GLY C 74 3.34 75.78 -21.08
N PRO C 75 4.44 76.42 -21.51
CA PRO C 75 5.70 75.69 -21.72
C PRO C 75 6.03 74.84 -20.50
N GLY C 76 5.60 73.58 -20.57
CA GLY C 76 5.81 72.65 -19.49
C GLY C 76 4.47 71.99 -19.21
N GLY C 77 3.41 72.77 -19.30
CA GLY C 77 2.07 72.24 -19.05
C GLY C 77 1.37 73.04 -17.98
N GLU C 78 2.11 73.91 -17.31
CA GLU C 78 1.57 74.74 -16.26
C GLU C 78 0.50 75.66 -16.83
N VAL C 79 -0.70 75.63 -16.27
CA VAL C 79 -1.77 76.49 -16.75
C VAL C 79 -1.20 77.90 -16.78
N VAL C 80 -1.57 78.68 -17.78
CA VAL C 80 -1.08 80.04 -17.86
C VAL C 80 -2.19 81.02 -17.49
N ASP C 81 -3.42 80.71 -17.93
CA ASP C 81 -4.59 81.53 -17.63
C ASP C 81 -5.82 80.63 -17.47
N THR C 82 -6.45 80.70 -16.30
CA THR C 82 -7.62 79.88 -16.00
C THR C 82 -8.86 80.41 -16.71
N PHE C 83 -8.69 80.88 -17.95
CA PHE C 83 -9.80 81.45 -18.73
C PHE C 83 -10.39 80.55 -19.86
N PRO C 84 -9.52 79.99 -20.72
CA PRO C 84 -10.07 79.15 -21.79
C PRO C 84 -10.99 78.08 -21.24
N PHE C 85 -10.62 77.56 -20.07
CA PHE C 85 -11.39 76.52 -19.41
C PHE C 85 -12.81 76.99 -19.23
N PHE C 86 -12.93 78.18 -18.64
CA PHE C 86 -14.22 78.75 -18.37
C PHE C 86 -15.05 78.88 -19.65
N VAL C 87 -14.45 79.39 -20.71
CA VAL C 87 -15.17 79.60 -21.96
C VAL C 87 -16.04 78.40 -22.36
N VAL C 88 -15.43 77.22 -22.40
CA VAL C 88 -16.18 76.03 -22.78
C VAL C 88 -17.21 75.70 -21.71
N GLY C 89 -16.75 75.61 -20.47
CA GLY C 89 -17.63 75.28 -19.36
C GLY C 89 -19.01 75.92 -19.44
N VAL C 90 -19.04 77.22 -19.62
CA VAL C 90 -20.31 77.92 -19.72
C VAL C 90 -20.92 77.71 -21.10
N VAL C 91 -20.11 77.81 -22.16
CA VAL C 91 -20.62 77.62 -23.52
C VAL C 91 -21.37 76.30 -23.59
N HIS C 92 -21.23 75.55 -22.52
CA HIS C 92 -21.90 74.28 -22.42
C HIS C 92 -23.11 74.41 -21.55
N LEU C 93 -22.93 74.95 -20.35
CA LEU C 93 -24.07 75.10 -19.46
C LEU C 93 -25.13 75.84 -20.23
N ILE C 94 -24.69 76.83 -21.02
CA ILE C 94 -25.61 77.61 -21.83
C ILE C 94 -26.08 76.67 -22.91
N SER C 95 -25.14 75.88 -23.45
CA SER C 95 -25.41 74.93 -24.51
C SER C 95 -26.46 73.91 -24.04
N SER C 96 -26.46 73.62 -22.75
CA SER C 96 -27.39 72.68 -22.14
C SER C 96 -28.82 73.17 -22.29
N ALA C 97 -28.96 74.45 -22.61
CA ALA C 97 -30.26 75.07 -22.80
C ALA C 97 -30.86 74.63 -24.11
N VAL C 98 -30.30 75.13 -25.22
CA VAL C 98 -30.77 74.76 -26.54
C VAL C 98 -31.03 73.26 -26.60
N LEU C 99 -29.96 72.48 -26.48
CA LEU C 99 -30.01 71.03 -26.52
C LEU C 99 -30.90 70.44 -25.42
N GLY C 100 -31.22 71.25 -24.42
CA GLY C 100 -32.08 70.80 -23.35
C GLY C 100 -33.51 71.26 -23.56
N PHE C 101 -33.67 72.57 -23.57
CA PHE C 101 -34.94 73.23 -23.79
C PHE C 101 -35.86 72.40 -24.67
N GLY C 102 -35.68 72.50 -25.98
CA GLY C 102 -36.51 71.76 -26.90
C GLY C 102 -36.50 70.27 -26.65
N GLY C 103 -35.67 69.83 -25.73
CA GLY C 103 -35.63 68.41 -25.43
C GLY C 103 -36.98 68.09 -24.81
N VAL C 104 -37.34 68.85 -23.78
CA VAL C 104 -38.60 68.66 -23.09
C VAL C 104 -39.80 69.00 -23.98
N TYR C 105 -39.54 69.54 -25.17
CA TYR C 105 -40.63 69.88 -26.08
C TYR C 105 -41.18 68.64 -26.79
N HIS C 106 -40.41 68.10 -27.74
CA HIS C 106 -40.82 66.91 -28.48
C HIS C 106 -41.31 65.84 -27.49
N ALA C 107 -41.00 66.03 -26.21
CA ALA C 107 -41.38 65.07 -25.17
C ALA C 107 -42.75 65.11 -24.50
N ILE C 108 -43.43 66.26 -24.52
CA ILE C 108 -44.76 66.34 -23.91
C ILE C 108 -45.80 67.03 -24.80
N ARG C 109 -45.35 68.05 -25.53
CA ARG C 109 -46.24 68.80 -26.43
C ARG C 109 -45.83 68.55 -27.87
N GLY C 110 -44.72 67.85 -28.02
CA GLY C 110 -44.24 67.52 -29.35
C GLY C 110 -45.21 66.56 -30.02
N PRO C 111 -45.34 66.65 -31.35
CA PRO C 111 -46.24 65.79 -32.11
C PRO C 111 -45.75 64.34 -32.14
N GLU C 112 -46.57 63.44 -31.64
CA GLU C 112 -46.21 62.03 -31.59
C GLU C 112 -45.64 61.60 -32.94
N THR C 113 -46.49 60.94 -33.72
CA THR C 113 -46.13 60.44 -35.04
C THR C 113 -45.23 61.43 -35.80
N LEU C 114 -44.44 60.91 -36.73
CA LEU C 114 -43.56 61.73 -37.54
C LEU C 114 -44.01 61.58 -38.99
N GLU C 115 -45.18 60.96 -39.17
CA GLU C 115 -45.79 60.73 -40.49
C GLU C 115 -47.02 61.60 -40.71
N GLU C 116 -47.92 61.60 -39.72
CA GLU C 116 -49.14 62.41 -39.77
C GLU C 116 -48.78 63.88 -40.01
N TYR C 117 -47.80 64.38 -39.26
CA TYR C 117 -47.31 65.76 -39.37
C TYR C 117 -46.22 65.76 -40.46
N SER C 118 -44.96 65.94 -40.07
CA SER C 118 -43.86 65.93 -41.03
C SER C 118 -43.76 64.59 -41.77
N SER C 119 -42.98 64.54 -42.85
CA SER C 119 -42.84 63.29 -43.61
C SER C 119 -41.39 62.95 -44.00
N PHE C 120 -40.45 63.83 -43.70
CA PHE C 120 -39.03 63.60 -44.00
C PHE C 120 -38.33 63.33 -42.69
N PHE C 121 -38.91 63.86 -41.62
CA PHE C 121 -38.41 63.67 -40.27
C PHE C 121 -39.27 62.58 -39.62
N GLY C 122 -39.77 61.69 -40.46
CA GLY C 122 -40.59 60.58 -39.99
C GLY C 122 -39.97 59.31 -40.51
N TYR C 123 -39.66 58.40 -39.61
CA TYR C 123 -39.03 57.14 -40.01
C TYR C 123 -39.95 55.95 -39.84
N ASP C 124 -39.34 54.77 -39.80
CA ASP C 124 -40.06 53.52 -39.66
C ASP C 124 -38.88 52.57 -39.65
N TRP C 125 -38.76 51.78 -38.60
CA TRP C 125 -37.62 50.88 -38.53
C TRP C 125 -37.55 49.92 -39.70
N LYS C 126 -38.69 49.37 -40.13
CA LYS C 126 -38.67 48.46 -41.27
C LYS C 126 -38.24 49.22 -42.55
N ASP C 127 -38.32 50.55 -42.53
CA ASP C 127 -37.92 51.34 -43.70
C ASP C 127 -36.39 51.21 -43.80
N LYS C 128 -35.94 50.40 -44.76
CA LYS C 128 -34.53 50.14 -44.97
C LYS C 128 -33.65 51.32 -45.33
N ASN C 129 -34.11 52.20 -46.20
CA ASN C 129 -33.26 53.33 -46.56
C ASN C 129 -33.35 54.50 -45.60
N LYS C 130 -34.56 54.89 -45.20
CA LYS C 130 -34.71 56.00 -44.26
C LYS C 130 -33.57 55.82 -43.25
N MET C 131 -33.55 54.62 -42.65
CA MET C 131 -32.56 54.23 -41.67
C MET C 131 -31.15 54.37 -42.28
N THR C 132 -30.86 53.57 -43.30
CA THR C 132 -29.56 53.59 -43.98
C THR C 132 -29.16 55.01 -44.42
N THR C 133 -30.13 55.91 -44.45
CA THR C 133 -29.88 57.29 -44.85
C THR C 133 -29.37 58.10 -43.67
N ILE C 134 -30.25 58.37 -42.69
CA ILE C 134 -29.87 59.15 -41.52
C ILE C 134 -28.45 58.81 -41.07
N LEU C 135 -28.10 57.53 -41.21
CA LEU C 135 -26.78 57.04 -40.83
C LEU C 135 -25.67 57.94 -41.38
N GLY C 136 -25.38 57.78 -42.67
CA GLY C 136 -24.34 58.57 -43.30
C GLY C 136 -24.42 60.01 -42.87
N PHE C 137 -25.63 60.46 -42.54
CA PHE C 137 -25.83 61.85 -42.12
C PHE C 137 -25.08 62.19 -40.85
N HIS C 138 -25.40 61.48 -39.78
CA HIS C 138 -24.72 61.72 -38.53
C HIS C 138 -23.30 61.32 -38.76
N LEU C 139 -23.10 60.51 -39.80
CA LEU C 139 -21.75 60.09 -40.14
C LEU C 139 -21.02 61.35 -40.58
N ILE C 140 -21.72 62.14 -41.40
CA ILE C 140 -21.20 63.41 -41.93
C ILE C 140 -20.91 64.39 -40.81
N VAL C 141 -21.77 64.37 -39.81
CA VAL C 141 -21.65 65.26 -38.66
C VAL C 141 -20.40 64.88 -37.85
N LEU C 142 -19.93 63.65 -38.02
CA LEU C 142 -18.72 63.19 -37.33
C LEU C 142 -17.51 63.56 -38.19
N GLY C 143 -17.65 63.40 -39.50
CA GLY C 143 -16.57 63.75 -40.41
C GLY C 143 -16.19 65.21 -40.24
N ILE C 144 -17.13 66.00 -39.74
CA ILE C 144 -16.93 67.42 -39.50
C ILE C 144 -16.02 67.62 -38.27
N GLY C 145 -16.48 67.16 -37.11
CA GLY C 145 -15.69 67.29 -35.90
C GLY C 145 -14.34 66.66 -36.18
N ALA C 146 -14.39 65.50 -36.83
CA ALA C 146 -13.21 64.77 -37.22
C ALA C 146 -12.22 65.68 -37.93
N LEU C 147 -12.62 66.91 -38.19
CA LEU C 147 -11.73 67.84 -38.85
C LEU C 147 -11.41 69.05 -38.00
N LEU C 148 -12.20 69.31 -36.95
CA LEU C 148 -11.89 70.43 -36.09
C LEU C 148 -10.43 70.25 -35.67
N LEU C 149 -10.16 69.12 -35.02
CA LEU C 149 -8.80 68.83 -34.56
C LEU C 149 -7.81 69.17 -35.66
N VAL C 150 -8.05 68.62 -36.84
CA VAL C 150 -7.20 68.88 -38.00
C VAL C 150 -6.89 70.36 -37.99
N ALA C 151 -7.96 71.14 -37.85
CA ALA C 151 -7.91 72.59 -37.85
C ALA C 151 -7.57 73.17 -36.47
N LYS C 152 -7.51 72.31 -35.47
CA LYS C 152 -7.17 72.76 -34.13
C LYS C 152 -5.67 72.57 -33.97
N ALA C 153 -5.14 71.57 -34.65
CA ALA C 153 -3.72 71.28 -34.57
C ALA C 153 -2.97 71.98 -35.69
N MET C 154 -3.63 72.17 -36.82
CA MET C 154 -3.00 72.80 -37.96
C MET C 154 -3.27 74.28 -38.08
N PHE C 155 -4.32 74.78 -37.44
CA PHE C 155 -4.63 76.19 -37.63
C PHE C 155 -5.00 77.08 -36.44
N PHE C 156 -5.88 76.61 -35.57
CA PHE C 156 -6.31 77.46 -34.48
C PHE C 156 -5.55 77.38 -33.17
N GLY C 157 -4.49 76.57 -33.16
CA GLY C 157 -3.69 76.42 -31.96
C GLY C 157 -3.35 74.95 -31.82
N GLY C 158 -2.21 74.54 -32.38
CA GLY C 158 -1.80 73.16 -32.32
C GLY C 158 -2.06 72.51 -30.98
N LEU C 159 -1.94 71.20 -30.93
CA LEU C 159 -2.16 70.46 -29.70
C LEU C 159 -0.98 70.63 -28.75
N TYR C 160 -1.16 70.21 -27.50
CA TYR C 160 -0.09 70.28 -26.52
C TYR C 160 0.77 69.07 -26.83
N ASP C 161 2.05 69.27 -27.13
CA ASP C 161 2.86 68.10 -27.40
C ASP C 161 3.86 67.85 -26.31
N THR C 162 3.70 66.74 -25.63
CA THR C 162 4.60 66.39 -24.56
C THR C 162 5.88 65.79 -25.16
N TRP C 163 5.94 65.73 -26.49
CA TRP C 163 7.12 65.20 -27.19
C TRP C 163 7.77 66.31 -28.00
N ALA C 164 7.74 67.52 -27.46
CA ALA C 164 8.33 68.67 -28.12
C ALA C 164 9.84 68.62 -27.89
N PRO C 165 10.61 69.32 -28.73
CA PRO C 165 12.08 69.40 -28.66
C PRO C 165 12.73 69.79 -27.33
N GLY C 166 12.10 70.68 -26.56
CA GLY C 166 12.66 71.10 -25.29
C GLY C 166 11.88 70.70 -24.04
N GLY C 167 10.63 70.32 -24.25
CA GLY C 167 9.79 69.92 -23.15
C GLY C 167 8.35 70.10 -23.59
N GLY C 168 7.42 69.66 -22.75
CA GLY C 168 6.01 69.79 -23.12
C GLY C 168 5.69 71.22 -23.48
N ASP C 169 5.08 71.43 -24.64
CA ASP C 169 4.74 72.77 -25.06
C ASP C 169 3.88 72.72 -26.31
N VAL C 170 2.63 73.13 -26.18
CA VAL C 170 1.68 73.12 -27.29
C VAL C 170 2.24 73.71 -28.57
N ARG C 171 2.67 72.84 -29.47
CA ARG C 171 3.20 73.27 -30.76
C ARG C 171 2.04 73.06 -31.70
N VAL C 172 2.18 73.51 -32.93
CA VAL C 172 1.11 73.35 -33.89
C VAL C 172 1.51 72.38 -34.98
N ILE C 173 0.76 71.30 -35.09
CA ILE C 173 1.03 70.27 -36.09
C ILE C 173 0.89 70.81 -37.51
N THR C 174 2.01 70.85 -38.22
CA THR C 174 2.03 71.34 -39.59
C THR C 174 2.20 70.21 -40.59
N ASN C 175 2.88 69.15 -40.19
CA ASN C 175 3.07 68.02 -41.10
C ASN C 175 2.21 66.81 -40.75
N PRO C 176 0.87 66.95 -40.85
CA PRO C 176 0.08 65.77 -40.51
C PRO C 176 0.58 64.63 -41.39
N THR C 177 0.50 63.41 -40.87
CA THR C 177 0.99 62.24 -41.60
C THR C 177 -0.01 61.65 -42.62
N LEU C 178 0.24 61.90 -43.90
CA LEU C 178 -0.63 61.40 -44.95
C LEU C 178 0.04 60.32 -45.80
N ASP C 179 0.39 59.24 -45.12
CA ASP C 179 1.02 58.07 -45.74
C ASP C 179 -0.01 56.97 -45.44
N PRO C 180 -0.91 56.70 -46.40
CA PRO C 180 -1.93 55.67 -46.20
C PRO C 180 -1.55 54.43 -45.39
N ARG C 181 -0.30 53.96 -45.49
CA ARG C 181 0.09 52.75 -44.76
C ARG C 181 0.34 52.94 -43.29
N VAL C 182 1.27 53.81 -42.92
CA VAL C 182 1.55 54.02 -41.51
C VAL C 182 0.26 54.29 -40.75
N ILE C 183 -0.59 55.15 -41.29
CA ILE C 183 -1.83 55.47 -40.61
C ILE C 183 -2.86 54.34 -40.68
N PHE C 184 -2.96 53.68 -41.83
CA PHE C 184 -3.90 52.59 -41.98
C PHE C 184 -3.25 51.36 -41.34
N GLY C 185 -1.96 51.48 -41.07
CA GLY C 185 -1.22 50.38 -40.49
C GLY C 185 -1.55 50.15 -39.05
N TYR C 186 -1.42 51.19 -38.23
CA TYR C 186 -1.70 51.03 -36.82
C TYR C 186 -2.79 50.00 -36.57
N LEU C 187 -4.05 50.36 -36.84
CA LEU C 187 -5.16 49.44 -36.61
C LEU C 187 -4.86 48.04 -37.12
N LEU C 188 -4.25 48.00 -38.30
CA LEU C 188 -3.90 46.78 -39.01
C LEU C 188 -3.00 45.77 -38.30
N LYS C 189 -2.54 46.07 -37.09
CA LYS C 189 -1.66 45.13 -36.42
C LYS C 189 -1.37 45.56 -34.98
N SER C 190 -0.45 44.83 -34.34
CA SER C 190 -0.04 45.10 -32.97
C SER C 190 -1.22 44.98 -32.01
N PRO C 191 -1.35 43.80 -31.37
CA PRO C 191 -2.44 43.57 -30.43
C PRO C 191 -2.08 43.53 -28.95
N PHE C 192 -0.90 42.99 -28.61
CA PHE C 192 -0.46 42.84 -27.23
C PHE C 192 0.65 43.69 -26.61
N GLY C 193 1.57 43.03 -25.91
CA GLY C 193 2.66 43.71 -25.25
C GLY C 193 3.60 44.48 -26.15
N GLY C 194 4.00 43.87 -27.27
CA GLY C 194 4.90 44.57 -28.18
C GLY C 194 4.41 45.99 -28.37
N GLU C 195 3.15 46.13 -28.79
CA GLU C 195 2.56 47.45 -29.00
C GLU C 195 1.04 47.31 -28.89
N GLY C 196 0.31 48.42 -29.03
CA GLY C 196 -1.14 48.35 -28.95
C GLY C 196 -1.86 48.67 -30.26
N TRP C 197 -2.99 48.01 -30.47
CA TRP C 197 -3.82 48.21 -31.65
C TRP C 197 -3.52 49.63 -32.07
N ILE C 198 -4.11 50.56 -31.35
CA ILE C 198 -3.92 51.97 -31.61
C ILE C 198 -3.48 52.71 -30.36
N VAL C 199 -3.47 52.01 -29.24
CA VAL C 199 -3.06 52.63 -27.98
C VAL C 199 -1.60 53.05 -28.09
N SER C 200 -0.91 52.56 -29.10
CA SER C 200 0.50 52.86 -29.33
C SER C 200 0.76 53.96 -30.37
N VAL C 201 0.66 55.23 -29.96
CA VAL C 201 0.87 56.33 -30.89
C VAL C 201 2.05 57.19 -30.49
N ASN C 202 3.18 56.90 -31.12
CA ASN C 202 4.41 57.61 -30.84
C ASN C 202 4.18 59.11 -30.95
N ASN C 203 4.13 59.63 -32.17
CA ASN C 203 3.96 61.06 -32.37
C ASN C 203 2.53 61.58 -32.62
N LEU C 204 2.38 62.87 -32.34
CA LEU C 204 1.14 63.62 -32.46
C LEU C 204 0.74 63.99 -33.89
N GLU C 205 1.49 63.50 -34.89
CA GLU C 205 1.17 63.77 -36.30
C GLU C 205 0.47 62.52 -36.82
N ASP C 206 0.90 61.38 -36.30
CA ASP C 206 0.33 60.12 -36.71
C ASP C 206 -1.14 60.20 -36.33
N VAL C 207 -1.45 61.11 -35.42
CA VAL C 207 -2.81 61.28 -34.98
C VAL C 207 -3.53 62.33 -35.81
N VAL C 208 -2.98 63.54 -35.84
CA VAL C 208 -3.58 64.62 -36.62
C VAL C 208 -3.65 64.18 -38.06
N GLY C 209 -2.47 63.86 -38.61
CA GLY C 209 -2.38 63.41 -39.98
C GLY C 209 -3.23 62.19 -40.21
N GLY C 210 -3.81 61.69 -39.13
CA GLY C 210 -4.66 60.54 -39.23
C GLY C 210 -6.12 60.91 -39.01
N HIS C 211 -6.38 61.73 -38.00
CA HIS C 211 -7.75 62.12 -37.75
C HIS C 211 -8.31 62.65 -39.09
N ILE C 212 -7.40 63.10 -39.95
CA ILE C 212 -7.77 63.63 -41.26
C ILE C 212 -8.33 62.49 -42.09
N TRP C 213 -7.64 61.36 -42.06
CA TRP C 213 -8.06 60.19 -42.82
C TRP C 213 -9.42 59.69 -42.42
N ILE C 214 -9.83 59.99 -41.19
CA ILE C 214 -11.13 59.54 -40.69
C ILE C 214 -12.24 60.57 -40.98
N GLY C 215 -11.92 61.84 -40.80
CA GLY C 215 -12.89 62.91 -41.05
C GLY C 215 -13.42 62.86 -42.47
N LEU C 216 -12.74 62.09 -43.31
CA LEU C 216 -13.13 61.91 -44.70
C LEU C 216 -13.93 60.64 -44.79
N ILE C 217 -13.32 59.56 -44.33
CA ILE C 217 -13.91 58.24 -44.36
C ILE C 217 -15.39 58.27 -44.00
N CYS C 218 -15.74 58.74 -42.81
CA CYS C 218 -17.14 58.81 -42.38
C CYS C 218 -17.97 59.84 -43.15
N ILE C 219 -17.28 60.84 -43.69
CA ILE C 219 -17.91 61.88 -44.47
C ILE C 219 -18.31 61.28 -45.81
N ALA C 220 -17.34 60.70 -46.51
CA ALA C 220 -17.60 60.08 -47.80
C ALA C 220 -18.54 58.90 -47.56
N GLY C 221 -18.89 58.71 -46.28
CA GLY C 221 -19.80 57.65 -45.90
C GLY C 221 -21.24 58.11 -45.97
N GLY C 222 -21.49 59.37 -45.64
CA GLY C 222 -22.84 59.91 -45.72
C GLY C 222 -23.20 59.90 -47.19
N ILE C 223 -22.26 60.38 -47.98
CA ILE C 223 -22.42 60.41 -49.42
C ILE C 223 -22.60 59.00 -49.97
N TRP C 224 -22.72 58.03 -49.06
CA TRP C 224 -22.92 56.65 -49.46
C TRP C 224 -24.17 55.99 -48.87
N HIS C 225 -24.41 56.17 -47.57
CA HIS C 225 -25.58 55.56 -46.95
C HIS C 225 -26.76 56.44 -47.21
N ILE C 226 -26.49 57.74 -47.24
CA ILE C 226 -27.51 58.73 -47.52
C ILE C 226 -27.87 58.44 -48.95
N LEU C 227 -26.83 58.42 -49.79
CA LEU C 227 -26.96 58.16 -51.21
C LEU C 227 -27.24 56.70 -51.60
N THR C 228 -27.36 55.80 -50.62
CA THR C 228 -27.61 54.40 -50.98
C THR C 228 -28.40 53.52 -50.01
N THR C 229 -29.10 52.57 -50.62
CA THR C 229 -29.92 51.58 -49.92
C THR C 229 -29.02 50.34 -49.79
N PRO C 230 -29.25 49.52 -48.75
CA PRO C 230 -28.46 48.30 -48.49
C PRO C 230 -27.95 47.64 -49.77
N PHE C 231 -26.86 46.88 -49.67
CA PHE C 231 -26.30 46.23 -50.85
C PHE C 231 -27.05 44.91 -51.14
N GLY C 232 -26.36 43.81 -51.44
CA GLY C 232 -27.06 42.56 -51.75
C GLY C 232 -26.95 41.38 -50.79
N TRP C 233 -25.92 41.36 -49.97
CA TRP C 233 -25.69 40.30 -49.01
C TRP C 233 -26.24 40.67 -47.66
N ALA C 234 -25.79 41.79 -47.13
CA ALA C 234 -26.22 42.25 -45.81
C ALA C 234 -27.73 42.33 -45.58
N ARG C 235 -28.54 42.21 -46.63
CA ARG C 235 -30.01 42.26 -46.45
C ARG C 235 -30.23 41.24 -45.36
N ARG C 236 -29.78 40.02 -45.70
CA ARG C 236 -29.82 38.85 -44.84
C ARG C 236 -28.90 39.23 -43.70
N ALA C 237 -29.06 38.57 -42.56
CA ALA C 237 -28.27 38.90 -41.40
C ALA C 237 -28.79 40.30 -41.06
N PHE C 238 -28.26 40.83 -39.96
CA PHE C 238 -28.49 42.23 -39.60
C PHE C 238 -29.97 42.54 -39.48
N ILE C 239 -30.66 41.78 -38.64
CA ILE C 239 -32.09 41.91 -38.53
C ILE C 239 -32.42 43.36 -38.23
N TRP C 240 -33.42 43.84 -38.96
CA TRP C 240 -33.79 45.23 -39.07
C TRP C 240 -34.87 45.71 -38.10
N SER C 241 -34.79 45.26 -36.85
CA SER C 241 -35.77 45.65 -35.84
C SER C 241 -35.38 47.01 -35.26
N GLY C 242 -36.34 47.70 -34.66
CA GLY C 242 -36.02 48.99 -34.06
C GLY C 242 -35.09 48.74 -32.90
N GLU C 243 -35.55 47.86 -32.00
CA GLU C 243 -34.81 47.44 -30.82
C GLU C 243 -33.40 47.01 -31.19
N ALA C 244 -33.31 46.02 -32.07
CA ALA C 244 -32.03 45.51 -32.54
C ALA C 244 -31.08 46.67 -32.84
N TYR C 245 -31.55 47.65 -33.61
CA TYR C 245 -30.71 48.79 -33.96
C TYR C 245 -30.02 49.35 -32.73
N LEU C 246 -30.72 49.26 -31.61
CA LEU C 246 -30.19 49.74 -30.33
C LEU C 246 -28.95 48.93 -30.02
N SER C 247 -29.04 47.62 -30.19
CA SER C 247 -27.90 46.76 -29.93
C SER C 247 -26.83 47.00 -30.98
N TYR C 248 -27.19 46.88 -32.25
CA TYR C 248 -26.25 47.09 -33.37
C TYR C 248 -25.28 48.20 -33.12
N SER C 249 -25.83 49.35 -32.75
CA SER C 249 -25.03 50.51 -32.49
C SER C 249 -24.57 50.53 -31.02
N LEU C 250 -25.03 49.57 -30.22
CA LEU C 250 -24.66 49.50 -28.81
C LEU C 250 -23.33 48.78 -28.55
N GLY C 251 -23.32 47.47 -28.77
CA GLY C 251 -22.14 46.65 -28.57
C GLY C 251 -20.93 47.20 -29.28
N ALA C 252 -21.13 48.32 -29.95
CA ALA C 252 -20.03 48.94 -30.63
C ALA C 252 -19.33 49.63 -29.48
N LEU C 253 -20.08 50.52 -28.85
CA LEU C 253 -19.60 51.31 -27.73
C LEU C 253 -18.90 50.47 -26.68
N SER C 254 -19.45 49.31 -26.38
CA SER C 254 -18.84 48.43 -25.39
C SER C 254 -17.39 48.23 -25.82
N MET C 255 -17.20 47.93 -27.10
CA MET C 255 -15.88 47.72 -27.68
C MET C 255 -15.04 48.98 -27.55
N MET C 256 -15.71 50.13 -27.62
CA MET C 256 -15.04 51.42 -27.53
C MET C 256 -14.62 51.76 -26.12
N GLY C 257 -15.45 51.42 -25.14
CA GLY C 257 -15.09 51.73 -23.77
C GLY C 257 -13.81 50.98 -23.45
N PHE C 258 -13.74 49.75 -23.93
CA PHE C 258 -12.56 48.96 -23.70
C PHE C 258 -11.40 49.61 -24.43
N ILE C 259 -11.49 49.69 -25.74
CA ILE C 259 -10.43 50.31 -26.53
C ILE C 259 -10.24 51.73 -26.03
N ALA C 260 -11.05 52.08 -25.05
CA ALA C 260 -10.97 53.39 -24.44
C ALA C 260 -10.14 53.26 -23.19
N THR C 261 -10.74 52.63 -22.17
CA THR C 261 -10.09 52.44 -20.88
C THR C 261 -8.62 52.16 -21.04
N CYS C 262 -8.26 51.58 -22.17
CA CYS C 262 -6.88 51.24 -22.39
C CYS C 262 -6.07 52.42 -22.73
N PHE C 263 -6.60 53.26 -23.60
CA PHE C 263 -5.88 54.45 -24.00
C PHE C 263 -5.37 55.31 -22.82
N VAL C 264 -6.24 55.53 -21.84
CA VAL C 264 -5.90 56.34 -20.67
C VAL C 264 -4.90 55.61 -19.80
N TRP C 265 -5.07 54.29 -19.69
CA TRP C 265 -4.21 53.44 -18.85
C TRP C 265 -2.79 53.38 -19.36
N PHE C 266 -2.63 53.37 -20.67
CA PHE C 266 -1.33 53.29 -21.29
C PHE C 266 -0.81 54.51 -22.03
N ASN C 267 -1.57 55.02 -22.99
CA ASN C 267 -1.11 56.14 -23.81
C ASN C 267 -0.43 57.31 -23.13
N ASN C 268 0.72 57.71 -23.67
CA ASN C 268 1.46 58.81 -23.10
C ASN C 268 1.16 60.11 -23.81
N THR C 269 0.95 60.04 -25.10
CA THR C 269 0.70 61.24 -25.87
C THR C 269 -0.69 61.86 -25.72
N VAL C 270 -1.70 61.39 -26.45
CA VAL C 270 -3.03 61.98 -26.34
C VAL C 270 -3.52 62.09 -24.90
N TYR C 271 -2.74 61.54 -23.97
CA TYR C 271 -3.07 61.57 -22.55
C TYR C 271 -1.89 62.05 -21.71
N PRO C 272 -1.24 63.13 -22.14
CA PRO C 272 -0.07 63.69 -21.43
C PRO C 272 -0.09 63.40 -19.96
N SER C 273 1.02 62.89 -19.44
CA SER C 273 1.10 62.57 -18.04
C SER C 273 1.01 63.84 -17.20
N GLU C 274 1.32 64.97 -17.85
CA GLU C 274 1.31 66.27 -17.19
C GLU C 274 -0.05 66.84 -16.85
N PHE C 275 -1.07 66.45 -17.60
CA PHE C 275 -2.43 66.91 -17.34
C PHE C 275 -3.17 65.84 -16.52
N TYR C 276 -2.98 64.58 -16.89
CA TYR C 276 -3.58 63.44 -16.20
C TYR C 276 -2.50 62.93 -15.23
N GLY C 277 -2.32 61.63 -15.11
CA GLY C 277 -1.30 61.15 -14.21
C GLY C 277 -0.18 60.49 -14.98
N PRO C 278 0.73 59.77 -14.29
CA PRO C 278 1.86 59.07 -14.91
C PRO C 278 1.39 57.65 -15.21
N THR C 279 1.32 57.29 -16.49
CA THR C 279 0.86 55.96 -16.84
C THR C 279 1.50 54.91 -15.96
N GLY C 280 0.70 53.97 -15.50
CA GLY C 280 1.19 52.91 -14.64
C GLY C 280 2.63 52.59 -14.92
N PRO C 281 2.93 51.98 -16.09
CA PRO C 281 4.31 51.62 -16.46
C PRO C 281 5.26 52.76 -16.18
N GLU C 282 4.91 53.96 -16.62
CA GLU C 282 5.77 55.11 -16.39
C GLU C 282 6.13 55.20 -14.91
N ALA C 283 5.18 54.83 -14.05
CA ALA C 283 5.40 54.87 -12.60
C ALA C 283 6.50 53.88 -12.21
N SER C 284 6.35 52.63 -12.60
CA SER C 284 7.31 51.59 -12.28
C SER C 284 8.73 51.92 -12.72
N GLN C 285 8.85 52.58 -13.87
CA GLN C 285 10.15 52.95 -14.40
C GLN C 285 10.70 54.11 -13.59
N ALA C 286 9.80 54.94 -13.09
CA ALA C 286 10.19 56.09 -12.28
C ALA C 286 10.97 55.57 -11.05
N GLN C 287 10.47 54.48 -10.48
CA GLN C 287 11.04 53.80 -9.30
C GLN C 287 12.53 53.50 -9.49
N ALA C 288 12.80 52.54 -10.38
CA ALA C 288 14.16 52.16 -10.67
C ALA C 288 14.92 53.43 -11.04
N MET C 289 14.49 54.09 -12.11
CA MET C 289 15.15 55.30 -12.53
C MET C 289 15.70 56.05 -11.34
N THR C 290 14.80 56.35 -10.39
CA THR C 290 15.15 57.08 -9.17
C THR C 290 16.32 56.47 -8.41
N PHE C 291 16.07 55.28 -7.84
CA PHE C 291 17.06 54.54 -7.05
C PHE C 291 18.30 54.10 -7.85
N LEU C 292 18.20 54.19 -9.17
CA LEU C 292 19.33 53.85 -9.98
C LEU C 292 20.15 55.10 -9.76
N ILE C 293 19.51 56.25 -9.94
CA ILE C 293 20.18 57.52 -9.78
C ILE C 293 20.63 57.79 -8.36
N ARG C 294 19.72 57.70 -7.40
CA ARG C 294 20.09 57.91 -6.01
C ARG C 294 21.38 57.16 -5.71
N ASP C 295 21.45 55.93 -6.23
CA ASP C 295 22.58 55.02 -6.03
C ASP C 295 23.85 55.31 -6.81
N GLN C 296 23.73 55.56 -8.11
CA GLN C 296 24.93 55.83 -8.88
C GLN C 296 25.66 56.97 -8.22
N LYS C 297 24.90 57.93 -7.71
CA LYS C 297 25.47 59.10 -7.03
C LYS C 297 26.26 58.66 -5.78
N LEU C 298 25.74 57.67 -5.05
CA LEU C 298 26.42 57.20 -3.85
C LEU C 298 27.73 56.53 -4.24
N GLY C 299 28.01 56.47 -5.54
CA GLY C 299 29.26 55.90 -6.04
C GLY C 299 29.19 54.49 -6.61
N ALA C 300 27.99 53.95 -6.77
CA ALA C 300 27.83 52.60 -7.31
C ALA C 300 27.90 52.53 -8.83
N ASN C 301 28.08 51.31 -9.36
CA ASN C 301 28.17 51.08 -10.80
C ASN C 301 26.97 50.30 -11.31
N VAL C 302 25.92 50.98 -11.71
CA VAL C 302 24.74 50.27 -12.19
C VAL C 302 25.09 49.36 -13.33
N GLY C 303 26.02 49.80 -14.18
CA GLY C 303 26.43 48.97 -15.30
C GLY C 303 26.70 47.54 -14.90
N SER C 304 27.55 47.34 -13.89
CA SER C 304 27.91 46.01 -13.40
C SER C 304 27.22 45.51 -12.12
N ALA C 305 26.47 46.39 -11.46
CA ALA C 305 25.77 46.02 -10.22
C ALA C 305 24.94 44.74 -10.36
N GLN C 306 25.39 43.70 -9.69
CA GLN C 306 24.73 42.40 -9.73
C GLN C 306 23.50 42.27 -8.82
N GLY C 307 22.37 41.93 -9.44
CA GLY C 307 21.12 41.73 -8.72
C GLY C 307 21.24 40.78 -7.53
N PRO C 308 20.13 40.58 -6.80
CA PRO C 308 20.16 39.70 -5.64
C PRO C 308 19.61 38.36 -6.04
N THR C 309 18.91 38.39 -7.17
CA THR C 309 18.27 37.23 -7.75
C THR C 309 19.33 36.66 -8.66
N GLY C 310 20.33 37.50 -8.89
CA GLY C 310 21.41 37.12 -9.75
C GLY C 310 21.10 37.58 -11.14
N LEU C 311 20.06 38.38 -11.30
CA LEU C 311 19.69 38.87 -12.63
C LEU C 311 20.30 40.23 -13.05
N GLY C 312 20.13 41.23 -12.19
CA GLY C 312 20.63 42.57 -12.48
C GLY C 312 19.95 43.50 -11.50
N LYS C 313 20.71 44.06 -10.57
CA LYS C 313 20.14 44.94 -9.56
C LYS C 313 19.38 46.16 -10.08
N TYR C 314 19.91 46.81 -11.11
CA TYR C 314 19.27 47.99 -11.72
C TYR C 314 19.00 47.78 -13.21
N LEU C 315 19.84 46.98 -13.87
CA LEU C 315 19.68 46.74 -15.29
C LEU C 315 19.89 45.30 -15.72
N MET C 316 19.24 44.95 -16.84
CA MET C 316 19.33 43.60 -17.41
C MET C 316 18.89 43.59 -18.87
N ARG C 317 19.22 42.49 -19.54
CA ARG C 317 18.88 42.29 -20.95
C ARG C 317 17.38 41.95 -21.10
N SER C 318 16.86 42.12 -22.31
CA SER C 318 15.46 41.80 -22.60
C SER C 318 15.43 40.68 -23.61
N PRO C 319 14.26 40.05 -23.79
CA PRO C 319 14.22 38.98 -24.76
C PRO C 319 14.70 39.45 -26.12
N THR C 320 14.85 40.76 -26.26
CA THR C 320 15.33 41.32 -27.53
C THR C 320 16.81 41.61 -27.42
N GLY C 321 17.36 41.40 -26.22
CA GLY C 321 18.77 41.64 -25.98
C GLY C 321 19.13 43.10 -25.75
N GLU C 322 18.12 43.86 -25.37
CA GLU C 322 18.30 45.28 -25.12
C GLU C 322 18.46 45.49 -23.65
N ILE C 323 18.76 46.72 -23.29
CA ILE C 323 18.93 47.02 -21.90
C ILE C 323 17.63 47.64 -21.40
N ILE C 324 17.24 47.25 -20.18
CA ILE C 324 16.02 47.74 -19.55
C ILE C 324 16.21 47.70 -18.03
N PHE C 325 15.58 48.62 -17.30
CA PHE C 325 15.71 48.64 -15.83
C PHE C 325 15.43 47.24 -15.34
N GLY C 326 15.93 46.90 -14.16
CA GLY C 326 15.75 45.55 -13.63
C GLY C 326 14.71 45.28 -12.57
N GLY C 327 15.02 44.38 -11.66
CA GLY C 327 14.10 44.06 -10.60
C GLY C 327 12.83 43.48 -11.17
N GLU C 328 11.71 44.19 -11.00
CA GLU C 328 10.40 43.73 -11.49
C GLU C 328 10.00 44.66 -12.62
N THR C 329 10.50 45.88 -12.57
CA THR C 329 10.20 46.88 -13.59
C THR C 329 10.29 46.37 -15.01
N MET C 330 10.85 45.17 -15.18
CA MET C 330 11.00 44.55 -16.50
C MET C 330 9.62 44.39 -17.10
N ARG C 331 8.64 44.25 -16.22
CA ARG C 331 7.26 44.09 -16.63
C ARG C 331 6.83 45.23 -17.51
N PHE C 332 7.48 46.39 -17.36
CA PHE C 332 7.16 47.56 -18.15
C PHE C 332 8.35 48.04 -18.98
N TRP C 333 8.89 47.19 -19.85
CA TRP C 333 10.04 47.64 -20.63
C TRP C 333 9.59 48.29 -21.92
N ASP C 334 8.41 47.92 -22.38
CA ASP C 334 7.93 48.50 -23.61
C ASP C 334 7.63 50.00 -23.48
N PHE C 335 7.34 50.46 -22.26
CA PHE C 335 7.01 51.87 -22.04
C PHE C 335 8.02 52.90 -22.52
N ARG C 336 7.50 54.02 -23.04
CA ARG C 336 8.34 55.11 -23.53
C ARG C 336 7.82 56.51 -23.14
N GLY C 337 8.73 57.47 -23.08
CA GLY C 337 8.37 58.84 -22.70
C GLY C 337 9.53 59.81 -22.87
N PRO C 338 9.26 61.13 -22.91
CA PRO C 338 10.25 62.20 -23.06
C PRO C 338 11.33 62.34 -22.01
N TRP C 339 11.05 61.93 -20.77
CA TRP C 339 12.05 62.10 -19.74
C TRP C 339 13.08 60.99 -19.71
N LEU C 340 12.81 59.89 -20.42
CA LEU C 340 13.76 58.77 -20.45
C LEU C 340 14.44 58.64 -21.81
N GLU C 341 13.66 58.74 -22.90
CA GLU C 341 14.21 58.62 -24.26
C GLU C 341 15.62 59.21 -24.39
N PRO C 342 15.81 60.49 -24.08
CA PRO C 342 17.21 60.93 -24.23
C PRO C 342 18.19 60.08 -23.41
N LEU C 343 17.76 59.62 -22.24
CA LEU C 343 18.63 58.79 -21.42
C LEU C 343 18.55 57.35 -21.94
N ARG C 344 18.29 57.23 -23.24
CA ARG C 344 18.15 55.94 -23.92
C ARG C 344 19.14 55.87 -25.07
N GLY C 345 19.40 54.68 -25.58
CA GLY C 345 20.35 54.55 -26.67
C GLY C 345 19.94 53.77 -27.90
N PRO C 346 20.91 53.11 -28.55
CA PRO C 346 20.70 52.30 -29.76
C PRO C 346 20.32 50.84 -29.50
N ASN C 347 20.63 50.35 -28.30
CA ASN C 347 20.31 48.96 -27.88
C ASN C 347 19.49 48.90 -26.59
N GLY C 348 18.82 50.00 -26.29
CA GLY C 348 18.07 50.07 -25.04
C GLY C 348 18.91 51.05 -24.25
N LEU C 349 18.66 51.14 -22.95
CA LEU C 349 19.43 52.05 -22.12
C LEU C 349 20.90 52.05 -22.49
N ASP C 350 21.53 53.22 -22.43
CA ASP C 350 22.94 53.34 -22.79
C ASP C 350 23.77 53.66 -21.56
N LEU C 351 24.64 52.72 -21.22
CA LEU C 351 25.51 52.85 -20.07
C LEU C 351 26.27 54.17 -20.01
N ASN C 352 26.46 54.82 -21.14
CA ASN C 352 27.17 56.09 -21.14
C ASN C 352 26.22 57.19 -20.76
N LYS C 353 25.22 57.38 -21.61
CA LYS C 353 24.24 58.41 -21.36
C LYS C 353 23.69 58.23 -19.96
N ILE C 354 23.59 56.98 -19.51
CA ILE C 354 23.05 56.69 -18.19
C ILE C 354 24.03 57.02 -17.07
N LYS C 355 25.29 57.26 -17.37
CA LYS C 355 26.23 57.57 -16.30
C LYS C 355 26.40 59.05 -16.05
N ASN C 356 26.56 59.85 -17.11
CA ASN C 356 26.74 61.30 -16.94
C ASN C 356 25.68 62.19 -17.61
N ASP C 357 25.21 61.81 -18.79
CA ASP C 357 24.19 62.59 -19.50
C ASP C 357 22.93 62.67 -18.65
N ILE C 358 22.97 62.03 -17.50
CA ILE C 358 21.86 62.00 -16.56
C ILE C 358 21.53 63.41 -16.08
N GLN C 359 20.98 64.23 -16.97
CA GLN C 359 20.63 65.61 -16.63
C GLN C 359 19.75 65.70 -15.40
N PRO C 360 20.00 66.70 -14.52
CA PRO C 360 19.33 67.01 -13.26
C PRO C 360 17.83 66.93 -13.19
N TRP C 361 17.16 67.58 -14.13
CA TRP C 361 15.71 67.58 -14.10
C TRP C 361 15.08 66.20 -14.14
N GLN C 362 15.52 65.37 -15.06
CA GLN C 362 14.96 64.03 -15.17
C GLN C 362 14.86 63.28 -13.84
N GLU C 363 15.87 63.40 -12.98
CA GLU C 363 15.84 62.69 -11.71
C GLU C 363 14.55 63.01 -10.93
N ARG C 364 14.12 64.28 -10.95
CA ARG C 364 12.91 64.70 -10.24
C ARG C 364 11.63 64.34 -10.96
N ARG C 365 11.57 64.58 -12.25
CA ARG C 365 10.38 64.21 -12.97
C ARG C 365 10.26 62.73 -12.65
N ALA C 366 11.37 62.02 -12.86
CA ALA C 366 11.49 60.57 -12.64
C ALA C 366 11.13 60.20 -11.24
N ALA C 367 11.07 61.23 -10.40
CA ALA C 367 10.73 61.02 -9.01
C ALA C 367 9.22 61.20 -8.85
N GLU C 368 8.71 62.34 -9.29
CA GLU C 368 7.29 62.66 -9.18
C GLU C 368 6.43 61.47 -9.60
N TYR C 369 6.74 60.89 -10.76
CA TYR C 369 5.97 59.76 -11.27
C TYR C 369 6.11 58.52 -10.38
N MET C 370 7.05 58.56 -9.45
CA MET C 370 7.25 57.43 -8.52
C MET C 370 6.31 57.62 -7.33
N THR C 371 6.41 58.78 -6.68
CA THR C 371 5.55 59.11 -5.56
C THR C 371 4.09 58.98 -6.00
N HIS C 372 3.77 59.68 -7.09
CA HIS C 372 2.43 59.70 -7.66
C HIS C 372 2.20 58.57 -8.65
N ALA C 373 1.73 57.42 -8.17
CA ALA C 373 1.48 56.29 -9.08
C ALA C 373 -0.02 55.92 -9.18
N PRO C 374 -0.45 55.42 -10.36
CA PRO C 374 -1.83 55.02 -10.66
C PRO C 374 -2.51 54.11 -9.65
N LEU C 375 -2.05 54.15 -8.42
CA LEU C 375 -2.62 53.33 -7.36
C LEU C 375 -3.22 54.21 -6.29
N GLY C 376 -4.37 53.78 -5.77
CA GLY C 376 -5.04 54.52 -4.71
C GLY C 376 -6.01 53.68 -3.90
N SER C 377 -7.08 54.32 -3.46
CA SER C 377 -8.11 53.65 -2.66
C SER C 377 -9.45 54.23 -3.10
N LEU C 378 -10.52 53.44 -2.98
CA LEU C 378 -11.87 53.91 -3.35
C LEU C 378 -11.98 55.28 -2.70
N ASN C 379 -12.10 55.30 -1.38
CA ASN C 379 -12.12 56.59 -0.70
C ASN C 379 -10.70 57.04 -1.06
N SER C 380 -10.59 58.06 -1.90
CA SER C 380 -9.29 58.54 -2.35
C SER C 380 -8.11 58.67 -1.34
N VAL C 381 -7.25 57.65 -1.32
CA VAL C 381 -6.06 57.57 -0.46
C VAL C 381 -4.85 57.09 -1.26
N GLY C 382 -4.06 58.01 -1.79
CA GLY C 382 -2.89 57.61 -2.56
C GLY C 382 -1.87 56.81 -1.77
N GLY C 383 -1.22 55.84 -2.41
CA GLY C 383 -0.24 55.01 -1.73
C GLY C 383 -0.61 53.53 -1.81
N VAL C 384 0.36 52.62 -1.64
CA VAL C 384 0.00 51.21 -1.73
C VAL C 384 -1.08 50.83 -0.73
N ALA C 385 -1.90 49.88 -1.16
CA ALA C 385 -3.00 49.35 -0.38
C ALA C 385 -2.96 49.63 1.10
N THR C 386 -1.78 49.53 1.69
CA THR C 386 -1.69 49.72 3.12
C THR C 386 -0.87 50.91 3.61
N GLU C 387 -1.10 52.09 3.05
CA GLU C 387 -0.34 53.26 3.47
C GLU C 387 -1.13 54.03 4.50
N ILE C 388 -0.43 54.67 5.42
CA ILE C 388 -1.11 55.46 6.45
C ILE C 388 -2.02 56.49 5.76
N ASN C 389 -2.84 57.21 6.53
CA ASN C 389 -3.71 58.20 5.94
C ASN C 389 -2.96 59.52 5.84
N SER C 390 -2.50 59.87 4.64
CA SER C 390 -1.80 61.14 4.48
C SER C 390 -2.01 61.66 3.07
N VAL C 391 -1.19 61.24 2.11
CA VAL C 391 -1.45 61.73 0.76
C VAL C 391 -2.82 61.13 0.50
N ASN C 392 -3.57 61.69 -0.46
CA ASN C 392 -4.90 61.16 -0.73
C ASN C 392 -5.27 61.21 -2.19
N PHE C 393 -4.29 61.48 -3.04
CA PHE C 393 -4.55 61.55 -4.47
C PHE C 393 -4.80 60.18 -5.07
N VAL C 394 -5.61 60.15 -6.10
CA VAL C 394 -5.84 58.92 -6.80
C VAL C 394 -5.79 59.38 -8.24
N SER C 395 -4.88 58.80 -9.00
CA SER C 395 -4.67 59.15 -10.39
C SER C 395 -5.91 59.23 -11.25
N PRO C 396 -5.92 60.17 -12.19
CA PRO C 396 -7.03 60.39 -13.12
C PRO C 396 -7.06 59.19 -14.06
N ARG C 397 -5.86 58.81 -14.53
CA ARG C 397 -5.67 57.69 -15.45
C ARG C 397 -6.23 56.43 -14.83
N SER C 398 -6.23 56.41 -13.50
CA SER C 398 -6.75 55.28 -12.77
C SER C 398 -8.25 55.40 -12.79
N TRP C 399 -8.73 56.63 -12.59
CA TRP C 399 -10.16 56.91 -12.57
C TRP C 399 -10.85 56.69 -13.91
N LEU C 400 -10.24 57.15 -15.01
CA LEU C 400 -10.85 56.97 -16.32
C LEU C 400 -10.80 55.51 -16.79
N ALA C 401 -9.75 54.79 -16.39
CA ALA C 401 -9.59 53.40 -16.77
C ALA C 401 -10.69 52.58 -16.13
N THR C 402 -10.81 52.68 -14.81
CA THR C 402 -11.83 51.95 -14.10
C THR C 402 -13.22 52.27 -14.62
N SER C 403 -13.63 53.50 -14.38
CA SER C 403 -14.93 53.99 -14.80
C SER C 403 -15.45 53.35 -16.07
N HIS C 404 -14.89 53.80 -17.18
CA HIS C 404 -15.26 53.32 -18.50
C HIS C 404 -15.43 51.80 -18.54
N PHE C 405 -14.49 51.07 -17.97
CA PHE C 405 -14.58 49.64 -18.01
C PHE C 405 -15.92 49.17 -17.51
N VAL C 406 -16.27 49.53 -16.28
CA VAL C 406 -17.54 49.12 -15.71
C VAL C 406 -18.65 49.37 -16.71
N LEU C 407 -18.57 50.53 -17.35
CA LEU C 407 -19.59 50.91 -18.32
C LEU C 407 -19.48 50.06 -19.60
N ALA C 408 -18.36 50.18 -20.31
CA ALA C 408 -18.14 49.42 -21.53
C ALA C 408 -18.39 47.95 -21.25
N PHE C 409 -18.18 47.52 -20.02
CA PHE C 409 -18.44 46.14 -19.75
C PHE C 409 -19.93 45.98 -19.89
N PHE C 410 -20.67 46.31 -18.83
CA PHE C 410 -22.13 46.20 -18.82
C PHE C 410 -22.74 46.28 -20.20
N PHE C 411 -22.28 47.26 -20.97
CA PHE C 411 -22.78 47.43 -22.31
C PHE C 411 -22.70 46.13 -23.11
N LEU C 412 -21.57 45.45 -23.04
CA LEU C 412 -21.41 44.20 -23.76
C LEU C 412 -22.50 43.23 -23.33
N VAL C 413 -22.89 43.30 -22.07
CA VAL C 413 -23.93 42.41 -21.61
C VAL C 413 -25.25 43.04 -21.96
N GLY C 414 -25.18 44.32 -22.30
CA GLY C 414 -26.37 45.06 -22.70
C GLY C 414 -26.71 44.80 -24.17
N HIS C 415 -25.67 44.52 -24.94
CA HIS C 415 -25.81 44.22 -26.36
C HIS C 415 -26.30 42.81 -26.47
N LEU C 416 -25.82 41.95 -25.58
CA LEU C 416 -26.30 40.59 -25.60
C LEU C 416 -27.78 40.77 -25.44
N TRP C 417 -28.14 41.31 -24.29
CA TRP C 417 -29.52 41.56 -23.93
C TRP C 417 -30.46 41.72 -25.11
N HIS C 418 -30.34 42.85 -25.81
CA HIS C 418 -31.19 43.18 -26.95
C HIS C 418 -30.93 42.40 -28.24
N ALA C 419 -29.69 42.43 -28.73
CA ALA C 419 -29.35 41.71 -29.95
C ALA C 419 -29.80 40.26 -29.90
N GLY C 420 -30.08 39.77 -28.70
CA GLY C 420 -30.54 38.39 -28.54
C GLY C 420 -32.05 38.27 -28.48
N ARG C 421 -32.70 39.28 -27.90
CA ARG C 421 -34.16 39.29 -27.79
C ARG C 421 -34.73 39.78 -29.11
N ALA C 422 -34.13 40.85 -29.64
CA ALA C 422 -34.58 41.43 -30.91
C ALA C 422 -34.48 40.36 -32.01
N ARG C 423 -33.80 39.26 -31.71
CA ARG C 423 -33.66 38.16 -32.66
C ARG C 423 -34.89 37.29 -32.50
N ALA C 424 -35.61 37.53 -31.41
CA ALA C 424 -36.84 36.80 -31.10
C ALA C 424 -38.09 37.53 -31.59
N ALA C 425 -37.97 38.82 -31.94
CA ALA C 425 -39.10 39.58 -32.44
C ALA C 425 -39.29 39.11 -33.87
N ALA C 426 -38.27 39.32 -34.70
CA ALA C 426 -38.30 38.90 -36.10
C ALA C 426 -38.45 37.38 -36.13
N ALA C 427 -38.75 36.83 -34.96
CA ALA C 427 -38.93 35.41 -34.76
C ALA C 427 -40.16 35.10 -33.89
N GLY C 428 -40.60 36.08 -33.11
CA GLY C 428 -41.76 35.88 -32.26
C GLY C 428 -41.62 35.01 -31.01
N PHE C 429 -40.39 34.71 -30.58
CA PHE C 429 -40.20 33.90 -29.37
C PHE C 429 -40.34 34.89 -28.20
N GLU C 430 -39.97 36.13 -28.47
CA GLU C 430 -40.03 37.20 -27.49
C GLU C 430 -41.44 37.30 -26.93
N LYS C 431 -41.63 36.67 -25.78
CA LYS C 431 -42.90 36.57 -25.05
C LYS C 431 -43.05 35.08 -24.71
N GLY C 432 -41.99 34.32 -25.00
CA GLY C 432 -41.98 32.89 -24.72
C GLY C 432 -42.29 32.07 -25.95
N ILE C 433 -42.74 30.85 -25.75
CA ILE C 433 -43.09 29.99 -26.87
C ILE C 433 -44.61 29.77 -26.78
N ASP C 434 -45.20 29.22 -27.84
CA ASP C 434 -46.66 28.99 -27.90
C ASP C 434 -47.15 27.68 -27.25
N ARG C 435 -47.83 27.82 -26.12
CA ARG C 435 -48.37 26.71 -25.34
C ARG C 435 -48.88 25.50 -26.11
N GLU C 436 -49.06 25.64 -27.42
CA GLU C 436 -49.56 24.52 -28.18
C GLU C 436 -48.56 23.94 -29.18
N SER C 437 -47.79 24.79 -29.82
CA SER C 437 -46.81 24.31 -30.80
C SER C 437 -45.36 24.61 -30.42
N GLU C 438 -44.87 23.94 -29.38
CA GLU C 438 -43.49 24.16 -28.94
C GLU C 438 -42.58 23.35 -29.81
N PRO C 439 -41.85 24.04 -30.70
CA PRO C 439 -40.87 23.55 -31.69
C PRO C 439 -39.98 22.36 -31.33
N VAL C 440 -39.83 22.08 -30.04
CA VAL C 440 -39.00 20.96 -29.60
C VAL C 440 -39.88 19.71 -29.49
N LEU C 441 -41.19 19.92 -29.47
CA LEU C 441 -42.17 18.84 -29.34
C LEU C 441 -42.37 18.20 -30.71
N SER C 442 -41.71 18.77 -31.71
CA SER C 442 -41.80 18.24 -33.06
C SER C 442 -40.37 18.06 -33.58
N MET C 443 -39.55 17.39 -32.79
CA MET C 443 -38.16 17.14 -33.14
C MET C 443 -37.79 15.73 -32.70
N PRO C 444 -37.06 14.99 -33.57
CA PRO C 444 -36.64 13.62 -33.28
C PRO C 444 -35.68 13.53 -32.07
N SER C 445 -36.23 13.75 -30.87
CA SER C 445 -35.50 13.73 -29.60
C SER C 445 -34.33 12.74 -29.56
N LEU C 446 -33.14 13.28 -29.72
CA LEU C 446 -31.88 12.54 -29.72
C LEU C 446 -31.76 11.39 -28.71
N ASP C 447 -32.58 11.44 -27.66
CA ASP C 447 -32.64 10.43 -26.58
C ASP C 447 -32.81 11.09 -25.21
N GLY D 1 -59.01 23.99 30.10
CA GLY D 1 -58.16 24.13 28.88
C GLY D 1 -57.41 25.45 28.68
N TRP D 2 -57.19 26.20 29.77
CA TRP D 2 -56.48 27.49 29.72
C TRP D 2 -55.25 27.42 28.80
N PHE D 3 -54.67 26.23 28.74
CA PHE D 3 -53.51 25.95 27.90
C PHE D 3 -53.85 26.22 26.43
N ASP D 4 -55.08 25.90 26.06
CA ASP D 4 -55.55 26.11 24.70
C ASP D 4 -55.98 27.56 24.50
N ILE D 5 -56.20 28.27 25.61
CA ILE D 5 -56.60 29.68 25.54
C ILE D 5 -55.39 30.49 25.07
N LEU D 6 -54.26 30.26 25.74
CA LEU D 6 -53.01 30.92 25.38
C LEU D 6 -52.69 30.48 23.97
N ASP D 7 -52.60 29.16 23.78
CA ASP D 7 -52.34 28.62 22.47
C ASP D 7 -53.21 29.40 21.51
N ASP D 8 -54.53 29.28 21.70
CA ASP D 8 -55.52 29.96 20.87
C ASP D 8 -55.04 31.32 20.37
N TRP D 9 -54.82 32.28 21.28
CA TRP D 9 -54.34 33.59 20.85
C TRP D 9 -53.09 33.36 20.00
N LEU D 10 -51.95 33.10 20.66
CA LEU D 10 -50.67 32.88 20.00
C LEU D 10 -50.71 32.64 18.49
N LYS D 11 -50.85 31.37 18.12
CA LYS D 11 -50.88 30.96 16.73
C LYS D 11 -52.04 31.50 15.89
N ARG D 12 -52.53 32.69 16.21
CA ARG D 12 -53.61 33.20 15.40
C ARG D 12 -53.07 34.09 14.30
N ASP D 13 -53.26 33.60 13.08
CA ASP D 13 -52.83 34.25 11.83
C ASP D 13 -52.85 35.78 11.81
N ARG D 14 -52.02 36.42 12.64
CA ARG D 14 -51.93 37.88 12.68
C ARG D 14 -51.35 38.35 11.34
N PHE D 15 -50.71 39.52 11.32
CA PHE D 15 -50.11 40.01 10.07
C PHE D 15 -48.76 39.33 9.94
N VAL D 16 -47.99 39.37 11.02
CA VAL D 16 -46.71 38.71 11.05
C VAL D 16 -46.84 37.69 12.19
N PHE D 17 -47.22 36.48 11.79
CA PHE D 17 -47.44 35.37 12.72
C PHE D 17 -46.52 35.37 13.92
N VAL D 18 -47.14 35.19 15.08
CA VAL D 18 -46.41 35.14 16.33
C VAL D 18 -46.07 33.66 16.58
N GLY D 19 -46.79 33.03 17.49
CA GLY D 19 -46.58 31.62 17.78
C GLY D 19 -45.93 31.25 19.09
N TRP D 20 -45.91 29.94 19.37
CA TRP D 20 -45.28 29.44 20.58
C TRP D 20 -43.80 29.80 20.39
N SER D 21 -43.30 29.54 19.19
CA SER D 21 -41.91 29.84 18.87
C SER D 21 -41.67 31.29 19.28
N GLY D 22 -42.69 32.11 19.02
CA GLY D 22 -42.63 33.52 19.36
C GLY D 22 -42.11 33.87 20.74
N ILE D 23 -42.32 32.99 21.72
CA ILE D 23 -41.86 33.27 23.07
C ILE D 23 -40.35 33.06 23.27
N LEU D 24 -39.71 32.43 22.28
CA LEU D 24 -38.26 32.20 22.29
C LEU D 24 -37.67 32.99 21.13
N LEU D 25 -38.07 32.60 19.92
CA LEU D 25 -37.62 33.25 18.71
C LEU D 25 -37.50 34.75 18.90
N PHE D 26 -38.66 35.41 18.96
CA PHE D 26 -38.78 36.86 19.09
C PHE D 26 -37.96 37.65 20.13
N PRO D 27 -37.94 37.21 21.41
CA PRO D 27 -37.15 38.02 22.35
C PRO D 27 -35.63 38.00 22.03
N CYS D 28 -35.02 36.82 22.10
CA CYS D 28 -33.59 36.63 21.84
C CYS D 28 -33.21 37.24 20.49
N ALA D 29 -34.00 36.90 19.47
CA ALA D 29 -33.81 37.40 18.12
C ALA D 29 -33.94 38.92 18.08
N TYR D 30 -34.11 39.52 19.27
CA TYR D 30 -34.28 40.95 19.37
C TYR D 30 -33.07 41.59 20.00
N LEU D 31 -32.80 41.25 21.26
CA LEU D 31 -31.66 41.82 21.99
C LEU D 31 -30.35 41.49 21.30
N ALA D 32 -30.41 40.55 20.39
CA ALA D 32 -29.23 40.14 19.65
C ALA D 32 -29.11 41.14 18.52
N LEU D 33 -29.98 41.02 17.51
CA LEU D 33 -29.96 41.94 16.41
C LEU D 33 -29.78 43.28 17.08
N GLY D 34 -30.51 43.42 18.17
CA GLY D 34 -30.41 44.64 18.92
C GLY D 34 -29.01 44.90 19.44
N GLY D 35 -28.66 44.22 20.52
CA GLY D 35 -27.36 44.36 21.16
C GLY D 35 -26.24 44.71 20.20
N TRP D 36 -26.22 44.05 19.04
CA TRP D 36 -25.22 44.31 18.02
C TRP D 36 -25.24 45.81 17.78
N LEU D 37 -26.38 46.27 17.27
CA LEU D 37 -26.61 47.69 16.97
C LEU D 37 -26.32 48.63 18.12
N THR D 38 -26.68 48.20 19.32
CA THR D 38 -26.49 48.95 20.54
C THR D 38 -25.01 49.25 20.78
N GLY D 39 -24.17 48.22 20.70
CA GLY D 39 -22.73 48.37 20.89
C GLY D 39 -22.07 48.90 19.63
N THR D 40 -22.63 48.52 18.49
CA THR D 40 -22.16 48.94 17.17
C THR D 40 -22.04 50.45 17.18
N THR D 41 -22.98 51.10 17.86
CA THR D 41 -23.06 52.55 17.92
C THR D 41 -22.71 53.24 19.24
N PHE D 42 -22.45 52.48 20.29
CA PHE D 42 -22.14 53.10 21.58
C PHE D 42 -20.98 52.57 22.38
N VAL D 43 -20.72 51.27 22.27
CA VAL D 43 -19.66 50.66 23.06
C VAL D 43 -18.30 50.43 22.40
N THR D 44 -17.26 50.61 23.21
CA THR D 44 -15.87 50.45 22.81
C THR D 44 -15.30 49.10 23.25
N SER D 45 -14.37 48.56 22.48
CA SER D 45 -13.78 47.29 22.85
C SER D 45 -12.38 47.57 23.36
N TRP D 46 -12.07 48.85 23.40
CA TRP D 46 -10.79 49.36 23.85
C TRP D 46 -10.18 48.75 25.10
N TYR D 47 -10.98 48.05 25.90
CA TYR D 47 -10.45 47.44 27.10
C TYR D 47 -10.21 45.94 26.96
N THR D 48 -10.45 45.45 25.75
CA THR D 48 -10.28 44.04 25.38
C THR D 48 -9.36 43.90 24.15
N HIS D 49 -9.48 44.83 23.21
CA HIS D 49 -8.67 44.86 22.01
C HIS D 49 -8.14 46.26 21.84
N GLY D 50 -8.19 47.07 22.90
CA GLY D 50 -7.69 48.43 22.80
C GLY D 50 -7.96 49.05 21.44
N LEU D 51 -9.09 48.71 20.85
CA LEU D 51 -9.43 49.22 19.54
C LEU D 51 -10.83 49.86 19.66
N ALA D 52 -11.18 50.68 18.67
CA ALA D 52 -12.48 51.35 18.68
C ALA D 52 -13.54 50.48 18.04
N SER D 53 -14.73 50.47 18.65
CA SER D 53 -15.85 49.69 18.14
C SER D 53 -16.93 50.63 17.62
N SER D 54 -17.74 51.13 18.56
CA SER D 54 -18.85 52.04 18.29
C SER D 54 -18.58 53.16 17.28
N TYR D 55 -19.69 53.71 16.76
CA TYR D 55 -19.69 54.82 15.80
C TYR D 55 -19.30 56.10 16.54
N LEU D 56 -19.56 56.11 17.84
CA LEU D 56 -19.24 57.25 18.68
C LEU D 56 -17.74 57.54 18.68
N GLU D 57 -16.95 56.46 18.73
CA GLU D 57 -15.48 56.56 18.77
C GLU D 57 -14.88 57.17 17.52
N GLY D 58 -15.68 57.21 16.47
CA GLY D 58 -15.25 57.76 15.20
C GLY D 58 -15.31 56.68 14.15
N CYS D 59 -15.33 55.42 14.60
CA CYS D 59 -15.37 54.25 13.74
C CYS D 59 -16.37 54.33 12.60
N ASN D 60 -16.08 53.58 11.54
CA ASN D 60 -16.92 53.55 10.36
C ASN D 60 -17.79 52.31 10.40
N PHE D 61 -18.91 52.36 9.70
CA PHE D 61 -19.82 51.23 9.64
C PHE D 61 -19.03 49.93 9.51
N LEU D 62 -18.14 49.91 8.52
CA LEU D 62 -17.32 48.74 8.24
C LEU D 62 -16.41 48.40 9.42
N THR D 63 -15.73 49.42 9.94
CA THR D 63 -14.78 49.26 11.04
C THR D 63 -15.37 49.15 12.46
N VAL D 64 -16.70 48.95 12.57
CA VAL D 64 -17.38 48.83 13.86
C VAL D 64 -17.72 47.38 14.26
N ALA D 65 -17.90 47.15 15.56
CA ALA D 65 -18.24 45.82 16.04
C ALA D 65 -18.26 45.67 17.56
N VAL D 66 -18.89 44.62 18.02
CA VAL D 66 -18.94 44.32 19.44
C VAL D 66 -17.86 43.28 19.61
N SER D 67 -16.62 43.74 19.74
CA SER D 67 -15.46 42.86 19.87
C SER D 67 -15.50 41.84 21.00
N THR D 68 -15.16 40.60 20.67
CA THR D 68 -15.12 39.54 21.65
C THR D 68 -14.36 40.10 22.85
N PRO D 69 -14.52 39.48 24.03
CA PRO D 69 -13.87 39.92 25.26
C PRO D 69 -12.38 39.63 25.23
N ALA D 70 -11.67 40.21 26.17
CA ALA D 70 -10.24 39.99 26.25
C ALA D 70 -10.05 38.52 26.53
N ASN D 71 -9.02 37.93 25.94
CA ASN D 71 -8.75 36.51 26.13
C ASN D 71 -8.52 36.24 27.59
N SER D 72 -8.20 37.29 28.31
CA SER D 72 -7.94 37.15 29.72
C SER D 72 -9.19 36.50 30.36
N MET D 73 -10.32 36.65 29.69
CA MET D 73 -11.60 36.13 30.17
C MET D 73 -11.79 34.61 30.19
N GLY D 74 -11.52 33.98 29.05
CA GLY D 74 -11.67 32.54 28.95
C GLY D 74 -12.95 32.29 28.21
N HIS D 75 -13.79 31.47 28.78
CA HIS D 75 -15.07 31.19 28.17
C HIS D 75 -16.18 31.56 29.13
N SER D 76 -15.79 32.18 30.25
CA SER D 76 -16.75 32.62 31.26
C SER D 76 -17.83 33.36 30.47
N LEU D 77 -19.09 33.05 30.73
CA LEU D 77 -20.18 33.67 29.96
C LEU D 77 -20.51 35.09 30.37
N LEU D 78 -19.54 35.75 30.99
CA LEU D 78 -19.69 37.13 31.38
C LEU D 78 -21.08 37.59 31.76
N LEU D 79 -21.78 36.87 32.63
CA LEU D 79 -23.11 37.31 33.03
C LEU D 79 -23.02 38.74 33.54
N LEU D 80 -24.14 39.45 33.53
CA LEU D 80 -24.15 40.82 34.03
C LEU D 80 -23.84 40.74 35.53
N TRP D 81 -24.52 39.80 36.20
CA TRP D 81 -24.36 39.53 37.64
C TRP D 81 -23.27 38.49 37.74
N GLY D 82 -22.57 38.30 36.62
CA GLY D 82 -21.48 37.36 36.58
C GLY D 82 -20.39 37.98 37.45
N PRO D 83 -19.67 37.15 38.19
CA PRO D 83 -18.61 37.70 39.06
C PRO D 83 -17.67 38.63 38.30
N GLU D 84 -17.76 38.60 36.98
CA GLU D 84 -16.90 39.45 36.16
C GLU D 84 -17.23 40.93 36.33
N ALA D 85 -18.46 41.32 35.98
CA ALA D 85 -18.91 42.69 36.10
C ALA D 85 -19.55 42.85 37.47
N GLN D 86 -19.77 41.71 38.13
CA GLN D 86 -20.39 41.60 39.46
C GLN D 86 -21.81 42.15 39.47
N GLY D 87 -22.26 42.55 38.28
CA GLY D 87 -23.57 43.14 38.13
C GLY D 87 -23.37 44.63 37.95
N ASP D 88 -23.15 45.05 36.70
CA ASP D 88 -22.93 46.47 36.45
C ASP D 88 -22.89 46.79 34.97
N PHE D 89 -24.05 47.07 34.38
CA PHE D 89 -24.14 47.38 32.94
C PHE D 89 -23.01 48.20 32.34
N THR D 90 -22.61 49.27 33.00
CA THR D 90 -21.54 50.09 32.48
C THR D 90 -20.26 49.27 32.29
N ARG D 91 -19.80 48.63 33.37
CA ARG D 91 -18.58 47.82 33.31
C ARG D 91 -18.83 46.59 32.43
N TRP D 92 -19.84 45.82 32.81
CA TRP D 92 -20.23 44.62 32.08
C TRP D 92 -20.22 44.96 30.60
N CYS D 93 -20.41 46.24 30.32
CA CYS D 93 -20.41 46.74 28.96
C CYS D 93 -18.97 46.80 28.48
N GLN D 94 -18.10 47.31 29.36
CA GLN D 94 -16.68 47.46 29.09
C GLN D 94 -15.95 46.13 29.00
N LEU D 95 -16.31 45.18 29.86
CA LEU D 95 -15.69 43.86 29.85
C LEU D 95 -16.16 43.02 28.65
N GLY D 96 -16.77 43.70 27.70
CA GLY D 96 -17.26 43.02 26.51
C GLY D 96 -18.61 42.35 26.65
N GLY D 97 -19.10 42.25 27.88
CA GLY D 97 -20.38 41.62 28.13
C GLY D 97 -21.31 41.32 26.97
N LEU D 98 -21.46 42.26 26.05
CA LEU D 98 -22.36 42.08 24.89
C LEU D 98 -22.08 40.84 24.04
N TRP D 99 -20.83 40.42 23.96
CA TRP D 99 -20.48 39.28 23.13
C TRP D 99 -21.22 38.04 23.54
N THR D 100 -20.79 37.40 24.62
CA THR D 100 -21.46 36.19 25.11
C THR D 100 -22.96 36.40 24.90
N PHE D 101 -23.35 37.63 25.17
CA PHE D 101 -24.71 38.09 25.02
C PHE D 101 -25.12 37.84 23.56
N ILE D 102 -24.95 38.85 22.71
CA ILE D 102 -25.31 38.76 21.28
C ILE D 102 -25.25 37.32 20.77
N ALA D 103 -24.14 36.65 21.03
CA ALA D 103 -23.93 35.30 20.57
C ALA D 103 -24.96 34.34 21.11
N LEU D 104 -25.08 34.31 22.43
CA LEU D 104 -26.02 33.41 23.06
C LEU D 104 -27.50 33.69 22.73
N HIS D 105 -27.89 34.96 22.66
CA HIS D 105 -29.28 35.26 22.35
C HIS D 105 -29.53 34.89 20.95
N GLY D 106 -28.57 35.22 20.10
CA GLY D 106 -28.70 34.85 18.70
C GLY D 106 -28.72 33.34 18.63
N ALA D 107 -28.07 32.72 19.60
CA ALA D 107 -28.02 31.27 19.66
C ALA D 107 -29.45 30.78 19.78
N PHE D 108 -30.12 31.26 20.81
CA PHE D 108 -31.48 30.87 21.06
C PHE D 108 -32.48 31.43 20.06
N GLY D 109 -32.08 32.47 19.34
CA GLY D 109 -32.96 33.03 18.34
C GLY D 109 -32.92 32.12 17.13
N LEU D 110 -31.73 31.59 16.84
CA LEU D 110 -31.54 30.69 15.73
C LEU D 110 -32.25 29.39 16.04
N ILE D 111 -32.33 29.04 17.32
CA ILE D 111 -33.02 27.84 17.74
C ILE D 111 -34.50 28.16 17.51
N GLY D 112 -34.97 29.14 18.29
CA GLY D 112 -36.34 29.59 18.22
C GLY D 112 -36.83 29.80 16.81
N PHE D 113 -35.94 30.21 15.92
CA PHE D 113 -36.35 30.42 14.55
C PHE D 113 -36.43 29.16 13.73
N MET D 114 -35.59 28.16 14.00
CA MET D 114 -35.68 26.93 13.23
C MET D 114 -36.99 26.31 13.62
N LEU D 115 -37.31 26.45 14.91
CA LEU D 115 -38.57 25.94 15.45
C LEU D 115 -39.71 26.79 14.84
N ARG D 116 -39.36 27.99 14.37
CA ARG D 116 -40.31 28.91 13.76
C ARG D 116 -40.79 28.39 12.41
N GLN D 117 -40.06 27.41 11.89
CA GLN D 117 -40.39 26.80 10.61
C GLN D 117 -41.23 25.58 10.87
N PHE D 118 -40.73 24.73 11.75
CA PHE D 118 -41.42 23.52 12.13
C PHE D 118 -42.84 23.81 12.58
N GLU D 119 -43.06 24.94 13.26
CA GLU D 119 -44.40 25.30 13.72
C GLU D 119 -45.27 25.51 12.49
N ILE D 120 -45.03 26.62 11.80
CA ILE D 120 -45.80 26.94 10.60
C ILE D 120 -46.02 25.77 9.64
N ALA D 121 -44.97 25.29 8.99
CA ALA D 121 -45.14 24.19 8.06
C ALA D 121 -45.99 23.05 8.63
N ARG D 122 -46.12 22.96 9.95
CA ARG D 122 -46.94 21.91 10.51
C ARG D 122 -48.40 22.38 10.60
N LEU D 123 -48.61 23.67 10.83
CA LEU D 123 -49.97 24.23 10.88
C LEU D 123 -50.49 24.26 9.44
N VAL D 124 -49.79 25.03 8.59
CA VAL D 124 -50.13 25.18 7.17
C VAL D 124 -50.16 23.84 6.44
N GLY D 125 -49.43 22.85 6.98
CA GLY D 125 -49.37 21.50 6.43
C GLY D 125 -48.38 21.20 5.33
N VAL D 126 -47.10 21.21 5.65
CA VAL D 126 -46.10 20.91 4.62
C VAL D 126 -44.83 20.22 5.12
N ARG D 127 -44.16 19.55 4.18
CA ARG D 127 -42.91 18.85 4.46
C ARG D 127 -42.05 19.76 5.33
N PRO D 128 -41.26 19.17 6.24
CA PRO D 128 -40.41 20.00 7.11
C PRO D 128 -39.09 20.37 6.42
N TYR D 129 -39.09 20.43 5.09
CA TYR D 129 -37.88 20.75 4.32
C TYR D 129 -37.33 22.16 4.44
N ASN D 130 -38.10 23.10 4.99
CA ASN D 130 -37.56 24.44 5.16
C ASN D 130 -36.68 24.33 6.38
N ALA D 131 -37.32 24.15 7.54
CA ALA D 131 -36.62 24.02 8.81
C ALA D 131 -35.42 23.06 8.70
N ILE D 132 -35.59 21.98 7.96
CA ILE D 132 -34.53 20.98 7.77
C ILE D 132 -33.40 21.73 7.08
N ALA D 133 -33.73 22.53 6.08
CA ALA D 133 -32.73 23.27 5.34
C ALA D 133 -31.99 24.29 6.22
N PHE D 134 -32.51 24.56 7.42
CA PHE D 134 -31.90 25.51 8.35
C PHE D 134 -30.74 24.87 9.13
N SER D 135 -30.56 23.56 8.94
CA SER D 135 -29.49 22.87 9.62
C SER D 135 -28.23 23.50 9.10
N ALA D 136 -28.14 23.61 7.79
CA ALA D 136 -26.97 24.19 7.16
C ALA D 136 -26.46 25.36 7.98
N PRO D 137 -27.32 26.35 8.23
CA PRO D 137 -26.96 27.54 9.00
C PRO D 137 -26.73 27.38 10.50
N ILE D 138 -27.54 26.59 11.19
CA ILE D 138 -27.29 26.43 12.63
C ILE D 138 -25.91 25.82 12.81
N ALA D 139 -25.52 24.98 11.86
CA ALA D 139 -24.20 24.37 11.89
C ALA D 139 -23.21 25.52 11.82
N VAL D 140 -23.07 26.11 10.62
CA VAL D 140 -22.15 27.21 10.38
C VAL D 140 -21.97 28.11 11.59
N PHE D 141 -23.06 28.65 12.14
CA PHE D 141 -22.98 29.54 13.30
C PHE D 141 -22.45 28.82 14.54
N VAL D 142 -23.00 27.64 14.79
CA VAL D 142 -22.57 26.87 15.94
C VAL D 142 -21.08 26.54 15.85
N SER D 143 -20.62 26.09 14.68
CA SER D 143 -19.21 25.74 14.45
C SER D 143 -18.27 26.91 14.65
N VAL D 144 -18.66 28.06 14.13
CA VAL D 144 -17.83 29.26 14.18
C VAL D 144 -18.11 30.27 15.28
N PHE D 145 -18.85 29.91 16.31
CA PHE D 145 -19.12 30.88 17.36
C PHE D 145 -19.13 30.33 18.78
N LEU D 146 -19.22 29.01 18.88
CA LEU D 146 -19.28 28.37 20.18
C LEU D 146 -18.22 27.30 20.33
N ILE D 147 -18.30 26.26 19.49
CA ILE D 147 -17.35 25.16 19.53
C ILE D 147 -15.94 25.66 19.25
N TYR D 148 -15.80 26.47 18.21
CA TYR D 148 -14.48 26.98 17.89
C TYR D 148 -13.90 27.59 19.15
N PRO D 149 -14.46 28.73 19.58
CA PRO D 149 -13.96 29.41 20.78
C PRO D 149 -13.64 28.43 21.90
N LEU D 150 -14.67 27.70 22.33
CA LEU D 150 -14.58 26.75 23.42
C LEU D 150 -13.39 25.80 23.37
N GLY D 151 -13.10 25.24 22.21
CA GLY D 151 -12.00 24.31 22.06
C GLY D 151 -10.67 25.01 21.92
N GLN D 152 -10.69 26.33 21.85
CA GLN D 152 -9.45 27.10 21.70
C GLN D 152 -9.03 27.75 23.02
N SER D 153 -8.38 28.90 22.91
CA SER D 153 -7.96 29.64 24.08
C SER D 153 -9.15 30.37 24.70
N SER D 154 -9.37 31.63 24.32
CA SER D 154 -10.45 32.44 24.86
C SER D 154 -11.68 32.63 23.98
N TRP D 155 -12.68 33.33 24.51
CA TRP D 155 -13.89 33.67 23.76
C TRP D 155 -13.31 34.68 22.77
N PHE D 156 -12.27 35.36 23.22
CA PHE D 156 -11.56 36.35 22.43
C PHE D 156 -11.43 35.89 20.99
N PHE D 157 -10.50 34.97 20.75
CA PHE D 157 -10.21 34.44 19.40
C PHE D 157 -11.40 34.09 18.52
N ALA D 158 -12.60 34.22 19.05
CA ALA D 158 -13.78 33.92 18.28
C ALA D 158 -14.07 35.12 17.35
N PRO D 159 -14.91 34.95 16.32
CA PRO D 159 -15.20 36.06 15.42
C PRO D 159 -15.72 37.25 16.20
N SER D 160 -15.64 38.43 15.63
CA SER D 160 -16.18 39.56 16.32
C SER D 160 -17.20 40.21 15.42
N PHE D 161 -18.34 40.49 16.04
CA PHE D 161 -19.49 41.07 15.38
C PHE D 161 -19.36 42.43 14.70
N GLY D 162 -19.00 42.38 13.41
CA GLY D 162 -18.81 43.56 12.59
C GLY D 162 -18.39 43.06 11.23
N VAL D 163 -18.06 43.97 10.33
CA VAL D 163 -17.62 43.57 8.99
C VAL D 163 -16.12 43.35 9.07
N ALA D 164 -15.39 44.45 8.95
CA ALA D 164 -13.93 44.42 9.02
C ALA D 164 -13.55 43.49 10.15
N ALA D 165 -14.46 43.35 11.10
CA ALA D 165 -14.25 42.49 12.25
C ALA D 165 -14.10 41.03 11.83
N ILE D 166 -15.03 40.57 10.99
CA ILE D 166 -14.96 39.18 10.54
C ILE D 166 -13.96 39.08 9.41
N PHE D 167 -13.86 40.13 8.61
CA PHE D 167 -12.91 40.14 7.52
C PHE D 167 -11.57 39.76 8.13
N ARG D 168 -11.33 40.25 9.34
CA ARG D 168 -10.11 39.91 10.06
C ARG D 168 -10.16 38.41 10.22
N PHE D 169 -11.16 37.95 10.96
CA PHE D 169 -11.33 36.53 11.22
C PHE D 169 -10.81 35.72 10.04
N LEU D 170 -11.16 36.15 8.82
CA LEU D 170 -10.73 35.48 7.59
C LEU D 170 -9.21 35.38 7.48
N LEU D 171 -8.55 36.52 7.34
CA LEU D 171 -7.11 36.55 7.22
C LEU D 171 -6.53 35.75 8.34
N PHE D 172 -7.08 35.92 9.53
CA PHE D 172 -6.61 35.19 10.69
C PHE D 172 -6.42 33.73 10.30
N PHE D 173 -7.50 33.12 9.82
CA PHE D 173 -7.51 31.71 9.43
C PHE D 173 -6.54 31.37 8.33
N GLN D 174 -6.43 32.25 7.35
CA GLN D 174 -5.49 32.04 6.26
C GLN D 174 -4.09 31.99 6.82
N GLY D 175 -3.88 32.77 7.87
CA GLY D 175 -2.58 32.82 8.49
C GLY D 175 -2.30 31.57 9.28
N PHE D 176 -2.27 31.68 10.61
CA PHE D 176 -1.96 30.51 11.42
C PHE D 176 -2.79 29.24 11.22
N HIS D 177 -3.78 29.25 10.34
CA HIS D 177 -4.54 28.02 10.18
C HIS D 177 -4.47 27.50 8.75
N ASN D 178 -4.26 28.42 7.82
CA ASN D 178 -4.21 28.09 6.41
C ASN D 178 -5.47 27.27 6.05
N TRP D 179 -6.63 27.84 6.36
CA TRP D 179 -7.95 27.25 6.13
C TRP D 179 -8.14 26.91 4.65
N THR D 180 -7.79 27.85 3.78
CA THR D 180 -7.93 27.67 2.36
C THR D 180 -7.41 26.35 1.80
N LEU D 181 -6.60 25.63 2.58
CA LEU D 181 -6.01 24.36 2.11
C LEU D 181 -6.72 23.11 2.60
N ASN D 182 -7.77 23.32 3.39
CA ASN D 182 -8.56 22.23 3.97
C ASN D 182 -9.55 21.59 3.00
N PRO D 183 -9.65 20.27 3.03
CA PRO D 183 -10.57 19.56 2.14
C PRO D 183 -11.99 20.05 2.35
N PHE D 184 -12.39 20.14 3.63
CA PHE D 184 -13.72 20.60 4.02
C PHE D 184 -14.00 21.95 3.47
N HIS D 185 -13.38 22.97 4.03
CA HIS D 185 -13.63 24.27 3.53
C HIS D 185 -13.68 24.31 2.01
N MET D 186 -12.84 23.53 1.33
CA MET D 186 -12.83 23.52 -0.14
C MET D 186 -14.11 22.94 -0.69
N MET D 187 -14.98 22.48 0.20
CA MET D 187 -16.27 21.91 -0.19
C MET D 187 -17.28 22.97 0.15
N GLY D 188 -17.15 23.56 1.33
CA GLY D 188 -18.07 24.60 1.68
C GLY D 188 -18.10 25.42 0.42
N VAL D 189 -16.90 25.74 -0.07
CA VAL D 189 -16.79 26.51 -1.29
C VAL D 189 -17.63 25.87 -2.38
N ALA D 190 -17.49 24.57 -2.51
CA ALA D 190 -18.24 23.83 -3.50
C ALA D 190 -19.73 24.14 -3.33
N GLY D 191 -20.23 24.04 -2.11
CA GLY D 191 -21.63 24.33 -1.90
C GLY D 191 -21.95 25.77 -2.24
N VAL D 192 -21.46 26.71 -1.44
CA VAL D 192 -21.75 28.13 -1.65
C VAL D 192 -21.55 28.64 -3.06
N LEU D 193 -20.84 27.89 -3.88
CA LEU D 193 -20.68 28.32 -5.27
C LEU D 193 -21.80 27.68 -6.08
N GLY D 194 -21.73 26.37 -6.28
CA GLY D 194 -22.75 25.68 -7.06
C GLY D 194 -24.16 26.07 -6.70
N GLY D 195 -24.44 26.12 -5.40
CA GLY D 195 -25.76 26.49 -4.92
C GLY D 195 -26.18 27.80 -5.53
N ALA D 196 -25.21 28.67 -5.72
CA ALA D 196 -25.45 29.96 -6.33
C ALA D 196 -25.57 29.70 -7.81
N LEU D 197 -24.73 28.82 -8.34
CA LEU D 197 -24.80 28.54 -9.76
C LEU D 197 -26.19 28.05 -10.04
N LEU D 198 -26.65 27.10 -9.24
CA LEU D 198 -27.99 26.60 -9.44
C LEU D 198 -28.96 27.78 -9.36
N CYS D 199 -29.00 28.43 -8.20
CA CYS D 199 -29.90 29.57 -7.94
C CYS D 199 -30.04 30.44 -9.17
N ALA D 200 -29.05 30.38 -10.05
CA ALA D 200 -29.11 31.17 -11.26
C ALA D 200 -29.26 30.32 -12.51
N ILE D 201 -28.55 29.21 -12.59
CA ILE D 201 -28.70 28.40 -13.77
C ILE D 201 -30.19 28.22 -13.92
N HIS D 202 -30.85 27.77 -12.87
CA HIS D 202 -32.30 27.54 -12.91
C HIS D 202 -33.08 28.84 -12.97
N GLY D 203 -32.63 29.84 -12.22
CA GLY D 203 -33.33 31.12 -12.21
C GLY D 203 -33.64 31.58 -13.61
N ALA D 204 -32.59 31.95 -14.32
CA ALA D 204 -32.72 32.42 -15.68
C ALA D 204 -33.00 31.23 -16.63
N THR D 205 -32.89 30.00 -16.12
CA THR D 205 -33.17 28.87 -16.98
C THR D 205 -34.68 28.93 -17.12
N VAL D 206 -35.33 29.52 -16.12
CA VAL D 206 -36.77 29.67 -16.12
C VAL D 206 -37.21 30.86 -16.94
N GLU D 207 -36.82 32.06 -16.50
CA GLU D 207 -37.20 33.27 -17.22
C GLU D 207 -37.09 33.14 -18.74
N ASN D 208 -36.28 32.20 -19.23
CA ASN D 208 -36.12 32.02 -20.68
C ASN D 208 -36.66 30.71 -21.27
N THR D 209 -37.56 30.04 -20.54
CA THR D 209 -38.16 28.79 -21.00
C THR D 209 -39.67 28.93 -21.17
N LEU D 210 -40.33 29.45 -20.13
CA LEU D 210 -41.78 29.67 -20.10
C LEU D 210 -42.42 30.09 -21.42
N PHE D 211 -43.76 30.12 -21.42
CA PHE D 211 -44.53 30.47 -22.61
C PHE D 211 -45.27 31.79 -22.62
N GLN D 212 -45.90 32.02 -23.77
CA GLN D 212 -46.70 33.20 -24.00
C GLN D 212 -48.09 32.79 -23.53
N ASP D 213 -48.33 32.93 -22.23
CA ASP D 213 -49.64 32.61 -21.67
C ASP D 213 -50.19 33.83 -20.95
N GLY D 214 -49.89 34.96 -21.56
CA GLY D 214 -50.31 36.28 -21.10
C GLY D 214 -50.28 37.07 -22.39
N GLU D 215 -50.69 38.33 -22.37
CA GLU D 215 -50.68 39.09 -23.61
C GLU D 215 -49.43 39.96 -23.85
N GLY D 216 -49.36 41.13 -23.22
CA GLY D 216 -48.23 42.05 -23.40
C GLY D 216 -46.82 41.52 -23.60
N ALA D 217 -45.85 42.43 -23.62
CA ALA D 217 -44.45 42.09 -23.81
C ALA D 217 -43.70 41.93 -22.50
N SER D 218 -44.47 41.80 -21.43
CA SER D 218 -43.92 41.63 -20.11
C SER D 218 -44.51 40.35 -19.53
N THR D 219 -43.71 39.64 -18.75
CA THR D 219 -44.14 38.41 -18.15
C THR D 219 -44.92 38.60 -16.84
N PHE D 220 -45.03 39.85 -16.36
CA PHE D 220 -45.78 40.06 -15.11
C PHE D 220 -47.24 40.48 -15.31
N ARG D 221 -48.04 39.43 -15.31
CA ARG D 221 -49.49 39.40 -15.47
C ARG D 221 -49.63 37.92 -15.86
N ALA D 222 -48.54 37.39 -16.41
CA ALA D 222 -48.48 35.99 -16.83
C ALA D 222 -49.19 35.13 -15.81
N PHE D 223 -49.82 34.06 -16.30
CA PHE D 223 -50.59 33.16 -15.45
C PHE D 223 -50.04 32.89 -14.05
N ASN D 224 -50.95 32.44 -13.21
CA ASN D 224 -50.75 32.13 -11.80
C ASN D 224 -52.02 32.77 -11.23
N PRO D 225 -52.21 32.77 -9.90
CA PRO D 225 -51.33 32.20 -8.87
C PRO D 225 -51.68 30.78 -8.46
N THR D 226 -51.19 29.81 -9.24
CA THR D 226 -51.36 28.35 -9.04
C THR D 226 -52.39 27.74 -9.97
N GLN D 227 -53.02 28.60 -10.78
CA GLN D 227 -54.06 28.16 -11.71
C GLN D 227 -53.51 27.26 -12.82
N ALA D 228 -53.55 27.73 -14.08
CA ALA D 228 -53.04 26.95 -15.22
C ALA D 228 -51.78 26.26 -14.75
N GLU D 229 -51.45 25.10 -15.33
CA GLU D 229 -50.29 24.36 -14.87
C GLU D 229 -48.95 24.59 -15.59
N GLU D 230 -47.93 24.97 -14.82
CA GLU D 230 -46.56 25.18 -15.28
C GLU D 230 -46.31 26.26 -16.32
N THR D 231 -45.33 27.11 -16.05
CA THR D 231 -44.95 28.19 -16.96
C THR D 231 -43.84 27.78 -17.92
N TYR D 232 -42.89 26.97 -17.45
CA TYR D 232 -41.76 26.51 -18.27
C TYR D 232 -41.86 25.05 -18.70
N SER D 233 -41.78 24.79 -20.00
CA SER D 233 -41.85 23.40 -20.45
C SER D 233 -40.51 22.72 -20.18
N MET D 234 -40.49 21.89 -19.15
CA MET D 234 -39.27 21.20 -18.78
C MET D 234 -38.73 20.28 -19.86
N VAL D 235 -39.34 20.32 -21.03
CA VAL D 235 -38.90 19.49 -22.14
C VAL D 235 -38.19 20.34 -23.19
N THR D 236 -38.74 21.52 -23.42
CA THR D 236 -38.20 22.44 -24.40
C THR D 236 -36.90 23.03 -23.88
N ALA D 237 -36.80 23.08 -22.56
CA ALA D 237 -35.61 23.61 -21.94
C ALA D 237 -34.59 22.48 -21.89
N ASN D 238 -35.09 21.29 -21.54
CA ASN D 238 -34.26 20.09 -21.46
C ASN D 238 -33.27 19.98 -22.62
N ARG D 239 -33.83 19.70 -23.79
CA ARG D 239 -33.04 19.54 -25.01
C ARG D 239 -32.11 20.73 -25.28
N PHE D 240 -32.29 21.82 -24.54
CA PHE D 240 -31.44 22.98 -24.74
C PHE D 240 -30.08 22.71 -24.13
N TRP D 241 -30.06 22.13 -22.93
CA TRP D 241 -28.81 21.84 -22.27
C TRP D 241 -28.25 20.50 -22.71
N SER D 242 -29.13 19.52 -22.85
CA SER D 242 -28.66 18.22 -23.28
C SER D 242 -27.92 18.30 -24.62
N GLN D 243 -27.93 19.49 -25.21
CA GLN D 243 -27.26 19.71 -26.49
C GLN D 243 -26.17 20.76 -26.37
N ILE D 244 -26.22 21.55 -25.31
CA ILE D 244 -25.23 22.59 -25.12
C ILE D 244 -24.15 22.13 -24.13
N PHE D 245 -24.56 21.92 -22.88
CA PHE D 245 -23.65 21.46 -21.84
C PHE D 245 -23.71 19.92 -21.73
N GLY D 246 -24.36 19.28 -22.70
CA GLY D 246 -24.41 17.83 -22.69
C GLY D 246 -25.50 17.15 -21.89
N ILE D 247 -25.66 17.51 -20.62
CA ILE D 247 -26.68 16.88 -19.80
C ILE D 247 -27.59 17.88 -19.10
N ALA D 248 -28.88 17.57 -19.10
CA ALA D 248 -29.89 18.40 -18.47
C ALA D 248 -30.73 17.58 -17.49
N PHE D 249 -31.75 18.22 -16.94
CA PHE D 249 -32.63 17.59 -15.97
C PHE D 249 -33.71 16.68 -16.54
N SER D 250 -34.78 16.60 -15.75
CA SER D 250 -35.99 15.83 -16.00
C SER D 250 -36.51 15.73 -14.58
N ASN D 251 -37.79 15.90 -14.38
CA ASN D 251 -38.34 15.81 -13.03
C ASN D 251 -37.94 17.00 -12.15
N LYS D 252 -38.78 18.04 -12.13
CA LYS D 252 -38.50 19.22 -11.32
C LYS D 252 -38.57 18.88 -9.84
N ARG D 253 -39.05 17.67 -9.54
CA ARG D 253 -39.18 17.19 -8.17
C ARG D 253 -37.83 17.06 -7.48
N TRP D 254 -36.83 16.62 -8.24
CA TRP D 254 -35.51 16.43 -7.70
C TRP D 254 -34.70 17.70 -7.88
N LEU D 255 -34.88 18.35 -9.02
CA LEU D 255 -34.17 19.58 -9.32
C LEU D 255 -34.49 20.60 -8.22
N HIS D 256 -35.52 20.30 -7.44
CA HIS D 256 -35.92 21.16 -6.34
C HIS D 256 -35.40 20.60 -5.02
N PHE D 257 -34.85 19.39 -5.07
CA PHE D 257 -34.33 18.77 -3.85
C PHE D 257 -32.84 18.56 -3.99
N PHE D 258 -32.32 18.81 -5.19
CA PHE D 258 -30.88 18.84 -5.40
C PHE D 258 -30.42 20.29 -5.23
N MET D 259 -31.38 21.22 -5.30
CA MET D 259 -31.09 22.65 -5.12
C MET D 259 -30.93 22.88 -3.63
N LEU D 260 -31.60 22.04 -2.85
CA LEU D 260 -31.51 22.12 -1.40
C LEU D 260 -30.16 21.55 -0.98
N PHE D 261 -29.88 20.32 -1.39
CA PHE D 261 -28.64 19.65 -1.05
C PHE D 261 -27.44 20.55 -1.24
N VAL D 262 -27.05 20.67 -2.49
CA VAL D 262 -25.91 21.50 -2.88
C VAL D 262 -25.34 22.42 -1.78
N PRO D 263 -26.10 23.48 -1.39
CA PRO D 263 -25.65 24.41 -0.36
C PRO D 263 -25.77 23.89 1.06
N VAL D 264 -26.99 23.63 1.51
CA VAL D 264 -27.20 23.14 2.87
C VAL D 264 -26.21 22.04 3.13
N THR D 265 -25.81 21.36 2.07
CA THR D 265 -24.86 20.30 2.15
C THR D 265 -23.46 20.81 2.36
N GLY D 266 -22.86 21.32 1.30
CA GLY D 266 -21.52 21.83 1.39
C GLY D 266 -21.30 22.73 2.59
N LEU D 267 -22.30 23.57 2.90
CA LEU D 267 -22.17 24.48 4.05
C LEU D 267 -21.94 23.68 5.32
N TRP D 268 -22.54 22.49 5.43
CA TRP D 268 -22.34 21.66 6.62
C TRP D 268 -20.90 21.14 6.64
N MET D 269 -20.40 20.75 5.48
CA MET D 269 -19.04 20.28 5.37
C MET D 269 -18.12 21.18 6.16
N SER D 270 -17.84 22.35 5.62
CA SER D 270 -16.96 23.28 6.30
C SER D 270 -17.15 23.23 7.80
N ALA D 271 -18.38 23.38 8.24
CA ALA D 271 -18.70 23.38 9.67
C ALA D 271 -17.97 22.31 10.42
N ILE D 272 -17.73 21.18 9.76
CA ILE D 272 -16.99 20.10 10.40
C ILE D 272 -15.54 20.60 10.50
N GLY D 273 -14.88 20.68 9.35
CA GLY D 273 -13.50 21.13 9.31
C GLY D 273 -13.22 22.13 10.40
N VAL D 274 -14.11 23.11 10.52
CA VAL D 274 -14.03 24.19 11.51
C VAL D 274 -13.92 23.68 12.93
N VAL D 275 -14.60 22.58 13.24
CA VAL D 275 -14.49 22.06 14.57
C VAL D 275 -13.04 21.65 14.65
N GLY D 276 -12.52 21.13 13.53
CA GLY D 276 -11.14 20.70 13.49
C GLY D 276 -10.15 21.80 13.85
N LEU D 277 -10.50 23.04 13.56
CA LEU D 277 -9.62 24.14 13.87
C LEU D 277 -9.63 24.43 15.35
N ALA D 278 -10.67 23.99 16.03
CA ALA D 278 -10.78 24.23 17.45
C ALA D 278 -9.53 23.70 18.13
N LEU D 279 -9.25 22.42 17.88
CA LEU D 279 -8.07 21.79 18.47
C LEU D 279 -6.85 22.05 17.57
N ASN D 280 -6.86 23.17 16.84
CA ASN D 280 -5.77 23.53 15.94
C ASN D 280 -5.53 22.35 15.00
N LEU D 281 -6.33 21.31 15.18
CA LEU D 281 -6.25 20.11 14.38
C LEU D 281 -6.67 20.46 12.96
N ARG D 282 -5.82 21.18 12.24
CA ARG D 282 -6.16 21.55 10.88
C ARG D 282 -5.28 20.96 9.79
N SER D 283 -5.64 21.32 8.56
CA SER D 283 -4.94 20.88 7.38
C SER D 283 -3.99 22.01 7.03
N TYR D 284 -2.75 21.91 7.48
CA TYR D 284 -1.78 22.95 7.20
C TYR D 284 -0.64 22.49 6.29
N ASP D 285 -0.02 21.37 6.64
CA ASP D 285 1.14 20.83 5.92
C ASP D 285 0.92 19.57 5.10
N PHE D 286 1.80 19.39 4.12
CA PHE D 286 1.80 18.21 3.25
C PHE D 286 3.17 17.54 3.37
N ILE D 287 3.37 16.85 4.49
CA ILE D 287 4.64 16.17 4.79
C ILE D 287 5.47 15.92 3.55
N SER D 288 4.98 15.03 2.71
CA SER D 288 5.66 14.71 1.48
C SER D 288 6.35 15.93 0.89
N GLN D 289 5.84 17.11 1.23
CA GLN D 289 6.38 18.33 0.71
C GLN D 289 7.50 18.92 1.54
N GLU D 290 7.20 19.41 2.74
CA GLU D 290 8.25 20.01 3.56
C GLU D 290 9.57 19.25 3.57
N ILE D 291 9.49 17.92 3.59
CA ILE D 291 10.67 17.05 3.58
C ILE D 291 11.42 17.16 2.26
N ARG D 292 10.68 17.16 1.15
CA ARG D 292 11.30 17.28 -0.16
C ARG D 292 11.76 18.71 -0.38
N ALA D 293 11.26 19.62 0.45
CA ALA D 293 11.61 21.03 0.31
C ALA D 293 12.86 21.27 1.12
N ALA D 294 12.81 20.80 2.36
CA ALA D 294 13.91 20.95 3.30
C ALA D 294 15.25 20.87 2.62
N GLU D 295 15.55 19.70 2.05
CA GLU D 295 16.83 19.44 1.40
C GLU D 295 16.98 19.78 -0.08
N ASP D 296 16.35 20.85 -0.52
CA ASP D 296 16.47 21.24 -1.92
C ASP D 296 16.01 22.67 -2.23
N PRO D 297 16.94 23.64 -2.11
CA PRO D 297 16.73 25.07 -2.36
C PRO D 297 16.24 25.36 -3.76
N GLU D 298 16.04 24.31 -4.55
CA GLU D 298 15.60 24.44 -5.93
C GLU D 298 14.16 23.94 -6.20
N PHE D 299 13.47 23.49 -5.17
CA PHE D 299 12.09 23.00 -5.32
C PHE D 299 11.13 24.01 -4.72
N GLU D 300 10.27 24.60 -5.55
CA GLU D 300 9.29 25.56 -5.06
C GLU D 300 7.95 25.25 -5.73
N THR D 301 6.90 25.19 -4.92
CA THR D 301 5.55 24.95 -5.42
C THR D 301 4.73 26.09 -4.90
N PHE D 302 3.56 26.33 -5.48
CA PHE D 302 2.75 27.40 -4.96
C PHE D 302 2.65 27.10 -3.46
N TYR D 303 2.20 25.90 -3.11
CA TYR D 303 2.10 25.50 -1.72
C TYR D 303 3.10 26.19 -0.80
N THR D 304 4.39 26.13 -1.15
CA THR D 304 5.43 26.75 -0.35
C THR D 304 5.23 28.26 -0.36
N LYS D 305 5.00 28.82 -1.55
CA LYS D 305 4.74 30.25 -1.67
C LYS D 305 3.66 30.67 -0.69
N ASN D 306 2.46 30.10 -0.85
CA ASN D 306 1.35 30.36 0.06
C ASN D 306 1.89 30.26 1.47
N LEU D 307 2.49 29.12 1.76
CA LEU D 307 3.06 28.86 3.09
C LEU D 307 3.94 29.97 3.63
N LEU D 308 4.67 30.67 2.75
CA LEU D 308 5.48 31.77 3.25
C LEU D 308 4.55 32.93 3.62
N LEU D 309 3.54 33.20 2.81
CA LEU D 309 2.61 34.26 3.13
C LEU D 309 2.28 34.17 4.62
N ASN D 310 1.67 33.06 5.01
CA ASN D 310 1.28 32.83 6.38
C ASN D 310 2.25 33.44 7.39
N GLU D 311 3.51 33.04 7.34
CA GLU D 311 4.49 33.57 8.28
C GLU D 311 4.41 35.08 8.26
N GLY D 312 4.32 35.65 7.06
CA GLY D 312 4.24 37.08 6.92
C GLY D 312 2.96 37.57 7.57
N ILE D 313 1.82 37.11 7.06
CA ILE D 313 0.55 37.50 7.61
C ILE D 313 0.41 37.00 9.04
N ARG D 314 1.52 36.77 9.73
CA ARG D 314 1.42 36.30 11.08
C ARG D 314 2.37 37.07 11.95
N ALA D 315 3.61 37.14 11.51
CA ALA D 315 4.63 37.85 12.26
C ALA D 315 4.21 39.28 12.49
N TRP D 316 3.72 39.92 11.42
CA TRP D 316 3.28 41.32 11.44
C TRP D 316 1.97 41.50 12.20
N MET D 317 1.12 40.50 12.11
CA MET D 317 -0.17 40.54 12.76
C MET D 317 -0.07 40.32 14.26
N ALA D 318 -0.22 39.06 14.65
CA ALA D 318 -0.18 38.60 16.04
C ALA D 318 0.08 39.62 17.14
N PRO D 319 1.23 40.27 17.15
CA PRO D 319 1.52 41.25 18.20
C PRO D 319 0.43 42.29 18.52
N GLN D 320 0.02 43.04 17.50
CA GLN D 320 -1.01 44.07 17.66
C GLN D 320 -2.41 43.44 17.57
N ASP D 321 -2.44 42.12 17.36
CA ASP D 321 -3.69 41.36 17.24
C ASP D 321 -3.95 40.55 18.50
N GLN D 322 -2.88 40.10 19.15
CA GLN D 322 -2.99 39.31 20.37
C GLN D 322 -2.26 40.06 21.47
N PRO D 323 -2.77 41.23 21.85
CA PRO D 323 -2.23 42.11 22.88
C PRO D 323 -1.90 41.44 24.21
N HIS D 324 -2.79 40.55 24.64
CA HIS D 324 -2.64 39.84 25.91
C HIS D 324 -1.42 38.93 26.01
N GLU D 325 -0.83 38.55 24.86
CA GLU D 325 0.37 37.73 24.88
C GLU D 325 1.54 38.62 24.49
N ASN D 326 1.66 39.74 25.23
CA ASN D 326 2.69 40.75 25.01
C ASN D 326 3.75 40.37 24.01
N PHE D 327 3.42 40.51 22.74
CA PHE D 327 4.40 40.17 21.74
C PHE D 327 5.38 41.31 21.66
N VAL D 328 6.67 40.92 21.61
CA VAL D 328 7.82 41.82 21.52
C VAL D 328 8.56 41.41 20.26
N PHE D 329 8.36 42.15 19.17
CA PHE D 329 8.98 41.78 17.93
C PHE D 329 10.02 42.74 17.34
N PRO D 330 11.32 42.47 17.57
CA PRO D 330 12.43 43.30 17.06
C PRO D 330 12.31 43.54 15.55
N GLU D 331 12.98 44.55 15.02
CA GLU D 331 12.84 44.80 13.59
C GLU D 331 13.48 43.68 12.79
N GLU D 332 14.65 43.25 13.24
CA GLU D 332 15.36 42.19 12.55
C GLU D 332 14.44 40.98 12.46
N VAL D 333 14.35 40.27 13.57
CA VAL D 333 13.53 39.05 13.70
C VAL D 333 12.40 38.88 12.69
N LEU D 334 11.61 39.93 12.53
CA LEU D 334 10.47 39.96 11.63
C LEU D 334 10.85 39.57 10.18
N PRO D 335 10.25 38.48 9.66
CA PRO D 335 10.50 37.99 8.30
C PRO D 335 9.97 38.93 7.26
N ARG D 336 10.58 38.94 6.08
CA ARG D 336 10.11 39.83 5.02
C ARG D 336 11.08 39.82 3.85
N GLY D 337 10.50 39.80 2.67
CA GLY D 337 11.30 39.76 1.47
C GLY D 337 12.41 40.76 1.39
N ASN D 338 13.12 40.67 0.29
CA ASN D 338 14.23 41.54 0.03
C ASN D 338 13.69 42.82 -0.61
N ALA D 339 14.09 43.94 -0.01
CA ALA D 339 13.72 45.28 -0.47
C ALA D 339 12.36 45.78 0.01
N LEU D 340 11.49 44.88 0.46
CA LEU D 340 10.15 45.27 0.93
C LEU D 340 10.00 45.07 2.43
N GLY E 2 -53.89 32.32 2.06
CA GLY E 2 -55.29 32.63 1.68
C GLY E 2 -56.00 33.58 2.62
N THR E 3 -56.36 33.10 3.81
CA THR E 3 -57.07 33.91 4.81
C THR E 3 -56.11 34.94 5.42
N THR E 4 -56.60 36.16 5.68
CA THR E 4 -55.75 37.22 6.24
C THR E 4 -56.40 38.21 7.24
N GLY E 5 -56.01 38.09 8.51
CA GLY E 5 -56.52 38.96 9.56
C GLY E 5 -55.77 40.27 9.54
N GLU E 6 -55.43 40.68 8.33
CA GLU E 6 -54.71 41.91 8.05
C GLU E 6 -55.38 43.17 8.57
N ARG E 7 -54.60 44.03 9.22
CA ARG E 7 -55.07 45.31 9.76
C ARG E 7 -54.83 46.39 8.68
N PRO E 8 -55.19 47.67 8.93
CA PRO E 8 -54.96 48.69 7.89
C PRO E 8 -53.65 48.59 7.11
N PHE E 9 -52.61 49.30 7.55
CA PHE E 9 -51.25 49.30 6.95
C PHE E 9 -51.04 49.89 5.55
N SER E 10 -51.36 49.12 4.50
CA SER E 10 -51.17 49.55 3.11
C SER E 10 -51.58 51.00 2.78
N ASP E 11 -51.83 51.83 3.80
CA ASP E 11 -52.22 53.24 3.61
C ASP E 11 -51.94 54.16 4.81
N ILE E 12 -51.95 53.61 6.01
CA ILE E 12 -51.76 54.37 7.23
C ILE E 12 -50.64 55.41 7.30
N ILE E 13 -49.86 55.55 6.23
CA ILE E 13 -48.79 56.55 6.17
C ILE E 13 -49.42 57.82 5.62
N THR E 14 -50.39 57.59 4.74
CA THR E 14 -51.15 58.63 4.10
C THR E 14 -52.12 59.14 5.15
N SER E 15 -52.36 58.29 6.14
CA SER E 15 -53.27 58.63 7.24
C SER E 15 -53.09 60.08 7.61
N VAL E 16 -54.18 60.83 7.53
CA VAL E 16 -54.21 62.25 7.85
C VAL E 16 -53.80 62.55 9.30
N ARG E 17 -54.19 61.68 10.22
CA ARG E 17 -53.85 61.86 11.64
C ARG E 17 -52.41 61.41 11.88
N TYR E 18 -51.97 60.42 11.11
CA TYR E 18 -50.62 59.90 11.25
C TYR E 18 -49.59 61.00 11.09
N TRP E 19 -49.39 61.49 9.86
CA TRP E 19 -48.42 62.55 9.59
C TRP E 19 -48.60 63.81 10.42
N VAL E 20 -49.42 63.69 11.47
CA VAL E 20 -49.71 64.78 12.41
C VAL E 20 -49.18 64.35 13.78
N ILE E 21 -49.81 63.36 14.38
CA ILE E 21 -49.36 62.90 15.69
C ILE E 21 -47.99 62.25 15.50
N HIS E 22 -47.47 62.33 14.28
CA HIS E 22 -46.14 61.80 13.93
C HIS E 22 -45.22 62.91 13.42
N SER E 23 -45.76 64.12 13.26
CA SER E 23 -44.96 65.25 12.84
C SER E 23 -44.46 65.82 14.16
N ILE E 24 -44.80 65.10 15.24
CA ILE E 24 -44.44 65.44 16.60
C ILE E 24 -43.57 64.34 17.23
N THR E 25 -43.89 63.09 16.92
CA THR E 25 -43.15 61.95 17.46
C THR E 25 -41.79 61.67 16.79
N ILE E 26 -41.69 61.86 15.49
CA ILE E 26 -40.42 61.63 14.81
C ILE E 26 -39.35 62.53 15.44
N PRO E 27 -39.35 63.85 15.12
CA PRO E 27 -38.36 64.78 15.67
C PRO E 27 -38.24 64.77 17.19
N ALA E 28 -39.28 64.31 17.87
CA ALA E 28 -39.26 64.26 19.32
C ALA E 28 -38.46 63.04 19.72
N LEU E 29 -38.21 62.15 18.76
CA LEU E 29 -37.45 60.95 19.01
C LEU E 29 -36.03 61.19 18.54
N PHE E 30 -35.92 61.81 17.37
CA PHE E 30 -34.64 62.18 16.79
C PHE E 30 -33.82 62.85 17.90
N ILE E 31 -34.10 64.13 18.19
CA ILE E 31 -33.37 64.86 19.23
C ILE E 31 -33.28 64.15 20.58
N ALA E 32 -34.27 63.33 20.90
CA ALA E 32 -34.27 62.62 22.17
C ALA E 32 -32.94 61.92 22.32
N GLY E 33 -32.57 61.17 21.29
CA GLY E 33 -31.32 60.45 21.34
C GLY E 33 -30.14 61.36 21.18
N TRP E 34 -30.19 62.20 20.14
CA TRP E 34 -29.13 63.14 19.83
C TRP E 34 -28.59 63.79 21.09
N LEU E 35 -29.43 63.85 22.12
CA LEU E 35 -29.02 64.43 23.39
C LEU E 35 -28.26 63.37 24.17
N PHE E 36 -28.75 62.13 24.08
CA PHE E 36 -28.12 60.99 24.75
C PHE E 36 -26.67 61.03 24.28
N VAL E 37 -26.48 61.70 23.16
CA VAL E 37 -25.17 61.88 22.55
C VAL E 37 -24.61 63.25 22.90
N SER E 38 -25.30 64.32 22.49
CA SER E 38 -24.84 65.68 22.76
C SER E 38 -24.52 65.99 24.22
N THR E 39 -25.02 65.17 25.12
CA THR E 39 -24.77 65.35 26.54
C THR E 39 -23.40 64.79 26.87
N GLY E 40 -23.19 63.58 26.37
CA GLY E 40 -21.97 62.85 26.62
C GLY E 40 -22.40 61.66 27.46
N LEU E 41 -23.70 61.61 27.78
CA LEU E 41 -24.26 60.52 28.56
C LEU E 41 -23.73 59.22 27.98
N ALA E 42 -24.01 59.00 26.69
CA ALA E 42 -23.59 57.79 25.98
C ALA E 42 -22.37 57.21 26.68
N TYR E 43 -21.26 57.95 26.63
CA TYR E 43 -20.03 57.50 27.27
C TYR E 43 -20.38 56.85 28.60
N ASP E 44 -20.55 57.71 29.60
CA ASP E 44 -20.89 57.30 30.95
C ASP E 44 -21.82 56.09 31.01
N VAL E 45 -22.56 55.83 29.92
CA VAL E 45 -23.51 54.71 29.85
C VAL E 45 -22.81 53.38 29.63
N PHE E 46 -22.04 53.34 28.56
CA PHE E 46 -21.31 52.17 28.16
C PHE E 46 -19.85 52.27 28.59
N GLY E 47 -19.46 53.45 29.04
CA GLY E 47 -18.10 53.66 29.51
C GLY E 47 -17.18 54.16 28.42
N THR E 48 -17.69 54.17 27.19
CA THR E 48 -16.91 54.60 26.05
C THR E 48 -16.11 55.84 26.40
N PRO E 49 -14.86 55.87 25.96
CA PRO E 49 -13.95 56.98 26.23
C PRO E 49 -14.14 58.27 25.43
N ARG E 50 -13.87 59.39 26.10
CA ARG E 50 -13.94 60.69 25.43
C ARG E 50 -12.67 60.59 24.62
N PRO E 51 -12.65 61.12 23.41
CA PRO E 51 -11.43 61.04 22.62
C PRO E 51 -10.17 61.48 23.36
N ASP E 52 -10.32 61.99 24.56
CA ASP E 52 -9.14 62.42 25.30
C ASP E 52 -8.81 61.37 26.35
N SER E 53 -9.80 60.54 26.66
CA SER E 53 -9.61 59.51 27.65
C SER E 53 -9.44 58.10 27.11
N TYR E 54 -8.34 57.89 26.39
CA TYR E 54 -7.98 56.59 25.84
C TYR E 54 -6.68 56.25 26.57
N TYR E 55 -5.63 57.01 26.26
CA TYR E 55 -4.34 56.86 26.93
C TYR E 55 -4.34 58.03 27.91
N ALA E 56 -3.65 57.89 29.04
CA ALA E 56 -3.58 59.02 29.98
C ALA E 56 -2.83 60.10 29.21
N GLN E 57 -2.76 61.32 29.72
CA GLN E 57 -2.06 62.39 28.98
C GLN E 57 -0.66 61.95 28.58
N GLU E 58 -0.09 61.00 29.31
CA GLU E 58 1.25 60.54 28.99
C GLU E 58 1.39 59.05 28.64
N GLN E 59 1.72 58.20 29.62
CA GLN E 59 1.92 56.75 29.42
C GLN E 59 1.31 56.18 28.13
N ARG E 60 2.05 55.29 27.47
CA ARG E 60 1.63 54.69 26.19
C ARG E 60 1.15 53.23 26.22
N SER E 61 0.84 52.72 27.40
CA SER E 61 0.34 51.35 27.52
C SER E 61 -1.14 51.36 27.11
N ILE E 62 -1.80 50.21 27.24
CA ILE E 62 -3.23 50.09 26.94
C ILE E 62 -3.88 49.36 28.10
N PRO E 63 -4.94 49.92 28.70
CA PRO E 63 -5.59 49.25 29.83
C PRO E 63 -6.23 47.89 29.53
N LEU E 64 -5.40 46.93 29.14
CA LEU E 64 -5.84 45.58 28.84
C LEU E 64 -6.21 44.82 30.11
N VAL E 65 -7.42 44.29 30.13
CA VAL E 65 -7.89 43.56 31.28
C VAL E 65 -7.04 42.34 31.56
N THR E 66 -6.24 42.46 32.62
CA THR E 66 -5.30 41.45 33.05
C THR E 66 -5.82 40.08 33.51
N ASP E 67 -6.59 40.07 34.59
CA ASP E 67 -7.13 38.83 35.12
C ASP E 67 -8.58 38.63 34.65
N ARG E 68 -9.30 37.72 35.31
CA ARG E 68 -10.68 37.39 34.95
C ARG E 68 -11.76 37.53 36.04
N PHE E 69 -11.39 37.26 37.28
CA PHE E 69 -12.30 37.31 38.41
C PHE E 69 -12.48 38.71 39.01
N GLU E 70 -11.43 39.53 38.93
CA GLU E 70 -11.44 40.87 39.51
C GLU E 70 -11.36 41.91 38.40
N ALA E 71 -11.67 41.48 37.18
CA ALA E 71 -11.60 42.36 36.03
C ALA E 71 -12.00 43.79 36.37
N LYS E 72 -13.25 43.98 36.78
CA LYS E 72 -13.76 45.30 37.11
C LYS E 72 -12.77 46.15 37.88
N GLN E 73 -12.24 45.62 38.98
CA GLN E 73 -11.27 46.34 39.78
C GLN E 73 -10.19 46.95 38.88
N GLN E 74 -9.61 46.12 38.03
CA GLN E 74 -8.58 46.61 37.11
C GLN E 74 -9.15 47.84 36.45
N VAL E 75 -10.18 47.63 35.64
CA VAL E 75 -10.84 48.70 34.92
C VAL E 75 -10.96 49.91 35.81
N GLU E 76 -11.32 49.68 37.06
CA GLU E 76 -11.49 50.75 38.05
C GLU E 76 -10.26 51.64 38.07
N THR E 77 -9.16 51.08 38.55
CA THR E 77 -7.90 51.80 38.65
C THR E 77 -7.39 52.21 37.27
N PHE E 78 -7.68 51.36 36.27
CA PHE E 78 -7.27 51.62 34.89
C PHE E 78 -8.04 52.80 34.33
N LEU E 79 -9.18 53.08 34.97
CA LEU E 79 -10.02 54.19 34.56
C LEU E 79 -9.54 55.45 35.25
N GLU E 80 -9.62 55.48 36.58
CA GLU E 80 -9.18 56.67 37.33
C GLU E 80 -7.83 57.11 36.75
N GLN E 81 -7.05 56.13 36.28
CA GLN E 81 -5.73 56.34 35.72
C GLN E 81 -5.59 57.72 35.05
N LEU E 82 -5.79 57.75 33.74
CA LEU E 82 -5.67 58.99 32.94
C LEU E 82 -5.76 60.30 33.68
N LYS E 83 -6.68 60.40 34.63
CA LYS E 83 -6.86 61.64 35.39
C LYS E 83 -6.91 62.80 34.42
N VAL F 10 -64.11 49.21 6.95
CA VAL F 10 -64.36 48.10 7.92
C VAL F 10 -64.04 48.58 9.34
N SER F 11 -64.11 47.67 10.31
CA SER F 11 -63.84 47.99 11.72
C SER F 11 -62.39 47.58 12.15
N TYR F 12 -61.45 48.52 12.06
CA TYR F 12 -60.04 48.30 12.38
C TYR F 12 -59.53 48.98 13.68
N PRO F 13 -58.57 48.33 14.38
CA PRO F 13 -57.94 48.82 15.63
C PRO F 13 -56.53 49.37 15.32
N ILE F 14 -55.88 49.97 16.31
CA ILE F 14 -54.52 50.52 16.13
C ILE F 14 -53.50 49.85 17.05
N PHE F 15 -53.96 49.35 18.20
CA PHE F 15 -53.12 48.68 19.17
C PHE F 15 -53.08 47.16 18.94
N THR F 16 -52.63 46.80 17.74
CA THR F 16 -52.49 45.41 17.27
C THR F 16 -51.03 44.93 17.41
N VAL F 17 -50.81 43.63 17.43
CA VAL F 17 -49.44 43.11 17.56
C VAL F 17 -48.59 43.55 16.36
N ARG F 18 -49.16 43.48 15.15
CA ARG F 18 -48.47 43.90 13.95
C ARG F 18 -48.05 45.37 14.14
N TRP F 19 -48.35 45.91 15.32
CA TRP F 19 -47.98 47.28 15.69
C TRP F 19 -46.86 47.23 16.73
N VAL F 20 -47.07 46.45 17.79
CA VAL F 20 -46.08 46.32 18.86
C VAL F 20 -44.75 46.00 18.18
N ALA F 21 -44.78 45.04 17.26
CA ALA F 21 -43.60 44.67 16.51
C ALA F 21 -42.97 45.93 15.93
N VAL F 22 -43.68 46.60 15.02
CA VAL F 22 -43.15 47.79 14.38
C VAL F 22 -42.46 48.72 15.36
N HIS F 23 -43.11 49.02 16.48
CA HIS F 23 -42.53 49.92 17.47
C HIS F 23 -41.44 49.35 18.34
N THR F 24 -41.09 48.10 18.11
CA THR F 24 -40.03 47.52 18.90
C THR F 24 -38.77 48.11 18.30
N LEU F 25 -38.47 47.73 17.07
CA LEU F 25 -37.27 48.19 16.39
C LEU F 25 -37.35 49.56 15.74
N ALA F 26 -38.54 49.97 15.33
CA ALA F 26 -38.71 51.25 14.64
C ALA F 26 -38.31 52.54 15.39
N VAL F 27 -38.87 52.74 16.59
CA VAL F 27 -38.57 53.94 17.35
C VAL F 27 -37.16 54.05 17.92
N PRO F 28 -36.58 52.94 18.43
CA PRO F 28 -35.23 53.08 18.97
C PRO F 28 -34.31 53.55 17.86
N THR F 29 -34.57 52.99 16.68
CA THR F 29 -33.81 53.30 15.49
C THR F 29 -33.92 54.79 15.13
N ILE F 30 -35.14 55.32 15.09
CA ILE F 30 -35.28 56.74 14.76
C ILE F 30 -34.54 57.54 15.83
N PHE F 31 -34.27 56.87 16.94
CA PHE F 31 -33.55 57.46 18.07
C PHE F 31 -32.08 57.34 17.73
N PHE F 32 -31.67 56.12 17.38
CA PHE F 32 -30.27 55.80 17.04
C PHE F 32 -29.72 56.70 15.95
N LEU F 33 -30.40 56.72 14.82
CA LEU F 33 -29.97 57.58 13.73
C LEU F 33 -29.93 59.01 14.28
N GLY F 34 -30.87 59.37 15.14
CA GLY F 34 -30.87 60.72 15.67
C GLY F 34 -29.64 60.95 16.53
N ALA F 35 -29.30 59.94 17.31
CA ALA F 35 -28.13 60.03 18.18
C ALA F 35 -26.88 60.14 17.32
N ILE F 36 -26.94 59.54 16.15
CA ILE F 36 -25.82 59.53 15.22
C ILE F 36 -25.30 60.90 14.76
N ALA F 37 -26.18 61.87 14.56
CA ALA F 37 -25.78 63.20 14.07
C ALA F 37 -24.84 63.85 15.07
N ALA F 38 -25.17 63.63 16.34
CA ALA F 38 -24.37 64.14 17.42
C ALA F 38 -23.02 63.46 17.25
N MET F 39 -23.03 62.18 16.89
CA MET F 39 -21.78 61.43 16.74
C MET F 39 -20.91 62.05 15.65
N GLN F 40 -21.54 62.55 14.59
CA GLN F 40 -20.76 63.14 13.51
C GLN F 40 -20.53 64.65 13.57
N PHE F 41 -20.89 65.28 14.68
CA PHE F 41 -20.29 66.60 15.00
C PHE F 41 -18.94 66.65 15.79
N ILE F 42 -18.78 65.72 16.73
CA ILE F 42 -17.80 65.67 17.84
C ILE F 42 -16.38 65.71 17.30
N GLN F 43 -15.41 66.10 18.13
CA GLN F 43 -14.05 66.15 17.66
C GLN F 43 -12.95 66.30 18.69
N ARG F 44 -11.75 66.55 18.17
CA ARG F 44 -10.50 66.69 18.91
C ARG F 44 -9.82 65.32 18.89
N ALA G 1 -47.93 -16.10 14.55
CA ALA G 1 -47.40 -15.93 15.93
C ALA G 1 -46.91 -17.28 16.43
N ARG G 2 -45.61 -17.40 16.64
CA ARG G 2 -45.00 -18.64 17.12
C ARG G 2 -44.80 -18.65 18.64
N ARG G 3 -45.10 -19.79 19.26
CA ARG G 3 -44.96 -19.93 20.71
C ARG G 3 -43.49 -19.87 21.14
N THR G 4 -43.27 -19.61 22.42
CA THR G 4 -41.92 -19.48 22.95
C THR G 4 -41.90 -19.52 24.46
N TRP G 5 -41.03 -20.35 25.03
CA TRP G 5 -40.95 -20.45 26.49
C TRP G 5 -40.84 -19.05 27.10
N LEU G 6 -39.62 -18.54 27.12
CA LEU G 6 -39.34 -17.22 27.64
C LEU G 6 -40.41 -16.21 27.17
N GLY G 7 -40.86 -16.39 25.92
CA GLY G 7 -41.84 -15.50 25.31
C GLY G 7 -43.17 -15.35 26.00
N ASP G 8 -43.78 -16.47 26.34
CA ASP G 8 -45.04 -16.40 27.03
C ASP G 8 -44.82 -15.54 28.27
N ILE G 9 -43.67 -15.70 28.91
CA ILE G 9 -43.34 -14.96 30.12
C ILE G 9 -42.93 -13.52 29.92
N LEU G 10 -42.97 -13.06 28.68
CA LEU G 10 -42.60 -11.67 28.40
C LEU G 10 -43.83 -10.77 28.28
N ARG G 11 -44.72 -11.04 27.33
CA ARG G 11 -45.93 -10.25 27.28
C ARG G 11 -46.56 -10.72 28.60
N PRO G 12 -47.51 -9.99 29.18
CA PRO G 12 -48.20 -8.71 28.91
C PRO G 12 -47.29 -7.53 28.75
N LEU G 13 -46.12 -7.60 29.37
CA LEU G 13 -45.18 -6.51 29.32
C LEU G 13 -45.26 -5.80 27.96
N ASN G 14 -45.53 -6.57 26.91
CA ASN G 14 -45.63 -6.00 25.56
C ASN G 14 -47.07 -5.64 25.17
N SER G 15 -48.03 -6.36 25.74
CA SER G 15 -49.46 -6.16 25.42
C SER G 15 -50.15 -4.81 25.62
N GLU G 16 -50.06 -4.22 26.82
CA GLU G 16 -50.72 -2.94 27.10
C GLU G 16 -50.32 -1.79 26.16
N TYR G 17 -50.51 -2.02 24.86
CA TYR G 17 -50.18 -1.09 23.78
C TYR G 17 -50.62 0.35 24.02
N GLY G 18 -51.62 0.80 23.27
CA GLY G 18 -52.11 2.16 23.41
C GLY G 18 -52.66 2.46 24.80
N LYS G 19 -51.83 2.19 25.80
CA LYS G 19 -52.15 2.40 27.22
C LYS G 19 -52.15 3.89 27.59
N VAL G 20 -52.95 4.68 26.86
CA VAL G 20 -53.05 6.12 27.06
C VAL G 20 -53.61 6.42 28.45
N ALA G 21 -53.58 7.68 28.86
CA ALA G 21 -54.11 8.07 30.18
C ALA G 21 -55.05 9.26 30.02
N PRO G 22 -55.75 9.63 31.10
CA PRO G 22 -56.70 10.75 31.09
C PRO G 22 -56.14 12.16 30.75
N GLY G 23 -56.48 12.67 29.58
CA GLY G 23 -55.99 14.00 29.20
C GLY G 23 -54.49 14.07 29.39
N TRP G 24 -53.91 15.27 29.48
CA TRP G 24 -52.47 15.34 29.69
C TRP G 24 -52.18 14.95 31.15
N GLY G 25 -53.25 14.90 31.95
CA GLY G 25 -53.19 14.52 33.35
C GLY G 25 -51.95 14.64 34.24
N THR G 26 -50.93 13.80 34.02
CA THR G 26 -49.74 13.80 34.86
C THR G 26 -48.60 14.75 34.43
N THR G 27 -48.84 15.49 33.35
CA THR G 27 -47.85 16.41 32.83
C THR G 27 -47.25 17.38 33.86
N PRO G 28 -48.09 18.24 34.48
CA PRO G 28 -47.50 19.17 35.46
C PRO G 28 -46.49 18.60 36.45
N LEU G 29 -46.74 17.40 36.98
CA LEU G 29 -45.79 16.82 37.93
C LEU G 29 -44.46 16.59 37.25
N MET G 30 -44.51 16.34 35.94
CA MET G 30 -43.31 16.12 35.13
C MET G 30 -42.48 17.40 34.93
N ALA G 31 -43.06 18.37 34.23
CA ALA G 31 -42.41 19.66 33.94
C ALA G 31 -41.99 20.42 35.20
N VAL G 32 -42.28 19.84 36.36
CA VAL G 32 -41.89 20.43 37.65
C VAL G 32 -40.59 19.77 38.08
N PHE G 33 -40.28 18.62 37.50
CA PHE G 33 -39.02 17.96 37.80
C PHE G 33 -37.99 18.53 36.83
N MET G 34 -38.47 18.98 35.66
CA MET G 34 -37.61 19.62 34.63
C MET G 34 -37.20 20.99 35.12
N GLY G 35 -38.10 21.65 35.83
CA GLY G 35 -37.80 22.97 36.36
C GLY G 35 -36.60 22.83 37.26
N LEU G 36 -36.64 21.78 38.09
CA LEU G 36 -35.55 21.50 39.01
C LEU G 36 -34.31 21.03 38.27
N PHE G 37 -34.52 20.37 37.15
CA PHE G 37 -33.42 19.86 36.35
C PHE G 37 -32.72 20.94 35.54
N LEU G 38 -33.48 21.60 34.68
CA LEU G 38 -32.93 22.65 33.86
C LEU G 38 -32.14 23.63 34.68
N VAL G 39 -32.57 23.85 35.92
CA VAL G 39 -31.84 24.77 36.78
C VAL G 39 -30.57 24.00 37.14
N PHE G 40 -30.78 22.75 37.55
CA PHE G 40 -29.69 21.85 37.91
C PHE G 40 -28.63 21.98 36.86
N LEU G 41 -28.90 21.45 35.67
CA LEU G 41 -27.91 21.55 34.61
C LEU G 41 -27.27 22.92 34.64
N LEU G 42 -28.08 23.98 34.66
CA LEU G 42 -27.53 25.31 34.66
C LEU G 42 -26.66 25.66 35.88
N ILE G 43 -26.98 25.10 37.05
CA ILE G 43 -26.17 25.40 38.23
C ILE G 43 -24.73 24.85 38.15
N ILE G 44 -24.53 23.71 37.48
CA ILE G 44 -23.19 23.14 37.34
C ILE G 44 -22.54 23.86 36.17
N LEU G 45 -23.35 24.13 35.17
CA LEU G 45 -22.87 24.80 33.98
C LEU G 45 -22.17 26.07 34.38
N GLU G 46 -22.75 26.79 35.33
CA GLU G 46 -22.17 28.03 35.80
C GLU G 46 -21.03 27.81 36.82
N ILE G 47 -20.87 26.59 37.34
CA ILE G 47 -19.77 26.32 38.28
C ILE G 47 -18.56 25.92 37.45
N TYR G 48 -18.82 25.17 36.38
CA TYR G 48 -17.77 24.72 35.48
C TYR G 48 -17.29 25.96 34.74
N ASN G 49 -18.22 26.70 34.18
CA ASN G 49 -17.87 27.90 33.42
C ASN G 49 -17.14 28.94 34.26
N SER G 50 -16.88 28.60 35.51
CA SER G 50 -16.20 29.51 36.42
C SER G 50 -16.88 30.88 36.58
N THR G 51 -18.15 30.83 37.00
CA THR G 51 -18.98 32.01 37.23
C THR G 51 -19.65 31.80 38.58
N LEU G 52 -19.81 30.53 38.93
CA LEU G 52 -20.43 30.17 40.20
C LEU G 52 -19.39 29.57 41.14
N ILE G 53 -18.58 30.45 41.72
CA ILE G 53 -17.53 30.06 42.65
C ILE G 53 -18.15 29.73 44.02
N LEU G 54 -18.17 28.44 44.35
CA LEU G 54 -18.75 28.01 45.62
C LEU G 54 -17.67 27.91 46.68
N ASP G 55 -18.07 27.91 47.96
CA ASP G 55 -17.10 27.83 49.04
C ASP G 55 -16.42 26.48 49.06
N GLY G 56 -15.09 26.47 49.18
CA GLY G 56 -14.39 25.19 49.18
C GLY G 56 -14.74 24.39 47.94
N VAL G 57 -14.45 24.97 46.78
CA VAL G 57 -14.71 24.35 45.48
C VAL G 57 -13.73 24.91 44.45
N ASN G 58 -12.53 24.32 44.44
CA ASN G 58 -11.45 24.70 43.52
C ASN G 58 -11.59 23.84 42.26
N VAL G 59 -12.18 24.41 41.21
CA VAL G 59 -12.38 23.67 39.96
C VAL G 59 -11.07 23.48 39.19
N SER G 60 -10.12 22.77 39.79
CA SER G 60 -8.83 22.53 39.13
C SER G 60 -8.39 21.07 39.25
N TRP G 61 -7.27 20.74 38.61
CA TRP G 61 -6.74 19.38 38.70
C TRP G 61 -6.41 19.20 40.17
N LYS G 62 -6.06 20.33 40.79
CA LYS G 62 -5.73 20.40 42.20
C LYS G 62 -6.98 20.24 43.08
N ALA G 63 -7.63 19.09 42.99
CA ALA G 63 -8.82 18.80 43.79
C ALA G 63 -8.35 18.10 45.07
N LEU G 64 -7.64 16.99 44.89
CA LEU G 64 -7.08 16.17 45.98
C LEU G 64 -5.81 16.84 46.55
N MET H 1 10.48 25.79 -36.46
CA MET H 1 9.31 26.40 -35.74
C MET H 1 8.40 27.14 -36.72
N GLU H 2 8.94 28.20 -37.30
CA GLU H 2 8.25 29.04 -38.28
C GLU H 2 7.27 28.27 -39.17
N THR H 3 7.63 27.06 -39.58
CA THR H 3 6.78 26.23 -40.43
C THR H 3 5.44 25.97 -39.76
N LEU H 4 5.49 25.77 -38.46
CA LEU H 4 4.28 25.50 -37.72
C LEU H 4 3.39 26.71 -37.72
N LYS H 5 3.98 27.90 -37.57
CA LYS H 5 3.23 29.16 -37.51
C LYS H 5 2.09 29.12 -38.49
N ILE H 6 2.43 29.24 -39.77
CA ILE H 6 1.45 29.22 -40.84
C ILE H 6 0.40 28.12 -40.73
N THR H 7 0.86 26.90 -40.54
CA THR H 7 -0.07 25.79 -40.40
C THR H 7 -1.15 26.24 -39.44
N VAL H 8 -0.71 26.76 -38.31
CA VAL H 8 -1.59 27.23 -37.27
C VAL H 8 -2.49 28.35 -37.75
N TYR H 9 -1.91 29.37 -38.39
CA TYR H 9 -2.70 30.50 -38.91
C TYR H 9 -3.76 29.97 -39.88
N ILE H 10 -3.32 29.24 -40.90
CA ILE H 10 -4.24 28.67 -41.88
C ILE H 10 -5.45 28.16 -41.14
N VAL H 11 -5.25 27.15 -40.31
CA VAL H 11 -6.34 26.57 -39.54
C VAL H 11 -7.27 27.63 -38.99
N VAL H 12 -6.68 28.53 -38.19
CA VAL H 12 -7.43 29.62 -37.58
C VAL H 12 -8.28 30.27 -38.65
N THR H 13 -7.64 30.68 -39.73
CA THR H 13 -8.33 31.33 -40.84
C THR H 13 -9.44 30.44 -41.37
N PHE H 14 -9.07 29.29 -41.92
CA PHE H 14 -10.02 28.33 -42.47
C PHE H 14 -11.31 28.34 -41.65
N PHE H 15 -11.19 28.47 -40.34
CA PHE H 15 -12.36 28.47 -39.49
C PHE H 15 -13.13 29.76 -39.45
N VAL H 16 -12.50 30.84 -39.00
CA VAL H 16 -13.22 32.10 -38.94
C VAL H 16 -14.08 32.22 -40.19
N LEU H 17 -13.45 32.01 -41.35
CA LEU H 17 -14.14 32.08 -42.62
C LEU H 17 -15.37 31.22 -42.52
N LEU H 18 -15.20 30.03 -41.96
CA LEU H 18 -16.30 29.12 -41.77
C LEU H 18 -17.26 29.80 -40.82
N PHE H 19 -16.74 30.53 -39.83
CA PHE H 19 -17.63 31.18 -38.88
C PHE H 19 -18.39 32.32 -39.49
N VAL H 20 -17.66 33.20 -40.18
CA VAL H 20 -18.25 34.35 -40.84
C VAL H 20 -19.08 33.97 -42.07
N PHE H 21 -18.44 33.42 -43.10
CA PHE H 21 -19.14 32.99 -44.30
C PHE H 21 -20.34 32.15 -43.92
N GLY H 22 -20.16 31.33 -42.89
CA GLY H 22 -21.22 30.44 -42.45
C GLY H 22 -22.40 31.14 -41.81
N PHE H 23 -22.14 31.96 -40.81
CA PHE H 23 -23.23 32.66 -40.14
C PHE H 23 -24.03 33.54 -41.08
N LEU H 24 -23.50 33.81 -42.25
CA LEU H 24 -24.20 34.66 -43.22
C LEU H 24 -25.47 34.07 -43.88
N SER H 25 -25.33 33.34 -44.99
CA SER H 25 -26.50 32.78 -45.70
C SER H 25 -27.36 31.76 -44.93
N GLY H 26 -28.67 32.02 -44.91
CA GLY H 26 -29.63 31.16 -44.23
C GLY H 26 -29.54 31.25 -42.72
N ASP H 27 -29.71 32.45 -42.19
CA ASP H 27 -29.62 32.65 -40.75
C ASP H 27 -30.81 33.31 -40.05
N PRO H 28 -31.15 34.56 -40.42
CA PRO H 28 -32.27 35.28 -39.81
C PRO H 28 -33.55 34.48 -39.89
N ALA H 29 -33.43 33.33 -40.54
CA ALA H 29 -34.53 32.40 -40.75
C ALA H 29 -34.32 31.13 -39.95
N ARG H 30 -33.10 30.93 -39.47
CA ARG H 30 -32.75 29.74 -38.69
C ARG H 30 -33.48 29.64 -37.35
N ASN H 31 -34.73 29.18 -37.38
CA ASN H 31 -35.52 29.02 -36.16
C ASN H 31 -36.74 28.17 -36.48
N PRO H 32 -37.74 28.11 -35.58
CA PRO H 32 -38.89 27.29 -35.92
C PRO H 32 -39.85 27.94 -36.92
N LYS H 33 -40.18 29.22 -36.70
CA LYS H 33 -41.09 29.95 -37.57
C LYS H 33 -40.99 31.43 -37.22
N ARG H 34 -41.32 32.31 -38.18
CA ARG H 34 -41.27 33.78 -38.01
C ARG H 34 -42.64 34.51 -37.95
N LYS H 35 -43.13 34.78 -36.72
CA LYS H 35 -44.40 35.49 -36.52
C LYS H 35 -44.17 36.84 -35.80
N ARG I 7 -55.12 61.30 3.83
CA ARG I 7 -55.37 61.50 2.38
C ARG I 7 -54.15 62.04 1.65
N ILE I 8 -53.09 62.37 2.40
CA ILE I 8 -51.86 62.91 1.83
C ILE I 8 -51.45 62.00 0.66
N PRO I 9 -51.12 62.60 -0.50
CA PRO I 9 -50.73 61.81 -1.68
C PRO I 9 -49.71 60.71 -1.42
N LEU I 10 -50.19 59.47 -1.48
CA LEU I 10 -49.36 58.29 -1.25
C LEU I 10 -48.00 58.49 -1.93
N TRP I 11 -47.99 59.24 -3.02
CA TRP I 11 -46.75 59.50 -3.72
C TRP I 11 -45.86 60.38 -2.85
N ILE I 12 -46.36 61.55 -2.44
CA ILE I 12 -45.56 62.44 -1.62
C ILE I 12 -45.13 61.78 -0.30
N VAL I 13 -45.82 60.74 0.13
CA VAL I 13 -45.44 60.07 1.37
C VAL I 13 -44.08 59.40 1.10
N ALA I 14 -43.89 58.99 -0.14
CA ALA I 14 -42.67 58.31 -0.59
C ALA I 14 -41.52 59.20 -1.04
N THR I 15 -41.82 60.44 -1.41
CA THR I 15 -40.75 61.32 -1.82
C THR I 15 -40.18 62.09 -0.63
N VAL I 16 -41.05 62.53 0.27
CA VAL I 16 -40.58 63.27 1.42
C VAL I 16 -39.65 62.41 2.26
N ALA I 17 -40.01 61.13 2.38
CA ALA I 17 -39.21 60.18 3.16
C ALA I 17 -37.93 59.77 2.41
N GLY I 18 -38.07 59.41 1.14
CA GLY I 18 -36.92 58.99 0.34
C GLY I 18 -35.83 60.05 0.32
N MET I 19 -36.06 61.11 1.09
CA MET I 19 -35.12 62.19 1.21
C MET I 19 -34.54 62.01 2.60
N GLY I 20 -35.37 61.50 3.51
CA GLY I 20 -34.94 61.28 4.88
C GLY I 20 -33.67 60.46 4.92
N VAL I 21 -33.64 59.39 4.15
CA VAL I 21 -32.45 58.56 4.11
C VAL I 21 -31.44 59.29 3.23
N ILE I 22 -31.90 59.68 2.04
CA ILE I 22 -31.10 60.42 1.06
C ILE I 22 -30.43 61.64 1.68
N VAL I 23 -31.04 62.21 2.72
CA VAL I 23 -30.47 63.38 3.34
C VAL I 23 -29.66 63.02 4.58
N ILE I 24 -30.14 62.06 5.37
CA ILE I 24 -29.43 61.69 6.59
C ILE I 24 -28.12 61.00 6.27
N VAL I 25 -28.14 60.12 5.26
CA VAL I 25 -26.93 59.41 4.86
C VAL I 25 -25.92 60.42 4.30
N GLY I 26 -26.44 61.59 3.94
CA GLY I 26 -25.61 62.67 3.42
C GLY I 26 -24.88 63.36 4.54
N LEU I 27 -25.50 63.42 5.72
CA LEU I 27 -24.84 63.98 6.87
C LEU I 27 -23.81 62.96 7.25
N PHE I 28 -24.24 61.72 7.22
CA PHE I 28 -23.38 60.60 7.57
C PHE I 28 -22.13 60.69 6.73
N PHE I 29 -22.32 60.72 5.41
CA PHE I 29 -21.17 60.78 4.54
C PHE I 29 -20.28 62.01 4.73
N TYR I 30 -20.80 63.08 5.32
CA TYR I 30 -19.97 64.25 5.57
C TYR I 30 -19.10 63.98 6.80
N GLY I 31 -19.76 63.60 7.90
CA GLY I 31 -19.08 63.32 9.16
C GLY I 31 -17.89 62.39 9.06
N ALA I 32 -17.64 61.92 7.84
CA ALA I 32 -16.53 61.03 7.52
C ALA I 32 -15.40 61.83 6.89
N TYR I 33 -15.62 63.13 6.76
CA TYR I 33 -14.63 64.02 6.19
C TYR I 33 -14.21 65.11 7.18
N ALA I 34 -14.69 64.99 8.41
CA ALA I 34 -14.36 65.94 9.47
C ALA I 34 -14.69 65.40 10.85
N GLY I 35 -15.43 64.29 10.88
CA GLY I 35 -15.84 63.68 12.14
C GLY I 35 -14.75 63.36 13.14
N LEU I 36 -15.06 62.43 14.03
CA LEU I 36 -14.09 62.00 15.03
C LEU I 36 -13.32 60.90 14.28
N GLY I 37 -13.99 60.30 13.30
CA GLY I 37 -13.40 59.26 12.49
C GLY I 37 -12.81 59.78 11.20
N SER I 38 -12.26 60.98 11.26
CA SER I 38 -11.63 61.60 10.10
C SER I 38 -10.23 61.06 10.06
N SER I 39 -9.42 61.56 9.14
CA SER I 39 -8.05 61.10 9.05
C SER I 39 -7.15 62.15 9.67
N LEU I 40 -7.75 63.20 10.21
CA LEU I 40 -7.01 64.31 10.81
C LEU I 40 -7.22 64.45 12.31
N LYS J 1 -11.31 79.82 -7.14
CA LYS J 1 -10.63 80.08 -8.44
C LYS J 1 -11.58 80.39 -9.60
N LEU J 2 -12.80 80.82 -9.28
CA LEU J 2 -13.79 81.20 -10.30
C LEU J 2 -13.52 82.68 -10.59
N PRO J 3 -13.18 83.04 -11.83
CA PRO J 3 -12.90 84.42 -12.20
C PRO J 3 -13.60 85.48 -11.33
N GLU J 4 -12.80 86.13 -10.47
CA GLU J 4 -13.24 87.18 -9.53
C GLU J 4 -14.71 87.58 -9.43
N ALA J 5 -15.16 88.41 -10.36
CA ALA J 5 -16.53 88.89 -10.36
C ALA J 5 -17.58 87.80 -10.11
N TYR J 6 -17.21 86.55 -10.39
CA TYR J 6 -18.11 85.39 -10.21
C TYR J 6 -17.93 84.65 -8.88
N ALA J 7 -16.99 85.10 -8.05
CA ALA J 7 -16.75 84.45 -6.77
C ALA J 7 -18.05 84.31 -6.01
N ILE J 8 -18.86 85.36 -6.06
CA ILE J 8 -20.13 85.38 -5.38
C ILE J 8 -20.94 84.13 -5.77
N PHE J 9 -20.54 83.53 -6.88
CA PHE J 9 -21.24 82.35 -7.41
C PHE J 9 -20.68 80.95 -7.19
N ASP J 10 -19.39 80.83 -6.90
CA ASP J 10 -18.84 79.49 -6.68
C ASP J 10 -19.80 78.75 -5.71
N PRO J 11 -20.35 79.47 -4.72
CA PRO J 11 -21.28 78.85 -3.76
C PRO J 11 -22.31 77.94 -4.41
N LEU J 12 -22.80 78.33 -5.58
CA LEU J 12 -23.79 77.52 -6.27
C LEU J 12 -23.15 76.53 -7.20
N VAL J 13 -22.39 77.04 -8.17
CA VAL J 13 -21.72 76.18 -9.15
C VAL J 13 -21.11 74.98 -8.45
N ASP J 14 -20.70 75.17 -7.21
CA ASP J 14 -20.11 74.08 -6.43
C ASP J 14 -21.08 72.89 -6.33
N VAL J 15 -22.38 73.13 -6.50
CA VAL J 15 -23.39 72.06 -6.44
C VAL J 15 -24.03 71.83 -7.83
N LEU J 16 -23.47 72.50 -8.83
CA LEU J 16 -23.96 72.42 -10.19
C LEU J 16 -24.00 71.01 -10.81
N PRO J 17 -22.84 70.39 -11.05
CA PRO J 17 -22.77 69.04 -11.66
C PRO J 17 -23.66 67.97 -11.08
N VAL J 18 -23.71 67.88 -9.75
CA VAL J 18 -24.51 66.87 -9.05
C VAL J 18 -25.97 66.91 -9.45
N ILE J 19 -26.33 67.62 -10.52
CA ILE J 19 -27.71 67.54 -11.12
C ILE J 19 -28.19 66.24 -11.83
N PRO J 20 -27.24 65.66 -12.57
CA PRO J 20 -27.48 64.57 -13.51
C PRO J 20 -28.00 63.34 -12.80
N VAL J 21 -27.47 63.08 -11.62
CA VAL J 21 -27.91 61.95 -10.82
C VAL J 21 -29.37 62.19 -10.53
N LEU J 22 -29.71 63.45 -10.27
CA LEU J 22 -31.07 63.83 -9.91
C LEU J 22 -32.01 63.50 -11.05
N PHE J 23 -31.57 63.71 -12.29
CA PHE J 23 -32.52 63.47 -13.41
C PHE J 23 -33.12 62.04 -13.63
N PHE J 24 -32.35 60.96 -13.59
CA PHE J 24 -32.92 59.64 -13.61
C PHE J 24 -33.65 59.54 -12.29
N ALA J 25 -33.16 60.23 -11.28
CA ALA J 25 -33.75 60.08 -9.96
C ALA J 25 -35.12 60.73 -9.96
N LEU J 26 -35.31 61.67 -10.89
CA LEU J 26 -36.57 62.40 -11.01
C LEU J 26 -37.62 61.59 -11.74
N ALA J 27 -37.24 61.00 -12.86
CA ALA J 27 -38.15 60.20 -13.67
C ALA J 27 -38.89 59.17 -12.82
N PHE J 28 -38.50 59.11 -11.55
CA PHE J 28 -39.11 58.20 -10.60
C PHE J 28 -40.16 58.92 -9.78
N VAL J 29 -39.86 60.15 -9.37
CA VAL J 29 -40.82 60.92 -8.61
C VAL J 29 -42.15 60.83 -9.34
N VAL J 30 -42.15 61.25 -10.60
CA VAL J 30 -43.34 61.23 -11.47
C VAL J 30 -44.08 59.90 -11.49
N GLN J 31 -43.39 58.85 -11.91
CA GLN J 31 -43.99 57.54 -12.05
C GLN J 31 -44.82 57.05 -10.87
N ALA J 32 -44.52 57.50 -9.66
CA ALA J 32 -45.30 57.09 -8.47
C ALA J 32 -46.60 57.92 -8.43
N ALA J 33 -46.47 59.17 -8.88
CA ALA J 33 -47.58 60.10 -8.95
C ALA J 33 -48.57 59.56 -9.98
N VAL J 34 -48.10 58.59 -10.78
CA VAL J 34 -48.90 57.94 -11.81
C VAL J 34 -49.09 56.46 -11.46
N GLY J 35 -48.72 56.09 -10.24
CA GLY J 35 -48.86 54.71 -9.78
C GLY J 35 -48.31 53.57 -10.65
N PHE J 36 -47.48 53.92 -11.63
CA PHE J 36 -46.84 52.97 -12.57
C PHE J 36 -47.88 52.23 -13.45
N MET K 1 -41.96 -20.42 10.14
CA MET K 1 -41.03 -19.77 9.15
C MET K 1 -41.68 -19.61 7.79
N GLU K 2 -42.60 -18.66 7.67
CA GLU K 2 -43.25 -18.39 6.40
C GLU K 2 -42.51 -17.16 5.87
N PRO K 3 -42.30 -17.05 4.53
CA PRO K 3 -41.57 -15.88 4.01
C PRO K 3 -41.94 -14.55 4.66
N ASN K 4 -41.11 -13.54 4.44
CA ASN K 4 -41.35 -12.22 5.05
C ASN K 4 -41.93 -11.21 4.06
N PRO K 5 -43.03 -10.53 4.45
CA PRO K 5 -43.74 -9.52 3.67
C PRO K 5 -43.08 -8.13 3.63
N ASN K 6 -42.46 -7.72 4.73
CA ASN K 6 -41.79 -6.43 4.79
C ASN K 6 -40.55 -6.40 3.92
N ARG K 7 -40.42 -7.36 3.02
CA ARG K 7 -39.25 -7.48 2.13
C ARG K 7 -39.43 -6.86 0.73
N GLN K 8 -39.72 -5.56 0.66
CA GLN K 8 -39.89 -4.92 -0.64
C GLN K 8 -38.62 -4.97 -1.48
N PRO K 9 -38.77 -4.73 -2.79
CA PRO K 9 -37.62 -4.74 -3.71
C PRO K 9 -36.70 -3.56 -3.46
N VAL K 10 -35.41 -3.76 -3.70
CA VAL K 10 -34.41 -2.73 -3.47
C VAL K 10 -34.19 -1.81 -4.68
N GLU K 11 -34.58 -0.56 -4.48
CA GLU K 11 -34.55 0.51 -5.48
C GLU K 11 -33.22 1.19 -5.83
N LEU K 12 -33.00 1.42 -7.14
CA LEU K 12 -31.79 2.09 -7.63
C LEU K 12 -31.82 2.28 -9.16
N ASN K 13 -31.74 3.53 -9.63
CA ASN K 13 -31.78 3.76 -11.07
C ASN K 13 -30.44 4.02 -11.76
N ARG K 14 -30.38 3.73 -13.06
CA ARG K 14 -29.17 3.85 -13.88
C ARG K 14 -28.41 5.18 -13.95
N THR K 15 -28.99 6.26 -13.42
CA THR K 15 -28.30 7.54 -13.41
C THR K 15 -28.19 7.97 -11.98
N SER K 16 -28.80 7.17 -11.10
CA SER K 16 -28.73 7.45 -9.67
C SER K 16 -27.25 7.33 -9.33
N LEU K 17 -26.59 6.32 -9.92
CA LEU K 17 -25.16 6.13 -9.72
C LEU K 17 -24.45 7.24 -10.48
N TYR K 18 -24.91 7.53 -11.70
CA TYR K 18 -24.32 8.62 -12.51
C TYR K 18 -24.25 9.93 -11.72
N LEU K 19 -24.97 9.97 -10.60
CA LEU K 19 -24.97 11.12 -9.73
C LEU K 19 -23.97 10.78 -8.64
N GLY K 20 -24.03 9.55 -8.14
CA GLY K 20 -23.14 9.12 -7.08
C GLY K 20 -21.75 8.75 -7.54
N LEU K 21 -21.66 7.93 -8.59
CA LEU K 21 -20.39 7.53 -9.15
C LEU K 21 -19.54 8.76 -9.38
N LEU K 22 -20.18 9.86 -9.74
CA LEU K 22 -19.44 11.08 -9.92
C LEU K 22 -18.99 11.48 -8.51
N LEU K 23 -19.91 11.98 -7.71
CA LEU K 23 -19.67 12.43 -6.32
C LEU K 23 -18.58 11.69 -5.54
N ILE K 24 -18.59 10.36 -5.61
CA ILE K 24 -17.61 9.55 -4.91
C ILE K 24 -16.27 9.54 -5.60
N LEU K 25 -16.28 9.33 -6.91
CA LEU K 25 -15.03 9.31 -7.66
C LEU K 25 -14.35 10.68 -7.63
N VAL K 26 -15.12 11.76 -7.71
CA VAL K 26 -14.56 13.13 -7.65
C VAL K 26 -14.18 13.42 -6.20
N LEU K 27 -15.07 13.07 -5.28
CA LEU K 27 -14.86 13.24 -3.85
C LEU K 27 -13.47 12.63 -3.58
N ALA K 28 -13.19 11.53 -4.28
CA ALA K 28 -11.92 10.83 -4.16
C ALA K 28 -10.79 11.77 -4.55
N LEU K 29 -10.74 12.19 -5.81
CA LEU K 29 -9.67 13.08 -6.26
C LEU K 29 -9.26 14.12 -5.21
N LEU K 30 -10.22 14.87 -4.68
CA LEU K 30 -9.90 15.87 -3.66
C LEU K 30 -9.21 15.26 -2.47
N PHE K 31 -10.04 14.61 -1.66
CA PHE K 31 -9.61 13.96 -0.44
C PHE K 31 -8.46 12.97 -0.59
N SER K 32 -7.95 12.77 -1.82
CA SER K 32 -6.85 11.83 -2.07
C SER K 32 -5.51 12.33 -1.59
N SER K 33 -5.05 13.37 -2.26
CA SER K 33 -3.78 13.97 -1.93
C SER K 33 -3.57 14.06 -0.41
N TYR K 34 -4.61 14.43 0.33
CA TYR K 34 -4.57 14.57 1.79
C TYR K 34 -4.38 13.23 2.45
N PHE K 35 -4.37 12.20 1.62
CA PHE K 35 -4.16 10.85 2.11
C PHE K 35 -2.68 10.61 1.84
N PHE K 36 -2.24 10.87 0.62
CA PHE K 36 -0.84 10.68 0.30
C PHE K 36 0.01 11.60 1.20
N ASN K 37 -0.59 12.68 1.65
CA ASN K 37 0.08 13.65 2.51
C ASN K 37 1.34 14.18 1.86
N MET L 1 8.60 11.49 -4.08
CA MET L 1 8.38 12.05 -2.76
C MET L 1 8.40 11.00 -1.67
N GLU L 2 8.06 11.42 -0.47
CA GLU L 2 8.06 10.59 0.71
C GLU L 2 6.66 10.51 1.28
N VAL L 3 5.70 10.08 0.47
CA VAL L 3 4.30 10.01 0.93
C VAL L 3 4.05 8.94 1.95
N ASN L 4 2.78 8.58 2.04
CA ASN L 4 2.32 7.57 2.95
C ASN L 4 2.15 6.27 2.15
N GLN L 5 3.11 5.34 2.29
CA GLN L 5 3.10 4.05 1.57
C GLN L 5 1.71 3.39 1.50
N LEU L 6 0.81 3.87 2.35
CA LEU L 6 -0.54 3.36 2.38
C LEU L 6 -1.60 4.41 2.02
N GLY L 7 -1.17 5.53 1.42
CA GLY L 7 -2.13 6.53 0.97
C GLY L 7 -2.87 5.79 -0.12
N PHE L 8 -2.13 4.99 -0.86
CA PHE L 8 -2.78 4.21 -1.89
C PHE L 8 -3.92 3.44 -1.28
N ILE L 9 -3.61 2.25 -0.83
CA ILE L 9 -4.69 1.36 -0.37
C ILE L 9 -5.83 2.23 0.16
N ALA L 10 -5.50 3.21 1.00
CA ALA L 10 -6.53 4.07 1.53
C ALA L 10 -7.38 4.65 0.39
N THR L 11 -6.73 5.37 -0.51
CA THR L 11 -7.44 5.95 -1.64
C THR L 11 -8.18 4.86 -2.36
N ALA L 12 -7.52 4.28 -3.35
CA ALA L 12 -8.05 3.22 -4.17
C ALA L 12 -9.28 2.52 -3.60
N LEU L 13 -9.21 2.06 -2.35
CA LEU L 13 -10.33 1.38 -1.73
C LEU L 13 -11.55 2.28 -1.60
N PHE L 14 -11.35 3.42 -0.94
CA PHE L 14 -12.43 4.39 -0.74
C PHE L 14 -13.14 4.77 -2.06
N VAL L 15 -12.54 4.36 -3.19
CA VAL L 15 -13.12 4.65 -4.50
C VAL L 15 -13.63 3.35 -5.11
N LEU L 16 -13.60 2.28 -4.31
CA LEU L 16 -14.06 0.98 -4.75
C LEU L 16 -15.11 0.41 -3.83
N VAL L 17 -14.90 0.51 -2.53
CA VAL L 17 -15.90 -0.01 -1.58
C VAL L 17 -17.21 0.65 -1.87
N PRO L 18 -17.26 1.99 -1.80
CA PRO L 18 -18.48 2.75 -2.06
C PRO L 18 -18.91 2.54 -3.51
N SER L 19 -18.02 2.90 -4.45
CA SER L 19 -18.32 2.76 -5.87
C SER L 19 -18.91 1.41 -6.16
N VAL L 20 -18.14 0.35 -5.99
CA VAL L 20 -18.69 -0.95 -6.28
C VAL L 20 -20.07 -1.15 -5.67
N PHE L 21 -20.35 -0.48 -4.55
CA PHE L 21 -21.66 -0.60 -3.90
C PHE L 21 -22.78 -0.24 -4.86
N LEU L 22 -22.59 0.83 -5.62
CA LEU L 22 -23.60 1.27 -6.57
C LEU L 22 -23.71 0.27 -7.72
N ILE L 23 -22.56 -0.13 -8.26
CA ILE L 23 -22.49 -1.09 -9.38
C ILE L 23 -23.23 -2.36 -8.97
N ILE L 24 -23.51 -2.47 -7.68
CA ILE L 24 -24.21 -3.61 -7.14
C ILE L 24 -25.72 -3.38 -7.10
N LEU L 25 -26.13 -2.31 -6.42
CA LEU L 25 -27.54 -2.00 -6.32
C LEU L 25 -28.05 -1.66 -7.68
N TYR L 26 -27.21 -1.02 -8.47
CA TYR L 26 -27.65 -0.71 -9.80
C TYR L 26 -27.84 -1.99 -10.62
N VAL L 27 -26.78 -2.79 -10.77
CA VAL L 27 -26.84 -4.03 -11.57
C VAL L 27 -28.06 -4.92 -11.31
N GLN L 28 -28.36 -5.18 -10.05
CA GLN L 28 -29.51 -6.03 -9.74
C GLN L 28 -30.75 -5.43 -10.37
N THR L 29 -30.76 -4.10 -10.50
CA THR L 29 -31.89 -3.36 -11.05
C THR L 29 -32.29 -3.70 -12.49
N GLU L 30 -31.32 -3.75 -13.41
CA GLU L 30 -31.62 -4.10 -14.80
C GLU L 30 -32.03 -5.57 -14.93
N SER L 31 -31.88 -6.30 -13.82
CA SER L 31 -32.24 -7.71 -13.78
C SER L 31 -33.69 -7.84 -13.33
N GLN L 32 -34.30 -6.69 -13.02
CA GLN L 32 -35.70 -6.61 -12.59
C GLN L 32 -36.54 -6.94 -13.82
N GLN L 33 -35.84 -7.09 -14.94
CA GLN L 33 -36.41 -7.46 -16.22
C GLN L 33 -35.35 -8.30 -16.93
N LYS L 34 -35.27 -9.57 -16.51
CA LYS L 34 -34.35 -10.58 -17.04
C LYS L 34 -33.38 -10.06 -18.09
N SER L 35 -32.45 -9.22 -17.65
CA SER L 35 -31.43 -8.65 -18.52
C SER L 35 -30.07 -8.72 -17.81
N SER L 36 -29.01 -8.32 -18.50
CA SER L 36 -27.69 -8.33 -17.91
C SER L 36 -27.69 -7.44 -16.69
N THR M 1 23.68 55.07 -37.06
CA THR M 1 22.80 55.27 -38.25
C THR M 1 21.43 54.56 -38.13
N LEU M 2 21.29 53.74 -37.09
CA LEU M 2 20.06 53.02 -36.82
C LEU M 2 19.60 53.38 -35.41
N THR M 3 18.29 53.56 -35.22
CA THR M 3 17.72 53.94 -33.92
C THR M 3 17.22 52.79 -33.04
N TYR M 4 17.15 53.04 -31.73
CA TYR M 4 16.67 52.05 -30.77
C TYR M 4 15.42 51.38 -31.32
N ASP M 5 14.66 52.11 -32.15
CA ASP M 5 13.44 51.54 -32.73
C ASP M 5 13.74 50.47 -33.78
N ASP M 6 14.48 50.82 -34.81
CA ASP M 6 14.82 49.85 -35.85
C ASP M 6 15.06 48.50 -35.19
N ILE M 7 15.89 48.49 -34.14
CA ILE M 7 16.26 47.26 -33.43
C ILE M 7 15.32 46.78 -32.31
N VAL M 8 14.45 47.64 -31.82
CA VAL M 8 13.56 47.20 -30.76
C VAL M 8 12.79 45.98 -31.18
N GLY M 9 13.00 44.90 -30.43
CA GLY M 9 12.30 43.65 -30.70
C GLY M 9 12.81 42.85 -31.88
N THR M 10 13.96 43.23 -32.40
CA THR M 10 14.55 42.53 -33.55
C THR M 10 15.08 41.14 -33.21
N GLY M 11 16.11 41.11 -32.37
CA GLY M 11 16.71 39.85 -32.02
C GLY M 11 18.12 39.97 -32.57
N LEU M 12 18.79 41.05 -32.19
CA LEU M 12 20.15 41.29 -32.62
C LEU M 12 20.74 42.30 -31.66
N ALA M 13 19.86 42.98 -30.93
CA ALA M 13 20.29 43.96 -29.97
C ALA M 13 21.16 43.26 -28.91
N ASN M 14 21.26 41.95 -29.08
CA ASN M 14 22.02 41.09 -28.17
C ASN M 14 23.21 40.57 -28.97
N LYS M 15 23.38 41.09 -30.17
CA LYS M 15 24.49 40.64 -30.99
C LYS M 15 25.54 41.74 -31.23
N CYS M 16 26.80 41.45 -30.86
CA CYS M 16 27.89 42.42 -31.01
C CYS M 16 28.05 42.88 -32.44
N PRO M 17 28.87 43.91 -32.64
CA PRO M 17 29.10 44.44 -33.99
C PRO M 17 29.93 43.50 -34.86
N THR M 18 29.53 43.41 -36.13
CA THR M 18 30.21 42.55 -37.09
C THR M 18 31.22 43.42 -37.79
N LEU M 19 32.50 43.23 -37.47
CA LEU M 19 33.56 44.03 -38.09
C LEU M 19 33.57 43.87 -39.62
N ASP M 20 32.99 44.84 -40.33
CA ASP M 20 32.86 44.86 -41.81
C ASP M 20 33.79 43.92 -42.59
N ASP M 21 33.19 43.00 -43.34
CA ASP M 21 33.93 42.01 -44.12
C ASP M 21 35.11 42.59 -44.92
N THR M 22 36.24 41.89 -44.90
CA THR M 22 37.44 42.31 -45.61
C THR M 22 38.10 43.58 -45.05
N ALA M 23 39.09 43.38 -44.19
CA ALA M 23 39.85 44.46 -43.56
C ALA M 23 40.71 43.83 -42.47
N ARG M 24 41.90 43.37 -42.87
CA ARG M 24 42.85 42.71 -41.96
C ARG M 24 44.04 43.57 -41.48
N GLY M 25 44.16 44.79 -41.96
CA GLY M 25 45.26 45.65 -41.52
C GLY M 25 45.11 45.73 -40.00
N ALA M 26 46.21 45.83 -39.28
CA ALA M 26 46.12 45.90 -37.83
C ALA M 26 46.25 47.31 -37.25
N TYR M 27 45.99 47.42 -35.96
CA TYR M 27 46.05 48.71 -35.28
C TYR M 27 47.38 48.90 -34.57
N PRO M 28 48.17 49.90 -34.99
CA PRO M 28 49.48 50.15 -34.36
C PRO M 28 49.43 50.70 -32.92
N ILE M 29 50.37 50.27 -32.09
CA ILE M 29 50.46 50.72 -30.68
C ILE M 29 51.64 51.66 -30.48
N ASP M 30 51.70 52.33 -29.33
CA ASP M 30 52.78 53.28 -29.08
C ASP M 30 53.71 53.02 -27.89
N SER M 31 53.26 53.38 -26.70
CA SER M 31 54.00 53.28 -25.43
C SER M 31 54.41 54.71 -25.13
N SER M 32 54.10 55.57 -26.08
CA SER M 32 54.35 57.01 -26.00
C SER M 32 52.96 57.61 -25.76
N GLN M 33 51.95 56.79 -26.02
CA GLN M 33 50.55 57.16 -25.83
C GLN M 33 49.83 55.94 -25.23
N THR M 34 48.92 56.18 -24.29
CA THR M 34 48.20 55.09 -23.63
C THR M 34 46.85 54.85 -24.31
N TYR M 35 46.50 53.57 -24.43
CA TYR M 35 45.24 53.22 -25.07
C TYR M 35 44.22 52.62 -24.10
N ARG M 36 42.97 52.64 -24.55
CA ARG M 36 41.82 52.15 -23.79
C ARG M 36 40.88 51.61 -24.87
N ILE M 37 40.00 50.67 -24.53
CA ILE M 37 39.04 50.17 -25.52
C ILE M 37 37.59 50.51 -25.13
N ALA M 38 37.04 51.50 -25.83
CA ALA M 38 35.68 51.99 -25.63
C ALA M 38 34.67 50.94 -25.22
N ARG M 39 34.57 49.88 -26.00
CA ARG M 39 33.62 48.86 -25.68
C ARG M 39 34.11 47.46 -25.93
N LEU M 40 33.90 46.59 -24.94
CA LEU M 40 34.27 45.19 -25.07
C LEU M 40 32.91 44.52 -25.18
N CYS M 41 32.77 43.59 -26.10
CA CYS M 41 31.49 42.94 -26.28
C CYS M 41 31.75 41.47 -26.47
N LEU M 42 31.04 40.63 -25.72
CA LEU M 42 31.22 39.19 -25.85
C LEU M 42 29.88 38.53 -26.18
N GLN M 43 29.70 38.16 -27.44
CA GLN M 43 28.48 37.50 -27.91
C GLN M 43 28.70 35.99 -28.06
N PRO M 44 27.84 35.15 -27.45
CA PRO M 44 28.09 33.73 -27.62
C PRO M 44 27.38 33.03 -28.77
N THR M 45 27.81 31.78 -29.00
CA THR M 45 27.26 30.89 -30.03
C THR M 45 26.69 29.67 -29.33
N THR M 46 27.54 29.00 -28.55
CA THR M 46 27.13 27.81 -27.79
C THR M 46 27.80 27.68 -26.42
N PHE M 47 27.06 27.01 -25.54
CA PHE M 47 27.45 26.70 -24.17
C PHE M 47 27.60 25.20 -24.09
N LEU M 48 28.59 24.75 -23.33
CA LEU M 48 28.84 23.33 -23.16
C LEU M 48 29.16 22.97 -21.72
N VAL M 49 28.45 21.96 -21.24
CA VAL M 49 28.62 21.48 -19.89
C VAL M 49 29.44 20.20 -19.92
N LYS M 50 30.39 20.07 -19.01
CA LYS M 50 31.21 18.87 -18.95
C LYS M 50 30.42 17.80 -18.20
N GLU M 51 30.18 16.67 -18.86
CA GLU M 51 29.44 15.56 -18.26
C GLU M 51 30.21 14.98 -17.08
N GLU M 52 29.51 14.68 -15.99
CA GLU M 52 30.12 14.09 -14.80
C GLU M 52 29.89 12.58 -14.90
N PRO M 53 30.74 11.84 -15.64
CA PRO M 53 30.49 10.40 -15.72
C PRO M 53 30.69 9.69 -14.39
N LYS M 54 29.84 8.70 -14.14
CA LYS M 54 29.91 7.92 -12.93
C LYS M 54 31.27 7.21 -12.89
N ASN M 55 31.71 6.74 -14.06
CA ASN M 55 33.00 6.04 -14.20
C ASN M 55 34.18 7.00 -14.04
N LYS M 56 35.34 6.46 -13.65
CA LYS M 56 36.51 7.29 -13.42
C LYS M 56 37.57 7.48 -14.51
N ARG M 57 38.22 6.39 -14.91
CA ARG M 57 39.28 6.45 -15.93
C ARG M 57 38.84 6.55 -17.39
N GLN M 58 37.71 7.22 -17.65
CA GLN M 58 37.18 7.41 -19.01
C GLN M 58 36.79 8.91 -19.22
N GLU M 59 37.83 9.75 -19.32
CA GLU M 59 37.78 11.23 -19.48
C GLU M 59 36.44 11.97 -19.67
N ALA M 60 36.33 13.08 -18.94
CA ALA M 60 35.14 13.91 -18.97
C ALA M 60 34.85 14.47 -20.35
N GLU M 61 33.57 14.45 -20.76
CA GLU M 61 33.17 14.94 -22.07
C GLU M 61 32.44 16.29 -22.02
N PHE M 62 32.49 17.01 -23.13
CA PHE M 62 31.86 18.32 -23.24
C PHE M 62 30.65 18.28 -24.14
N VAL M 63 29.49 17.99 -23.57
CA VAL M 63 28.24 17.89 -24.32
C VAL M 63 27.63 19.28 -24.54
N PRO M 64 26.74 19.43 -25.55
CA PRO M 64 26.07 20.71 -25.84
C PRO M 64 24.72 20.89 -25.17
N THR M 65 24.43 22.12 -24.76
CA THR M 65 23.18 22.46 -24.09
C THR M 65 22.36 23.40 -24.96
N LYS M 66 21.05 23.41 -24.76
CA LYS M 66 20.20 24.29 -25.54
C LYS M 66 19.81 25.49 -24.72
N LEU M 67 19.98 26.66 -25.31
CA LEU M 67 19.68 27.93 -24.68
C LEU M 67 18.22 28.03 -24.26
N VAL M 68 17.93 27.75 -23.00
CA VAL M 68 16.53 27.85 -22.58
C VAL M 68 16.13 29.30 -22.46
N THR M 69 16.91 30.05 -21.69
CA THR M 69 16.63 31.46 -21.48
C THR M 69 16.46 32.15 -22.82
N ARG M 70 15.45 33.01 -22.92
CA ARG M 70 15.23 33.75 -24.14
C ARG M 70 16.48 34.59 -24.32
N GLU M 71 17.02 34.64 -25.52
CA GLU M 71 18.22 35.41 -25.83
C GLU M 71 18.50 36.67 -24.99
N THR M 72 19.42 36.53 -24.02
CA THR M 72 19.85 37.60 -23.10
C THR M 72 21.32 37.31 -22.77
N THR M 73 21.97 36.56 -23.66
CA THR M 73 23.33 36.08 -23.46
C THR M 73 24.58 36.90 -23.82
N SER M 74 24.47 38.21 -23.99
CA SER M 74 25.69 38.96 -24.33
C SER M 74 26.15 39.99 -23.30
N LEU M 75 27.44 40.34 -23.36
CA LEU M 75 28.08 41.31 -22.48
C LEU M 75 28.64 42.40 -23.38
N ASP M 76 27.89 43.47 -23.54
CA ASP M 76 28.24 44.57 -24.42
C ASP M 76 28.44 45.90 -23.67
N GLN M 77 29.53 46.62 -23.95
CA GLN M 77 29.85 47.89 -23.29
C GLN M 77 30.62 47.64 -22.03
N ILE M 78 31.92 47.35 -22.17
CA ILE M 78 32.81 47.07 -21.05
C ILE M 78 34.16 47.76 -21.28
N GLN M 79 34.96 47.95 -20.22
CA GLN M 79 36.26 48.61 -20.35
C GLN M 79 37.16 48.54 -19.10
N GLY M 80 38.30 49.23 -19.15
CA GLY M 80 39.26 49.25 -18.05
C GLY M 80 40.69 49.27 -18.55
N GLU M 81 41.20 50.47 -18.87
CA GLU M 81 42.57 50.74 -19.41
C GLU M 81 43.40 49.66 -20.13
N LEU M 82 43.75 49.91 -21.39
CA LEU M 82 44.57 48.97 -22.16
C LEU M 82 45.99 49.49 -22.02
N LYS M 83 46.74 48.84 -21.15
CA LYS M 83 48.11 49.24 -20.87
C LYS M 83 49.17 48.39 -21.58
N VAL M 84 50.31 49.01 -21.87
CA VAL M 84 51.47 48.33 -22.48
C VAL M 84 52.53 48.26 -21.40
N ASN M 85 53.02 47.04 -21.18
CA ASN M 85 54.03 46.76 -20.15
C ASN M 85 55.45 46.67 -20.72
N SER M 86 56.47 46.89 -19.87
CA SER M 86 57.87 46.80 -20.31
C SER M 86 58.05 45.38 -20.84
N ASP M 87 57.56 45.17 -22.05
CA ASP M 87 57.60 43.88 -22.68
C ASP M 87 57.41 44.13 -24.18
N GLY M 88 56.18 43.91 -24.64
CA GLY M 88 55.80 44.12 -26.02
C GLY M 88 54.30 43.92 -26.07
N SER M 89 53.80 43.34 -24.97
CA SER M 89 52.40 43.00 -24.77
C SER M 89 51.49 44.08 -24.22
N LEU M 90 50.21 43.89 -24.49
CA LEU M 90 49.17 44.80 -24.05
C LEU M 90 48.43 44.05 -22.93
N THR M 91 48.17 44.75 -21.84
CA THR M 91 47.45 44.19 -20.70
C THR M 91 46.19 45.01 -20.49
N PHE M 92 45.07 44.47 -20.95
CA PHE M 92 43.77 45.12 -20.82
C PHE M 92 43.05 44.66 -19.54
N VAL M 93 42.57 45.61 -18.73
CA VAL M 93 41.88 45.23 -17.49
C VAL M 93 40.39 45.49 -17.60
N GLU M 94 39.77 46.02 -16.55
CA GLU M 94 38.34 46.26 -16.60
C GLU M 94 37.84 47.12 -15.46
N GLU M 95 36.70 47.77 -15.68
CA GLU M 95 36.08 48.60 -14.66
C GLU M 95 34.56 48.43 -14.71
N ASP M 96 33.88 49.42 -15.28
CA ASP M 96 32.42 49.37 -15.39
C ASP M 96 32.17 48.42 -16.56
N GLY M 97 30.91 48.06 -16.73
CA GLY M 97 30.52 47.16 -17.80
C GLY M 97 29.55 46.13 -17.31
N ILE M 98 28.55 45.87 -18.13
CA ILE M 98 27.55 44.87 -17.82
C ILE M 98 28.22 43.51 -18.10
N ASP M 99 28.97 42.98 -17.12
CA ASP M 99 29.65 41.69 -17.29
C ASP M 99 28.94 40.40 -16.81
N PHE M 100 27.94 40.55 -15.95
CA PHE M 100 27.15 39.39 -15.46
C PHE M 100 26.03 39.20 -16.47
N GLN M 101 25.38 38.04 -16.46
CA GLN M 101 24.25 37.76 -17.34
C GLN M 101 23.78 36.35 -17.10
N PRO M 102 23.11 36.13 -15.97
CA PRO M 102 22.58 34.83 -15.56
C PRO M 102 21.73 34.23 -16.64
N VAL M 103 22.12 33.06 -17.12
CA VAL M 103 21.38 32.38 -18.15
C VAL M 103 21.35 30.93 -17.79
N THR M 104 20.54 30.17 -18.50
CA THR M 104 20.42 28.76 -18.25
C THR M 104 20.39 27.98 -19.57
N VAL M 105 20.50 26.66 -19.45
CA VAL M 105 20.48 25.74 -20.58
C VAL M 105 19.91 24.43 -20.09
N GLN M 106 19.47 23.58 -21.01
CA GLN M 106 18.94 22.30 -20.62
C GLN M 106 19.90 21.22 -21.14
N MET M 107 20.51 20.48 -20.21
CA MET M 107 21.43 19.42 -20.56
C MET M 107 20.68 18.30 -21.27
N ALA M 108 21.44 17.42 -21.92
CA ALA M 108 20.91 16.29 -22.66
C ALA M 108 19.74 15.65 -21.95
N GLY M 109 19.92 15.25 -20.70
CA GLY M 109 18.82 14.64 -19.97
C GLY M 109 17.67 15.60 -19.75
N GLY M 110 16.99 15.47 -18.62
CA GLY M 110 15.90 16.36 -18.32
C GLY M 110 16.40 17.50 -17.48
N GLU M 111 17.67 17.42 -17.12
CA GLU M 111 18.39 18.39 -16.28
C GLU M 111 18.36 19.87 -16.75
N ARG M 112 18.51 20.75 -15.78
CA ARG M 112 18.51 22.20 -15.99
C ARG M 112 19.77 22.79 -15.36
N ILE M 113 20.73 23.22 -16.18
CA ILE M 113 21.98 23.79 -15.64
C ILE M 113 22.11 25.29 -15.87
N PRO M 114 22.14 26.08 -14.78
CA PRO M 114 22.27 27.54 -14.81
C PRO M 114 23.63 28.10 -14.38
N LEU M 115 24.04 29.20 -15.01
CA LEU M 115 25.31 29.87 -14.72
C LEU M 115 25.22 31.39 -14.96
N LEU M 116 26.24 32.12 -14.56
CA LEU M 116 26.22 33.56 -14.78
C LEU M 116 27.44 33.94 -15.60
N PHE M 117 27.25 33.96 -16.90
CA PHE M 117 28.26 34.28 -17.89
C PHE M 117 28.93 35.63 -17.61
N THR M 118 30.10 35.62 -16.98
CA THR M 118 30.78 36.88 -16.67
C THR M 118 32.26 36.97 -16.97
N VAL M 119 32.74 38.21 -16.94
CA VAL M 119 34.14 38.46 -17.19
C VAL M 119 34.56 39.48 -16.13
N LYS M 120 33.77 39.60 -15.07
CA LYS M 120 34.09 40.55 -14.02
C LYS M 120 35.54 40.44 -13.61
N ASN M 121 36.25 41.57 -13.54
CA ASN M 121 37.66 41.62 -13.15
C ASN M 121 38.60 41.45 -14.35
N LEU M 122 38.28 40.50 -15.22
CA LEU M 122 39.07 40.20 -16.42
C LEU M 122 40.37 40.95 -16.64
N VAL M 123 41.41 40.19 -16.96
CA VAL M 123 42.72 40.76 -17.26
C VAL M 123 43.24 40.18 -18.57
N ALA M 124 43.30 41.04 -19.58
CA ALA M 124 43.76 40.64 -20.90
C ALA M 124 45.24 40.83 -21.03
N SER M 125 45.90 39.81 -21.56
CA SER M 125 47.33 39.83 -21.78
C SER M 125 47.56 39.32 -23.20
N THR M 126 48.14 40.15 -24.04
CA THR M 126 48.40 39.77 -25.41
C THR M 126 49.75 39.07 -25.54
N GLN M 127 49.97 38.49 -26.71
CA GLN M 127 51.21 37.80 -27.00
C GLN M 127 52.39 38.63 -26.51
N PRO M 128 53.33 38.02 -25.77
CA PRO M 128 54.51 38.71 -25.26
C PRO M 128 55.10 39.91 -26.04
N ASN M 129 55.03 39.94 -27.37
CA ASN M 129 55.58 41.11 -28.08
C ASN M 129 54.89 41.49 -29.40
N VAL M 130 54.03 42.50 -29.31
CA VAL M 130 53.26 43.02 -30.44
C VAL M 130 53.40 44.52 -30.57
N THR M 131 53.37 45.01 -31.81
CA THR M 131 53.49 46.43 -32.11
C THR M 131 52.17 47.00 -32.62
N SER M 132 51.46 46.18 -33.39
CA SER M 132 50.17 46.54 -33.95
C SER M 132 49.30 45.28 -33.80
N ILE M 133 48.08 45.42 -33.31
CA ILE M 133 47.21 44.26 -33.11
C ILE M 133 46.94 43.45 -34.37
N THR M 134 47.89 42.56 -34.68
CA THR M 134 47.83 41.70 -35.87
C THR M 134 46.84 40.58 -35.71
N THR M 135 46.06 40.34 -36.75
CA THR M 135 45.07 39.28 -36.74
C THR M 135 45.68 38.04 -36.07
N SER M 136 44.86 37.33 -35.30
CA SER M 136 45.24 36.13 -34.55
C SER M 136 45.96 36.44 -33.23
N THR M 137 46.06 37.72 -32.90
CA THR M 137 46.67 38.16 -31.65
C THR M 137 45.69 37.64 -30.61
N ASP M 138 46.08 37.65 -29.34
CA ASP M 138 45.22 37.11 -28.29
C ASP M 138 45.19 37.84 -26.96
N PHE M 139 44.60 37.21 -25.95
CA PHE M 139 44.52 37.83 -24.65
C PHE M 139 44.45 36.94 -23.41
N LYS M 140 43.99 35.70 -23.59
CA LYS M 140 43.84 34.73 -22.49
C LYS M 140 44.27 35.16 -21.06
N GLY M 141 43.27 35.30 -20.19
CA GLY M 141 43.50 35.70 -18.80
C GLY M 141 42.40 35.22 -17.86
N GLU M 142 42.28 35.89 -16.71
CA GLU M 142 41.27 35.53 -15.72
C GLU M 142 40.13 36.51 -15.54
N PHE M 143 39.25 36.14 -14.63
CA PHE M 143 38.10 36.93 -14.25
C PHE M 143 37.43 36.20 -13.09
N ASN M 144 36.78 36.95 -12.20
CA ASN M 144 36.11 36.36 -11.03
C ASN M 144 34.75 35.82 -11.39
N VAL M 145 34.25 34.88 -10.61
CA VAL M 145 32.93 34.38 -10.86
C VAL M 145 32.30 34.36 -9.49
N PRO M 146 31.43 35.34 -9.18
CA PRO M 146 30.75 35.45 -7.88
C PRO M 146 29.86 34.26 -7.58
N SER M 147 28.57 34.53 -7.42
CA SER M 147 27.60 33.48 -7.16
C SER M 147 26.42 33.81 -8.00
N TYR M 148 25.68 32.79 -8.39
CA TYR M 148 24.51 33.00 -9.21
C TYR M 148 23.53 33.95 -8.50
N ARG M 149 23.67 34.16 -7.19
CA ARG M 149 22.76 35.05 -6.47
C ARG M 149 23.36 35.70 -5.23
N THR M 150 23.16 37.01 -5.10
CA THR M 150 23.69 37.78 -3.98
C THR M 150 23.40 37.10 -2.67
N ALA M 151 24.05 37.57 -1.62
CA ALA M 151 23.85 36.99 -0.31
C ALA M 151 22.40 36.94 0.16
N ASN M 152 21.56 37.78 -0.44
CA ASN M 152 20.13 37.93 -0.09
C ASN M 152 19.09 36.97 -0.70
N PHE M 153 19.44 36.20 -1.71
CA PHE M 153 18.46 35.31 -2.35
C PHE M 153 17.86 34.28 -1.39
N LEU M 154 16.54 34.29 -1.25
CA LEU M 154 15.88 33.37 -0.33
C LEU M 154 15.21 32.16 -1.00
N ASP M 155 15.75 30.98 -0.72
CA ASP M 155 15.24 29.74 -1.30
C ASP M 155 13.79 29.42 -0.98
N PRO M 156 13.25 28.34 -1.56
CA PRO M 156 11.87 27.99 -1.27
C PRO M 156 11.49 28.27 0.18
N LYS M 157 11.74 27.34 1.09
CA LYS M 157 11.40 27.59 2.48
C LYS M 157 12.23 28.78 2.90
N GLY M 158 11.79 29.45 3.95
CA GLY M 158 12.47 30.64 4.42
C GLY M 158 13.96 30.93 4.22
N ARG M 159 14.79 29.97 4.64
CA ARG M 159 16.26 30.05 4.59
C ARG M 159 17.01 30.93 3.58
N GLY M 160 18.28 31.16 3.88
CA GLY M 160 19.15 31.97 3.05
C GLY M 160 20.41 32.38 3.79
N LEU M 161 21.06 33.44 3.31
CA LEU M 161 22.28 33.91 3.93
C LEU M 161 22.11 35.28 4.52
N ALA M 162 22.31 36.31 3.71
CA ALA M 162 22.21 37.69 4.14
C ALA M 162 21.07 37.94 5.10
N SER M 163 19.91 37.40 4.77
CA SER M 163 18.72 37.55 5.61
C SER M 163 17.57 36.62 5.23
N GLY M 164 17.65 35.37 5.66
CA GLY M 164 16.59 34.43 5.36
C GLY M 164 16.34 33.66 6.63
N TYR M 165 15.26 32.87 6.66
CA TYR M 165 14.94 32.07 7.84
C TYR M 165 16.23 31.31 8.21
N ASP M 166 16.39 30.98 9.50
CA ASP M 166 17.59 30.29 9.95
C ASP M 166 17.91 28.91 9.37
N SER M 167 17.07 27.92 9.67
CA SER M 167 17.24 26.56 9.19
C SER M 167 15.93 25.74 9.12
N ALA M 168 15.49 25.44 7.91
CA ALA M 168 14.26 24.69 7.65
C ALA M 168 13.30 24.75 8.80
N ILE M 169 12.28 25.58 8.65
CA ILE M 169 11.32 25.78 9.70
C ILE M 169 10.02 24.94 9.64
N ALA M 170 9.70 24.37 8.48
CA ALA M 170 8.49 23.56 8.36
C ALA M 170 8.49 22.34 9.30
N LEU M 171 9.71 21.83 9.53
CA LEU M 171 9.97 20.69 10.37
C LEU M 171 10.80 21.20 11.54
N PRO M 172 10.28 21.06 12.78
CA PRO M 172 10.89 21.48 14.04
C PRO M 172 11.78 20.43 14.72
N GLN M 173 11.16 19.35 15.15
CA GLN M 173 11.86 18.30 15.85
C GLN M 173 12.62 17.31 15.00
N ALA M 174 12.69 17.56 13.71
CA ALA M 174 13.42 16.65 12.85
C ALA M 174 14.88 16.98 13.05
N LYS M 175 15.73 15.95 13.08
CA LYS M 175 17.16 16.14 13.28
C LYS M 175 17.70 16.96 12.12
N GLU M 176 18.55 17.94 12.42
CA GLU M 176 19.13 18.78 11.38
C GLU M 176 20.57 18.41 11.05
N GLU M 177 21.18 17.64 11.93
CA GLU M 177 22.55 17.20 11.76
C GLU M 177 22.78 16.69 10.35
N GLU M 178 21.73 16.67 9.53
CA GLU M 178 21.83 16.22 8.15
C GLU M 178 21.50 17.37 7.19
N LEU M 179 20.45 18.11 7.51
CA LEU M 179 20.03 19.21 6.67
C LEU M 179 21.09 20.29 6.53
N ALA M 180 22.04 20.32 7.45
CA ALA M 180 23.10 21.33 7.42
C ALA M 180 23.44 21.74 6.02
N ARG M 181 23.44 20.80 5.10
CA ARG M 181 23.77 21.15 3.73
C ARG M 181 22.95 22.34 3.23
N ALA M 182 21.64 22.31 3.47
CA ALA M 182 20.78 23.39 3.00
C ALA M 182 20.47 24.41 4.05
N ASN M 183 20.64 24.06 5.31
CA ASN M 183 20.35 25.04 6.34
C ASN M 183 21.27 26.24 6.13
N VAL M 184 22.56 26.04 6.31
CA VAL M 184 23.55 27.10 6.16
C VAL M 184 23.96 27.34 4.73
N LYS M 185 23.54 28.48 4.20
CA LYS M 185 23.84 28.80 2.83
C LYS M 185 25.05 29.71 2.71
N ARG M 186 26.18 29.12 2.32
CA ARG M 186 27.41 29.89 2.14
C ARG M 186 27.44 30.38 0.70
N PHE M 187 28.13 31.49 0.49
CA PHE M 187 28.23 32.11 -0.84
C PHE M 187 29.61 31.90 -1.46
N SER M 188 29.66 31.22 -2.60
CA SER M 188 30.95 30.93 -3.16
C SER M 188 31.50 31.83 -4.26
N LEU M 189 32.84 31.83 -4.34
CA LEU M 189 33.59 32.59 -5.34
C LEU M 189 34.78 31.77 -5.83
N THR M 190 34.91 31.69 -7.16
CA THR M 190 36.00 30.98 -7.82
C THR M 190 36.27 31.73 -9.12
N LYS M 191 37.49 31.67 -9.63
CA LYS M 191 37.83 32.36 -10.87
C LYS M 191 37.78 31.46 -12.08
N GLY M 192 37.73 32.07 -13.25
CA GLY M 192 37.68 31.33 -14.49
C GLY M 192 38.59 31.96 -15.52
N GLN M 193 38.72 31.29 -16.67
CA GLN M 193 39.56 31.80 -17.74
C GLN M 193 38.82 31.91 -19.06
N ILE M 194 39.15 33.00 -19.76
CA ILE M 194 38.58 33.34 -21.06
C ILE M 194 39.77 33.21 -22.01
N SER M 195 39.70 33.83 -23.19
CA SER M 195 40.80 33.79 -24.16
C SER M 195 40.33 34.34 -25.50
N LEU M 196 40.84 35.50 -25.90
CA LEU M 196 40.43 36.07 -27.16
C LEU M 196 41.43 35.90 -28.25
N ASN M 197 40.95 35.57 -29.45
CA ASN M 197 41.78 35.42 -30.65
C ASN M 197 41.11 36.31 -31.70
N VAL M 198 41.86 37.26 -32.25
CA VAL M 198 41.34 38.18 -33.24
C VAL M 198 41.33 37.57 -34.63
N ALA M 199 40.58 38.21 -35.54
CA ALA M 199 40.45 37.76 -36.92
C ALA M 199 39.83 38.85 -37.82
N LYS M 200 40.07 40.10 -37.46
CA LYS M 200 39.58 41.28 -38.20
C LYS M 200 39.79 42.56 -37.40
N VAL M 201 40.29 43.60 -38.07
CA VAL M 201 40.57 44.90 -37.44
C VAL M 201 40.64 46.04 -38.48
N ASP M 202 40.14 47.22 -38.14
CA ASP M 202 40.21 48.36 -39.05
C ASP M 202 41.25 49.26 -38.45
N GLY M 203 42.49 49.03 -38.87
CA GLY M 203 43.63 49.78 -38.40
C GLY M 203 43.44 51.27 -38.20
N ARG M 204 42.42 51.82 -38.88
CA ARG M 204 42.09 53.24 -38.78
C ARG M 204 41.21 53.48 -37.54
N THR M 205 40.23 52.62 -37.33
CA THR M 205 39.35 52.76 -36.18
C THR M 205 39.93 52.12 -34.95
N GLY M 206 39.89 50.79 -34.94
CA GLY M 206 40.41 50.02 -33.82
C GLY M 206 39.41 48.92 -33.52
N GLU M 207 38.41 48.79 -34.39
CA GLU M 207 37.38 47.77 -34.21
C GLU M 207 37.94 46.35 -34.42
N ILE M 208 38.17 45.64 -33.32
CA ILE M 208 38.72 44.28 -33.35
C ILE M 208 37.75 43.17 -32.95
N ALA M 209 37.17 42.50 -33.94
CA ALA M 209 36.21 41.40 -33.72
C ALA M 209 36.91 40.04 -33.70
N GLY M 210 36.17 38.99 -33.34
CA GLY M 210 36.72 37.64 -33.29
C GLY M 210 35.89 36.59 -32.56
N THR M 211 36.52 35.47 -32.17
CA THR M 211 35.81 34.41 -31.44
C THR M 211 36.43 34.34 -30.07
N PHE M 212 35.77 33.62 -29.18
CA PHE M 212 36.25 33.48 -27.81
C PHE M 212 35.79 32.20 -27.15
N GLU M 213 36.26 31.99 -25.93
CA GLU M 213 35.90 30.83 -25.14
C GLU M 213 35.97 31.28 -23.69
N SER M 214 35.51 30.43 -22.78
CA SER M 214 35.54 30.74 -21.36
C SER M 214 35.13 29.51 -20.59
N GLU M 215 35.83 29.22 -19.52
CA GLU M 215 35.50 28.05 -18.75
C GLU M 215 35.28 28.39 -17.29
N GLN M 216 34.06 28.82 -16.98
CA GLN M 216 33.71 29.16 -15.62
C GLN M 216 32.82 28.03 -15.13
N LEU M 217 32.47 28.04 -13.85
CA LEU M 217 31.64 26.97 -13.28
C LEU M 217 30.18 27.36 -13.04
N SER M 218 29.28 26.40 -13.22
CA SER M 218 27.85 26.66 -13.05
C SER M 218 27.44 27.20 -11.70
N ASP M 219 26.25 26.83 -11.26
CA ASP M 219 25.73 27.33 -9.98
C ASP M 219 26.07 26.48 -8.77
N ASP M 220 26.57 27.17 -7.74
CA ASP M 220 26.93 26.57 -6.47
C ASP M 220 25.63 26.50 -5.68
N ASP M 221 24.73 27.44 -5.95
CA ASP M 221 23.44 27.48 -5.28
C ASP M 221 23.71 27.46 -3.79
N MET M 222 24.55 28.39 -3.33
CA MET M 222 24.89 28.45 -1.92
C MET M 222 25.22 27.01 -1.53
N GLY M 223 25.14 26.67 -0.25
CA GLY M 223 25.44 25.30 0.15
C GLY M 223 24.45 24.33 -0.46
N ALA M 224 24.76 23.77 -1.63
CA ALA M 224 23.84 22.86 -2.27
C ALA M 224 24.42 21.66 -2.97
N HIS M 225 24.48 21.77 -4.30
CA HIS M 225 25.02 20.70 -5.14
C HIS M 225 26.21 21.20 -5.94
N GLU M 226 27.40 20.69 -5.60
CA GLU M 226 28.64 21.08 -6.25
C GLU M 226 28.39 21.48 -7.70
N PRO M 227 28.95 22.62 -8.13
CA PRO M 227 28.78 23.12 -9.49
C PRO M 227 29.02 22.12 -10.61
N HIS M 228 28.88 22.61 -11.84
CA HIS M 228 29.10 21.84 -13.06
C HIS M 228 30.05 22.71 -13.92
N GLU M 229 30.84 22.10 -14.80
CA GLU M 229 31.78 22.86 -15.64
C GLU M 229 31.18 23.31 -16.96
N VAL M 230 31.41 24.56 -17.32
CA VAL M 230 30.85 25.06 -18.56
C VAL M 230 31.81 25.78 -19.49
N LYS M 231 31.90 25.31 -20.73
CA LYS M 231 32.75 25.97 -21.70
C LYS M 231 31.80 26.79 -22.51
N ILE M 232 32.22 27.99 -22.86
CA ILE M 232 31.34 28.84 -23.64
C ILE M 232 32.14 29.60 -24.67
N GLN M 233 31.61 29.61 -25.89
CA GLN M 233 32.27 30.29 -26.99
C GLN M 233 31.30 31.08 -27.85
N GLY M 234 31.83 32.11 -28.50
CA GLY M 234 31.04 32.96 -29.37
C GLY M 234 31.95 33.99 -30.01
N VAL M 235 31.35 34.98 -30.66
CA VAL M 235 32.12 36.02 -31.31
C VAL M 235 32.24 37.14 -30.27
N PHE M 236 33.13 38.10 -30.48
CA PHE M 236 33.26 39.18 -29.53
C PHE M 236 33.48 40.48 -30.30
N TYR M 237 33.94 41.51 -29.60
CA TYR M 237 34.21 42.78 -30.23
C TYR M 237 34.63 43.82 -29.21
N ALA M 238 35.56 44.69 -29.63
CA ALA M 238 36.05 45.77 -28.81
C ALA M 238 36.70 46.76 -29.75
N SER M 239 36.67 48.06 -29.43
CA SER M 239 37.27 49.04 -30.30
C SER M 239 38.23 49.94 -29.52
N ILE M 240 39.52 49.80 -29.82
CA ILE M 240 40.58 50.56 -29.16
C ILE M 240 40.31 52.08 -29.17
N GLU M 241 41.17 52.83 -28.46
CA GLU M 241 41.01 54.27 -28.35
C GLU M 241 42.14 54.86 -27.47
N PRO M 242 42.69 56.03 -27.85
CA PRO M 242 43.76 56.73 -27.14
C PRO M 242 43.42 57.34 -25.77
N MET N 1 3.72 6.19 -7.90
CA MET N 1 2.32 5.95 -7.61
C MET N 1 1.53 7.23 -7.73
N GLU N 2 1.13 7.74 -6.56
CA GLU N 2 0.44 9.01 -6.43
C GLU N 2 0.33 9.72 -7.76
N THR N 3 1.45 10.00 -8.41
CA THR N 3 1.35 10.74 -9.66
C THR N 3 0.38 10.08 -10.61
N ILE N 4 0.52 8.77 -10.69
CA ILE N 4 -0.43 7.87 -11.30
C ILE N 4 -1.74 7.84 -10.58
N THR N 5 -1.72 7.82 -9.25
CA THR N 5 -2.95 7.62 -8.52
C THR N 5 -3.89 8.74 -8.94
N TYR N 6 -3.28 9.89 -9.15
CA TYR N 6 -3.96 11.14 -9.44
C TYR N 6 -4.46 11.18 -10.87
N VAL N 7 -3.65 10.71 -11.80
CA VAL N 7 -4.03 10.76 -13.20
C VAL N 7 -5.25 9.91 -13.47
N PHE N 8 -5.28 8.77 -12.82
CA PHE N 8 -6.31 7.75 -12.99
C PHE N 8 -7.67 8.32 -12.57
N ILE N 9 -7.81 8.56 -11.27
CA ILE N 9 -9.04 9.13 -10.74
C ILE N 9 -9.57 10.18 -11.72
N PHE N 10 -8.67 10.78 -12.51
CA PHE N 10 -9.01 11.82 -13.52
C PHE N 10 -9.50 11.10 -14.78
N ALA N 11 -8.62 10.32 -15.43
CA ALA N 11 -8.96 9.59 -16.66
C ALA N 11 -10.23 8.79 -16.49
N CYS N 12 -10.76 8.87 -15.28
CA CYS N 12 -11.99 8.21 -14.98
C CYS N 12 -13.11 9.22 -15.11
N ILE N 13 -13.00 10.33 -14.39
CA ILE N 13 -14.04 11.35 -14.45
C ILE N 13 -14.38 11.61 -15.92
N ILE N 14 -13.41 11.39 -16.81
CA ILE N 14 -13.60 11.59 -18.24
C ILE N 14 -14.43 10.44 -18.77
N ALA N 15 -14.24 9.28 -18.18
CA ALA N 15 -15.01 8.13 -18.58
C ALA N 15 -16.46 8.44 -18.14
N LEU N 16 -16.68 8.47 -16.82
CA LEU N 16 -17.99 8.74 -16.25
C LEU N 16 -18.64 9.96 -16.90
N PHE N 17 -17.89 10.72 -17.70
CA PHE N 17 -18.48 11.87 -18.41
C PHE N 17 -19.01 11.32 -19.72
N PHE N 18 -18.17 10.56 -20.41
CA PHE N 18 -18.55 9.95 -21.67
C PHE N 18 -19.79 9.08 -21.47
N PHE N 19 -19.88 8.44 -20.31
CA PHE N 19 -21.00 7.57 -20.02
C PHE N 19 -22.31 8.27 -19.72
N ALA N 20 -22.24 9.53 -19.32
CA ALA N 20 -23.46 10.23 -18.99
C ALA N 20 -23.99 11.15 -20.09
N ILE N 21 -23.17 11.40 -21.10
CA ILE N 21 -23.63 12.27 -22.17
C ILE N 21 -23.95 11.44 -23.41
N PHE N 22 -23.85 10.12 -23.28
CA PHE N 22 -24.15 9.26 -24.40
C PHE N 22 -24.90 7.99 -24.02
N PHE N 23 -24.75 7.55 -22.77
CA PHE N 23 -25.48 6.40 -22.32
C PHE N 23 -26.49 6.88 -21.31
N ARG N 24 -26.83 8.15 -21.48
CA ARG N 24 -27.83 8.80 -20.65
C ARG N 24 -29.04 7.92 -20.95
N GLU N 25 -29.88 7.62 -19.96
CA GLU N 25 -31.07 6.84 -20.25
C GLU N 25 -32.19 7.83 -20.56
N PRO N 26 -32.50 8.00 -21.87
CA PRO N 26 -33.50 8.90 -22.43
C PRO N 26 -34.65 9.29 -21.51
N PRO N 27 -34.95 10.59 -21.49
CA PRO N 27 -36.04 11.08 -20.65
C PRO N 27 -37.29 10.79 -21.46
N ARG N 28 -38.24 10.09 -20.88
CA ARG N 28 -39.45 9.77 -21.62
C ARG N 28 -40.55 10.82 -21.44
N ILE N 29 -41.35 11.03 -22.48
CA ILE N 29 -42.44 12.00 -22.45
C ILE N 29 -43.83 11.35 -22.44
N THR N 30 -44.40 11.14 -21.25
CA THR N 30 -45.74 10.52 -21.11
C THR N 30 -46.77 11.39 -20.36
N GLU O 1 34.69 19.39 11.13
CA GLU O 1 34.15 19.32 9.73
C GLU O 1 32.76 19.97 9.66
N GLU O 2 32.72 21.30 9.65
CA GLU O 2 31.44 22.01 9.58
C GLU O 2 31.46 23.38 8.89
N LEU O 3 30.32 23.68 8.31
CA LEU O 3 30.10 24.92 7.57
C LEU O 3 29.36 25.93 8.43
N VAL O 4 29.62 27.21 8.17
CA VAL O 4 28.96 28.24 8.95
C VAL O 4 28.52 29.43 8.12
N ASN O 5 27.48 30.07 8.64
CA ASN O 5 26.89 31.24 8.03
C ASN O 5 28.02 32.23 7.99
N VAL O 6 28.39 32.66 6.80
CA VAL O 6 29.46 33.62 6.65
C VAL O 6 29.16 34.99 7.27
N VAL O 7 28.00 35.55 6.94
CA VAL O 7 27.62 36.87 7.45
C VAL O 7 27.54 37.00 8.95
N ASP O 8 26.48 36.44 9.51
CA ASP O 8 26.23 36.54 10.92
C ASP O 8 27.36 36.08 11.83
N GLU O 9 28.38 35.44 11.28
CA GLU O 9 29.44 35.03 12.18
C GLU O 9 30.35 36.20 12.33
N LYS O 10 30.20 37.16 11.42
CA LYS O 10 31.01 38.37 11.47
C LYS O 10 30.50 39.25 12.59
N LEU O 11 29.22 39.05 12.94
CA LEU O 11 28.56 39.82 13.99
C LEU O 11 29.23 39.62 15.35
N GLY O 12 30.10 38.61 15.45
CA GLY O 12 30.80 38.34 16.69
C GLY O 12 32.14 39.04 16.77
N THR O 13 32.40 39.94 15.82
CA THR O 13 33.65 40.69 15.76
C THR O 13 33.46 42.20 15.77
N ALA O 14 34.23 42.88 14.93
CA ALA O 14 34.16 44.33 14.82
C ALA O 14 32.86 44.71 14.12
N TYR O 15 32.75 44.39 12.83
CA TYR O 15 31.52 44.68 12.08
C TYR O 15 30.41 43.98 12.85
N GLY O 16 29.58 44.77 13.51
CA GLY O 16 28.51 44.21 14.33
C GLY O 16 28.55 44.83 15.71
N GLU O 17 29.01 46.07 15.74
CA GLU O 17 29.15 46.84 16.96
C GLU O 17 29.72 48.20 16.63
N LYS O 18 30.38 48.29 15.47
CA LYS O 18 30.96 49.54 14.98
C LYS O 18 30.87 49.57 13.47
N ILE O 19 31.67 50.38 12.80
CA ILE O 19 31.57 50.37 11.36
C ILE O 19 32.85 49.89 10.71
N ASP O 20 32.71 48.82 9.92
CA ASP O 20 33.81 48.19 9.20
C ASP O 20 34.03 48.91 7.92
N LEU O 21 35.03 49.77 7.92
CA LEU O 21 35.35 50.56 6.77
C LEU O 21 35.59 49.73 5.53
N ASN O 22 35.56 48.41 5.69
CA ASN O 22 35.82 47.48 4.59
C ASN O 22 34.65 46.65 4.11
N ASN O 23 33.52 46.71 4.80
CA ASN O 23 32.37 45.97 4.36
C ASN O 23 31.04 46.70 4.57
N THR O 24 30.64 46.86 5.83
CA THR O 24 29.38 47.49 6.21
C THR O 24 28.78 48.28 5.09
N ASN O 25 27.47 48.17 4.91
CA ASN O 25 26.81 48.91 3.85
C ASN O 25 27.02 50.39 4.12
N ILE O 26 27.15 51.16 3.04
CA ILE O 26 27.39 52.61 3.06
C ILE O 26 26.44 53.41 3.94
N ALA O 27 25.19 52.96 4.00
CA ALA O 27 24.13 53.60 4.75
C ALA O 27 24.23 53.55 6.28
N ALA O 28 25.40 53.20 6.83
CA ALA O 28 25.55 53.17 8.28
C ALA O 28 26.35 54.40 8.68
N PHE O 29 26.68 55.19 7.66
CA PHE O 29 27.45 56.41 7.82
C PHE O 29 26.56 57.62 8.12
N ILE O 30 25.27 57.35 8.25
CA ILE O 30 24.34 58.41 8.56
C ILE O 30 24.33 58.40 10.07
N GLN O 31 24.71 57.26 10.62
CA GLN O 31 24.74 57.04 12.06
C GLN O 31 25.53 58.12 12.84
N TYR O 32 26.35 58.91 12.15
CA TYR O 32 27.13 59.99 12.77
C TYR O 32 27.10 61.22 11.85
N ARG O 33 27.44 62.40 12.38
CA ARG O 33 27.38 63.64 11.59
C ARG O 33 28.59 64.15 10.85
N GLY O 34 28.30 64.67 9.66
CA GLY O 34 29.31 65.19 8.78
C GLY O 34 29.94 64.04 8.00
N LEU O 35 29.34 62.85 8.07
CA LEU O 35 29.89 61.69 7.39
C LEU O 35 29.23 61.19 6.12
N TYR O 36 27.89 61.14 6.08
CA TYR O 36 27.19 60.58 4.90
C TYR O 36 27.50 61.11 3.49
N PRO O 37 26.58 61.89 2.90
CA PRO O 37 26.79 62.40 1.55
C PRO O 37 28.08 62.07 0.79
N THR O 38 29.18 62.69 1.20
CA THR O 38 30.47 62.50 0.52
C THR O 38 31.40 61.52 1.16
N LEU O 39 31.97 61.88 2.30
CA LEU O 39 32.90 61.00 3.00
C LEU O 39 32.51 59.56 2.87
N ALA O 40 31.22 59.30 3.07
CA ALA O 40 30.74 57.95 2.96
C ALA O 40 31.09 57.43 1.58
N LYS O 41 30.73 58.18 0.53
CA LYS O 41 31.03 57.72 -0.82
C LYS O 41 32.50 57.41 -0.98
N LEU O 42 33.34 58.26 -0.41
CA LEU O 42 34.78 58.04 -0.52
C LEU O 42 35.17 56.80 0.26
N ILE O 43 34.93 56.80 1.56
CA ILE O 43 35.30 55.66 2.37
C ILE O 43 35.14 54.35 1.64
N VAL O 44 34.08 54.21 0.85
CA VAL O 44 33.86 52.96 0.15
C VAL O 44 34.42 52.92 -1.25
N LYS O 45 34.32 54.00 -2.00
CA LYS O 45 34.85 53.98 -3.36
C LYS O 45 36.34 53.67 -3.27
N ASN O 46 36.88 53.62 -2.06
CA ASN O 46 38.28 53.26 -1.87
C ASN O 46 38.35 51.83 -1.36
N ALA O 47 39.37 51.11 -1.82
CA ALA O 47 39.59 49.71 -1.48
C ALA O 47 39.62 49.42 0.02
N PRO O 48 39.46 48.14 0.40
CA PRO O 48 39.49 47.83 1.82
C PRO O 48 40.72 48.46 2.49
N TYR O 49 40.62 48.78 3.79
CA TYR O 49 41.71 49.39 4.53
C TYR O 49 42.39 48.39 5.46
N GLU O 50 43.71 48.24 5.32
CA GLU O 50 44.47 47.31 6.15
C GLU O 50 44.50 47.76 7.62
N SER O 51 44.13 49.02 7.85
CA SER O 51 44.09 49.60 9.19
C SER O 51 43.12 50.80 9.24
N VAL O 52 42.45 50.96 10.37
CA VAL O 52 41.47 52.02 10.57
C VAL O 52 41.92 53.47 10.31
N GLU O 53 43.21 53.75 10.52
CA GLU O 53 43.75 55.11 10.30
C GLU O 53 43.96 55.42 8.82
N ASP O 54 44.37 54.42 8.05
CA ASP O 54 44.63 54.58 6.62
C ASP O 54 43.59 55.45 5.94
N VAL O 55 42.47 55.65 6.64
CA VAL O 55 41.36 56.45 6.15
C VAL O 55 41.82 57.88 5.82
N LEU O 56 42.30 58.58 6.83
CA LEU O 56 42.79 59.96 6.71
C LEU O 56 43.61 60.18 5.45
N ASN O 57 44.18 59.10 4.92
CA ASN O 57 45.00 59.16 3.72
C ASN O 57 44.22 59.58 2.49
N ILE O 58 43.31 58.72 2.03
CA ILE O 58 42.50 58.99 0.85
C ILE O 58 42.83 60.33 0.20
N PRO O 59 43.49 60.27 -0.96
CA PRO O 59 43.93 61.42 -1.78
C PRO O 59 42.85 62.41 -2.21
N GLY O 60 42.82 63.59 -1.58
CA GLY O 60 41.83 64.60 -1.95
C GLY O 60 41.09 65.22 -0.78
N LEU O 61 41.41 64.74 0.42
CA LEU O 61 40.80 65.21 1.66
C LEU O 61 41.16 66.61 2.09
N THR O 62 40.14 67.37 2.50
CA THR O 62 40.33 68.73 3.01
C THR O 62 40.54 68.50 4.51
N GLU O 63 41.60 69.08 5.07
CA GLU O 63 41.90 68.92 6.49
C GLU O 63 40.63 68.84 7.34
N ARG O 64 39.58 69.53 6.92
CA ARG O 64 38.32 69.47 7.66
C ARG O 64 37.82 68.02 7.59
N GLN O 65 37.75 67.47 6.39
CA GLN O 65 37.30 66.09 6.26
C GLN O 65 38.32 65.15 6.89
N LYS O 66 39.61 65.47 6.76
CA LYS O 66 40.64 64.63 7.37
C LYS O 66 40.36 64.67 8.87
N GLN O 67 39.77 65.78 9.32
CA GLN O 67 39.43 65.95 10.73
C GLN O 67 38.27 65.06 11.13
N ILE O 68 37.07 65.44 10.69
CA ILE O 68 35.88 64.65 10.98
C ILE O 68 36.29 63.19 11.11
N LEU O 69 37.10 62.77 10.14
CA LEU O 69 37.57 61.40 10.14
C LEU O 69 38.23 61.09 11.48
N ARG O 70 39.19 61.91 11.89
CA ARG O 70 39.88 61.64 13.15
C ARG O 70 38.96 61.51 14.35
N GLU O 71 38.07 62.49 14.54
CA GLU O 71 37.17 62.45 15.68
C GLU O 71 36.07 61.39 15.59
N ASN O 72 35.90 60.78 14.42
CA ASN O 72 34.89 59.72 14.27
C ASN O 72 35.62 58.39 14.08
N LEU O 73 36.93 58.51 13.95
CA LEU O 73 37.79 57.37 13.78
C LEU O 73 37.42 56.36 14.84
N GLU O 74 37.48 56.79 16.10
CA GLU O 74 37.17 55.94 17.23
C GLU O 74 35.96 55.03 17.05
N HIS O 75 35.18 55.30 16.00
CA HIS O 75 33.98 54.51 15.70
C HIS O 75 34.20 53.52 14.56
N PHE O 76 35.15 53.84 13.70
CA PHE O 76 35.48 53.00 12.55
C PHE O 76 36.26 51.76 12.96
N THR O 77 36.26 50.76 12.09
CA THR O 77 37.01 49.53 12.34
C THR O 77 37.10 48.81 11.02
N VAL O 78 37.94 47.77 10.99
CA VAL O 78 38.15 46.99 9.78
C VAL O 78 38.40 45.52 10.08
N THR O 79 37.99 44.68 9.15
CA THR O 79 38.20 43.25 9.27
C THR O 79 38.21 42.70 7.88
N GLU O 80 38.54 41.41 7.77
CA GLU O 80 38.57 40.76 6.49
C GLU O 80 37.42 41.17 5.60
N VAL O 81 37.74 41.53 4.36
CA VAL O 81 36.72 41.89 3.39
C VAL O 81 35.85 40.64 3.37
N GLU O 82 34.60 40.73 2.90
CA GLU O 82 33.79 39.52 2.87
C GLU O 82 32.93 39.42 1.61
N THR O 83 33.38 38.56 0.71
CA THR O 83 32.78 38.31 -0.59
C THR O 83 31.26 38.28 -0.66
N ALA O 84 30.63 37.58 0.27
CA ALA O 84 29.18 37.48 0.26
C ALA O 84 28.52 38.70 0.87
N LEU O 85 29.31 39.50 1.58
CA LEU O 85 28.79 40.69 2.21
C LEU O 85 28.78 41.91 1.31
N VAL O 86 29.61 41.93 0.27
CA VAL O 86 29.64 43.09 -0.61
C VAL O 86 29.75 42.86 -2.12
N GLU O 87 29.53 41.64 -2.59
CA GLU O 87 29.66 41.46 -4.01
C GLU O 87 28.67 42.32 -4.78
N GLY O 88 27.44 41.81 -4.88
CA GLY O 88 26.38 42.49 -5.61
C GLY O 88 26.10 43.95 -5.36
N GLY O 89 27.12 44.80 -5.44
CA GLY O 89 26.92 46.21 -5.23
C GLY O 89 26.06 46.43 -4.01
N ASP O 90 26.19 45.51 -3.08
CA ASP O 90 25.44 45.55 -1.85
C ASP O 90 26.00 46.66 -0.98
N ARG O 91 27.29 46.91 -1.09
CA ARG O 91 27.88 47.93 -0.26
C ARG O 91 27.08 49.22 -0.37
N TYR O 92 26.70 49.60 -1.58
CA TYR O 92 25.95 50.83 -1.79
C TYR O 92 24.50 50.58 -1.40
N ASN O 93 23.74 49.90 -2.27
CA ASN O 93 22.36 49.59 -1.90
C ASN O 93 22.35 48.12 -1.49
N ASN O 94 22.60 47.87 -0.20
CA ASN O 94 22.66 46.51 0.32
C ASN O 94 21.32 45.83 0.19
N GLY O 95 20.50 46.36 -0.71
CA GLY O 95 19.18 45.81 -0.90
C GLY O 95 18.52 45.72 0.45
N LEU O 96 17.80 46.78 0.83
CA LEU O 96 17.10 46.88 2.11
C LEU O 96 16.77 48.33 2.39
N TYR O 97 15.49 48.61 2.62
CA TYR O 97 15.05 49.96 2.89
C TYR O 97 14.37 50.04 4.25
N LYS O 98 13.49 51.01 4.43
CA LYS O 98 12.77 51.15 5.69
C LYS O 98 11.59 50.19 5.70
N ALA P 1 -7.38 69.04 25.68
CA ALA P 1 -6.60 68.76 26.92
C ALA P 1 -5.80 67.46 26.79
N GLU P 2 -5.41 67.14 25.55
CA GLU P 2 -4.64 65.93 25.26
C GLU P 2 -3.29 66.35 24.69
N LEU P 3 -3.32 67.22 23.69
CA LEU P 3 -2.09 67.73 23.07
C LEU P 3 -1.77 69.11 23.67
N THR P 4 -1.17 69.06 24.86
CA THR P 4 -0.79 70.22 25.64
C THR P 4 0.13 71.25 24.97
N PRO P 5 0.03 72.53 25.37
CA PRO P 5 0.87 73.58 24.78
C PRO P 5 2.37 73.30 25.01
N GLU P 6 2.67 72.63 26.13
CA GLU P 6 4.06 72.30 26.49
C GLU P 6 4.66 71.20 25.59
N VAL P 7 3.82 70.63 24.73
CA VAL P 7 4.26 69.61 23.81
C VAL P 7 4.38 70.32 22.48
N LEU P 8 3.57 71.36 22.29
CA LEU P 8 3.62 72.16 21.08
C LEU P 8 4.73 73.17 21.29
N THR P 9 5.41 73.01 22.43
CA THR P 9 6.52 73.84 22.81
C THR P 9 7.77 73.12 22.31
N VAL P 10 8.30 73.63 21.22
CA VAL P 10 9.45 73.03 20.59
C VAL P 10 10.64 73.97 20.56
N PRO P 11 11.80 73.46 20.11
CA PRO P 11 13.06 74.20 19.99
C PRO P 11 13.02 74.93 18.65
N LEU P 12 13.15 76.25 18.64
CA LEU P 12 13.11 76.94 17.36
C LEU P 12 14.48 77.13 16.73
N ASN P 13 15.48 77.41 17.57
CA ASN P 13 16.83 77.63 17.09
C ASN P 13 17.83 76.64 17.65
N SER P 14 19.10 76.95 17.48
CA SER P 14 20.17 76.10 17.97
C SER P 14 20.43 76.34 19.46
N GLU P 15 20.82 77.57 19.79
CA GLU P 15 21.14 78.01 21.16
C GLU P 15 20.42 77.23 22.27
N GLY P 16 19.18 76.83 21.99
CA GLY P 16 18.41 76.07 22.98
C GLY P 16 17.20 76.80 23.49
N LYS P 17 16.94 78.00 22.99
CA LYS P 17 15.78 78.78 23.44
C LYS P 17 14.59 78.03 22.89
N THR P 18 13.37 78.42 23.24
CA THR P 18 12.18 77.70 22.76
C THR P 18 10.94 78.49 22.33
N ILE P 19 10.15 77.95 21.40
CA ILE P 19 8.92 78.61 20.93
C ILE P 19 7.70 77.69 21.05
N THR P 20 6.55 78.28 21.38
CA THR P 20 5.27 77.57 21.55
C THR P 20 4.37 77.71 20.34
N LEU P 21 3.60 76.66 20.04
CA LEU P 21 2.69 76.66 18.89
C LEU P 21 1.22 76.72 19.35
N THR P 22 0.34 77.22 18.50
CA THR P 22 -1.08 77.33 18.86
C THR P 22 -1.78 76.06 18.50
N GLU P 23 -2.87 75.72 19.20
CA GLU P 23 -3.59 74.51 18.81
C GLU P 23 -4.00 74.81 17.37
N LYS P 24 -3.98 76.09 17.02
CA LYS P 24 -4.32 76.55 15.69
C LYS P 24 -3.20 76.35 14.70
N GLN P 25 -2.14 77.15 14.84
CA GLN P 25 -1.01 77.08 13.91
C GLN P 25 -0.50 75.66 13.61
N TYR P 26 -0.72 74.73 14.54
CA TYR P 26 -0.29 73.34 14.34
C TYR P 26 -1.04 72.80 13.13
N LEU P 27 -2.37 72.86 13.21
CA LEU P 27 -3.20 72.39 12.13
C LEU P 27 -2.50 72.70 10.82
N GLU P 28 -2.18 73.97 10.62
CA GLU P 28 -1.52 74.42 9.39
C GLU P 28 -0.27 73.62 9.05
N GLY P 29 0.49 73.23 10.07
CA GLY P 29 1.70 72.45 9.84
C GLY P 29 1.36 71.18 9.09
N LYS P 30 0.21 70.61 9.44
CA LYS P 30 -0.27 69.39 8.81
C LYS P 30 -0.77 69.71 7.41
N ARG P 31 -1.85 70.48 7.36
CA ARG P 31 -2.48 70.89 6.10
C ARG P 31 -1.42 71.25 5.08
N LEU P 32 -0.46 72.05 5.51
CA LEU P 32 0.60 72.45 4.63
C LEU P 32 1.39 71.23 4.23
N PHE P 33 1.89 70.51 5.23
CA PHE P 33 2.68 69.30 5.02
C PHE P 33 2.16 68.47 3.84
N GLN P 34 0.99 67.86 4.03
CA GLN P 34 0.36 67.01 3.01
C GLN P 34 0.35 67.65 1.62
N TYR P 35 0.09 68.94 1.57
CA TYR P 35 0.07 69.66 0.31
C TYR P 35 1.48 69.62 -0.26
N ALA P 36 2.42 70.03 0.59
CA ALA P 36 3.83 70.16 0.24
C ALA P 36 4.78 68.96 0.27
N CYS P 37 4.53 68.00 1.15
CA CYS P 37 5.44 66.85 1.24
C CYS P 37 4.81 65.47 1.08
N ALA P 38 3.54 65.35 1.45
CA ALA P 38 2.83 64.08 1.37
C ALA P 38 3.53 63.13 0.45
N SER P 39 3.57 63.51 -0.82
CA SER P 39 4.21 62.73 -1.88
C SER P 39 5.20 61.81 -1.22
N CYS P 40 6.10 62.42 -0.46
CA CYS P 40 7.12 61.71 0.25
C CYS P 40 6.93 62.06 1.73
N HIS P 41 7.97 61.85 2.53
CA HIS P 41 7.92 62.16 3.95
C HIS P 41 6.61 61.83 4.64
N VAL P 42 5.84 60.90 4.08
CA VAL P 42 4.60 60.50 4.71
C VAL P 42 4.96 59.68 5.92
N GLY P 43 4.12 59.69 6.94
CA GLY P 43 4.43 58.93 8.13
C GLY P 43 5.75 59.33 8.75
N GLY P 44 6.48 60.19 8.06
CA GLY P 44 7.76 60.67 8.57
C GLY P 44 8.98 60.10 7.88
N ILE P 45 8.78 59.56 6.68
CA ILE P 45 9.88 58.96 5.93
C ILE P 45 9.98 59.36 4.47
N THR P 46 11.20 59.63 4.04
CA THR P 46 11.43 60.01 2.67
C THR P 46 11.28 58.82 1.74
N LYS P 47 10.36 58.90 0.79
CA LYS P 47 10.16 57.81 -0.14
C LYS P 47 11.23 57.74 -1.22
N THR P 48 11.66 58.90 -1.71
CA THR P 48 12.70 58.98 -2.76
C THR P 48 13.97 58.31 -2.26
N ASN P 49 14.21 58.40 -0.96
CA ASN P 49 15.37 57.77 -0.36
C ASN P 49 15.09 57.51 1.10
N PRO P 50 14.83 56.24 1.42
CA PRO P 50 14.52 55.64 2.72
C PRO P 50 15.63 55.66 3.77
N SER P 51 16.84 55.98 3.37
CA SER P 51 17.92 56.04 4.33
C SER P 51 17.80 57.33 5.14
N LEU P 52 17.04 58.29 4.61
CA LEU P 52 16.82 59.57 5.29
C LEU P 52 15.36 59.79 5.77
N ASP P 53 15.24 60.07 7.07
CA ASP P 53 13.97 60.27 7.76
C ASP P 53 13.81 61.68 8.32
N LEU P 54 12.67 61.94 8.92
CA LEU P 54 12.41 63.25 9.49
C LEU P 54 12.48 63.25 11.00
N ARG P 55 12.69 62.09 11.61
CA ARG P 55 12.76 61.98 13.07
C ARG P 55 13.57 63.09 13.72
N THR P 56 13.40 63.28 15.02
CA THR P 56 14.14 64.32 15.71
C THR P 56 15.63 64.01 15.76
N GLU P 57 16.00 62.90 16.41
CA GLU P 57 17.40 62.49 16.52
C GLU P 57 18.12 62.88 15.26
N THR P 58 17.83 62.14 14.21
CA THR P 58 18.40 62.37 12.89
C THR P 58 18.65 63.87 12.60
N LEU P 59 17.60 64.68 12.67
CA LEU P 59 17.70 66.11 12.38
C LEU P 59 18.88 66.74 13.10
N ALA P 60 18.85 66.65 14.41
CA ALA P 60 19.92 67.19 15.26
C ALA P 60 21.29 66.73 14.79
N LEU P 61 21.38 65.48 14.36
CA LEU P 61 22.65 64.90 13.90
C LEU P 61 22.98 65.41 12.51
N ALA P 62 22.00 66.04 11.85
CA ALA P 62 22.22 66.60 10.53
C ALA P 62 23.24 67.72 10.65
N THR P 63 23.60 68.35 9.55
CA THR P 63 24.56 69.46 9.61
C THR P 63 24.39 70.33 8.39
N PRO P 64 23.98 71.59 8.57
CA PRO P 64 23.66 72.20 9.86
C PRO P 64 22.55 71.49 10.58
N PRO P 65 22.57 71.54 11.93
CA PRO P 65 21.52 70.86 12.68
C PRO P 65 20.17 71.17 12.06
N ARG P 66 19.30 70.17 12.03
CA ARG P 66 17.96 70.41 11.51
C ARG P 66 16.92 69.94 12.52
N ASP P 67 17.25 70.14 13.79
CA ASP P 67 16.39 69.79 14.93
C ASP P 67 15.80 71.05 15.58
N ASN P 68 15.44 72.01 14.73
CA ASN P 68 14.88 73.27 15.18
C ASN P 68 14.19 74.04 14.06
N ILE P 69 13.19 74.86 14.42
CA ILE P 69 12.42 75.66 13.46
C ILE P 69 13.25 76.43 12.43
N GLU P 70 14.25 77.19 12.85
CA GLU P 70 15.05 77.94 11.88
C GLU P 70 15.72 76.97 10.89
N GLY P 71 16.21 75.83 11.40
CA GLY P 71 16.88 74.82 10.58
C GLY P 71 16.07 74.21 9.45
N LEU P 72 14.91 73.66 9.78
CA LEU P 72 14.08 73.09 8.75
C LEU P 72 13.72 74.22 7.80
N VAL P 73 13.56 75.42 8.36
CA VAL P 73 13.25 76.60 7.57
C VAL P 73 14.41 76.83 6.60
N ASP P 74 15.62 76.75 7.12
CA ASP P 74 16.81 76.93 6.31
C ASP P 74 16.50 76.07 5.11
N TYR P 75 16.32 74.79 5.41
CA TYR P 75 16.03 73.78 4.39
C TYR P 75 15.02 74.32 3.39
N MET P 76 13.80 74.61 3.85
CA MET P 76 12.75 75.11 2.98
C MET P 76 13.17 76.37 2.21
N LYS P 77 14.28 76.95 2.61
CA LYS P 77 14.80 78.12 1.93
C LYS P 77 15.90 77.66 0.99
N ASN P 78 16.85 76.92 1.54
CA ASN P 78 17.97 76.40 0.75
C ASN P 78 18.17 74.94 1.13
N PRO P 79 17.86 74.03 0.22
CA PRO P 79 18.03 72.61 0.53
C PRO P 79 19.44 72.11 0.32
N THR P 80 19.91 71.29 1.27
CA THR P 80 21.24 70.73 1.16
C THR P 80 21.22 69.36 1.79
N THR P 81 22.14 68.50 1.34
CA THR P 81 22.23 67.16 1.87
C THR P 81 22.61 67.16 3.33
N TYR P 82 22.65 65.96 3.88
CA TYR P 82 23.06 65.78 5.25
C TYR P 82 24.48 66.24 5.03
N ASP P 83 25.25 66.37 6.09
CA ASP P 83 26.64 66.81 5.97
C ASP P 83 26.90 67.97 4.98
N GLY P 84 27.40 69.07 5.53
CA GLY P 84 27.74 70.26 4.76
C GLY P 84 27.34 70.47 3.31
N GLU P 85 28.32 70.92 2.55
CA GLU P 85 28.16 71.28 1.14
C GLU P 85 27.20 70.49 0.25
N GLN P 86 27.08 70.97 -0.99
CA GLN P 86 26.21 70.41 -2.02
C GLN P 86 24.81 71.00 -1.93
N GLU P 87 24.58 72.09 -2.66
CA GLU P 87 23.28 72.74 -2.70
C GLU P 87 22.33 71.91 -3.57
N ILE P 88 21.35 71.26 -2.95
CA ILE P 88 20.44 70.45 -3.73
C ILE P 88 19.08 71.07 -3.90
N ALA P 89 19.05 72.31 -4.34
CA ALA P 89 17.77 72.94 -4.53
C ALA P 89 17.31 72.56 -5.91
N GLU P 90 18.25 72.32 -6.81
CA GLU P 90 17.90 71.97 -8.19
C GLU P 90 17.19 70.62 -8.25
N VAL P 91 17.01 69.98 -7.10
CA VAL P 91 16.30 68.69 -7.07
C VAL P 91 15.21 68.66 -6.02
N HIS P 92 15.55 69.02 -4.79
CA HIS P 92 14.59 69.02 -3.68
C HIS P 92 13.81 70.33 -3.64
N PRO P 93 12.54 70.33 -4.10
CA PRO P 93 11.85 71.61 -4.04
C PRO P 93 12.10 72.27 -2.70
N SER P 94 12.41 73.56 -2.79
CA SER P 94 12.69 74.40 -1.64
C SER P 94 12.48 75.82 -2.15
N LEU P 95 12.15 76.74 -1.25
CA LEU P 95 11.89 78.11 -1.70
C LEU P 95 12.86 78.54 -2.79
N ARG P 96 14.08 78.00 -2.78
CA ARG P 96 15.03 78.34 -3.84
C ARG P 96 14.35 77.71 -5.05
N SER P 97 14.12 76.39 -4.98
CA SER P 97 13.48 75.67 -6.08
C SER P 97 12.77 76.63 -7.02
N ALA P 98 13.50 77.02 -8.08
CA ALA P 98 13.08 77.95 -9.16
C ALA P 98 11.65 77.72 -9.58
N ASP P 99 10.75 77.87 -8.61
CA ASP P 99 9.32 77.67 -8.80
C ASP P 99 9.05 76.26 -9.33
N ILE P 100 10.13 75.52 -9.55
CA ILE P 100 10.05 74.16 -10.03
C ILE P 100 9.22 73.41 -9.00
N PHE P 101 8.15 72.78 -9.46
CA PHE P 101 7.21 72.08 -8.59
C PHE P 101 6.70 73.20 -7.66
N PRO P 102 5.91 74.11 -8.27
CA PRO P 102 5.23 75.32 -7.80
C PRO P 102 4.62 75.22 -6.43
N LYS P 103 4.39 73.99 -6.00
CA LYS P 103 3.83 73.78 -4.69
C LYS P 103 4.54 74.73 -3.72
N MET P 104 5.79 75.06 -4.04
CA MET P 104 6.61 75.96 -3.22
C MET P 104 6.43 77.47 -3.39
N ARG P 105 6.05 77.89 -4.59
CA ARG P 105 5.85 79.30 -4.93
C ARG P 105 5.05 80.13 -3.93
N ASN P 106 3.90 79.60 -3.53
CA ASN P 106 3.03 80.28 -2.59
C ASN P 106 3.59 80.45 -1.20
N LEU P 107 3.75 79.36 -0.45
CA LEU P 107 4.24 79.39 0.95
C LEU P 107 5.04 80.63 1.36
N THR P 108 4.89 81.01 2.62
CA THR P 108 5.61 82.16 3.16
C THR P 108 6.11 81.76 4.53
N GLU P 109 6.69 82.71 5.24
CA GLU P 109 7.20 82.42 6.56
C GLU P 109 6.13 81.76 7.42
N LYS P 110 4.98 82.41 7.57
CA LYS P 110 3.89 81.86 8.39
C LYS P 110 3.80 80.37 8.08
N ASP P 111 3.96 80.05 6.80
CA ASP P 111 3.90 78.67 6.31
C ASP P 111 5.10 77.80 6.66
N LEU P 112 6.30 78.19 6.24
CA LEU P 112 7.46 77.38 6.56
C LEU P 112 7.68 77.23 8.07
N VAL P 113 7.49 78.30 8.83
CA VAL P 113 7.68 78.25 10.27
C VAL P 113 6.77 77.23 10.91
N ALA P 114 5.61 77.02 10.31
CA ALA P 114 4.63 76.08 10.83
C ALA P 114 4.98 74.67 10.46
N ILE P 115 5.08 74.43 9.16
CA ILE P 115 5.42 73.11 8.66
C ILE P 115 6.47 72.59 9.59
N ALA P 116 7.59 73.30 9.64
CA ALA P 116 8.69 72.93 10.49
C ALA P 116 8.17 72.36 11.80
N GLY P 117 7.37 73.14 12.51
CA GLY P 117 6.83 72.69 13.79
C GLY P 117 6.16 71.34 13.66
N HIS P 118 5.36 71.19 12.61
CA HIS P 118 4.69 69.93 12.37
C HIS P 118 5.76 68.81 12.37
N ILE P 119 7.00 69.18 12.05
CA ILE P 119 8.09 68.22 12.00
C ILE P 119 8.69 67.79 13.32
N LEU P 120 8.93 68.72 14.22
CA LEU P 120 9.51 68.36 15.51
C LEU P 120 8.42 67.85 16.43
N VAL P 121 7.22 68.41 16.23
CA VAL P 121 6.04 68.10 17.04
C VAL P 121 5.52 66.69 16.89
N GLU P 122 5.39 66.25 15.64
CA GLU P 122 4.87 64.92 15.32
C GLU P 122 5.42 63.76 16.12
N PRO P 123 6.74 63.59 16.15
CA PRO P 123 7.25 62.46 16.92
C PRO P 123 6.74 62.44 18.37
N LYS P 124 6.70 63.59 19.03
CA LYS P 124 6.21 63.67 20.42
C LYS P 124 4.83 63.00 20.49
N ILE P 125 4.10 63.09 19.37
CA ILE P 125 2.76 62.53 19.18
C ILE P 125 2.85 61.04 18.95
N LEU P 126 3.30 60.69 17.75
CA LEU P 126 3.49 59.32 17.33
C LEU P 126 4.81 58.77 17.89
N GLY P 127 4.72 57.85 18.86
CA GLY P 127 5.89 57.25 19.49
C GLY P 127 7.19 57.43 18.72
N ASP P 128 7.22 56.82 17.55
CA ASP P 128 8.37 56.93 16.67
C ASP P 128 7.82 56.31 15.42
N LYS P 129 6.50 56.07 15.43
CA LYS P 129 5.81 55.54 14.28
C LYS P 129 6.04 56.65 13.27
N TRP P 130 6.63 57.73 13.77
CA TRP P 130 6.96 58.93 13.01
C TRP P 130 8.11 58.69 12.07
N GLY P 131 9.03 57.80 12.48
CA GLY P 131 10.18 57.51 11.65
C GLY P 131 10.16 56.22 10.83
N GLY P 132 9.71 55.14 11.45
CA GLY P 132 9.68 53.87 10.74
C GLY P 132 8.37 53.60 10.03
N GLY P 133 8.42 53.69 8.71
CA GLY P 133 7.31 53.34 7.85
C GLY P 133 7.05 51.85 7.80
N LYS P 134 5.79 51.48 7.64
CA LYS P 134 5.43 50.10 7.33
C LYS P 134 5.61 49.20 8.53
N VAL P 135 6.81 49.16 9.08
CA VAL P 135 7.10 48.20 10.11
C VAL P 135 6.15 48.46 11.24
N TYR P 136 5.85 49.73 11.48
CA TYR P 136 4.88 50.06 12.51
C TYR P 136 3.47 50.05 11.93
N TYR P 137 2.80 51.20 11.96
CA TYR P 137 1.45 51.32 11.39
C TYR P 137 0.29 50.70 12.18
N THR Q 1 -20.79 28.23 51.67
CA THR Q 1 -22.19 28.73 51.59
C THR Q 1 -22.19 30.27 51.60
N ILE Q 2 -23.25 30.90 51.09
CA ILE Q 2 -23.38 32.36 51.01
C ILE Q 2 -22.22 33.10 50.32
N THR Q 3 -21.88 32.65 49.12
CA THR Q 3 -20.83 33.23 48.31
C THR Q 3 -21.42 34.40 47.54
N PRO Q 4 -20.58 35.34 47.10
CA PRO Q 4 -21.08 36.48 46.34
C PRO Q 4 -21.66 36.10 44.98
N SER Q 5 -21.25 34.95 44.44
CA SER Q 5 -21.75 34.49 43.14
C SER Q 5 -22.87 33.44 43.26
N LEU Q 6 -23.06 32.91 44.46
CA LEU Q 6 -24.12 31.95 44.70
C LEU Q 6 -25.29 32.90 44.63
N LYS Q 7 -25.17 34.00 45.37
CA LYS Q 7 -26.15 35.08 45.46
C LYS Q 7 -26.52 35.59 44.07
N GLY Q 8 -25.52 36.04 43.33
CA GLY Q 8 -25.77 36.54 41.99
C GLY Q 8 -26.53 35.49 41.22
N PHE Q 9 -26.26 34.21 41.50
CA PHE Q 9 -26.93 33.12 40.80
C PHE Q 9 -28.38 32.98 41.20
N PHE Q 10 -28.69 33.32 42.45
CA PHE Q 10 -30.06 33.27 42.87
C PHE Q 10 -30.71 34.46 42.18
N ILE Q 11 -30.17 35.65 42.41
CA ILE Q 11 -30.70 36.88 41.80
C ILE Q 11 -30.94 36.70 40.31
N GLY Q 12 -30.10 35.89 39.68
CA GLY Q 12 -30.27 35.65 38.26
C GLY Q 12 -31.42 34.71 38.04
N LEU Q 13 -31.58 33.77 38.94
CA LEU Q 13 -32.65 32.81 38.82
C LEU Q 13 -33.99 33.52 38.84
N LEU Q 14 -34.21 34.36 39.86
CA LEU Q 14 -35.46 35.11 39.98
C LEU Q 14 -35.66 36.00 38.76
N SER Q 15 -34.67 36.82 38.38
CA SER Q 15 -34.81 37.70 37.21
C SER Q 15 -35.22 36.82 36.02
N GLY Q 16 -34.70 35.60 35.98
CA GLY Q 16 -35.10 34.70 34.91
C GLY Q 16 -36.58 34.51 35.12
N ALA Q 17 -36.94 34.05 36.31
CA ALA Q 17 -38.34 33.81 36.67
C ALA Q 17 -39.19 35.06 36.46
N VAL Q 18 -38.68 36.21 36.89
CA VAL Q 18 -39.37 37.48 36.76
C VAL Q 18 -39.86 37.72 35.34
N VAL Q 19 -39.03 37.40 34.36
CA VAL Q 19 -39.41 37.60 32.97
C VAL Q 19 -40.34 36.49 32.50
N LEU Q 20 -40.32 35.37 33.21
CA LEU Q 20 -41.18 34.23 32.90
C LEU Q 20 -42.59 34.54 33.44
N GLY Q 21 -42.65 34.88 34.73
CA GLY Q 21 -43.92 35.20 35.39
C GLY Q 21 -44.66 36.34 34.73
N LEU Q 22 -43.93 37.37 34.31
CA LEU Q 22 -44.54 38.51 33.66
C LEU Q 22 -44.92 38.22 32.21
N THR Q 23 -44.00 37.64 31.45
CA THR Q 23 -44.30 37.32 30.07
C THR Q 23 -45.45 36.33 30.00
N PHE Q 24 -45.36 35.29 30.81
CA PHE Q 24 -46.38 34.26 30.85
C PHE Q 24 -47.73 34.72 31.44
N ALA Q 25 -47.69 35.60 32.43
CA ALA Q 25 -48.91 36.10 33.06
C ALA Q 25 -49.60 37.15 32.19
N VAL Q 26 -48.86 37.76 31.27
CA VAL Q 26 -49.43 38.75 30.39
C VAL Q 26 -49.89 38.06 29.09
N LEU Q 27 -49.40 36.84 28.87
CA LEU Q 27 -49.74 36.08 27.67
C LEU Q 27 -51.13 35.47 27.75
N ILE Q 28 -51.57 35.11 28.96
CA ILE Q 28 -52.89 34.53 29.09
C ILE Q 28 -53.92 35.64 29.35
N ALA Q 29 -53.46 36.83 29.73
CA ALA Q 29 -54.38 37.92 29.94
C ALA Q 29 -55.00 38.13 28.59
N ILE Q 30 -54.16 38.28 27.57
CA ILE Q 30 -54.63 38.50 26.20
C ILE Q 30 -55.16 37.19 25.58
N SER Q 31 -54.71 36.07 26.15
CA SER Q 31 -55.18 34.76 25.72
C SER Q 31 -56.68 34.77 25.75
N GLN Q 32 -57.20 34.84 26.97
CA GLN Q 32 -58.64 34.90 27.15
C GLN Q 32 -59.15 36.33 27.28
N ILE Q 33 -59.45 36.91 26.12
CA ILE Q 33 -60.01 38.24 25.95
C ILE Q 33 -60.39 38.27 24.49
N ASP Q 34 -60.46 37.06 23.91
CA ASP Q 34 -60.84 36.84 22.52
C ASP Q 34 -60.34 35.49 22.00
N ILE R 1 -22.47 80.94 4.02
CA ILE R 1 -21.77 79.80 4.67
C ILE R 1 -22.15 78.46 4.04
N ALA R 2 -23.43 78.15 4.01
CA ALA R 2 -23.89 76.89 3.44
C ALA R 2 -24.93 77.06 2.34
N GLN R 3 -24.55 76.66 1.12
CA GLN R 3 -25.45 76.74 -0.01
C GLN R 3 -26.35 75.51 0.05
N LEU R 4 -26.29 74.81 1.18
CA LEU R 4 -27.10 73.61 1.43
C LEU R 4 -28.54 74.00 1.15
N THR R 5 -28.72 75.30 1.01
CA THR R 5 -30.00 75.89 0.71
C THR R 5 -30.28 75.72 -0.79
N MET R 6 -29.29 76.11 -1.60
CA MET R 6 -29.41 76.02 -3.05
C MET R 6 -29.76 74.63 -3.53
N ILE R 7 -28.99 73.65 -3.08
CA ILE R 7 -29.21 72.26 -3.47
C ILE R 7 -30.62 71.79 -3.12
N ALA R 8 -31.10 72.12 -1.92
CA ALA R 8 -32.44 71.71 -1.49
C ALA R 8 -33.51 72.43 -2.31
N MET R 9 -33.23 73.68 -2.68
CA MET R 9 -34.17 74.46 -3.48
C MET R 9 -34.27 73.79 -4.84
N ILE R 10 -33.12 73.66 -5.51
CA ILE R 10 -33.07 73.03 -6.82
C ILE R 10 -33.77 71.69 -6.68
N GLY R 11 -33.56 71.04 -5.54
CA GLY R 11 -34.20 69.77 -5.30
C GLY R 11 -35.69 69.93 -5.35
N ILE R 12 -36.24 70.51 -4.28
CA ILE R 12 -37.68 70.72 -4.15
C ILE R 12 -38.35 71.27 -5.43
N ALA R 13 -37.57 71.90 -6.29
CA ALA R 13 -38.06 72.48 -7.54
C ALA R 13 -38.85 71.55 -8.44
N GLY R 14 -38.17 70.54 -8.99
CA GLY R 14 -38.78 69.58 -9.91
C GLY R 14 -39.67 68.49 -9.35
N PRO R 15 -39.56 68.18 -8.04
CA PRO R 15 -40.42 67.16 -7.43
C PRO R 15 -41.72 67.84 -7.00
N MET R 16 -41.73 69.17 -7.11
CA MET R 16 -42.92 69.93 -6.77
C MET R 16 -43.43 70.68 -8.01
N ILE R 17 -42.88 70.34 -9.17
CA ILE R 17 -43.33 70.90 -10.43
C ILE R 17 -44.42 69.89 -10.77
N ILE R 18 -44.24 68.69 -10.24
CA ILE R 18 -45.20 67.62 -10.45
C ILE R 18 -46.39 67.80 -9.52
N PHE R 19 -46.13 68.31 -8.31
CA PHE R 19 -47.16 68.57 -7.31
C PHE R 19 -48.17 69.53 -7.94
N LEU R 20 -47.66 70.67 -8.36
CA LEU R 20 -48.51 71.68 -8.97
C LEU R 20 -49.17 71.07 -10.19
N LEU R 21 -48.45 70.25 -10.94
CA LEU R 21 -49.03 69.63 -12.12
C LEU R 21 -50.07 68.57 -11.79
N ALA R 22 -50.05 68.08 -10.56
CA ALA R 22 -51.01 67.06 -10.14
C ALA R 22 -52.17 67.69 -9.38
N VAL R 23 -51.92 68.88 -8.83
CA VAL R 23 -52.95 69.60 -8.12
C VAL R 23 -53.70 70.49 -9.11
N ARG R 24 -53.08 70.75 -10.27
CA ARG R 24 -53.74 71.54 -11.32
C ARG R 24 -54.30 70.53 -12.32
N ARG R 25 -53.85 69.28 -12.18
CA ARG R 25 -54.25 68.16 -13.04
C ARG R 25 -53.73 68.48 -14.43
N GLY R 26 -52.90 67.60 -15.00
CA GLY R 26 -52.36 67.89 -16.31
C GLY R 26 -51.63 66.77 -16.97
N ASN R 27 -52.43 65.81 -17.43
CA ASN R 27 -51.96 64.63 -18.14
C ASN R 27 -50.47 64.37 -17.97
N LEU R 28 -50.09 63.84 -16.81
CA LEU R 28 -48.68 63.52 -16.58
C LEU R 28 -48.42 62.06 -17.00
N UNK S 1 -27.81 62.72 36.52
CA UNK S 1 -29.29 62.72 36.71
C UNK S 1 -29.94 63.90 35.97
N UNK S 2 -29.21 65.00 35.86
CA UNK S 2 -29.68 66.21 35.16
C UNK S 2 -29.58 66.02 33.66
N UNK S 3 -28.56 65.29 33.23
CA UNK S 3 -28.34 65.00 31.81
C UNK S 3 -29.31 63.92 31.35
N UNK S 4 -29.65 63.01 32.28
CA UNK S 4 -30.56 61.91 32.01
C UNK S 4 -31.92 62.36 31.52
N UNK S 5 -32.52 63.29 32.26
CA UNK S 5 -33.82 63.83 31.91
C UNK S 5 -33.77 64.68 30.64
N UNK S 6 -32.76 65.56 30.51
CA UNK S 6 -32.65 66.41 29.33
C UNK S 6 -32.79 65.58 28.06
N UNK S 7 -32.35 64.34 28.15
CA UNK S 7 -32.40 63.41 27.04
C UNK S 7 -33.70 62.60 27.04
N UNK S 8 -34.24 62.37 28.23
CA UNK S 8 -35.48 61.62 28.37
C UNK S 8 -36.68 62.56 28.36
N UNK S 9 -36.45 63.85 28.10
CA UNK S 9 -37.53 64.82 28.06
C UNK S 9 -38.47 64.58 26.87
N UNK S 10 -37.89 64.43 25.69
CA UNK S 10 -38.63 64.21 24.47
C UNK S 10 -39.44 62.92 24.43
N UNK S 11 -39.09 61.96 25.28
CA UNK S 11 -39.81 60.68 25.33
C UNK S 11 -41.08 60.82 26.16
N UNK S 12 -41.08 61.79 27.06
CA UNK S 12 -42.24 62.05 27.88
C UNK S 12 -43.23 62.87 27.07
N UNK S 13 -42.72 63.87 26.34
CA UNK S 13 -43.55 64.75 25.51
C UNK S 13 -44.22 64.03 24.33
N UNK S 14 -43.53 63.07 23.71
CA UNK S 14 -44.09 62.31 22.59
C UNK S 14 -45.14 61.35 23.11
N UNK S 15 -44.93 60.89 24.34
CA UNK S 15 -45.87 59.98 24.97
C UNK S 15 -47.14 60.77 25.28
N UNK S 16 -47.01 62.10 25.26
CA UNK S 16 -48.13 63.00 25.54
C UNK S 16 -49.06 63.19 24.36
N UNK S 17 -48.50 63.21 23.15
CA UNK S 17 -49.32 63.37 21.97
C UNK S 17 -50.25 62.16 21.83
N UNK S 18 -49.86 61.07 22.51
CA UNK S 18 -50.64 59.84 22.50
C UNK S 18 -51.99 60.09 23.19
N UNK S 19 -52.17 61.30 23.70
CA UNK S 19 -53.43 61.68 24.37
C UNK S 19 -54.57 61.88 23.38
N UNK S 20 -54.25 62.25 22.14
CA UNK S 20 -55.27 62.44 21.10
C UNK S 20 -55.75 61.06 20.67
N UNK S 21 -54.90 60.07 20.94
CA UNK S 21 -55.14 58.66 20.63
C UNK S 21 -55.93 57.91 21.71
N UNK S 22 -55.82 58.35 22.97
CA UNK S 22 -56.55 57.71 24.06
C UNK S 22 -58.03 58.10 23.94
N UNK S 23 -58.26 59.30 23.40
CA UNK S 23 -59.59 59.89 23.19
C UNK S 23 -60.39 59.42 21.94
N UNK S 24 -59.68 59.11 20.85
CA UNK S 24 -60.35 58.66 19.60
C UNK S 24 -60.00 57.24 19.12
N MET T 1 -18.62 99.36 -14.83
CA MET T 1 -19.99 98.78 -14.71
C MET T 1 -19.97 97.46 -13.93
N THR T 2 -18.96 97.31 -13.06
CA THR T 2 -18.80 96.11 -12.23
C THR T 2 -20.11 95.73 -11.53
N ILE T 3 -20.74 96.74 -10.94
CA ILE T 3 -21.99 96.56 -10.20
C ILE T 3 -23.15 96.00 -11.03
N LEU T 4 -23.71 96.86 -11.89
CA LEU T 4 -24.83 96.53 -12.76
C LEU T 4 -24.71 95.17 -13.44
N PHE T 5 -23.49 94.64 -13.43
CA PHE T 5 -23.21 93.34 -14.03
C PHE T 5 -23.88 92.28 -13.19
N GLN T 6 -23.34 92.11 -11.98
CA GLN T 6 -23.83 91.12 -11.02
C GLN T 6 -25.31 90.84 -11.14
N LEU T 7 -26.07 91.88 -11.49
CA LEU T 7 -27.51 91.76 -11.61
C LEU T 7 -27.96 91.34 -13.01
N ALA T 8 -27.07 91.51 -13.99
CA ALA T 8 -27.35 91.14 -15.37
C ALA T 8 -27.49 89.62 -15.53
N LEU T 9 -26.71 88.87 -14.75
CA LEU T 9 -26.76 87.41 -14.80
C LEU T 9 -27.58 86.93 -13.61
N ALA T 10 -27.51 87.67 -12.51
CA ALA T 10 -28.29 87.32 -11.34
C ALA T 10 -29.72 87.57 -11.79
N ALA T 11 -29.85 87.84 -13.08
CA ALA T 11 -31.13 88.08 -13.71
C ALA T 11 -31.44 86.80 -14.47
N LEU T 12 -30.44 86.30 -15.19
CA LEU T 12 -30.58 85.07 -15.95
C LEU T 12 -30.51 83.91 -14.97
N VAL T 13 -30.40 84.24 -13.68
CA VAL T 13 -30.36 83.22 -12.64
C VAL T 13 -31.79 82.85 -12.26
N ILE T 14 -32.54 83.83 -11.77
CA ILE T 14 -33.91 83.63 -11.36
C ILE T 14 -34.84 83.46 -12.55
N LEU T 15 -34.37 83.85 -13.73
CA LEU T 15 -35.20 83.70 -14.92
C LEU T 15 -35.41 82.23 -15.23
N SER T 16 -34.29 81.51 -15.38
CA SER T 16 -34.26 80.08 -15.71
C SER T 16 -34.69 79.11 -14.59
N PHE T 17 -34.47 79.47 -13.33
CA PHE T 17 -34.92 78.64 -12.22
C PHE T 17 -36.44 78.66 -12.36
N VAL T 18 -36.94 79.73 -12.96
CA VAL T 18 -38.36 79.94 -13.22
C VAL T 18 -38.75 79.24 -14.52
N MET T 19 -37.90 79.37 -15.55
CA MET T 19 -38.14 78.74 -16.85
C MET T 19 -38.24 77.23 -16.67
N VAL T 20 -37.46 76.72 -15.73
CA VAL T 20 -37.42 75.29 -15.43
C VAL T 20 -38.76 74.83 -14.90
N ILE T 21 -39.37 75.67 -14.08
CA ILE T 21 -40.67 75.37 -13.48
C ILE T 21 -41.83 75.63 -14.47
N GLY T 22 -41.72 76.69 -15.25
CA GLY T 22 -42.77 77.03 -16.20
C GLY T 22 -42.89 76.09 -17.37
N VAL T 23 -42.13 76.35 -18.43
CA VAL T 23 -42.13 75.56 -19.68
C VAL T 23 -42.81 74.20 -19.53
N PRO T 24 -42.40 73.39 -18.53
CA PRO T 24 -43.04 72.09 -18.36
C PRO T 24 -44.56 72.18 -18.29
N VAL T 25 -45.09 72.72 -17.20
CA VAL T 25 -46.54 72.85 -17.01
C VAL T 25 -47.28 73.27 -18.28
N ALA T 26 -46.68 74.17 -19.07
CA ALA T 26 -47.27 74.69 -20.29
C ALA T 26 -47.57 73.65 -21.37
N TYR T 27 -46.94 72.48 -21.27
CA TYR T 27 -47.19 71.42 -22.24
C TYR T 27 -47.98 70.28 -21.60
N ALA T 28 -48.16 70.37 -20.28
CA ALA T 28 -48.86 69.33 -19.55
C ALA T 28 -50.19 69.74 -18.96
N SER T 29 -50.25 70.94 -18.41
CA SER T 29 -51.47 71.44 -17.77
C SER T 29 -52.57 71.95 -18.69
N PRO T 30 -53.84 71.58 -18.40
CA PRO T 30 -55.00 71.99 -19.20
C PRO T 30 -55.28 73.49 -19.01
N GLN T 31 -54.77 74.04 -17.90
CA GLN T 31 -54.96 75.44 -17.60
C GLN T 31 -54.43 76.25 -18.77
N ASP T 32 -55.23 76.31 -19.83
CA ASP T 32 -54.89 77.03 -21.04
C ASP T 32 -53.44 76.81 -21.47
N TRP T 33 -53.26 76.04 -22.53
CA TRP T 33 -51.94 75.75 -23.05
C TRP T 33 -51.41 76.88 -23.91
N ASP T 34 -52.30 77.78 -24.35
CA ASP T 34 -51.92 78.91 -25.23
C ASP T 34 -51.50 80.23 -24.58
N ARG T 35 -52.06 80.57 -23.43
CA ARG T 35 -51.65 81.81 -22.76
C ARG T 35 -50.26 81.58 -22.17
N SER T 36 -50.06 80.38 -21.61
CA SER T 36 -48.80 80.00 -20.99
C SER T 36 -47.78 79.77 -22.09
N LYS T 37 -48.25 79.20 -23.20
CA LYS T 37 -47.38 78.92 -24.36
C LYS T 37 -46.79 80.21 -24.93
N GLN T 38 -47.53 81.31 -24.80
CA GLN T 38 -47.04 82.58 -25.29
C GLN T 38 -46.16 83.26 -24.25
N LEU T 39 -46.58 83.29 -23.00
CA LEU T 39 -45.73 83.89 -21.96
C LEU T 39 -44.43 83.11 -22.01
N ILE T 40 -44.47 81.93 -22.65
CA ILE T 40 -43.29 81.10 -22.80
C ILE T 40 -42.23 81.88 -23.56
N PHE T 41 -42.57 82.46 -24.71
CA PHE T 41 -41.57 83.21 -25.43
C PHE T 41 -41.07 84.39 -24.58
N LEU T 42 -41.71 84.65 -23.43
CA LEU T 42 -41.29 85.77 -22.58
C LEU T 42 -39.83 85.62 -22.17
N GLY T 43 -39.56 84.73 -21.22
CA GLY T 43 -38.19 84.51 -20.77
C GLY T 43 -37.23 83.99 -21.82
N SER T 44 -37.77 83.37 -22.87
CA SER T 44 -36.95 82.83 -23.96
C SER T 44 -36.46 83.94 -24.85
N GLY T 45 -36.77 85.17 -24.44
CA GLY T 45 -36.35 86.34 -25.18
C GLY T 45 -35.35 87.00 -24.27
N LEU T 46 -35.64 86.93 -22.97
CA LEU T 46 -34.73 87.48 -21.98
C LEU T 46 -33.60 86.49 -21.86
N TRP T 47 -33.94 85.21 -21.97
CA TRP T 47 -32.94 84.17 -21.88
C TRP T 47 -31.86 84.46 -22.93
N ILE T 48 -32.24 84.44 -24.21
CA ILE T 48 -31.33 84.71 -25.31
C ILE T 48 -30.54 85.98 -25.06
N ALA T 49 -31.22 86.98 -24.52
CA ALA T 49 -30.61 88.26 -24.26
C ALA T 49 -29.82 88.29 -22.96
N LEU T 50 -30.55 88.13 -21.85
CA LEU T 50 -29.95 88.13 -20.53
C LEU T 50 -28.58 87.48 -20.44
N VAL T 51 -28.35 86.42 -21.22
CA VAL T 51 -27.05 85.76 -21.20
C VAL T 51 -26.12 86.65 -22.03
N LEU T 52 -26.60 87.03 -23.21
CA LEU T 52 -25.85 87.89 -24.11
C LEU T 52 -25.60 89.21 -23.41
N VAL T 53 -26.44 89.52 -22.45
CA VAL T 53 -26.28 90.75 -21.67
C VAL T 53 -25.02 90.53 -20.81
N VAL T 54 -24.94 89.33 -20.21
CA VAL T 54 -23.80 88.94 -19.38
C VAL T 54 -22.75 88.72 -20.44
N GLY T 55 -23.24 88.71 -21.67
CA GLY T 55 -22.41 88.53 -22.84
C GLY T 55 -21.25 89.49 -22.82
N VAL T 56 -21.35 90.49 -23.67
CA VAL T 56 -20.33 91.50 -23.79
C VAL T 56 -20.06 92.13 -22.41
N LEU T 57 -20.93 91.87 -21.44
CA LEU T 57 -20.76 92.40 -20.11
C LEU T 57 -19.60 91.71 -19.40
N ASN T 58 -19.55 90.40 -19.55
CA ASN T 58 -18.51 89.55 -18.93
C ASN T 58 -17.08 90.04 -19.10
N PHE T 59 -16.80 90.75 -20.18
CA PHE T 59 -15.46 91.22 -20.40
C PHE T 59 -15.04 92.31 -19.41
N PHE T 60 -16.01 92.96 -18.77
CA PHE T 60 -15.71 94.03 -17.80
C PHE T 60 -15.77 93.53 -16.35
N VAL T 61 -14.82 92.67 -15.99
CA VAL T 61 -14.74 92.05 -14.66
C VAL T 61 -14.22 92.91 -13.49
N VAL T 62 -12.90 92.86 -13.27
CA VAL T 62 -12.21 93.57 -12.18
C VAL T 62 -11.80 95.02 -12.52
N SER U 10 -44.69 -41.45 30.25
CA SER U 10 -43.78 -40.30 29.92
C SER U 10 -42.34 -40.69 30.27
N ALA U 11 -41.38 -40.26 29.42
CA ALA U 11 -39.95 -40.55 29.60
C ALA U 11 -39.24 -39.39 30.30
N ASN U 12 -38.39 -39.74 31.26
CA ASN U 12 -37.66 -38.74 32.03
C ASN U 12 -36.82 -37.92 31.09
N LEU U 13 -36.29 -36.81 31.60
CA LEU U 13 -35.49 -35.88 30.82
C LEU U 13 -34.34 -36.51 30.00
N TRP U 14 -33.56 -37.41 30.61
CA TRP U 14 -32.44 -38.04 29.91
C TRP U 14 -32.89 -38.76 28.64
N GLU U 15 -34.05 -39.41 28.69
CA GLU U 15 -34.56 -40.12 27.52
C GLU U 15 -34.66 -39.16 26.33
N ARG U 16 -34.98 -37.89 26.61
CA ARG U 16 -35.10 -36.87 25.60
C ARG U 16 -33.70 -36.56 25.11
N PHE U 17 -32.84 -36.28 26.06
CA PHE U 17 -31.43 -35.99 25.82
C PHE U 17 -30.82 -36.92 24.76
N CYS U 18 -30.89 -38.23 25.02
CA CYS U 18 -30.34 -39.23 24.11
C CYS U 18 -31.00 -39.36 22.72
N ASN U 19 -32.15 -38.71 22.52
CA ASN U 19 -32.86 -38.76 21.24
C ASN U 19 -32.44 -37.55 20.42
N TRP U 20 -32.10 -36.48 21.12
CA TRP U 20 -31.66 -35.21 20.54
C TRP U 20 -30.23 -35.35 20.01
N VAL U 21 -29.48 -36.25 20.63
CA VAL U 21 -28.11 -36.53 20.25
C VAL U 21 -28.11 -37.55 19.13
N THR U 22 -29.20 -38.30 19.05
CA THR U 22 -29.37 -39.34 18.03
C THR U 22 -30.51 -39.04 17.05
N SER U 23 -30.97 -37.78 17.07
CA SER U 23 -32.06 -37.34 16.20
C SER U 23 -31.55 -37.12 14.78
N THR U 24 -32.06 -37.91 13.85
CA THR U 24 -31.67 -37.79 12.44
C THR U 24 -32.23 -36.48 11.86
N ASP U 25 -32.70 -35.59 12.75
CA ASP U 25 -33.30 -34.30 12.35
C ASP U 25 -32.38 -33.06 12.42
N ASN U 26 -31.51 -32.95 13.42
CA ASN U 26 -30.60 -31.81 13.58
C ASN U 26 -29.80 -31.42 12.34
N ARG U 27 -29.68 -30.11 12.09
CA ARG U 27 -28.95 -29.59 10.93
C ARG U 27 -27.68 -30.39 10.68
N LEU U 28 -27.06 -30.80 11.79
CA LEU U 28 -25.85 -31.59 11.77
C LEU U 28 -25.96 -32.56 12.95
N TYR U 29 -25.66 -33.82 12.67
CA TYR U 29 -25.76 -34.86 13.68
C TYR U 29 -24.76 -34.74 14.82
N VAL U 30 -25.30 -34.69 16.04
CA VAL U 30 -24.51 -34.57 17.27
C VAL U 30 -24.32 -35.96 17.86
N GLY U 31 -24.21 -36.95 17.00
CA GLY U 31 -24.08 -38.32 17.45
C GLY U 31 -23.35 -38.51 18.77
N TRP U 32 -23.50 -39.69 19.35
CA TRP U 32 -22.83 -40.04 20.60
C TRP U 32 -21.33 -39.77 20.44
N PHE U 33 -20.76 -40.21 19.32
CA PHE U 33 -19.37 -39.98 19.03
C PHE U 33 -19.10 -38.47 18.95
N GLY U 34 -20.16 -37.72 18.65
CA GLY U 34 -20.06 -36.27 18.55
C GLY U 34 -20.00 -35.49 19.86
N VAL U 35 -20.46 -36.10 20.94
CA VAL U 35 -20.43 -35.45 22.25
C VAL U 35 -18.98 -35.38 22.74
N ILE U 36 -18.12 -36.13 22.06
CA ILE U 36 -16.70 -36.17 22.38
C ILE U 36 -15.96 -35.50 21.23
N MET U 37 -16.38 -35.75 20.01
CA MET U 37 -15.73 -35.14 18.87
C MET U 37 -15.81 -33.63 18.98
N ILE U 38 -17.03 -33.10 18.92
CA ILE U 38 -17.25 -31.66 19.00
C ILE U 38 -16.52 -30.88 20.10
N PRO U 39 -16.74 -31.21 21.39
CA PRO U 39 -15.99 -30.43 22.39
C PRO U 39 -14.51 -30.52 22.07
N THR U 40 -14.07 -31.72 21.68
CA THR U 40 -12.68 -32.01 21.33
C THR U 40 -12.16 -31.12 20.20
N LEU U 41 -12.66 -31.34 18.98
CA LEU U 41 -12.23 -30.54 17.83
C LEU U 41 -12.27 -29.03 18.10
N LEU U 42 -13.29 -28.56 18.81
CA LEU U 42 -13.37 -27.12 19.14
C LEU U 42 -12.12 -26.69 19.85
N ALA U 43 -11.69 -27.51 20.80
CA ALA U 43 -10.49 -27.27 21.58
C ALA U 43 -9.28 -27.17 20.66
N ALA U 44 -8.99 -28.26 19.97
CA ALA U 44 -7.88 -28.32 19.02
C ALA U 44 -7.79 -27.00 18.27
N THR U 45 -8.77 -26.76 17.41
CA THR U 45 -8.86 -25.55 16.60
C THR U 45 -8.64 -24.23 17.29
N ILE U 46 -9.63 -23.75 18.03
CA ILE U 46 -9.49 -22.46 18.67
C ILE U 46 -8.14 -22.28 19.38
N CYS U 47 -7.57 -23.33 19.94
CA CYS U 47 -6.27 -23.20 20.58
C CYS U 47 -5.30 -22.82 19.44
N PHE U 48 -5.10 -23.79 18.55
CA PHE U 48 -4.24 -23.68 17.38
C PHE U 48 -4.40 -22.38 16.62
N VAL U 49 -5.57 -22.16 16.05
CA VAL U 49 -5.86 -20.95 15.27
C VAL U 49 -5.35 -19.72 15.99
N ILE U 50 -5.29 -19.77 17.31
CA ILE U 50 -4.78 -18.62 18.03
C ILE U 50 -3.28 -18.76 18.07
N ALA U 51 -2.81 -19.93 18.47
CA ALA U 51 -1.38 -20.14 18.52
C ALA U 51 -0.77 -19.74 17.18
N PHE U 52 -1.54 -19.93 16.13
CA PHE U 52 -1.09 -19.62 14.78
C PHE U 52 -0.92 -18.13 14.60
N ILE U 53 -1.55 -17.34 15.44
CA ILE U 53 -1.44 -15.90 15.34
C ILE U 53 -0.17 -15.44 16.07
N ALA U 54 -0.21 -15.55 17.39
CA ALA U 54 0.90 -15.21 18.30
C ALA U 54 1.37 -16.45 19.08
N ALA U 55 2.20 -17.25 18.39
CA ALA U 55 2.78 -18.46 18.93
C ALA U 55 4.15 -18.05 19.45
N PRO U 56 4.31 -18.04 20.78
CA PRO U 56 5.58 -17.67 21.42
C PRO U 56 6.66 -18.62 21.00
N PRO U 57 7.84 -18.10 20.68
CA PRO U 57 9.00 -18.89 20.25
C PRO U 57 9.06 -20.23 20.93
N VAL U 58 9.01 -21.31 20.16
CA VAL U 58 9.10 -22.62 20.79
C VAL U 58 10.40 -23.31 20.40
N ASP U 59 10.86 -24.15 21.32
CA ASP U 59 12.11 -24.84 21.17
C ASP U 59 11.87 -26.32 20.94
N ILE U 60 11.63 -26.73 19.70
CA ILE U 60 11.40 -28.14 19.41
C ILE U 60 12.50 -29.00 20.03
N ASP U 61 13.58 -29.20 19.27
CA ASP U 61 14.71 -29.99 19.70
C ASP U 61 15.10 -29.64 21.17
N GLY U 62 15.93 -30.47 21.79
CA GLY U 62 16.33 -30.25 23.18
C GLY U 62 17.07 -28.96 23.49
N ILE U 63 18.05 -28.66 22.63
CA ILE U 63 18.87 -27.47 22.72
C ILE U 63 18.06 -26.19 22.92
N ARG U 64 18.35 -25.44 23.97
CA ARG U 64 17.60 -24.23 24.22
C ARG U 64 17.87 -23.16 23.19
N GLU U 65 17.26 -23.33 22.02
CA GLU U 65 17.38 -22.36 20.93
C GLU U 65 16.01 -22.24 20.25
N PRO U 66 15.04 -21.53 20.89
CA PRO U 66 13.68 -21.31 20.41
C PRO U 66 13.52 -20.98 18.93
N VAL U 67 12.99 -21.95 18.17
CA VAL U 67 12.77 -21.80 16.72
C VAL U 67 11.28 -21.61 16.52
N SER U 68 10.83 -20.37 16.46
CA SER U 68 9.40 -20.17 16.31
C SER U 68 8.77 -19.41 15.16
N GLY U 69 8.42 -20.13 14.10
CA GLY U 69 7.73 -19.52 12.98
C GLY U 69 6.35 -19.17 13.52
N SER U 70 5.74 -18.12 12.99
CA SER U 70 4.42 -17.70 13.46
C SER U 70 4.00 -16.43 12.77
N LEU U 71 2.96 -15.80 13.30
CA LEU U 71 2.49 -14.58 12.68
C LEU U 71 3.08 -13.40 13.38
N LEU U 72 2.64 -13.11 14.60
CA LEU U 72 3.19 -11.95 15.31
C LEU U 72 4.66 -12.12 15.65
N TYR U 73 5.29 -13.10 15.01
CA TYR U 73 6.72 -13.39 15.22
C TYR U 73 7.48 -13.65 13.91
N GLY U 74 6.96 -14.57 13.11
CA GLY U 74 7.42 -14.72 11.75
C GLY U 74 6.24 -14.52 10.83
N ASN U 75 5.61 -13.35 10.92
CA ASN U 75 4.36 -13.13 10.22
C ASN U 75 4.39 -13.45 8.72
N ASN U 76 4.09 -14.72 8.47
CA ASN U 76 3.81 -15.31 7.16
C ASN U 76 2.96 -16.54 7.28
N ILE U 77 2.27 -16.87 6.20
CA ILE U 77 1.42 -18.03 6.21
C ILE U 77 2.20 -19.28 5.93
N ILE U 78 3.09 -19.20 4.94
CA ILE U 78 3.87 -20.37 4.59
C ILE U 78 5.04 -20.61 5.54
N THR U 79 5.52 -19.57 6.23
CA THR U 79 6.62 -19.79 7.16
C THR U 79 6.01 -20.46 8.38
N GLY U 80 5.52 -19.65 9.28
CA GLY U 80 4.90 -20.15 10.49
C GLY U 80 4.22 -21.51 10.55
N ALA U 81 3.76 -21.78 11.75
CA ALA U 81 3.08 -23.01 12.08
C ALA U 81 2.94 -23.06 13.61
N VAL U 82 2.58 -24.23 14.08
CA VAL U 82 2.45 -24.51 15.48
C VAL U 82 3.64 -25.43 15.63
N VAL U 83 4.57 -25.15 16.53
CA VAL U 83 5.73 -26.03 16.65
C VAL U 83 5.59 -27.14 17.67
N PRO U 84 6.21 -28.31 17.39
CA PRO U 84 6.25 -29.54 18.19
C PRO U 84 6.53 -29.48 19.71
N SER U 85 6.98 -30.60 20.25
CA SER U 85 7.32 -30.72 21.67
C SER U 85 8.83 -30.80 21.81
N SER U 86 9.35 -30.49 23.00
CA SER U 86 10.78 -30.52 23.16
C SER U 86 11.29 -31.89 23.55
N ASN U 87 12.43 -32.28 22.98
CA ASN U 87 13.03 -33.57 23.32
C ASN U 87 12.90 -33.63 24.84
N ALA U 88 13.52 -32.66 25.50
CA ALA U 88 13.49 -32.52 26.96
C ALA U 88 12.40 -33.38 27.58
N ILE U 89 11.16 -33.02 27.26
CA ILE U 89 9.98 -33.73 27.72
C ILE U 89 9.66 -34.64 26.54
N GLY U 90 10.25 -35.83 26.54
CA GLY U 90 10.07 -36.76 25.45
C GLY U 90 9.01 -37.83 25.58
N LEU U 91 8.09 -37.89 24.63
CA LEU U 91 7.00 -38.85 24.69
C LEU U 91 6.31 -38.70 26.04
N HIS U 92 6.79 -37.74 26.81
CA HIS U 92 6.24 -37.42 28.11
C HIS U 92 4.97 -36.68 27.77
N PHE U 93 3.98 -36.75 28.66
CA PHE U 93 2.74 -36.03 28.44
C PHE U 93 2.94 -34.68 29.09
N TYR U 94 2.78 -33.59 28.32
CA TYR U 94 2.96 -32.26 28.87
C TYR U 94 1.64 -31.52 29.06
N PRO U 95 1.00 -31.74 30.22
CA PRO U 95 -0.26 -31.07 30.48
C PRO U 95 -0.10 -29.64 30.89
N ILE U 96 -0.72 -28.76 30.14
CA ILE U 96 -0.66 -27.35 30.43
C ILE U 96 -0.65 -27.05 31.92
N TRP U 97 -1.17 -27.95 32.77
CA TRP U 97 -1.16 -27.67 34.20
C TRP U 97 0.13 -28.04 34.89
N GLU U 98 1.11 -28.39 34.06
CA GLU U 98 2.44 -28.77 34.52
C GLU U 98 3.36 -27.57 34.62
N ALA U 99 3.66 -26.98 33.47
CA ALA U 99 4.52 -25.81 33.35
C ALA U 99 4.19 -24.82 34.46
N ALA U 100 5.13 -24.67 35.39
CA ALA U 100 4.96 -23.76 36.52
C ALA U 100 4.48 -22.36 36.08
N SER U 101 4.30 -22.18 34.77
CA SER U 101 3.83 -20.93 34.20
C SER U 101 3.35 -21.24 32.81
N LEU U 102 2.29 -20.57 32.42
CA LEU U 102 1.76 -20.78 31.08
C LEU U 102 2.91 -20.50 30.10
N ASP U 103 3.74 -19.54 30.46
CA ASP U 103 4.86 -19.13 29.63
C ASP U 103 5.86 -20.28 29.46
N GLU U 104 5.85 -21.20 30.42
CA GLU U 104 6.73 -22.34 30.36
C GLU U 104 6.18 -23.21 29.24
N TRP U 105 4.95 -23.62 29.49
CA TRP U 105 4.17 -24.44 28.59
C TRP U 105 4.43 -23.98 27.15
N LEU U 106 4.67 -22.69 26.99
CA LEU U 106 4.92 -22.13 25.67
C LEU U 106 6.26 -22.52 25.13
N TYR U 107 7.31 -22.29 25.91
CA TYR U 107 8.65 -22.61 25.49
C TYR U 107 8.68 -24.05 24.99
N ASN U 108 8.18 -24.95 25.82
CA ASN U 108 8.17 -26.37 25.52
C ASN U 108 7.13 -26.77 24.47
N GLY U 109 6.46 -25.76 23.94
CA GLY U 109 5.44 -25.98 22.92
C GLY U 109 4.21 -26.72 23.43
N GLY U 110 3.93 -26.56 24.73
CA GLY U 110 2.80 -27.21 25.34
C GLY U 110 1.58 -27.13 24.45
N PRO U 111 1.35 -25.99 23.78
CA PRO U 111 0.16 -25.99 22.93
C PRO U 111 0.15 -27.18 21.95
N TYR U 112 1.31 -27.56 21.43
CA TYR U 112 1.33 -28.68 20.48
C TYR U 112 0.48 -29.86 20.94
N GLN U 113 0.98 -30.57 21.96
CA GLN U 113 0.26 -31.72 22.48
C GLN U 113 -1.22 -31.41 22.62
N LEU U 114 -1.57 -30.56 23.57
CA LEU U 114 -2.95 -30.18 23.78
C LEU U 114 -3.81 -30.27 22.49
N ILE U 115 -3.37 -29.61 21.42
CA ILE U 115 -4.09 -29.61 20.14
C ILE U 115 -4.07 -30.95 19.42
N ILE U 116 -2.87 -31.45 19.17
CA ILE U 116 -2.71 -32.71 18.46
C ILE U 116 -3.45 -33.90 19.06
N PHE U 117 -3.53 -33.97 20.38
CA PHE U 117 -4.26 -35.09 20.97
C PHE U 117 -5.76 -34.91 20.75
N HIS U 118 -6.25 -33.67 20.89
CA HIS U 118 -7.67 -33.41 20.65
C HIS U 118 -8.01 -33.68 19.21
N PHE U 119 -7.21 -33.14 18.27
CA PHE U 119 -7.49 -33.39 16.86
C PHE U 119 -7.32 -34.87 16.53
N LEU U 120 -6.52 -35.57 17.31
CA LEU U 120 -6.33 -36.98 17.02
C LEU U 120 -7.54 -37.80 17.43
N LEU U 121 -7.86 -37.79 18.72
CA LEU U 121 -8.99 -38.54 19.18
C LEU U 121 -10.29 -37.93 18.59
N GLY U 122 -10.36 -36.62 18.47
CA GLY U 122 -11.55 -35.99 17.91
C GLY U 122 -11.91 -36.41 16.49
N ALA U 123 -10.90 -36.58 15.61
CA ALA U 123 -11.09 -36.98 14.20
C ALA U 123 -11.36 -38.47 14.06
N SER U 124 -11.13 -39.20 15.14
CA SER U 124 -11.41 -40.61 15.17
C SER U 124 -12.90 -40.61 15.53
N CYS U 125 -13.27 -39.69 16.42
CA CYS U 125 -14.66 -39.54 16.82
C CYS U 125 -15.42 -39.35 15.51
N TYR U 126 -14.87 -38.54 14.61
CA TYR U 126 -15.51 -38.32 13.31
C TYR U 126 -15.52 -39.71 12.64
N MET U 127 -14.37 -40.38 12.59
CA MET U 127 -14.32 -41.71 12.01
C MET U 127 -15.51 -42.48 12.58
N GLY U 128 -15.68 -42.35 13.89
CA GLY U 128 -16.77 -42.99 14.58
C GLY U 128 -18.10 -42.37 14.18
N ARG U 129 -18.43 -41.20 14.71
CA ARG U 129 -19.68 -40.51 14.40
C ARG U 129 -19.79 -40.27 12.90
N GLN U 130 -19.02 -41.04 12.12
CA GLN U 130 -19.03 -40.96 10.65
C GLN U 130 -19.84 -42.13 10.15
N TRP U 131 -20.13 -43.05 11.06
CA TRP U 131 -20.90 -44.23 10.73
C TRP U 131 -22.25 -44.11 11.42
N GLU U 132 -22.37 -43.15 12.34
CA GLU U 132 -23.60 -42.96 13.11
C GLU U 132 -24.86 -42.60 12.34
N LEU U 133 -24.71 -42.33 11.05
CA LEU U 133 -25.83 -42.03 10.18
C LEU U 133 -25.97 -43.28 9.34
N SER U 134 -24.86 -43.99 9.18
CA SER U 134 -24.79 -45.24 8.43
C SER U 134 -25.75 -46.24 9.08
N TYR U 135 -26.05 -46.00 10.35
CA TYR U 135 -26.98 -46.84 11.09
C TYR U 135 -28.26 -46.07 11.47
N ARG U 136 -28.11 -44.92 12.14
CA ARG U 136 -29.29 -44.13 12.51
C ARG U 136 -30.08 -43.78 11.26
N LEU U 137 -29.57 -44.22 10.12
CA LEU U 137 -30.20 -44.04 8.81
C LEU U 137 -29.91 -45.33 8.07
N GLY U 138 -30.93 -46.17 7.91
CA GLY U 138 -30.72 -47.44 7.21
C GLY U 138 -29.94 -47.32 5.92
N MET U 139 -28.66 -47.71 5.93
CA MET U 139 -27.84 -47.63 4.72
C MET U 139 -26.45 -48.15 5.01
N ARG U 140 -25.90 -48.91 4.07
CA ARG U 140 -24.56 -49.49 4.18
C ARG U 140 -23.60 -48.57 4.96
N PRO U 141 -23.03 -49.08 6.09
CA PRO U 141 -22.12 -48.38 6.99
C PRO U 141 -20.66 -48.10 6.61
N TRP U 142 -20.11 -48.77 5.59
CA TRP U 142 -18.70 -48.58 5.23
C TRP U 142 -18.25 -47.24 4.65
N ILE U 143 -18.91 -46.16 5.05
CA ILE U 143 -18.50 -44.85 4.58
C ILE U 143 -17.31 -44.51 5.48
N CYS U 144 -17.53 -44.57 6.80
CA CYS U 144 -16.49 -44.27 7.78
C CYS U 144 -15.29 -45.19 7.57
N VAL U 145 -15.53 -46.32 6.91
CA VAL U 145 -14.45 -47.27 6.64
C VAL U 145 -13.47 -46.71 5.63
N ALA U 146 -13.95 -45.88 4.70
CA ALA U 146 -13.07 -45.29 3.70
C ALA U 146 -12.35 -44.11 4.34
N TYR U 147 -12.87 -43.66 5.47
CA TYR U 147 -12.28 -42.56 6.20
C TYR U 147 -11.12 -43.10 7.05
N SER U 148 -10.80 -44.37 6.83
CA SER U 148 -9.70 -45.04 7.52
C SER U 148 -8.40 -44.65 6.81
N ALA U 149 -8.41 -44.72 5.48
CA ALA U 149 -7.26 -44.34 4.67
C ALA U 149 -6.79 -42.98 5.20
N PRO U 150 -7.76 -42.11 5.61
CA PRO U 150 -7.49 -40.79 6.17
C PRO U 150 -7.08 -40.64 7.66
N LEU U 151 -8.00 -40.87 8.58
CA LEU U 151 -7.67 -40.76 9.99
C LEU U 151 -6.33 -41.40 10.31
N ALA U 152 -6.27 -42.71 10.06
CA ALA U 152 -5.06 -43.53 10.28
C ALA U 152 -3.79 -42.81 9.89
N SER U 153 -3.64 -42.57 8.60
CA SER U 153 -2.49 -41.89 8.07
C SER U 153 -2.12 -40.68 8.91
N ALA U 154 -3.11 -39.86 9.26
CA ALA U 154 -2.89 -38.67 10.08
C ALA U 154 -2.25 -39.04 11.41
N PHE U 155 -2.66 -40.19 11.93
CA PHE U 155 -2.14 -40.74 13.18
C PHE U 155 -0.69 -41.17 12.99
N ALA U 156 -0.45 -41.85 11.86
CA ALA U 156 0.86 -42.38 11.46
C ALA U 156 1.90 -41.28 11.47
N VAL U 157 1.43 -40.06 11.29
CA VAL U 157 2.31 -38.92 11.28
C VAL U 157 2.17 -38.04 12.53
N PHE U 158 1.34 -38.45 13.49
CA PHE U 158 1.14 -37.65 14.71
C PHE U 158 1.30 -38.44 16.02
N LEU U 159 1.08 -39.74 15.96
CA LEU U 159 1.22 -40.56 17.15
C LEU U 159 2.24 -41.67 17.04
N ILE U 160 2.12 -42.48 15.99
CA ILE U 160 3.03 -43.61 15.76
C ILE U 160 4.54 -43.32 15.68
N TYR U 161 4.95 -42.50 14.70
CA TYR U 161 6.36 -42.17 14.55
C TYR U 161 6.91 -41.67 15.90
N PRO U 162 6.12 -40.86 16.62
CA PRO U 162 6.55 -40.36 17.94
C PRO U 162 6.82 -41.50 18.95
N ILE U 163 5.88 -42.43 19.05
CA ILE U 163 6.06 -43.56 19.96
C ILE U 163 7.23 -44.31 19.35
N GLY U 164 7.34 -44.19 18.04
CA GLY U 164 8.43 -44.85 17.34
C GLY U 164 9.73 -44.32 17.90
N GLN U 165 10.19 -43.18 17.38
CA GLN U 165 11.43 -42.56 17.83
C GLN U 165 11.34 -42.07 19.27
N GLY U 166 12.31 -41.24 19.65
CA GLY U 166 12.38 -40.70 21.01
C GLY U 166 11.16 -39.99 21.55
N SER U 167 10.84 -38.84 20.98
CA SER U 167 9.68 -38.10 21.46
C SER U 167 8.98 -37.32 20.39
N PHE U 168 7.81 -36.77 20.73
CA PHE U 168 7.04 -35.99 19.78
C PHE U 168 7.89 -34.96 19.02
N SER U 169 9.15 -34.81 19.42
CA SER U 169 10.09 -33.86 18.80
C SER U 169 10.10 -33.91 17.28
N ASP U 170 9.78 -35.07 16.75
CA ASP U 170 9.75 -35.30 15.31
C ASP U 170 8.35 -35.74 14.87
N GLY U 171 7.35 -34.90 15.12
CA GLY U 171 5.99 -35.25 14.75
C GLY U 171 5.37 -34.27 13.79
N MET U 172 5.63 -34.46 12.49
CA MET U 172 5.10 -33.60 11.44
C MET U 172 4.56 -32.33 12.06
N PRO U 173 5.42 -31.35 12.26
CA PRO U 173 4.84 -30.15 12.87
C PRO U 173 3.65 -29.69 12.02
N LEU U 174 2.66 -29.05 12.63
CA LEU U 174 1.47 -28.55 11.91
C LEU U 174 1.71 -27.18 11.32
N GLY U 175 2.43 -27.17 10.20
CA GLY U 175 2.76 -25.93 9.51
C GLY U 175 2.93 -26.27 8.05
N ILE U 176 2.93 -25.28 7.20
CA ILE U 176 3.08 -25.57 5.79
C ILE U 176 4.51 -26.02 5.54
N SER U 177 5.47 -25.15 5.87
CA SER U 177 6.87 -25.47 5.67
C SER U 177 7.33 -26.56 6.65
N GLY U 178 6.90 -26.49 7.91
CA GLY U 178 7.30 -27.52 8.87
C GLY U 178 7.00 -28.90 8.31
N THR U 179 6.03 -28.93 7.40
CA THR U 179 5.64 -30.14 6.72
C THR U 179 6.90 -30.52 5.97
N PHE U 180 7.15 -29.74 4.91
CA PHE U 180 8.30 -29.90 4.04
C PHE U 180 9.51 -30.33 4.83
N ASN U 181 9.78 -29.59 5.91
CA ASN U 181 10.89 -29.91 6.80
C ASN U 181 10.78 -31.39 7.18
N PHE U 182 9.79 -31.69 8.02
CA PHE U 182 9.51 -33.04 8.50
C PHE U 182 9.57 -34.05 7.39
N MET U 183 9.10 -33.65 6.23
CA MET U 183 9.12 -34.55 5.10
C MET U 183 10.57 -34.89 4.86
N ILE U 184 11.35 -33.88 4.48
CA ILE U 184 12.78 -34.03 4.19
C ILE U 184 13.55 -34.83 5.23
N VAL U 185 13.45 -34.42 6.49
CA VAL U 185 14.14 -35.08 7.60
C VAL U 185 14.05 -36.57 7.30
N PHE U 186 12.83 -37.07 7.39
CA PHE U 186 12.52 -38.46 7.14
C PHE U 186 13.26 -39.03 5.91
N GLN U 187 13.05 -38.42 4.75
CA GLN U 187 13.68 -38.89 3.53
C GLN U 187 15.18 -38.94 3.66
N ALA U 188 15.72 -38.38 4.73
CA ALA U 188 17.15 -38.43 4.93
C ALA U 188 17.48 -39.47 5.97
N GLU U 189 16.52 -39.77 6.83
CA GLU U 189 16.72 -40.75 7.89
C GLU U 189 16.21 -42.15 7.53
N HIS U 190 15.35 -42.22 6.52
CA HIS U 190 14.77 -43.47 6.01
C HIS U 190 14.62 -43.27 4.51
N ASN U 191 14.99 -44.25 3.70
CA ASN U 191 14.81 -44.03 2.28
C ASN U 191 13.38 -44.38 1.94
N ILE U 192 12.46 -43.49 2.35
CA ILE U 192 11.00 -43.65 2.12
C ILE U 192 10.56 -43.47 0.65
N LEU U 193 11.42 -42.80 -0.13
CA LEU U 193 11.16 -42.57 -1.55
C LEU U 193 11.64 -43.84 -2.28
N MET U 194 12.56 -44.54 -1.61
CA MET U 194 13.12 -45.80 -2.09
C MET U 194 12.37 -46.89 -1.35
N HIS U 195 11.09 -46.69 -1.17
CA HIS U 195 10.27 -47.65 -0.47
C HIS U 195 9.06 -48.05 -1.29
N PRO U 196 8.66 -49.29 -1.16
CA PRO U 196 7.53 -49.90 -1.84
C PRO U 196 6.28 -49.79 -0.96
N PHE U 197 6.29 -48.83 -0.05
CA PHE U 197 5.13 -48.61 0.82
C PHE U 197 4.66 -47.19 0.57
N HIS U 198 5.62 -46.29 0.41
CA HIS U 198 5.34 -44.90 0.09
C HIS U 198 4.82 -45.01 -1.32
N GLN U 199 5.41 -45.96 -2.03
CA GLN U 199 5.03 -46.20 -3.40
C GLN U 199 3.51 -46.39 -3.51
N LEU U 200 2.93 -47.22 -2.64
CA LEU U 200 1.51 -47.55 -2.68
C LEU U 200 0.54 -46.40 -2.42
N GLY U 201 1.07 -45.34 -1.83
CA GLY U 201 0.25 -44.17 -1.59
C GLY U 201 0.33 -43.45 -2.93
N VAL U 202 1.54 -43.40 -3.49
CA VAL U 202 1.73 -42.78 -4.79
C VAL U 202 0.96 -43.64 -5.77
N ALA U 203 0.85 -44.93 -5.47
CA ALA U 203 0.10 -45.85 -6.32
C ALA U 203 -1.35 -45.40 -6.40
N GLY U 204 -1.96 -45.20 -5.22
CA GLY U 204 -3.36 -44.78 -5.14
C GLY U 204 -3.61 -43.30 -5.36
N VAL U 205 -2.73 -42.46 -4.84
CA VAL U 205 -2.86 -41.02 -4.99
C VAL U 205 -2.57 -40.63 -6.43
N PHE U 206 -1.53 -41.26 -6.99
CA PHE U 206 -1.18 -41.05 -8.38
C PHE U 206 -2.16 -41.89 -9.19
N GLY U 207 -3.22 -42.32 -8.52
CA GLY U 207 -4.25 -43.10 -9.16
C GLY U 207 -5.60 -42.41 -9.01
N GLY U 208 -6.06 -42.27 -7.76
CA GLY U 208 -7.32 -41.60 -7.51
C GLY U 208 -7.41 -40.39 -8.42
N ALA U 209 -6.25 -39.81 -8.71
CA ALA U 209 -6.13 -38.64 -9.57
C ALA U 209 -6.39 -39.02 -11.03
N LEU U 210 -5.46 -39.75 -11.65
CA LEU U 210 -5.66 -40.16 -13.04
C LEU U 210 -7.08 -40.70 -13.17
N PHE U 211 -7.62 -41.20 -12.07
CA PHE U 211 -8.97 -41.76 -12.05
C PHE U 211 -10.14 -40.84 -11.80
N CYS U 212 -10.05 -39.95 -10.82
CA CYS U 212 -11.16 -39.05 -10.58
C CYS U 212 -11.38 -38.32 -11.88
N ALA U 213 -10.30 -38.21 -12.64
CA ALA U 213 -10.30 -37.55 -13.94
C ALA U 213 -11.20 -38.26 -14.95
N MET U 214 -11.25 -39.58 -14.90
CA MET U 214 -12.09 -40.33 -15.83
C MET U 214 -13.54 -40.33 -15.42
N HIS U 215 -13.87 -40.86 -14.26
CA HIS U 215 -15.29 -41.04 -13.96
C HIS U 215 -15.89 -39.66 -14.12
N GLY U 216 -15.13 -38.64 -13.75
CA GLY U 216 -15.62 -37.29 -13.98
C GLY U 216 -15.76 -37.11 -15.48
N SER U 217 -14.67 -37.35 -16.20
CA SER U 217 -14.60 -37.25 -17.66
C SER U 217 -15.78 -37.95 -18.34
N LEU U 218 -15.69 -39.27 -18.42
CA LEU U 218 -16.71 -40.10 -19.04
C LEU U 218 -18.13 -39.78 -18.60
N VAL U 219 -18.33 -39.51 -17.31
CA VAL U 219 -19.68 -39.22 -16.78
C VAL U 219 -20.37 -37.96 -17.32
N THR U 220 -19.63 -36.87 -17.41
CA THR U 220 -20.08 -35.64 -18.05
C THR U 220 -20.10 -35.84 -19.57
N SER U 221 -19.12 -36.60 -20.08
CA SER U 221 -19.00 -36.90 -21.51
C SER U 221 -20.21 -37.71 -22.01
N SER U 222 -21.01 -38.18 -21.06
CA SER U 222 -22.19 -38.97 -21.38
C SER U 222 -23.43 -38.50 -20.61
N LEU U 223 -24.08 -37.46 -21.13
CA LEU U 223 -25.30 -36.91 -20.52
C LEU U 223 -26.36 -36.65 -21.60
N ILE U 224 -27.59 -37.07 -21.32
CA ILE U 224 -28.69 -36.90 -22.25
C ILE U 224 -28.77 -35.57 -23.04
N ARG U 225 -29.88 -34.85 -22.93
CA ARG U 225 -30.06 -33.61 -23.69
C ARG U 225 -31.21 -32.82 -23.08
N GLU U 226 -30.88 -31.86 -22.20
CA GLU U 226 -31.92 -31.08 -21.53
C GLU U 226 -31.90 -29.53 -21.53
N THR U 227 -31.06 -28.88 -22.33
CA THR U 227 -31.03 -27.40 -22.38
C THR U 227 -30.51 -26.68 -23.64
N THR U 228 -29.63 -27.31 -24.40
CA THR U 228 -29.05 -26.72 -25.63
C THR U 228 -28.45 -25.33 -25.42
N GLU U 229 -27.40 -25.26 -24.62
CA GLU U 229 -26.70 -24.02 -24.34
C GLU U 229 -27.61 -22.82 -24.16
N THR U 230 -28.93 -23.05 -24.04
CA THR U 230 -29.86 -21.96 -23.83
C THR U 230 -29.30 -21.43 -22.52
N GLU U 231 -28.86 -22.40 -21.70
CA GLU U 231 -28.23 -22.18 -20.40
C GLU U 231 -27.15 -23.25 -20.21
N SER U 232 -27.16 -23.93 -19.07
CA SER U 232 -26.16 -24.96 -18.77
C SER U 232 -26.61 -26.34 -19.12
N ALA U 233 -25.67 -27.27 -19.13
CA ALA U 233 -25.98 -28.64 -19.40
C ALA U 233 -26.03 -29.31 -18.03
N ASN U 234 -25.50 -28.62 -17.03
CA ASN U 234 -25.44 -29.12 -15.65
C ASN U 234 -26.79 -28.99 -14.91
N TYR U 235 -27.87 -28.85 -15.68
CA TYR U 235 -29.21 -28.77 -15.13
C TYR U 235 -29.88 -30.07 -15.52
N GLY U 236 -29.19 -30.83 -16.37
CA GLY U 236 -29.69 -32.11 -16.87
C GLY U 236 -29.99 -33.17 -15.82
N TYR U 237 -30.26 -32.72 -14.60
CA TYR U 237 -30.59 -33.61 -13.51
C TYR U 237 -31.23 -32.75 -12.42
N LYS U 238 -32.51 -32.99 -12.16
CA LYS U 238 -33.16 -32.26 -11.10
C LYS U 238 -32.98 -33.20 -9.94
N PHE U 239 -32.46 -32.66 -8.85
CA PHE U 239 -32.21 -33.45 -7.65
C PHE U 239 -33.43 -34.27 -7.20
N GLY U 240 -33.20 -35.54 -6.86
CA GLY U 240 -34.30 -36.37 -6.39
C GLY U 240 -34.82 -37.42 -7.37
N GLN U 241 -34.65 -37.16 -8.66
CA GLN U 241 -35.10 -38.09 -9.69
C GLN U 241 -34.41 -39.45 -9.53
N GLU U 242 -35.19 -40.52 -9.68
CA GLU U 242 -34.63 -41.85 -9.59
C GLU U 242 -34.10 -42.27 -10.93
N GLU U 243 -34.03 -41.30 -11.84
CA GLU U 243 -33.49 -41.52 -13.17
C GLU U 243 -31.99 -41.31 -13.04
N GLU U 244 -31.23 -41.56 -14.09
CA GLU U 244 -29.80 -41.37 -14.02
C GLU U 244 -29.41 -40.46 -15.15
N THR U 245 -29.42 -39.14 -14.90
CA THR U 245 -29.06 -38.15 -15.92
C THR U 245 -28.04 -38.65 -16.96
N TYR U 246 -27.06 -39.46 -16.53
CA TYR U 246 -26.04 -39.97 -17.45
C TYR U 246 -26.24 -41.44 -17.87
N ASN U 247 -26.04 -41.69 -19.15
CA ASN U 247 -26.18 -43.04 -19.69
C ASN U 247 -24.93 -43.84 -19.36
N ILE U 248 -25.12 -45.13 -19.06
CA ILE U 248 -24.02 -46.03 -18.70
C ILE U 248 -23.31 -46.78 -19.82
N VAL U 249 -24.08 -47.58 -20.55
CA VAL U 249 -23.53 -48.33 -21.68
C VAL U 249 -23.20 -47.31 -22.77
N ALA U 250 -23.86 -46.14 -22.71
CA ALA U 250 -23.60 -45.07 -23.69
C ALA U 250 -22.22 -44.54 -23.35
N ALA U 251 -21.87 -44.64 -22.07
CA ALA U 251 -20.57 -44.20 -21.60
C ALA U 251 -19.54 -45.27 -21.94
N HIS U 252 -19.62 -46.40 -21.26
CA HIS U 252 -18.70 -47.50 -21.50
C HIS U 252 -18.43 -47.64 -22.98
N GLY U 253 -19.48 -47.55 -23.78
CA GLY U 253 -19.35 -47.66 -25.22
C GLY U 253 -18.11 -46.98 -25.73
N TYR U 254 -17.72 -45.88 -25.09
CA TYR U 254 -16.54 -45.11 -25.49
C TYR U 254 -15.23 -45.74 -25.02
N PHE U 255 -15.03 -45.78 -23.71
CA PHE U 255 -13.81 -46.33 -23.16
C PHE U 255 -13.60 -47.75 -23.67
N GLY U 256 -14.64 -48.55 -23.61
CA GLY U 256 -14.53 -49.91 -24.11
C GLY U 256 -13.86 -49.81 -25.46
N ARG U 257 -14.20 -48.74 -26.18
CA ARG U 257 -13.65 -48.52 -27.51
C ARG U 257 -12.22 -47.94 -27.43
N LEU U 258 -11.97 -47.12 -26.40
CA LEU U 258 -10.65 -46.50 -26.21
C LEU U 258 -9.64 -47.62 -26.01
N ILE U 259 -9.83 -48.36 -24.93
CA ILE U 259 -8.99 -49.51 -24.66
C ILE U 259 -9.92 -50.67 -24.94
N PHE U 260 -9.46 -51.65 -25.72
CA PHE U 260 -10.26 -52.80 -26.09
C PHE U 260 -11.29 -53.11 -25.03
N GLN U 261 -12.46 -53.56 -25.46
CA GLN U 261 -13.56 -53.87 -24.56
C GLN U 261 -13.06 -54.73 -23.38
N TYR U 262 -13.99 -55.21 -22.54
CA TYR U 262 -13.62 -56.01 -21.36
C TYR U 262 -12.82 -55.13 -20.39
N ALA U 263 -12.00 -54.23 -20.96
CA ALA U 263 -11.15 -53.33 -20.18
C ALA U 263 -11.89 -52.13 -19.61
N SER U 264 -13.04 -51.81 -20.21
CA SER U 264 -13.90 -50.71 -19.77
C SER U 264 -14.97 -51.35 -18.89
N PHE U 265 -15.50 -50.62 -17.90
CA PHE U 265 -16.51 -51.20 -17.02
C PHE U 265 -17.93 -51.32 -17.56
N ASN U 266 -18.42 -52.55 -17.49
CA ASN U 266 -19.76 -52.92 -17.92
C ASN U 266 -20.75 -52.59 -16.81
N ASN U 267 -20.46 -53.08 -15.62
CA ASN U 267 -21.30 -52.85 -14.46
C ASN U 267 -20.87 -51.58 -13.75
N SER U 268 -21.88 -50.81 -13.33
CA SER U 268 -21.71 -49.61 -12.52
C SER U 268 -21.12 -49.96 -11.17
N ARG U 269 -21.54 -51.09 -10.61
CA ARG U 269 -21.10 -51.52 -9.28
C ARG U 269 -19.59 -51.71 -9.30
N SER U 270 -19.09 -52.31 -10.39
CA SER U 270 -17.66 -52.40 -10.59
C SER U 270 -17.13 -50.98 -10.69
N LEU U 271 -17.91 -50.14 -11.38
CA LEU U 271 -17.61 -48.71 -11.49
C LEU U 271 -17.77 -48.04 -10.13
N HIS U 272 -17.00 -47.03 -9.80
CA HIS U 272 -17.24 -46.46 -8.49
C HIS U 272 -16.76 -47.57 -7.60
N PHE U 273 -16.92 -47.39 -6.29
CA PHE U 273 -16.75 -48.48 -5.34
C PHE U 273 -15.28 -48.84 -5.30
N PHE U 274 -14.81 -49.27 -6.46
CA PHE U 274 -13.41 -49.44 -6.73
C PHE U 274 -12.85 -48.06 -6.66
N LEU U 275 -13.56 -47.12 -7.26
CA LEU U 275 -13.21 -45.72 -7.17
C LEU U 275 -12.72 -45.42 -5.76
N ALA U 276 -13.05 -46.31 -4.83
CA ALA U 276 -12.48 -46.25 -3.50
C ALA U 276 -11.31 -47.21 -3.53
N ALA U 277 -11.61 -48.48 -3.72
CA ALA U 277 -10.56 -49.47 -3.94
C ALA U 277 -9.16 -48.93 -4.27
N TRP U 278 -9.05 -48.08 -5.27
CA TRP U 278 -7.74 -47.58 -5.61
C TRP U 278 -7.05 -46.80 -4.51
N ARG U 279 -7.70 -45.73 -4.08
CA ARG U 279 -7.14 -44.86 -3.05
C ARG U 279 -6.99 -45.58 -1.71
N VAL U 280 -8.07 -45.64 -0.94
CA VAL U 280 -8.03 -46.24 0.38
C VAL U 280 -7.01 -47.37 0.56
N VAL U 281 -6.85 -48.23 -0.45
CA VAL U 281 -5.88 -49.34 -0.34
C VAL U 281 -4.44 -48.83 -0.19
N GLY U 282 -3.97 -48.05 -1.17
CA GLY U 282 -2.62 -47.54 -1.13
C GLY U 282 -2.45 -46.45 -0.09
N VAL U 283 -3.54 -45.77 0.22
CA VAL U 283 -3.52 -44.70 1.21
C VAL U 283 -3.25 -45.28 2.59
N TRP U 284 -3.73 -46.50 2.81
CA TRP U 284 -3.49 -47.17 4.06
C TRP U 284 -1.99 -47.48 4.05
N PHE U 285 -1.56 -48.20 3.03
CA PHE U 285 -0.16 -48.60 2.86
C PHE U 285 0.87 -47.53 3.16
N ALA U 286 0.67 -46.38 2.59
CA ALA U 286 1.58 -45.30 2.85
C ALA U 286 1.45 -44.94 4.31
N ALA U 287 0.20 -44.83 4.77
CA ALA U 287 -0.05 -44.50 6.17
C ALA U 287 0.82 -45.42 7.03
N LEU U 288 0.89 -46.68 6.60
CA LEU U 288 1.68 -47.73 7.26
C LEU U 288 3.17 -47.55 6.97
N GLY U 289 3.52 -47.38 5.69
CA GLY U 289 4.91 -47.18 5.29
C GLY U 289 5.56 -46.29 6.32
N ILE U 290 4.85 -45.22 6.66
CA ILE U 290 5.29 -44.26 7.66
C ILE U 290 5.25 -44.93 9.03
N SER U 291 4.10 -45.46 9.42
CA SER U 291 3.99 -46.12 10.72
C SER U 291 5.01 -47.25 10.84
N THR U 292 5.56 -47.67 9.70
CA THR U 292 6.55 -48.74 9.67
C THR U 292 7.95 -48.21 9.97
N MET U 293 8.33 -47.15 9.26
CA MET U 293 9.63 -46.55 9.49
C MET U 293 9.60 -45.84 10.85
N ALA U 294 8.64 -46.27 11.68
CA ALA U 294 8.46 -45.78 13.03
C ALA U 294 9.20 -46.72 13.97
N PHE U 295 9.82 -47.73 13.36
CA PHE U 295 10.62 -48.73 14.07
C PHE U 295 11.81 -49.01 13.18
N ASN U 296 11.97 -48.13 12.20
CA ASN U 296 13.07 -48.12 11.25
C ASN U 296 13.30 -49.32 10.32
N LEU U 297 12.24 -49.68 9.60
CA LEU U 297 12.27 -50.75 8.60
C LEU U 297 12.12 -49.90 7.36
N ASN U 298 13.18 -49.14 7.11
CA ASN U 298 13.24 -48.17 6.03
C ASN U 298 13.34 -48.73 4.62
N GLY U 299 13.32 -47.82 3.65
CA GLY U 299 13.40 -48.23 2.27
C GLY U 299 14.65 -49.01 1.97
N PHE U 300 14.59 -49.76 0.88
CA PHE U 300 15.70 -50.56 0.41
C PHE U 300 16.97 -49.77 0.44
N ASN U 301 18.07 -50.50 0.51
CA ASN U 301 19.39 -49.90 0.51
C ASN U 301 20.15 -50.45 -0.67
N PHE U 302 20.51 -49.59 -1.61
CA PHE U 302 21.26 -50.05 -2.76
C PHE U 302 22.58 -49.31 -2.83
N ASN U 303 22.88 -48.60 -1.75
CA ASN U 303 24.12 -47.84 -1.65
C ASN U 303 25.26 -48.74 -2.03
N HIS U 304 25.87 -48.44 -3.17
CA HIS U 304 26.98 -49.22 -3.71
C HIS U 304 26.52 -50.50 -4.42
N SER U 305 25.60 -51.23 -3.78
CA SER U 305 25.06 -52.47 -4.32
C SER U 305 25.79 -52.90 -5.58
N VAL U 306 25.61 -52.15 -6.67
CA VAL U 306 26.27 -52.44 -7.93
C VAL U 306 27.78 -52.28 -7.80
N ILE U 307 28.51 -53.33 -8.15
CA ILE U 307 29.96 -53.31 -8.06
C ILE U 307 30.66 -53.63 -9.39
N ASP U 308 31.99 -53.63 -9.38
CA ASP U 308 32.80 -53.91 -10.57
C ASP U 308 33.62 -55.19 -10.37
N ALA U 309 34.41 -55.51 -11.39
CA ALA U 309 35.27 -56.68 -11.36
C ALA U 309 36.38 -56.50 -10.33
N LYS U 310 37.19 -55.45 -10.49
CA LYS U 310 38.26 -55.15 -9.54
C LYS U 310 37.59 -54.97 -8.17
N GLY U 311 36.44 -54.30 -8.21
CA GLY U 311 35.68 -54.02 -7.01
C GLY U 311 35.39 -52.52 -7.01
N ASN U 312 35.79 -51.86 -8.10
CA ASN U 312 35.55 -50.43 -8.26
C ASN U 312 34.08 -50.31 -8.04
N VAL U 313 33.63 -49.20 -7.51
CA VAL U 313 32.21 -49.09 -7.29
C VAL U 313 31.56 -48.48 -8.51
N ILE U 314 30.46 -49.10 -8.95
CA ILE U 314 29.69 -48.64 -10.09
C ILE U 314 28.37 -48.12 -9.52
N ASN U 315 28.18 -46.80 -9.59
CA ASN U 315 27.01 -46.15 -9.04
C ASN U 315 25.66 -46.57 -9.60
N THR U 316 24.73 -46.86 -8.71
CA THR U 316 23.39 -47.18 -9.16
C THR U 316 22.81 -45.78 -9.21
N TRP U 317 21.59 -45.64 -9.70
CA TRP U 317 20.99 -44.33 -9.70
C TRP U 317 20.82 -44.00 -8.24
N ALA U 318 20.22 -44.94 -7.51
CA ALA U 318 19.96 -44.83 -6.08
C ALA U 318 21.18 -44.39 -5.29
N ASP U 319 22.32 -44.23 -5.96
CA ASP U 319 23.54 -43.79 -5.29
C ASP U 319 23.47 -42.27 -5.20
N ILE U 320 23.13 -41.61 -6.31
CA ILE U 320 23.02 -40.17 -6.26
C ILE U 320 22.00 -39.90 -5.19
N ILE U 321 20.79 -40.42 -5.34
CA ILE U 321 19.70 -40.26 -4.37
C ILE U 321 20.22 -40.25 -2.95
N ASN U 322 21.35 -40.93 -2.77
CA ASN U 322 21.99 -41.03 -1.49
C ASN U 322 22.53 -39.68 -1.07
N ARG U 323 23.39 -39.11 -1.89
CA ARG U 323 23.99 -37.81 -1.57
C ARG U 323 22.93 -36.77 -1.24
N ALA U 324 21.80 -36.84 -1.95
CA ALA U 324 20.70 -35.92 -1.73
C ALA U 324 20.12 -36.14 -0.35
N ASN U 325 20.56 -37.20 0.31
CA ASN U 325 20.11 -37.55 1.67
C ASN U 325 21.28 -37.26 2.60
N LEU U 326 22.47 -37.72 2.22
CA LEU U 326 23.64 -37.49 3.03
C LEU U 326 23.67 -36.00 3.23
N GLY U 327 23.47 -35.28 2.13
CA GLY U 327 23.45 -33.84 2.20
C GLY U 327 22.66 -33.42 3.42
N MET U 328 21.34 -33.48 3.32
CA MET U 328 20.50 -33.09 4.45
C MET U 328 20.79 -33.85 5.75
N GLU U 329 21.10 -35.14 5.66
CA GLU U 329 21.36 -35.94 6.86
C GLU U 329 22.26 -35.10 7.75
N VAL U 330 23.35 -34.63 7.18
CA VAL U 330 24.28 -33.85 7.98
C VAL U 330 23.73 -32.53 8.51
N MET U 331 23.20 -31.71 7.61
CA MET U 331 22.64 -30.41 7.95
C MET U 331 21.42 -30.45 8.88
N HIS U 332 20.58 -31.48 8.74
CA HIS U 332 19.39 -31.56 9.56
C HIS U 332 19.72 -31.33 11.02
N GLU U 333 18.81 -30.64 11.69
CA GLU U 333 18.97 -30.33 13.11
C GLU U 333 20.44 -30.20 13.50
N ARG U 334 21.24 -29.43 12.74
CA ARG U 334 22.65 -29.28 13.10
C ARG U 334 22.76 -28.90 14.58
N ASN U 335 23.97 -28.86 15.10
CA ASN U 335 24.17 -28.53 16.53
C ASN U 335 23.20 -29.13 17.58
N ALA U 336 22.47 -30.18 17.26
CA ALA U 336 21.57 -30.76 18.26
C ALA U 336 21.96 -32.18 18.66
N HIS U 337 23.03 -32.69 18.06
CA HIS U 337 23.55 -34.02 18.35
C HIS U 337 25.06 -33.87 18.53
N ASN U 338 25.59 -34.47 19.61
CA ASN U 338 27.02 -34.41 19.93
C ASN U 338 27.85 -35.68 19.64
N PHE U 339 27.22 -36.68 19.03
CA PHE U 339 27.86 -37.95 18.70
C PHE U 339 27.76 -38.21 17.19
N PRO U 340 28.34 -39.33 16.66
CA PRO U 340 28.31 -39.60 15.21
C PRO U 340 27.21 -40.37 14.50
N LEU U 341 26.34 -41.04 15.25
CA LEU U 341 25.27 -41.83 14.65
C LEU U 341 23.90 -41.37 15.17
N ASP U 342 23.00 -40.99 14.26
CA ASP U 342 21.69 -40.49 14.66
C ASP U 342 20.61 -41.56 14.69
N LEU U 343 20.29 -42.05 15.90
CA LEU U 343 19.28 -43.11 16.09
C LEU U 343 17.86 -42.57 16.28
N ALA U 344 17.70 -41.30 15.93
CA ALA U 344 16.43 -40.59 16.01
C ALA U 344 16.66 -39.10 15.71
N TRP V 4 -21.72 -16.45 -16.89
CA TRP V 4 -20.40 -15.80 -17.13
C TRP V 4 -19.59 -16.74 -18.03
N TYR V 5 -19.40 -17.97 -17.55
CA TYR V 5 -18.72 -19.10 -18.21
C TYR V 5 -19.16 -19.18 -19.65
N ARG V 6 -20.15 -18.36 -20.00
CA ARG V 6 -20.72 -18.31 -21.34
C ARG V 6 -21.23 -16.90 -21.67
N VAL V 7 -20.95 -15.94 -20.80
CA VAL V 7 -21.43 -14.59 -21.02
C VAL V 7 -20.83 -13.86 -22.21
N HIS V 8 -19.84 -14.46 -22.85
CA HIS V 8 -19.21 -13.87 -24.02
C HIS V 8 -19.55 -14.64 -25.28
N THR V 9 -20.69 -15.29 -25.27
CA THR V 9 -21.14 -16.05 -26.41
C THR V 9 -22.16 -15.26 -27.24
N VAL V 10 -22.90 -14.36 -26.59
CA VAL V 10 -23.90 -13.57 -27.28
C VAL V 10 -23.39 -12.92 -28.57
N LEU V 11 -22.10 -13.09 -28.86
CA LEU V 11 -21.50 -12.55 -30.08
C LEU V 11 -21.11 -13.58 -31.14
N ILE V 12 -21.34 -14.86 -30.87
CA ILE V 12 -20.97 -15.93 -31.81
C ILE V 12 -21.56 -15.76 -33.22
N ASN V 13 -22.73 -15.13 -33.28
CA ASN V 13 -23.40 -14.94 -34.55
C ASN V 13 -23.17 -13.59 -35.21
N ASP V 14 -23.97 -12.59 -34.85
CA ASP V 14 -23.89 -11.25 -35.46
C ASP V 14 -22.53 -10.61 -35.33
N PRO V 15 -21.72 -10.70 -36.39
CA PRO V 15 -20.40 -10.07 -36.29
C PRO V 15 -20.51 -8.55 -36.11
N GLY V 16 -21.60 -8.11 -35.49
CA GLY V 16 -21.78 -6.69 -35.26
C GLY V 16 -21.16 -6.24 -33.96
N ARG V 17 -21.83 -6.58 -32.85
CA ARG V 17 -21.34 -6.23 -31.53
C ARG V 17 -20.13 -7.09 -31.25
N LEU V 18 -19.72 -7.85 -32.26
CA LEU V 18 -18.57 -8.73 -32.18
C LEU V 18 -17.35 -8.05 -32.79
N ILE V 19 -17.56 -7.23 -33.81
CA ILE V 19 -16.44 -6.52 -34.42
C ILE V 19 -16.00 -5.49 -33.39
N ALA V 20 -16.95 -5.01 -32.61
CA ALA V 20 -16.71 -4.00 -31.58
C ALA V 20 -15.87 -4.55 -30.41
N ALA V 21 -16.13 -5.79 -30.01
CA ALA V 21 -15.37 -6.40 -28.90
C ALA V 21 -13.91 -6.36 -29.32
N HIS V 22 -13.63 -6.90 -30.50
CA HIS V 22 -12.27 -6.90 -31.04
C HIS V 22 -11.83 -5.46 -31.22
N LEU V 23 -12.74 -4.63 -31.71
CA LEU V 23 -12.48 -3.21 -31.93
C LEU V 23 -12.06 -2.58 -30.58
N MET V 24 -12.44 -3.23 -29.49
CA MET V 24 -12.13 -2.72 -28.17
C MET V 24 -10.92 -3.31 -27.51
N HIS V 25 -10.91 -4.63 -27.36
CA HIS V 25 -9.77 -5.32 -26.80
C HIS V 25 -8.62 -4.50 -27.40
N THR V 26 -8.73 -4.36 -28.71
CA THR V 26 -7.80 -3.67 -29.57
C THR V 26 -7.80 -2.16 -29.50
N ALA V 27 -7.78 -1.65 -28.28
CA ALA V 27 -7.75 -0.22 -28.00
C ALA V 27 -7.22 -0.22 -26.59
N LEU V 28 -7.63 -1.26 -25.86
CA LEU V 28 -7.22 -1.48 -24.50
C LEU V 28 -5.78 -1.94 -24.64
N VAL V 29 -5.50 -2.59 -25.76
CA VAL V 29 -4.15 -3.06 -26.04
C VAL V 29 -3.33 -1.83 -26.33
N ALA V 30 -3.71 -1.05 -27.34
CA ALA V 30 -2.93 0.14 -27.64
C ALA V 30 -3.02 1.12 -26.48
N GLY V 31 -4.08 0.99 -25.70
CA GLY V 31 -4.27 1.86 -24.55
C GLY V 31 -3.21 1.56 -23.51
N TRP V 32 -2.79 0.30 -23.52
CA TRP V 32 -1.76 -0.23 -22.63
C TRP V 32 -0.43 0.03 -23.33
N ALA V 33 -0.46 0.01 -24.66
CA ALA V 33 0.72 0.25 -25.47
C ALA V 33 1.53 1.39 -24.90
N GLY V 34 1.07 2.60 -25.23
CA GLY V 34 1.76 3.80 -24.78
C GLY V 34 1.74 4.02 -23.29
N SER V 35 0.68 3.57 -22.63
CA SER V 35 0.52 3.77 -21.19
C SER V 35 1.62 3.07 -20.38
N MET V 36 2.01 1.87 -20.78
CA MET V 36 3.09 1.17 -20.06
C MET V 36 4.38 1.79 -20.57
N ALA V 37 4.44 2.03 -21.88
CA ALA V 37 5.63 2.62 -22.45
C ALA V 37 5.87 3.96 -21.79
N LEU V 38 4.81 4.73 -21.59
CA LEU V 38 4.98 6.01 -20.91
C LEU V 38 5.77 5.65 -19.66
N TYR V 39 5.09 4.98 -18.74
CA TYR V 39 5.67 4.52 -17.48
C TYR V 39 7.15 4.14 -17.63
N GLU V 40 7.43 3.15 -18.48
CA GLU V 40 8.80 2.69 -18.73
C GLU V 40 9.65 3.92 -18.87
N LEU V 41 9.16 4.81 -19.73
CA LEU V 41 9.80 6.07 -20.04
C LEU V 41 9.93 6.87 -18.77
N ALA V 42 8.80 7.12 -18.13
CA ALA V 42 8.80 7.91 -16.92
C ALA V 42 9.72 7.34 -15.84
N THR V 43 10.52 6.34 -16.17
CA THR V 43 11.40 5.75 -15.17
C THR V 43 12.70 5.15 -15.68
N PHE V 44 12.99 5.30 -16.96
CA PHE V 44 14.24 4.77 -17.47
C PHE V 44 15.36 5.79 -17.37
N ASP V 45 16.31 5.56 -16.46
CA ASP V 45 17.44 6.48 -16.33
C ASP V 45 18.29 6.24 -17.57
N PRO V 46 18.39 7.26 -18.44
CA PRO V 46 19.18 7.13 -19.66
C PRO V 46 20.66 7.40 -19.45
N SER V 47 20.95 8.39 -18.60
CA SER V 47 22.32 8.84 -18.28
C SER V 47 23.50 7.90 -18.57
N ASP V 48 23.28 6.59 -18.48
CA ASP V 48 24.36 5.65 -18.75
C ASP V 48 23.86 4.39 -19.45
N PRO V 49 24.51 4.01 -20.55
CA PRO V 49 24.11 2.81 -21.29
C PRO V 49 25.13 1.69 -21.10
N VAL V 50 26.21 1.99 -20.38
CA VAL V 50 27.28 1.02 -20.14
C VAL V 50 27.12 0.12 -18.92
N LEU V 51 26.60 0.68 -17.83
CA LEU V 51 26.40 -0.09 -16.60
C LEU V 51 24.97 -0.05 -16.11
N ASN V 52 24.17 0.75 -16.79
CA ASN V 52 22.76 0.85 -16.47
C ASN V 52 21.96 0.96 -17.77
N PRO V 53 22.16 0.00 -18.68
CA PRO V 53 21.44 0.03 -19.95
C PRO V 53 20.00 -0.37 -19.71
N MET V 54 19.13 0.12 -20.60
CA MET V 54 17.71 -0.13 -20.48
C MET V 54 17.33 -1.47 -19.87
N TRP V 55 18.06 -2.54 -20.22
CA TRP V 55 17.71 -3.86 -19.70
C TRP V 55 18.02 -4.08 -18.21
N ARG V 56 19.00 -3.36 -17.69
CA ARG V 56 19.34 -3.58 -16.30
C ARG V 56 18.13 -3.31 -15.45
N GLN V 57 17.70 -2.06 -15.45
CA GLN V 57 16.53 -1.64 -14.68
C GLN V 57 15.23 -2.01 -15.42
N GLY V 58 14.68 -3.17 -15.08
CA GLY V 58 13.45 -3.65 -15.69
C GLY V 58 12.89 -2.68 -16.70
N MET V 59 13.01 -3.01 -17.96
CA MET V 59 12.48 -2.15 -18.99
C MET V 59 11.90 -3.16 -19.93
N PHE V 60 10.58 -3.20 -19.99
CA PHE V 60 9.91 -4.17 -20.83
C PHE V 60 9.44 -3.72 -22.22
N VAL V 61 8.80 -2.56 -22.31
CA VAL V 61 8.25 -2.04 -23.58
C VAL V 61 9.24 -1.24 -24.43
N LEU V 62 10.23 -0.65 -23.77
CA LEU V 62 11.24 0.16 -24.40
C LEU V 62 12.19 -0.60 -25.35
N PRO V 63 12.82 -1.70 -24.87
CA PRO V 63 13.74 -2.48 -25.71
C PRO V 63 13.17 -2.81 -27.07
N PHE V 64 11.88 -3.11 -27.09
CA PHE V 64 11.15 -3.45 -28.30
C PHE V 64 11.09 -2.30 -29.30
N MET V 65 11.07 -1.06 -28.80
CA MET V 65 11.07 0.06 -29.71
C MET V 65 12.41 0.02 -30.43
N ALA V 66 13.46 0.25 -29.65
CA ALA V 66 14.83 0.28 -30.13
C ALA V 66 15.05 -0.59 -31.36
N ARG V 67 14.81 -1.89 -31.20
CA ARG V 67 15.00 -2.86 -32.26
C ARG V 67 14.48 -2.38 -33.60
N LEU V 68 13.21 -1.99 -33.65
CA LEU V 68 12.62 -1.57 -34.90
C LEU V 68 12.98 -0.18 -35.38
N GLY V 69 13.69 0.59 -34.55
CA GLY V 69 14.07 1.93 -34.98
C GLY V 69 14.04 3.09 -34.01
N VAL V 70 12.91 3.30 -33.33
CA VAL V 70 12.79 4.42 -32.39
C VAL V 70 13.70 4.32 -31.18
N THR V 71 14.85 5.01 -31.28
CA THR V 71 15.83 5.02 -30.22
C THR V 71 16.12 6.45 -29.75
N GLY V 72 15.28 7.38 -30.19
CA GLY V 72 15.41 8.76 -29.81
C GLY V 72 14.21 9.23 -29.00
N SER V 73 14.40 10.21 -28.12
CA SER V 73 13.32 10.73 -27.30
C SER V 73 13.35 12.25 -27.28
N TRP V 74 12.19 12.87 -27.12
CA TRP V 74 12.13 14.33 -27.12
C TRP V 74 12.87 14.94 -25.93
N SER V 75 13.43 14.08 -25.09
CA SER V 75 14.16 14.56 -23.94
C SER V 75 15.43 15.23 -24.49
N GLY V 76 15.95 14.65 -25.56
CA GLY V 76 17.16 15.14 -26.20
C GLY V 76 18.17 14.00 -26.34
N TRP V 77 17.97 12.92 -25.59
CA TRP V 77 18.88 11.78 -25.63
C TRP V 77 18.54 10.64 -26.58
N SER V 78 19.35 9.60 -26.53
CA SER V 78 19.20 8.41 -27.37
C SER V 78 19.71 7.20 -26.59
N ILE V 79 19.05 6.06 -26.74
CA ILE V 79 19.47 4.86 -26.02
C ILE V 79 20.86 4.45 -26.49
N THR V 80 21.42 5.20 -27.44
CA THR V 80 22.74 4.88 -27.96
C THR V 80 23.82 5.41 -27.01
N GLY V 81 23.87 6.74 -26.90
CA GLY V 81 24.85 7.38 -26.04
C GLY V 81 24.98 8.80 -26.54
N GLU V 82 24.70 8.95 -27.83
CA GLU V 82 24.74 10.22 -28.55
C GLU V 82 23.86 11.27 -27.85
N THR V 83 24.16 12.55 -28.08
CA THR V 83 23.37 13.62 -27.49
C THR V 83 22.90 14.67 -28.50
N GLY V 84 23.58 14.79 -29.64
CA GLY V 84 23.18 15.79 -30.61
C GLY V 84 22.25 15.37 -31.75
N ILE V 85 21.24 14.57 -31.44
CA ILE V 85 20.29 14.13 -32.47
C ILE V 85 18.88 14.04 -31.87
N ASP V 86 17.90 13.62 -32.68
CA ASP V 86 16.51 13.50 -32.21
C ASP V 86 15.47 13.22 -33.31
N PRO V 87 15.05 11.95 -33.51
CA PRO V 87 14.04 11.78 -34.58
C PRO V 87 12.81 12.69 -34.38
N GLY V 88 11.96 12.79 -35.39
CA GLY V 88 10.80 13.65 -35.28
C GLY V 88 9.73 13.17 -34.32
N PHE V 89 8.48 13.32 -34.73
CA PHE V 89 7.32 12.91 -33.93
C PHE V 89 7.55 11.45 -33.56
N TRP V 90 8.58 10.85 -34.13
CA TRP V 90 8.86 9.45 -33.86
C TRP V 90 10.00 9.17 -32.90
N SER V 91 9.73 9.45 -31.63
CA SER V 91 10.67 9.26 -30.53
C SER V 91 9.88 8.39 -29.58
N PHE V 92 10.53 7.80 -28.58
CA PHE V 92 9.82 6.95 -27.63
C PHE V 92 8.51 7.61 -27.29
N GLU V 93 8.55 8.94 -27.28
CA GLU V 93 7.40 9.75 -26.94
C GLU V 93 6.29 9.53 -27.93
N GLY V 94 6.45 10.12 -29.09
CA GLY V 94 5.44 9.98 -30.11
C GLY V 94 4.92 8.56 -30.12
N VAL V 95 5.84 7.63 -29.99
CA VAL V 95 5.51 6.22 -29.99
C VAL V 95 4.45 5.94 -28.91
N ALA V 96 4.66 6.50 -27.73
CA ALA V 96 3.72 6.33 -26.63
C ALA V 96 2.45 7.03 -27.05
N LEU V 97 2.50 8.35 -27.04
CA LEU V 97 1.36 9.18 -27.43
C LEU V 97 0.60 8.50 -28.56
N ALA V 98 1.30 8.29 -29.66
CA ALA V 98 0.71 7.64 -30.80
C ALA V 98 -0.35 6.63 -30.38
N HIS V 99 0.10 5.43 -30.03
CA HIS V 99 -0.80 4.36 -29.62
C HIS V 99 -1.93 4.83 -28.74
N ILE V 100 -1.62 5.82 -27.90
CA ILE V 100 -2.59 6.37 -26.96
C ILE V 100 -3.77 7.05 -27.70
N VAL V 101 -3.49 8.02 -28.57
CA VAL V 101 -4.55 8.69 -29.30
C VAL V 101 -5.36 7.56 -29.91
N LEU V 102 -4.66 6.60 -30.51
CA LEU V 102 -5.28 5.43 -31.11
C LEU V 102 -6.28 4.78 -30.18
N SER V 103 -5.88 4.59 -28.92
CA SER V 103 -6.76 3.95 -27.97
C SER V 103 -8.19 4.42 -28.10
N GLY V 104 -8.45 5.65 -27.69
CA GLY V 104 -9.79 6.23 -27.80
C GLY V 104 -10.26 6.27 -29.24
N LEU V 105 -9.40 6.77 -30.13
CA LEU V 105 -9.72 6.82 -31.55
C LEU V 105 -10.43 5.53 -31.96
N LEU V 106 -9.87 4.40 -31.57
CA LEU V 106 -10.48 3.09 -31.85
C LEU V 106 -11.70 2.97 -30.97
N PHE V 107 -11.52 3.26 -29.70
CA PHE V 107 -12.61 3.21 -28.75
C PHE V 107 -13.84 3.85 -29.41
N LEU V 108 -13.77 5.17 -29.61
CA LEU V 108 -14.88 5.92 -30.21
C LEU V 108 -15.59 5.14 -31.31
N ALA V 109 -14.83 4.60 -32.24
CA ALA V 109 -15.45 3.86 -33.32
C ALA V 109 -15.97 2.50 -32.88
N ALA V 110 -15.44 1.98 -31.78
CA ALA V 110 -15.89 0.70 -31.27
C ALA V 110 -17.36 0.78 -30.92
N CYS V 111 -17.84 2.00 -30.65
CA CYS V 111 -19.24 2.23 -30.28
C CYS V 111 -20.22 1.98 -31.43
N TRP V 112 -19.84 2.48 -32.60
CA TRP V 112 -20.61 2.32 -33.84
C TRP V 112 -21.15 0.90 -33.99
N HIS V 113 -20.23 -0.06 -33.93
CA HIS V 113 -20.51 -1.48 -34.11
C HIS V 113 -21.31 -2.27 -33.07
N TRP V 114 -21.60 -1.71 -31.89
CA TRP V 114 -22.43 -2.47 -30.95
C TRP V 114 -23.85 -2.04 -31.27
N VAL V 115 -24.05 -0.71 -31.34
CA VAL V 115 -25.36 -0.13 -31.62
C VAL V 115 -25.84 -0.28 -33.07
N TYR V 116 -24.92 -0.24 -34.02
CA TYR V 116 -25.25 -0.43 -35.42
C TYR V 116 -24.83 -1.86 -35.76
N TRP V 117 -25.37 -2.80 -34.99
CA TRP V 117 -25.08 -4.24 -35.12
C TRP V 117 -25.77 -4.86 -36.30
N ASP V 118 -26.98 -4.37 -36.57
CA ASP V 118 -27.77 -4.86 -37.68
C ASP V 118 -27.40 -3.99 -38.87
N LEU V 119 -26.41 -4.45 -39.65
CA LEU V 119 -25.96 -3.68 -40.80
C LEU V 119 -26.20 -4.31 -42.16
N GLU V 120 -26.06 -3.48 -43.19
CA GLU V 120 -26.24 -3.86 -44.58
C GLU V 120 -25.42 -5.11 -44.92
N LEU V 121 -24.20 -4.89 -45.43
CA LEU V 121 -23.32 -5.97 -45.84
C LEU V 121 -23.13 -7.07 -44.79
N PHE V 122 -23.92 -7.04 -43.73
CA PHE V 122 -23.79 -8.04 -42.69
C PHE V 122 -24.41 -9.40 -42.92
N ARG V 123 -25.60 -9.43 -43.50
CA ARG V 123 -26.29 -10.71 -43.72
C ARG V 123 -26.08 -11.32 -45.11
N ASP V 124 -26.50 -12.58 -45.25
CA ASP V 124 -26.39 -13.30 -46.51
C ASP V 124 -27.64 -13.00 -47.34
N PRO V 125 -27.45 -12.45 -48.55
CA PRO V 125 -28.52 -12.08 -49.47
C PRO V 125 -29.57 -13.16 -49.69
N ARG V 126 -29.18 -14.23 -50.39
CA ARG V 126 -30.08 -15.33 -50.68
C ARG V 126 -30.98 -15.72 -49.50
N THR V 127 -30.47 -15.56 -48.28
CA THR V 127 -31.22 -15.91 -47.08
C THR V 127 -31.83 -14.75 -46.29
N GLY V 128 -32.66 -15.09 -45.30
CA GLY V 128 -33.28 -14.08 -44.48
C GLY V 128 -32.55 -14.02 -43.15
N GLU V 129 -31.24 -14.31 -43.19
CA GLU V 129 -30.40 -14.30 -41.98
C GLU V 129 -28.96 -13.79 -42.21
N PRO V 130 -28.21 -13.49 -41.12
CA PRO V 130 -26.83 -13.00 -41.18
C PRO V 130 -25.75 -14.11 -41.13
N ALA V 131 -24.58 -13.81 -41.68
CA ALA V 131 -23.48 -14.77 -41.71
C ALA V 131 -22.24 -14.19 -42.39
N LEU V 132 -21.13 -14.93 -42.37
CA LEU V 132 -19.89 -14.46 -42.98
C LEU V 132 -19.14 -15.49 -43.83
N ASP V 133 -18.72 -15.06 -45.01
CA ASP V 133 -18.00 -15.91 -45.95
C ASP V 133 -16.56 -16.04 -45.48
N LEU V 134 -16.35 -16.85 -44.44
CA LEU V 134 -15.02 -17.04 -43.89
C LEU V 134 -13.91 -17.15 -44.95
N PRO V 135 -13.91 -18.25 -45.75
CA PRO V 135 -12.91 -18.46 -46.79
C PRO V 135 -12.56 -17.19 -47.55
N LYS V 136 -13.42 -16.19 -47.45
CA LYS V 136 -13.20 -14.92 -48.12
C LYS V 136 -12.51 -13.92 -47.21
N MET V 137 -13.16 -13.53 -46.12
CA MET V 137 -12.50 -12.57 -45.25
C MET V 137 -11.08 -13.04 -45.10
N PHE V 138 -10.91 -14.32 -44.82
CA PHE V 138 -9.56 -14.84 -44.70
C PHE V 138 -8.79 -14.47 -45.96
N GLY V 139 -9.30 -14.91 -47.11
CA GLY V 139 -8.64 -14.60 -48.37
C GLY V 139 -8.00 -13.22 -48.42
N ILE V 140 -8.79 -12.18 -48.17
CA ILE V 140 -8.28 -10.80 -48.20
C ILE V 140 -7.45 -10.44 -46.98
N HIS V 141 -7.92 -10.84 -45.80
CA HIS V 141 -7.17 -10.58 -44.58
C HIS V 141 -5.74 -11.06 -44.86
N LEU V 142 -5.63 -12.31 -45.31
CA LEU V 142 -4.36 -12.95 -45.64
C LEU V 142 -3.56 -12.08 -46.59
N PHE V 143 -4.15 -11.79 -47.74
CA PHE V 143 -3.53 -10.95 -48.76
C PHE V 143 -2.85 -9.74 -48.11
N LEU V 144 -3.66 -8.92 -47.44
CA LEU V 144 -3.18 -7.73 -46.75
C LEU V 144 -1.91 -8.07 -45.98
N ALA V 145 -2.07 -8.96 -45.01
CA ALA V 145 -0.95 -9.39 -44.19
C ALA V 145 0.35 -9.32 -44.99
N GLY V 146 0.52 -10.27 -45.90
CA GLY V 146 1.70 -10.33 -46.72
C GLY V 146 2.21 -9.03 -47.31
N LEU V 147 1.35 -8.28 -47.99
CA LEU V 147 1.79 -7.02 -48.61
C LEU V 147 2.33 -6.05 -47.57
N LEU V 148 1.66 -6.03 -46.42
CA LEU V 148 2.11 -5.16 -45.34
C LEU V 148 3.47 -5.76 -44.92
N CYS V 149 3.54 -7.10 -44.91
CA CYS V 149 4.76 -7.81 -44.56
C CYS V 149 5.83 -7.54 -45.56
N PHE V 150 5.66 -8.11 -46.75
CA PHE V 150 6.58 -7.96 -47.87
C PHE V 150 7.42 -6.68 -47.82
N GLY V 151 6.78 -5.56 -47.50
CA GLY V 151 7.52 -4.31 -47.46
C GLY V 151 8.44 -4.09 -46.27
N PHE V 152 8.25 -4.88 -45.20
CA PHE V 152 9.01 -4.72 -43.96
C PHE V 152 10.48 -4.66 -44.31
N GLY V 153 10.99 -5.71 -44.93
CA GLY V 153 12.37 -5.69 -45.34
C GLY V 153 12.44 -4.86 -46.61
N ALA V 154 11.41 -4.99 -47.45
CA ALA V 154 11.32 -4.28 -48.72
C ALA V 154 11.81 -2.83 -48.59
N PHE V 155 11.27 -2.07 -47.65
CA PHE V 155 11.76 -0.71 -47.50
C PHE V 155 12.32 -0.48 -46.10
N HIS V 156 11.53 -0.84 -45.08
CA HIS V 156 11.93 -0.65 -43.68
C HIS V 156 13.29 -1.30 -43.39
N LEU V 157 13.25 -2.58 -43.03
CA LEU V 157 14.45 -3.35 -42.69
C LEU V 157 15.68 -3.16 -43.60
N THR V 158 15.49 -2.71 -44.83
CA THR V 158 16.61 -2.49 -45.74
C THR V 158 17.02 -1.05 -45.83
N GLY V 159 16.15 -0.18 -45.31
CA GLY V 159 16.45 1.24 -45.31
C GLY V 159 15.92 2.00 -46.51
N LEU V 160 15.29 1.31 -47.45
CA LEU V 160 14.74 1.97 -48.64
C LEU V 160 13.72 3.01 -48.24
N PHE V 161 13.05 2.74 -47.14
CA PHE V 161 12.07 3.66 -46.60
C PHE V 161 11.94 3.29 -45.14
N GLY V 162 12.76 3.90 -44.30
CA GLY V 162 12.67 3.61 -42.89
C GLY V 162 13.95 3.39 -42.14
N PRO V 163 13.83 3.04 -40.85
CA PRO V 163 14.93 2.77 -39.94
C PRO V 163 15.24 1.30 -40.05
N GLY V 164 16.50 0.96 -40.24
CA GLY V 164 16.82 -0.46 -40.34
C GLY V 164 16.20 -1.27 -39.21
N MET V 165 16.97 -1.47 -38.16
CA MET V 165 16.52 -2.23 -36.99
C MET V 165 17.71 -2.32 -36.05
N TRP V 166 17.54 -3.02 -34.92
CA TRP V 166 18.66 -3.12 -34.03
C TRP V 166 19.59 -4.23 -34.45
N VAL V 167 20.86 -3.87 -34.60
CA VAL V 167 21.89 -4.81 -34.98
C VAL V 167 23.17 -4.44 -34.25
N SER V 168 23.93 -5.46 -33.83
CA SER V 168 25.19 -5.27 -33.09
C SER V 168 26.22 -6.35 -33.40
N ASP V 169 27.48 -6.08 -33.04
CA ASP V 169 28.57 -7.00 -33.33
C ASP V 169 29.03 -7.87 -32.18
N PRO V 170 29.04 -9.22 -32.43
CA PRO V 170 29.38 -10.43 -31.68
C PRO V 170 29.31 -10.36 -30.16
N TYR V 171 29.74 -9.24 -29.62
CA TYR V 171 29.73 -9.02 -28.19
C TYR V 171 29.06 -7.67 -27.98
N GLY V 172 28.12 -7.60 -27.03
CA GLY V 172 27.46 -6.33 -26.76
C GLY V 172 28.61 -5.34 -26.82
N LEU V 173 28.50 -4.30 -27.63
CA LEU V 173 29.61 -3.37 -27.76
C LEU V 173 29.17 -2.12 -28.49
N THR V 174 28.97 -2.28 -29.79
CA THR V 174 28.59 -1.21 -30.70
C THR V 174 27.16 -1.30 -31.21
N GLY V 175 26.30 -2.04 -30.53
CA GLY V 175 24.93 -2.15 -30.99
C GLY V 175 24.36 -0.84 -31.47
N SER V 176 23.52 -0.89 -32.50
CA SER V 176 22.89 0.32 -33.06
C SER V 176 21.92 -0.03 -34.17
N VAL V 177 20.89 0.80 -34.35
CA VAL V 177 19.90 0.60 -35.40
C VAL V 177 20.56 0.86 -36.76
N GLN V 178 20.28 -0.01 -37.72
CA GLN V 178 20.88 0.13 -39.05
C GLN V 178 20.20 -0.71 -40.15
N PRO V 179 20.13 -0.16 -41.38
CA PRO V 179 19.53 -0.82 -42.54
C PRO V 179 20.22 -2.14 -42.80
N VAL V 180 19.44 -3.17 -43.09
CA VAL V 180 20.00 -4.49 -43.35
C VAL V 180 19.60 -5.02 -44.72
N ALA V 181 20.59 -5.41 -45.51
CA ALA V 181 20.33 -5.95 -46.84
C ALA V 181 20.11 -7.46 -46.73
N PRO V 182 18.97 -7.95 -47.23
CA PRO V 182 18.64 -9.39 -47.19
C PRO V 182 19.69 -10.28 -47.85
N GLU V 183 20.00 -11.41 -47.20
CA GLU V 183 20.96 -12.38 -47.71
C GLU V 183 20.23 -13.70 -47.50
N TRP V 184 19.56 -14.17 -48.54
CA TRP V 184 18.81 -15.40 -48.42
C TRP V 184 19.58 -16.73 -48.60
N GLY V 185 20.92 -16.68 -48.68
CA GLY V 185 21.72 -17.89 -48.86
C GLY V 185 21.46 -18.96 -47.81
N PRO V 186 22.38 -19.92 -47.61
CA PRO V 186 22.04 -20.91 -46.58
C PRO V 186 21.94 -20.18 -45.25
N ASP V 187 23.04 -19.51 -44.90
CA ASP V 187 23.17 -18.76 -43.65
C ASP V 187 22.06 -17.73 -43.44
N GLY V 188 21.29 -17.45 -44.48
CA GLY V 188 20.19 -16.51 -44.37
C GLY V 188 19.09 -17.07 -43.48
N PHE V 189 19.40 -18.18 -42.82
CA PHE V 189 18.48 -18.84 -41.90
C PHE V 189 19.11 -19.10 -40.56
N ASN V 190 20.20 -18.37 -40.30
CA ASN V 190 20.93 -18.42 -39.06
C ASN V 190 20.27 -17.29 -38.26
N PRO V 191 19.49 -17.64 -37.23
CA PRO V 191 18.79 -16.67 -36.39
C PRO V 191 19.55 -15.41 -36.04
N TYR V 192 20.88 -15.49 -36.06
CA TYR V 192 21.74 -14.37 -35.74
C TYR V 192 22.04 -13.47 -36.93
N ASN V 193 21.91 -14.04 -38.12
CA ASN V 193 22.17 -13.28 -39.32
C ASN V 193 20.97 -12.46 -39.73
N PRO V 194 21.08 -11.14 -39.58
CA PRO V 194 20.08 -10.11 -39.89
C PRO V 194 19.35 -10.33 -41.20
N GLY V 195 20.04 -10.12 -42.31
CA GLY V 195 19.43 -10.28 -43.62
C GLY V 195 18.48 -11.46 -43.76
N GLY V 196 18.61 -12.44 -42.87
CA GLY V 196 17.74 -13.59 -42.94
C GLY V 196 16.36 -13.29 -42.40
N VAL V 197 16.11 -12.04 -42.06
CA VAL V 197 14.81 -11.62 -41.53
C VAL V 197 14.23 -10.55 -42.47
N VAL V 198 15.14 -9.83 -43.10
CA VAL V 198 14.80 -8.80 -44.06
C VAL V 198 14.46 -9.56 -45.34
N ALA V 199 15.17 -10.68 -45.57
CA ALA V 199 14.97 -11.54 -46.74
C ALA V 199 13.82 -12.53 -46.51
N HIS V 200 13.42 -12.68 -45.25
CA HIS V 200 12.32 -13.56 -44.93
C HIS V 200 11.01 -12.86 -45.18
N HIS V 201 10.81 -11.77 -44.45
CA HIS V 201 9.59 -11.05 -44.62
C HIS V 201 9.30 -10.71 -46.06
N ILE V 202 10.30 -10.24 -46.81
CA ILE V 202 10.07 -9.90 -48.23
C ILE V 202 9.51 -11.16 -48.88
N ALA V 203 10.12 -12.29 -48.55
CA ALA V 203 9.73 -13.60 -49.08
C ALA V 203 8.32 -14.02 -48.73
N ALA V 204 8.05 -14.29 -47.45
CA ALA V 204 6.73 -14.72 -47.01
C ALA V 204 5.66 -13.69 -47.25
N GLY V 205 6.08 -12.45 -47.55
CA GLY V 205 5.12 -11.39 -47.83
C GLY V 205 4.71 -11.50 -49.29
N ILE V 206 5.70 -11.57 -50.16
CA ILE V 206 5.47 -11.73 -51.59
C ILE V 206 4.62 -12.99 -51.69
N VAL V 207 5.01 -13.98 -50.88
CA VAL V 207 4.36 -15.30 -50.80
C VAL V 207 2.99 -15.24 -50.12
N GLY V 208 2.95 -14.68 -48.92
CA GLY V 208 1.67 -14.58 -48.21
C GLY V 208 0.64 -13.93 -49.10
N ILE V 209 1.09 -13.00 -49.95
CA ILE V 209 0.21 -12.31 -50.89
C ILE V 209 -0.47 -13.35 -51.78
N ILE V 210 0.33 -14.02 -52.61
CA ILE V 210 -0.16 -15.03 -53.51
C ILE V 210 -1.22 -15.86 -52.81
N ALA V 211 -0.89 -16.39 -51.65
CA ALA V 211 -1.81 -17.21 -50.87
C ALA V 211 -3.19 -16.57 -50.66
N GLY V 212 -3.19 -15.29 -50.31
CA GLY V 212 -4.44 -14.61 -50.08
C GLY V 212 -5.23 -14.58 -51.36
N LEU V 213 -4.64 -13.99 -52.41
CA LEU V 213 -5.29 -13.90 -53.71
C LEU V 213 -5.93 -15.26 -53.97
N PHE V 214 -5.12 -16.31 -53.90
CA PHE V 214 -5.62 -17.66 -54.08
C PHE V 214 -6.83 -17.83 -53.17
N HIS V 215 -6.58 -17.77 -51.86
CA HIS V 215 -7.61 -17.91 -50.86
C HIS V 215 -8.77 -16.93 -50.98
N ILE V 216 -8.58 -15.91 -51.81
CA ILE V 216 -9.60 -14.91 -52.00
C ILE V 216 -10.52 -15.21 -53.18
N LEU V 217 -9.95 -15.78 -54.24
CA LEU V 217 -10.70 -16.12 -55.46
C LEU V 217 -11.31 -17.54 -55.39
N VAL V 218 -10.45 -18.51 -55.08
CA VAL V 218 -10.79 -19.94 -54.95
C VAL V 218 -11.93 -20.22 -53.96
N ARG V 219 -12.43 -21.44 -54.01
CA ARG V 219 -13.50 -21.86 -53.14
C ARG V 219 -13.08 -23.10 -52.37
N PRO V 220 -13.57 -23.22 -51.12
CA PRO V 220 -13.32 -24.32 -50.19
C PRO V 220 -13.86 -25.72 -50.56
N PRO V 221 -13.02 -26.55 -51.22
CA PRO V 221 -13.44 -27.90 -51.61
C PRO V 221 -14.19 -28.60 -50.48
N GLN V 222 -15.50 -28.71 -50.67
CA GLN V 222 -16.43 -29.31 -49.72
C GLN V 222 -15.83 -30.20 -48.64
N ARG V 223 -15.32 -31.37 -49.02
CA ARG V 223 -14.77 -32.34 -48.07
C ARG V 223 -13.83 -31.69 -47.03
N LEU V 224 -13.66 -30.39 -47.13
CA LEU V 224 -12.86 -29.66 -46.16
C LEU V 224 -13.82 -28.77 -45.39
N TYR V 225 -14.84 -28.25 -46.09
CA TYR V 225 -15.86 -27.36 -45.52
C TYR V 225 -16.85 -28.12 -44.62
N LYS V 226 -17.29 -29.29 -45.06
CA LYS V 226 -18.23 -30.07 -44.26
C LYS V 226 -17.46 -30.97 -43.28
N ALA V 227 -16.18 -31.25 -43.58
CA ALA V 227 -15.34 -32.06 -42.71
C ALA V 227 -14.99 -31.19 -41.49
N LEU V 228 -14.37 -30.05 -41.77
CA LEU V 228 -14.02 -29.06 -40.75
C LEU V 228 -15.25 -28.17 -40.66
N ARG V 229 -15.93 -28.17 -39.51
CA ARG V 229 -17.16 -27.37 -39.38
C ARG V 229 -17.07 -25.88 -39.73
N MET V 230 -16.14 -25.47 -40.60
CA MET V 230 -16.04 -24.06 -40.96
C MET V 230 -17.42 -23.60 -41.35
N GLY V 231 -17.67 -22.30 -41.25
CA GLY V 231 -18.99 -21.79 -41.54
C GLY V 231 -19.55 -21.48 -40.16
N ASN V 232 -18.91 -22.10 -39.17
CA ASN V 232 -19.22 -21.92 -37.74
C ASN V 232 -17.99 -21.20 -37.21
N ILE V 233 -18.09 -19.87 -37.13
CA ILE V 233 -16.99 -19.01 -36.68
C ILE V 233 -16.12 -19.71 -35.60
N GLU V 234 -16.72 -20.64 -34.87
CA GLU V 234 -16.07 -21.42 -33.83
C GLU V 234 -14.79 -22.11 -34.31
N THR V 235 -14.84 -22.68 -35.51
CA THR V 235 -13.70 -23.38 -36.09
C THR V 235 -12.48 -22.51 -36.31
N VAL V 236 -12.69 -21.27 -36.72
CA VAL V 236 -11.55 -20.40 -36.97
C VAL V 236 -10.94 -19.86 -35.68
N LEU V 237 -11.65 -20.00 -34.56
CA LEU V 237 -11.15 -19.54 -33.26
C LEU V 237 -10.08 -20.50 -32.74
N SER V 238 -10.16 -21.76 -33.14
CA SER V 238 -9.17 -22.76 -32.77
C SER V 238 -8.24 -22.83 -33.97
N SER V 239 -8.83 -22.72 -35.17
CA SER V 239 -8.07 -22.74 -36.42
C SER V 239 -7.18 -21.54 -36.38
N SER V 240 -7.00 -21.02 -35.17
CA SER V 240 -6.17 -19.86 -34.93
C SER V 240 -5.50 -19.82 -33.53
N ILE V 241 -6.13 -20.43 -32.52
CA ILE V 241 -5.50 -20.44 -31.19
C ILE V 241 -4.16 -21.09 -31.40
N ALA V 242 -4.22 -22.30 -31.96
CA ALA V 242 -3.07 -23.13 -32.24
C ALA V 242 -1.87 -22.44 -32.86
N ALA V 243 -2.11 -21.58 -33.85
CA ALA V 243 -1.02 -20.87 -34.51
C ALA V 243 -0.48 -19.77 -33.58
N VAL V 244 -1.37 -19.00 -32.94
CA VAL V 244 -0.92 -17.95 -32.04
C VAL V 244 0.13 -18.59 -31.14
N PHE V 245 -0.31 -19.55 -30.35
CA PHE V 245 0.57 -20.24 -29.42
C PHE V 245 1.70 -20.96 -30.14
N PHE V 246 1.46 -21.35 -31.38
CA PHE V 246 2.54 -21.98 -32.10
C PHE V 246 3.64 -20.94 -32.12
N ALA V 247 3.35 -19.83 -32.79
CA ALA V 247 4.29 -18.72 -32.92
C ALA V 247 4.85 -18.28 -31.57
N ALA V 248 4.01 -18.28 -30.56
CA ALA V 248 4.41 -17.89 -29.20
C ALA V 248 5.64 -18.67 -28.75
N PHE V 249 5.45 -19.96 -28.51
CA PHE V 249 6.53 -20.83 -28.05
C PHE V 249 7.88 -20.55 -28.65
N VAL V 250 7.92 -20.01 -29.85
CA VAL V 250 9.21 -19.71 -30.46
C VAL V 250 9.78 -18.38 -30.01
N VAL V 251 8.92 -17.39 -29.83
CA VAL V 251 9.40 -16.10 -29.38
C VAL V 251 9.99 -16.39 -28.01
N ALA V 252 9.29 -17.24 -27.25
CA ALA V 252 9.74 -17.61 -25.92
C ALA V 252 10.94 -18.54 -26.09
N GLY V 253 11.33 -18.75 -27.34
CA GLY V 253 12.47 -19.59 -27.65
C GLY V 253 13.59 -18.70 -28.15
N THR V 254 13.29 -17.94 -29.20
CA THR V 254 14.24 -17.00 -29.81
C THR V 254 14.82 -16.11 -28.72
N MET V 255 14.01 -15.91 -27.70
CA MET V 255 14.40 -15.12 -26.55
C MET V 255 15.47 -15.83 -25.72
N TRP V 256 15.17 -17.04 -25.27
CA TRP V 256 16.11 -17.77 -24.43
C TRP V 256 17.45 -18.16 -25.05
N TYR V 257 17.47 -18.50 -26.33
CA TYR V 257 18.76 -18.81 -26.95
C TYR V 257 19.01 -17.58 -27.78
N GLY V 258 20.26 -17.36 -28.19
CA GLY V 258 20.51 -16.17 -28.98
C GLY V 258 19.45 -15.99 -30.05
N SER V 259 19.42 -14.81 -30.65
CA SER V 259 18.45 -14.53 -31.71
C SER V 259 18.63 -13.11 -32.19
N ALA V 260 18.93 -12.94 -33.46
CA ALA V 260 19.14 -11.60 -33.99
C ALA V 260 18.01 -10.67 -33.62
N THR V 261 16.81 -11.21 -33.43
CA THR V 261 15.66 -10.35 -33.10
C THR V 261 15.71 -9.92 -31.64
N THR V 262 16.26 -10.77 -30.77
CA THR V 262 16.36 -10.49 -29.34
C THR V 262 17.81 -10.15 -29.02
N PRO V 263 18.30 -9.00 -29.49
CA PRO V 263 19.68 -8.63 -29.22
C PRO V 263 20.06 -8.79 -27.75
N ILE V 264 21.32 -8.54 -27.44
CA ILE V 264 21.79 -8.61 -26.08
C ILE V 264 21.54 -7.27 -25.43
N GLU V 265 22.06 -6.24 -26.09
CA GLU V 265 21.98 -4.84 -25.66
C GLU V 265 20.60 -4.26 -25.40
N LEU V 266 19.56 -4.96 -25.80
CA LEU V 266 18.21 -4.45 -25.59
C LEU V 266 17.49 -5.10 -24.44
N PHE V 267 17.58 -6.41 -24.34
CA PHE V 267 16.90 -7.11 -23.25
C PHE V 267 17.92 -7.66 -22.22
N GLY V 268 19.12 -7.97 -22.68
CA GLY V 268 20.09 -8.49 -21.75
C GLY V 268 20.91 -9.58 -22.40
N PRO V 269 21.68 -10.34 -21.62
CA PRO V 269 22.52 -11.41 -22.14
C PRO V 269 21.81 -12.73 -22.09
N THR V 270 22.35 -13.65 -22.88
CA THR V 270 21.83 -14.99 -22.98
C THR V 270 22.25 -15.80 -21.77
N ARG V 271 21.31 -16.58 -21.27
CA ARG V 271 21.57 -17.46 -20.14
C ARG V 271 22.90 -18.14 -20.49
N TYR V 272 22.91 -18.78 -21.65
CA TYR V 272 24.07 -19.51 -22.17
C TYR V 272 25.27 -18.65 -22.61
N GLN V 273 25.45 -17.46 -22.06
CA GLN V 273 26.60 -16.67 -22.46
C GLN V 273 27.55 -16.72 -21.30
N TRP V 274 26.99 -17.11 -20.15
CA TRP V 274 27.70 -17.26 -18.88
C TRP V 274 28.06 -18.74 -18.80
N ASP V 275 27.13 -19.58 -19.24
CA ASP V 275 27.36 -21.02 -19.24
C ASP V 275 28.50 -21.31 -20.21
N SER V 276 28.41 -20.68 -21.36
CA SER V 276 29.38 -20.84 -22.43
C SER V 276 30.72 -20.37 -21.88
N SER V 277 30.66 -19.50 -20.88
CA SER V 277 31.88 -18.94 -20.30
C SER V 277 32.37 -17.97 -21.38
N TYR V 278 31.50 -17.82 -22.37
CA TYR V 278 31.68 -16.97 -23.54
C TYR V 278 32.49 -15.72 -23.21
N PHE V 279 31.81 -14.67 -22.77
CA PHE V 279 32.49 -13.43 -22.43
C PHE V 279 33.94 -13.56 -21.99
N GLN V 280 34.27 -14.60 -21.24
CA GLN V 280 35.65 -14.77 -20.78
C GLN V 280 36.67 -15.20 -21.83
N GLN V 281 36.29 -16.18 -22.66
CA GLN V 281 37.16 -16.66 -23.73
C GLN V 281 37.46 -15.47 -24.66
N GLU V 282 36.64 -14.44 -24.55
CA GLU V 282 36.78 -13.23 -25.36
C GLU V 282 37.61 -12.14 -24.69
N ILE V 283 37.25 -11.76 -23.47
CA ILE V 283 38.01 -10.74 -22.75
C ILE V 283 39.43 -11.27 -22.61
N ASN V 284 39.55 -12.56 -22.33
CA ASN V 284 40.86 -13.15 -22.15
C ASN V 284 41.73 -13.02 -23.39
N ARG V 285 41.30 -13.63 -24.48
CA ARG V 285 42.07 -13.59 -25.71
C ARG V 285 42.50 -12.15 -26.08
N ARG V 286 41.75 -11.15 -25.63
CA ARG V 286 42.07 -9.75 -25.91
C ARG V 286 43.24 -9.29 -25.09
N VAL V 287 43.18 -9.61 -23.79
CA VAL V 287 44.22 -9.22 -22.85
C VAL V 287 45.47 -9.89 -23.29
N GLN V 288 45.29 -11.01 -24.00
CA GLN V 288 46.41 -11.78 -24.51
C GLN V 288 47.03 -11.12 -25.72
N ALA V 289 46.19 -10.64 -26.62
CA ALA V 289 46.69 -9.96 -27.81
C ALA V 289 47.40 -8.73 -27.27
N SER V 290 46.68 -7.98 -26.43
CA SER V 290 47.23 -6.78 -25.83
C SER V 290 48.49 -7.10 -25.02
N LEU V 291 48.44 -8.16 -24.23
CA LEU V 291 49.58 -8.56 -23.42
C LEU V 291 50.72 -9.08 -24.33
N ALA V 292 50.38 -10.00 -25.23
CA ALA V 292 51.36 -10.59 -26.15
C ALA V 292 52.05 -9.51 -26.95
N SER V 293 51.42 -8.35 -27.06
CA SER V 293 51.99 -7.22 -27.78
C SER V 293 52.76 -6.37 -26.76
N GLY V 294 52.99 -5.10 -27.09
CA GLY V 294 53.72 -4.21 -26.19
C GLY V 294 52.90 -3.53 -25.10
N ALA V 295 52.62 -4.27 -24.04
CA ALA V 295 51.83 -3.76 -22.90
C ALA V 295 52.00 -4.59 -21.64
N THR V 296 51.88 -3.95 -20.49
CA THR V 296 52.02 -4.63 -19.22
C THR V 296 50.75 -5.28 -18.72
N LEU V 297 50.90 -6.35 -17.95
CA LEU V 297 49.77 -7.07 -17.37
C LEU V 297 48.74 -6.07 -16.88
N GLU V 298 49.25 -4.93 -16.45
CA GLU V 298 48.43 -3.85 -15.93
C GLU V 298 47.81 -3.09 -17.10
N GLU V 299 48.63 -2.64 -18.04
CA GLU V 299 48.10 -1.92 -19.19
C GLU V 299 47.17 -2.80 -19.99
N ALA V 300 47.31 -4.11 -19.83
CA ALA V 300 46.50 -5.09 -20.57
C ALA V 300 45.01 -5.10 -20.28
N TRP V 301 44.63 -5.26 -19.02
CA TRP V 301 43.21 -5.29 -18.65
C TRP V 301 42.62 -3.92 -18.83
N SER V 302 43.46 -2.92 -18.56
CA SER V 302 43.06 -1.54 -18.72
C SER V 302 42.28 -1.49 -20.04
N ALA V 303 42.81 -2.17 -21.06
CA ALA V 303 42.21 -2.20 -22.39
C ALA V 303 40.76 -2.69 -22.42
N ILE V 304 40.50 -3.88 -21.87
CA ILE V 304 39.15 -4.36 -21.87
C ILE V 304 38.31 -3.29 -21.22
N PRO V 305 37.32 -2.76 -21.95
CA PRO V 305 36.39 -1.71 -21.55
C PRO V 305 35.20 -2.23 -20.75
N GLU V 306 34.71 -1.34 -19.89
CA GLU V 306 33.60 -1.55 -18.98
C GLU V 306 32.53 -2.50 -19.50
N LYS V 307 31.81 -2.04 -20.53
CA LYS V 307 30.74 -2.81 -21.13
C LYS V 307 31.04 -4.31 -21.19
N LEU V 308 32.18 -4.65 -21.79
CA LEU V 308 32.55 -6.05 -21.92
C LEU V 308 32.70 -6.76 -20.59
N ALA V 309 33.36 -6.14 -19.62
CA ALA V 309 33.52 -6.77 -18.33
C ALA V 309 32.19 -7.05 -17.69
N PHE V 310 31.37 -6.01 -17.62
CA PHE V 310 30.04 -6.07 -17.00
C PHE V 310 29.18 -7.23 -17.45
N TYR V 311 29.32 -7.66 -18.71
CA TYR V 311 28.54 -8.78 -19.23
C TYR V 311 28.99 -10.08 -18.56
N ASP V 312 30.27 -10.13 -18.19
CA ASP V 312 30.83 -11.32 -17.57
C ASP V 312 30.43 -11.38 -16.11
N TYR V 313 29.37 -10.64 -15.78
CA TYR V 313 28.86 -10.64 -14.42
C TYR V 313 27.64 -11.52 -14.46
N ILE V 314 27.35 -12.16 -13.33
CA ILE V 314 26.21 -13.06 -13.25
C ILE V 314 24.92 -12.33 -12.99
N GLY V 315 25.01 -11.25 -12.19
CA GLY V 315 23.86 -10.42 -11.86
C GLY V 315 23.15 -9.94 -13.11
N ASN V 316 23.67 -10.36 -14.25
CA ASN V 316 23.13 -10.05 -15.55
C ASN V 316 22.89 -11.33 -16.31
N ASN V 317 22.76 -12.42 -15.57
CA ASN V 317 22.39 -13.68 -16.15
C ASN V 317 20.93 -13.81 -15.78
N PRO V 318 20.07 -13.96 -16.76
CA PRO V 318 18.65 -13.95 -16.46
C PRO V 318 18.54 -15.08 -15.49
N ALA V 319 19.33 -16.10 -15.78
CA ALA V 319 19.27 -17.33 -15.05
C ALA V 319 19.26 -17.29 -13.54
N LYS V 320 19.75 -16.20 -12.93
CA LYS V 320 19.83 -16.16 -11.47
C LYS V 320 18.67 -15.58 -10.69
N GLY V 321 17.63 -15.15 -11.41
CA GLY V 321 16.48 -14.58 -10.73
C GLY V 321 15.72 -15.46 -9.73
N GLY V 322 14.40 -15.24 -9.74
CA GLY V 322 13.46 -15.95 -8.88
C GLY V 322 12.05 -15.50 -9.27
N LEU V 323 11.07 -16.39 -9.18
CA LEU V 323 9.71 -16.05 -9.56
C LEU V 323 9.20 -14.83 -8.88
N PHE V 324 9.63 -14.61 -7.65
CA PHE V 324 9.14 -13.46 -6.94
C PHE V 324 10.09 -12.34 -6.61
N ARG V 325 11.06 -12.15 -7.49
CA ARG V 325 12.02 -11.08 -7.33
C ARG V 325 11.43 -9.89 -8.12
N THR V 326 10.37 -9.35 -7.53
CA THR V 326 9.56 -8.26 -8.05
C THR V 326 10.23 -6.94 -8.45
N GLY V 327 11.11 -6.96 -9.45
CA GLY V 327 11.72 -5.70 -9.85
C GLY V 327 12.94 -5.68 -10.78
N PRO V 328 13.23 -4.52 -11.40
CA PRO V 328 14.33 -4.28 -12.32
C PRO V 328 15.64 -4.67 -11.68
N MET V 329 16.48 -5.39 -12.44
CA MET V 329 17.78 -5.85 -11.94
C MET V 329 18.38 -4.97 -10.84
N ASN V 330 18.42 -3.66 -11.09
CA ASN V 330 18.98 -2.72 -10.13
C ASN V 330 18.51 -2.91 -8.69
N LYS V 331 17.25 -3.31 -8.51
CA LYS V 331 16.75 -3.51 -7.15
C LYS V 331 17.53 -4.66 -6.50
N GLY V 332 17.90 -5.65 -7.30
CA GLY V 332 18.61 -6.79 -6.77
C GLY V 332 20.02 -6.57 -6.28
N ASP V 333 20.94 -6.53 -7.23
CA ASP V 333 22.33 -6.35 -6.90
C ASP V 333 22.69 -4.91 -6.64
N GLY V 334 21.91 -4.01 -7.23
CA GLY V 334 22.16 -2.59 -7.06
C GLY V 334 22.52 -1.90 -8.36
N ILE V 335 22.43 -0.58 -8.37
CA ILE V 335 22.77 0.17 -9.57
C ILE V 335 24.27 0.06 -9.89
N ALA V 336 24.58 -0.78 -10.87
CA ALA V 336 25.96 -1.03 -11.30
C ALA V 336 26.70 0.27 -11.50
N GLN V 337 27.55 0.59 -10.56
CA GLN V 337 28.25 1.84 -10.70
C GLN V 337 29.57 1.79 -11.45
N ALA V 338 30.39 0.77 -11.24
CA ALA V 338 31.64 0.72 -11.97
C ALA V 338 32.38 -0.62 -11.88
N TRP V 339 33.46 -0.73 -12.66
CA TRP V 339 34.31 -1.92 -12.69
C TRP V 339 35.49 -1.74 -11.75
N LYS V 340 35.66 -2.68 -10.82
CA LYS V 340 36.76 -2.59 -9.89
C LYS V 340 38.06 -3.14 -10.50
N GLY V 341 37.93 -3.80 -11.65
CA GLY V 341 39.09 -4.36 -12.33
C GLY V 341 39.24 -5.84 -12.03
N HIS V 342 39.55 -6.63 -13.05
CA HIS V 342 39.75 -8.07 -12.89
C HIS V 342 40.89 -8.28 -11.87
N ALA V 343 40.73 -9.31 -11.03
CA ALA V 343 41.70 -9.62 -10.00
C ALA V 343 42.00 -11.12 -9.95
N VAL V 344 43.30 -11.45 -9.99
CA VAL V 344 43.79 -12.83 -9.93
C VAL V 344 44.45 -13.01 -8.56
N PHE V 345 44.10 -14.09 -7.88
CA PHE V 345 44.64 -14.35 -6.56
C PHE V 345 45.84 -15.28 -6.62
N ARG V 346 46.80 -15.02 -5.74
CA ARG V 346 48.01 -15.83 -5.65
C ARG V 346 48.25 -16.19 -4.18
N ASN V 347 49.39 -16.81 -3.90
CA ASN V 347 49.73 -17.20 -2.54
C ASN V 347 51.19 -16.92 -2.27
N LYS V 348 51.70 -17.51 -1.19
CA LYS V 348 53.11 -17.33 -0.85
C LYS V 348 53.86 -17.64 -2.15
N GLU V 349 53.91 -18.93 -2.52
CA GLU V 349 54.60 -19.39 -3.71
C GLU V 349 54.37 -18.47 -4.90
N GLY V 350 53.18 -17.86 -4.98
CA GLY V 350 52.93 -16.95 -6.06
C GLY V 350 52.24 -17.54 -7.28
N GLU V 351 51.74 -18.77 -7.16
CA GLU V 351 51.04 -19.42 -8.28
C GLU V 351 49.73 -18.67 -8.48
N GLU V 352 49.35 -18.40 -9.73
CA GLU V 352 48.12 -17.66 -10.02
C GLU V 352 46.89 -18.52 -9.83
N LEU V 353 46.32 -18.49 -8.64
CA LEU V 353 45.13 -19.28 -8.38
C LEU V 353 43.91 -18.72 -9.08
N PHE V 354 42.87 -19.55 -9.14
CA PHE V 354 41.65 -19.16 -9.78
C PHE V 354 40.45 -19.51 -8.93
N VAL V 355 39.47 -18.61 -8.94
CA VAL V 355 38.25 -18.77 -8.18
C VAL V 355 37.17 -19.53 -8.91
N ARG V 356 36.88 -20.74 -8.43
CA ARG V 356 35.86 -21.57 -9.05
C ARG V 356 34.49 -20.88 -8.90
N ARG V 357 33.90 -20.60 -10.05
CA ARG V 357 32.62 -19.91 -10.17
C ARG V 357 31.34 -20.65 -9.84
N MET V 358 30.27 -19.87 -9.74
CA MET V 358 28.93 -20.34 -9.43
C MET V 358 28.12 -20.47 -10.70
N PRO V 359 27.72 -21.70 -11.04
CA PRO V 359 26.94 -21.91 -12.24
C PRO V 359 25.45 -22.01 -11.88
N ALA V 360 24.60 -21.55 -12.81
CA ALA V 360 23.14 -21.53 -12.70
C ALA V 360 22.48 -21.97 -11.38
N PHE V 361 21.72 -23.07 -11.43
CA PHE V 361 20.97 -23.65 -10.31
C PHE V 361 21.28 -23.26 -8.85
N PHE V 362 22.56 -23.03 -8.54
CA PHE V 362 23.00 -22.69 -7.17
C PHE V 362 22.76 -21.23 -6.79
N GLU V 363 22.17 -20.99 -5.62
CA GLU V 363 21.92 -19.62 -5.14
C GLU V 363 22.99 -19.34 -4.07
N SER V 364 23.86 -20.34 -3.87
CA SER V 364 24.94 -20.29 -2.88
C SER V 364 26.07 -21.12 -3.40
N PHE V 365 27.30 -20.68 -3.20
CA PHE V 365 28.40 -21.47 -3.66
C PHE V 365 29.56 -21.32 -2.75
N PRO V 366 30.26 -22.43 -2.49
CA PRO V 366 31.42 -22.40 -1.60
C PRO V 366 32.59 -22.00 -2.49
N VAL V 367 33.19 -20.89 -2.10
CA VAL V 367 34.32 -20.32 -2.80
C VAL V 367 35.49 -21.27 -2.74
N ILE V 368 35.97 -21.67 -3.90
CA ILE V 368 37.10 -22.57 -3.93
C ILE V 368 38.15 -22.13 -4.92
N LEU V 369 39.38 -22.10 -4.45
CA LEU V 369 40.51 -21.69 -5.26
C LEU V 369 41.37 -22.87 -5.73
N THR V 370 41.48 -23.00 -7.04
CA THR V 370 42.28 -24.04 -7.65
C THR V 370 43.13 -23.35 -8.70
N ASP V 371 44.43 -23.61 -8.67
CA ASP V 371 45.33 -23.02 -9.65
C ASP V 371 44.99 -23.68 -10.99
N LYS V 372 45.82 -23.47 -12.01
CA LYS V 372 45.51 -24.10 -13.29
C LYS V 372 45.68 -25.60 -13.16
N ASN V 373 45.52 -26.32 -14.28
CA ASN V 373 45.63 -27.77 -14.26
C ASN V 373 44.53 -28.32 -13.37
N GLY V 374 44.02 -27.48 -12.47
CA GLY V 374 42.93 -27.86 -11.58
C GLY V 374 43.14 -28.42 -10.19
N VAL V 375 44.25 -28.14 -9.54
CA VAL V 375 44.40 -28.68 -8.21
C VAL V 375 44.09 -27.61 -7.17
N VAL V 376 43.10 -27.93 -6.33
CA VAL V 376 42.62 -27.05 -5.25
C VAL V 376 43.77 -26.49 -4.44
N LYS V 377 43.94 -25.18 -4.45
CA LYS V 377 45.03 -24.56 -3.72
C LYS V 377 44.65 -23.64 -2.56
N ALA V 378 43.34 -23.42 -2.37
CA ALA V 378 42.85 -22.55 -1.30
C ALA V 378 41.33 -22.51 -1.35
N ASP V 379 40.71 -22.23 -0.19
CA ASP V 379 39.25 -22.19 -0.08
C ASP V 379 38.74 -21.67 1.28
N ILE V 380 37.64 -20.95 1.30
CA ILE V 380 37.09 -20.51 2.57
C ILE V 380 36.39 -21.74 3.08
N PRO V 381 36.87 -22.28 4.21
CA PRO V 381 36.39 -23.48 4.90
C PRO V 381 35.21 -23.33 5.83
N PHE V 382 34.23 -24.21 5.69
CA PHE V 382 33.06 -24.17 6.56
C PHE V 382 33.52 -24.69 7.91
N ARG V 383 34.24 -25.79 7.89
CA ARG V 383 34.73 -26.41 9.11
C ARG V 383 36.17 -26.07 9.45
N ARG V 384 36.34 -25.24 10.46
CA ARG V 384 37.67 -24.84 10.87
C ARG V 384 38.06 -25.66 12.09
N ALA V 385 39.17 -26.35 11.95
CA ALA V 385 39.71 -27.18 13.00
C ALA V 385 40.62 -28.13 12.27
N GLU V 386 40.06 -28.76 11.25
CA GLU V 386 40.81 -29.68 10.40
C GLU V 386 40.98 -29.03 9.03
N SER V 387 41.15 -27.71 9.04
CA SER V 387 41.32 -26.95 7.80
C SER V 387 42.70 -27.17 7.16
N LYS V 388 42.71 -27.54 5.88
CA LYS V 388 43.96 -27.82 5.18
C LYS V 388 44.40 -26.76 4.17
N TYR V 389 43.48 -26.28 3.33
CA TYR V 389 43.84 -25.28 2.29
C TYR V 389 43.38 -23.86 2.57
N SER V 390 42.54 -23.70 3.59
CA SER V 390 42.03 -22.40 3.96
C SER V 390 42.90 -21.19 3.62
N PHE V 391 42.25 -20.08 3.28
CA PHE V 391 42.99 -18.85 3.01
C PHE V 391 43.83 -18.68 4.26
N GLU V 392 44.89 -17.88 4.20
CA GLU V 392 45.75 -17.68 5.38
C GLU V 392 46.81 -18.80 5.63
N GLN V 393 46.37 -19.99 6.08
CA GLN V 393 47.29 -21.09 6.33
C GLN V 393 48.05 -21.28 5.03
N GLN V 394 47.33 -21.02 3.93
CA GLN V 394 47.88 -21.10 2.59
C GLN V 394 48.11 -19.67 2.18
N GLY V 395 47.69 -18.76 3.06
CA GLY V 395 47.84 -17.33 2.85
C GLY V 395 47.68 -16.82 1.44
N VAL V 396 46.47 -16.41 1.11
CA VAL V 396 46.18 -15.93 -0.24
C VAL V 396 46.32 -14.43 -0.39
N THR V 397 46.24 -13.93 -1.61
CA THR V 397 46.35 -12.49 -1.87
C THR V 397 45.83 -12.11 -3.26
N VAL V 398 45.09 -11.01 -3.36
CA VAL V 398 44.56 -10.58 -4.68
C VAL V 398 45.24 -9.30 -5.16
N SER V 399 45.27 -9.12 -6.48
CA SER V 399 45.85 -7.93 -7.09
C SER V 399 44.95 -7.58 -8.24
N PHE V 400 44.58 -6.31 -8.36
CA PHE V 400 43.68 -5.91 -9.44
C PHE V 400 44.40 -5.25 -10.59
N TYR V 401 44.14 -5.75 -11.80
CA TYR V 401 44.76 -5.23 -13.00
C TYR V 401 43.69 -4.64 -13.91
N GLY V 402 43.77 -3.33 -14.10
CA GLY V 402 42.80 -2.62 -14.90
C GLY V 402 41.60 -2.34 -13.98
N GLY V 403 40.59 -1.67 -14.49
CA GLY V 403 39.43 -1.40 -13.67
C GLY V 403 39.62 -0.20 -12.78
N GLU V 404 38.84 -0.14 -11.70
CA GLU V 404 38.88 0.98 -10.76
C GLU V 404 39.88 0.79 -9.61
N LEU V 405 39.93 -0.42 -9.07
CA LEU V 405 40.83 -0.75 -7.98
C LEU V 405 42.22 -1.02 -8.49
N ASN V 406 42.41 -0.91 -9.79
CA ASN V 406 43.71 -1.19 -10.40
C ASN V 406 44.93 -0.74 -9.63
N GLY V 407 46.04 -1.43 -9.88
CA GLY V 407 47.31 -1.12 -9.24
C GLY V 407 47.55 -1.66 -7.84
N GLN V 408 46.46 -1.84 -7.10
CA GLN V 408 46.57 -2.30 -5.72
C GLN V 408 46.72 -3.79 -5.56
N THR V 409 47.19 -4.17 -4.37
CA THR V 409 47.44 -5.55 -3.96
C THR V 409 46.96 -5.67 -2.49
N PHE V 410 45.94 -6.48 -2.23
CA PHE V 410 45.47 -6.60 -0.85
C PHE V 410 45.99 -7.89 -0.24
N THR V 411 46.47 -7.81 1.00
CA THR V 411 47.02 -8.99 1.66
C THR V 411 46.19 -9.51 2.82
N ASP V 412 45.76 -8.64 3.72
CA ASP V 412 44.99 -9.05 4.90
C ASP V 412 43.78 -9.98 4.61
N PRO V 413 43.90 -11.26 5.00
CA PRO V 413 42.86 -12.29 4.81
C PRO V 413 41.41 -11.81 4.65
N PRO V 414 40.88 -11.08 5.64
CA PRO V 414 39.49 -10.60 5.52
C PRO V 414 39.16 -10.18 4.10
N THR V 415 39.84 -9.11 3.68
CA THR V 415 39.68 -8.53 2.35
C THR V 415 39.73 -9.63 1.31
N VAL V 416 40.92 -10.17 1.11
CA VAL V 416 41.11 -11.22 0.13
C VAL V 416 40.00 -12.28 0.17
N LYS V 417 39.54 -12.63 1.38
CA LYS V 417 38.43 -13.58 1.51
C LYS V 417 37.26 -12.91 0.83
N SER V 418 37.04 -11.64 1.18
CA SER V 418 35.97 -10.84 0.62
C SER V 418 35.91 -10.93 -0.91
N TYR V 419 36.91 -10.39 -1.58
CA TYR V 419 36.93 -10.36 -3.03
C TYR V 419 36.71 -11.69 -3.73
N ALA V 420 37.24 -12.76 -3.16
CA ALA V 420 37.09 -14.09 -3.75
C ALA V 420 35.61 -14.49 -3.81
N ARG V 421 34.87 -14.13 -2.77
CA ARG V 421 33.44 -14.42 -2.66
C ARG V 421 32.64 -13.60 -3.67
N LYS V 422 33.12 -12.39 -3.98
CA LYS V 422 32.45 -11.51 -4.96
C LYS V 422 32.97 -11.85 -6.37
N ALA V 423 33.98 -12.73 -6.41
CA ALA V 423 34.62 -13.20 -7.65
C ALA V 423 33.85 -14.40 -8.21
N ILE V 424 33.21 -15.13 -7.31
CA ILE V 424 32.39 -16.28 -7.67
C ILE V 424 31.35 -15.78 -8.65
N PHE V 425 30.98 -14.52 -8.50
CA PHE V 425 30.00 -13.89 -9.35
C PHE V 425 30.64 -13.44 -10.67
N GLY V 426 31.93 -13.77 -10.84
CA GLY V 426 32.63 -13.43 -12.06
C GLY V 426 33.60 -12.26 -11.89
N GLU V 427 33.26 -11.16 -12.58
CA GLU V 427 34.02 -9.92 -12.51
C GLU V 427 33.24 -9.01 -11.53
N ILE V 428 33.93 -8.50 -10.53
CA ILE V 428 33.25 -7.70 -9.54
C ILE V 428 33.14 -6.21 -9.87
N PHE V 429 31.92 -5.69 -9.70
CA PHE V 429 31.61 -4.30 -9.96
C PHE V 429 31.14 -3.58 -8.70
N GLU V 430 31.13 -2.25 -8.73
CA GLU V 430 30.68 -1.45 -7.59
C GLU V 430 29.21 -1.04 -7.75
N PHE V 431 28.39 -1.56 -6.84
CA PHE V 431 26.97 -1.31 -6.88
C PHE V 431 26.47 -0.32 -5.84
N ASP V 432 25.75 0.67 -6.34
CA ASP V 432 25.12 1.68 -5.51
C ASP V 432 23.82 1.02 -5.16
N THR V 433 23.70 0.56 -3.93
CA THR V 433 22.46 -0.08 -3.52
C THR V 433 21.62 0.96 -2.86
N GLU V 434 22.29 1.93 -2.24
CA GLU V 434 21.60 2.97 -1.53
C GLU V 434 20.45 3.61 -2.32
N THR V 435 20.77 4.23 -3.47
CA THR V 435 19.75 4.92 -4.28
C THR V 435 18.37 4.24 -4.25
N LEU V 436 18.25 3.14 -4.99
CA LEU V 436 16.99 2.43 -5.02
C LEU V 436 16.92 1.29 -4.00
N ASN V 437 17.44 1.58 -2.80
CA ASN V 437 17.44 0.65 -1.68
C ASN V 437 17.51 -0.82 -2.09
N SER V 438 18.57 -1.22 -2.77
CA SER V 438 18.68 -2.61 -3.19
C SER V 438 18.55 -3.56 -2.00
N ASP V 439 18.37 -4.84 -2.28
CA ASP V 439 18.21 -5.85 -1.26
C ASP V 439 19.33 -6.88 -1.30
N GLY V 440 19.84 -7.08 -2.50
CA GLY V 440 20.90 -8.04 -2.69
C GLY V 440 20.36 -9.41 -3.03
N ILE V 441 19.73 -9.55 -4.20
CA ILE V 441 19.23 -10.86 -4.64
C ILE V 441 19.06 -10.93 -6.17
N PHE V 442 19.98 -10.31 -6.91
CA PHE V 442 19.96 -10.29 -8.38
C PHE V 442 18.80 -11.07 -8.99
N ARG V 443 17.93 -10.35 -9.71
CA ARG V 443 16.76 -10.95 -10.36
C ARG V 443 17.03 -11.14 -11.85
N THR V 444 16.17 -11.89 -12.51
CA THR V 444 16.36 -12.09 -13.93
C THR V 444 16.04 -10.83 -14.69
N SER V 445 16.49 -10.75 -15.94
CA SER V 445 16.25 -9.59 -16.78
C SER V 445 14.94 -9.74 -17.56
N PRO V 446 14.48 -8.65 -18.26
CA PRO V 446 13.22 -8.82 -19.00
C PRO V 446 13.39 -9.98 -19.95
N ARG V 447 14.62 -10.07 -20.47
CA ARG V 447 15.06 -11.10 -21.40
C ARG V 447 14.63 -12.52 -21.02
N GLY V 448 14.53 -12.77 -19.73
CA GLY V 448 14.11 -14.08 -19.29
C GLY V 448 12.64 -13.94 -18.98
N TRP V 449 12.30 -12.78 -18.43
CA TRP V 449 10.93 -12.49 -18.09
C TRP V 449 10.06 -12.80 -19.30
N PHE V 450 10.23 -12.03 -20.38
CA PHE V 450 9.46 -12.25 -21.62
C PHE V 450 9.22 -13.76 -21.76
N THR V 451 10.34 -14.48 -21.86
CA THR V 451 10.37 -15.93 -22.00
C THR V 451 9.41 -16.71 -21.09
N PHE V 452 9.37 -16.34 -19.81
CA PHE V 452 8.52 -17.01 -18.83
C PHE V 452 7.04 -16.79 -18.94
N ALA V 453 6.58 -15.74 -19.61
CA ALA V 453 5.14 -15.59 -19.68
C ALA V 453 4.63 -16.21 -20.97
N HIS V 454 5.42 -16.06 -22.03
CA HIS V 454 5.11 -16.63 -23.35
C HIS V 454 5.31 -18.11 -23.10
N ALA V 455 4.91 -18.39 -21.89
CA ALA V 455 4.99 -19.64 -21.26
C ALA V 455 3.64 -20.17 -21.13
N VAL V 456 3.11 -19.87 -19.96
CA VAL V 456 1.81 -20.25 -19.49
C VAL V 456 0.80 -19.71 -20.50
N PHE V 457 1.22 -18.68 -21.23
CA PHE V 457 0.40 -18.06 -22.25
C PHE V 457 0.50 -18.92 -23.52
N ALA V 458 1.60 -19.65 -23.61
CA ALA V 458 1.85 -20.57 -24.69
C ALA V 458 1.14 -21.88 -24.28
N LEU V 459 1.22 -22.22 -22.99
CA LEU V 459 0.60 -23.43 -22.45
C LEU V 459 -0.88 -23.38 -22.24
N LEU V 460 -1.37 -22.23 -21.82
CA LEU V 460 -2.80 -22.11 -21.62
C LEU V 460 -3.45 -22.18 -23.00
N PHE V 461 -2.88 -21.45 -23.96
CA PHE V 461 -3.42 -21.43 -25.33
C PHE V 461 -3.68 -22.78 -25.99
N PHE V 462 -2.61 -23.56 -26.14
CA PHE V 462 -2.71 -24.89 -26.76
C PHE V 462 -3.87 -25.64 -26.16
N PHE V 463 -4.11 -25.55 -24.84
CA PHE V 463 -5.09 -26.44 -24.21
C PHE V 463 -6.57 -26.38 -24.64
N GLY V 464 -7.17 -25.19 -24.71
CA GLY V 464 -8.48 -25.01 -25.31
C GLY V 464 -8.47 -24.90 -26.81
N HIS V 465 -7.27 -24.84 -27.38
CA HIS V 465 -7.15 -24.85 -28.83
C HIS V 465 -7.80 -26.23 -29.09
N ILE V 466 -7.92 -26.96 -27.99
CA ILE V 466 -8.52 -28.29 -27.89
C ILE V 466 -9.94 -28.15 -27.33
N TRP V 467 -10.14 -27.34 -26.28
CA TRP V 467 -11.49 -27.18 -25.75
C TRP V 467 -12.35 -26.53 -26.80
N HIS V 468 -11.83 -25.49 -27.41
CA HIS V 468 -12.55 -24.78 -28.47
C HIS V 468 -12.81 -25.60 -29.73
N GLY V 469 -11.73 -26.09 -30.34
CA GLY V 469 -11.83 -26.91 -31.53
C GLY V 469 -12.54 -28.23 -31.26
N ALA V 470 -12.94 -28.42 -29.99
CA ALA V 470 -13.68 -29.60 -29.54
C ALA V 470 -15.11 -29.16 -29.33
N ARG V 471 -15.33 -27.84 -29.35
CA ARG V 471 -16.68 -27.31 -29.26
C ARG V 471 -17.06 -27.23 -30.74
N THR V 472 -16.05 -26.98 -31.57
CA THR V 472 -16.17 -26.86 -33.03
C THR V 472 -16.56 -28.18 -33.70
N LEU V 473 -15.88 -29.27 -33.38
CA LEU V 473 -16.22 -30.55 -33.97
C LEU V 473 -17.32 -31.32 -33.24
N PHE V 474 -17.67 -30.88 -32.03
CA PHE V 474 -18.73 -31.55 -31.28
C PHE V 474 -19.88 -30.61 -30.95
N ARG V 475 -20.13 -29.64 -31.83
CA ARG V 475 -21.23 -28.68 -31.63
C ARG V 475 -22.47 -29.46 -31.18
N ASP V 476 -23.02 -30.25 -32.09
CA ASP V 476 -24.18 -31.08 -31.82
C ASP V 476 -24.25 -31.55 -30.36
N VAL V 477 -23.27 -32.38 -30.02
CA VAL V 477 -23.10 -32.97 -28.70
C VAL V 477 -23.36 -31.94 -27.59
N PHE V 478 -22.27 -31.48 -26.98
CA PHE V 478 -22.28 -30.51 -25.90
C PHE V 478 -23.59 -30.36 -25.13
N SER V 479 -24.58 -29.69 -25.72
CA SER V 479 -25.86 -29.51 -25.04
C SER V 479 -26.30 -30.88 -24.51
N GLY V 480 -25.77 -31.93 -25.13
CA GLY V 480 -26.06 -33.30 -24.78
C GLY V 480 -25.97 -34.21 -25.99
N ILE V 481 -25.75 -35.50 -25.75
CA ILE V 481 -25.67 -36.47 -26.83
C ILE V 481 -27.07 -37.07 -26.93
N ASP V 482 -27.62 -37.16 -28.14
CA ASP V 482 -28.98 -37.67 -28.38
C ASP V 482 -29.58 -38.58 -27.28
N PRO V 483 -30.64 -38.11 -26.59
CA PRO V 483 -31.22 -38.94 -25.54
C PRO V 483 -31.69 -40.31 -26.03
N GLU V 484 -31.38 -40.67 -27.27
CA GLU V 484 -31.80 -41.97 -27.78
C GLU V 484 -30.97 -42.71 -28.86
N LEU V 485 -30.09 -43.61 -28.38
CA LEU V 485 -29.24 -44.48 -29.22
C LEU V 485 -29.54 -45.92 -28.79
N SER V 486 -29.11 -46.90 -29.59
CA SER V 486 -29.38 -48.31 -29.29
C SER V 486 -28.25 -49.12 -28.60
N PRO V 487 -27.57 -50.05 -29.31
CA PRO V 487 -26.54 -50.72 -28.49
C PRO V 487 -25.13 -50.09 -28.60
N GLU V 488 -24.67 -49.85 -29.84
CA GLU V 488 -23.36 -49.28 -30.14
C GLU V 488 -22.35 -48.99 -28.99
N ASP W 1 -22.90 -76.41 -4.28
CA ASP W 1 -24.23 -75.85 -4.65
C ASP W 1 -24.36 -74.35 -4.35
N GLN W 2 -23.28 -73.71 -3.91
CA GLN W 2 -23.32 -72.28 -3.60
C GLN W 2 -22.92 -71.39 -4.79
N GLU W 3 -22.75 -70.10 -4.51
CA GLU W 3 -22.37 -69.09 -5.50
C GLU W 3 -23.64 -68.51 -6.15
N SER W 4 -24.73 -69.26 -6.05
CA SER W 4 -26.03 -68.86 -6.60
C SER W 4 -27.03 -68.55 -5.48
N SER W 5 -27.05 -69.42 -4.47
CA SER W 5 -27.90 -69.27 -3.30
C SER W 5 -26.99 -68.65 -2.24
N GLY W 6 -25.70 -69.00 -2.32
CA GLY W 6 -24.74 -68.42 -1.41
C GLY W 6 -24.52 -67.03 -1.96
N PHE W 7 -24.25 -66.06 -1.08
CA PHE W 7 -24.04 -64.68 -1.51
C PHE W 7 -22.96 -64.40 -2.59
N ALA W 8 -21.67 -64.34 -2.21
CA ALA W 8 -20.61 -64.03 -3.17
C ALA W 8 -19.51 -65.09 -3.34
N TRP W 9 -18.43 -64.69 -4.03
CA TRP W 9 -17.25 -65.54 -4.29
C TRP W 9 -16.03 -65.29 -3.38
N TRP W 10 -15.37 -64.15 -3.57
CA TRP W 10 -14.23 -63.79 -2.75
C TRP W 10 -14.77 -63.98 -1.33
N ALA W 11 -15.93 -63.38 -1.09
CA ALA W 11 -16.64 -63.42 0.18
C ALA W 11 -17.45 -64.71 0.17
N GLY W 12 -17.07 -65.62 -0.72
CA GLY W 12 -17.75 -66.89 -0.83
C GLY W 12 -17.70 -67.49 0.54
N ASN W 13 -16.51 -67.47 1.11
CA ASN W 13 -16.28 -67.97 2.45
C ASN W 13 -17.25 -67.17 3.31
N ALA W 14 -17.65 -67.72 4.46
CA ALA W 14 -18.58 -67.07 5.42
C ALA W 14 -19.93 -67.76 5.59
N ARG W 15 -20.27 -68.66 4.68
CA ARG W 15 -21.53 -69.36 4.78
C ARG W 15 -21.58 -69.93 6.19
N LEU W 16 -22.55 -69.46 6.97
CA LEU W 16 -22.73 -69.88 8.34
C LEU W 16 -23.89 -69.09 8.93
N ILE W 17 -24.99 -69.78 9.19
CA ILE W 17 -26.23 -69.16 9.74
C ILE W 17 -26.50 -69.42 11.24
N ASN W 18 -26.83 -70.67 11.58
CA ASN W 18 -27.12 -71.09 12.97
C ASN W 18 -25.98 -71.99 13.43
N LEU W 19 -25.45 -72.77 12.48
CA LEU W 19 -24.34 -73.71 12.71
C LEU W 19 -23.69 -74.15 11.39
N SER W 20 -22.59 -74.90 11.51
CA SER W 20 -21.86 -75.44 10.37
C SER W 20 -20.64 -76.22 10.83
N GLY W 21 -20.60 -77.48 10.42
CA GLY W 21 -19.51 -78.35 10.79
C GLY W 21 -18.34 -78.21 9.85
N LYS W 22 -18.47 -77.33 8.87
CA LYS W 22 -17.38 -77.09 7.91
C LYS W 22 -16.53 -75.93 8.41
N LEU W 23 -17.21 -74.94 8.99
CA LEU W 23 -16.57 -73.74 9.55
C LEU W 23 -15.96 -74.04 10.94
N LEU W 24 -16.54 -75.00 11.66
CA LEU W 24 -16.01 -75.42 12.95
C LEU W 24 -14.65 -76.06 12.64
N GLY W 25 -14.66 -77.09 11.80
CA GLY W 25 -13.44 -77.78 11.42
C GLY W 25 -12.57 -76.96 10.50
N ALA W 26 -12.92 -75.69 10.34
CA ALA W 26 -12.16 -74.79 9.48
C ALA W 26 -11.27 -73.93 10.37
N HIS W 27 -11.72 -73.71 11.61
CA HIS W 27 -10.95 -72.94 12.59
C HIS W 27 -10.02 -73.90 13.29
N VAL W 28 -10.45 -75.15 13.33
CA VAL W 28 -9.66 -76.21 13.91
C VAL W 28 -8.68 -76.59 12.80
N ALA W 29 -9.04 -76.18 11.59
CA ALA W 29 -8.25 -76.39 10.40
C ALA W 29 -7.08 -75.41 10.48
N HIS W 30 -7.39 -74.12 10.40
CA HIS W 30 -6.39 -73.07 10.49
C HIS W 30 -5.68 -73.06 11.86
N ALA W 31 -6.45 -73.09 12.97
CA ALA W 31 -5.86 -73.09 14.30
C ALA W 31 -4.82 -74.21 14.38
N GLY W 32 -4.75 -74.99 13.30
CA GLY W 32 -3.77 -76.06 13.19
C GLY W 32 -2.63 -75.60 12.31
N LEU W 33 -2.98 -74.89 11.24
CA LEU W 33 -2.01 -74.34 10.32
C LEU W 33 -1.05 -73.52 11.15
N ILE W 34 -1.62 -72.64 11.96
CA ILE W 34 -0.87 -71.76 12.83
C ILE W 34 0.16 -72.58 13.58
N VAL W 35 -0.26 -73.75 14.06
CA VAL W 35 0.65 -74.62 14.79
C VAL W 35 1.79 -75.03 13.89
N PHE W 36 1.47 -75.29 12.62
CA PHE W 36 2.48 -75.67 11.65
C PHE W 36 3.62 -74.68 11.56
N TRP W 37 3.29 -73.39 11.47
CA TRP W 37 4.33 -72.36 11.39
C TRP W 37 5.22 -72.38 12.64
N ALA W 38 4.59 -72.40 13.82
CA ALA W 38 5.32 -72.43 15.09
C ALA W 38 6.53 -73.39 14.96
N GLY W 39 6.25 -74.65 14.61
CA GLY W 39 7.30 -75.65 14.47
C GLY W 39 8.17 -75.56 13.22
N ALA W 40 7.56 -75.57 12.05
CA ALA W 40 8.29 -75.50 10.79
C ALA W 40 9.38 -74.42 10.83
N MET W 41 9.00 -73.20 11.19
CA MET W 41 9.91 -72.05 11.28
C MET W 41 10.91 -72.23 12.45
N THR W 42 10.49 -72.97 13.47
CA THR W 42 11.35 -73.25 14.60
C THR W 42 12.46 -74.16 14.05
N LEU W 43 12.06 -75.27 13.42
CA LEU W 43 13.00 -76.22 12.83
C LEU W 43 13.79 -75.55 11.69
N PHE W 44 13.36 -74.34 11.35
CA PHE W 44 14.03 -73.57 10.32
C PHE W 44 14.98 -72.57 10.96
N GLU W 45 14.79 -72.35 12.25
CA GLU W 45 15.64 -71.42 12.99
C GLU W 45 16.86 -72.15 13.60
N LEU W 46 16.61 -73.30 14.23
CA LEU W 46 17.68 -74.11 14.80
C LEU W 46 18.49 -74.63 13.62
N ALA W 47 17.79 -74.86 12.50
CA ALA W 47 18.42 -75.35 11.30
C ALA W 47 19.45 -74.32 10.84
N HIS W 48 19.67 -73.30 11.67
CA HIS W 48 20.59 -72.24 11.29
C HIS W 48 21.54 -71.61 12.32
N PHE W 49 21.01 -71.10 13.44
CA PHE W 49 21.85 -70.47 14.46
C PHE W 49 23.31 -70.97 14.55
N ILE W 50 24.26 -70.16 14.06
CA ILE W 50 25.70 -70.49 14.09
C ILE W 50 26.14 -70.92 15.50
N PRO W 51 27.24 -71.74 15.63
CA PRO W 51 27.65 -72.17 16.98
C PRO W 51 27.40 -71.10 18.04
N GLU W 52 28.18 -70.02 18.00
CA GLU W 52 27.96 -68.94 18.94
C GLU W 52 28.13 -67.61 18.23
N LYS W 53 26.99 -66.97 18.00
CA LYS W 53 26.90 -65.67 17.33
C LYS W 53 25.65 -65.03 17.89
N PRO W 54 25.66 -63.70 18.02
CA PRO W 54 24.50 -62.99 18.54
C PRO W 54 23.22 -63.69 18.09
N MET W 55 22.26 -63.87 18.99
CA MET W 55 21.01 -64.53 18.62
C MET W 55 20.21 -63.66 17.63
N TYR W 56 20.47 -62.35 17.67
CA TYR W 56 19.79 -61.37 16.82
C TYR W 56 20.53 -61.00 15.53
N GLU W 57 21.77 -61.46 15.36
CA GLU W 57 22.50 -61.14 14.13
C GLU W 57 21.96 -62.05 13.03
N GLN W 58 21.27 -63.11 13.44
CA GLN W 58 20.63 -64.07 12.53
C GLN W 58 19.14 -63.86 12.72
N GLY W 59 18.39 -63.88 11.62
CA GLY W 59 16.96 -63.64 11.68
C GLY W 59 16.11 -64.54 12.52
N LEU W 60 16.41 -64.58 13.82
CA LEU W 60 15.66 -65.42 14.74
C LEU W 60 14.70 -64.64 15.63
N ILE W 61 13.44 -65.07 15.62
CA ILE W 61 12.39 -64.43 16.41
C ILE W 61 11.65 -65.45 17.28
N LEU W 62 11.63 -66.70 16.83
CA LEU W 62 10.97 -67.79 17.56
C LEU W 62 11.96 -68.31 18.59
N ILE W 63 13.12 -68.73 18.12
CA ILE W 63 14.17 -69.26 18.98
C ILE W 63 14.34 -68.34 20.19
N PRO W 64 14.41 -67.02 19.96
CA PRO W 64 14.57 -66.07 21.08
C PRO W 64 13.41 -66.18 22.07
N HIS W 65 12.21 -66.50 21.59
CA HIS W 65 11.04 -66.64 22.47
C HIS W 65 11.24 -67.81 23.43
N ILE W 66 11.68 -68.95 22.88
CA ILE W 66 11.92 -70.18 23.66
C ILE W 66 12.96 -69.93 24.77
N ALA W 67 13.94 -69.08 24.45
CA ALA W 67 15.01 -68.74 25.36
C ALA W 67 14.50 -68.03 26.62
N THR W 68 13.61 -67.06 26.45
CA THR W 68 13.07 -66.30 27.58
C THR W 68 12.48 -67.14 28.71
N LEU W 69 12.07 -68.37 28.41
CA LEU W 69 11.52 -69.22 29.45
C LEU W 69 12.63 -69.97 30.13
N GLY W 70 13.73 -70.15 29.40
CA GLY W 70 14.86 -70.84 29.96
C GLY W 70 15.23 -72.12 29.23
N TRP W 71 15.19 -72.09 27.91
CA TRP W 71 15.54 -73.27 27.14
C TRP W 71 16.76 -72.98 26.27
N GLY W 72 17.86 -73.66 26.57
CA GLY W 72 19.10 -73.47 25.86
C GLY W 72 19.86 -72.30 26.48
N VAL W 73 19.19 -71.61 27.42
CA VAL W 73 19.71 -70.43 28.14
C VAL W 73 21.21 -70.18 28.17
N GLY W 74 21.83 -70.38 29.33
CA GLY W 74 23.26 -70.16 29.48
C GLY W 74 23.56 -68.88 30.27
N PRO W 75 24.55 -68.90 31.20
CA PRO W 75 24.90 -67.70 31.98
C PRO W 75 25.29 -66.52 31.08
N GLY W 76 24.42 -65.53 30.97
CA GLY W 76 24.68 -64.37 30.13
C GLY W 76 23.70 -64.30 28.96
N GLY W 77 23.19 -65.47 28.55
CA GLY W 77 22.26 -65.56 27.44
C GLY W 77 22.77 -66.46 26.33
N GLU W 78 23.94 -67.06 26.55
CA GLU W 78 24.59 -67.94 25.58
C GLU W 78 24.02 -69.36 25.53
N VAL W 79 23.49 -69.73 24.37
CA VAL W 79 22.90 -71.05 24.16
C VAL W 79 23.88 -72.12 24.63
N VAL W 80 23.40 -73.05 25.46
CA VAL W 80 24.26 -74.11 25.95
C VAL W 80 24.32 -75.28 24.94
N ASP W 81 23.14 -75.80 24.57
CA ASP W 81 23.02 -76.90 23.60
C ASP W 81 21.79 -76.67 22.70
N THR W 82 22.01 -76.80 21.38
CA THR W 82 20.96 -76.59 20.38
C THR W 82 19.90 -77.70 20.38
N PHE W 83 19.35 -78.00 21.57
CA PHE W 83 18.36 -79.08 21.74
C PHE W 83 16.97 -78.66 22.25
N PRO W 84 16.91 -78.02 23.43
CA PRO W 84 15.61 -77.61 23.98
C PRO W 84 14.75 -76.98 22.88
N PHE W 85 15.45 -76.36 21.93
CA PHE W 85 14.83 -75.70 20.78
C PHE W 85 14.18 -76.73 19.87
N PHE W 86 14.99 -77.66 19.37
CA PHE W 86 14.49 -78.68 18.47
C PHE W 86 13.30 -79.47 19.03
N VAL W 87 13.11 -79.46 20.35
CA VAL W 87 11.99 -80.17 21.00
C VAL W 87 10.64 -79.53 20.65
N VAL W 88 10.54 -78.23 20.88
CA VAL W 88 9.33 -77.51 20.61
C VAL W 88 9.07 -77.41 19.11
N GLY W 89 10.15 -77.33 18.33
CA GLY W 89 10.05 -77.25 16.88
C GLY W 89 9.38 -78.44 16.21
N VAL W 90 9.87 -79.64 16.50
CA VAL W 90 9.32 -80.86 15.93
C VAL W 90 8.00 -81.24 16.63
N VAL W 91 7.91 -81.05 17.95
CA VAL W 91 6.68 -81.35 18.67
C VAL W 91 5.53 -80.50 18.12
N HIS W 92 5.87 -79.50 17.31
CA HIS W 92 4.90 -78.58 16.70
C HIS W 92 4.54 -79.01 15.28
N LEU W 93 5.51 -79.61 14.58
CA LEU W 93 5.30 -80.12 13.22
C LEU W 93 4.46 -81.40 13.30
N ILE W 94 4.56 -82.07 14.45
CA ILE W 94 3.80 -83.28 14.76
C ILE W 94 2.50 -82.82 15.42
N SER W 95 2.56 -81.65 16.06
CA SER W 95 1.36 -80.95 16.49
C SER W 95 0.60 -80.47 15.25
N SER W 96 1.38 -79.96 14.29
CA SER W 96 0.83 -79.45 13.04
C SER W 96 0.15 -80.56 12.26
N ALA W 97 0.77 -81.74 12.26
CA ALA W 97 0.20 -82.88 11.57
C ALA W 97 -1.13 -83.25 12.21
N VAL W 98 -1.19 -83.19 13.53
CA VAL W 98 -2.42 -83.48 14.25
C VAL W 98 -3.51 -82.47 13.89
N LEU W 99 -3.14 -81.20 13.79
CA LEU W 99 -4.09 -80.16 13.42
C LEU W 99 -4.62 -80.42 12.01
N GLY W 100 -3.72 -80.85 11.13
CA GLY W 100 -4.06 -81.18 9.76
C GLY W 100 -5.03 -82.34 9.68
N PHE W 101 -4.81 -83.34 10.54
CA PHE W 101 -5.48 -84.63 10.43
C PHE W 101 -7.00 -84.55 10.54
N GLY W 102 -7.52 -83.72 11.44
CA GLY W 102 -8.97 -83.68 11.57
C GLY W 102 -9.69 -82.41 11.16
N GLY W 103 -8.94 -81.43 10.67
CA GLY W 103 -9.55 -80.20 10.22
C GLY W 103 -10.18 -80.44 8.87
N VAL W 104 -9.37 -80.95 7.93
CA VAL W 104 -9.85 -81.26 6.57
C VAL W 104 -11.07 -82.16 6.76
N TYR W 105 -11.16 -82.79 7.93
CA TYR W 105 -12.28 -83.67 8.19
C TYR W 105 -13.55 -82.84 8.32
N HIS W 106 -13.71 -82.16 9.45
CA HIS W 106 -14.89 -81.36 9.65
C HIS W 106 -15.16 -80.56 8.38
N ALA W 107 -14.11 -80.42 7.58
CA ALA W 107 -14.14 -79.67 6.31
C ALA W 107 -14.71 -80.38 5.06
N ILE W 108 -14.61 -81.70 4.96
CA ILE W 108 -15.11 -82.38 3.77
C ILE W 108 -16.08 -83.57 3.98
N ARG W 109 -15.91 -84.32 5.05
CA ARG W 109 -16.80 -85.45 5.33
C ARG W 109 -17.40 -85.26 6.73
N GLY W 110 -17.02 -84.16 7.37
CA GLY W 110 -17.53 -83.86 8.69
C GLY W 110 -18.96 -83.46 8.61
N PRO W 111 -19.80 -83.90 9.57
CA PRO W 111 -21.23 -83.56 9.59
C PRO W 111 -21.58 -82.06 9.58
N GLU W 112 -22.34 -81.65 8.56
CA GLU W 112 -22.80 -80.26 8.36
C GLU W 112 -23.30 -79.66 9.66
N THR W 113 -24.61 -79.67 9.80
CA THR W 113 -25.30 -79.14 10.97
C THR W 113 -24.70 -79.68 12.28
N LEU W 114 -24.92 -78.94 13.36
CA LEU W 114 -24.47 -79.34 14.68
C LEU W 114 -25.72 -79.57 15.55
N GLU W 115 -26.87 -79.66 14.88
CA GLU W 115 -28.15 -79.90 15.53
C GLU W 115 -28.68 -81.27 15.12
N GLU W 116 -28.55 -81.59 13.83
CA GLU W 116 -29.00 -82.88 13.26
C GLU W 116 -28.25 -84.05 13.90
N TYR W 117 -26.92 -83.94 13.95
CA TYR W 117 -26.02 -84.94 14.53
C TYR W 117 -25.93 -84.67 16.03
N SER W 118 -24.83 -84.06 16.47
CA SER W 118 -24.67 -83.75 17.89
C SER W 118 -25.70 -82.70 18.32
N SER W 119 -25.86 -82.52 19.63
CA SER W 119 -26.81 -81.54 20.14
C SER W 119 -26.14 -80.65 21.18
N PHE W 120 -24.86 -80.92 21.46
CA PHE W 120 -24.09 -80.14 22.42
C PHE W 120 -22.96 -79.39 21.72
N PHE W 121 -22.40 -80.01 20.69
CA PHE W 121 -21.34 -79.42 19.90
C PHE W 121 -22.10 -78.70 18.78
N GLY W 122 -23.28 -78.21 19.15
CA GLY W 122 -24.18 -77.49 18.25
C GLY W 122 -24.62 -76.11 18.78
N TYR W 123 -24.50 -75.10 17.92
CA TYR W 123 -24.85 -73.75 18.29
C TYR W 123 -25.89 -73.10 17.39
N ASP W 124 -26.01 -71.79 17.58
CA ASP W 124 -26.92 -70.92 16.85
C ASP W 124 -26.43 -69.62 17.42
N TRP W 125 -26.20 -68.62 16.59
CA TRP W 125 -25.72 -67.38 17.17
C TRP W 125 -26.73 -66.69 18.06
N LYS W 126 -28.00 -66.62 17.64
CA LYS W 126 -28.99 -65.98 18.50
C LYS W 126 -29.04 -66.74 19.82
N ASP W 127 -28.38 -67.89 19.84
CA ASP W 127 -28.31 -68.71 21.04
C ASP W 127 -27.54 -67.87 22.06
N LYS W 128 -28.27 -67.14 22.88
CA LYS W 128 -27.64 -66.28 23.87
C LYS W 128 -26.69 -67.01 24.81
N ASN W 129 -27.13 -68.10 25.42
CA ASN W 129 -26.21 -68.77 26.31
C ASN W 129 -25.23 -69.76 25.71
N LYS W 130 -25.63 -70.49 24.67
CA LYS W 130 -24.70 -71.47 24.08
C LYS W 130 -23.41 -70.72 23.83
N MET W 131 -23.51 -69.59 23.15
CA MET W 131 -22.34 -68.79 22.86
C MET W 131 -21.71 -68.37 24.22
N THR W 132 -22.50 -67.69 25.06
CA THR W 132 -22.08 -67.20 26.38
C THR W 132 -21.20 -68.20 27.14
N THR W 133 -21.65 -69.45 27.11
CA THR W 133 -20.98 -70.52 27.79
C THR W 133 -19.64 -70.86 27.18
N ILE W 134 -19.63 -71.26 25.91
CA ILE W 134 -18.38 -71.62 25.22
C ILE W 134 -17.30 -70.61 25.60
N LEU W 135 -17.72 -69.38 25.85
CA LEU W 135 -16.84 -68.28 26.23
C LEU W 135 -16.03 -68.64 27.47
N GLY W 136 -16.73 -68.79 28.59
CA GLY W 136 -16.06 -69.15 29.82
C GLY W 136 -15.21 -70.39 29.64
N PHE W 137 -15.55 -71.19 28.64
CA PHE W 137 -14.82 -72.42 28.33
C PHE W 137 -13.43 -72.25 27.76
N HIS W 138 -13.32 -71.49 26.68
CA HIS W 138 -11.99 -71.27 26.12
C HIS W 138 -11.28 -70.30 27.03
N LEU W 139 -12.06 -69.62 27.87
CA LEU W 139 -11.52 -68.69 28.85
C LEU W 139 -10.73 -69.53 29.84
N ILE W 140 -11.28 -70.70 30.17
CA ILE W 140 -10.67 -71.66 31.10
C ILE W 140 -9.41 -72.31 30.49
N VAL W 141 -9.45 -72.54 29.18
CA VAL W 141 -8.34 -73.14 28.46
C VAL W 141 -7.17 -72.17 28.46
N LEU W 142 -7.51 -70.91 28.73
CA LEU W 142 -6.53 -69.85 28.79
C LEU W 142 -6.12 -69.69 30.26
N GLY W 143 -7.06 -69.94 31.17
CA GLY W 143 -6.75 -69.84 32.59
C GLY W 143 -5.71 -70.88 32.94
N ILE W 144 -5.63 -71.90 32.08
CA ILE W 144 -4.69 -73.02 32.20
C ILE W 144 -3.28 -72.56 31.77
N GLY W 145 -3.12 -72.24 30.49
CA GLY W 145 -1.82 -71.78 30.04
C GLY W 145 -1.36 -70.67 30.95
N ALA W 146 -2.27 -69.75 31.29
CA ALA W 146 -1.99 -68.60 32.17
C ALA W 146 -1.25 -69.05 33.43
N LEU W 147 -1.09 -70.35 33.55
CA LEU W 147 -0.41 -70.94 34.68
C LEU W 147 0.87 -71.66 34.25
N LEU W 148 0.94 -72.15 33.01
CA LEU W 148 2.15 -72.82 32.53
C LEU W 148 3.34 -72.00 33.00
N LEU W 149 3.37 -70.73 32.60
CA LEU W 149 4.44 -69.84 33.01
C LEU W 149 4.58 -69.91 34.53
N VAL W 150 3.46 -69.76 35.25
CA VAL W 150 3.49 -69.79 36.71
C VAL W 150 4.38 -70.89 37.31
N ALA W 151 4.29 -72.11 36.77
CA ALA W 151 5.10 -73.23 37.29
C ALA W 151 6.39 -73.47 36.50
N LYS W 152 6.53 -72.77 35.38
CA LYS W 152 7.72 -72.91 34.57
C LYS W 152 8.79 -72.03 35.14
N ALA W 153 8.37 -70.86 35.64
CA ALA W 153 9.29 -69.91 36.26
C ALA W 153 9.41 -70.27 37.73
N MET W 154 8.40 -71.00 38.23
CA MET W 154 8.33 -71.44 39.63
C MET W 154 8.61 -72.92 39.89
N PHE W 155 8.68 -73.74 38.83
CA PHE W 155 8.89 -75.17 39.07
C PHE W 155 9.68 -76.02 38.09
N PHE W 156 9.66 -75.71 36.80
CA PHE W 156 10.40 -76.53 35.84
C PHE W 156 11.64 -75.88 35.21
N GLY W 157 12.00 -74.72 35.73
CA GLY W 157 13.15 -73.98 35.23
C GLY W 157 12.69 -72.56 34.99
N GLY W 158 12.84 -71.71 36.00
CA GLY W 158 12.44 -70.31 35.92
C GLY W 158 12.73 -69.61 34.60
N LEU W 159 12.25 -68.37 34.48
CA LEU W 159 12.45 -67.58 33.26
C LEU W 159 13.82 -66.91 33.26
N TYR W 160 14.41 -66.75 32.07
CA TYR W 160 15.71 -66.10 31.96
C TYR W 160 15.54 -64.69 32.51
N ASP W 161 16.36 -64.34 33.49
CA ASP W 161 16.26 -63.02 34.09
C ASP W 161 17.52 -62.25 33.76
N THR W 162 17.38 -61.27 32.89
CA THR W 162 18.52 -60.45 32.51
C THR W 162 18.73 -59.40 33.59
N TRP W 163 17.89 -59.45 34.62
CA TRP W 163 17.97 -58.53 35.74
C TRP W 163 18.54 -59.27 36.94
N ALA W 164 19.37 -60.27 36.63
CA ALA W 164 20.02 -61.11 37.63
C ALA W 164 21.28 -60.49 38.22
N PRO W 165 21.54 -60.74 39.53
CA PRO W 165 22.70 -60.22 40.26
C PRO W 165 24.03 -60.25 39.49
N GLY W 166 24.41 -61.41 38.98
CA GLY W 166 25.67 -61.54 38.26
C GLY W 166 25.57 -61.22 36.78
N GLY W 167 24.35 -61.20 36.27
CA GLY W 167 24.15 -60.90 34.87
C GLY W 167 22.98 -61.70 34.34
N GLY W 168 22.90 -61.84 33.02
CA GLY W 168 21.83 -62.61 32.42
C GLY W 168 22.00 -64.08 32.77
N ASP W 169 20.99 -64.68 33.38
CA ASP W 169 21.04 -66.09 33.78
C ASP W 169 19.67 -66.57 34.29
N VAL W 170 19.15 -67.58 33.60
CA VAL W 170 17.87 -68.15 33.95
C VAL W 170 17.82 -68.47 35.44
N ARG W 171 17.06 -67.67 36.19
CA ARG W 171 16.91 -67.90 37.62
C ARG W 171 15.51 -68.47 37.83
N VAL W 172 15.22 -68.96 39.03
CA VAL W 172 13.90 -69.53 39.30
C VAL W 172 13.05 -68.66 40.23
N ILE W 173 12.14 -67.90 39.62
CA ILE W 173 11.24 -67.01 40.34
C ILE W 173 10.50 -67.79 41.41
N THR W 174 10.92 -67.60 42.66
CA THR W 174 10.28 -68.30 43.76
C THR W 174 9.28 -67.42 44.49
N ASN W 175 9.45 -66.11 44.41
CA ASN W 175 8.55 -65.19 45.09
C ASN W 175 7.71 -64.37 44.11
N PRO W 176 6.67 -64.99 43.51
CA PRO W 176 5.86 -64.20 42.58
C PRO W 176 5.21 -63.07 43.37
N THR W 177 5.02 -61.92 42.74
CA THR W 177 4.43 -60.81 43.45
C THR W 177 2.91 -60.91 43.46
N LEU W 178 2.35 -61.18 44.63
CA LEU W 178 0.91 -61.28 44.76
C LEU W 178 0.40 -60.17 45.65
N ASP W 179 0.62 -58.93 45.22
CA ASP W 179 0.16 -57.77 45.96
C ASP W 179 -0.90 -57.17 45.05
N PRO W 180 -2.19 -57.27 45.45
CA PRO W 180 -3.28 -56.73 44.64
C PRO W 180 -3.09 -55.33 44.04
N ARG W 181 -2.52 -54.40 44.80
CA ARG W 181 -2.35 -53.06 44.29
C ARG W 181 -1.21 -52.91 43.29
N VAL W 182 -0.09 -53.60 43.53
CA VAL W 182 1.02 -53.47 42.60
C VAL W 182 0.83 -54.17 41.26
N ILE W 183 0.13 -55.30 41.23
CA ILE W 183 -0.05 -55.97 39.96
C ILE W 183 -1.30 -55.46 39.23
N PHE W 184 -2.25 -54.93 40.00
CA PHE W 184 -3.47 -54.37 39.45
C PHE W 184 -3.28 -52.86 39.21
N GLY W 185 -2.15 -52.36 39.70
CA GLY W 185 -1.82 -50.96 39.56
C GLY W 185 -1.11 -50.73 38.25
N TYR W 186 -0.40 -51.74 37.79
CA TYR W 186 0.33 -51.66 36.53
C TYR W 186 -0.53 -51.19 35.34
N LEU W 187 -1.62 -51.90 35.09
CA LEU W 187 -2.56 -51.58 33.99
C LEU W 187 -3.30 -50.24 34.22
N LEU W 188 -3.70 -50.03 35.47
CA LEU W 188 -4.44 -48.87 35.93
C LEU W 188 -3.84 -47.45 35.80
N LYS W 189 -2.65 -47.32 35.21
CA LYS W 189 -2.02 -45.99 35.06
C LYS W 189 -0.72 -46.02 34.25
N SER W 190 -0.08 -44.86 34.08
CA SER W 190 1.17 -44.76 33.31
C SER W 190 0.91 -45.02 31.80
N PRO W 191 0.67 -43.96 31.01
CA PRO W 191 0.41 -44.20 29.58
C PRO W 191 1.56 -43.92 28.65
N PHE W 192 2.10 -42.70 28.72
CA PHE W 192 3.17 -42.22 27.83
C PHE W 192 4.63 -42.36 28.27
N GLY W 193 5.39 -41.27 28.11
CA GLY W 193 6.80 -41.24 28.46
C GLY W 193 7.12 -41.64 29.89
N GLY W 194 6.30 -41.16 30.83
CA GLY W 194 6.47 -41.49 32.23
C GLY W 194 6.76 -42.97 32.36
N GLU W 195 5.83 -43.78 31.88
CA GLU W 195 5.94 -45.24 31.88
C GLU W 195 4.88 -45.83 30.93
N GLY W 196 4.98 -47.12 30.62
CA GLY W 196 4.02 -47.73 29.72
C GLY W 196 2.92 -48.47 30.45
N TRP W 197 1.72 -48.47 29.87
CA TRP W 197 0.56 -49.15 30.44
C TRP W 197 1.10 -50.32 31.23
N ILE W 198 1.66 -51.26 30.47
CA ILE W 198 2.25 -52.46 31.03
C ILE W 198 3.55 -52.85 30.32
N VAL W 199 3.91 -52.14 29.25
CA VAL W 199 5.17 -52.42 28.57
C VAL W 199 6.18 -51.99 29.60
N SER W 200 5.66 -51.44 30.70
CA SER W 200 6.49 -50.95 31.79
C SER W 200 6.65 -51.94 32.93
N VAL W 201 7.52 -52.91 32.76
CA VAL W 201 7.75 -53.87 33.82
C VAL W 201 9.22 -53.87 34.19
N ASN W 202 9.47 -53.70 35.48
CA ASN W 202 10.82 -53.70 36.03
C ASN W 202 11.38 -55.12 36.28
N ASN W 203 10.80 -55.82 37.26
CA ASN W 203 11.24 -57.17 37.63
C ASN W 203 10.43 -58.37 37.09
N LEU W 204 11.12 -59.49 36.93
CA LEU W 204 10.56 -60.74 36.41
C LEU W 204 9.54 -61.43 37.32
N GLU W 205 9.26 -60.85 38.50
CA GLU W 205 8.28 -61.42 39.42
C GLU W 205 6.97 -60.64 39.41
N ASP W 206 7.01 -59.41 38.90
CA ASP W 206 5.78 -58.61 38.80
C ASP W 206 4.98 -59.26 37.66
N VAL W 207 5.70 -59.93 36.77
CA VAL W 207 5.12 -60.63 35.63
C VAL W 207 4.59 -62.02 36.05
N VAL W 208 5.48 -62.88 36.55
CA VAL W 208 5.10 -64.24 37.02
C VAL W 208 4.09 -64.11 38.16
N GLY W 209 4.35 -63.15 39.05
CA GLY W 209 3.47 -62.89 40.19
C GLY W 209 2.12 -62.33 39.76
N GLY W 210 2.05 -61.94 38.49
CA GLY W 210 0.81 -61.41 37.98
C GLY W 210 0.19 -62.44 37.05
N HIS W 211 1.00 -63.08 36.21
CA HIS W 211 0.51 -64.10 35.28
C HIS W 211 -0.21 -65.17 36.11
N ILE W 212 -0.14 -64.95 37.43
CA ILE W 212 -0.80 -65.78 38.42
C ILE W 212 -2.18 -65.17 38.67
N TRP W 213 -2.22 -63.83 38.75
CA TRP W 213 -3.46 -63.09 38.93
C TRP W 213 -4.34 -63.18 37.68
N ILE W 214 -3.75 -63.62 36.57
CA ILE W 214 -4.47 -63.77 35.30
C ILE W 214 -4.98 -65.20 35.11
N GLY W 215 -4.16 -66.19 35.44
CA GLY W 215 -4.58 -67.58 35.30
C GLY W 215 -5.81 -67.98 36.12
N LEU W 216 -6.21 -67.10 37.03
CA LEU W 216 -7.38 -67.33 37.89
C LEU W 216 -8.56 -66.59 37.34
N ILE W 217 -8.39 -65.27 37.22
CA ILE W 217 -9.43 -64.41 36.72
C ILE W 217 -10.10 -65.06 35.52
N CYS W 218 -9.36 -65.28 34.45
CA CYS W 218 -9.97 -65.90 33.27
C CYS W 218 -10.48 -67.32 33.59
N ILE W 219 -9.78 -68.01 34.49
CA ILE W 219 -10.18 -69.34 34.89
C ILE W 219 -11.52 -69.19 35.61
N ALA W 220 -11.64 -68.18 36.47
CA ALA W 220 -12.87 -67.93 37.21
C ALA W 220 -13.93 -67.22 36.33
N GLY W 221 -13.60 -67.06 35.06
CA GLY W 221 -14.52 -66.42 34.12
C GLY W 221 -15.44 -67.46 33.57
N GLY W 222 -14.88 -68.63 33.28
CA GLY W 222 -15.64 -69.75 32.76
C GLY W 222 -16.72 -70.19 33.74
N ILE W 223 -16.37 -70.23 35.02
CA ILE W 223 -17.30 -70.63 36.07
C ILE W 223 -18.35 -69.51 36.17
N TRP W 224 -18.21 -68.53 35.28
CA TRP W 224 -19.13 -67.40 35.25
C TRP W 224 -19.93 -67.29 33.95
N HIS W 225 -19.28 -67.60 32.83
CA HIS W 225 -19.93 -67.55 31.51
C HIS W 225 -20.52 -68.91 31.15
N ILE W 226 -19.82 -69.95 31.58
CA ILE W 226 -20.24 -71.33 31.38
C ILE W 226 -21.40 -71.55 32.32
N LEU W 227 -21.35 -70.83 33.43
CA LEU W 227 -22.36 -70.93 34.50
C LEU W 227 -23.52 -69.92 34.49
N THR W 228 -23.46 -68.90 33.65
CA THR W 228 -24.55 -67.94 33.61
C THR W 228 -24.85 -67.42 32.21
N THR W 229 -26.07 -66.90 32.09
CA THR W 229 -26.56 -66.34 30.85
C THR W 229 -26.37 -64.82 31.00
N PRO W 230 -26.19 -64.08 29.88
CA PRO W 230 -26.01 -62.62 29.93
C PRO W 230 -26.84 -61.97 31.05
N PHE W 231 -26.36 -60.84 31.57
CA PHE W 231 -27.02 -60.16 32.69
C PHE W 231 -28.38 -59.46 32.34
N GLY W 232 -28.60 -58.26 32.86
CA GLY W 232 -29.84 -57.52 32.60
C GLY W 232 -29.68 -56.22 31.81
N TRP W 233 -28.44 -55.76 31.68
CA TRP W 233 -28.11 -54.54 30.93
C TRP W 233 -27.54 -54.84 29.53
N ALA W 234 -26.38 -55.48 29.48
CA ALA W 234 -25.71 -55.82 28.23
C ALA W 234 -26.62 -56.51 27.21
N ARG W 235 -27.83 -56.87 27.60
CA ARG W 235 -28.76 -57.50 26.66
C ARG W 235 -28.76 -56.51 25.52
N ARG W 236 -29.06 -55.27 25.88
CA ARG W 236 -29.08 -54.14 24.96
C ARG W 236 -27.66 -53.88 24.51
N ALA W 237 -27.51 -53.11 23.43
CA ALA W 237 -26.19 -52.86 22.88
C ALA W 237 -25.85 -54.23 22.37
N PHE W 238 -24.66 -54.39 21.82
CA PHE W 238 -24.29 -55.70 21.32
C PHE W 238 -25.28 -56.27 20.30
N ILE W 239 -24.76 -56.54 19.11
CA ILE W 239 -25.52 -57.15 18.03
C ILE W 239 -25.06 -58.60 18.07
N TRP W 240 -25.79 -59.44 18.79
CA TRP W 240 -25.44 -60.84 18.93
C TRP W 240 -25.52 -61.58 17.61
N SER W 241 -25.32 -60.86 16.51
CA SER W 241 -25.34 -61.44 15.18
C SER W 241 -24.19 -62.42 15.09
N GLY W 242 -24.17 -63.25 14.06
CA GLY W 242 -23.06 -64.16 13.95
C GLY W 242 -21.80 -63.37 13.63
N GLU W 243 -21.91 -62.54 12.58
CA GLU W 243 -20.82 -61.70 12.11
C GLU W 243 -20.30 -60.80 13.21
N ALA W 244 -21.21 -60.09 13.86
CA ALA W 244 -20.85 -59.20 14.95
C ALA W 244 -19.85 -59.85 15.90
N TYR W 245 -20.08 -61.11 16.25
CA TYR W 245 -19.18 -61.83 17.16
C TYR W 245 -17.76 -61.87 16.64
N LEU W 246 -17.61 -61.98 15.31
CA LEU W 246 -16.29 -61.99 14.70
C LEU W 246 -15.65 -60.65 15.01
N SER W 247 -16.46 -59.59 14.98
CA SER W 247 -15.99 -58.22 15.26
C SER W 247 -15.64 -57.96 16.74
N TYR W 248 -16.58 -58.23 17.65
CA TYR W 248 -16.33 -58.02 19.08
C TYR W 248 -15.06 -58.74 19.49
N SER W 249 -14.92 -60.00 19.07
CA SER W 249 -13.73 -60.79 19.41
C SER W 249 -12.49 -60.40 18.56
N LEU W 250 -12.71 -59.67 17.47
CA LEU W 250 -11.67 -59.23 16.52
C LEU W 250 -10.95 -57.90 16.84
N GLY W 251 -11.67 -56.79 16.81
CA GLY W 251 -11.06 -55.50 17.11
C GLY W 251 -10.36 -55.43 18.47
N ALA W 252 -10.26 -56.58 19.16
CA ALA W 252 -9.60 -56.68 20.45
C ALA W 252 -8.14 -56.89 20.07
N LEU W 253 -7.92 -57.81 19.13
CA LEU W 253 -6.58 -58.11 18.63
C LEU W 253 -5.85 -56.86 18.13
N SER W 254 -6.58 -55.99 17.44
CA SER W 254 -6.00 -54.75 16.93
C SER W 254 -5.37 -54.04 18.11
N MET W 255 -6.09 -54.04 19.23
CA MET W 255 -5.62 -53.40 20.45
C MET W 255 -4.34 -54.05 20.97
N MET W 256 -4.29 -55.37 20.87
CA MET W 256 -3.16 -56.16 21.32
C MET W 256 -2.00 -56.23 20.34
N GLY W 257 -2.31 -56.10 19.06
CA GLY W 257 -1.26 -56.12 18.06
C GLY W 257 -0.50 -54.82 18.21
N PHE W 258 -1.16 -53.86 18.83
CA PHE W 258 -0.57 -52.55 19.10
C PHE W 258 0.12 -52.60 20.45
N ILE W 259 -0.62 -52.99 21.48
CA ILE W 259 -0.01 -53.07 22.80
C ILE W 259 1.07 -54.16 22.77
N ALA W 260 1.22 -54.79 21.61
CA ALA W 260 2.25 -55.79 21.44
C ALA W 260 3.41 -55.04 20.76
N THR W 261 3.14 -54.49 19.58
CA THR W 261 4.13 -53.74 18.82
C THR W 261 4.91 -52.76 19.67
N CYS W 262 4.38 -52.43 20.82
CA CYS W 262 5.08 -51.52 21.73
C CYS W 262 5.92 -52.31 22.75
N PHE W 263 5.53 -53.56 22.97
CA PHE W 263 6.26 -54.42 23.90
C PHE W 263 7.60 -54.86 23.29
N VAL W 264 7.56 -55.31 22.04
CA VAL W 264 8.80 -55.76 21.41
C VAL W 264 9.76 -54.59 21.26
N TRP W 265 9.19 -53.40 21.16
CA TRP W 265 9.97 -52.19 20.97
C TRP W 265 10.61 -51.59 22.21
N PHE W 266 9.87 -51.52 23.31
CA PHE W 266 10.41 -50.92 24.54
C PHE W 266 10.87 -51.86 25.63
N ASN W 267 10.02 -52.82 25.99
CA ASN W 267 10.30 -53.78 27.08
C ASN W 267 11.62 -54.54 27.02
N ASN W 268 12.47 -54.29 28.00
CA ASN W 268 13.75 -54.95 28.01
C ASN W 268 13.63 -56.28 28.69
N THR W 269 12.87 -56.30 29.78
CA THR W 269 12.68 -57.52 30.55
C THR W 269 12.16 -58.65 29.65
N VAL W 270 10.85 -58.83 29.54
CA VAL W 270 10.31 -59.92 28.72
C VAL W 270 10.91 -60.03 27.32
N TYR W 271 11.63 -58.99 26.91
CA TYR W 271 12.28 -58.96 25.59
C TYR W 271 13.80 -58.85 25.76
N PRO W 272 14.37 -59.79 26.53
CA PRO W 272 15.80 -59.83 26.80
C PRO W 272 16.52 -59.28 25.61
N SER W 273 17.28 -58.23 25.82
CA SER W 273 18.01 -57.61 24.74
C SER W 273 19.04 -58.61 24.17
N GLU W 274 19.34 -59.63 24.96
CA GLU W 274 20.31 -60.65 24.56
C GLU W 274 19.73 -61.67 23.56
N PHE W 275 18.42 -61.90 23.63
CA PHE W 275 17.77 -62.85 22.72
C PHE W 275 17.24 -62.15 21.47
N TYR W 276 16.76 -60.91 21.63
CA TYR W 276 16.24 -60.09 20.53
C TYR W 276 17.27 -59.01 20.23
N GLY W 277 16.83 -57.78 20.02
CA GLY W 277 17.77 -56.70 19.75
C GLY W 277 17.85 -55.75 20.93
N PRO W 278 18.60 -54.64 20.81
CA PRO W 278 18.71 -53.68 21.91
C PRO W 278 17.72 -52.54 21.66
N THR W 279 16.66 -52.50 22.47
CA THR W 279 15.60 -51.50 22.38
C THR W 279 16.05 -50.18 21.79
N GLY W 280 15.30 -49.69 20.81
CA GLY W 280 15.61 -48.41 20.17
C GLY W 280 16.24 -47.41 21.10
N PRO W 281 15.65 -47.19 22.30
CA PRO W 281 16.22 -46.24 23.24
C PRO W 281 17.59 -46.77 23.73
N GLU W 282 17.64 -48.05 24.09
CA GLU W 282 18.90 -48.62 24.59
C GLU W 282 20.07 -48.31 23.68
N ALA W 283 19.92 -48.58 22.40
CA ALA W 283 20.99 -48.32 21.46
C ALA W 283 21.44 -46.85 21.53
N SER W 284 20.47 -45.91 21.55
CA SER W 284 20.74 -44.46 21.62
C SER W 284 21.59 -44.08 22.83
N GLN W 285 21.42 -44.82 23.93
CA GLN W 285 22.17 -44.57 25.14
C GLN W 285 23.60 -45.10 24.99
N ALA W 286 23.72 -46.31 24.47
CA ALA W 286 25.01 -46.99 24.25
C ALA W 286 25.91 -46.10 23.37
N GLN W 287 25.24 -45.24 22.60
CA GLN W 287 25.89 -44.28 21.71
C GLN W 287 26.69 -43.29 22.54
N ALA W 288 26.00 -42.65 23.49
CA ALA W 288 26.61 -41.68 24.40
C ALA W 288 27.55 -42.44 25.30
N MET W 289 27.02 -43.48 25.94
CA MET W 289 27.80 -44.34 26.82
C MET W 289 29.20 -44.47 26.26
N THR W 290 29.33 -45.14 25.12
CA THR W 290 30.61 -45.34 24.46
C THR W 290 31.47 -44.07 24.49
N PHE W 291 31.13 -43.14 23.61
CA PHE W 291 31.85 -41.87 23.49
C PHE W 291 32.08 -41.10 24.77
N LEU W 292 31.37 -41.45 25.83
CA LEU W 292 31.59 -40.77 27.09
C LEU W 292 32.83 -41.42 27.68
N ILE W 293 32.88 -42.74 27.65
CA ILE W 293 34.03 -43.45 28.18
C ILE W 293 35.18 -43.05 27.29
N ARG W 294 35.01 -43.29 25.99
CA ARG W 294 36.02 -42.98 24.98
C ARG W 294 36.70 -41.68 25.38
N ASP W 295 35.89 -40.63 25.47
CA ASP W 295 36.33 -39.28 25.85
C ASP W 295 36.85 -39.08 27.29
N GLN W 296 36.16 -39.65 28.29
CA GLN W 296 36.63 -39.57 29.66
C GLN W 296 38.04 -40.14 29.82
N LYS W 297 38.28 -41.32 29.23
CA LYS W 297 39.59 -41.96 29.29
C LYS W 297 40.64 -41.05 28.66
N LEU W 298 40.32 -40.45 27.52
CA LEU W 298 41.24 -39.54 26.86
C LEU W 298 41.44 -38.30 27.74
N GLY W 299 41.04 -38.41 29.00
CA GLY W 299 41.21 -37.32 29.95
C GLY W 299 40.12 -36.28 30.08
N ALA W 300 39.08 -36.36 29.27
CA ALA W 300 38.04 -35.35 29.38
C ALA W 300 37.27 -35.55 30.67
N ASN W 301 36.73 -34.45 31.17
CA ASN W 301 35.96 -34.52 32.38
C ASN W 301 34.53 -34.30 32.01
N VAL W 302 33.81 -35.40 31.86
CA VAL W 302 32.40 -35.40 31.50
C VAL W 302 31.52 -34.54 32.40
N GLY W 303 31.71 -34.64 33.70
CA GLY W 303 30.90 -33.85 34.60
C GLY W 303 30.81 -32.38 34.22
N SER W 304 31.97 -31.78 33.94
CA SER W 304 32.05 -30.35 33.60
C SER W 304 32.01 -29.97 32.12
N ALA W 305 32.27 -30.91 31.22
CA ALA W 305 32.23 -30.61 29.79
C ALA W 305 30.88 -30.00 29.36
N GLN W 306 30.93 -28.78 28.81
CA GLN W 306 29.73 -28.06 28.36
C GLN W 306 29.45 -28.29 26.87
N GLY W 307 28.23 -28.72 26.55
CA GLY W 307 27.87 -28.99 25.17
C GLY W 307 28.33 -27.93 24.19
N PRO W 308 28.04 -28.07 22.89
CA PRO W 308 28.42 -27.11 21.85
C PRO W 308 27.26 -26.14 21.68
N THR W 309 26.09 -26.62 22.08
CA THR W 309 24.87 -25.84 22.01
C THR W 309 24.86 -25.02 23.28
N GLY W 310 25.80 -25.34 24.14
CA GLY W 310 25.91 -24.68 25.42
C GLY W 310 25.18 -25.51 26.47
N LEU W 311 24.48 -26.57 26.04
CA LEU W 311 23.72 -27.38 26.99
C LEU W 311 24.56 -28.20 27.96
N GLY W 312 25.05 -29.33 27.47
CA GLY W 312 25.86 -30.21 28.29
C GLY W 312 26.32 -31.22 27.27
N LYS W 313 27.63 -31.26 27.03
CA LYS W 313 28.19 -32.15 26.03
C LYS W 313 27.85 -33.60 26.25
N TYR W 314 28.09 -34.13 27.44
CA TYR W 314 27.81 -35.54 27.70
C TYR W 314 26.68 -35.66 28.72
N LEU W 315 26.57 -34.67 29.59
CA LEU W 315 25.56 -34.73 30.63
C LEU W 315 24.77 -33.45 30.87
N MET W 316 23.46 -33.63 31.07
CA MET W 316 22.51 -32.56 31.28
C MET W 316 21.38 -33.05 32.18
N ARG W 317 20.74 -32.11 32.85
CA ARG W 317 19.64 -32.43 33.74
C ARG W 317 18.36 -32.78 32.97
N SER W 318 17.39 -33.30 33.71
CA SER W 318 16.09 -33.67 33.17
C SER W 318 15.10 -32.76 33.88
N PRO W 319 13.87 -32.65 33.34
CA PRO W 319 12.87 -31.79 33.99
C PRO W 319 12.61 -32.24 35.46
N THR W 320 13.30 -33.30 35.90
CA THR W 320 13.16 -33.84 37.26
C THR W 320 14.39 -33.53 38.09
N GLY W 321 15.36 -32.88 37.45
CA GLY W 321 16.59 -32.52 38.13
C GLY W 321 17.53 -33.70 38.33
N GLU W 322 17.27 -34.75 37.56
CA GLU W 322 18.08 -35.96 37.63
C GLU W 322 19.21 -35.71 36.67
N ILE W 323 20.12 -36.65 36.58
CA ILE W 323 21.22 -36.51 35.66
C ILE W 323 21.00 -37.51 34.55
N ILE W 324 21.27 -37.09 33.32
CA ILE W 324 21.06 -37.94 32.15
C ILE W 324 21.97 -37.59 30.98
N PHE W 325 22.14 -38.55 30.06
CA PHE W 325 22.98 -38.40 28.88
C PHE W 325 22.50 -37.31 27.94
N GLY W 326 23.44 -36.53 27.42
CA GLY W 326 23.06 -35.46 26.53
C GLY W 326 22.99 -35.82 25.05
N GLY W 327 23.44 -34.89 24.20
CA GLY W 327 23.42 -35.09 22.76
C GLY W 327 21.99 -34.93 22.29
N GLU W 328 21.42 -36.01 21.80
CA GLU W 328 20.03 -35.99 21.38
C GLU W 328 19.43 -37.05 22.28
N THR W 329 20.31 -37.95 22.72
CA THR W 329 20.02 -39.09 23.59
C THR W 329 19.09 -38.76 24.74
N MET W 330 18.84 -37.46 24.93
CA MET W 330 17.99 -36.98 25.99
C MET W 330 16.59 -37.53 25.94
N ARG W 331 16.01 -37.57 24.74
CA ARG W 331 14.66 -38.10 24.57
C ARG W 331 14.46 -39.44 25.28
N PHE W 332 15.54 -40.21 25.42
CA PHE W 332 15.47 -41.52 26.04
C PHE W 332 16.08 -41.56 27.43
N TRP W 333 15.58 -40.76 28.35
CA TRP W 333 16.14 -40.79 29.71
C TRP W 333 15.41 -41.82 30.57
N ASP W 334 14.17 -42.10 30.21
CA ASP W 334 13.34 -43.05 30.94
C ASP W 334 13.82 -44.48 30.82
N PHE W 335 14.64 -44.77 29.82
CA PHE W 335 15.13 -46.13 29.60
C PHE W 335 15.97 -46.67 30.78
N ARG W 336 15.77 -47.94 31.09
CA ARG W 336 16.50 -48.63 32.17
C ARG W 336 17.03 -49.99 31.67
N GLY W 337 18.04 -50.51 32.35
CA GLY W 337 18.59 -51.79 31.92
C GLY W 337 19.76 -52.18 32.79
N PRO W 338 20.09 -53.47 32.87
CA PRO W 338 21.21 -53.98 33.69
C PRO W 338 22.62 -53.42 33.44
N TRP W 339 23.01 -53.19 32.19
CA TRP W 339 24.35 -52.70 31.97
C TRP W 339 24.55 -51.29 32.49
N LEU W 340 23.48 -50.56 32.67
CA LEU W 340 23.62 -49.19 33.14
C LEU W 340 23.42 -49.07 34.64
N GLU W 341 22.27 -49.53 35.13
CA GLU W 341 21.90 -49.44 36.54
C GLU W 341 23.02 -49.30 37.58
N PRO W 342 24.03 -50.16 37.53
CA PRO W 342 25.06 -49.94 38.55
C PRO W 342 25.75 -48.58 38.40
N LEU W 343 25.91 -48.11 37.16
CA LEU W 343 26.55 -46.82 36.89
C LEU W 343 25.52 -45.69 37.07
N ARG W 344 24.48 -45.97 37.84
CA ARG W 344 23.41 -45.01 38.11
C ARG W 344 23.40 -44.63 39.59
N GLY W 345 23.00 -43.41 39.89
CA GLY W 345 22.96 -42.97 41.27
C GLY W 345 21.59 -42.72 41.88
N PRO W 346 21.52 -41.82 42.86
CA PRO W 346 20.26 -41.47 43.54
C PRO W 346 19.46 -40.38 42.80
N ASN W 347 20.16 -39.41 42.24
CA ASN W 347 19.55 -38.32 41.50
C ASN W 347 19.86 -38.54 40.04
N GLY W 348 19.90 -39.80 39.62
CA GLY W 348 20.20 -40.10 38.24
C GLY W 348 21.66 -40.44 38.17
N LEU W 349 22.26 -40.49 36.98
CA LEU W 349 23.66 -40.83 36.90
C LEU W 349 24.44 -40.20 38.06
N ASP W 350 25.39 -40.95 38.63
CA ASP W 350 26.23 -40.48 39.75
C ASP W 350 27.64 -40.13 39.25
N LEU W 351 27.94 -38.83 39.30
CA LEU W 351 29.20 -38.31 38.84
C LEU W 351 30.41 -39.16 39.27
N ASN W 352 30.32 -39.84 40.40
CA ASN W 352 31.43 -40.66 40.89
C ASN W 352 31.59 -41.99 40.18
N LYS W 353 30.71 -42.93 40.50
CA LYS W 353 30.75 -44.25 39.91
C LYS W 353 30.87 -44.18 38.39
N ILE W 354 30.48 -43.05 37.82
CA ILE W 354 30.57 -42.89 36.38
C ILE W 354 31.98 -42.57 35.97
N LYS W 355 32.76 -42.05 36.92
CA LYS W 355 34.14 -41.64 36.67
C LYS W 355 35.18 -42.79 36.71
N ASN W 356 35.10 -43.64 37.73
CA ASN W 356 36.04 -44.75 37.85
C ASN W 356 35.33 -46.09 37.82
N ASP W 357 34.35 -46.25 38.71
CA ASP W 357 33.54 -47.47 38.83
C ASP W 357 33.08 -48.05 37.49
N ILE W 358 33.40 -47.32 36.41
CA ILE W 358 33.02 -47.69 35.04
C ILE W 358 33.72 -49.00 34.60
N GLN W 359 33.35 -50.11 35.24
CA GLN W 359 33.94 -51.43 34.96
C GLN W 359 34.05 -51.76 33.46
N PRO W 360 35.08 -52.57 33.10
CA PRO W 360 35.46 -53.05 31.77
C PRO W 360 34.47 -53.78 30.87
N TRP W 361 33.54 -54.55 31.43
CA TRP W 361 32.56 -55.24 30.57
C TRP W 361 31.46 -54.30 29.98
N GLN W 362 30.89 -53.43 30.81
CA GLN W 362 29.84 -52.50 30.37
C GLN W 362 30.27 -51.68 29.15
N GLU W 363 31.56 -51.69 28.84
CA GLU W 363 32.07 -50.95 27.70
C GLU W 363 31.71 -51.58 26.38
N ARG W 364 31.99 -52.86 26.23
CA ARG W 364 31.68 -53.55 24.99
C ARG W 364 30.18 -53.82 24.82
N ARG W 365 29.51 -54.13 25.93
CA ARG W 365 28.07 -54.41 25.87
C ARG W 365 27.34 -53.17 25.41
N ALA W 366 27.75 -52.02 25.96
CA ALA W 366 27.19 -50.71 25.62
C ALA W 366 27.75 -50.25 24.27
N ALA W 367 28.71 -51.02 23.75
CA ALA W 367 29.33 -50.75 22.46
C ALA W 367 28.60 -51.58 21.40
N GLU W 368 28.24 -52.79 21.76
CA GLU W 368 27.51 -53.66 20.86
C GLU W 368 26.22 -52.95 20.46
N TYR W 369 25.44 -52.58 21.47
CA TYR W 369 24.16 -51.89 21.30
C TYR W 369 24.24 -50.63 20.45
N MET W 370 25.44 -50.07 20.33
CA MET W 370 25.58 -48.89 19.51
C MET W 370 25.61 -49.40 18.09
N THR W 371 26.68 -50.13 17.76
CA THR W 371 26.84 -50.71 16.44
C THR W 371 25.52 -51.33 15.96
N HIS W 372 24.95 -52.26 16.74
CA HIS W 372 23.67 -52.91 16.39
C HIS W 372 22.46 -52.19 16.99
N ALA W 373 22.02 -51.08 16.40
CA ALA W 373 20.86 -50.36 16.90
C ALA W 373 19.64 -50.79 16.08
N PRO W 374 18.44 -50.66 16.64
CA PRO W 374 17.17 -51.03 15.99
C PRO W 374 16.86 -50.48 14.60
N LEU W 375 17.87 -50.13 13.80
CA LEU W 375 17.60 -49.56 12.49
C LEU W 375 18.10 -50.35 11.29
N GLY W 376 17.22 -50.58 10.33
CA GLY W 376 17.61 -51.32 9.15
C GLY W 376 16.98 -50.80 7.86
N SER W 377 16.87 -51.67 6.86
CA SER W 377 16.40 -51.28 5.53
C SER W 377 15.33 -52.25 5.01
N LEU W 378 14.56 -51.80 4.02
CA LEU W 378 13.50 -52.62 3.45
C LEU W 378 14.11 -53.86 2.81
N ASN W 379 15.25 -53.67 2.16
CA ASN W 379 16.08 -54.79 1.74
C ASN W 379 17.18 -54.85 2.78
N SER W 380 17.31 -55.99 3.45
CA SER W 380 18.08 -56.02 4.69
C SER W 380 19.36 -55.23 4.50
N VAL W 381 19.72 -54.42 5.49
CA VAL W 381 21.07 -53.81 5.45
C VAL W 381 21.24 -52.85 6.64
N GLY W 382 21.32 -53.40 7.85
CA GLY W 382 21.47 -52.59 9.04
C GLY W 382 22.35 -51.39 8.82
N GLY W 383 22.05 -50.30 9.52
CA GLY W 383 22.82 -49.08 9.39
C GLY W 383 21.91 -47.92 9.04
N VAL W 384 22.42 -46.68 9.11
CA VAL W 384 21.56 -45.53 8.81
C VAL W 384 21.30 -45.37 7.33
N ALA W 385 20.07 -44.94 7.07
CA ALA W 385 19.53 -44.70 5.74
C ALA W 385 20.51 -44.83 4.60
N THR W 386 21.67 -44.21 4.76
CA THR W 386 22.68 -44.23 3.72
C THR W 386 24.00 -44.87 4.12
N GLU W 387 23.97 -46.12 4.59
CA GLU W 387 25.22 -46.79 4.94
C GLU W 387 25.60 -47.68 3.80
N ILE W 388 26.88 -47.66 3.41
CA ILE W 388 27.30 -48.52 2.31
C ILE W 388 26.83 -49.94 2.61
N ASN W 389 26.97 -50.83 1.64
CA ASN W 389 26.58 -52.22 1.83
C ASN W 389 27.68 -53.02 2.48
N SER W 390 27.44 -53.40 3.73
CA SER W 390 28.38 -54.21 4.49
C SER W 390 27.62 -54.97 5.58
N VAL W 391 27.35 -54.33 6.70
CA VAL W 391 26.58 -55.00 7.74
C VAL W 391 25.20 -55.25 7.14
N ASN W 392 24.46 -56.23 7.66
CA ASN W 392 23.13 -56.47 7.12
C ASN W 392 22.12 -57.03 8.11
N PHE W 393 22.35 -56.82 9.40
CA PHE W 393 21.41 -57.31 10.38
C PHE W 393 20.28 -56.29 10.52
N VAL W 394 19.06 -56.78 10.69
CA VAL W 394 17.95 -55.85 10.89
C VAL W 394 17.37 -56.35 12.19
N SER W 395 17.30 -55.45 13.17
CA SER W 395 16.83 -55.83 14.48
C SER W 395 15.54 -56.62 14.52
N PRO W 396 15.49 -57.60 15.43
CA PRO W 396 14.28 -58.39 15.52
C PRO W 396 13.20 -57.45 16.08
N ARG W 397 13.62 -56.64 17.05
CA ARG W 397 12.72 -55.69 17.71
C ARG W 397 12.10 -54.78 16.65
N SER W 398 12.79 -54.66 15.52
CA SER W 398 12.33 -53.82 14.41
C SER W 398 11.28 -54.58 13.59
N TRP W 399 11.57 -55.85 13.26
CA TRP W 399 10.63 -56.65 12.47
C TRP W 399 9.36 -56.94 13.26
N LEU W 400 9.50 -57.28 14.54
CA LEU W 400 8.34 -57.58 15.38
C LEU W 400 7.48 -56.35 15.65
N ALA W 401 8.10 -55.18 15.58
CA ALA W 401 7.40 -53.92 15.78
C ALA W 401 6.65 -53.62 14.49
N THR W 402 7.37 -53.65 13.38
CA THR W 402 6.76 -53.38 12.08
C THR W 402 5.65 -54.37 11.83
N SER W 403 6.00 -55.64 11.84
CA SER W 403 5.04 -56.70 11.60
C SER W 403 3.69 -56.43 12.27
N HIS W 404 3.64 -56.68 13.57
CA HIS W 404 2.44 -56.51 14.38
C HIS W 404 1.60 -55.27 14.15
N PHE W 405 2.23 -54.17 13.79
CA PHE W 405 1.45 -52.99 13.52
C PHE W 405 0.62 -53.30 12.30
N VAL W 406 1.27 -53.30 11.14
CA VAL W 406 0.61 -53.57 9.86
C VAL W 406 -0.63 -54.45 10.03
N LEU W 407 -0.50 -55.50 10.83
CA LEU W 407 -1.62 -56.39 11.09
C LEU W 407 -2.55 -55.74 12.10
N ALA W 408 -1.99 -55.36 13.25
CA ALA W 408 -2.75 -54.72 14.31
C ALA W 408 -3.68 -53.61 13.79
N PHE W 409 -3.26 -52.95 12.71
CA PHE W 409 -4.06 -51.90 12.09
C PHE W 409 -5.18 -52.49 11.25
N PHE W 410 -4.83 -53.09 10.12
CA PHE W 410 -5.84 -53.71 9.27
C PHE W 410 -6.97 -54.25 10.13
N PHE W 411 -6.62 -54.85 11.26
CA PHE W 411 -7.62 -55.40 12.18
C PHE W 411 -8.58 -54.35 12.70
N LEU W 412 -8.06 -53.24 13.18
CA LEU W 412 -8.93 -52.20 13.70
C LEU W 412 -9.92 -51.86 12.61
N VAL W 413 -9.41 -51.68 11.39
CA VAL W 413 -10.25 -51.35 10.24
C VAL W 413 -11.08 -52.60 9.87
N GLY W 414 -10.66 -53.75 10.37
CA GLY W 414 -11.39 -54.97 10.14
C GLY W 414 -12.53 -55.02 11.15
N HIS W 415 -12.31 -54.39 12.31
CA HIS W 415 -13.31 -54.31 13.38
C HIS W 415 -14.47 -53.52 12.79
N LEU W 416 -14.11 -52.42 12.14
CA LEU W 416 -15.07 -51.55 11.51
C LEU W 416 -15.88 -52.38 10.52
N TRP W 417 -15.20 -52.86 9.48
CA TRP W 417 -15.85 -53.64 8.46
C TRP W 417 -17.08 -54.43 8.90
N HIS W 418 -16.89 -55.25 9.93
CA HIS W 418 -17.94 -56.11 10.50
C HIS W 418 -18.79 -55.50 11.64
N ALA W 419 -18.16 -54.92 12.66
CA ALA W 419 -18.89 -54.32 13.77
C ALA W 419 -19.97 -53.33 13.30
N GLY W 420 -19.76 -52.70 12.15
CA GLY W 420 -20.72 -51.73 11.62
C GLY W 420 -21.71 -52.27 10.60
N ARG W 421 -21.31 -53.29 9.85
CA ARG W 421 -22.18 -53.91 8.86
C ARG W 421 -23.08 -54.91 9.56
N ALA W 422 -22.56 -55.49 10.64
CA ALA W 422 -23.34 -56.45 11.42
C ALA W 422 -24.43 -55.68 12.12
N ARG W 423 -24.23 -54.37 12.23
CA ARG W 423 -25.19 -53.46 12.83
C ARG W 423 -26.20 -53.08 11.74
N ALA W 424 -26.05 -53.75 10.60
CA ALA W 424 -26.91 -53.55 9.45
C ALA W 424 -27.77 -54.80 9.22
N ALA W 425 -27.45 -55.89 9.90
CA ALA W 425 -28.21 -57.13 9.79
C ALA W 425 -29.40 -57.07 10.72
N ALA W 426 -29.13 -56.65 11.96
CA ALA W 426 -30.15 -56.51 13.00
C ALA W 426 -31.03 -55.33 12.66
N ALA W 427 -30.80 -54.78 11.47
CA ALA W 427 -31.56 -53.63 10.99
C ALA W 427 -32.00 -53.85 9.53
N GLY W 428 -31.44 -54.86 8.89
CA GLY W 428 -31.81 -55.18 7.51
C GLY W 428 -31.38 -54.23 6.40
N PHE W 429 -30.46 -53.31 6.67
CA PHE W 429 -29.99 -52.36 5.65
C PHE W 429 -28.93 -53.06 4.83
N GLU W 430 -28.13 -53.87 5.50
CA GLU W 430 -27.07 -54.59 4.84
C GLU W 430 -27.68 -55.11 3.55
N LYS W 431 -27.13 -54.63 2.43
CA LYS W 431 -27.54 -54.94 1.05
C LYS W 431 -28.11 -53.66 0.44
N GLY W 432 -28.05 -52.56 1.19
CA GLY W 432 -28.59 -51.29 0.71
C GLY W 432 -29.94 -50.99 1.32
N ILE W 433 -30.63 -49.99 0.80
CA ILE W 433 -31.95 -49.60 1.33
C ILE W 433 -33.07 -50.07 0.40
N ASP W 434 -34.32 -49.98 0.89
CA ASP W 434 -35.49 -50.42 0.13
C ASP W 434 -35.99 -49.37 -0.86
N ARG W 435 -35.66 -49.56 -2.13
CA ARG W 435 -36.02 -48.66 -3.24
C ARG W 435 -37.36 -47.92 -3.14
N GLU W 436 -38.25 -48.37 -2.27
CA GLU W 436 -39.55 -47.71 -2.11
C GLU W 436 -39.69 -47.08 -0.73
N SER W 437 -39.08 -47.72 0.26
CA SER W 437 -39.14 -47.19 1.60
C SER W 437 -37.75 -46.77 2.07
N GLU W 438 -37.42 -45.50 1.83
CA GLU W 438 -36.14 -44.93 2.24
C GLU W 438 -36.36 -43.85 3.33
N PRO W 439 -35.98 -44.18 4.58
CA PRO W 439 -36.06 -43.40 5.82
C PRO W 439 -35.67 -41.92 5.77
N VAL W 440 -34.98 -41.48 4.72
CA VAL W 440 -34.59 -40.08 4.61
C VAL W 440 -35.66 -39.33 3.80
N LEU W 441 -36.53 -40.08 3.14
CA LEU W 441 -37.60 -39.51 2.33
C LEU W 441 -38.87 -39.32 3.18
N SER W 442 -38.78 -39.69 4.45
CA SER W 442 -39.87 -39.53 5.41
C SER W 442 -39.26 -38.79 6.61
N MET W 443 -38.61 -37.68 6.30
CA MET W 443 -37.96 -36.83 7.30
C MET W 443 -38.08 -35.37 6.94
N PRO W 444 -38.46 -34.53 7.91
CA PRO W 444 -38.63 -33.08 7.73
C PRO W 444 -37.31 -32.43 7.33
N SER W 445 -36.91 -32.64 6.08
CA SER W 445 -35.65 -32.09 5.55
C SER W 445 -35.26 -30.73 6.14
N LEU W 446 -34.24 -30.74 6.99
CA LEU W 446 -33.70 -29.57 7.66
C LEU W 446 -33.55 -28.39 6.71
N ASP W 447 -33.43 -28.71 5.42
CA ASP W 447 -33.27 -27.76 4.31
C ASP W 447 -32.33 -28.28 3.22
N GLY X 1 -12.88 -42.94 -54.53
CA GLY X 1 -13.01 -42.83 -53.05
C GLY X 1 -12.05 -43.68 -52.21
N TRP X 2 -10.88 -44.00 -52.77
CA TRP X 2 -9.85 -44.82 -52.09
C TRP X 2 -9.59 -44.33 -50.66
N PHE X 3 -9.71 -43.02 -50.50
CA PHE X 3 -9.53 -42.39 -49.22
C PHE X 3 -10.52 -43.07 -48.27
N ASP X 4 -11.79 -43.08 -48.67
CA ASP X 4 -12.80 -43.71 -47.85
C ASP X 4 -12.60 -45.20 -47.80
N ILE X 5 -11.72 -45.73 -48.65
CA ILE X 5 -11.42 -47.17 -48.62
C ILE X 5 -10.51 -47.39 -47.41
N LEU X 6 -9.37 -46.70 -47.40
CA LEU X 6 -8.45 -46.81 -46.28
C LEU X 6 -9.32 -46.65 -45.03
N ASP X 7 -9.93 -45.48 -44.92
CA ASP X 7 -10.80 -45.18 -43.79
C ASP X 7 -11.59 -46.41 -43.39
N ASP X 8 -12.55 -46.77 -44.24
CA ASP X 8 -13.42 -47.92 -43.99
C ASP X 8 -12.72 -49.01 -43.18
N TRP X 9 -11.59 -49.51 -43.67
CA TRP X 9 -10.89 -50.53 -42.90
C TRP X 9 -10.56 -49.95 -41.52
N LEU X 10 -9.39 -49.30 -41.44
CA LEU X 10 -8.87 -48.68 -40.21
C LEU X 10 -9.84 -48.59 -39.03
N LYS X 11 -10.83 -47.72 -39.18
CA LYS X 11 -11.84 -47.51 -38.15
C LYS X 11 -12.88 -48.62 -38.02
N ARG X 12 -12.56 -49.83 -38.46
CA ARG X 12 -13.55 -50.89 -38.33
C ARG X 12 -13.42 -51.52 -36.96
N ASP X 13 -14.49 -51.38 -36.19
CA ASP X 13 -14.64 -51.84 -34.82
C ASP X 13 -14.13 -53.24 -34.44
N ARG X 14 -12.81 -53.43 -34.48
CA ARG X 14 -12.14 -54.70 -34.15
C ARG X 14 -12.30 -55.08 -32.67
N PHE X 15 -11.27 -55.68 -32.08
CA PHE X 15 -11.29 -56.05 -30.67
C PHE X 15 -10.63 -54.89 -29.92
N VAL X 16 -9.50 -54.47 -30.45
CA VAL X 16 -8.77 -53.35 -29.89
C VAL X 16 -8.73 -52.35 -31.07
N PHE X 17 -9.68 -51.41 -31.05
CA PHE X 17 -9.84 -50.40 -32.10
C PHE X 17 -8.57 -49.73 -32.66
N VAL X 18 -8.44 -49.76 -33.98
CA VAL X 18 -7.30 -49.15 -34.65
C VAL X 18 -7.61 -47.71 -35.02
N GLY X 19 -7.87 -47.47 -36.30
CA GLY X 19 -8.21 -46.12 -36.74
C GLY X 19 -7.10 -45.17 -37.15
N TRP X 20 -7.48 -43.96 -37.56
CA TRP X 20 -6.54 -42.94 -38.01
C TRP X 20 -5.50 -42.61 -36.92
N SER X 21 -5.95 -42.39 -35.69
CA SER X 21 -5.03 -42.08 -34.59
C SER X 21 -3.93 -43.11 -34.65
N GLY X 22 -4.35 -44.37 -34.75
CA GLY X 22 -3.42 -45.50 -34.83
C GLY X 22 -2.17 -45.30 -35.67
N ILE X 23 -2.26 -44.61 -36.80
CA ILE X 23 -1.08 -44.42 -37.64
C ILE X 23 -0.04 -43.55 -36.90
N LEU X 24 -0.48 -42.93 -35.80
CA LEU X 24 0.41 -42.10 -34.98
C LEU X 24 0.55 -42.73 -33.60
N LEU X 25 -0.48 -42.63 -32.78
CA LEU X 25 -0.43 -43.21 -31.45
C LEU X 25 0.33 -44.53 -31.44
N PHE X 26 -0.23 -45.57 -32.06
CA PHE X 26 0.37 -46.90 -32.08
C PHE X 26 1.86 -47.08 -32.41
N PRO X 27 2.32 -46.54 -33.55
CA PRO X 27 3.75 -46.73 -33.84
C PRO X 27 4.61 -46.14 -32.74
N CYS X 28 4.52 -44.82 -32.57
CA CYS X 28 5.29 -44.10 -31.55
C CYS X 28 5.07 -44.63 -30.13
N ALA X 29 3.80 -44.83 -29.76
CA ALA X 29 3.41 -45.35 -28.43
C ALA X 29 3.90 -46.78 -28.28
N TYR X 30 4.83 -47.15 -29.16
CA TYR X 30 5.43 -48.47 -29.15
C TYR X 30 6.96 -48.34 -28.97
N LEU X 31 7.64 -47.77 -29.95
CA LEU X 31 9.08 -47.61 -29.84
C LEU X 31 9.41 -46.97 -28.52
N ALA X 32 8.43 -46.27 -27.96
CA ALA X 32 8.57 -45.57 -26.68
C ALA X 32 8.42 -46.51 -25.48
N LEU X 33 7.25 -47.13 -25.35
CA LEU X 33 7.08 -48.07 -24.26
C LEU X 33 8.24 -48.98 -24.52
N GLY X 34 8.52 -49.13 -25.80
CA GLY X 34 9.59 -49.98 -26.24
C GLY X 34 10.98 -49.56 -25.85
N GLY X 35 11.54 -48.63 -26.61
CA GLY X 35 12.88 -48.13 -26.35
C GLY X 35 13.19 -48.07 -24.87
N TRP X 36 12.18 -47.72 -24.06
CA TRP X 36 12.37 -47.66 -22.63
C TRP X 36 12.84 -49.04 -22.16
N LEU X 37 12.02 -50.05 -22.41
CA LEU X 37 12.29 -51.44 -22.03
C LEU X 37 13.57 -52.03 -22.61
N THR X 38 13.88 -51.65 -23.84
CA THR X 38 15.08 -52.10 -24.52
C THR X 38 16.28 -51.70 -23.68
N GLY X 39 16.50 -50.39 -23.58
CA GLY X 39 17.61 -49.87 -22.80
C GLY X 39 17.49 -50.26 -21.34
N THR X 40 16.25 -50.34 -20.85
CA THR X 40 15.95 -50.69 -19.47
C THR X 40 16.75 -51.90 -18.99
N THR X 41 17.02 -52.84 -19.89
CA THR X 41 17.75 -54.04 -19.53
C THR X 41 18.98 -54.29 -20.38
N PHE X 42 19.30 -53.37 -21.28
CA PHE X 42 20.44 -53.55 -22.17
C PHE X 42 21.48 -52.44 -22.29
N VAL X 43 21.06 -51.19 -22.26
CA VAL X 43 22.07 -50.15 -22.41
C VAL X 43 22.50 -49.51 -21.13
N THR X 44 23.72 -49.01 -21.14
CA THR X 44 24.29 -48.32 -19.99
C THR X 44 24.44 -46.86 -20.38
N SER X 45 24.41 -46.00 -19.38
CA SER X 45 24.57 -44.57 -19.62
C SER X 45 25.88 -44.13 -18.97
N TRP X 46 26.80 -45.08 -18.83
CA TRP X 46 28.11 -44.85 -18.25
C TRP X 46 28.90 -43.73 -18.93
N TYR X 47 28.51 -43.37 -20.15
CA TYR X 47 29.22 -42.33 -20.92
C TYR X 47 28.72 -40.89 -20.72
N THR X 48 27.61 -40.74 -19.99
CA THR X 48 26.98 -39.46 -19.73
C THR X 48 26.78 -39.35 -18.23
N HIS X 49 26.41 -40.45 -17.57
CA HIS X 49 26.22 -40.43 -16.11
C HIS X 49 27.14 -41.39 -15.33
N GLY X 50 28.13 -41.93 -16.03
CA GLY X 50 29.09 -42.85 -15.42
C GLY X 50 28.46 -43.73 -14.38
N LEU X 51 27.17 -44.00 -14.59
CA LEU X 51 26.40 -44.82 -13.68
C LEU X 51 25.90 -46.02 -14.46
N ALA X 52 25.35 -46.99 -13.75
CA ALA X 52 24.82 -48.20 -14.37
C ALA X 52 23.32 -48.11 -14.57
N SER X 53 22.90 -48.41 -15.81
CA SER X 53 21.51 -48.34 -16.19
C SER X 53 20.89 -49.73 -16.20
N SER X 54 21.19 -50.45 -17.29
CA SER X 54 20.70 -51.79 -17.59
C SER X 54 20.79 -52.89 -16.52
N TYR X 55 19.82 -53.82 -16.56
CA TYR X 55 19.78 -54.95 -15.62
C TYR X 55 21.05 -55.76 -15.87
N LEU X 56 21.50 -55.77 -17.13
CA LEU X 56 22.71 -56.48 -17.54
C LEU X 56 23.86 -55.99 -16.66
N GLU X 57 23.83 -54.71 -16.32
CA GLU X 57 24.87 -54.13 -15.50
C GLU X 57 24.72 -54.58 -14.04
N GLY X 58 23.59 -55.22 -13.74
CA GLY X 58 23.34 -55.68 -12.39
C GLY X 58 22.32 -54.79 -11.73
N CYS X 59 22.04 -53.65 -12.36
CA CYS X 59 21.07 -52.69 -11.83
C CYS X 59 19.83 -53.39 -11.33
N ASN X 60 19.06 -52.67 -10.52
CA ASN X 60 17.83 -53.19 -9.97
C ASN X 60 16.69 -52.49 -10.72
N PHE X 61 15.54 -53.15 -10.85
CA PHE X 61 14.38 -52.56 -11.55
C PHE X 61 14.31 -51.07 -11.25
N LEU X 62 14.19 -50.73 -9.97
CA LEU X 62 14.11 -49.34 -9.55
C LEU X 62 15.28 -48.53 -10.11
N THR X 63 16.51 -48.90 -9.73
CA THR X 63 17.71 -48.18 -10.17
C THR X 63 18.00 -48.17 -11.67
N VAL X 64 17.16 -48.84 -12.45
CA VAL X 64 17.42 -48.86 -13.87
C VAL X 64 16.75 -47.68 -14.50
N ALA X 65 17.26 -47.29 -15.66
CA ALA X 65 16.72 -46.16 -16.39
C ALA X 65 17.45 -45.95 -17.69
N VAL X 66 16.93 -45.04 -18.49
CA VAL X 66 17.56 -44.70 -19.75
C VAL X 66 17.94 -43.24 -19.52
N SER X 67 18.89 -43.03 -18.62
CA SER X 67 19.34 -41.70 -18.28
C SER X 67 19.73 -40.80 -19.43
N THR X 68 19.17 -39.60 -19.36
CA THR X 68 19.39 -38.52 -20.31
C THR X 68 20.84 -38.47 -20.79
N PRO X 69 21.10 -37.72 -21.88
CA PRO X 69 22.46 -37.61 -22.41
C PRO X 69 23.35 -36.76 -21.51
N ALA X 70 24.65 -36.81 -21.79
CA ALA X 70 25.62 -36.01 -21.04
C ALA X 70 25.29 -34.55 -21.31
N ASN X 71 25.33 -33.73 -20.26
CA ASN X 71 25.02 -32.33 -20.45
C ASN X 71 25.93 -31.73 -21.50
N SER X 72 27.01 -32.44 -21.81
CA SER X 72 27.94 -31.98 -22.81
C SER X 72 27.25 -31.92 -24.16
N MET X 73 26.12 -32.63 -24.28
CA MET X 73 25.31 -32.73 -25.51
C MET X 73 24.52 -31.48 -25.94
N GLY X 74 23.76 -30.94 -25.00
CA GLY X 74 22.96 -29.77 -25.28
C GLY X 74 21.57 -30.28 -25.51
N HIS X 75 20.85 -29.62 -26.42
CA HIS X 75 19.48 -30.00 -26.74
C HIS X 75 19.40 -30.70 -28.13
N SER X 76 20.55 -31.01 -28.73
CA SER X 76 20.62 -31.69 -30.02
C SER X 76 19.67 -32.89 -29.95
N LEU X 77 18.80 -33.02 -30.93
CA LEU X 77 17.86 -34.13 -30.89
C LEU X 77 18.51 -35.46 -31.22
N LEU X 78 19.78 -35.55 -30.83
CA LEU X 78 20.60 -36.75 -30.98
C LEU X 78 20.14 -37.79 -31.99
N LEU X 79 19.83 -37.37 -33.21
CA LEU X 79 19.39 -38.32 -34.23
C LEU X 79 20.37 -39.48 -34.37
N LEU X 80 19.90 -40.59 -34.92
CA LEU X 80 20.80 -41.71 -35.12
C LEU X 80 21.81 -41.28 -36.18
N TRP X 81 21.31 -40.59 -37.20
CA TRP X 81 22.11 -40.11 -38.34
C TRP X 81 22.66 -38.70 -38.18
N GLY X 82 22.39 -38.07 -37.04
CA GLY X 82 22.86 -36.72 -36.80
C GLY X 82 24.36 -36.72 -36.49
N PRO X 83 25.09 -35.61 -36.73
CA PRO X 83 26.53 -35.47 -36.49
C PRO X 83 27.07 -36.07 -35.18
N GLU X 84 26.14 -36.53 -34.35
CA GLU X 84 26.45 -37.18 -33.08
C GLU X 84 27.04 -38.56 -33.37
N ALA X 85 26.17 -39.58 -33.41
CA ALA X 85 26.60 -40.96 -33.68
C ALA X 85 26.99 -41.13 -35.14
N GLN X 86 26.72 -40.10 -35.93
CA GLN X 86 27.02 -40.08 -37.36
C GLN X 86 26.42 -41.31 -38.05
N GLY X 87 25.56 -42.02 -37.33
CA GLY X 87 24.93 -43.20 -37.87
C GLY X 87 25.61 -44.38 -37.20
N ASP X 88 25.05 -44.88 -36.10
CA ASP X 88 25.67 -45.99 -35.38
C ASP X 88 24.91 -46.36 -34.11
N PHE X 89 23.75 -47.01 -34.26
CA PHE X 89 22.95 -47.43 -33.11
C PHE X 89 23.80 -47.68 -31.86
N THR X 90 24.93 -48.38 -32.02
CA THR X 90 25.81 -48.66 -30.89
C THR X 90 26.18 -47.33 -30.25
N ARG X 91 26.93 -46.52 -30.99
CA ARG X 91 27.33 -45.20 -30.51
C ARG X 91 26.09 -44.41 -30.08
N TRP X 92 25.21 -44.13 -31.05
CA TRP X 92 23.96 -43.42 -30.80
C TRP X 92 23.40 -43.89 -29.46
N CYS X 93 23.59 -45.18 -29.19
CA CYS X 93 23.11 -45.77 -27.95
C CYS X 93 23.92 -45.25 -26.76
N GLN X 94 25.23 -45.45 -26.83
CA GLN X 94 26.12 -45.04 -25.75
C GLN X 94 25.97 -43.54 -25.48
N LEU X 95 25.73 -42.77 -26.54
CA LEU X 95 25.55 -41.32 -26.38
C LEU X 95 24.17 -41.06 -25.81
N GLY X 96 23.54 -42.10 -25.27
CA GLY X 96 22.23 -41.91 -24.67
C GLY X 96 21.30 -41.30 -25.70
N GLY X 97 21.39 -41.83 -26.92
CA GLY X 97 20.64 -41.34 -28.06
C GLY X 97 19.14 -41.48 -27.83
N LEU X 98 18.79 -42.56 -27.15
CA LEU X 98 17.43 -43.06 -26.97
C LEU X 98 16.48 -42.13 -26.22
N TRP X 99 17.00 -41.42 -25.22
CA TRP X 99 16.13 -40.67 -24.32
C TRP X 99 15.40 -39.62 -25.14
N THR X 100 16.09 -39.01 -26.09
CA THR X 100 15.42 -38.15 -27.05
C THR X 100 14.44 -38.99 -27.86
N PHE X 101 14.88 -40.21 -28.22
CA PHE X 101 14.03 -41.15 -28.95
C PHE X 101 12.82 -41.58 -28.13
N ILE X 102 13.04 -41.84 -26.84
CA ILE X 102 11.95 -42.18 -25.91
C ILE X 102 10.99 -41.07 -25.52
N ALA X 103 11.47 -39.83 -25.57
CA ALA X 103 10.62 -38.70 -25.20
C ALA X 103 9.79 -38.17 -26.39
N LEU X 104 10.45 -37.95 -27.53
CA LEU X 104 9.77 -37.44 -28.72
C LEU X 104 8.67 -38.38 -29.21
N HIS X 105 8.95 -39.68 -29.17
CA HIS X 105 7.97 -40.67 -29.61
C HIS X 105 6.86 -40.69 -28.61
N GLY X 106 7.25 -40.87 -27.35
CA GLY X 106 6.28 -40.86 -26.28
C GLY X 106 5.59 -39.52 -26.42
N ALA X 107 6.29 -38.56 -27.01
CA ALA X 107 5.71 -37.25 -27.21
C ALA X 107 4.55 -37.40 -28.18
N PHE X 108 4.88 -37.71 -29.43
CA PHE X 108 3.87 -37.88 -30.46
C PHE X 108 2.89 -39.02 -30.17
N GLY X 109 3.32 -39.97 -29.35
CA GLY X 109 2.45 -41.06 -28.99
C GLY X 109 1.42 -40.57 -27.99
N LEU X 110 1.77 -39.51 -27.28
CA LEU X 110 0.89 -38.89 -26.30
C LEU X 110 -0.01 -37.94 -27.08
N ILE X 111 0.41 -37.64 -28.30
CA ILE X 111 -0.37 -36.79 -29.17
C ILE X 111 -1.44 -37.74 -29.72
N GLY X 112 -1.00 -38.63 -30.59
CA GLY X 112 -1.89 -39.59 -31.19
C GLY X 112 -2.95 -40.11 -30.25
N PHE X 113 -2.61 -40.23 -28.97
CA PHE X 113 -3.58 -40.77 -28.01
C PHE X 113 -4.69 -39.83 -27.60
N MET X 114 -4.44 -38.52 -27.61
CA MET X 114 -5.54 -37.63 -27.26
C MET X 114 -6.43 -37.58 -28.48
N LEU X 115 -5.79 -37.59 -29.65
CA LEU X 115 -6.51 -37.59 -30.91
C LEU X 115 -7.29 -38.89 -30.98
N ARG X 116 -6.77 -39.93 -30.32
CA ARG X 116 -7.38 -41.25 -30.27
C ARG X 116 -8.72 -41.28 -29.54
N GLN X 117 -8.87 -40.41 -28.54
CA GLN X 117 -10.10 -40.35 -27.78
C GLN X 117 -11.08 -39.54 -28.59
N PHE X 118 -10.60 -38.44 -29.15
CA PHE X 118 -11.40 -37.55 -29.98
C PHE X 118 -12.03 -38.27 -31.19
N GLU X 119 -11.28 -39.20 -31.77
CA GLU X 119 -11.74 -39.98 -32.89
C GLU X 119 -12.98 -40.70 -32.39
N ILE X 120 -12.76 -41.60 -31.45
CA ILE X 120 -13.81 -42.39 -30.83
C ILE X 120 -15.00 -41.60 -30.31
N ALA X 121 -14.73 -40.62 -29.44
CA ALA X 121 -15.79 -39.80 -28.86
C ALA X 121 -16.68 -39.22 -29.95
N ARG X 122 -16.08 -39.00 -31.13
CA ARG X 122 -16.82 -38.47 -32.26
C ARG X 122 -17.59 -39.61 -32.92
N LEU X 123 -16.93 -40.75 -33.09
CA LEU X 123 -17.58 -41.90 -33.72
C LEU X 123 -18.76 -42.37 -32.86
N VAL X 124 -18.48 -42.94 -31.69
CA VAL X 124 -19.56 -43.37 -30.84
C VAL X 124 -20.42 -42.16 -30.53
N GLY X 125 -19.81 -40.98 -30.66
CA GLY X 125 -20.52 -39.74 -30.43
C GLY X 125 -20.80 -39.39 -28.97
N VAL X 126 -19.83 -38.73 -28.35
CA VAL X 126 -19.97 -38.32 -26.95
C VAL X 126 -19.13 -37.06 -26.70
N ARG X 127 -19.54 -36.29 -25.70
CA ARG X 127 -18.85 -35.06 -25.31
C ARG X 127 -17.35 -35.34 -25.25
N PRO X 128 -16.52 -34.42 -25.77
CA PRO X 128 -15.08 -34.64 -25.76
C PRO X 128 -14.43 -34.42 -24.38
N TYR X 129 -15.10 -34.80 -23.30
CA TYR X 129 -14.56 -34.57 -21.97
C TYR X 129 -13.45 -35.51 -21.52
N ASN X 130 -13.17 -36.52 -22.33
CA ASN X 130 -12.09 -37.45 -22.05
C ASN X 130 -10.84 -36.73 -22.53
N ALA X 131 -10.77 -36.56 -23.85
CA ALA X 131 -9.66 -35.89 -24.53
C ALA X 131 -9.36 -34.52 -23.97
N ILE X 132 -10.42 -33.85 -23.55
CA ILE X 132 -10.26 -32.54 -22.97
C ILE X 132 -9.41 -32.77 -21.71
N ALA X 133 -9.84 -33.73 -20.88
CA ALA X 133 -9.16 -34.06 -19.62
C ALA X 133 -7.74 -34.60 -19.79
N PHE X 134 -7.36 -34.92 -21.03
CA PHE X 134 -6.03 -35.44 -21.24
C PHE X 134 -5.01 -34.31 -21.32
N SER X 135 -5.48 -33.07 -21.22
CA SER X 135 -4.56 -31.92 -21.26
C SER X 135 -3.63 -32.08 -20.08
N ALA X 136 -4.24 -32.41 -18.93
CA ALA X 136 -3.57 -32.62 -17.65
C ALA X 136 -2.24 -33.35 -17.82
N PRO X 137 -2.28 -34.61 -18.25
CA PRO X 137 -0.99 -35.29 -18.42
C PRO X 137 -0.17 -34.75 -19.61
N ILE X 138 -0.85 -34.19 -20.61
CA ILE X 138 -0.18 -33.62 -21.78
C ILE X 138 0.72 -32.48 -21.29
N ALA X 139 0.12 -31.55 -20.58
CA ALA X 139 0.87 -30.43 -20.07
C ALA X 139 2.03 -31.01 -19.29
N VAL X 140 1.68 -31.63 -18.16
CA VAL X 140 2.66 -32.22 -17.25
C VAL X 140 3.93 -32.75 -17.92
N PHE X 141 3.76 -33.69 -18.85
CA PHE X 141 4.91 -34.28 -19.53
C PHE X 141 5.68 -33.17 -20.23
N VAL X 142 5.00 -32.49 -21.14
CA VAL X 142 5.60 -31.42 -21.91
C VAL X 142 6.43 -30.50 -21.04
N SER X 143 5.83 -30.12 -19.91
CA SER X 143 6.46 -29.24 -18.94
C SER X 143 7.74 -29.82 -18.34
N VAL X 144 7.65 -31.05 -17.87
CA VAL X 144 8.79 -31.70 -17.22
C VAL X 144 9.74 -32.52 -18.09
N PHE X 145 9.51 -32.61 -19.40
CA PHE X 145 10.41 -33.41 -20.25
C PHE X 145 10.80 -32.66 -21.50
N LEU X 146 10.15 -31.54 -21.74
CA LEU X 146 10.43 -30.78 -22.95
C LEU X 146 10.82 -29.31 -22.72
N ILE X 147 9.93 -28.53 -22.14
CA ILE X 147 10.28 -27.13 -21.90
C ILE X 147 11.40 -26.97 -20.86
N TYR X 148 11.33 -27.75 -19.78
CA TYR X 148 12.33 -27.66 -18.71
C TYR X 148 13.77 -27.78 -19.17
N PRO X 149 14.14 -28.95 -19.70
CA PRO X 149 15.53 -29.07 -20.14
C PRO X 149 15.82 -27.89 -21.04
N LEU X 150 14.97 -27.74 -22.05
CA LEU X 150 15.09 -26.70 -23.04
C LEU X 150 15.38 -25.33 -22.42
N GLY X 151 14.77 -25.06 -21.28
CA GLY X 151 14.96 -23.79 -20.61
C GLY X 151 16.17 -23.76 -19.72
N GLN X 152 16.73 -24.93 -19.48
CA GLN X 152 17.90 -25.06 -18.64
C GLN X 152 19.15 -25.22 -19.51
N SER X 153 20.10 -26.00 -19.02
CA SER X 153 21.35 -26.27 -19.73
C SER X 153 21.16 -27.31 -20.84
N SER X 154 21.35 -28.58 -20.49
CA SER X 154 21.23 -29.72 -21.42
C SER X 154 20.00 -30.62 -21.20
N TRP X 155 19.85 -31.61 -22.07
CA TRP X 155 18.75 -32.54 -21.92
C TRP X 155 19.11 -33.26 -20.64
N PHE X 156 20.38 -33.20 -20.30
CA PHE X 156 20.89 -33.84 -19.11
C PHE X 156 19.92 -33.72 -17.96
N PHE X 157 19.97 -32.57 -17.31
CA PHE X 157 19.12 -32.27 -16.16
C PHE X 157 17.62 -32.48 -16.38
N ALA X 158 17.27 -33.21 -17.43
CA ALA X 158 15.87 -33.50 -17.73
C ALA X 158 15.59 -34.80 -17.00
N PRO X 159 14.32 -35.09 -16.73
CA PRO X 159 14.03 -36.34 -16.03
C PRO X 159 14.68 -37.50 -16.76
N SER X 160 14.96 -38.57 -16.05
CA SER X 160 15.53 -39.74 -16.68
C SER X 160 14.58 -40.88 -16.40
N PHE X 161 14.30 -41.63 -17.46
CA PHE X 161 13.36 -42.74 -17.43
C PHE X 161 13.79 -43.94 -16.58
N GLY X 162 13.32 -43.99 -15.34
CA GLY X 162 13.61 -45.06 -14.39
C GLY X 162 12.91 -44.57 -13.15
N VAL X 163 12.71 -45.38 -12.10
CA VAL X 163 12.03 -44.83 -10.90
C VAL X 163 13.03 -44.15 -9.97
N ALA X 164 14.10 -44.85 -9.59
CA ALA X 164 15.08 -44.20 -8.71
C ALA X 164 15.66 -43.07 -9.54
N ALA X 165 15.41 -43.13 -10.84
CA ALA X 165 15.86 -42.10 -11.75
C ALA X 165 15.13 -40.78 -11.49
N ILE X 166 13.78 -40.85 -11.43
CA ILE X 166 12.90 -39.70 -11.18
C ILE X 166 12.86 -39.35 -9.69
N PHE X 167 13.06 -40.34 -8.83
CA PHE X 167 13.08 -40.11 -7.38
C PHE X 167 14.19 -39.08 -7.22
N ARG X 168 15.21 -39.23 -8.05
CA ARG X 168 16.33 -38.31 -8.04
C ARG X 168 15.71 -36.94 -8.21
N PHE X 169 15.22 -36.71 -9.43
CA PHE X 169 14.56 -35.48 -9.86
C PHE X 169 13.81 -34.68 -8.79
N LEU X 170 13.08 -35.37 -7.92
CA LEU X 170 12.32 -34.71 -6.83
C LEU X 170 13.28 -33.92 -5.90
N LEU X 171 14.23 -34.65 -5.33
CA LEU X 171 15.22 -34.10 -4.41
C LEU X 171 16.13 -33.12 -5.13
N PHE X 172 16.16 -33.17 -6.46
CA PHE X 172 16.97 -32.26 -7.25
C PHE X 172 16.38 -30.90 -7.02
N PHE X 173 15.11 -30.79 -7.38
CA PHE X 173 14.36 -29.55 -7.21
C PHE X 173 14.41 -29.12 -5.76
N GLN X 174 14.09 -30.04 -4.85
CA GLN X 174 14.16 -29.68 -3.46
C GLN X 174 15.54 -29.08 -3.15
N GLY X 175 16.53 -29.58 -3.86
CA GLY X 175 17.89 -29.11 -3.67
C GLY X 175 18.10 -27.72 -4.18
N PHE X 176 18.32 -27.60 -5.48
CA PHE X 176 18.58 -26.32 -6.10
C PHE X 176 17.36 -25.49 -6.46
N HIS X 177 16.16 -26.04 -6.29
CA HIS X 177 14.92 -25.30 -6.63
C HIS X 177 13.98 -24.96 -5.49
N ASN X 178 13.92 -25.84 -4.48
CA ASN X 178 13.03 -25.67 -3.34
C ASN X 178 11.59 -25.64 -3.87
N TRP X 179 11.30 -26.64 -4.70
CA TRP X 179 10.00 -26.80 -5.35
C TRP X 179 8.88 -26.68 -4.32
N THR X 180 9.02 -27.42 -3.23
CA THR X 180 8.00 -27.43 -2.20
C THR X 180 7.46 -26.08 -1.72
N LEU X 181 8.09 -24.98 -2.14
CA LEU X 181 7.66 -23.65 -1.71
C LEU X 181 7.08 -22.78 -2.86
N ASN X 182 6.88 -23.39 -4.02
CA ASN X 182 6.33 -22.72 -5.20
C ASN X 182 4.82 -22.83 -5.09
N PRO X 183 4.10 -21.69 -4.95
CA PRO X 183 2.64 -21.67 -4.84
C PRO X 183 1.99 -22.71 -5.74
N PHE X 184 2.33 -22.63 -7.02
CA PHE X 184 1.82 -23.54 -8.04
C PHE X 184 1.91 -25.00 -7.63
N HIS X 185 3.11 -25.50 -7.44
CA HIS X 185 3.17 -26.87 -7.04
C HIS X 185 2.22 -27.17 -5.87
N MET X 186 2.04 -26.21 -4.96
CA MET X 186 1.18 -26.43 -3.80
C MET X 186 -0.29 -26.54 -4.17
N MET X 187 -0.54 -26.53 -5.47
CA MET X 187 -1.88 -26.67 -6.01
C MET X 187 -1.84 -28.02 -6.72
N GLY X 188 -0.68 -28.34 -7.30
CA GLY X 188 -0.48 -29.62 -7.98
C GLY X 188 -0.75 -30.66 -6.92
N VAL X 189 -0.12 -30.43 -5.77
CA VAL X 189 -0.31 -31.29 -4.62
C VAL X 189 -1.80 -31.30 -4.39
N ALA X 190 -2.30 -30.07 -4.17
CA ALA X 190 -3.71 -29.83 -3.90
C ALA X 190 -4.63 -30.70 -4.75
N GLY X 191 -4.38 -30.71 -6.06
CA GLY X 191 -5.18 -31.50 -6.98
C GLY X 191 -5.09 -32.98 -6.78
N VAL X 192 -3.90 -33.52 -6.92
CA VAL X 192 -3.67 -34.95 -6.75
C VAL X 192 -4.09 -35.42 -5.37
N LEU X 193 -4.43 -34.48 -4.49
CA LEU X 193 -4.89 -34.83 -3.14
C LEU X 193 -6.42 -34.73 -3.08
N GLY X 194 -6.94 -33.55 -3.43
CA GLY X 194 -8.38 -33.37 -3.44
C GLY X 194 -8.99 -34.42 -4.33
N GLY X 195 -8.36 -34.65 -5.49
CA GLY X 195 -8.84 -35.62 -6.45
C GLY X 195 -8.81 -37.07 -5.97
N ALA X 196 -7.81 -37.43 -5.17
CA ALA X 196 -7.65 -38.79 -4.65
C ALA X 196 -8.67 -39.02 -3.57
N LEU X 197 -9.09 -37.92 -2.94
CA LEU X 197 -10.12 -37.98 -1.92
C LEU X 197 -11.49 -38.12 -2.61
N LEU X 198 -11.69 -37.33 -3.68
CA LEU X 198 -12.96 -37.40 -4.39
C LEU X 198 -13.08 -38.79 -5.00
N CYS X 199 -12.09 -39.19 -5.77
CA CYS X 199 -12.15 -40.51 -6.36
C CYS X 199 -12.69 -41.52 -5.35
N ALA X 200 -12.40 -41.34 -4.06
CA ALA X 200 -12.87 -42.30 -3.07
C ALA X 200 -14.02 -41.83 -2.20
N ILE X 201 -14.13 -40.53 -1.90
CA ILE X 201 -15.26 -40.06 -1.10
C ILE X 201 -16.53 -40.43 -1.85
N HIS X 202 -16.51 -40.20 -3.16
CA HIS X 202 -17.64 -40.51 -4.05
C HIS X 202 -17.60 -42.02 -4.27
N GLY X 203 -16.37 -42.56 -4.31
CA GLY X 203 -16.16 -43.99 -4.49
C GLY X 203 -16.86 -44.87 -3.46
N ALA X 204 -16.56 -44.67 -2.18
CA ALA X 204 -17.17 -45.44 -1.11
C ALA X 204 -18.48 -44.79 -0.69
N THR X 205 -18.77 -43.63 -1.26
CA THR X 205 -20.03 -42.94 -0.96
C THR X 205 -21.15 -43.59 -1.79
N VAL X 206 -20.79 -44.18 -2.94
CA VAL X 206 -21.76 -44.85 -3.80
C VAL X 206 -22.04 -46.26 -3.29
N GLU X 207 -20.98 -47.07 -3.17
CA GLU X 207 -21.07 -48.44 -2.66
C GLU X 207 -21.92 -48.46 -1.38
N ASN X 208 -21.83 -47.42 -0.54
CA ASN X 208 -22.58 -47.37 0.73
C ASN X 208 -23.84 -46.52 0.75
N THR X 209 -24.44 -46.32 -0.41
CA THR X 209 -25.66 -45.53 -0.49
C THR X 209 -26.72 -46.31 -1.28
N LEU X 210 -26.28 -46.97 -2.34
CA LEU X 210 -27.16 -47.75 -3.21
C LEU X 210 -28.19 -48.62 -2.49
N PHE X 211 -29.06 -49.24 -3.28
CA PHE X 211 -30.13 -50.07 -2.74
C PHE X 211 -30.11 -51.56 -2.99
N GLN X 212 -31.14 -52.20 -2.43
CA GLN X 212 -31.36 -53.64 -2.52
C GLN X 212 -32.15 -53.95 -3.78
N ASP X 213 -31.55 -53.69 -4.96
CA ASP X 213 -32.21 -53.96 -6.23
C ASP X 213 -31.56 -55.17 -6.92
N GLY X 214 -31.51 -56.23 -6.13
CA GLY X 214 -30.93 -57.50 -6.53
C GLY X 214 -31.36 -58.42 -5.40
N GLU X 215 -30.87 -59.66 -5.38
CA GLU X 215 -31.26 -60.58 -4.30
C GLU X 215 -30.20 -60.82 -3.21
N GLY X 216 -29.16 -61.59 -3.51
CA GLY X 216 -28.12 -61.88 -2.51
C GLY X 216 -27.59 -60.76 -1.62
N ALA X 217 -26.61 -61.10 -0.77
CA ALA X 217 -25.96 -60.14 0.13
C ALA X 217 -24.76 -59.50 -0.59
N SER X 218 -24.72 -59.73 -1.90
CA SER X 218 -23.68 -59.21 -2.78
C SER X 218 -24.30 -58.21 -3.77
N THR X 219 -23.49 -57.28 -4.22
CA THR X 219 -23.98 -56.28 -5.13
C THR X 219 -23.65 -56.56 -6.59
N PHE X 220 -22.71 -57.45 -6.87
CA PHE X 220 -22.42 -57.73 -8.29
C PHE X 220 -23.43 -58.75 -8.80
N ARG X 221 -24.56 -58.15 -9.16
CA ARG X 221 -25.77 -58.81 -9.67
C ARG X 221 -26.78 -57.64 -9.66
N ALA X 222 -26.74 -56.81 -8.62
CA ALA X 222 -27.66 -55.66 -8.51
C ALA X 222 -27.85 -55.05 -9.89
N PHE X 223 -29.09 -54.65 -10.19
CA PHE X 223 -29.46 -54.11 -11.50
C PHE X 223 -28.40 -53.36 -12.33
N ASN X 224 -28.60 -53.41 -13.65
CA ASN X 224 -27.73 -52.81 -14.68
C ASN X 224 -27.75 -53.84 -15.83
N PRO X 225 -27.03 -53.59 -16.94
CA PRO X 225 -26.14 -52.47 -17.31
C PRO X 225 -26.84 -51.38 -18.14
N THR X 226 -27.44 -50.42 -17.45
CA THR X 226 -28.17 -49.24 -18.00
C THR X 226 -29.69 -49.35 -17.85
N GLN X 227 -30.14 -50.50 -17.36
CA GLN X 227 -31.57 -50.72 -17.19
C GLN X 227 -32.11 -49.86 -16.07
N ALA X 228 -32.57 -50.52 -15.01
CA ALA X 228 -33.14 -49.84 -13.87
C ALA X 228 -32.43 -48.50 -13.67
N GLU X 229 -33.18 -47.50 -13.20
CA GLU X 229 -32.62 -46.16 -13.05
C GLU X 229 -31.94 -45.80 -11.74
N GLU X 230 -30.63 -45.56 -11.85
CA GLU X 230 -29.76 -45.16 -10.74
C GLU X 230 -29.83 -46.06 -9.51
N THR X 231 -28.67 -46.54 -9.09
CA THR X 231 -28.57 -47.42 -7.93
C THR X 231 -28.58 -46.66 -6.58
N TYR X 232 -27.98 -45.46 -6.55
CA TYR X 232 -27.88 -44.61 -5.33
C TYR X 232 -28.76 -43.35 -5.27
N SER X 233 -29.75 -43.34 -4.38
CA SER X 233 -30.59 -42.15 -4.27
C SER X 233 -29.77 -41.06 -3.63
N MET X 234 -29.37 -40.09 -4.45
CA MET X 234 -28.55 -38.97 -4.01
C MET X 234 -29.24 -38.09 -3.01
N VAL X 235 -30.37 -38.55 -2.52
CA VAL X 235 -31.15 -37.80 -1.54
C VAL X 235 -30.89 -38.40 -0.15
N THR X 236 -30.80 -39.73 -0.11
CA THR X 236 -30.53 -40.47 1.13
C THR X 236 -29.05 -40.29 1.49
N ALA X 237 -28.21 -40.06 0.48
CA ALA X 237 -26.77 -39.86 0.68
C ALA X 237 -26.56 -38.40 1.03
N ASN X 238 -27.23 -37.53 0.29
CA ASN X 238 -27.16 -36.08 0.50
C ASN X 238 -27.27 -35.72 1.99
N ARG X 239 -28.46 -35.93 2.57
CA ARG X 239 -28.73 -35.60 3.96
C ARG X 239 -27.74 -36.15 4.99
N PHE X 240 -26.94 -37.15 4.60
CA PHE X 240 -25.95 -37.76 5.50
C PHE X 240 -24.74 -36.83 5.72
N TRP X 241 -24.23 -36.25 4.64
CA TRP X 241 -23.07 -35.37 4.77
C TRP X 241 -23.43 -34.00 5.24
N SER X 242 -24.61 -33.53 4.85
CA SER X 242 -25.07 -32.21 5.27
C SER X 242 -25.38 -32.19 6.77
N GLN X 243 -25.14 -33.31 7.44
CA GLN X 243 -25.34 -33.43 8.89
C GLN X 243 -24.03 -33.90 9.50
N ILE X 244 -23.17 -34.46 8.66
CA ILE X 244 -21.88 -34.97 9.09
C ILE X 244 -20.73 -34.01 8.74
N PHE X 245 -20.47 -33.78 7.45
CA PHE X 245 -19.42 -32.84 7.03
C PHE X 245 -20.00 -31.45 6.73
N GLY X 246 -21.30 -31.29 7.00
CA GLY X 246 -21.95 -30.01 6.79
C GLY X 246 -22.55 -29.72 5.44
N ILE X 247 -21.75 -29.86 4.38
CA ILE X 247 -22.26 -29.59 3.05
C ILE X 247 -22.07 -30.75 2.08
N ALA X 248 -23.20 -31.22 1.54
CA ALA X 248 -23.23 -32.32 0.59
C ALA X 248 -23.70 -31.85 -0.80
N PHE X 249 -23.79 -32.79 -1.74
CA PHE X 249 -24.16 -32.48 -3.11
C PHE X 249 -25.63 -32.25 -3.46
N SER X 250 -25.88 -32.52 -4.74
CA SER X 250 -27.17 -32.44 -5.41
C SER X 250 -26.71 -32.30 -6.86
N ASN X 251 -27.35 -33.01 -7.79
CA ASN X 251 -26.95 -32.94 -9.21
C ASN X 251 -25.58 -33.59 -9.46
N LYS X 252 -25.60 -34.90 -9.69
CA LYS X 252 -24.37 -35.63 -9.96
C LYS X 252 -23.82 -35.11 -11.26
N ARG X 253 -24.65 -34.32 -11.95
CA ARG X 253 -24.26 -33.73 -13.24
C ARG X 253 -23.05 -32.85 -13.10
N TRP X 254 -22.88 -32.27 -11.91
CA TRP X 254 -21.74 -31.42 -11.65
C TRP X 254 -20.69 -32.18 -10.82
N LEU X 255 -21.16 -33.08 -9.95
CA LEU X 255 -20.28 -33.87 -9.11
C LEU X 255 -19.29 -34.47 -10.07
N HIS X 256 -19.77 -35.09 -11.13
CA HIS X 256 -18.85 -35.75 -12.04
C HIS X 256 -17.86 -34.73 -12.59
N PHE X 257 -18.36 -33.51 -12.79
CA PHE X 257 -17.74 -32.50 -13.63
C PHE X 257 -16.75 -31.79 -12.74
N PHE X 258 -17.14 -31.70 -11.48
CA PHE X 258 -16.31 -31.10 -10.45
C PHE X 258 -15.16 -32.10 -10.27
N MET X 259 -15.45 -33.38 -10.51
CA MET X 259 -14.47 -34.47 -10.40
C MET X 259 -13.51 -34.41 -11.59
N LEU X 260 -13.91 -33.70 -12.63
CA LEU X 260 -13.06 -33.57 -13.79
C LEU X 260 -12.04 -32.50 -13.49
N PHE X 261 -12.54 -31.40 -12.93
CA PHE X 261 -11.73 -30.24 -12.58
C PHE X 261 -10.58 -30.49 -11.59
N VAL X 262 -10.94 -30.59 -10.31
CA VAL X 262 -9.99 -30.84 -9.23
C VAL X 262 -8.59 -31.27 -9.69
N PRO X 263 -8.44 -32.49 -10.24
CA PRO X 263 -7.18 -33.08 -10.72
C PRO X 263 -6.57 -32.44 -11.96
N VAL X 264 -7.25 -32.61 -13.08
CA VAL X 264 -6.78 -32.05 -14.33
C VAL X 264 -6.48 -30.55 -14.15
N THR X 265 -7.26 -29.93 -13.28
CA THR X 265 -7.13 -28.52 -12.98
C THR X 265 -5.78 -28.28 -12.39
N GLY X 266 -5.70 -28.58 -11.09
CA GLY X 266 -4.46 -28.41 -10.36
C GLY X 266 -3.22 -28.99 -11.02
N LEU X 267 -3.33 -30.21 -11.56
CA LEU X 267 -2.17 -30.81 -12.20
C LEU X 267 -1.56 -29.68 -13.02
N TRP X 268 -2.33 -29.21 -13.98
CA TRP X 268 -1.93 -28.14 -14.88
C TRP X 268 -1.16 -27.03 -14.14
N MET X 269 -1.61 -26.72 -12.94
CA MET X 269 -1.00 -25.68 -12.14
C MET X 269 0.51 -25.79 -12.05
N SER X 270 0.99 -26.89 -11.48
CA SER X 270 2.42 -27.14 -11.34
C SER X 270 3.12 -26.96 -12.68
N ALA X 271 2.59 -27.60 -13.73
CA ALA X 271 3.14 -27.48 -15.08
C ALA X 271 3.58 -26.04 -15.39
N ILE X 272 2.83 -25.07 -14.89
CA ILE X 272 3.20 -23.67 -15.10
C ILE X 272 4.45 -23.53 -14.27
N GLY X 273 4.32 -23.79 -12.97
CA GLY X 273 5.45 -23.69 -12.07
C GLY X 273 6.74 -24.17 -12.70
N VAL X 274 6.68 -25.38 -13.25
CA VAL X 274 7.81 -26.04 -13.92
C VAL X 274 8.40 -25.19 -15.03
N VAL X 275 7.53 -24.51 -15.77
CA VAL X 275 7.99 -23.66 -16.86
C VAL X 275 8.74 -22.51 -16.19
N GLY X 276 8.37 -22.20 -14.95
CA GLY X 276 9.05 -21.15 -14.25
C GLY X 276 10.46 -21.66 -14.03
N LEU X 277 10.54 -22.97 -13.72
CA LEU X 277 11.78 -23.71 -13.44
C LEU X 277 12.80 -23.78 -14.59
N ALA X 278 12.36 -24.03 -15.82
CA ALA X 278 13.28 -24.08 -16.94
C ALA X 278 14.08 -22.77 -16.88
N LEU X 279 13.43 -21.72 -16.39
CA LEU X 279 14.04 -20.40 -16.28
C LEU X 279 14.62 -20.08 -14.91
N ASN X 280 14.72 -21.11 -14.06
CA ASN X 280 15.25 -20.97 -12.71
C ASN X 280 14.50 -19.87 -11.98
N LEU X 281 13.59 -19.26 -12.70
CA LEU X 281 12.75 -18.20 -12.18
C LEU X 281 11.78 -18.95 -11.26
N ARG X 282 12.23 -19.24 -10.04
CA ARG X 282 11.43 -19.99 -9.08
C ARG X 282 11.10 -19.29 -7.73
N SER X 283 10.33 -20.00 -6.92
CA SER X 283 9.94 -19.49 -5.61
C SER X 283 10.88 -20.25 -4.68
N TYR X 284 11.97 -19.57 -4.30
CA TYR X 284 12.96 -20.14 -3.40
C TYR X 284 12.97 -19.41 -2.07
N ASP X 285 13.18 -18.11 -2.16
CA ASP X 285 13.31 -17.23 -1.02
C ASP X 285 12.13 -16.34 -0.67
N PHE X 286 12.24 -15.79 0.53
CA PHE X 286 11.29 -14.87 1.13
C PHE X 286 12.15 -13.73 1.72
N ILE X 287 12.59 -12.82 0.86
CA ILE X 287 13.41 -11.70 1.30
C ILE X 287 13.06 -11.22 2.71
N SER X 288 11.80 -10.83 2.92
CA SER X 288 11.29 -10.36 4.21
C SER X 288 11.92 -11.12 5.37
N GLN X 289 12.27 -12.37 5.12
CA GLN X 289 12.88 -13.21 6.13
C GLN X 289 14.41 -13.15 6.07
N GLU X 290 14.98 -13.29 4.88
CA GLU X 290 16.43 -13.25 4.77
C GLU X 290 17.05 -12.08 5.51
N ILE X 291 16.46 -10.90 5.32
CA ILE X 291 16.92 -9.69 5.97
C ILE X 291 16.65 -9.73 7.49
N ARG X 292 15.52 -10.32 7.88
CA ARG X 292 15.16 -10.43 9.29
C ARG X 292 16.00 -11.53 9.94
N ALA X 293 16.66 -12.34 9.12
CA ALA X 293 17.53 -13.41 9.62
C ALA X 293 18.94 -12.84 9.67
N ALA X 294 19.38 -12.30 8.53
CA ALA X 294 20.69 -11.72 8.41
C ALA X 294 21.16 -11.16 9.74
N GLU X 295 20.53 -10.06 10.14
CA GLU X 295 20.88 -9.37 11.37
C GLU X 295 20.34 -9.92 12.68
N ASP X 296 20.08 -11.21 12.78
CA ASP X 296 19.55 -11.75 14.04
C ASP X 296 19.78 -13.25 14.24
N PRO X 297 20.96 -13.62 14.77
CA PRO X 297 21.36 -15.00 15.04
C PRO X 297 20.37 -15.71 15.96
N GLU X 298 19.29 -15.01 16.31
CA GLU X 298 18.27 -15.58 17.18
C GLU X 298 16.95 -15.83 16.43
N PHE X 299 16.88 -15.41 15.17
CA PHE X 299 15.67 -15.60 14.38
C PHE X 299 15.63 -16.91 13.62
N GLU X 300 14.74 -17.83 13.99
CA GLU X 300 14.64 -19.11 13.28
C GLU X 300 13.23 -19.70 13.07
N THR X 301 12.93 -20.01 11.81
CA THR X 301 11.66 -20.59 11.35
C THR X 301 11.98 -21.81 10.49
N PHE X 302 11.00 -22.70 10.36
CA PHE X 302 11.20 -23.88 9.52
C PHE X 302 11.67 -23.34 8.15
N TYR X 303 11.27 -22.13 7.78
CA TYR X 303 11.68 -21.55 6.50
C TYR X 303 13.15 -21.75 6.28
N THR X 304 13.88 -21.29 7.29
CA THR X 304 15.34 -21.33 7.35
C THR X 304 15.91 -22.76 7.43
N LYS X 305 15.48 -23.50 8.45
CA LYS X 305 15.91 -24.88 8.62
C LYS X 305 15.84 -25.62 7.28
N ASN X 306 14.63 -25.73 6.74
CA ASN X 306 14.43 -26.36 5.44
C ASN X 306 15.49 -25.87 4.48
N LEU X 307 15.55 -24.55 4.34
CA LEU X 307 16.49 -23.91 3.44
C LEU X 307 17.89 -24.51 3.52
N LEU X 308 18.32 -24.92 4.72
CA LEU X 308 19.64 -25.51 4.89
C LEU X 308 19.65 -26.87 4.23
N LEU X 309 18.81 -27.76 4.71
CA LEU X 309 18.76 -29.07 4.11
C LEU X 309 19.14 -28.87 2.64
N ASN X 310 18.51 -27.89 1.99
CA ASN X 310 18.81 -27.62 0.58
C ASN X 310 20.28 -27.52 0.27
N GLU X 311 20.98 -26.70 1.07
CA GLU X 311 22.41 -26.50 0.89
C GLU X 311 23.11 -27.83 1.07
N GLY X 312 22.63 -28.63 2.03
CA GLY X 312 23.23 -29.93 2.24
C GLY X 312 23.03 -30.75 0.99
N ILE X 313 21.76 -30.91 0.62
CA ILE X 313 21.34 -31.68 -0.55
C ILE X 313 21.80 -31.04 -1.86
N ARG X 314 22.92 -30.36 -1.82
CA ARG X 314 23.42 -29.71 -3.01
C ARG X 314 24.95 -29.73 -3.01
N ALA X 315 25.55 -29.48 -1.84
CA ALA X 315 27.00 -29.50 -1.67
C ALA X 315 27.46 -30.94 -1.71
N TRP X 316 26.71 -31.81 -1.05
CA TRP X 316 27.07 -33.20 -1.04
C TRP X 316 26.69 -33.79 -2.38
N MET X 317 25.51 -33.44 -2.88
CA MET X 317 25.03 -33.94 -4.18
C MET X 317 25.87 -33.55 -5.42
N ALA X 318 25.54 -32.40 -6.01
CA ALA X 318 26.20 -31.85 -7.19
C ALA X 318 27.42 -32.53 -7.86
N PRO X 319 28.65 -32.45 -7.25
CA PRO X 319 29.90 -33.03 -7.79
C PRO X 319 29.82 -34.34 -8.53
N GLN X 320 29.28 -35.34 -7.86
CA GLN X 320 29.16 -36.64 -8.43
C GLN X 320 27.93 -36.68 -9.33
N ASP X 321 27.05 -35.68 -9.17
CA ASP X 321 25.78 -35.60 -9.93
C ASP X 321 25.82 -34.76 -11.23
N GLN X 322 26.80 -33.87 -11.32
CA GLN X 322 26.96 -33.02 -12.49
C GLN X 322 28.42 -33.10 -12.92
N PRO X 323 28.91 -34.33 -13.18
CA PRO X 323 30.29 -34.63 -13.57
C PRO X 323 30.90 -33.72 -14.65
N HIS X 324 30.11 -33.41 -15.67
CA HIS X 324 30.57 -32.56 -16.77
C HIS X 324 31.18 -31.27 -16.23
N GLU X 325 30.69 -30.83 -15.08
CA GLU X 325 31.18 -29.60 -14.47
C GLU X 325 32.21 -29.87 -13.35
N ASN X 326 33.17 -30.76 -13.61
CA ASN X 326 34.17 -31.14 -12.61
C ASN X 326 34.28 -30.32 -11.33
N PHE X 327 33.48 -30.76 -10.36
CA PHE X 327 33.40 -30.14 -9.04
C PHE X 327 34.47 -30.69 -8.12
N VAL X 328 35.19 -29.79 -7.48
CA VAL X 328 36.23 -30.19 -6.55
C VAL X 328 35.88 -29.66 -5.17
N PHE X 329 35.14 -30.48 -4.44
CA PHE X 329 34.66 -30.13 -3.10
C PHE X 329 35.43 -30.73 -1.92
N PRO X 330 36.49 -30.02 -1.45
CA PRO X 330 37.34 -30.45 -0.32
C PRO X 330 36.54 -30.76 0.94
N GLU X 331 36.98 -31.76 1.70
CA GLU X 331 36.21 -32.15 2.87
C GLU X 331 35.84 -30.97 3.74
N GLU X 332 36.78 -30.04 3.93
CA GLU X 332 36.47 -28.90 4.76
C GLU X 332 35.27 -28.13 4.20
N VAL X 333 35.47 -27.45 3.08
CA VAL X 333 34.42 -26.66 2.45
C VAL X 333 33.05 -27.27 2.73
N LEU X 334 33.02 -28.60 2.79
CA LEU X 334 31.79 -29.36 3.01
C LEU X 334 30.99 -28.94 4.23
N PRO X 335 29.79 -28.34 3.99
CA PRO X 335 28.90 -27.89 5.07
C PRO X 335 28.24 -29.11 5.67
N ARG X 336 28.16 -29.11 6.99
CA ARG X 336 27.57 -30.22 7.71
C ARG X 336 27.58 -29.94 9.21
N GLY X 337 26.45 -30.26 9.84
CA GLY X 337 26.24 -30.05 11.26
C GLY X 337 27.33 -30.38 12.26
N ASN X 338 26.89 -30.41 13.51
CA ASN X 338 27.79 -30.70 14.60
C ASN X 338 27.66 -32.14 14.99
N ALA X 339 28.79 -32.83 14.92
CA ALA X 339 28.88 -34.24 15.27
C ALA X 339 28.55 -35.13 14.09
N LEU X 340 28.21 -34.55 12.95
CA LEU X 340 27.90 -35.36 11.78
C LEU X 340 28.62 -34.87 10.56
N GLY Y 2 -21.70 -52.60 -27.52
CA GLY Y 2 -22.79 -53.46 -28.07
C GLY Y 2 -22.31 -54.39 -29.18
N THR Y 3 -22.22 -53.88 -30.40
CA THR Y 3 -21.76 -54.69 -31.55
C THR Y 3 -20.31 -55.04 -31.28
N THR Y 4 -19.89 -56.25 -31.66
CA THR Y 4 -18.52 -56.64 -31.37
C THR Y 4 -17.85 -57.60 -32.38
N GLY Y 5 -16.86 -57.07 -33.12
CA GLY Y 5 -16.12 -57.84 -34.11
C GLY Y 5 -15.06 -58.70 -33.45
N GLU Y 6 -15.45 -59.14 -32.26
CA GLU Y 6 -14.68 -59.99 -31.37
C GLU Y 6 -14.23 -61.33 -31.95
N ARG Y 7 -12.93 -61.51 -32.12
CA ARG Y 7 -12.42 -62.79 -32.63
C ARG Y 7 -12.44 -63.73 -31.39
N PRO Y 8 -12.11 -65.02 -31.56
CA PRO Y 8 -12.14 -65.92 -30.39
C PRO Y 8 -11.60 -65.34 -29.08
N PHE Y 9 -10.32 -65.56 -28.83
CA PHE Y 9 -9.63 -65.06 -27.63
C PHE Y 9 -9.98 -65.78 -26.32
N SER Y 10 -11.14 -65.46 -25.75
CA SER Y 10 -11.62 -66.02 -24.47
C SER Y 10 -11.43 -67.54 -24.17
N ASP Y 11 -10.58 -68.21 -24.95
CA ASP Y 11 -10.33 -69.63 -24.75
C ASP Y 11 -9.16 -70.19 -25.55
N ILE Y 12 -8.77 -69.48 -26.61
CA ILE Y 12 -7.67 -69.89 -27.48
C ILE Y 12 -6.40 -70.30 -26.72
N ILE Y 13 -6.47 -70.18 -25.40
CA ILE Y 13 -5.39 -70.57 -24.49
C ILE Y 13 -5.56 -72.06 -24.21
N THR Y 14 -6.83 -72.45 -24.11
CA THR Y 14 -7.28 -73.82 -23.86
C THR Y 14 -7.08 -74.60 -25.15
N SER Y 15 -6.86 -73.84 -26.21
CA SER Y 15 -6.63 -74.38 -27.55
C SER Y 15 -5.67 -75.58 -27.54
N VAL Y 16 -6.14 -76.71 -28.06
CA VAL Y 16 -5.34 -77.94 -28.15
C VAL Y 16 -4.09 -77.75 -29.06
N ARG Y 17 -4.25 -77.00 -30.15
CA ARG Y 17 -3.14 -76.74 -31.07
C ARG Y 17 -2.36 -75.56 -30.56
N TYR Y 18 -2.89 -74.91 -29.52
CA TYR Y 18 -2.23 -73.77 -28.91
C TYR Y 18 -1.05 -74.23 -28.08
N TRP Y 19 -1.35 -74.73 -26.87
CA TRP Y 19 -0.31 -75.18 -25.97
C TRP Y 19 0.60 -76.25 -26.57
N VAL Y 20 0.43 -76.51 -27.87
CA VAL Y 20 1.26 -77.47 -28.59
C VAL Y 20 2.25 -76.65 -29.41
N ILE Y 21 1.75 -75.96 -30.43
CA ILE Y 21 2.60 -75.15 -31.27
C ILE Y 21 3.09 -73.94 -30.48
N HIS Y 22 2.77 -73.93 -29.20
CA HIS Y 22 3.19 -72.87 -28.31
C HIS Y 22 4.10 -73.43 -27.26
N SER Y 23 4.10 -74.75 -27.17
CA SER Y 23 4.97 -75.49 -26.26
C SER Y 23 6.26 -75.64 -27.05
N ILE Y 24 6.29 -75.03 -28.22
CA ILE Y 24 7.44 -75.06 -29.12
C ILE Y 24 8.01 -73.65 -29.27
N THR Y 25 7.11 -72.65 -29.16
CA THR Y 25 7.47 -71.24 -29.31
C THR Y 25 8.08 -70.54 -28.08
N ILE Y 26 7.50 -70.72 -26.89
CA ILE Y 26 8.02 -70.10 -25.64
C ILE Y 26 9.51 -70.37 -25.43
N PRO Y 27 9.90 -71.65 -25.25
CA PRO Y 27 11.29 -72.02 -25.05
C PRO Y 27 12.17 -71.71 -26.26
N ALA Y 28 11.56 -71.66 -27.44
CA ALA Y 28 12.28 -71.34 -28.66
C ALA Y 28 12.47 -69.82 -28.65
N LEU Y 29 11.83 -69.18 -27.67
CA LEU Y 29 11.87 -67.73 -27.47
C LEU Y 29 12.67 -67.37 -26.21
N PHE Y 30 12.36 -68.06 -25.13
CA PHE Y 30 13.05 -67.86 -23.86
C PHE Y 30 14.58 -67.88 -24.07
N ILE Y 31 15.10 -69.04 -24.45
CA ILE Y 31 16.53 -69.25 -24.70
C ILE Y 31 17.05 -68.49 -25.92
N ALA Y 32 16.15 -68.17 -26.85
CA ALA Y 32 16.54 -67.41 -28.02
C ALA Y 32 17.19 -66.15 -27.48
N GLY Y 33 16.48 -65.48 -26.55
CA GLY Y 33 16.95 -64.27 -25.92
C GLY Y 33 18.08 -64.45 -24.93
N TRP Y 34 18.02 -65.56 -24.19
CA TRP Y 34 19.04 -65.91 -23.20
C TRP Y 34 20.42 -65.96 -23.89
N LEU Y 35 20.44 -66.32 -25.17
CA LEU Y 35 21.68 -66.42 -25.93
C LEU Y 35 22.20 -65.06 -26.38
N PHE Y 36 21.29 -64.09 -26.51
CA PHE Y 36 21.68 -62.74 -26.87
C PHE Y 36 22.47 -62.27 -25.65
N VAL Y 37 22.10 -62.84 -24.50
CA VAL Y 37 22.73 -62.57 -23.20
C VAL Y 37 23.90 -63.53 -22.95
N SER Y 38 23.69 -64.81 -23.25
CA SER Y 38 24.70 -65.83 -23.05
C SER Y 38 25.98 -65.69 -23.92
N THR Y 39 25.85 -65.08 -25.10
CA THR Y 39 26.98 -64.85 -26.01
C THR Y 39 27.84 -63.71 -25.50
N GLY Y 40 27.14 -62.74 -24.94
CA GLY Y 40 27.75 -61.53 -24.44
C GLY Y 40 27.30 -60.53 -25.49
N LEU Y 41 26.53 -61.06 -26.44
CA LEU Y 41 26.01 -60.29 -27.56
C LEU Y 41 25.45 -58.93 -27.16
N ALA Y 42 24.60 -58.90 -26.13
CA ALA Y 42 24.02 -57.64 -25.66
C ALA Y 42 25.07 -56.53 -25.80
N TYR Y 43 26.12 -56.62 -24.99
CA TYR Y 43 27.20 -55.65 -25.01
C TYR Y 43 27.40 -55.04 -26.40
N ASP Y 44 28.10 -55.77 -27.27
CA ASP Y 44 28.43 -55.36 -28.64
C ASP Y 44 27.26 -54.75 -29.42
N VAL Y 45 26.05 -54.97 -28.92
CA VAL Y 45 24.86 -54.43 -29.53
C VAL Y 45 24.65 -52.99 -29.09
N PHE Y 46 24.74 -52.76 -27.79
CA PHE Y 46 24.52 -51.43 -27.22
C PHE Y 46 25.79 -50.64 -26.85
N GLY Y 47 26.90 -51.33 -26.69
CA GLY Y 47 28.15 -50.68 -26.32
C GLY Y 47 28.45 -50.91 -24.86
N THR Y 48 27.41 -51.34 -24.14
CA THR Y 48 27.48 -51.61 -22.71
C THR Y 48 28.79 -52.30 -22.34
N PRO Y 49 29.34 -51.97 -21.16
CA PRO Y 49 30.60 -52.56 -20.70
C PRO Y 49 30.52 -53.85 -19.90
N ARG Y 50 31.61 -54.61 -19.99
CA ARG Y 50 31.77 -55.88 -19.30
C ARG Y 50 32.08 -55.47 -17.86
N PRO Y 51 31.58 -56.22 -16.87
CA PRO Y 51 31.89 -55.81 -15.50
C PRO Y 51 33.37 -55.55 -15.28
N ASP Y 52 34.17 -55.82 -16.30
CA ASP Y 52 35.62 -55.60 -16.25
C ASP Y 52 36.00 -54.37 -17.07
N SER Y 53 35.09 -54.00 -17.97
CA SER Y 53 35.29 -52.87 -18.89
C SER Y 53 34.62 -51.51 -18.55
N TYR Y 54 34.76 -51.03 -17.30
CA TYR Y 54 34.19 -49.73 -16.92
C TYR Y 54 35.37 -48.75 -16.84
N TYR Y 55 36.25 -48.98 -15.87
CA TYR Y 55 37.47 -48.17 -15.70
C TYR Y 55 38.63 -48.99 -16.28
N ALA Y 56 39.69 -48.32 -16.74
CA ALA Y 56 40.85 -49.03 -17.28
C ALA Y 56 41.36 -49.94 -16.17
N GLN Y 57 42.28 -50.83 -16.48
CA GLN Y 57 42.81 -51.74 -15.44
C GLN Y 57 43.41 -50.88 -14.30
N GLU Y 58 43.66 -49.61 -14.61
CA GLU Y 58 44.23 -48.70 -13.62
C GLU Y 58 43.46 -47.40 -13.42
N GLN Y 59 43.87 -46.36 -14.15
CA GLN Y 59 43.24 -45.03 -14.07
C GLN Y 59 41.85 -45.00 -13.42
N ARG Y 60 41.58 -43.92 -12.67
CA ARG Y 60 40.32 -43.76 -11.94
C ARG Y 60 39.30 -42.80 -12.61
N SER Y 61 39.59 -42.35 -13.84
CA SER Y 61 38.71 -41.45 -14.58
C SER Y 61 37.40 -42.13 -15.01
N ILE Y 62 36.47 -41.33 -15.53
CA ILE Y 62 35.17 -41.82 -16.03
C ILE Y 62 35.12 -41.31 -17.46
N PRO Y 63 34.83 -42.19 -18.43
CA PRO Y 63 34.79 -41.69 -19.81
C PRO Y 63 33.65 -40.72 -20.12
N LEU Y 64 33.67 -39.55 -19.48
CA LEU Y 64 32.66 -38.52 -19.69
C LEU Y 64 32.83 -37.86 -21.04
N VAL Y 65 31.83 -38.01 -21.89
CA VAL Y 65 31.85 -37.42 -23.23
C VAL Y 65 31.99 -35.89 -23.15
N THR Y 66 33.21 -35.43 -23.44
CA THR Y 66 33.52 -34.00 -23.41
C THR Y 66 32.71 -33.14 -24.37
N ASP Y 67 32.85 -33.41 -25.67
CA ASP Y 67 32.16 -32.61 -26.69
C ASP Y 67 30.85 -33.17 -27.25
N ARG Y 68 30.27 -32.38 -28.17
CA ARG Y 68 28.99 -32.68 -28.78
C ARG Y 68 28.99 -33.08 -30.24
N PHE Y 69 29.68 -32.32 -31.08
CA PHE Y 69 29.73 -32.59 -32.52
C PHE Y 69 30.50 -33.86 -32.95
N GLU Y 70 31.52 -34.22 -32.17
CA GLU Y 70 32.36 -35.40 -32.47
C GLU Y 70 32.31 -36.42 -31.33
N ALA Y 71 31.29 -36.28 -30.48
CA ALA Y 71 31.08 -37.15 -29.34
C ALA Y 71 31.60 -38.57 -29.56
N LYS Y 72 31.30 -39.13 -30.72
CA LYS Y 72 31.72 -40.50 -31.05
C LYS Y 72 33.24 -40.71 -30.98
N GLN Y 73 34.00 -39.88 -31.69
CA GLN Y 73 35.45 -40.00 -31.69
C GLN Y 73 36.01 -40.13 -30.29
N GLN Y 74 35.47 -39.36 -29.35
CA GLN Y 74 35.89 -39.40 -27.94
C GLN Y 74 35.61 -40.82 -27.44
N VAL Y 75 34.36 -41.24 -27.57
CA VAL Y 75 33.94 -42.57 -27.16
C VAL Y 75 34.83 -43.65 -27.76
N GLU Y 76 35.32 -43.42 -28.96
CA GLU Y 76 36.18 -44.42 -29.60
C GLU Y 76 37.46 -44.60 -28.76
N THR Y 77 38.24 -43.53 -28.66
CA THR Y 77 39.49 -43.59 -27.89
C THR Y 77 39.28 -43.84 -26.40
N PHE Y 78 38.15 -43.38 -25.85
CA PHE Y 78 37.85 -43.60 -24.43
C PHE Y 78 37.58 -45.09 -24.22
N LEU Y 79 37.19 -45.75 -25.31
CA LEU Y 79 36.89 -47.18 -25.27
C LEU Y 79 38.21 -47.95 -25.41
N GLU Y 80 38.84 -47.79 -26.57
CA GLU Y 80 40.12 -48.45 -26.87
C GLU Y 80 40.97 -48.39 -25.62
N GLN Y 81 40.72 -47.32 -24.86
CA GLN Y 81 41.39 -47.03 -23.61
C GLN Y 81 41.74 -48.25 -22.75
N LEU Y 82 40.74 -48.79 -22.04
CA LEU Y 82 40.91 -49.94 -21.12
C LEU Y 82 41.95 -51.03 -21.46
N LYS Y 83 41.97 -51.49 -22.71
CA LYS Y 83 42.92 -52.52 -23.15
C LYS Y 83 42.96 -53.77 -22.27
N VAL Z 10 -18.75 -71.39 -35.28
CA VAL Z 10 -18.73 -70.28 -36.30
C VAL Z 10 -17.39 -70.35 -37.08
N SER Z 11 -17.15 -69.36 -37.95
CA SER Z 11 -15.93 -69.31 -38.77
C SER Z 11 -15.03 -68.11 -38.39
N TYR Z 12 -14.02 -68.38 -37.56
CA TYR Z 12 -13.07 -67.37 -37.07
C TYR Z 12 -11.69 -67.53 -37.71
N PRO Z 13 -10.97 -66.42 -37.90
CA PRO Z 13 -9.61 -66.46 -38.48
C PRO Z 13 -8.57 -66.42 -37.35
N ILE Z 14 -7.28 -66.57 -37.70
CA ILE Z 14 -6.20 -66.56 -36.69
C ILE Z 14 -5.15 -65.43 -36.84
N PHE Z 15 -5.04 -64.86 -38.05
CA PHE Z 15 -4.10 -63.77 -38.30
C PHE Z 15 -4.82 -62.41 -38.24
N THR Z 16 -5.64 -62.28 -37.19
CA THR Z 16 -6.45 -61.08 -36.94
C THR Z 16 -5.57 -59.94 -36.45
N VAL Z 17 -6.08 -58.70 -36.48
CA VAL Z 17 -5.31 -57.55 -36.02
C VAL Z 17 -5.13 -57.63 -34.49
N ARG Z 18 -6.18 -58.08 -33.79
CA ARG Z 18 -6.16 -58.28 -32.33
C ARG Z 18 -5.06 -59.33 -32.00
N TRP Z 19 -4.48 -59.90 -33.05
CA TRP Z 19 -3.44 -60.90 -32.96
C TRP Z 19 -2.06 -60.26 -33.17
N VAL Z 20 -1.92 -59.42 -34.20
CA VAL Z 20 -0.64 -58.76 -34.50
C VAL Z 20 -0.22 -57.91 -33.30
N ALA Z 21 -1.22 -57.31 -32.64
CA ALA Z 21 -1.00 -56.45 -31.47
C ALA Z 21 -0.30 -57.20 -30.33
N VAL Z 22 -0.95 -58.23 -29.79
CA VAL Z 22 -0.36 -59.03 -28.71
C VAL Z 22 1.07 -59.46 -29.06
N HIS Z 23 1.30 -59.81 -30.33
CA HIS Z 23 2.61 -60.28 -30.82
C HIS Z 23 3.68 -59.25 -31.06
N THR Z 24 3.35 -57.99 -30.83
CA THR Z 24 4.35 -56.97 -31.04
C THR Z 24 5.15 -56.84 -29.76
N LEU Z 25 4.44 -56.70 -28.64
CA LEU Z 25 5.06 -56.56 -27.34
C LEU Z 25 5.20 -57.90 -26.56
N ALA Z 26 4.26 -58.81 -26.75
CA ALA Z 26 4.31 -60.08 -26.03
C ALA Z 26 5.47 -61.00 -26.41
N VAL Z 27 5.71 -61.19 -27.70
CA VAL Z 27 6.79 -62.08 -28.10
C VAL Z 27 8.18 -61.53 -27.80
N PRO Z 28 8.40 -60.23 -27.95
CA PRO Z 28 9.75 -59.77 -27.63
C PRO Z 28 9.99 -59.89 -26.13
N THR Z 29 8.92 -59.75 -25.35
CA THR Z 29 8.98 -59.85 -23.89
C THR Z 29 9.46 -61.22 -23.42
N ILE Z 30 8.88 -62.27 -24.00
CA ILE Z 30 9.27 -63.62 -23.64
C ILE Z 30 10.73 -63.85 -24.06
N PHE Z 31 11.27 -62.92 -24.85
CA PHE Z 31 12.66 -62.95 -25.33
C PHE Z 31 13.44 -62.20 -24.26
N PHE Z 32 12.82 -61.13 -23.78
CA PHE Z 32 13.38 -60.28 -22.74
C PHE Z 32 13.54 -61.05 -21.42
N LEU Z 33 12.44 -61.61 -20.91
CA LEU Z 33 12.50 -62.34 -19.64
C LEU Z 33 13.50 -63.51 -19.64
N GLY Z 34 13.75 -64.04 -20.83
CA GLY Z 34 14.69 -65.15 -21.00
C GLY Z 34 16.09 -64.58 -21.11
N ALA Z 35 16.18 -63.39 -21.70
CA ALA Z 35 17.44 -62.70 -21.83
C ALA Z 35 17.84 -62.31 -20.42
N ILE Z 36 16.91 -61.72 -19.67
CA ILE Z 36 17.15 -61.31 -18.27
C ILE Z 36 17.64 -62.51 -17.49
N ALA Z 37 16.83 -63.57 -17.53
CA ALA Z 37 17.13 -64.81 -16.85
C ALA Z 37 18.58 -65.29 -17.06
N ALA Z 38 19.18 -64.90 -18.19
CA ALA Z 38 20.55 -65.27 -18.50
C ALA Z 38 21.53 -64.44 -17.67
N MET Z 39 21.05 -63.30 -17.19
CA MET Z 39 21.85 -62.40 -16.36
C MET Z 39 21.89 -62.76 -14.86
N GLN Z 40 20.81 -63.34 -14.35
CA GLN Z 40 20.70 -63.73 -12.94
C GLN Z 40 21.87 -64.63 -12.54
N PHE Z 41 22.80 -64.84 -13.47
CA PHE Z 41 23.95 -65.68 -13.20
C PHE Z 41 25.29 -64.99 -13.42
N ILE Z 42 25.40 -64.15 -14.45
CA ILE Z 42 26.67 -63.46 -14.73
C ILE Z 42 27.32 -62.88 -13.47
N GLN Z 43 28.62 -62.56 -13.55
CA GLN Z 43 29.33 -62.04 -12.38
C GLN Z 43 30.72 -61.50 -12.67
N ARG Z 44 31.36 -61.10 -11.57
CA ARG Z 44 32.72 -60.55 -11.48
C ARG Z 44 32.74 -59.03 -11.24
N ALA AA 1 -31.87 -4.96 -41.37
CA ALA AA 1 -30.60 -4.62 -42.09
C ALA AA 1 -30.58 -3.15 -42.49
N ARG AA 2 -29.58 -2.40 -42.00
CA ARG AA 2 -29.48 -0.97 -42.33
C ARG AA 2 -28.51 -0.67 -43.45
N ARG AA 3 -28.86 0.35 -44.24
CA ARG AA 3 -28.06 0.78 -45.36
C ARG AA 3 -26.75 1.41 -44.95
N THR AA 4 -25.88 1.67 -45.92
CA THR AA 4 -24.58 2.26 -45.66
C THR AA 4 -23.75 2.54 -46.90
N TRP AA 5 -23.07 3.68 -46.93
CA TRP AA 5 -22.22 3.96 -48.09
C TRP AA 5 -21.21 2.83 -48.16
N LEU AA 6 -20.16 2.97 -47.38
CA LEU AA 6 -19.08 1.98 -47.34
C LEU AA 6 -19.67 0.59 -47.42
N GLY AA 7 -20.81 0.42 -46.76
CA GLY AA 7 -21.48 -0.87 -46.73
C GLY AA 7 -21.83 -1.45 -48.08
N ASP AA 8 -22.50 -0.67 -48.90
CA ASP AA 8 -22.88 -1.16 -50.21
C ASP AA 8 -21.62 -1.56 -50.97
N ILE AA 9 -20.51 -0.85 -50.78
CA ILE AA 9 -19.29 -1.21 -51.48
C ILE AA 9 -18.59 -2.38 -50.81
N LEU AA 10 -19.28 -3.04 -49.87
CA LEU AA 10 -18.69 -4.18 -49.17
C LEU AA 10 -19.16 -5.52 -49.71
N ARG AA 11 -20.41 -5.91 -49.46
CA ARG AA 11 -20.86 -7.18 -50.02
C ARG AA 11 -20.76 -6.79 -51.46
N PRO AA 12 -20.68 -7.75 -52.37
CA PRO AA 12 -20.66 -9.21 -52.31
C PRO AA 12 -19.56 -9.87 -51.48
N LEU AA 13 -18.39 -9.23 -51.39
CA LEU AA 13 -17.27 -9.77 -50.65
C LEU AA 13 -17.69 -10.64 -49.46
N ASN AA 14 -18.84 -10.31 -48.85
CA ASN AA 14 -19.38 -11.07 -47.71
C ASN AA 14 -20.53 -12.03 -48.07
N SER AA 15 -21.13 -11.81 -49.24
CA SER AA 15 -22.38 -12.47 -49.64
C SER AA 15 -22.41 -14.00 -49.79
N GLU AA 16 -21.36 -14.60 -50.32
CA GLU AA 16 -21.42 -16.03 -50.63
C GLU AA 16 -21.08 -16.86 -49.41
N TYR AA 17 -22.07 -17.05 -48.55
CA TYR AA 17 -21.91 -17.74 -47.28
C TYR AA 17 -21.51 -19.21 -47.39
N GLY AA 18 -22.14 -19.95 -48.30
CA GLY AA 18 -21.78 -21.34 -48.49
C GLY AA 18 -21.11 -21.68 -49.80
N LYS AA 19 -20.16 -20.84 -50.21
CA LYS AA 19 -19.43 -21.04 -51.46
C LYS AA 19 -18.62 -22.34 -51.41
N VAL AA 20 -19.30 -23.47 -51.49
CA VAL AA 20 -18.63 -24.79 -51.46
C VAL AA 20 -18.15 -25.20 -52.87
N ALA AA 21 -17.12 -26.04 -52.94
CA ALA AA 21 -16.59 -26.49 -54.22
C ALA AA 21 -16.70 -28.02 -54.37
N PRO AA 22 -16.61 -28.53 -55.61
CA PRO AA 22 -16.70 -29.96 -55.98
C PRO AA 22 -15.74 -30.95 -55.29
N GLY AA 23 -16.33 -31.95 -54.61
CA GLY AA 23 -15.56 -32.97 -53.91
C GLY AA 23 -14.44 -32.37 -53.10
N TRP AA 24 -13.42 -33.13 -52.69
CA TRP AA 24 -12.35 -32.49 -51.94
C TRP AA 24 -11.61 -31.61 -52.94
N GLY AA 25 -11.99 -31.77 -54.20
CA GLY AA 25 -11.43 -31.00 -55.31
C GLY AA 25 -9.99 -30.51 -55.33
N THR AA 26 -9.65 -29.55 -54.48
CA THR AA 26 -8.31 -29.01 -54.51
C THR AA 26 -7.32 -29.41 -53.41
N THR AA 27 -7.75 -30.32 -52.51
CA THR AA 27 -6.92 -30.80 -51.39
C THR AA 27 -5.48 -31.29 -51.69
N PRO AA 28 -5.29 -32.21 -52.65
CA PRO AA 28 -3.90 -32.62 -52.87
C PRO AA 28 -3.00 -31.44 -53.19
N LEU AA 29 -3.46 -30.55 -54.04
CA LEU AA 29 -2.66 -29.38 -54.39
C LEU AA 29 -2.30 -28.67 -53.11
N MET AA 30 -3.12 -28.91 -52.09
CA MET AA 30 -2.90 -28.34 -50.76
C MET AA 30 -1.88 -29.22 -50.04
N ALA AA 31 -2.31 -30.44 -49.75
CA ALA AA 31 -1.48 -31.42 -49.05
C ALA AA 31 -0.03 -31.50 -49.54
N VAL AA 32 0.23 -31.15 -50.79
CA VAL AA 32 1.60 -31.21 -51.30
C VAL AA 32 2.38 -29.98 -50.85
N PHE AA 33 1.70 -28.87 -50.63
CA PHE AA 33 2.43 -27.71 -50.17
C PHE AA 33 2.84 -27.88 -48.72
N MET AA 34 2.01 -28.60 -47.95
CA MET AA 34 2.29 -28.88 -46.54
C MET AA 34 3.54 -29.74 -46.45
N GLY AA 35 3.70 -30.64 -47.43
CA GLY AA 35 4.87 -31.48 -47.46
C GLY AA 35 6.07 -30.56 -47.50
N LEU AA 36 6.17 -29.73 -48.56
CA LEU AA 36 7.27 -28.80 -48.71
C LEU AA 36 7.48 -28.02 -47.44
N PHE AA 37 6.40 -27.81 -46.72
CA PHE AA 37 6.44 -27.07 -45.47
C PHE AA 37 6.95 -27.87 -44.26
N LEU AA 38 6.20 -28.89 -43.87
CA LEU AA 38 6.58 -29.70 -42.73
C LEU AA 38 8.02 -30.13 -42.87
N VAL AA 39 8.48 -30.22 -44.10
CA VAL AA 39 9.87 -30.56 -44.36
C VAL AA 39 10.60 -29.29 -44.00
N PHE AA 40 10.15 -28.17 -44.59
CA PHE AA 40 10.74 -26.85 -44.36
C PHE AA 40 11.00 -26.59 -42.89
N LEU AA 41 9.93 -26.40 -42.12
CA LEU AA 41 10.10 -26.14 -40.71
C LEU AA 41 11.26 -26.95 -40.20
N LEU AA 42 11.06 -28.26 -40.21
CA LEU AA 42 12.06 -29.19 -39.74
C LEU AA 42 13.46 -28.90 -40.27
N ILE AA 43 13.59 -28.31 -41.46
CA ILE AA 43 14.94 -28.03 -41.97
C ILE AA 43 15.69 -27.02 -41.09
N ILE AA 44 14.99 -26.00 -40.58
CA ILE AA 44 15.65 -25.01 -39.72
C ILE AA 44 15.70 -25.54 -38.29
N LEU AA 45 14.66 -26.27 -37.89
CA LEU AA 45 14.63 -26.81 -36.56
C LEU AA 45 15.92 -27.51 -36.37
N GLU AA 46 16.27 -28.32 -37.37
CA GLU AA 46 17.51 -29.07 -37.30
C GLU AA 46 18.77 -28.19 -37.42
N ILE AA 47 18.75 -27.08 -38.16
CA ILE AA 47 19.97 -26.27 -38.23
C ILE AA 47 20.04 -25.54 -36.91
N TYR AA 48 18.86 -25.30 -36.32
CA TYR AA 48 18.74 -24.59 -35.05
C TYR AA 48 19.13 -25.52 -33.90
N ASN AA 49 18.67 -26.77 -34.02
CA ASN AA 49 18.97 -27.79 -33.01
C ASN AA 49 20.44 -28.18 -33.22
N SER AA 50 21.04 -27.59 -34.26
CA SER AA 50 22.43 -27.83 -34.62
C SER AA 50 22.76 -29.30 -34.85
N THR AA 51 22.17 -29.88 -35.89
CA THR AA 51 22.38 -31.27 -36.28
C THR AA 51 22.50 -31.24 -37.81
N LEU AA 52 22.16 -30.09 -38.37
CA LEU AA 52 22.26 -29.89 -39.78
C LEU AA 52 23.25 -28.77 -39.96
N ILE AA 53 24.51 -29.09 -39.74
CA ILE AA 53 25.60 -28.13 -39.88
C ILE AA 53 25.87 -27.90 -41.39
N LEU AA 54 25.50 -26.73 -41.89
CA LEU AA 54 25.69 -26.39 -43.30
C LEU AA 54 27.02 -25.73 -43.61
N ASP AA 55 27.28 -25.45 -44.89
CA ASP AA 55 28.52 -24.80 -45.27
C ASP AA 55 28.34 -23.30 -45.09
N GLY AA 56 29.16 -22.71 -44.22
CA GLY AA 56 29.11 -21.28 -43.93
C GLY AA 56 27.85 -20.76 -43.23
N VAL AA 57 27.42 -21.47 -42.19
CA VAL AA 57 26.23 -21.09 -41.43
C VAL AA 57 26.55 -21.22 -39.94
N ASN AA 58 27.48 -20.40 -39.46
CA ASN AA 58 27.87 -20.45 -38.05
C ASN AA 58 26.73 -19.90 -37.19
N VAL AA 59 26.02 -20.80 -36.52
CA VAL AA 59 24.88 -20.46 -35.68
C VAL AA 59 25.27 -19.83 -34.35
N SER AA 60 25.93 -18.67 -34.40
CA SER AA 60 26.37 -17.96 -33.20
C SER AA 60 26.14 -16.46 -33.31
N TRP AA 61 26.37 -15.74 -32.21
CA TRP AA 61 26.20 -14.30 -32.22
C TRP AA 61 27.22 -13.80 -33.23
N LYS AA 62 28.35 -14.49 -33.30
CA LYS AA 62 29.45 -14.13 -34.22
C LYS AA 62 29.02 -14.30 -35.67
N ALA AA 63 27.89 -13.72 -36.03
CA ALA AA 63 27.40 -13.80 -37.39
C ALA AA 63 28.16 -12.77 -38.21
N LEU AA 64 27.85 -11.49 -37.98
CA LEU AA 64 28.49 -10.38 -38.69
C LEU AA 64 29.98 -10.38 -38.35
N MET BA 1 -2.72 -23.13 39.15
CA MET BA 1 -2.56 -24.13 38.05
C MET BA 1 -3.26 -25.45 38.39
N GLU BA 2 -2.78 -26.13 39.44
CA GLU BA 2 -3.36 -27.41 39.86
C GLU BA 2 -4.88 -27.36 39.76
N THR BA 3 -5.46 -26.26 40.24
CA THR BA 3 -6.91 -26.06 40.22
C THR BA 3 -7.51 -26.35 38.86
N LEU BA 4 -6.71 -26.13 37.82
CA LEU BA 4 -7.15 -26.39 36.45
C LEU BA 4 -7.11 -27.87 36.13
N LYS BA 5 -6.22 -28.61 36.78
CA LYS BA 5 -6.13 -30.05 36.52
C LYS BA 5 -7.51 -30.70 36.53
N ILE BA 6 -8.09 -30.78 37.72
CA ILE BA 6 -9.39 -31.41 37.91
C ILE BA 6 -10.52 -30.85 37.05
N THR BA 7 -10.82 -29.55 37.19
CA THR BA 7 -11.89 -28.97 36.40
C THR BA 7 -11.76 -29.54 35.00
N VAL BA 8 -10.51 -29.78 34.58
CA VAL BA 8 -10.26 -30.39 33.27
C VAL BA 8 -10.73 -31.84 33.36
N TYR BA 9 -10.25 -32.55 34.38
CA TYR BA 9 -10.65 -33.94 34.59
C TYR BA 9 -12.15 -34.05 34.66
N ILE BA 10 -12.74 -33.23 35.54
CA ILE BA 10 -14.19 -33.19 35.73
C ILE BA 10 -14.80 -33.25 34.36
N VAL BA 11 -14.67 -32.14 33.65
CA VAL BA 11 -15.20 -32.02 32.31
C VAL BA 11 -14.92 -33.23 31.42
N VAL BA 12 -13.67 -33.67 31.37
CA VAL BA 12 -13.33 -34.82 30.56
C VAL BA 12 -14.18 -35.98 31.05
N THR BA 13 -14.30 -36.11 32.38
CA THR BA 13 -15.09 -37.19 32.99
C THR BA 13 -16.61 -37.11 32.77
N PHE BA 14 -17.23 -35.98 33.11
CA PHE BA 14 -18.67 -35.80 32.92
C PHE BA 14 -19.08 -36.23 31.52
N PHE BA 15 -18.17 -36.05 30.56
CA PHE BA 15 -18.40 -36.40 29.17
C PHE BA 15 -18.23 -37.88 28.79
N VAL BA 16 -17.12 -38.52 29.15
CA VAL BA 16 -17.01 -39.96 28.81
C VAL BA 16 -18.27 -40.63 29.37
N LEU BA 17 -18.88 -39.97 30.37
CA LEU BA 17 -20.11 -40.43 30.98
C LEU BA 17 -21.25 -40.31 29.97
N LEU BA 18 -21.34 -39.16 29.30
CA LEU BA 18 -22.38 -38.94 28.31
C LEU BA 18 -22.11 -39.76 27.06
N PHE BA 19 -20.94 -40.39 27.00
CA PHE BA 19 -20.62 -41.21 25.86
C PHE BA 19 -21.07 -42.65 26.13
N VAL BA 20 -20.69 -43.17 27.29
CA VAL BA 20 -21.03 -44.54 27.64
C VAL BA 20 -22.46 -44.69 28.17
N PHE BA 21 -22.81 -43.91 29.18
CA PHE BA 21 -24.16 -43.93 29.75
C PHE BA 21 -25.21 -43.57 28.70
N GLY BA 22 -24.78 -42.89 27.65
CA GLY BA 22 -25.70 -42.50 26.61
C GLY BA 22 -25.84 -43.55 25.52
N PHE BA 23 -24.71 -44.17 25.16
CA PHE BA 23 -24.66 -45.18 24.10
C PHE BA 23 -25.41 -46.45 24.41
N LEU BA 24 -25.51 -46.78 25.69
CA LEU BA 24 -26.17 -48.01 26.11
C LEU BA 24 -27.69 -48.10 25.88
N SER BA 25 -28.48 -47.59 26.83
CA SER BA 25 -29.94 -47.64 26.72
C SER BA 25 -30.49 -46.98 25.45
N GLY BA 26 -31.19 -47.77 24.64
CA GLY BA 26 -31.77 -47.29 23.40
C GLY BA 26 -30.79 -47.03 22.26
N ASP BA 27 -30.19 -48.11 21.73
CA ASP BA 27 -29.23 -48.01 20.62
C ASP BA 27 -29.36 -49.08 19.52
N PRO BA 28 -29.38 -50.37 19.89
CA PRO BA 28 -29.51 -51.39 18.84
C PRO BA 28 -30.79 -51.24 18.00
N ALA BA 29 -31.67 -50.35 18.46
CA ALA BA 29 -32.94 -50.09 17.76
C ALA BA 29 -32.88 -48.72 17.10
N ARG BA 30 -31.85 -47.95 17.43
CA ARG BA 30 -31.69 -46.61 16.86
C ARG BA 30 -31.42 -46.61 15.34
N ASN BA 31 -32.49 -46.84 14.58
CA ASN BA 31 -32.44 -46.86 13.13
C ASN BA 31 -33.87 -46.68 12.58
N PRO BA 32 -34.09 -46.91 11.27
CA PRO BA 32 -35.45 -46.75 10.71
C PRO BA 32 -36.44 -47.88 11.10
N LYS BA 33 -35.99 -49.13 10.96
CA LYS BA 33 -36.77 -50.31 11.29
C LYS BA 33 -35.77 -51.48 11.33
N ARG BA 34 -36.12 -52.56 12.04
CA ARG BA 34 -35.25 -53.73 12.17
C ARG BA 34 -35.80 -54.99 11.47
N LYS BA 35 -35.42 -55.21 10.20
CA LYS BA 35 -35.90 -56.38 9.43
C LYS BA 35 -34.78 -57.41 9.10
N ARG CA 7 -8.51 -78.42 -25.79
CA ARG CA 7 -9.55 -78.66 -24.76
C ARG CA 7 -8.97 -78.58 -23.35
N ILE CA 8 -7.67 -78.30 -23.27
CA ILE CA 8 -6.95 -78.19 -22.00
C ILE CA 8 -7.82 -77.43 -20.97
N PRO CA 9 -7.95 -77.96 -19.74
CA PRO CA 9 -8.75 -77.31 -18.69
C PRO CA 9 -8.42 -75.85 -18.36
N LEU CA 10 -9.41 -74.97 -18.54
CA LEU CA 10 -9.30 -73.52 -18.31
C LEU CA 10 -8.56 -73.17 -17.01
N TRP CA 11 -8.76 -73.95 -15.94
CA TRP CA 11 -8.09 -73.67 -14.69
C TRP CA 11 -6.61 -74.06 -14.81
N ILE CA 12 -6.33 -75.19 -15.47
CA ILE CA 12 -4.95 -75.65 -15.62
C ILE CA 12 -4.11 -74.70 -16.47
N VAL CA 13 -4.76 -74.01 -17.40
CA VAL CA 13 -4.02 -73.07 -18.23
C VAL CA 13 -3.54 -71.98 -17.31
N ALA CA 14 -4.34 -71.75 -16.27
CA ALA CA 14 -4.12 -70.70 -15.26
C ALA CA 14 -3.15 -71.02 -14.13
N THR CA 15 -3.21 -72.24 -13.61
CA THR CA 15 -2.32 -72.59 -12.54
C THR CA 15 -0.93 -72.78 -13.09
N VAL CA 16 -0.81 -73.36 -14.28
CA VAL CA 16 0.51 -73.55 -14.89
C VAL CA 16 1.18 -72.22 -15.22
N ALA CA 17 0.38 -71.27 -15.72
CA ALA CA 17 0.89 -69.93 -16.08
C ALA CA 17 1.20 -69.13 -14.82
N GLY CA 18 0.39 -69.31 -13.78
CA GLY CA 18 0.58 -68.61 -12.51
C GLY CA 18 1.83 -69.06 -11.77
N MET CA 19 2.62 -69.91 -12.42
CA MET CA 19 3.85 -70.44 -11.87
C MET CA 19 5.01 -69.98 -12.77
N GLY CA 20 4.67 -69.42 -13.93
CA GLY CA 20 5.66 -68.91 -14.88
C GLY CA 20 6.19 -67.55 -14.47
N VAL CA 21 5.44 -66.92 -13.56
CA VAL CA 21 5.81 -65.65 -12.99
C VAL CA 21 6.49 -65.99 -11.68
N ILE CA 22 5.71 -66.57 -10.77
CA ILE CA 22 6.13 -67.00 -9.45
C ILE CA 22 7.49 -67.70 -9.53
N VAL CA 23 7.71 -68.42 -10.62
CA VAL CA 23 8.97 -69.15 -10.80
C VAL CA 23 10.08 -68.36 -11.45
N ILE CA 24 9.76 -67.29 -12.17
CA ILE CA 24 10.82 -66.49 -12.77
C ILE CA 24 11.14 -65.34 -11.81
N VAL CA 25 10.16 -64.92 -11.01
CA VAL CA 25 10.38 -63.86 -10.02
C VAL CA 25 11.28 -64.46 -8.94
N GLY CA 26 11.27 -65.79 -8.89
CA GLY CA 26 12.10 -66.51 -7.96
C GLY CA 26 13.53 -66.41 -8.49
N LEU CA 27 13.75 -66.78 -9.75
CA LEU CA 27 15.09 -66.68 -10.33
C LEU CA 27 15.50 -65.22 -10.32
N PHE CA 28 14.50 -64.35 -10.37
CA PHE CA 28 14.73 -62.92 -10.35
C PHE CA 28 15.17 -62.45 -8.98
N PHE CA 29 14.42 -62.83 -7.94
CA PHE CA 29 14.82 -62.44 -6.60
C PHE CA 29 16.10 -63.12 -6.16
N TYR CA 30 16.47 -64.19 -6.84
CA TYR CA 30 17.71 -64.87 -6.51
C TYR CA 30 18.83 -64.04 -7.10
N GLY CA 31 18.78 -63.83 -8.42
CA GLY CA 31 19.82 -63.08 -9.11
C GLY CA 31 20.37 -61.82 -8.46
N ALA CA 32 19.72 -61.36 -7.39
CA ALA CA 32 20.14 -60.17 -6.68
C ALA CA 32 21.04 -60.46 -5.48
N TYR CA 33 20.99 -61.69 -5.01
CA TYR CA 33 21.78 -62.09 -3.87
C TYR CA 33 23.13 -62.71 -4.26
N ALA CA 34 23.47 -62.67 -5.55
CA ALA CA 34 24.73 -63.24 -6.00
C ALA CA 34 25.11 -62.74 -7.37
N GLY CA 35 24.11 -62.23 -8.09
CA GLY CA 35 24.34 -61.73 -9.43
C GLY CA 35 25.48 -60.75 -9.60
N LEU CA 36 25.37 -59.96 -10.67
CA LEU CA 36 26.36 -58.95 -10.96
C LEU CA 36 25.86 -57.83 -10.08
N GLY CA 37 24.54 -57.78 -9.90
CA GLY CA 37 23.92 -56.75 -9.08
C GLY CA 37 23.89 -57.08 -7.59
N SER CA 38 25.01 -57.62 -7.10
CA SER CA 38 25.15 -57.99 -5.69
C SER CA 38 26.01 -56.98 -4.94
N SER CA 39 25.84 -56.93 -3.63
CA SER CA 39 26.63 -56.02 -2.79
C SER CA 39 28.03 -56.61 -2.63
N LEU CA 40 28.21 -57.79 -3.22
CA LEU CA 40 29.47 -58.53 -3.18
C LEU CA 40 30.11 -58.65 -4.57
N LYS DA 1 23.41 -76.99 11.47
CA LYS DA 1 23.24 -76.86 12.94
C LYS DA 1 22.07 -77.73 13.40
N LEU DA 2 21.51 -78.48 12.45
CA LEU DA 2 20.39 -79.39 12.75
C LEU DA 2 21.02 -80.68 13.26
N PRO DA 3 20.57 -81.18 14.43
CA PRO DA 3 21.13 -82.42 15.01
C PRO DA 3 21.68 -83.51 14.04
N GLU DA 4 22.99 -83.49 13.83
CA GLU DA 4 23.80 -84.40 12.98
C GLU DA 4 23.12 -85.45 12.08
N ALA DA 5 22.72 -86.59 12.64
CA ALA DA 5 22.10 -87.63 11.83
C ALA DA 5 20.97 -87.05 11.01
N TYR DA 6 20.49 -85.87 11.41
CA TYR DA 6 19.40 -85.19 10.68
C TYR DA 6 20.03 -84.34 9.57
N ALA DA 7 21.36 -84.28 9.56
CA ALA DA 7 22.17 -83.52 8.60
C ALA DA 7 21.72 -83.72 7.16
N ILE DA 8 21.09 -84.86 6.93
CA ILE DA 8 20.55 -85.23 5.64
C ILE DA 8 19.27 -84.43 5.38
N PHE DA 9 18.59 -84.04 6.48
CA PHE DA 9 17.31 -83.32 6.42
C PHE DA 9 17.20 -81.80 6.33
N ASP DA 10 18.26 -81.05 6.61
CA ASP DA 10 18.09 -79.62 6.47
C ASP DA 10 17.84 -79.28 4.98
N PRO DA 11 18.39 -80.08 4.02
CA PRO DA 11 18.11 -79.70 2.64
C PRO DA 11 16.61 -79.48 2.43
N LEU DA 12 15.80 -80.26 3.13
CA LEU DA 12 14.36 -80.16 3.02
C LEU DA 12 13.78 -79.16 4.00
N VAL DA 13 13.96 -79.43 5.30
CA VAL DA 13 13.45 -78.55 6.36
C VAL DA 13 13.67 -77.09 5.93
N ASP DA 14 14.66 -76.89 5.08
CA ASP DA 14 14.99 -75.57 4.60
C ASP DA 14 13.86 -74.90 3.81
N VAL DA 15 12.91 -75.66 3.24
CA VAL DA 15 11.82 -75.01 2.51
C VAL DA 15 10.50 -75.24 3.23
N LEU DA 16 10.61 -75.89 4.39
CA LEU DA 16 9.48 -76.26 5.22
C LEU DA 16 8.50 -75.14 5.59
N PRO DA 17 8.96 -74.15 6.34
CA PRO DA 17 8.05 -73.06 6.73
C PRO DA 17 7.29 -72.37 5.61
N VAL DA 18 7.99 -72.07 4.51
CA VAL DA 18 7.41 -71.37 3.34
C VAL DA 18 6.31 -72.20 2.69
N ILE DA 19 5.88 -73.23 3.43
CA ILE DA 19 4.86 -74.16 2.96
C ILE DA 19 3.41 -73.68 2.88
N PRO DA 20 3.01 -72.97 3.94
CA PRO DA 20 1.64 -72.47 4.16
C PRO DA 20 1.24 -71.31 3.24
N VAL DA 21 2.20 -70.76 2.49
CA VAL DA 21 1.86 -69.91 1.36
C VAL DA 21 1.11 -70.82 0.37
N LEU DA 22 1.59 -72.05 0.32
CA LEU DA 22 1.09 -73.06 -0.60
C LEU DA 22 -0.38 -73.38 -0.34
N PHE DA 23 -0.78 -73.46 0.93
CA PHE DA 23 -2.17 -73.72 1.26
C PHE DA 23 -3.08 -72.60 0.75
N PHE DA 24 -2.61 -71.36 0.89
CA PHE DA 24 -3.36 -70.21 0.41
C PHE DA 24 -3.50 -70.31 -1.11
N ALA DA 25 -2.41 -70.72 -1.76
CA ALA DA 25 -2.42 -70.86 -3.21
C ALA DA 25 -3.43 -71.92 -3.62
N LEU DA 26 -3.47 -72.99 -2.84
CA LEU DA 26 -4.35 -74.13 -3.03
C LEU DA 26 -5.82 -73.74 -2.92
N ALA DA 27 -6.15 -72.87 -1.97
CA ALA DA 27 -7.55 -72.51 -1.80
C ALA DA 27 -8.05 -71.85 -3.09
N PHE DA 28 -7.16 -71.06 -3.68
CA PHE DA 28 -7.37 -70.34 -4.93
C PHE DA 28 -7.39 -71.29 -6.13
N VAL DA 29 -6.35 -72.10 -6.26
CA VAL DA 29 -6.25 -73.07 -7.35
C VAL DA 29 -7.66 -73.65 -7.54
N VAL DA 30 -8.19 -74.22 -6.45
CA VAL DA 30 -9.51 -74.83 -6.40
C VAL DA 30 -10.64 -74.01 -6.96
N GLN DA 31 -10.75 -72.79 -6.49
CA GLN DA 31 -11.80 -71.94 -6.96
C GLN DA 31 -11.78 -71.71 -8.47
N ALA DA 32 -10.72 -72.15 -9.15
CA ALA DA 32 -10.60 -72.02 -10.62
C ALA DA 32 -11.22 -73.22 -11.29
N ALA DA 33 -11.15 -74.36 -10.59
CA ALA DA 33 -11.69 -75.64 -11.03
C ALA DA 33 -13.21 -75.68 -10.79
N VAL DA 34 -13.68 -74.85 -9.87
CA VAL DA 34 -15.10 -74.76 -9.56
C VAL DA 34 -15.61 -73.47 -10.18
N GLY DA 35 -14.75 -72.82 -10.96
CA GLY DA 35 -15.09 -71.57 -11.64
C GLY DA 35 -15.75 -70.45 -10.82
N PHE DA 36 -15.78 -70.60 -9.49
CA PHE DA 36 -16.37 -69.60 -8.56
C PHE DA 36 -17.91 -69.56 -8.53
N MET EA 1 -32.68 1.30 -35.36
CA MET EA 1 -32.18 0.81 -34.05
C MET EA 1 -33.26 0.06 -33.29
N GLU EA 2 -33.43 -1.22 -33.62
CA GLU EA 2 -34.41 -2.05 -32.95
C GLU EA 2 -33.65 -2.83 -31.87
N PRO EA 3 -34.28 -3.05 -30.69
CA PRO EA 3 -33.58 -3.79 -29.63
C PRO EA 3 -32.84 -5.04 -30.11
N ASN EA 4 -32.02 -5.63 -29.26
CA ASN EA 4 -31.25 -6.81 -29.64
C ASN EA 4 -31.73 -8.10 -28.98
N PRO EA 5 -31.82 -9.20 -29.76
CA PRO EA 5 -32.26 -10.49 -29.23
C PRO EA 5 -31.10 -11.30 -28.63
N ASN EA 6 -29.92 -11.14 -29.22
CA ASN EA 6 -28.73 -11.85 -28.78
C ASN EA 6 -28.38 -11.44 -27.36
N ARG EA 7 -29.37 -10.92 -26.64
CA ARG EA 7 -29.19 -10.47 -25.27
C ARG EA 7 -29.86 -11.33 -24.20
N GLN EA 8 -29.46 -12.60 -24.08
CA GLN EA 8 -30.06 -13.46 -23.05
C GLN EA 8 -29.78 -12.88 -21.67
N PRO EA 9 -30.43 -13.43 -20.63
CA PRO EA 9 -30.24 -12.96 -19.25
C PRO EA 9 -28.93 -13.48 -18.70
N VAL EA 10 -28.31 -12.69 -17.83
CA VAL EA 10 -27.02 -13.07 -17.27
C VAL EA 10 -27.22 -14.03 -16.08
N GLU EA 11 -26.59 -15.20 -16.21
CA GLU EA 11 -26.67 -16.33 -15.27
C GLU EA 11 -25.68 -16.46 -14.07
N LEU EA 12 -26.19 -16.63 -12.84
CA LEU EA 12 -25.32 -16.83 -11.65
C LEU EA 12 -26.14 -17.22 -10.41
N ASN EA 13 -25.85 -18.38 -9.82
CA ASN EA 13 -26.60 -18.86 -8.64
C ASN EA 13 -25.97 -18.63 -7.26
N ARG EA 14 -26.85 -18.51 -6.25
CA ARG EA 14 -26.50 -18.25 -4.85
C ARG EA 14 -25.47 -19.17 -4.18
N THR EA 15 -25.16 -20.26 -4.88
CA THR EA 15 -24.21 -21.24 -4.38
C THR EA 15 -23.02 -21.34 -5.30
N SER EA 16 -23.22 -21.01 -6.57
CA SER EA 16 -22.13 -20.99 -7.52
C SER EA 16 -21.15 -19.92 -7.07
N LEU EA 17 -21.69 -18.80 -6.61
CA LEU EA 17 -20.87 -17.71 -6.10
C LEU EA 17 -20.09 -18.15 -4.88
N TYR EA 18 -20.74 -18.93 -4.01
CA TYR EA 18 -20.09 -19.45 -2.83
C TYR EA 18 -18.93 -20.38 -3.19
N LEU EA 19 -19.14 -21.24 -4.19
CA LEU EA 19 -18.08 -22.13 -4.63
C LEU EA 19 -16.94 -21.29 -5.17
N GLY EA 20 -17.31 -20.26 -5.91
CA GLY EA 20 -16.39 -19.27 -6.40
C GLY EA 20 -15.73 -18.46 -5.30
N LEU EA 21 -16.51 -18.10 -4.28
CA LEU EA 21 -15.98 -17.22 -3.27
C LEU EA 21 -14.97 -18.00 -2.53
N LEU EA 22 -15.30 -19.23 -2.21
CA LEU EA 22 -14.35 -20.00 -1.44
C LEU EA 22 -13.07 -19.98 -2.26
N LEU EA 23 -13.09 -20.65 -3.41
CA LEU EA 23 -11.93 -20.69 -4.32
C LEU EA 23 -11.15 -19.39 -4.48
N ILE EA 24 -11.86 -18.26 -4.41
CA ILE EA 24 -11.25 -16.94 -4.58
C ILE EA 24 -10.51 -16.37 -3.36
N LEU EA 25 -11.17 -16.43 -2.20
CA LEU EA 25 -10.62 -15.91 -0.94
C LEU EA 25 -9.42 -16.75 -0.51
N VAL EA 26 -9.58 -18.07 -0.52
CA VAL EA 26 -8.51 -18.98 -0.12
C VAL EA 26 -7.36 -18.89 -1.14
N LEU EA 27 -7.71 -18.81 -2.43
CA LEU EA 27 -6.71 -18.70 -3.47
C LEU EA 27 -5.74 -17.65 -3.01
N ALA EA 28 -6.34 -16.58 -2.49
CA ALA EA 28 -5.61 -15.44 -1.96
C ALA EA 28 -4.72 -15.81 -0.75
N LEU EA 29 -5.29 -16.43 0.28
CA LEU EA 29 -4.50 -16.83 1.44
C LEU EA 29 -3.18 -17.39 0.90
N LEU EA 30 -3.24 -18.47 0.14
CA LEU EA 30 -2.05 -19.09 -0.44
C LEU EA 30 -1.20 -18.01 -1.09
N PHE EA 31 -1.58 -17.68 -2.31
CA PHE EA 31 -0.92 -16.69 -3.13
C PHE EA 31 -0.65 -15.31 -2.52
N SER EA 32 -1.09 -15.06 -1.29
CA SER EA 32 -0.89 -13.74 -0.70
C SER EA 32 0.47 -13.52 -0.08
N SER EA 33 0.95 -14.48 0.69
CA SER EA 33 2.25 -14.36 1.32
C SER EA 33 3.31 -14.13 0.25
N TYR EA 34 3.15 -14.85 -0.86
CA TYR EA 34 4.06 -14.77 -1.99
C TYR EA 34 4.02 -13.41 -2.67
N PHE EA 35 3.20 -12.51 -2.13
CA PHE EA 35 3.07 -11.14 -2.61
C PHE EA 35 3.86 -10.30 -1.61
N PHE EA 36 3.56 -10.50 -0.32
CA PHE EA 36 4.26 -9.77 0.73
C PHE EA 36 5.74 -10.07 0.68
N ASN EA 37 6.08 -11.26 0.15
CA ASN EA 37 7.48 -11.66 0.02
C ASN EA 37 8.17 -11.56 1.38
N MET FA 1 8.52 -6.96 9.79
CA MET FA 1 9.68 -7.26 8.91
C MET FA 1 9.81 -6.29 7.75
N GLU FA 2 10.34 -6.81 6.64
CA GLU FA 2 10.60 -6.03 5.43
C GLU FA 2 9.85 -6.50 4.20
N VAL FA 3 8.52 -6.37 4.32
CA VAL FA 3 7.55 -6.69 3.29
C VAL FA 3 7.43 -5.61 2.21
N ASN FA 4 6.80 -6.00 1.11
CA ASN FA 4 6.68 -5.20 -0.09
C ASN FA 4 5.51 -4.28 0.22
N GLN FA 5 5.79 -3.02 0.57
CA GLN FA 5 4.78 -2.02 0.91
C GLN FA 5 3.43 -2.16 0.19
N LEU FA 6 3.47 -2.79 -0.98
CA LEU FA 6 2.28 -3.00 -1.78
C LEU FA 6 1.79 -4.46 -1.86
N GLY FA 7 2.48 -5.36 -1.19
CA GLY FA 7 2.09 -6.74 -1.31
C GLY FA 7 0.69 -6.75 -0.78
N PHE FA 8 0.49 -6.00 0.29
CA PHE FA 8 -0.82 -5.90 0.90
C PHE FA 8 -1.80 -5.29 -0.07
N ILE FA 9 -1.39 -4.26 -0.80
CA ILE FA 9 -2.33 -3.64 -1.71
C ILE FA 9 -2.76 -4.63 -2.77
N ALA FA 10 -1.84 -5.42 -3.29
CA ALA FA 10 -2.19 -6.45 -4.24
C ALA FA 10 -3.10 -7.54 -3.69
N THR FA 11 -2.85 -7.98 -2.47
CA THR FA 11 -3.69 -9.04 -1.90
C THR FA 11 -5.12 -8.57 -1.66
N ALA FA 12 -5.22 -7.38 -1.12
CA ALA FA 12 -6.47 -6.68 -0.80
C ALA FA 12 -7.32 -6.54 -2.07
N LEU FA 13 -6.71 -6.02 -3.14
CA LEU FA 13 -7.42 -5.86 -4.40
C LEU FA 13 -7.80 -7.21 -4.98
N PHE FA 14 -6.79 -8.01 -5.30
CA PHE FA 14 -6.97 -9.37 -5.83
C PHE FA 14 -8.02 -10.18 -5.05
N VAL FA 15 -8.48 -9.65 -3.93
CA VAL FA 15 -9.45 -10.37 -3.14
C VAL FA 15 -10.77 -9.63 -3.17
N LEU FA 16 -10.80 -8.52 -3.89
CA LEU FA 16 -12.01 -7.71 -4.04
C LEU FA 16 -12.46 -7.71 -5.51
N VAL FA 17 -11.57 -7.29 -6.41
CA VAL FA 17 -11.90 -7.28 -7.82
C VAL FA 17 -12.57 -8.61 -8.21
N PRO FA 18 -11.84 -9.72 -8.11
CA PRO FA 18 -12.43 -11.00 -8.48
C PRO FA 18 -13.63 -11.37 -7.63
N SER FA 19 -13.51 -11.13 -6.34
CA SER FA 19 -14.58 -11.46 -5.41
C SER FA 19 -15.83 -10.65 -5.68
N VAL FA 20 -15.69 -9.33 -5.71
CA VAL FA 20 -16.83 -8.46 -5.97
C VAL FA 20 -17.53 -8.92 -7.23
N PHE FA 21 -16.75 -9.31 -8.22
CA PHE FA 21 -17.31 -9.77 -9.48
C PHE FA 21 -18.53 -10.65 -9.25
N LEU FA 22 -18.46 -11.48 -8.22
CA LEU FA 22 -19.55 -12.41 -7.91
C LEU FA 22 -20.65 -11.76 -7.06
N ILE FA 23 -20.27 -10.88 -6.15
CA ILE FA 23 -21.23 -10.17 -5.32
C ILE FA 23 -21.92 -9.15 -6.25
N ILE FA 24 -21.67 -9.27 -7.55
CA ILE FA 24 -22.29 -8.39 -8.55
C ILE FA 24 -23.25 -9.23 -9.38
N LEU FA 25 -22.71 -10.26 -10.04
CA LEU FA 25 -23.55 -11.11 -10.86
C LEU FA 25 -24.54 -11.87 -9.99
N TYR FA 26 -24.19 -12.15 -8.73
CA TYR FA 26 -25.15 -12.86 -7.91
C TYR FA 26 -26.36 -12.02 -7.65
N VAL FA 27 -26.17 -10.91 -6.95
CA VAL FA 27 -27.25 -10.01 -6.59
C VAL FA 27 -28.23 -9.70 -7.71
N GLN FA 28 -27.71 -9.41 -8.90
CA GLN FA 28 -28.59 -9.12 -10.01
C GLN FA 28 -29.48 -10.33 -10.28
N THR FA 29 -29.07 -11.51 -9.81
CA THR FA 29 -29.84 -12.73 -10.01
C THR FA 29 -31.08 -12.80 -9.11
N GLU FA 30 -30.93 -12.63 -7.79
CA GLU FA 30 -32.07 -12.69 -6.87
C GLU FA 30 -33.12 -11.65 -7.19
N SER FA 31 -32.71 -10.64 -7.95
CA SER FA 31 -33.59 -9.57 -8.36
C SER FA 31 -34.31 -9.96 -9.64
N GLN FA 32 -34.00 -11.17 -10.14
CA GLN FA 32 -34.68 -11.67 -11.31
C GLN FA 32 -36.14 -11.74 -10.89
N GLN FA 33 -36.35 -11.65 -9.58
CA GLN FA 33 -37.69 -11.67 -8.99
C GLN FA 33 -37.81 -10.57 -7.95
N LYS FA 34 -37.92 -9.35 -8.45
CA LYS FA 34 -38.05 -8.12 -7.65
C LYS FA 34 -37.76 -8.34 -6.17
N SER FA 35 -36.51 -8.64 -5.86
CA SER FA 35 -36.07 -8.86 -4.49
C SER FA 35 -34.74 -8.16 -4.30
N SER FA 36 -34.30 -8.04 -3.05
CA SER FA 36 -33.05 -7.37 -2.75
C SER FA 36 -31.87 -7.92 -3.55
N THR GA 1 19.11 -43.97 51.99
CA THR GA 1 17.81 -44.60 52.34
C THR GA 1 16.73 -44.42 51.26
N LEU GA 2 17.00 -43.59 50.26
CA LEU GA 2 16.05 -43.35 49.17
C LEU GA 2 16.72 -43.71 47.85
N THR GA 3 15.95 -44.23 46.89
CA THR GA 3 16.52 -44.67 45.60
C THR GA 3 16.10 -43.89 44.36
N TYR GA 4 16.97 -43.93 43.35
CA TYR GA 4 16.75 -43.26 42.08
C TYR GA 4 15.27 -43.27 41.74
N ASP GA 5 14.62 -44.39 42.03
CA ASP GA 5 13.20 -44.51 41.77
C ASP GA 5 12.42 -43.55 42.64
N ASP GA 6 12.58 -43.67 43.95
CA ASP GA 6 11.90 -42.79 44.89
C ASP GA 6 11.77 -41.34 44.38
N ILE GA 7 12.85 -40.83 43.77
CA ILE GA 7 12.90 -39.45 43.27
C ILE GA 7 12.60 -39.28 41.78
N VAL GA 8 12.77 -40.35 41.02
CA VAL GA 8 12.54 -40.26 39.59
C VAL GA 8 11.23 -39.54 39.29
N GLY GA 9 11.30 -38.53 38.43
CA GLY GA 9 10.10 -37.80 38.08
C GLY GA 9 9.47 -36.99 39.20
N THR GA 10 9.98 -37.12 40.42
CA THR GA 10 9.43 -36.38 41.56
C THR GA 10 9.49 -34.85 41.41
N GLY GA 11 10.71 -34.32 41.38
CA GLY GA 11 10.89 -32.89 41.27
C GLY GA 11 11.63 -32.40 42.51
N LEU GA 12 12.67 -33.14 42.87
CA LEU GA 12 13.48 -32.84 44.03
C LEU GA 12 14.92 -33.27 43.73
N ALA GA 13 15.06 -34.14 42.73
CA ALA GA 13 16.37 -34.61 42.31
C ALA GA 13 17.22 -33.41 41.92
N ASN GA 14 16.58 -32.25 41.81
CA ASN GA 14 17.23 -31.01 41.45
C ASN GA 14 17.32 -30.05 42.64
N LYS GA 15 17.03 -30.56 43.84
CA LYS GA 15 17.09 -29.75 45.08
C LYS GA 15 18.20 -30.28 46.01
N CYS GA 16 19.15 -29.42 46.39
CA CYS GA 16 20.25 -29.81 47.27
C CYS GA 16 19.72 -30.30 48.60
N PRO GA 17 20.54 -31.08 49.32
CA PRO GA 17 20.13 -31.60 50.63
C PRO GA 17 19.78 -30.54 51.68
N THR GA 18 18.82 -30.88 52.53
CA THR GA 18 18.38 -30.01 53.61
C THR GA 18 19.14 -30.47 54.83
N LEU GA 19 20.12 -29.68 55.28
CA LEU GA 19 20.89 -30.02 56.47
C LEU GA 19 19.93 -29.93 57.67
N ASP GA 20 19.38 -31.07 58.08
CA ASP GA 20 18.41 -31.18 59.18
C ASP GA 20 18.27 -29.93 60.05
N ASP GA 21 17.06 -29.39 60.16
CA ASP GA 21 16.84 -28.20 60.99
C ASP GA 21 17.42 -28.48 62.38
N THR GA 22 17.85 -27.42 63.08
CA THR GA 22 18.43 -27.51 64.44
C THR GA 22 19.78 -28.23 64.58
N ALA GA 23 20.85 -27.53 64.23
CA ALA GA 23 22.21 -28.06 64.31
C ALA GA 23 23.14 -26.96 63.85
N ARG GA 24 23.44 -26.05 64.76
CA ARG GA 24 24.30 -24.92 64.45
C ARG GA 24 25.75 -25.05 64.93
N GLY GA 25 26.09 -26.11 65.66
CA GLY GA 25 27.47 -26.30 66.13
C GLY GA 25 28.35 -26.39 64.88
N ALA GA 26 29.56 -25.85 64.95
CA ALA GA 26 30.46 -25.84 63.80
C ALA GA 26 31.38 -27.06 63.68
N TYR GA 27 32.06 -27.13 62.55
CA TYR GA 27 33.00 -28.19 62.25
C TYR GA 27 34.38 -27.59 62.46
N PRO GA 28 35.25 -28.23 63.27
CA PRO GA 28 36.60 -27.72 63.52
C PRO GA 28 37.64 -28.17 62.48
N ILE GA 29 38.58 -27.27 62.16
CA ILE GA 29 39.65 -27.54 61.20
C ILE GA 29 40.98 -27.78 61.93
N ASP GA 30 41.98 -28.28 61.21
CA ASP GA 30 43.26 -28.56 61.82
C ASP GA 30 44.42 -27.67 61.40
N SER GA 31 44.87 -27.92 60.17
CA SER GA 31 46.02 -27.25 59.53
C SER GA 31 47.10 -28.29 59.75
N SER GA 32 46.70 -29.33 60.47
CA SER GA 32 47.54 -30.48 60.80
C SER GA 32 47.03 -31.54 59.84
N GLN GA 33 45.77 -31.36 59.43
CA GLN GA 33 45.10 -32.25 58.53
C GLN GA 33 44.53 -31.40 57.39
N THR GA 34 44.52 -31.96 56.18
CA THR GA 34 44.00 -31.24 55.02
C THR GA 34 42.58 -31.72 54.71
N TYR GA 35 41.70 -30.78 54.38
CA TYR GA 35 40.31 -31.10 54.10
C TYR GA 35 39.87 -30.91 52.64
N ARG GA 36 38.68 -31.40 52.34
CA ARG GA 36 38.12 -31.36 51.00
C ARG GA 36 36.60 -31.43 51.21
N ILE GA 37 35.80 -31.01 50.24
CA ILE GA 37 34.34 -31.09 50.40
C ILE GA 37 33.63 -31.91 49.30
N ALA GA 38 33.36 -33.18 49.66
CA ALA GA 38 32.72 -34.18 48.79
C ALA GA 38 31.84 -33.61 47.71
N ARG GA 39 30.87 -32.80 48.12
CA ARG GA 39 29.95 -32.21 47.16
C ARG GA 39 29.53 -30.80 47.51
N LEU GA 40 29.66 -29.89 46.54
CA LEU GA 40 29.24 -28.51 46.71
C LEU GA 40 27.95 -28.41 45.95
N CYS GA 41 26.99 -27.66 46.49
CA CYS GA 41 25.71 -27.58 45.81
C CYS GA 41 25.04 -26.21 45.85
N LEU GA 42 24.53 -25.75 44.71
CA LEU GA 42 23.84 -24.47 44.66
C LEU GA 42 22.49 -24.54 43.96
N GLN GA 43 21.44 -24.68 44.75
CA GLN GA 43 20.10 -24.72 44.20
C GLN GA 43 19.58 -23.30 44.29
N PRO GA 44 18.94 -22.82 43.23
CA PRO GA 44 18.44 -21.44 43.31
C PRO GA 44 16.96 -21.28 43.69
N THR GA 45 16.61 -20.04 44.04
CA THR GA 45 15.24 -19.68 44.42
C THR GA 45 14.60 -18.78 43.40
N THR GA 46 15.28 -17.67 43.08
CA THR GA 46 14.77 -16.71 42.11
C THR GA 46 15.92 -15.97 41.37
N PHE GA 47 15.69 -15.68 40.09
CA PHE GA 47 16.67 -14.99 39.26
C PHE GA 47 16.30 -13.51 39.13
N LEU GA 48 17.28 -12.63 38.95
CA LEU GA 48 17.01 -11.20 38.78
C LEU GA 48 17.85 -10.54 37.69
N VAL GA 49 17.19 -9.90 36.75
CA VAL GA 49 17.85 -9.24 35.63
C VAL GA 49 17.89 -7.72 35.86
N LYS GA 50 19.03 -7.09 35.60
CA LYS GA 50 19.10 -5.67 35.78
C LYS GA 50 18.42 -5.05 34.59
N GLU GA 51 17.42 -4.21 34.85
CA GLU GA 51 16.71 -3.55 33.77
C GLU GA 51 17.68 -2.57 33.13
N GLU GA 52 17.63 -2.44 31.80
CA GLU GA 52 18.51 -1.50 31.10
C GLU GA 52 17.70 -0.24 30.80
N PRO GA 53 17.47 0.63 31.82
CA PRO GA 53 16.70 1.86 31.57
C PRO GA 53 17.27 2.82 30.53
N LYS GA 54 16.38 3.36 29.71
CA LYS GA 54 16.76 4.30 28.66
C LYS GA 54 17.45 5.49 29.32
N ASN GA 55 16.85 5.99 30.40
CA ASN GA 55 17.41 7.13 31.16
C ASN GA 55 18.68 6.70 31.88
N LYS GA 56 19.52 7.68 32.19
CA LYS GA 56 20.78 7.41 32.85
C LYS GA 56 20.86 7.60 34.37
N ARG GA 57 20.74 8.85 34.83
CA ARG GA 57 20.87 9.15 36.25
C ARG GA 57 19.79 8.65 37.21
N GLN GA 58 19.05 7.61 36.83
CA GLN GA 58 18.01 7.03 37.70
C GLN GA 58 18.28 5.52 37.91
N GLU GA 59 19.40 5.22 38.58
CA GLU GA 59 19.91 3.87 38.89
C GLU GA 59 19.20 2.62 38.35
N ALA GA 60 20.01 1.70 37.83
CA ALA GA 60 19.50 0.45 37.29
C ALA GA 60 18.79 -0.31 38.39
N GLU GA 61 17.71 -1.00 38.01
CA GLU GA 61 16.89 -1.76 38.96
C GLU GA 61 16.97 -3.29 38.67
N PHE GA 62 16.74 -4.11 39.70
CA PHE GA 62 16.78 -5.59 39.60
C PHE GA 62 15.41 -6.27 39.70
N VAL GA 63 14.74 -6.46 38.56
CA VAL GA 63 13.42 -7.10 38.48
C VAL GA 63 13.47 -8.63 38.54
N PRO GA 64 12.39 -9.25 38.98
CA PRO GA 64 12.36 -10.72 39.06
C PRO GA 64 11.83 -11.35 37.78
N THR GA 65 12.44 -12.46 37.37
CA THR GA 65 12.01 -13.14 36.15
C THR GA 65 11.38 -14.47 36.53
N LYS GA 66 10.77 -15.16 35.55
CA LYS GA 66 10.12 -16.46 35.79
C LYS GA 66 10.78 -17.63 35.07
N LEU GA 67 11.19 -18.62 35.88
CA LEU GA 67 11.86 -19.82 35.42
C LEU GA 67 11.10 -20.47 34.29
N VAL GA 68 11.54 -20.26 33.06
CA VAL GA 68 10.85 -20.87 31.92
C VAL GA 68 11.37 -22.26 31.62
N THR GA 69 12.69 -22.43 31.71
CA THR GA 69 13.29 -23.73 31.48
C THR GA 69 12.68 -24.60 32.55
N ARG GA 70 12.07 -25.71 32.16
CA ARG GA 70 11.46 -26.61 33.13
C ARG GA 70 12.58 -26.93 34.12
N GLU GA 71 12.26 -26.91 35.41
CA GLU GA 71 13.21 -27.19 36.47
C GLU GA 71 14.37 -28.09 36.07
N THR GA 72 15.56 -27.49 35.97
CA THR GA 72 16.82 -28.14 35.60
C THR GA 72 17.91 -27.15 35.96
N THR GA 73 17.64 -26.33 36.96
CA THR GA 73 18.57 -25.28 37.37
C THR GA 73 19.59 -25.53 38.51
N SER GA 74 19.91 -26.78 38.85
CA SER GA 74 20.87 -26.99 39.94
C SER GA 74 22.23 -27.58 39.63
N LEU GA 75 23.19 -27.21 40.48
CA LEU GA 75 24.58 -27.64 40.41
C LEU GA 75 24.84 -28.45 41.69
N ASP GA 76 24.92 -29.76 41.52
CA ASP GA 76 25.11 -30.66 42.65
C ASP GA 76 26.20 -31.65 42.22
N GLN GA 77 27.26 -31.73 43.00
CA GLN GA 77 28.40 -32.62 42.76
C GLN GA 77 29.55 -31.89 42.10
N ILE GA 78 30.20 -31.06 42.92
CA ILE GA 78 31.36 -30.25 42.54
C ILE GA 78 32.42 -30.46 43.63
N GLN GA 79 33.66 -30.06 43.39
CA GLN GA 79 34.70 -30.25 44.40
C GLN GA 79 35.98 -29.52 44.00
N GLY GA 80 36.89 -29.39 44.96
CA GLY GA 80 38.16 -28.73 44.70
C GLY GA 80 38.87 -28.23 45.94
N GLU GA 81 39.71 -29.09 46.50
CA GLU GA 81 40.50 -28.82 47.72
C GLU GA 81 40.12 -27.63 48.60
N LEU GA 82 39.86 -27.89 49.88
CA LEU GA 82 39.53 -26.80 50.81
C LEU GA 82 40.76 -26.55 51.66
N LYS GA 83 41.69 -25.75 51.15
CA LYS GA 83 42.93 -25.47 51.86
C LYS GA 83 42.83 -24.36 52.90
N VAL GA 84 43.60 -24.52 53.97
CA VAL GA 84 43.67 -23.55 55.06
C VAL GA 84 45.00 -22.83 54.85
N ASN GA 85 44.92 -21.54 54.50
CA ASN GA 85 46.09 -20.72 54.26
C ASN GA 85 46.74 -20.34 55.57
N SER GA 86 47.95 -19.78 55.52
CA SER GA 86 48.60 -19.42 56.76
C SER GA 86 48.00 -18.07 57.11
N ASP GA 87 46.70 -18.16 57.39
CA ASP GA 87 45.87 -17.06 57.85
C ASP GA 87 45.01 -17.69 58.93
N GLY GA 88 43.71 -17.80 58.68
CA GLY GA 88 42.84 -18.52 59.58
C GLY GA 88 41.73 -18.91 58.64
N SER GA 89 41.71 -18.20 57.51
CA SER GA 89 40.71 -18.39 56.47
C SER GA 89 40.90 -19.60 55.56
N LEU GA 90 39.78 -20.10 55.02
CA LEU GA 90 39.75 -21.26 54.14
C LEU GA 90 39.46 -20.89 52.69
N THR GA 91 40.23 -21.45 51.77
CA THR GA 91 40.08 -21.17 50.35
C THR GA 91 39.75 -22.40 49.47
N PHE GA 92 38.46 -22.76 49.46
CA PHE GA 92 37.98 -23.89 48.68
C PHE GA 92 38.25 -23.55 47.21
N VAL GA 93 38.86 -24.47 46.49
CA VAL GA 93 39.12 -24.27 45.07
C VAL GA 93 38.11 -25.15 44.33
N GLU GA 94 38.46 -25.63 43.16
CA GLU GA 94 37.51 -26.46 42.46
C GLU GA 94 38.22 -27.29 41.39
N GLU GA 95 37.54 -28.31 40.89
CA GLU GA 95 38.08 -29.17 39.84
C GLU GA 95 36.94 -29.68 38.93
N ASP GA 96 36.38 -30.84 39.25
CA ASP GA 96 35.30 -31.44 38.49
C ASP GA 96 33.95 -31.02 39.04
N GLY GA 97 32.88 -31.45 38.40
CA GLY GA 97 31.57 -31.10 38.90
C GLY GA 97 30.71 -30.39 37.87
N ILE GA 98 29.41 -30.62 37.97
CA ILE GA 98 28.41 -30.01 37.10
C ILE GA 98 28.17 -28.53 37.52
N ASP GA 99 28.93 -27.66 36.87
CA ASP GA 99 28.93 -26.23 37.10
C ASP GA 99 28.06 -25.41 36.15
N PHE GA 100 27.90 -25.90 34.92
CA PHE GA 100 27.10 -25.24 33.88
C PHE GA 100 25.64 -25.73 33.93
N GLN GA 101 24.72 -24.82 33.62
CA GLN GA 101 23.28 -25.16 33.57
C GLN GA 101 22.53 -24.16 32.72
N PRO GA 102 22.44 -24.41 31.42
CA PRO GA 102 21.72 -23.44 30.60
C PRO GA 102 20.27 -23.39 31.08
N VAL GA 103 19.81 -22.17 31.35
CA VAL GA 103 18.45 -21.93 31.81
C VAL GA 103 18.03 -20.55 31.34
N THR GA 104 16.75 -20.39 31.00
CA THR GA 104 16.22 -19.11 30.51
C THR GA 104 15.12 -18.57 31.43
N VAL GA 105 14.76 -17.30 31.25
CA VAL GA 105 13.72 -16.69 32.07
C VAL GA 105 12.97 -15.71 31.19
N GLN GA 106 11.74 -15.38 31.56
CA GLN GA 106 10.98 -14.45 30.77
C GLN GA 106 10.80 -13.16 31.54
N MET GA 107 11.49 -12.12 31.08
CA MET GA 107 11.45 -10.82 31.71
C MET GA 107 10.01 -10.36 31.84
N ALA GA 108 9.81 -9.27 32.57
CA ALA GA 108 8.48 -8.67 32.81
C ALA GA 108 7.65 -8.44 31.54
N GLY GA 109 8.30 -7.97 30.47
CA GLY GA 109 7.62 -7.73 29.21
C GLY GA 109 7.50 -9.04 28.47
N GLY GA 110 7.93 -9.10 27.23
CA GLY GA 110 7.87 -10.35 26.49
C GLY GA 110 9.26 -10.93 26.36
N GLU GA 111 10.25 -10.10 26.70
CA GLU GA 111 11.69 -10.45 26.60
C GLU GA 111 12.01 -11.84 27.13
N ARG GA 112 12.98 -12.49 26.49
CA ARG GA 112 13.45 -13.82 26.88
C ARG GA 112 14.92 -13.71 27.29
N ILE GA 113 15.22 -13.90 28.57
CA ILE GA 113 16.62 -13.81 28.98
C ILE GA 113 17.16 -15.20 29.29
N PRO GA 114 18.20 -15.62 28.55
CA PRO GA 114 18.85 -16.92 28.73
C PRO GA 114 20.26 -16.72 29.32
N LEU GA 115 20.66 -17.63 30.19
CA LEU GA 115 21.96 -17.55 30.83
C LEU GA 115 22.45 -18.95 31.20
N LEU GA 116 23.75 -19.07 31.48
CA LEU GA 116 24.31 -20.34 31.89
C LEU GA 116 24.82 -20.20 33.31
N PHE GA 117 23.94 -20.50 34.25
CA PHE GA 117 24.19 -20.45 35.69
C PHE GA 117 25.41 -21.29 35.97
N THR GA 118 26.51 -20.63 36.29
CA THR GA 118 27.72 -21.38 36.50
C THR GA 118 28.70 -20.86 37.54
N VAL GA 119 29.49 -21.80 38.08
CA VAL GA 119 30.49 -21.54 39.08
C VAL GA 119 31.87 -22.08 38.66
N LYS GA 120 32.02 -22.34 37.37
CA LYS GA 120 33.28 -22.84 36.82
C LYS GA 120 34.48 -22.01 37.29
N ASN GA 121 35.53 -22.71 37.72
CA ASN GA 121 36.75 -22.09 38.20
C ASN GA 121 36.71 -21.71 39.70
N LEU GA 122 35.52 -21.38 40.19
CA LEU GA 122 35.28 -20.99 41.58
C LEU GA 122 36.44 -20.95 42.58
N VAL GA 123 36.46 -19.89 43.40
CA VAL GA 123 37.50 -19.70 44.42
C VAL GA 123 36.93 -19.14 45.74
N ALA GA 124 36.59 -20.05 46.66
CA ALA GA 124 36.01 -19.69 47.96
C ALA GA 124 37.05 -19.16 48.95
N SER GA 125 36.66 -18.23 49.80
CA SER GA 125 37.58 -17.67 50.78
C SER GA 125 36.84 -17.31 52.06
N THR GA 126 37.00 -18.11 53.11
CA THR GA 126 36.30 -17.84 54.35
C THR GA 126 36.78 -16.59 55.05
N GLN GA 127 36.06 -16.20 56.11
CA GLN GA 127 36.43 -15.03 56.90
C GLN GA 127 37.89 -15.20 57.34
N PRO GA 128 38.71 -14.13 57.15
CA PRO GA 128 40.13 -14.08 57.50
C PRO GA 128 40.63 -15.02 58.58
N ASN GA 129 39.83 -15.24 59.63
CA ASN GA 129 40.28 -16.16 60.66
C ASN GA 129 39.21 -16.93 61.42
N VAL GA 130 39.10 -18.19 61.04
CA VAL GA 130 38.15 -19.12 61.63
C VAL GA 130 38.90 -20.40 62.02
N THR GA 131 38.34 -21.12 62.99
CA THR GA 131 38.93 -22.37 63.47
C THR GA 131 37.93 -23.49 63.23
N SER GA 132 36.66 -23.12 63.21
CA SER GA 132 35.57 -24.06 62.98
C SER GA 132 34.51 -23.31 62.16
N ILE GA 133 33.94 -23.95 61.15
CA ILE GA 133 32.94 -23.29 60.33
C ILE GA 133 31.69 -22.98 61.15
N THR GA 134 31.74 -21.89 61.90
CA THR GA 134 30.63 -21.46 62.74
C THR GA 134 29.55 -20.83 61.86
N THR GA 135 28.29 -21.01 62.25
CA THR GA 135 27.21 -20.44 61.48
C THR GA 135 27.54 -18.99 61.12
N SER GA 136 27.17 -18.60 59.89
CA SER GA 136 27.41 -17.26 59.37
C SER GA 136 28.84 -17.05 58.80
N THR GA 137 29.52 -18.15 58.48
CA THR GA 137 30.85 -18.11 57.87
C THR GA 137 30.60 -17.76 56.39
N ASP GA 138 31.64 -17.41 55.63
CA ASP GA 138 31.40 -17.09 54.22
C ASP GA 138 32.47 -17.57 53.27
N PHE GA 139 32.30 -17.29 51.99
CA PHE GA 139 33.26 -17.73 50.97
C PHE GA 139 33.50 -16.84 49.76
N LYS GA 140 32.56 -15.94 49.51
CA LYS GA 140 32.66 -15.02 48.36
C LYS GA 140 33.96 -15.10 47.53
N GLY GA 141 33.84 -15.60 46.31
CA GLY GA 141 34.99 -15.71 45.44
C GLY GA 141 34.53 -15.55 44.00
N GLU GA 142 35.47 -15.62 43.06
CA GLU GA 142 35.16 -15.49 41.64
C GLU GA 142 34.95 -16.83 40.95
N PHE GA 143 34.75 -16.75 39.65
CA PHE GA 143 34.58 -17.90 38.78
C PHE GA 143 34.39 -17.33 37.37
N ASN GA 144 34.67 -18.15 36.37
CA ASN GA 144 34.56 -17.70 34.99
C ASN GA 144 33.21 -17.98 34.35
N VAL GA 145 32.83 -17.12 33.41
CA VAL GA 145 31.58 -17.27 32.68
C VAL GA 145 31.97 -17.47 31.20
N PRO GA 146 31.89 -18.71 30.70
CA PRO GA 146 32.24 -18.91 29.31
C PRO GA 146 31.22 -18.18 28.44
N SER GA 147 30.75 -18.84 27.40
CA SER GA 147 29.73 -18.24 26.53
C SER GA 147 28.64 -19.30 26.44
N TYR GA 148 27.40 -18.83 26.53
CA TYR GA 148 26.20 -19.67 26.48
C TYR GA 148 26.31 -20.72 25.37
N ARG GA 149 27.28 -20.54 24.49
CA ARG GA 149 27.43 -21.48 23.40
C ARG GA 149 28.90 -21.67 23.00
N THR GA 150 29.30 -22.93 22.81
CA THR GA 150 30.67 -23.24 22.42
C THR GA 150 30.96 -22.62 21.07
N ALA GA 151 32.04 -23.09 20.44
CA ALA GA 151 32.47 -22.61 19.14
C ALA GA 151 31.68 -23.23 17.99
N ASN GA 152 31.10 -24.40 18.22
CA ASN GA 152 30.35 -25.09 17.17
C ASN GA 152 28.88 -24.72 16.98
N PHE GA 153 28.34 -23.89 17.86
CA PHE GA 153 26.95 -23.51 17.74
C PHE GA 153 26.65 -22.73 16.47
N LEU GA 154 25.78 -23.27 15.63
CA LEU GA 154 25.44 -22.64 14.37
C LEU GA 154 24.05 -22.01 14.38
N ASP GA 155 24.01 -20.68 14.23
CA ASP GA 155 22.78 -19.87 14.22
C ASP GA 155 21.85 -20.16 13.03
N PRO GA 156 20.60 -19.65 13.03
CA PRO GA 156 19.66 -19.89 11.93
C PRO GA 156 20.34 -20.05 10.59
N LYS GA 157 20.64 -18.95 9.90
CA LYS GA 157 21.33 -19.06 8.61
C LYS GA 157 22.72 -19.68 8.89
N GLY GA 158 23.37 -20.28 7.89
CA GLY GA 158 24.66 -20.93 8.07
C GLY GA 158 25.66 -20.61 9.19
N ARG GA 159 26.14 -19.37 9.20
CA ARG GA 159 27.13 -18.87 10.17
C ARG GA 159 27.40 -19.56 11.53
N GLY GA 160 28.51 -19.13 12.13
CA GLY GA 160 28.98 -19.63 13.42
C GLY GA 160 30.44 -19.25 13.65
N LEU GA 161 31.13 -20.01 14.47
CA LEU GA 161 32.52 -19.74 14.75
C LEU GA 161 33.42 -20.90 14.30
N ALA GA 162 33.67 -21.85 15.21
CA ALA GA 162 34.50 -23.03 14.93
C ALA GA 162 34.29 -23.55 13.50
N SER GA 163 33.03 -23.60 13.08
CA SER GA 163 32.68 -24.09 11.74
C SER GA 163 31.27 -23.79 11.22
N GLY GA 164 31.04 -22.55 10.81
CA GLY GA 164 29.75 -22.18 10.28
C GLY GA 164 29.93 -21.50 8.93
N TYR GA 165 28.83 -21.14 8.28
CA TYR GA 165 28.95 -20.46 6.99
C TYR GA 165 29.80 -19.21 7.23
N ASP GA 166 30.48 -18.74 6.20
CA ASP GA 166 31.31 -17.56 6.37
C ASP GA 166 30.55 -16.27 6.64
N SER GA 167 29.66 -15.88 5.72
CA SER GA 167 28.90 -14.63 5.90
C SER GA 167 27.53 -14.57 5.19
N ALA GA 168 26.49 -14.22 5.96
CA ALA GA 168 25.13 -14.10 5.43
C ALA GA 168 25.05 -14.41 3.95
N ILE GA 169 24.70 -15.64 3.63
CA ILE GA 169 24.62 -16.07 2.24
C ILE GA 169 23.30 -15.80 1.52
N ALA GA 170 22.21 -15.74 2.29
CA ALA GA 170 20.87 -15.50 1.73
C ALA GA 170 20.84 -14.24 0.86
N LEU GA 171 21.76 -13.31 1.17
CA LEU GA 171 21.89 -12.03 0.44
C LEU GA 171 23.26 -12.05 -0.21
N PRO GA 172 23.32 -12.26 -1.52
CA PRO GA 172 24.61 -12.29 -2.19
C PRO GA 172 25.36 -10.97 -2.31
N GLN GA 173 24.78 -10.00 -3.02
CA GLN GA 173 25.43 -8.72 -3.25
C GLN GA 173 25.10 -7.56 -2.34
N ALA GA 174 24.44 -7.82 -1.22
CA ALA GA 174 24.12 -6.73 -0.31
C ALA GA 174 25.41 -6.35 0.41
N LYS GA 175 25.48 -5.13 0.96
CA LYS GA 175 26.67 -4.68 1.66
C LYS GA 175 26.71 -5.31 3.06
N GLU GA 176 27.82 -5.98 3.37
CA GLU GA 176 28.03 -6.68 4.65
C GLU GA 176 28.68 -5.82 5.71
N GLU GA 177 29.05 -4.61 5.28
CA GLU GA 177 29.68 -3.65 6.16
C GLU GA 177 28.80 -3.27 7.37
N GLU GA 178 27.58 -3.82 7.44
CA GLU GA 178 26.71 -3.53 8.57
C GLU GA 178 26.30 -4.80 9.30
N LEU GA 179 26.07 -5.85 8.52
CA LEU GA 179 25.68 -7.13 9.08
C LEU GA 179 26.80 -7.64 9.97
N ALA GA 180 28.02 -7.33 9.56
CA ALA GA 180 29.23 -7.73 10.26
C ALA GA 180 28.98 -8.17 11.71
N ARG GA 181 28.39 -7.28 12.51
CA ARG GA 181 28.09 -7.57 13.90
C ARG GA 181 27.76 -9.04 14.08
N ALA GA 182 27.01 -9.60 13.14
CA ALA GA 182 26.65 -11.02 13.25
C ALA GA 182 27.31 -11.88 12.20
N ASN GA 183 28.00 -11.26 11.24
CA ASN GA 183 28.71 -12.05 10.24
C ASN GA 183 29.78 -12.79 11.04
N VAL GA 184 30.76 -12.06 11.54
CA VAL GA 184 31.81 -12.65 12.36
C VAL GA 184 31.24 -12.86 13.77
N LYS GA 185 31.34 -14.08 14.28
CA LYS GA 185 30.82 -14.37 15.61
C LYS GA 185 31.89 -14.76 16.64
N ARG GA 186 32.44 -13.77 17.33
CA ARG GA 186 33.47 -14.04 18.32
C ARG GA 186 32.90 -14.63 19.60
N PHE GA 187 33.73 -15.38 20.31
CA PHE GA 187 33.35 -16.04 21.58
C PHE GA 187 33.90 -15.26 22.78
N SER GA 188 33.01 -14.90 23.70
CA SER GA 188 33.38 -14.11 24.89
C SER GA 188 33.71 -14.90 26.17
N LEU GA 189 34.41 -14.23 27.09
CA LEU GA 189 34.79 -14.79 28.40
C LEU GA 189 34.98 -13.67 29.43
N THR GA 190 34.13 -13.68 30.46
CA THR GA 190 34.15 -12.70 31.54
C THR GA 190 34.05 -13.47 32.86
N LYS GA 191 34.32 -12.79 33.97
CA LYS GA 191 34.22 -13.43 35.27
C LYS GA 191 33.06 -12.88 36.06
N GLY GA 192 32.46 -13.77 36.84
CA GLY GA 192 31.35 -13.39 37.66
C GLY GA 192 31.74 -13.67 39.09
N GLN GA 193 30.92 -13.21 40.02
CA GLN GA 193 31.20 -13.42 41.43
C GLN GA 193 30.10 -14.17 42.15
N ILE GA 194 30.50 -14.89 43.18
CA ILE GA 194 29.56 -15.64 43.99
C ILE GA 194 29.85 -15.19 45.40
N SER GA 195 29.18 -15.83 46.34
CA SER GA 195 29.33 -15.55 47.76
C SER GA 195 28.36 -16.43 48.54
N LEU GA 196 28.90 -17.23 49.46
CA LEU GA 196 28.03 -18.09 50.23
C LEU GA 196 28.02 -17.70 51.70
N ASN GA 197 26.89 -17.89 52.36
CA ASN GA 197 26.76 -17.60 53.78
C ASN GA 197 26.21 -18.91 54.33
N VAL GA 198 26.68 -19.33 55.48
CA VAL GA 198 26.18 -20.55 56.06
C VAL GA 198 25.21 -20.16 57.19
N ALA GA 199 24.40 -21.12 57.60
CA ALA GA 199 23.45 -20.91 58.67
C ALA GA 199 22.94 -22.28 59.10
N LYS GA 200 23.81 -23.28 58.99
CA LYS GA 200 23.47 -24.66 59.36
C LYS GA 200 24.56 -25.70 58.99
N VAL GA 201 25.04 -26.43 60.00
CA VAL GA 201 26.06 -27.46 59.81
C VAL GA 201 26.00 -28.51 60.91
N ASP GA 202 26.47 -29.71 60.61
CA ASP GA 202 26.53 -30.79 61.58
C ASP GA 202 28.02 -31.07 61.76
N GLY GA 203 28.60 -30.50 62.82
CA GLY GA 203 30.01 -30.66 63.12
C GLY GA 203 30.56 -32.07 62.92
N ARG GA 204 29.80 -33.08 63.34
CA ARG GA 204 30.24 -34.47 63.22
C ARG GA 204 30.43 -34.87 61.75
N THR GA 205 29.45 -34.54 60.92
CA THR GA 205 29.49 -34.82 59.51
C THR GA 205 30.28 -33.77 58.77
N GLY GA 206 29.69 -32.60 58.56
CA GLY GA 206 30.37 -31.51 57.87
C GLY GA 206 29.44 -30.86 56.88
N GLU GA 207 28.18 -31.26 56.97
CA GLU GA 207 27.14 -30.77 56.10
C GLU GA 207 26.75 -29.33 56.38
N ILE GA 208 27.50 -28.39 55.78
CA ILE GA 208 27.23 -26.98 55.97
C ILE GA 208 26.26 -26.46 54.88
N ALA GA 209 25.04 -26.12 55.32
CA ALA GA 209 23.99 -25.62 54.42
C ALA GA 209 23.72 -24.12 54.62
N GLY GA 210 23.13 -23.47 53.62
CA GLY GA 210 22.85 -22.06 53.74
C GLY GA 210 22.29 -21.42 52.49
N THR GA 211 22.66 -20.17 52.23
CA THR GA 211 22.21 -19.44 51.04
C THR GA 211 23.38 -18.95 50.22
N PHE GA 212 23.06 -18.40 49.04
CA PHE GA 212 24.10 -17.88 48.17
C PHE GA 212 23.59 -16.80 47.20
N GLU GA 213 24.54 -16.13 46.56
CA GLU GA 213 24.26 -15.08 45.58
C GLU GA 213 25.37 -15.12 44.55
N SER GA 214 25.20 -14.43 43.44
CA SER GA 214 26.20 -14.46 42.40
C SER GA 214 25.70 -13.69 41.21
N GLU GA 215 26.56 -12.86 40.65
CA GLU GA 215 26.19 -12.04 39.49
C GLU GA 215 26.94 -12.39 38.21
N GLN GA 216 26.30 -13.15 37.32
CA GLN GA 216 26.91 -13.50 36.04
C GLN GA 216 26.10 -12.83 34.95
N LEU GA 217 26.71 -12.63 33.79
CA LEU GA 217 26.01 -11.96 32.70
C LEU GA 217 25.30 -12.90 31.74
N SER GA 218 24.21 -12.44 31.16
CA SER GA 218 23.40 -13.25 30.27
C SER GA 218 24.20 -13.78 29.10
N ASP GA 219 23.55 -13.93 27.97
CA ASP GA 219 24.23 -14.45 26.81
C ASP GA 219 24.76 -13.35 25.90
N ASP GA 220 26.05 -13.43 25.56
CA ASP GA 220 26.68 -12.45 24.68
C ASP GA 220 26.13 -12.75 23.27
N ASP GA 221 25.73 -14.01 23.11
CA ASP GA 221 25.21 -14.49 21.84
C ASP GA 221 26.21 -14.15 20.76
N MET GA 222 27.43 -14.64 20.92
CA MET GA 222 28.47 -14.37 19.93
C MET GA 222 28.44 -12.85 19.70
N GLY GA 223 28.94 -12.37 18.57
CA GLY GA 223 28.88 -10.94 18.32
C GLY GA 223 27.42 -10.54 18.10
N ALA GA 224 26.64 -10.48 19.17
CA ALA GA 224 25.21 -10.15 19.05
C ALA GA 224 24.80 -8.89 19.74
N HIS GA 225 24.18 -9.05 20.90
CA HIS GA 225 23.69 -7.93 21.68
C HIS GA 225 24.31 -7.91 23.08
N GLU GA 226 24.98 -6.81 23.43
CA GLU GA 226 25.61 -6.67 24.73
C GLU GA 226 24.71 -7.33 25.76
N PRO GA 227 25.28 -8.22 26.58
CA PRO GA 227 24.59 -8.97 27.62
C PRO GA 227 23.81 -8.19 28.67
N HIS GA 228 23.22 -8.97 29.57
CA HIS GA 228 22.43 -8.47 30.67
C HIS GA 228 22.96 -9.08 31.95
N GLU GA 229 23.03 -8.29 33.02
CA GLU GA 229 23.55 -8.78 34.29
C GLU GA 229 22.48 -9.59 35.01
N VAL GA 230 22.85 -10.71 35.58
CA VAL GA 230 21.87 -11.51 36.25
C VAL GA 230 22.26 -11.80 37.66
N LYS GA 231 21.37 -11.51 38.59
CA LYS GA 231 21.62 -11.79 39.99
C LYS GA 231 20.84 -13.08 40.28
N ILE GA 232 21.49 -14.09 40.89
CA ILE GA 232 20.82 -15.36 41.22
C ILE GA 232 21.11 -15.84 42.64
N GLN GA 233 20.04 -16.23 43.33
CA GLN GA 233 20.17 -16.69 44.68
C GLN GA 233 19.42 -18.00 44.93
N GLY GA 234 19.61 -18.54 46.13
CA GLY GA 234 18.96 -19.79 46.52
C GLY GA 234 19.52 -20.36 47.81
N VAL GA 235 19.37 -21.67 47.97
CA VAL GA 235 19.89 -22.38 49.15
C VAL GA 235 21.01 -23.28 48.61
N PHE GA 236 22.00 -23.58 49.45
CA PHE GA 236 23.12 -24.41 49.01
C PHE GA 236 23.54 -25.45 50.04
N TYR GA 237 24.58 -26.18 49.69
CA TYR GA 237 25.08 -27.22 50.56
C TYR GA 237 26.38 -27.85 50.07
N ALA GA 238 27.32 -27.97 51.00
CA ALA GA 238 28.64 -28.58 50.76
C ALA GA 238 28.97 -29.42 51.99
N SER GA 239 29.65 -30.54 51.80
CA SER GA 239 29.98 -31.41 52.93
C SER GA 239 31.48 -31.58 53.05
N ILE GA 240 32.07 -31.03 54.10
CA ILE GA 240 33.51 -31.12 54.30
C ILE GA 240 33.96 -32.57 54.55
N GLU GA 241 35.26 -32.84 54.43
CA GLU GA 241 35.80 -34.20 54.60
C GLU GA 241 37.35 -34.27 54.47
N PRO GA 242 38.01 -35.13 55.29
CA PRO GA 242 39.48 -35.33 55.32
C PRO GA 242 40.10 -35.85 54.02
N MET HA 1 -1.17 -5.93 9.31
CA MET HA 1 -0.39 -5.95 8.08
C MET HA 1 0.42 -7.22 8.02
N GLU HA 2 0.43 -7.87 6.87
CA GLU HA 2 1.25 -9.05 6.70
C GLU HA 2 0.69 -10.12 7.61
N THR HA 3 0.39 -9.71 8.83
CA THR HA 3 -0.29 -10.59 9.76
C THR HA 3 -1.74 -10.15 9.78
N ILE HA 4 -1.97 -8.85 9.77
CA ILE HA 4 -3.33 -8.36 9.76
C ILE HA 4 -4.08 -8.95 8.56
N THR HA 5 -3.39 -9.08 7.44
CA THR HA 5 -3.96 -9.67 6.24
C THR HA 5 -4.25 -11.16 6.41
N TYR HA 6 -3.31 -11.87 7.01
CA TYR HA 6 -3.44 -13.32 7.19
C TYR HA 6 -4.63 -13.72 8.05
N VAL HA 7 -4.85 -12.97 9.13
CA VAL HA 7 -5.95 -13.24 10.05
C VAL HA 7 -7.29 -12.86 9.42
N PHE HA 8 -7.24 -11.99 8.42
CA PHE HA 8 -8.44 -11.54 7.72
C PHE HA 8 -8.85 -12.56 6.66
N ILE HA 9 -7.99 -12.79 5.67
CA ILE HA 9 -8.29 -13.78 4.63
C ILE HA 9 -8.79 -15.06 5.32
N PHE HA 10 -8.37 -15.25 6.57
CA PHE HA 10 -8.76 -16.45 7.30
C PHE HA 10 -10.18 -16.34 7.86
N ALA HA 11 -10.42 -15.30 8.67
CA ALA HA 11 -11.72 -15.07 9.30
C ALA HA 11 -12.89 -14.94 8.33
N CYS HA 12 -12.59 -14.97 7.04
CA CYS HA 12 -13.63 -14.89 6.05
C CYS HA 12 -13.88 -16.30 5.51
N ILE HA 13 -12.90 -17.18 5.68
CA ILE HA 13 -13.07 -18.58 5.30
C ILE HA 13 -14.02 -19.16 6.34
N ILE HA 14 -14.04 -18.51 7.50
CA ILE HA 14 -14.89 -18.90 8.61
C ILE HA 14 -16.31 -18.35 8.35
N ALA HA 15 -16.40 -17.15 7.78
CA ALA HA 15 -17.69 -16.57 7.46
C ALA HA 15 -18.24 -17.41 6.29
N LEU HA 16 -17.43 -17.54 5.25
CA LEU HA 16 -17.77 -18.31 4.04
C LEU HA 16 -18.21 -19.72 4.41
N PHE HA 17 -17.85 -20.15 5.60
CA PHE HA 17 -18.22 -21.47 6.03
C PHE HA 17 -19.58 -21.41 6.69
N PHE HA 18 -19.71 -20.53 7.66
CA PHE HA 18 -20.97 -20.33 8.36
C PHE HA 18 -22.07 -20.17 7.30
N PHE HA 19 -21.82 -19.30 6.32
CA PHE HA 19 -22.76 -18.99 5.23
C PHE HA 19 -23.24 -20.12 4.31
N ALA HA 20 -22.40 -21.11 4.05
CA ALA HA 20 -22.82 -22.22 3.18
C ALA HA 20 -23.27 -23.45 3.95
N ILE HA 21 -23.36 -23.33 5.27
CA ILE HA 21 -23.79 -24.45 6.09
C ILE HA 21 -25.10 -24.12 6.76
N PHE HA 22 -25.50 -22.86 6.67
CA PHE HA 22 -26.76 -22.41 7.24
C PHE HA 22 -27.50 -21.55 6.22
N PHE HA 23 -26.77 -20.97 5.29
CA PHE HA 23 -27.42 -20.20 4.26
C PHE HA 23 -27.37 -21.00 2.97
N ARG HA 24 -27.49 -22.32 3.13
CA ARG HA 24 -27.48 -23.24 2.00
C ARG HA 24 -28.86 -23.11 1.38
N GLU HA 25 -28.93 -22.89 0.08
CA GLU HA 25 -30.25 -22.79 -0.53
C GLU HA 25 -30.69 -24.25 -0.66
N PRO HA 26 -31.60 -24.69 0.24
CA PRO HA 26 -32.14 -26.06 0.30
C PRO HA 26 -32.18 -26.79 -1.05
N PRO HA 27 -31.86 -28.10 -1.04
CA PRO HA 27 -31.89 -28.84 -2.31
C PRO HA 27 -33.33 -29.37 -2.51
N ARG HA 28 -33.95 -29.02 -3.65
CA ARG HA 28 -35.33 -29.43 -3.91
C ARG HA 28 -35.61 -30.74 -4.64
N ILE HA 29 -36.37 -31.62 -3.97
CA ILE HA 29 -36.78 -32.93 -4.47
C ILE HA 29 -38.07 -32.85 -5.29
N THR HA 30 -37.91 -32.77 -6.60
CA THR HA 30 -39.05 -32.69 -7.51
C THR HA 30 -38.92 -33.72 -8.63
N GLU IA 1 39.12 -0.13 14.13
CA GLU IA 1 37.82 -0.52 14.77
C GLU IA 1 37.07 -1.60 13.97
N GLU IA 2 37.43 -2.87 14.18
CA GLU IA 2 36.77 -3.99 13.49
C GLU IA 2 36.97 -5.28 14.27
N LEU IA 3 35.98 -6.18 14.20
CA LEU IA 3 36.00 -7.47 14.88
C LEU IA 3 36.43 -8.53 13.91
N VAL IA 4 37.03 -9.61 14.42
CA VAL IA 4 37.47 -10.64 13.51
C VAL IA 4 37.23 -12.05 14.01
N ASN IA 5 37.11 -12.98 13.07
CA ASN IA 5 36.89 -14.36 13.44
C ASN IA 5 38.07 -14.78 14.25
N VAL IA 6 37.80 -15.11 15.51
CA VAL IA 6 38.84 -15.48 16.42
C VAL IA 6 39.64 -16.70 16.00
N VAL IA 7 38.96 -17.82 15.77
CA VAL IA 7 39.69 -19.01 15.39
C VAL IA 7 40.39 -18.94 14.05
N ASP IA 8 39.67 -18.83 12.94
CA ASP IA 8 40.43 -18.83 11.70
C ASP IA 8 41.40 -17.70 11.49
N GLU IA 9 41.62 -16.86 12.49
CA GLU IA 9 42.64 -15.84 12.30
C GLU IA 9 43.92 -16.43 12.86
N LYS IA 10 43.77 -17.39 13.76
CA LYS IA 10 44.90 -18.08 14.38
C LYS IA 10 45.50 -19.00 13.30
N LEU IA 11 44.73 -19.23 12.24
CA LEU IA 11 45.12 -20.06 11.12
C LEU IA 11 46.12 -19.42 10.19
N GLY IA 12 46.65 -18.26 10.55
CA GLY IA 12 47.66 -17.61 9.71
C GLY IA 12 49.02 -17.75 10.38
N THR IA 13 48.99 -18.46 11.53
CA THR IA 13 50.13 -18.73 12.41
C THR IA 13 50.68 -20.18 12.38
N ALA IA 14 51.02 -20.67 13.57
CA ALA IA 14 51.53 -22.02 13.77
C ALA IA 14 50.30 -22.90 13.74
N TYR IA 15 49.51 -22.87 14.82
CA TYR IA 15 48.29 -23.66 14.84
C TYR IA 15 47.79 -23.48 13.42
N GLY IA 16 47.48 -24.57 12.74
CA GLY IA 16 47.03 -24.45 11.38
C GLY IA 16 48.23 -24.58 10.46
N GLU IA 17 49.14 -25.49 10.84
CA GLU IA 17 50.39 -25.83 10.11
C GLU IA 17 51.20 -26.89 10.87
N LYS IA 18 51.06 -26.95 12.19
CA LYS IA 18 51.77 -27.92 13.02
C LYS IA 18 50.84 -28.18 14.20
N ILE IA 19 51.39 -28.63 15.33
CA ILE IA 19 50.55 -28.88 16.49
C ILE IA 19 50.74 -27.93 17.66
N ASP IA 20 49.62 -27.37 18.14
CA ASP IA 20 49.61 -26.44 19.27
C ASP IA 20 49.39 -27.23 20.56
N LEU IA 21 50.47 -27.49 21.28
CA LEU IA 21 50.39 -28.24 22.51
C LEU IA 21 49.57 -27.48 23.51
N ASN IA 22 49.03 -26.33 23.10
CA ASN IA 22 48.20 -25.52 23.99
C ASN IA 22 46.73 -25.39 23.50
N ASN IA 23 46.48 -25.73 22.24
CA ASN IA 23 45.15 -25.64 21.67
C ASN IA 23 44.70 -26.92 20.95
N THR IA 24 45.16 -27.10 19.70
CA THR IA 24 44.80 -28.25 18.86
C THR IA 24 44.09 -29.41 19.59
N ASN IA 25 43.01 -29.93 19.00
CA ASN IA 25 42.23 -31.04 19.58
C ASN IA 25 43.07 -32.33 19.63
N ILE IA 26 42.84 -33.13 20.66
CA ILE IA 26 43.62 -34.35 20.88
C ILE IA 26 43.93 -35.29 19.72
N ALA IA 27 42.91 -35.81 19.07
CA ALA IA 27 43.15 -36.75 17.99
C ALA IA 27 44.01 -36.23 16.84
N ALA IA 28 44.68 -35.12 17.03
CA ALA IA 28 45.52 -34.58 15.96
C ALA IA 28 46.90 -35.17 16.12
N PHE IA 29 47.08 -35.84 17.27
CA PHE IA 29 48.34 -36.46 17.63
C PHE IA 29 48.53 -37.83 16.98
N ILE IA 30 47.50 -38.30 16.30
CA ILE IA 30 47.54 -39.60 15.62
C ILE IA 30 48.31 -39.39 14.33
N GLN IA 31 48.69 -38.14 14.11
CA GLN IA 31 49.43 -37.71 12.93
C GLN IA 31 50.86 -38.31 12.85
N TYR IA 32 51.40 -38.68 14.01
CA TYR IA 32 52.73 -39.30 14.11
C TYR IA 32 52.66 -40.44 15.13
N ARG IA 33 53.64 -41.35 15.09
CA ARG IA 33 53.60 -42.50 15.98
C ARG IA 33 54.29 -42.44 17.34
N GLY IA 34 53.67 -43.12 18.31
CA GLY IA 34 54.20 -43.18 19.65
C GLY IA 34 53.65 -42.02 20.44
N LEU IA 35 52.71 -41.30 19.82
CA LEU IA 35 52.14 -40.15 20.49
C LEU IA 35 50.68 -40.23 20.91
N TYR IA 36 49.83 -40.90 20.14
CA TYR IA 36 48.41 -40.90 20.50
C TYR IA 36 47.96 -41.36 21.91
N PRO IA 37 47.29 -42.53 22.03
CA PRO IA 37 46.82 -43.01 23.34
C PRO IA 37 47.19 -42.28 24.62
N THR IA 38 48.46 -42.31 24.99
CA THR IA 38 48.87 -41.68 26.23
C THR IA 38 49.51 -40.28 26.22
N LEU IA 39 50.74 -40.18 25.73
CA LEU IA 39 51.42 -38.88 25.72
C LEU IA 39 50.43 -37.78 25.38
N ALA IA 40 49.61 -38.01 24.38
CA ALA IA 40 48.64 -36.98 24.03
C ALA IA 40 47.83 -36.62 25.27
N LYS IA 41 47.09 -37.58 25.81
CA LYS IA 41 46.25 -37.37 26.99
C LYS IA 41 46.98 -36.53 28.00
N LEU IA 42 48.29 -36.76 28.04
CA LEU IA 42 49.16 -36.06 28.94
C LEU IA 42 49.47 -34.66 28.38
N ILE IA 43 49.80 -34.60 27.09
CA ILE IA 43 50.14 -33.34 26.44
C ILE IA 43 49.09 -32.26 26.66
N VAL IA 44 47.86 -32.70 26.90
CA VAL IA 44 46.74 -31.79 27.12
C VAL IA 44 46.28 -31.63 28.58
N LYS IA 45 46.22 -32.74 29.31
CA LYS IA 45 45.81 -32.71 30.71
C LYS IA 45 46.76 -31.82 31.52
N ASN IA 46 47.85 -31.38 30.89
CA ASN IA 46 48.81 -30.50 31.54
C ASN IA 46 48.60 -29.11 30.98
N ALA IA 47 48.62 -28.11 31.86
CA ALA IA 47 48.43 -26.70 31.46
C ALA IA 47 49.26 -26.39 30.21
N PRO IA 48 48.88 -25.34 29.46
CA PRO IA 48 49.60 -24.94 28.24
C PRO IA 48 51.12 -24.86 28.45
N TYR IA 49 51.87 -24.72 27.36
CA TYR IA 49 53.31 -24.68 27.46
C TYR IA 49 53.87 -23.40 26.88
N GLU IA 50 54.43 -22.55 27.75
CA GLU IA 50 54.98 -21.25 27.36
C GLU IA 50 56.08 -21.33 26.30
N SER IA 51 56.55 -22.54 26.04
CA SER IA 51 57.59 -22.80 25.04
C SER IA 51 57.50 -24.28 24.71
N VAL IA 52 57.55 -24.60 23.43
CA VAL IA 52 57.43 -26.00 22.99
C VAL IA 52 58.22 -27.02 23.82
N GLU IA 53 59.38 -26.63 24.33
CA GLU IA 53 60.21 -27.54 25.12
C GLU IA 53 59.56 -28.03 26.38
N ASP IA 54 58.85 -27.14 27.07
CA ASP IA 54 58.22 -27.50 28.32
C ASP IA 54 57.51 -28.86 28.30
N VAL IA 55 57.38 -29.45 27.12
CA VAL IA 55 56.73 -30.76 27.05
C VAL IA 55 57.56 -31.68 27.93
N LEU IA 56 58.79 -31.90 27.48
CA LEU IA 56 59.77 -32.77 28.13
C LEU IA 56 59.72 -32.79 29.66
N ASN IA 57 59.37 -31.66 30.26
CA ASN IA 57 59.31 -31.57 31.71
C ASN IA 57 58.24 -32.43 32.38
N ILE IA 58 57.00 -32.23 31.93
CA ILE IA 58 55.82 -32.94 32.43
C ILE IA 58 56.04 -34.11 33.39
N PRO IA 59 55.74 -33.91 34.69
CA PRO IA 59 55.90 -34.94 35.72
C PRO IA 59 55.34 -36.34 35.43
N GLY IA 60 56.24 -37.31 35.26
CA GLY IA 60 55.83 -38.68 35.02
C GLY IA 60 56.42 -39.43 33.84
N LEU IA 61 56.94 -38.69 32.86
CA LEU IA 61 57.50 -39.28 31.64
C LEU IA 61 58.65 -40.28 31.80
N THR IA 62 58.68 -41.30 30.94
CA THR IA 62 59.75 -42.29 30.95
C THR IA 62 60.73 -41.83 29.86
N GLU IA 63 62.03 -41.89 30.15
CA GLU IA 63 63.05 -41.49 29.19
C GLU IA 63 62.65 -41.86 27.77
N ARG IA 64 61.86 -42.90 27.62
CA ARG IA 64 61.43 -43.27 26.29
C ARG IA 64 60.44 -42.23 25.75
N GLN IA 65 59.32 -41.98 26.44
CA GLN IA 65 58.40 -40.97 25.90
C GLN IA 65 59.14 -39.65 25.89
N LYS IA 66 59.95 -39.41 26.90
CA LYS IA 66 60.70 -38.18 26.95
C LYS IA 66 61.49 -38.14 25.66
N GLN IA 67 61.82 -39.33 25.17
CA GLN IA 67 62.57 -39.47 23.93
C GLN IA 67 61.68 -39.00 22.82
N ILE IA 68 60.62 -39.77 22.57
CA ILE IA 68 59.69 -39.44 21.52
C ILE IA 68 59.41 -37.94 21.49
N LEU IA 69 59.08 -37.35 22.64
CA LEU IA 69 58.76 -35.92 22.70
C LEU IA 69 59.83 -35.07 22.02
N ARG IA 70 61.09 -35.46 22.19
CA ARG IA 70 62.16 -34.74 21.57
C ARG IA 70 62.23 -34.94 20.06
N GLU IA 71 62.15 -36.20 19.60
CA GLU IA 71 62.23 -36.44 18.17
C GLU IA 71 61.00 -36.01 17.41
N ASN IA 72 59.93 -35.74 18.16
CA ASN IA 72 58.68 -35.26 17.57
C ASN IA 72 58.50 -33.78 17.96
N LEU IA 73 59.48 -33.25 18.69
CA LEU IA 73 59.48 -31.85 19.13
C LEU IA 73 59.43 -30.91 17.91
N GLU IA 74 60.25 -31.22 16.91
CA GLU IA 74 60.30 -30.44 15.67
C GLU IA 74 58.93 -30.20 15.03
N HIS IA 75 57.92 -30.94 15.47
CA HIS IA 75 56.58 -30.83 14.90
C HIS IA 75 55.56 -30.05 15.74
N PHE IA 76 55.79 -29.99 17.05
CA PHE IA 76 54.88 -29.28 17.95
C PHE IA 76 55.16 -27.78 17.96
N THR IA 77 54.18 -27.00 18.38
CA THR IA 77 54.34 -25.55 18.46
C THR IA 77 53.32 -25.03 19.44
N VAL IA 78 53.44 -23.75 19.80
CA VAL IA 78 52.52 -23.12 20.76
C VAL IA 78 52.31 -21.60 20.59
N THR IA 79 51.06 -21.17 20.76
CA THR IA 79 50.67 -19.76 20.66
C THR IA 79 49.56 -19.66 21.66
N GLU IA 80 49.29 -18.44 22.09
CA GLU IA 80 48.25 -18.13 23.08
C GLU IA 80 47.14 -19.17 23.19
N VAL IA 81 46.69 -19.43 24.41
CA VAL IA 81 45.58 -20.37 24.59
C VAL IA 81 44.39 -19.60 24.02
N GLU IA 82 43.42 -20.27 23.42
CA GLU IA 82 42.30 -19.51 22.87
C GLU IA 82 40.98 -20.02 23.37
N THR IA 83 40.40 -19.23 24.27
CA THR IA 83 39.11 -19.51 24.93
C THR IA 83 38.02 -20.14 24.02
N ALA IA 84 37.85 -19.58 22.82
CA ALA IA 84 36.86 -20.09 21.87
C ALA IA 84 37.32 -21.39 21.24
N LEU IA 85 38.59 -21.72 21.45
CA LEU IA 85 39.17 -22.93 20.87
C LEU IA 85 39.23 -24.18 21.73
N VAL IA 86 39.01 -24.04 23.04
CA VAL IA 86 39.09 -25.22 23.90
C VAL IA 86 38.23 -25.17 25.16
N GLU IA 87 37.34 -24.19 25.23
CA GLU IA 87 36.46 -24.04 26.40
C GLU IA 87 35.54 -25.25 26.71
N GLY IA 88 34.65 -25.59 25.78
CA GLY IA 88 33.71 -26.69 25.97
C GLY IA 88 34.23 -28.12 25.86
N GLY IA 89 35.43 -28.38 26.39
CA GLY IA 89 35.99 -29.70 26.31
C GLY IA 89 36.20 -30.03 24.85
N ASP IA 90 36.36 -28.98 24.06
CA ASP IA 90 36.58 -29.14 22.64
C ASP IA 90 38.01 -29.61 22.40
N ARG IA 91 38.87 -29.42 23.40
CA ARG IA 91 40.26 -29.85 23.29
C ARG IA 91 40.28 -31.36 23.07
N TYR IA 92 39.51 -32.05 23.89
CA TYR IA 92 39.41 -33.49 23.81
C TYR IA 92 38.47 -33.83 22.66
N ASN IA 93 37.16 -33.81 22.91
CA ASN IA 93 36.20 -34.11 21.86
C ASN IA 93 35.67 -32.82 21.23
N ASN IA 94 36.39 -32.37 20.21
CA ASN IA 94 36.11 -31.15 19.46
C ASN IA 94 34.80 -31.17 18.68
N GLY IA 95 33.88 -32.05 19.04
CA GLY IA 95 32.62 -32.10 18.32
C GLY IA 95 32.80 -32.13 16.82
N LEU IA 96 33.12 -33.31 16.29
CA LEU IA 96 33.34 -33.52 14.86
C LEU IA 96 34.04 -34.86 14.77
N TYR IA 97 33.55 -35.73 13.88
CA TYR IA 97 34.14 -37.05 13.71
C TYR IA 97 34.52 -37.32 12.24
N LYS IA 98 34.44 -38.57 11.83
CA LYS IA 98 34.74 -38.89 10.45
C LYS IA 98 33.47 -38.64 9.64
N ALA JA 1 39.91 -60.28 -15.21
CA ALA JA 1 41.14 -59.47 -15.43
C ALA JA 1 40.98 -58.01 -14.96
N GLU JA 2 40.53 -57.83 -13.72
CA GLU JA 2 40.35 -56.50 -13.14
C GLU JA 2 41.09 -56.42 -11.82
N LEU JA 3 40.98 -57.46 -10.99
CA LEU JA 3 41.69 -57.49 -9.71
C LEU JA 3 42.91 -58.41 -9.75
N THR JA 4 43.83 -58.05 -10.64
CA THR JA 4 45.06 -58.80 -10.82
C THR JA 4 45.71 -59.17 -9.50
N PRO JA 5 46.50 -60.26 -9.48
CA PRO JA 5 47.19 -60.71 -8.25
C PRO JA 5 48.36 -59.81 -7.80
N GLU JA 6 48.75 -58.85 -8.63
CA GLU JA 6 49.84 -57.90 -8.30
C GLU JA 6 49.25 -56.84 -7.38
N VAL JA 7 47.92 -56.88 -7.30
CA VAL JA 7 47.12 -55.99 -6.48
C VAL JA 7 46.72 -56.75 -5.22
N LEU JA 8 46.73 -58.08 -5.31
CA LEU JA 8 46.42 -58.95 -4.17
C LEU JA 8 47.79 -59.21 -3.51
N THR JA 9 48.83 -58.76 -4.21
CA THR JA 9 50.22 -58.89 -3.77
C THR JA 9 50.57 -57.85 -2.71
N VAL JA 10 50.34 -58.24 -1.46
CA VAL JA 10 50.54 -57.38 -0.30
C VAL JA 10 51.73 -57.71 0.62
N PRO JA 11 52.20 -56.70 1.38
CA PRO JA 11 53.32 -56.87 2.32
C PRO JA 11 52.86 -57.54 3.63
N LEU JA 12 53.26 -58.79 3.85
CA LEU JA 12 52.87 -59.54 5.04
C LEU JA 12 53.61 -59.13 6.30
N ASN JA 13 54.89 -58.82 6.18
CA ASN JA 13 55.63 -58.43 7.36
C ASN JA 13 56.35 -57.10 7.18
N SER JA 14 56.93 -56.63 8.27
CA SER JA 14 57.65 -55.36 8.33
C SER JA 14 58.85 -55.31 7.38
N GLU JA 15 59.78 -56.25 7.59
CA GLU JA 15 61.02 -56.38 6.81
C GLU JA 15 60.90 -55.89 5.37
N GLY JA 16 59.76 -56.14 4.74
CA GLY JA 16 59.58 -55.69 3.37
C GLY JA 16 59.41 -56.83 2.38
N LYS JA 17 59.23 -58.04 2.91
CA LYS JA 17 59.02 -59.19 2.04
C LYS JA 17 57.50 -59.25 1.73
N THR JA 18 57.16 -59.87 0.59
CA THR JA 18 55.77 -59.96 0.12
C THR JA 18 55.17 -61.36 -0.10
N ILE JA 19 53.87 -61.46 0.19
CA ILE JA 19 53.07 -62.69 0.02
C ILE JA 19 51.85 -62.32 -0.85
N THR JA 20 51.59 -63.12 -1.88
CA THR JA 20 50.47 -62.84 -2.78
C THR JA 20 49.20 -63.65 -2.50
N LEU JA 21 48.07 -63.08 -2.89
CA LEU JA 21 46.76 -63.68 -2.67
C LEU JA 21 46.12 -64.23 -3.94
N THR JA 22 45.14 -65.11 -3.75
CA THR JA 22 44.37 -65.75 -4.84
C THR JA 22 43.08 -64.95 -5.01
N GLU JA 23 42.38 -65.18 -6.13
CA GLU JA 23 41.12 -64.49 -6.28
C GLU JA 23 40.31 -65.10 -5.13
N LYS JA 24 40.59 -66.37 -4.84
CA LYS JA 24 39.90 -67.11 -3.77
C LYS JA 24 40.07 -66.62 -2.32
N GLN JA 25 41.22 -66.88 -1.71
CA GLN JA 25 41.43 -66.48 -0.32
C GLN JA 25 40.99 -65.06 0.06
N TYR JA 26 40.73 -64.24 -0.96
CA TYR JA 26 40.29 -62.86 -0.76
C TYR JA 26 38.86 -62.82 -0.18
N LEU JA 27 37.91 -63.38 -0.91
CA LEU JA 27 36.52 -63.44 -0.50
C LEU JA 27 36.36 -63.70 0.98
N GLU JA 28 37.16 -64.64 1.49
CA GLU JA 28 37.10 -65.00 2.89
C GLU JA 28 37.52 -63.86 3.80
N GLY JA 29 38.59 -63.14 3.44
CA GLY JA 29 38.99 -62.02 4.26
C GLY JA 29 37.72 -61.21 4.48
N LYS JA 30 37.02 -60.98 3.37
CA LYS JA 30 35.76 -60.25 3.32
C LYS JA 30 34.64 -60.95 4.07
N ARG JA 31 34.26 -62.14 3.59
CA ARG JA 31 33.20 -62.92 4.24
C ARG JA 31 33.44 -62.86 5.74
N LEU JA 32 34.71 -63.04 6.11
CA LEU JA 32 35.11 -62.98 7.50
C LEU JA 32 34.87 -61.59 8.02
N PHE JA 33 35.52 -60.63 7.40
CA PHE JA 33 35.39 -59.24 7.77
C PHE JA 33 33.98 -58.93 8.28
N GLN JA 34 32.99 -59.08 7.40
CA GLN JA 34 31.58 -58.80 7.71
C GLN JA 34 30.97 -59.59 8.87
N TYR JA 35 31.40 -60.83 9.01
CA TYR JA 35 30.94 -61.70 10.08
C TYR JA 35 31.58 -61.10 11.35
N ALA JA 36 32.89 -60.86 11.22
CA ALA JA 36 33.79 -60.38 12.28
C ALA JA 36 33.92 -58.91 12.68
N CYS JA 37 33.89 -57.99 11.71
CA CYS JA 37 34.05 -56.58 12.05
C CYS JA 37 32.88 -55.70 11.66
N ALA JA 38 32.15 -56.10 10.62
CA ALA JA 38 30.99 -55.35 10.14
C ALA JA 38 30.52 -54.33 11.15
N SER JA 39 30.12 -54.83 12.33
CA SER JA 39 29.63 -54.02 13.45
C SER JA 39 30.18 -52.60 13.40
N CYS JA 40 31.48 -52.51 13.15
CA CYS JA 40 32.19 -51.25 13.17
C CYS JA 40 33.37 -51.30 12.21
N HIS JA 41 33.84 -50.12 11.80
CA HIS JA 41 34.95 -50.06 10.87
C HIS JA 41 34.48 -50.45 9.47
N VAL JA 42 33.16 -50.43 9.28
CA VAL JA 42 32.59 -50.79 7.99
C VAL JA 42 33.11 -49.79 6.97
N GLY JA 43 33.45 -50.27 5.79
CA GLY JA 43 34.14 -49.45 4.81
C GLY JA 43 35.54 -49.01 5.23
N GLY JA 44 36.00 -49.48 6.38
CA GLY JA 44 37.33 -49.11 6.84
C GLY JA 44 37.36 -47.99 7.84
N ILE JA 45 36.49 -48.01 8.82
CA ILE JA 45 36.49 -46.93 9.79
C ILE JA 45 35.79 -47.35 11.06
N THR JA 46 36.50 -47.21 12.19
CA THR JA 46 35.92 -47.61 13.47
C THR JA 46 34.82 -46.66 13.93
N LYS JA 47 33.64 -47.22 14.10
CA LYS JA 47 32.49 -46.47 14.57
C LYS JA 47 32.53 -46.22 16.08
N THR JA 48 33.23 -47.06 16.84
CA THR JA 48 33.34 -46.89 18.32
C THR JA 48 34.22 -45.70 18.62
N ASN JA 49 35.12 -45.43 17.67
CA ASN JA 49 36.05 -44.32 17.77
C ASN JA 49 36.42 -43.85 16.35
N PRO JA 50 35.63 -42.91 15.81
CA PRO JA 50 35.95 -42.45 14.46
C PRO JA 50 37.41 -42.00 14.29
N SER JA 51 38.04 -41.58 15.38
CA SER JA 51 39.40 -41.10 15.29
C SER JA 51 40.35 -42.07 14.61
N LEU JA 52 40.13 -43.37 14.79
CA LEU JA 52 41.02 -44.39 14.18
C LEU JA 52 40.48 -45.14 12.96
N ASP JA 53 41.30 -45.23 11.92
CA ASP JA 53 40.89 -45.90 10.70
C ASP JA 53 41.79 -47.07 10.31
N LEU JA 54 41.30 -47.88 9.38
CA LEU JA 54 42.01 -49.05 8.89
C LEU JA 54 42.85 -48.72 7.66
N ARG JA 55 43.06 -47.43 7.40
CA ARG JA 55 43.85 -47.01 6.23
C ARG JA 55 45.30 -47.49 6.26
N THR JA 56 45.85 -47.73 5.07
CA THR JA 56 47.21 -48.19 4.95
C THR JA 56 48.23 -47.30 5.66
N GLU JA 57 48.09 -45.99 5.50
CA GLU JA 57 48.98 -45.05 6.17
C GLU JA 57 48.89 -45.33 7.67
N THR JA 58 47.74 -45.00 8.23
CA THR JA 58 47.42 -45.19 9.66
C THR JA 58 48.11 -46.41 10.27
N LEU JA 59 47.75 -47.59 9.76
CA LEU JA 59 48.32 -48.85 10.21
C LEU JA 59 49.84 -48.75 10.22
N ALA JA 60 50.38 -48.29 9.09
CA ALA JA 60 51.82 -48.16 8.89
C ALA JA 60 52.48 -47.34 9.99
N LEU JA 61 51.83 -46.24 10.36
CA LEU JA 61 52.38 -45.38 11.39
C LEU JA 61 52.21 -45.99 12.79
N ALA JA 62 51.10 -46.69 12.99
CA ALA JA 62 50.79 -47.34 14.25
C ALA JA 62 52.02 -47.98 14.88
N THR JA 63 51.87 -48.44 16.12
CA THR JA 63 52.97 -49.12 16.80
C THR JA 63 52.43 -50.22 17.71
N PRO JA 64 52.84 -51.47 17.43
CA PRO JA 64 53.78 -51.79 16.33
C PRO JA 64 53.16 -51.66 14.92
N PRO JA 65 53.95 -51.18 13.93
CA PRO JA 65 53.41 -51.05 12.58
C PRO JA 65 52.48 -52.20 12.23
N ARG JA 66 51.25 -51.87 11.88
CA ARG JA 66 50.23 -52.87 11.55
C ARG JA 66 49.87 -52.90 10.06
N ASP JA 67 50.76 -52.37 9.23
CA ASP JA 67 50.59 -52.34 7.79
C ASP JA 67 51.13 -53.64 7.19
N ASN JA 68 51.00 -54.75 7.90
CA ASN JA 68 51.52 -56.02 7.41
C ASN JA 68 50.75 -57.18 8.01
N ILE JA 69 50.52 -58.22 7.23
CA ILE JA 69 49.74 -59.33 7.75
C ILE JA 69 50.09 -59.75 9.19
N GLU JA 70 51.33 -60.16 9.42
CA GLU JA 70 51.74 -60.60 10.75
C GLU JA 70 51.15 -59.62 11.77
N GLY JA 71 51.23 -58.34 11.44
CA GLY JA 71 50.75 -57.28 12.30
C GLY JA 71 49.27 -57.31 12.58
N LEU JA 72 48.45 -57.25 11.54
CA LEU JA 72 47.01 -57.28 11.75
C LEU JA 72 46.71 -58.63 12.41
N VAL JA 73 47.66 -59.56 12.30
CA VAL JA 73 47.55 -60.89 12.92
C VAL JA 73 47.86 -60.72 14.40
N ASP JA 74 48.95 -60.03 14.69
CA ASP JA 74 49.37 -59.74 16.05
C ASP JA 74 48.13 -59.20 16.75
N TYR JA 75 47.56 -58.15 16.16
CA TYR JA 75 46.36 -57.51 16.70
C TYR JA 75 45.29 -58.56 16.97
N MET JA 76 44.84 -59.23 15.90
CA MET JA 76 43.80 -60.24 16.02
C MET JA 76 44.10 -61.31 17.10
N LYS JA 77 45.36 -61.36 17.55
CA LYS JA 77 45.79 -62.29 18.60
C LYS JA 77 45.83 -61.50 19.91
N ASN JA 78 46.56 -60.39 19.90
CA ASN JA 78 46.67 -59.52 21.06
C ASN JA 78 46.29 -58.10 20.64
N PRO JA 79 45.21 -57.53 21.21
CA PRO JA 79 44.78 -56.17 20.87
C PRO JA 79 45.31 -55.06 21.77
N THR JA 80 46.07 -54.13 21.19
CA THR JA 80 46.66 -53.00 21.91
C THR JA 80 46.34 -51.73 21.15
N THR JA 81 46.36 -50.61 21.84
CA THR JA 81 46.05 -49.33 21.22
C THR JA 81 47.13 -48.88 20.26
N TYR JA 82 46.92 -47.70 19.69
CA TYR JA 82 47.90 -47.11 18.80
C TYR JA 82 49.01 -46.91 19.78
N ASP JA 83 50.24 -46.81 19.29
CA ASP JA 83 51.41 -46.68 20.14
C ASP JA 83 51.57 -47.68 21.29
N GLY JA 84 52.55 -48.56 21.13
CA GLY JA 84 52.87 -49.56 22.12
C GLY JA 84 51.83 -50.17 23.05
N GLU JA 85 52.01 -49.89 24.35
CA GLU JA 85 51.20 -50.43 25.44
C GLU JA 85 49.69 -50.22 25.58
N GLN JA 86 49.17 -50.94 26.58
CA GLN JA 86 47.77 -51.02 26.98
C GLN JA 86 47.16 -52.13 26.14
N GLU JA 87 47.17 -53.34 26.69
CA GLU JA 87 46.58 -54.49 26.00
C GLU JA 87 45.07 -54.29 26.12
N ILE JA 88 44.42 -54.10 24.98
CA ILE JA 88 42.99 -53.89 24.97
C ILE JA 88 42.23 -55.10 24.41
N ALA JA 89 42.31 -56.22 25.11
CA ALA JA 89 41.62 -57.43 24.68
C ALA JA 89 40.45 -57.62 25.60
N GLU JA 90 40.49 -56.88 26.69
CA GLU JA 90 39.45 -56.91 27.73
C GLU JA 90 38.28 -56.02 27.27
N VAL JA 91 38.37 -55.50 26.05
CA VAL JA 91 37.34 -54.63 25.47
C VAL JA 91 37.13 -55.02 24.02
N HIS JA 92 38.17 -54.78 23.24
CA HIS JA 92 38.21 -55.06 21.81
C HIS JA 92 38.40 -56.57 21.59
N PRO JA 93 37.36 -57.29 21.10
CA PRO JA 93 37.51 -58.74 20.88
C PRO JA 93 38.71 -59.12 20.01
N SER JA 94 39.41 -60.17 20.46
CA SER JA 94 40.60 -60.68 19.78
C SER JA 94 40.75 -62.16 20.18
N LEU JA 95 41.57 -62.92 19.48
CA LEU JA 95 41.71 -64.32 19.85
C LEU JA 95 41.98 -64.38 21.34
N ARG JA 96 42.50 -63.30 21.91
CA ARG JA 96 42.57 -63.28 23.35
C ARG JA 96 41.11 -63.16 23.76
N SER JA 97 40.67 -61.96 24.14
CA SER JA 97 39.24 -61.70 24.21
C SER JA 97 38.54 -62.72 25.10
N ALA JA 98 39.18 -63.07 26.22
CA ALA JA 98 38.74 -64.20 27.03
C ALA JA 98 37.34 -64.70 26.67
N ASP JA 99 37.22 -65.34 25.51
CA ASP JA 99 35.96 -65.93 25.07
C ASP JA 99 34.84 -64.91 25.07
N ILE JA 100 35.13 -63.70 24.59
CA ILE JA 100 34.19 -62.59 24.68
C ILE JA 100 33.81 -62.17 23.27
N PHE JA 101 32.50 -62.16 23.03
CA PHE JA 101 31.97 -61.86 21.71
C PHE JA 101 32.65 -62.94 20.86
N PRO JA 102 32.14 -64.18 21.05
CA PRO JA 102 32.53 -65.46 20.43
C PRO JA 102 32.84 -65.34 18.96
N LYS JA 103 32.33 -64.30 18.33
CA LYS JA 103 32.59 -64.12 16.92
C LYS JA 103 34.06 -64.46 16.69
N MET JA 104 34.84 -64.35 17.76
CA MET JA 104 36.26 -64.65 17.71
C MET JA 104 36.71 -66.10 17.99
N ARG JA 105 36.08 -66.77 18.96
CA ARG JA 105 36.45 -68.16 19.28
C ARG JA 105 36.90 -69.02 18.09
N ASN JA 106 35.95 -69.26 17.18
CA ASN JA 106 36.12 -70.11 15.99
C ASN JA 106 37.35 -69.93 15.08
N LEU JA 107 37.47 -68.77 14.43
CA LEU JA 107 38.59 -68.45 13.51
C LEU JA 107 39.89 -69.21 13.71
N THR JA 108 40.72 -69.20 12.67
CA THR JA 108 42.02 -69.85 12.71
C THR JA 108 43.07 -69.08 11.92
N GLU JA 109 44.25 -69.67 11.75
CA GLU JA 109 45.29 -68.97 11.02
C GLU JA 109 44.90 -68.75 9.59
N LYS JA 110 44.32 -69.76 8.95
CA LYS JA 110 43.89 -69.61 7.57
C LYS JA 110 43.05 -68.33 7.51
N ASP JA 111 42.24 -68.12 8.56
CA ASP JA 111 41.32 -66.96 8.68
C ASP JA 111 42.02 -65.60 8.89
N LEU JA 112 42.78 -65.49 9.97
CA LEU JA 112 43.48 -64.25 10.30
C LEU JA 112 44.48 -63.81 9.25
N VAL JA 113 45.11 -64.76 8.60
CA VAL JA 113 46.08 -64.43 7.57
C VAL JA 113 45.37 -63.69 6.42
N ALA JA 114 44.10 -64.05 6.20
CA ALA JA 114 43.25 -63.49 5.12
C ALA JA 114 42.50 -62.18 5.43
N ILE JA 115 41.75 -62.16 6.53
CA ILE JA 115 41.03 -60.96 6.94
C ILE JA 115 42.04 -59.82 6.80
N ALA JA 116 43.14 -59.97 7.53
CA ALA JA 116 44.23 -58.99 7.54
C ALA JA 116 44.67 -58.58 6.12
N GLY JA 117 44.50 -59.48 5.16
CA GLY JA 117 44.86 -59.19 3.77
C GLY JA 117 43.81 -58.25 3.22
N HIS JA 118 42.57 -58.65 3.43
CA HIS JA 118 41.38 -57.91 3.02
C HIS JA 118 41.53 -56.42 3.36
N ILE JA 119 42.00 -56.11 4.56
CA ILE JA 119 42.19 -54.72 5.01
C ILE JA 119 43.19 -53.92 4.16
N LEU JA 120 44.30 -54.56 3.81
CA LEU JA 120 45.35 -53.92 3.02
C LEU JA 120 45.06 -54.04 1.54
N VAL JA 121 44.20 -54.99 1.19
CA VAL JA 121 43.79 -55.21 -0.19
C VAL JA 121 42.80 -54.15 -0.65
N GLU JA 122 41.82 -53.88 0.21
CA GLU JA 122 40.74 -52.91 -0.04
C GLU JA 122 41.21 -51.58 -0.56
N PRO JA 123 41.81 -50.74 0.31
CA PRO JA 123 42.24 -49.45 -0.24
C PRO JA 123 42.85 -49.53 -1.65
N LYS JA 124 43.52 -50.64 -1.98
CA LYS JA 124 44.11 -50.80 -3.31
C LYS JA 124 42.98 -50.84 -4.33
N ILE JA 125 41.81 -51.23 -3.84
CA ILE JA 125 40.58 -51.32 -4.60
C ILE JA 125 39.87 -49.95 -4.53
N LEU JA 126 39.30 -49.67 -3.36
CA LEU JA 126 38.56 -48.46 -3.04
C LEU JA 126 39.53 -47.31 -2.72
N GLY JA 127 39.92 -46.56 -3.74
CA GLY JA 127 40.86 -45.45 -3.61
C GLY JA 127 41.22 -45.01 -2.21
N ASP JA 128 40.19 -44.67 -1.44
CA ASP JA 128 40.34 -44.24 -0.07
C ASP JA 128 38.95 -44.05 0.54
N LYS JA 129 37.94 -44.51 -0.20
CA LYS JA 129 36.56 -44.49 0.26
C LYS JA 129 36.68 -45.41 1.48
N TRP JA 130 37.87 -46.00 1.59
CA TRP JA 130 38.22 -46.94 2.63
C TRP JA 130 38.35 -46.34 4.02
N GLY JA 131 38.93 -45.15 4.11
CA GLY JA 131 39.10 -44.52 5.41
C GLY JA 131 38.05 -43.45 5.65
N GLY JA 132 37.62 -42.83 4.55
CA GLY JA 132 36.62 -41.78 4.64
C GLY JA 132 35.18 -42.24 4.58
N GLY JA 133 34.46 -41.95 5.66
CA GLY JA 133 33.08 -42.40 5.81
C GLY JA 133 32.06 -41.28 5.71
N LYS JA 134 30.91 -41.59 5.11
CA LYS JA 134 29.85 -40.62 4.92
C LYS JA 134 30.14 -39.60 3.82
N VAL JA 135 31.28 -38.91 3.93
CA VAL JA 135 31.63 -37.87 2.96
C VAL JA 135 31.76 -38.44 1.55
N TYR JA 136 32.37 -39.62 1.45
CA TYR JA 136 32.55 -40.28 0.16
C TYR JA 136 31.29 -41.05 -0.14
N TYR JA 137 31.47 -42.32 -0.46
CA TYR JA 137 30.35 -43.15 -0.79
C TYR JA 137 29.98 -42.79 -2.24
N THR KA 1 28.02 -26.48 -49.76
CA THR KA 1 27.05 -27.54 -50.16
C THR KA 1 27.75 -28.90 -50.01
N ILE KA 2 26.97 -29.99 -49.92
CA ILE KA 2 27.45 -31.38 -49.72
C ILE KA 2 28.13 -31.63 -48.37
N THR KA 3 27.40 -31.33 -47.31
CA THR KA 3 27.88 -31.52 -45.93
C THR KA 3 27.48 -32.88 -45.37
N PRO KA 4 28.32 -33.44 -44.48
CA PRO KA 4 28.05 -34.75 -43.86
C PRO KA 4 26.70 -34.86 -43.18
N SER KA 5 26.22 -33.77 -42.58
CA SER KA 5 24.92 -33.81 -41.92
C SER KA 5 23.83 -33.40 -42.89
N LEU KA 6 24.21 -32.77 -44.00
CA LEU KA 6 23.23 -32.36 -45.01
C LEU KA 6 22.69 -33.64 -45.65
N LYS KA 7 23.63 -34.51 -46.03
CA LYS KA 7 23.34 -35.81 -46.61
C LYS KA 7 22.67 -36.63 -45.51
N GLY KA 8 23.18 -36.48 -44.29
CA GLY KA 8 22.62 -37.18 -43.15
C GLY KA 8 21.17 -36.75 -42.96
N PHE KA 9 20.86 -35.53 -43.40
CA PHE KA 9 19.50 -34.99 -43.31
C PHE KA 9 18.59 -35.55 -44.39
N PHE KA 10 19.11 -35.67 -45.61
CA PHE KA 10 18.32 -36.22 -46.70
C PHE KA 10 18.01 -37.65 -46.35
N ILE KA 11 19.06 -38.40 -45.99
CA ILE KA 11 18.91 -39.79 -45.63
C ILE KA 11 17.78 -40.02 -44.64
N GLY KA 12 17.62 -39.11 -43.69
CA GLY KA 12 16.54 -39.26 -42.74
C GLY KA 12 15.20 -39.08 -43.42
N LEU KA 13 15.10 -38.04 -44.22
CA LEU KA 13 13.86 -37.75 -44.92
C LEU KA 13 13.35 -38.96 -45.67
N LEU KA 14 14.22 -39.55 -46.48
CA LEU KA 14 13.82 -40.73 -47.22
C LEU KA 14 13.45 -41.78 -46.21
N SER KA 15 14.33 -41.99 -45.23
CA SER KA 15 14.09 -42.99 -44.21
C SER KA 15 12.64 -42.86 -43.72
N GLY KA 16 12.28 -41.67 -43.25
CA GLY KA 16 10.93 -41.48 -42.80
C GLY KA 16 10.01 -41.81 -43.95
N ALA KA 17 10.28 -41.19 -45.10
CA ALA KA 17 9.47 -41.44 -46.28
C ALA KA 17 9.32 -42.94 -46.50
N VAL KA 18 10.44 -43.67 -46.38
CA VAL KA 18 10.46 -45.11 -46.56
C VAL KA 18 9.45 -45.74 -45.60
N VAL KA 19 9.33 -45.17 -44.40
CA VAL KA 19 8.37 -45.69 -43.44
C VAL KA 19 6.96 -45.23 -43.78
N LEU KA 20 6.84 -44.09 -44.48
CA LEU KA 20 5.53 -43.58 -44.86
C LEU KA 20 4.99 -44.45 -46.02
N GLY KA 21 5.80 -44.62 -47.06
CA GLY KA 21 5.38 -45.41 -48.20
C GLY KA 21 5.00 -46.85 -47.87
N LEU KA 22 5.87 -47.53 -47.12
CA LEU KA 22 5.62 -48.91 -46.77
C LEU KA 22 4.41 -49.12 -45.86
N THR KA 23 4.17 -48.16 -44.97
CA THR KA 23 3.03 -48.27 -44.09
C THR KA 23 1.75 -47.91 -44.85
N PHE KA 24 1.82 -46.79 -45.57
CA PHE KA 24 0.67 -46.31 -46.33
C PHE KA 24 0.27 -47.21 -47.49
N ALA KA 25 1.24 -47.67 -48.27
CA ALA KA 25 0.95 -48.55 -49.39
C ALA KA 25 0.42 -49.91 -48.89
N VAL KA 26 0.76 -50.21 -47.64
CA VAL KA 26 0.35 -51.45 -46.99
C VAL KA 26 -1.01 -51.33 -46.31
N LEU KA 27 -1.40 -50.10 -46.00
CA LEU KA 27 -2.69 -49.85 -45.36
C LEU KA 27 -3.81 -49.99 -46.40
N ILE KA 28 -3.59 -49.43 -47.59
CA ILE KA 28 -4.60 -49.48 -48.64
C ILE KA 28 -4.69 -50.86 -49.31
N ALA KA 29 -3.75 -51.74 -49.00
CA ALA KA 29 -3.79 -53.08 -49.54
C ALA KA 29 -4.86 -53.84 -48.75
N ILE KA 30 -4.96 -53.57 -47.43
CA ILE KA 30 -5.98 -54.24 -46.58
C ILE KA 30 -7.28 -53.46 -46.58
N SER KA 31 -7.15 -52.14 -46.79
CA SER KA 31 -8.29 -51.24 -46.91
C SER KA 31 -9.28 -51.90 -47.82
N GLN KA 32 -8.87 -52.05 -49.07
CA GLN KA 32 -9.72 -52.71 -50.04
C GLN KA 32 -9.31 -54.20 -50.24
N ILE KA 33 -9.85 -55.03 -49.33
CA ILE KA 33 -9.70 -56.48 -49.30
C ILE KA 33 -10.78 -57.01 -48.34
N ASP KA 34 -11.84 -56.19 -48.20
CA ASP KA 34 -13.02 -56.46 -47.39
C ASP KA 34 -13.80 -55.19 -47.02
N ILE LA 1 22.39 -80.91 -3.68
CA ILE LA 1 22.76 -79.49 -3.96
C ILE LA 1 21.52 -78.59 -3.97
N ALA LA 2 20.52 -78.95 -4.77
CA ALA LA 2 19.32 -78.16 -4.86
C ALA LA 2 18.08 -78.95 -4.45
N GLN LA 3 17.45 -78.52 -3.36
CA GLN LA 3 16.24 -79.15 -2.86
C GLN LA 3 15.05 -78.46 -3.56
N LEU LA 4 15.37 -77.80 -4.68
CA LEU LA 4 14.41 -77.10 -5.53
C LEU LA 4 13.39 -78.11 -6.02
N THR LA 5 13.82 -79.37 -5.97
CA THR LA 5 12.99 -80.48 -6.41
C THR LA 5 11.88 -80.68 -5.37
N MET LA 6 12.24 -80.57 -4.10
CA MET LA 6 11.31 -80.75 -2.99
C MET LA 6 10.17 -79.77 -3.02
N ILE LA 7 10.52 -78.48 -3.01
CA ILE LA 7 9.55 -77.39 -3.03
C ILE LA 7 8.65 -77.51 -4.27
N ALA LA 8 9.25 -77.96 -5.38
CA ALA LA 8 8.51 -78.14 -6.63
C ALA LA 8 7.63 -79.37 -6.47
N MET LA 9 8.10 -80.35 -5.71
CA MET LA 9 7.29 -81.54 -5.49
C MET LA 9 6.15 -81.25 -4.53
N ILE LA 10 6.45 -80.66 -3.37
CA ILE LA 10 5.39 -80.35 -2.42
C ILE LA 10 4.41 -79.46 -3.16
N GLY LA 11 4.93 -78.66 -4.09
CA GLY LA 11 4.12 -77.75 -4.87
C GLY LA 11 3.09 -78.48 -5.73
N ILE LA 12 3.57 -79.07 -6.82
CA ILE LA 12 2.72 -79.81 -7.76
C ILE LA 12 1.77 -80.78 -7.03
N ALA LA 13 2.02 -80.98 -5.73
CA ALA LA 13 1.23 -81.85 -4.88
C ALA LA 13 -0.19 -81.38 -4.60
N GLY LA 14 -0.32 -80.24 -3.91
CA GLY LA 14 -1.63 -79.68 -3.54
C GLY LA 14 -2.51 -79.17 -4.67
N PRO LA 15 -1.93 -78.90 -5.87
CA PRO LA 15 -2.67 -78.44 -7.06
C PRO LA 15 -2.99 -79.64 -7.98
N MET LA 16 -2.31 -80.76 -7.77
CA MET LA 16 -2.61 -81.93 -8.60
C MET LA 16 -3.43 -82.96 -7.81
N ILE LA 17 -3.81 -82.60 -6.59
CA ILE LA 17 -4.66 -83.46 -5.79
C ILE LA 17 -6.07 -82.99 -6.16
N ILE LA 18 -6.14 -81.81 -6.77
CA ILE LA 18 -7.41 -81.30 -7.22
C ILE LA 18 -7.62 -81.77 -8.66
N PHE LA 19 -6.51 -82.08 -9.35
CA PHE LA 19 -6.51 -82.60 -10.73
C PHE LA 19 -7.04 -84.05 -10.76
N LEU LA 20 -6.59 -84.85 -9.80
CA LEU LA 20 -7.01 -86.24 -9.68
C LEU LA 20 -8.45 -86.29 -9.16
N LEU LA 21 -8.90 -85.19 -8.54
CA LEU LA 21 -10.26 -85.10 -7.99
C LEU LA 21 -11.32 -84.64 -8.99
N ALA LA 22 -10.89 -83.99 -10.06
CA ALA LA 22 -11.80 -83.51 -11.10
C ALA LA 22 -11.94 -84.55 -12.21
N VAL LA 23 -10.88 -85.31 -12.47
CA VAL LA 23 -10.91 -86.33 -13.50
C VAL LA 23 -11.51 -87.58 -12.86
N ARG LA 24 -11.43 -87.66 -11.53
CA ARG LA 24 -12.05 -88.77 -10.80
C ARG LA 24 -13.42 -88.20 -10.49
N ARG LA 25 -13.52 -86.88 -10.64
CA ARG LA 25 -14.75 -86.14 -10.39
C ARG LA 25 -15.11 -86.37 -8.94
N GLY LA 26 -15.48 -85.33 -8.21
CA GLY LA 26 -15.80 -85.57 -6.82
C GLY LA 26 -16.21 -84.40 -5.97
N ASN LA 27 -17.38 -83.85 -6.25
CA ASN LA 27 -17.96 -82.73 -5.51
C ASN LA 27 -16.90 -81.85 -4.82
N LEU LA 28 -16.16 -81.07 -5.62
CA LEU LA 28 -15.14 -80.17 -5.08
C LEU LA 28 -15.82 -78.88 -4.62
N UNK MA 1 29.77 -62.39 -36.10
CA UNK MA 1 28.80 -62.96 -37.10
C UNK MA 1 28.32 -64.35 -36.69
N UNK MA 2 29.18 -65.11 -36.02
CA UNK MA 2 28.86 -66.47 -35.57
C UNK MA 2 27.94 -66.49 -34.33
N UNK MA 3 28.10 -65.48 -33.47
CA UNK MA 3 27.26 -65.36 -32.27
C UNK MA 3 25.86 -64.90 -32.68
N UNK MA 4 25.77 -64.14 -33.78
CA UNK MA 4 24.51 -63.63 -34.31
C UNK MA 4 23.53 -64.75 -34.66
N UNK MA 5 24.03 -65.76 -35.36
CA UNK MA 5 23.21 -66.90 -35.76
C UNK MA 5 22.91 -67.80 -34.55
N UNK MA 6 23.91 -67.96 -33.68
CA UNK MA 6 23.77 -68.77 -32.47
C UNK MA 6 22.55 -68.34 -31.62
N UNK MA 7 22.27 -67.03 -31.60
CA UNK MA 7 21.14 -66.44 -30.87
C UNK MA 7 19.95 -66.27 -31.81
N UNK MA 8 20.24 -66.07 -33.09
CA UNK MA 8 19.20 -65.92 -34.10
C UNK MA 8 18.66 -67.32 -34.49
N UNK MA 9 19.20 -68.37 -33.89
CA UNK MA 9 18.80 -69.75 -34.19
C UNK MA 9 17.40 -70.18 -33.75
N UNK MA 10 17.01 -69.87 -32.51
CA UNK MA 10 15.70 -70.26 -31.98
C UNK MA 10 14.51 -69.52 -32.63
N UNK MA 11 14.80 -68.35 -33.23
CA UNK MA 11 13.79 -67.54 -33.90
C UNK MA 11 13.38 -68.13 -35.27
N UNK MA 12 14.29 -68.86 -35.92
CA UNK MA 12 14.01 -69.49 -37.22
C UNK MA 12 13.31 -70.84 -37.02
N UNK MA 13 13.56 -71.49 -35.89
CA UNK MA 13 12.96 -72.79 -35.56
C UNK MA 13 11.49 -72.66 -35.15
N UNK MA 14 11.14 -71.55 -34.48
CA UNK MA 14 9.77 -71.30 -34.04
C UNK MA 14 8.87 -70.78 -35.18
N UNK MA 15 9.49 -70.17 -36.18
CA UNK MA 15 8.79 -69.63 -37.37
C UNK MA 15 8.50 -70.77 -38.34
N UNK MA 16 9.15 -71.91 -38.10
CA UNK MA 16 8.98 -73.12 -38.91
C UNK MA 16 7.80 -73.97 -38.41
N UNK MA 17 7.51 -73.91 -37.10
CA UNK MA 17 6.39 -74.65 -36.52
C UNK MA 17 5.07 -74.02 -36.99
N UNK MA 18 5.16 -72.79 -37.48
CA UNK MA 18 4.01 -72.05 -38.01
C UNK MA 18 3.56 -72.72 -39.32
N UNK MA 19 4.34 -73.70 -39.77
CA UNK MA 19 4.02 -74.44 -41.00
C UNK MA 19 2.78 -75.29 -40.73
N UNK MA 20 2.54 -75.57 -39.45
CA UNK MA 20 1.37 -76.33 -39.03
C UNK MA 20 0.16 -75.41 -39.21
N UNK MA 21 0.43 -74.10 -39.21
CA UNK MA 21 -0.59 -73.05 -39.38
C UNK MA 21 -0.83 -72.64 -40.85
N UNK MA 22 0.20 -72.80 -41.70
CA UNK MA 22 0.09 -72.47 -43.13
C UNK MA 22 -0.78 -73.54 -43.78
N UNK MA 23 -0.50 -74.80 -43.40
CA UNK MA 23 -1.22 -75.96 -43.91
C UNK MA 23 -2.71 -75.91 -43.55
N UNK MA 24 -3.00 -75.62 -42.29
CA UNK MA 24 -4.38 -75.54 -41.79
C UNK MA 24 -4.75 -74.11 -41.34
N MET NA 1 22.46 -98.44 16.14
CA MET NA 1 21.31 -98.52 15.20
C MET NA 1 21.18 -97.23 14.38
N THR NA 2 22.31 -96.54 14.19
CA THR NA 2 22.33 -95.27 13.44
C THR NA 2 21.76 -95.38 12.01
N ILE NA 3 22.20 -96.40 11.28
CA ILE NA 3 21.76 -96.64 9.90
C ILE NA 3 20.25 -96.92 9.84
N LEU NA 4 19.81 -97.90 10.62
CA LEU NA 4 18.40 -98.30 10.68
C LEU NA 4 17.49 -97.14 11.13
N PHE NA 5 18.12 -96.06 11.58
CA PHE NA 5 17.37 -94.89 12.03
C PHE NA 5 16.88 -93.99 10.90
N GLN NA 6 17.80 -93.41 10.15
CA GLN NA 6 17.48 -92.52 9.04
C GLN NA 6 16.31 -93.00 8.19
N LEU NA 7 16.00 -94.29 8.29
CA LEU NA 7 14.91 -94.86 7.51
C LEU NA 7 13.62 -95.06 8.31
N ALA NA 8 13.68 -94.86 9.63
CA ALA NA 8 12.50 -94.99 10.48
C ALA NA 8 11.63 -93.73 10.32
N LEU NA 9 12.29 -92.62 10.01
CA LEU NA 9 11.62 -91.34 9.80
C LEU NA 9 11.44 -91.13 8.29
N ALA NA 10 12.48 -91.47 7.52
CA ALA NA 10 12.44 -91.36 6.07
C ALA NA 10 11.34 -92.33 5.63
N ALA NA 11 10.61 -92.81 6.63
CA ALA NA 11 9.48 -93.73 6.49
C ALA NA 11 8.21 -92.92 6.79
N LEU NA 12 8.30 -92.07 7.80
CA LEU NA 12 7.17 -91.23 8.17
C LEU NA 12 7.14 -90.03 7.22
N VAL NA 13 8.23 -89.83 6.49
CA VAL NA 13 8.30 -88.72 5.53
C VAL NA 13 7.37 -89.03 4.36
N ILE NA 14 7.66 -90.10 3.62
CA ILE NA 14 6.82 -90.49 2.49
C ILE NA 14 5.44 -90.96 2.97
N LEU NA 15 5.34 -91.35 4.24
CA LEU NA 15 4.04 -91.79 4.77
C LEU NA 15 3.09 -90.60 4.73
N SER NA 16 3.55 -89.44 5.19
CA SER NA 16 2.73 -88.24 5.21
C SER NA 16 2.58 -87.60 3.81
N PHE NA 17 3.69 -87.52 3.06
CA PHE NA 17 3.70 -86.95 1.72
C PHE NA 17 2.59 -87.69 0.95
N VAL NA 18 2.41 -88.95 1.32
CA VAL NA 18 1.39 -89.81 0.75
C VAL NA 18 0.10 -89.73 1.60
N MET NA 19 0.24 -89.27 2.85
CA MET NA 19 -0.89 -89.11 3.78
C MET NA 19 -1.68 -87.90 3.34
N VAL NA 20 -0.94 -86.91 2.88
CA VAL NA 20 -1.49 -85.65 2.42
C VAL NA 20 -2.33 -85.75 1.15
N ILE NA 21 -1.85 -86.50 0.16
CA ILE NA 21 -2.56 -86.65 -1.10
C ILE NA 21 -3.76 -87.61 -0.97
N GLY NA 22 -3.64 -88.56 -0.06
CA GLY NA 22 -4.67 -89.57 0.14
C GLY NA 22 -5.90 -89.25 0.93
N VAL NA 23 -5.75 -89.01 2.23
CA VAL NA 23 -6.86 -88.69 3.11
C VAL NA 23 -7.95 -87.82 2.46
N PRO NA 24 -7.55 -86.69 1.83
CA PRO NA 24 -8.43 -85.72 1.16
C PRO NA 24 -9.39 -86.29 0.09
N VAL NA 25 -8.84 -86.95 -0.91
CA VAL NA 25 -9.63 -87.55 -1.97
C VAL NA 25 -10.71 -88.45 -1.34
N ALA NA 26 -10.47 -88.89 -0.12
CA ALA NA 26 -11.39 -89.78 0.60
C ALA NA 26 -12.74 -89.19 1.01
N TYR NA 27 -12.78 -87.89 1.25
CA TYR NA 27 -14.03 -87.25 1.67
C TYR NA 27 -14.61 -86.49 0.48
N ALA NA 28 -13.85 -86.48 -0.61
CA ALA NA 28 -14.23 -85.76 -1.83
C ALA NA 28 -14.66 -86.61 -3.03
N SER NA 29 -13.95 -87.71 -3.31
CA SER NA 29 -14.27 -88.54 -4.48
C SER NA 29 -15.29 -89.66 -4.28
N PRO NA 30 -16.23 -89.81 -5.24
CA PRO NA 30 -17.29 -90.82 -5.24
C PRO NA 30 -16.70 -92.21 -5.55
N GLN NA 31 -15.39 -92.27 -5.74
CA GLN NA 31 -14.71 -93.53 -6.03
C GLN NA 31 -14.59 -94.30 -4.71
N ASP NA 32 -15.73 -94.67 -4.15
CA ASP NA 32 -15.82 -95.41 -2.88
C ASP NA 32 -15.20 -94.64 -1.72
N TRP NA 33 -16.06 -94.07 -0.88
CA TRP NA 33 -15.63 -93.30 0.27
C TRP NA 33 -15.31 -94.22 1.45
N ASP NA 34 -15.72 -95.48 1.31
CA ASP NA 34 -15.53 -96.51 2.35
C ASP NA 34 -14.24 -97.35 2.19
N ARG NA 35 -13.92 -97.77 0.97
CA ARG NA 35 -12.70 -98.56 0.75
C ARG NA 35 -11.47 -97.73 1.06
N SER NA 36 -11.51 -96.46 0.67
CA SER NA 36 -10.41 -95.52 0.90
C SER NA 36 -10.45 -95.02 2.33
N LYS NA 37 -11.64 -95.06 2.93
CA LYS NA 37 -11.90 -94.63 4.30
C LYS NA 37 -11.20 -95.52 5.36
N GLN NA 38 -11.14 -96.83 5.08
CA GLN NA 38 -10.47 -97.73 6.01
C GLN NA 38 -8.96 -97.67 5.75
N LEU NA 39 -8.57 -97.70 4.48
CA LEU NA 39 -7.17 -97.60 4.10
C LEU NA 39 -6.68 -96.27 4.67
N ILE NA 40 -7.63 -95.45 5.15
CA ILE NA 40 -7.35 -94.15 5.76
C ILE NA 40 -6.73 -94.38 7.13
N PHE NA 41 -7.20 -95.40 7.84
CA PHE NA 41 -6.62 -95.68 9.14
C PHE NA 41 -5.28 -96.40 8.97
N LEU NA 42 -4.88 -96.66 7.72
CA LEU NA 42 -3.61 -97.34 7.39
C LEU NA 42 -2.34 -96.54 7.78
N GLY NA 43 -2.08 -95.44 7.07
CA GLY NA 43 -0.93 -94.63 7.40
C GLY NA 43 -1.22 -93.92 8.72
N SER NA 44 -2.49 -93.99 9.14
CA SER NA 44 -2.97 -93.38 10.40
C SER NA 44 -2.82 -94.35 11.57
N GLY NA 45 -2.06 -95.41 11.33
CA GLY NA 45 -1.75 -96.42 12.33
C GLY NA 45 -0.24 -96.35 12.35
N LEU NA 46 0.32 -96.35 11.15
CA LEU NA 46 1.76 -96.24 10.93
C LEU NA 46 2.27 -94.85 11.33
N TRP NA 47 1.36 -93.87 11.33
CA TRP NA 47 1.71 -92.49 11.67
C TRP NA 47 1.95 -92.25 13.16
N ILE NA 48 1.01 -92.67 13.99
CA ILE NA 48 1.19 -92.47 15.42
C ILE NA 48 2.51 -93.07 15.84
N ALA NA 49 2.89 -94.17 15.20
CA ALA NA 49 4.13 -94.89 15.50
C ALA NA 49 5.35 -94.47 14.69
N LEU NA 50 5.32 -94.55 13.36
CA LEU NA 50 6.49 -94.16 12.53
C LEU NA 50 7.19 -92.95 13.12
N VAL NA 51 6.42 -92.19 13.90
CA VAL NA 51 6.89 -90.99 14.61
C VAL NA 51 7.43 -91.41 15.99
N LEU NA 52 6.64 -92.19 16.71
CA LEU NA 52 7.05 -92.69 18.00
C LEU NA 52 8.23 -93.65 17.82
N VAL NA 53 8.46 -94.11 16.58
CA VAL NA 53 9.57 -95.03 16.24
C VAL NA 53 10.83 -94.16 16.10
N VAL NA 54 10.71 -93.10 15.31
CA VAL NA 54 11.79 -92.13 15.15
C VAL NA 54 11.76 -91.50 16.54
N GLY NA 55 10.85 -92.05 17.34
CA GLY NA 55 10.62 -91.67 18.73
C GLY NA 55 11.79 -91.93 19.66
N VAL NA 56 11.75 -93.06 20.36
CA VAL NA 56 12.82 -93.40 21.27
C VAL NA 56 14.09 -93.61 20.44
N LEU NA 57 13.91 -93.66 19.12
CA LEU NA 57 15.00 -93.85 18.15
C LEU NA 57 15.88 -92.60 18.06
N ASN NA 58 15.22 -91.44 18.13
CA ASN NA 58 15.88 -90.14 18.05
C ASN NA 58 17.05 -89.96 19.03
N PHE NA 59 17.03 -90.72 20.12
CA PHE NA 59 18.05 -90.61 21.15
C PHE NA 59 19.41 -91.20 20.81
N PHE NA 60 19.44 -92.21 19.95
CA PHE NA 60 20.71 -92.80 19.57
C PHE NA 60 21.13 -92.14 18.28
N VAL NA 61 21.51 -90.86 18.38
CA VAL NA 61 21.95 -90.01 17.26
C VAL NA 61 23.34 -90.34 16.68
N VAL NA 62 24.40 -89.96 17.39
CA VAL NA 62 25.79 -90.20 16.96
C VAL NA 62 26.45 -91.39 17.70
MN1 OEC OA . 3.28 42.28 -6.09
MN2 OEC OA . 4.75 43.19 -7.82
MN3 OEC OA . 4.26 41.07 -9.03
MN4 OEC OA . 3.39 38.64 -8.65
CA1 OEC OA . 1.08 42.11 -8.88
FE FE2 PA . -38.75 26.00 -9.78
MG CLA QA . -13.27 35.98 -2.66
CHA CLA QA . -13.37 36.16 -6.08
CHB CLA QA . -16.52 35.02 -2.63
CHC CLA QA . -13.12 35.82 0.78
CHD CLA QA . -9.85 36.99 -2.74
NA CLA QA . -14.68 35.65 -4.05
C1A CLA QA . -14.57 35.75 -5.34
C2A CLA QA . -15.81 35.44 -6.12
C3A CLA QA . -16.78 35.09 -5.03
C4A CLA QA . -15.95 35.26 -3.81
CMA CLA QA . -17.95 36.07 -5.00
CAA CLA QA . -15.54 34.25 -7.02
CBA CLA QA . -16.84 33.58 -7.44
CGA CLA QA . -17.42 34.29 -8.64
O1A CLA QA . -17.55 35.51 -8.62
O2A CLA QA . -17.70 33.57 -9.86
NB CLA QA . -14.60 35.50 -1.18
C1B CLA QA . -15.90 35.13 -1.31
C2B CLA QA . -16.64 34.83 -0.05
C3B CLA QA . -15.60 35.07 0.94
C4B CLA QA . -14.40 35.48 0.15
CMB CLA QA . -18.07 34.39 0.13
CAB CLA QA . -15.70 34.95 2.41
CBB CLA QA . -16.77 34.41 2.95
NC CLA QA . -11.80 36.33 -1.26
C1C CLA QA . -11.89 36.23 0.09
C2C CLA QA . -10.66 36.53 0.86
C3C CLA QA . -9.70 36.88 -0.19
C4C CLA QA . -10.49 36.72 -1.43
CMC CLA QA . -10.45 36.50 2.36
CAC CLA QA . -8.25 37.30 -0.04
CBC CLA QA . -7.44 36.68 -1.16
ND CLA QA . -11.84 36.48 -4.03
C1D CLA QA . -10.54 36.87 -4.03
C2D CLA QA . -9.99 37.11 -5.42
C3D CLA QA . -11.19 36.81 -6.20
C4D CLA QA . -12.17 36.47 -5.36
CMD CLA QA . -8.71 37.52 -6.08
CAD CLA QA . -11.71 36.74 -7.59
OBD CLA QA . -11.03 37.01 -8.66
CBD CLA QA . -13.14 36.31 -7.56
CGD CLA QA . -14.02 37.42 -8.08
O1D CLA QA . -14.82 37.96 -7.35
O2D CLA QA . -14.01 37.74 -9.49
CED CLA QA . -15.01 37.22 -10.35
C1 CLA QA . -17.30 34.12 -11.12
C2 CLA QA . -16.46 33.11 -11.87
C3 CLA QA . -17.03 32.31 -12.79
C4 CLA QA . -18.49 32.42 -13.07
C5 CLA QA . -16.18 31.31 -13.53
C6 CLA QA . -16.40 31.47 -15.03
C7 CLA QA . -16.93 30.18 -15.66
C8 CLA QA . -15.79 29.35 -16.22
C9 CLA QA . -15.98 29.11 -17.71
C10 CLA QA . -15.70 28.03 -15.46
C11 CLA QA . -14.95 26.98 -16.28
C12 CLA QA . -15.49 25.58 -16.00
C13 CLA QA . -14.46 24.52 -16.36
C14 CLA QA . -13.79 24.85 -17.69
C15 CLA QA . -15.13 23.15 -16.41
C16 CLA QA . -15.05 22.55 -17.80
C17 CLA QA . -15.97 21.34 -17.93
C18 CLA QA . -16.47 20.89 -16.57
C19 CLA QA . -17.98 21.11 -16.43
C20 CLA QA . -16.12 19.42 -16.33
MG CLA RA . -20.87 38.06 6.96
CHA CLA RA . -20.20 39.91 4.17
CHB CLA RA . -23.60 39.97 7.57
CHC CLA RA . -21.50 36.16 9.77
CHD CLA RA . -17.99 36.06 6.29
NA CLA RA . -21.74 39.63 6.07
C1A CLA RA . -21.37 40.24 5.00
C2A CLA RA . -22.24 41.38 4.57
C3A CLA RA . -23.30 41.39 5.64
C4A CLA RA . -22.86 40.25 6.49
CMA CLA RA . -23.25 42.68 6.45
CAA CLA RA . -22.84 41.08 3.20
CBA CLA RA . -24.27 40.56 3.33
CGA CLA RA . -24.56 39.60 2.21
O1A CLA RA . -23.95 39.67 1.16
O2A CLA RA . -25.71 38.71 2.30
NB CLA RA . -22.31 38.07 8.42
C1B CLA RA . -23.36 38.91 8.55
C2B CLA RA . -24.27 38.69 9.71
C3B CLA RA . -23.62 37.54 10.34
C4B CLA RA . -22.44 37.25 9.48
CMB CLA RA . -25.51 39.44 10.11
CAB CLA RA . -24.02 36.83 11.58
CBB CLA RA . -23.60 35.60 11.80
NC CLA RA . -19.94 36.44 7.86
C1C CLA RA . -20.31 35.79 8.98
C2C CLA RA . -19.46 34.65 9.40
C3C CLA RA . -18.42 34.63 8.36
C4C CLA RA . -18.81 35.76 7.48
CMC CLA RA . -19.61 33.74 10.59
CAC CLA RA . -17.24 33.70 8.23
CBC CLA RA . -16.13 34.39 7.48
ND CLA RA . -19.37 37.92 5.58
C1D CLA RA . -18.29 37.15 5.35
C2D CLA RA . -17.52 37.55 4.11
C3D CLA RA . -18.35 38.68 3.67
C4D CLA RA . -19.34 38.81 4.55
CMD CLA RA . -16.30 37.14 3.34
CAD CLA RA . -18.47 39.73 2.62
OBD CLA RA . -17.68 39.88 1.63
CBD CLA RA . -19.70 40.56 2.91
CGD CLA RA . -19.27 41.97 3.21
O1D CLA RA . -18.27 42.43 2.70
O2D CLA RA . -20.16 42.84 3.95
CED CLA RA . -21.07 43.70 3.26
C1 CLA RA . -26.62 38.60 1.20
C2 CLA RA . -28.04 38.71 1.70
C3 CLA RA . -28.67 37.63 2.17
C4 CLA RA . -27.98 36.30 2.21
C5 CLA RA . -30.09 37.75 2.68
C6 CLA RA . -30.12 38.66 3.90
C7 CLA RA . -29.26 39.90 3.68
C8 CLA RA . -28.91 40.56 5.02
C9 CLA RA . -29.54 39.80 6.18
C10 CLA RA . -29.38 42.01 5.00
C11 CLA RA . -28.24 42.94 4.59
C12 CLA RA . -28.67 44.40 4.68
C13 CLA RA . -27.84 45.14 5.72
C14 CLA RA . -27.97 44.50 7.09
C15 CLA RA . -28.28 46.61 5.77
C16 CLA RA . -28.99 47.00 4.47
C17 CLA RA . -30.17 47.92 4.76
C18 CLA RA . -31.29 47.71 3.75
C19 CLA RA . -31.36 46.25 3.32
C20 CLA RA . -32.63 48.18 4.30
MG CLA SA . -5.21 27.69 -32.35
CHA CLA SA . -2.60 29.36 -30.96
CHB CLA SA . -7.12 30.41 -31.97
CHC CLA SA . -7.81 25.98 -33.79
CHD CLA SA . -3.15 24.85 -32.77
NA CLA SA . -4.94 29.54 -31.62
C1A CLA SA . -3.88 30.04 -31.12
C2A CLA SA . -3.98 31.43 -30.65
C3A CLA SA . -5.41 31.74 -30.96
C4A CLA SA . -5.87 30.48 -31.56
CMA CLA SA . -6.20 31.92 -29.68
CAA CLA SA . -3.17 32.22 -31.64
CBA CLA SA . -3.86 32.14 -32.99
CGA CLA SA . -3.12 33.06 -33.94
O1A CLA SA . -1.92 33.15 -33.88
O2A CLA SA . -3.78 33.61 -35.11
NB CLA SA . -7.15 28.13 -32.81
C1B CLA SA . -7.79 29.27 -32.59
C2B CLA SA . -9.21 29.32 -33.00
C3B CLA SA . -9.38 27.99 -33.54
C4B CLA SA . -8.08 27.35 -33.38
CMB CLA SA . -10.18 30.45 -32.90
CAB CLA SA . -10.60 27.43 -34.13
CBB CLA SA . -11.17 28.01 -35.16
NC CLA SA . -5.44 25.81 -33.12
C1C CLA SA . -6.54 25.26 -33.65
C2C CLA SA . -6.42 23.88 -34.12
C3C CLA SA . -5.04 23.56 -33.80
C4C CLA SA . -4.54 24.81 -33.21
CMC CLA SA . -7.47 23.00 -34.75
CAC CLA SA . -4.27 22.29 -34.03
CBC CLA SA . -2.80 22.60 -33.94
ND CLA SA . -3.30 27.13 -31.98
C1D CLA SA . -2.55 26.03 -32.15
C2D CLA SA . -1.15 26.22 -31.65
C3D CLA SA . -1.23 27.59 -31.19
C4D CLA SA . -2.46 28.01 -31.40
CMD CLA SA . 0.12 25.43 -31.55
CAD CLA SA . -0.45 28.65 -30.55
OBD CLA SA . 0.76 28.55 -30.23
CBD CLA SA . -1.30 29.85 -30.41
CGD CLA SA . -1.46 30.30 -29.01
O1D CLA SA . -2.54 30.75 -28.73
O2D CLA SA . -0.32 30.94 -28.39
CED CLA SA . 0.86 31.14 -29.15
C1 CLA SA . -2.97 34.13 -36.16
C2 CLA SA . -3.70 34.08 -37.48
C3 CLA SA . -4.94 34.59 -37.61
C4 CLA SA . -5.59 35.22 -36.42
C5 CLA SA . -5.66 34.54 -38.94
C6 CLA SA . -4.72 34.92 -40.06
C7 CLA SA . -5.05 34.18 -41.37
C8 CLA SA . -3.82 34.06 -42.25
C9 CLA SA . -2.94 35.31 -42.13
C10 CLA SA . -4.18 33.78 -43.70
C11 CLA SA . -3.44 32.57 -44.27
C12 CLA SA . -2.06 32.91 -44.83
C13 CLA SA . -1.83 32.15 -46.13
C14 CLA SA . -2.87 32.60 -47.16
C15 CLA SA . -0.44 32.43 -46.69
C16 CLA SA . 0.57 31.37 -46.29
C17 CLA SA . 0.82 30.38 -47.44
C18 CLA SA . 1.85 29.33 -47.04
C19 CLA SA . 1.21 28.12 -46.37
C20 CLA SA . 2.69 28.89 -48.23
CHA PHO TA . -22.55 26.67 -16.59
CHB PHO TA . -18.62 25.41 -14.06
CHC PHO TA . -19.39 29.39 -11.21
CHD PHO TA . -23.41 30.62 -13.85
NA PHO TA . -20.67 26.27 -15.19
C1A PHO TA . -21.43 25.93 -16.21
C2A PHO TA . -20.98 24.68 -16.92
C3A PHO TA . -19.76 24.30 -16.12
C4A PHO TA . -19.69 25.38 -15.08
CMA PHO TA . -20.01 22.97 -15.39
CAA PHO TA . -20.59 25.02 -18.35
CBA PHO TA . -19.20 24.52 -18.67
CGA PHO TA . -18.65 25.27 -19.85
O1A PHO TA . -19.52 25.71 -20.87
O2A PHO TA . -17.42 25.52 -19.93
NB PHO TA . -19.31 27.49 -12.84
C1B PHO TA . -18.45 26.43 -12.99
C2B PHO TA . -17.43 26.40 -12.06
C3B PHO TA . -17.66 27.51 -11.29
C4B PHO TA . -18.79 28.14 -11.77
CMB PHO TA . -16.10 25.74 -12.28
CAB PHO TA . -16.85 27.96 -10.12
CBB PHO TA . -15.38 28.18 -10.41
NC PHO TA . -21.36 29.77 -12.71
C1C PHO TA . -20.59 30.11 -11.67
C2C PHO TA . -21.05 31.36 -10.99
C3C PHO TA . -22.29 31.74 -11.80
C4C PHO TA . -22.35 30.65 -12.83
CMC PHO TA . -21.39 31.08 -9.54
CAC PHO TA . -23.58 31.74 -11.00
CBC PHO TA . -24.76 31.84 -11.95
ND PHO TA . -22.58 28.55 -14.93
C1D PHO TA . -23.52 29.56 -14.90
C2D PHO TA . -24.51 29.49 -15.89
C3D PHO TA . -24.08 28.26 -16.59
C4D PHO TA . -22.97 27.81 -15.97
CMD PHO TA . -24.76 30.53 -16.94
CAD PHO TA . -24.36 27.57 -17.76
OBD PHO TA . -24.51 28.29 -18.96
CBD PHO TA . -23.47 26.35 -17.74
CGD PHO TA . -24.30 25.15 -17.44
O1D PHO TA . -24.15 23.95 -18.17
O2D PHO TA . -25.16 25.22 -16.54
CED PHO TA . -25.30 26.44 -15.86
C1 PHO TA . -16.75 25.42 -21.17
C2 PHO TA . -16.89 24.02 -21.72
C3 PHO TA . -15.90 22.99 -21.40
C4 PHO TA . -16.33 21.71 -20.74
C5 PHO TA . -14.45 23.19 -21.72
C6 PHO TA . -13.60 22.29 -20.83
C7 PHO TA . -12.14 22.71 -20.84
C8 PHO TA . -11.82 23.52 -19.60
C9 PHO TA . -12.58 22.96 -18.40
C10 PHO TA . -10.32 23.50 -19.36
C11 PHO TA . -9.60 24.50 -20.24
C12 PHO TA . -8.55 25.27 -19.45
C13 PHO TA . -8.80 25.14 -17.95
C14 PHO TA . -8.46 23.74 -17.46
C15 PHO TA . -7.96 26.16 -17.21
C16 PHO TA . -8.84 27.14 -16.45
C17 PHO TA . -8.53 27.08 -14.96
C18 PHO TA . -8.90 25.72 -14.41
C19 PHO TA . -8.39 24.62 -15.35
C20 PHO TA . -8.37 25.53 -13.00
CHA PHO UA . -32.88 31.95 6.60
CHB PHO UA . -29.62 35.48 6.97
CHC PHO UA . -26.35 32.31 4.98
CHD PHO UA . -29.75 28.74 4.62
NA PHO UA . -31.10 33.53 6.68
C1A PHO UA . -32.38 33.20 6.90
C2A PHO UA . -33.18 34.31 7.51
C3A PHO UA . -32.15 35.42 7.62
C4A PHO UA . -30.90 34.78 7.07
CMA PHO UA . -32.53 36.62 6.76
CAA PHO UA . -33.68 33.88 8.88
CBA PHO UA . -33.82 35.08 9.81
CGA PHO UA . -33.65 34.63 11.25
O1A PHO UA . -33.08 33.38 11.54
O2A PHO UA . -34.01 35.37 12.18
NB PHO UA . -28.26 33.63 5.96
C1B PHO UA . -28.34 34.91 6.43
C2B PHO UA . -27.15 35.63 6.37
C3B PHO UA . -26.28 34.72 5.82
C4B PHO UA . -26.96 33.54 5.59
CMB PHO UA . -27.02 37.13 6.30
CAB PHO UA . -24.82 34.96 5.52
CBB PHO UA . -24.46 35.11 4.07
NC PHO UA . -28.24 30.69 4.92
C1C PHO UA . -26.96 31.01 4.69
C2C PHO UA . -26.19 29.87 4.08
C3C PHO UA . -27.23 28.78 3.96
C4C PHO UA . -28.46 29.43 4.52
CMC PHO UA . -25.68 30.30 2.71
CAC PHO UA . -27.47 28.40 2.51
CBC PHO UA . -26.41 27.42 2.01
ND PHO UA . -30.93 30.68 5.63
C1D PHO UA . -30.99 29.36 5.17
C2D PHO UA . -32.24 28.74 5.29
C3D PHO UA . -33.02 29.85 5.89
C4D PHO UA . -32.19 30.90 6.04
CMD PHO UA . -33.05 28.18 4.16
CAD PHO UA . -34.31 30.08 6.31
OBD PHO UA . -35.40 29.58 5.59
CBD PHO UA . -34.32 31.51 6.82
CGD PHO UA . -35.27 32.36 6.04
O1D PHO UA . -36.56 31.89 5.71
O2D PHO UA . -34.93 33.50 5.65
CED PHO UA . -35.84 34.31 4.95
C1 PHO UA . -33.94 34.91 13.51
C2 PHO UA . -32.62 35.32 14.12
C3 PHO UA . -32.43 36.70 14.62
C4 PHO UA . -33.42 37.77 14.25
C5 PHO UA . -31.25 37.03 15.49
C6 PHO UA . -29.96 36.81 14.70
C7 PHO UA . -29.24 35.55 15.17
C8 PHO UA . -27.72 35.73 15.11
C9 PHO UA . -27.01 34.53 15.71
C10 PHO UA . -27.34 37.01 15.82
C11 PHO UA . -26.20 37.72 15.11
C12 PHO UA . -26.42 39.23 15.07
C13 PHO UA . -25.19 39.96 14.53
C14 PHO UA . -24.05 38.97 14.27
C15 PHO UA . -25.56 40.70 13.26
C16 PHO UA . -24.48 40.55 12.21
C17 PHO UA . -24.15 41.90 11.56
C18 PHO UA . -22.72 42.31 11.89
C19 PHO UA . -22.12 43.12 10.74
C20 PHO UA . -21.86 41.10 12.21
C1 PQ9 VA . -39.23 30.81 -2.97
O1 PQ9 VA . -38.18 30.33 -3.36
C2 PQ9 VA . -39.26 32.20 -2.40
C3 PQ9 VA . -40.57 32.83 -1.91
C4 PQ9 VA . -41.80 31.94 -2.07
O4 PQ9 VA . -42.88 32.37 -1.71
C5 PQ9 VA . -41.72 30.55 -2.66
C6 PQ9 VA . -43.08 29.72 -2.78
C9 PQ9 VA . -40.47 28.74 -3.63
C10 PQ9 VA . -40.52 30.02 -3.09
C11 PQ9 VA . -37.97 33.01 -2.29
C12 PQ9 VA . -37.08 32.64 -1.08
C13 PQ9 VA . -36.75 33.88 -0.21
C14 PQ9 VA . -35.87 33.58 1.00
C15 PQ9 VA . -37.27 35.27 -0.54
C16 PQ9 VA . -36.99 36.38 0.51
C17 PQ9 VA . -37.66 37.59 -0.12
C18 PQ9 VA . -37.59 39.00 0.51
C19 PQ9 VA . -38.34 40.08 -0.29
C20 PQ9 VA . -36.89 39.52 1.79
C21 PQ9 VA . -36.88 38.77 3.14
C22 PQ9 VA . -36.23 39.72 3.88
C23 PQ9 VA . -35.83 39.75 5.28
C24 PQ9 VA . -35.25 40.86 5.76
C25 PQ9 VA . -36.06 38.62 6.27
C26 PQ9 VA . -35.63 39.11 7.73
C27 PQ9 VA . -35.84 38.04 8.69
C28 PQ9 VA . -36.62 38.28 10.13
C29 PQ9 VA . -36.77 39.59 9.74
C30 PQ9 VA . -37.33 38.83 11.34
C31 PQ9 VA . -36.54 38.85 12.62
C32 PQ9 VA . -37.48 39.45 13.70
C33 PQ9 VA . -37.16 40.59 14.28
C34 PQ9 VA . -38.02 41.09 15.28
C35 PQ9 VA . -35.91 41.42 13.98
C36 PQ9 VA . -36.00 42.09 12.78
C37 PQ9 VA . -34.79 42.83 12.67
C38 PQ9 VA . -34.07 43.37 11.42
C39 PQ9 VA . -32.79 44.14 11.71
C40 PQ9 VA . -34.56 43.20 9.96
C41 PQ9 VA . -33.64 44.03 9.13
C42 PQ9 VA . -33.90 44.02 7.64
C43 PQ9 VA . -32.95 43.73 6.77
C44 PQ9 VA . -31.55 43.39 7.20
C45 PQ9 VA . -33.26 43.74 5.30
C1 BCR WA . -14.03 20.16 -37.72
C2 BCR WA . -14.92 21.19 -38.40
C3 BCR WA . -15.51 22.19 -37.40
C4 BCR WA . -16.24 21.47 -36.29
C5 BCR WA . -15.26 20.50 -35.66
C6 BCR WA . -14.07 20.36 -36.23
C7 BCR WA . -12.82 20.44 -35.43
C8 BCR WA . -12.47 19.53 -34.63
C9 BCR WA . -11.38 19.14 -34.13
C10 BCR WA . -10.85 19.76 -33.05
C11 BCR WA . -9.75 19.39 -32.53
C33 BCR WA . -15.64 19.74 -34.44
C31 BCR WA . -12.60 20.31 -38.21
C32 BCR WA . -14.53 18.76 -38.05
C34 BCR WA . -10.67 17.97 -34.73
C12 BCR WA . -8.78 19.55 -31.85
C13 BCR WA . -7.61 19.94 -31.57
C14 BCR WA . -7.17 19.90 -30.31
C15 BCR WA . -6.01 20.28 -29.99
C16 BCR WA . -5.08 20.53 -29.28
C17 BCR WA . -4.10 20.74 -28.65
C18 BCR WA . -2.98 21.31 -28.52
C19 BCR WA . -2.22 21.09 -27.54
C20 BCR WA . -1.11 21.21 -27.12
C21 BCR WA . 0.02 21.13 -26.79
C22 BCR WA . 0.88 20.58 -26.03
C23 BCR WA . 2.01 21.25 -25.73
C24 BCR WA . 3.06 20.93 -24.96
C25 BCR WA . 3.42 19.84 -24.21
C26 BCR WA . 4.57 19.85 -23.56
C27 BCR WA . 5.58 18.78 -23.84
C28 BCR WA . 4.87 17.45 -23.68
C29 BCR WA . 3.47 17.68 -23.12
C30 BCR WA . 2.63 18.57 -24.02
C35 BCR WA . -6.72 20.45 -32.65
C36 BCR WA . -2.54 22.28 -29.58
C37 BCR WA . 0.59 19.22 -25.51
C38 BCR WA . 4.86 20.90 -22.53
C39 BCR WA . 1.30 18.87 -23.35
C40 BCR WA . 2.45 17.86 -25.36
O1 LHG XA . -39.17 41.92 -22.41
C1 LHG XA . -39.44 40.57 -21.99
C2 LHG XA . -39.50 40.52 -20.47
O2 LHG XA . -40.50 41.42 -20.00
C3 LHG XA . -38.14 40.91 -19.88
O3 LHG XA . -38.18 40.77 -18.46
P LHG XA . -36.90 41.14 -17.58
O4 LHG XA . -37.04 42.57 -17.10
O5 LHG XA . -35.66 40.73 -18.34
O6 LHG XA . -37.06 40.17 -16.30
C4 LHG XA . -36.07 40.17 -15.27
C5 LHG XA . -35.98 41.56 -14.65
C6 LHG XA . -35.29 42.50 -15.61
O7 LHG XA . -37.29 42.04 -14.37
C7 LHG XA . -37.36 42.77 -13.11
O9 LHG XA . -37.06 42.19 -12.07
C8 LHG XA . -37.78 44.22 -13.09
C9 LHG XA . -39.00 44.38 -12.20
C10 LHG XA . -38.63 44.22 -10.73
O8 LHG XA . -34.33 43.29 -14.91
C23 LHG XA . -34.57 44.70 -14.66
O10 LHG XA . -35.11 45.03 -13.61
C24 LHG XA . -34.18 45.73 -15.69
C11 LHG XA . -39.78 43.64 -9.93
C12 LHG XA . -39.28 42.73 -8.81
C13 LHG XA . -39.33 41.27 -9.22
C14 LHG XA . -39.75 40.39 -8.04
C15 LHG XA . -38.95 40.74 -6.80
C16 LHG XA . -39.44 42.06 -6.19
C17 LHG XA . -40.79 41.88 -5.52
C18 LHG XA . -41.04 42.96 -4.47
C19 LHG XA . -42.24 42.62 -3.61
C20 LHG XA . -42.41 41.12 -3.46
C21 LHG XA . -43.87 40.76 -3.17
C22 LHG XA . -44.03 39.26 -3.01
C25 LHG XA . -34.18 47.11 -15.05
C26 LHG XA . -32.78 47.57 -14.71
C27 LHG XA . -32.73 49.08 -14.49
C28 LHG XA . -31.36 49.64 -14.85
C29 LHG XA . -30.95 50.74 -13.87
C30 LHG XA . -29.44 50.95 -13.90
C31 LHG XA . -28.92 51.32 -12.52
C32 LHG XA . -27.63 50.57 -12.20
C33 LHG XA . -27.39 49.45 -13.22
C34 LHG XA . -27.19 48.11 -12.52
C35 LHG XA . -26.28 47.20 -13.35
C36 LHG XA . -26.31 45.78 -12.81
C37 LHG XA . -27.65 45.46 -12.16
C38 LHG XA . -28.79 45.76 -13.12
BR BR YA . 3.96 34.82 -3.62
BR BR ZA . 11.32 46.40 -8.10
MG CLA AB . -26.26 17.89 48.88
CHA CLA AB . -27.89 16.08 46.52
CHB CLA AB . -26.14 20.52 46.75
CHC CLA AB . -24.61 19.68 51.31
CHD CLA AB . -26.40 15.10 51.10
NA CLA AB . -26.88 18.25 47.01
C1A CLA AB . -27.50 17.45 46.22
C2A CLA AB . -27.84 18.00 44.87
C3A CLA AB . -27.29 19.41 44.96
C4A CLA AB . -26.72 19.41 46.34
CMA CLA AB . -26.18 19.66 43.95
CAA CLA AB . -29.34 17.99 44.65
CBA CLA AB . -30.13 17.62 45.91
CGA CLA AB . -31.62 17.66 45.63
O1A CLA AB . -32.33 16.72 45.94
O2A CLA AB . -32.17 18.65 44.72
NB CLA AB . -25.50 19.78 49.00
C1B CLA AB . -25.53 20.75 48.07
C2B CLA AB . -24.89 22.05 48.44
C3B CLA AB . -24.45 21.74 49.80
C4B CLA AB . -24.87 20.35 50.04
CMB CLA AB . -24.75 23.31 47.63
CAB CLA AB . -23.74 22.61 50.77
CBB CLA AB . -23.37 22.10 51.93
NC CLA AB . -25.63 17.48 50.80
C1C CLA AB . -24.97 18.31 51.65
C2C CLA AB . -24.64 17.76 52.99
C3C CLA AB . -25.17 16.39 52.92
C4C CLA AB . -25.75 16.34 51.55
CMC CLA AB . -23.93 18.44 54.13
CAC CLA AB . -25.15 15.31 53.98
CBC CLA AB . -23.78 15.27 54.64
ND CLA AB . -26.95 15.98 48.91
C1D CLA AB . -27.00 14.93 49.77
C2D CLA AB . -27.68 13.73 49.20
C3D CLA AB . -28.02 14.24 47.87
C4D CLA AB . -27.58 15.50 47.80
CMD CLA AB . -28.03 12.31 49.61
CAD CLA AB . -28.69 13.88 46.60
OBD CLA AB . -29.20 12.74 46.31
CBD CLA AB . -28.57 15.05 45.67
CGD CLA AB . -29.82 15.52 45.01
O1D CLA AB . -30.89 15.03 45.33
O2D CLA AB . -29.65 15.95 43.64
CED CLA AB . -28.38 15.78 43.02
C1 CLA AB . -33.08 18.23 43.72
C2 CLA AB . -34.45 18.03 44.34
C3 CLA AB . -35.21 16.97 44.02
C4 CLA AB . -34.71 15.95 43.05
C5 CLA AB . -36.56 16.82 44.67
C6 CLA AB . -36.50 17.35 46.09
C7 CLA AB . -36.08 16.26 47.09
C8 CLA AB . -36.43 16.67 48.51
C9 CLA AB . -36.81 15.47 49.36
C10 CLA AB . -35.26 17.43 49.14
C11 CLA AB . -35.75 18.65 49.93
C12 CLA AB . -35.26 19.96 49.32
C13 CLA AB . -35.96 20.28 48.01
C14 CLA AB . -37.36 20.85 48.23
C15 CLA AB . -35.10 21.25 47.20
C16 CLA AB . -34.00 21.86 48.05
C17 CLA AB . -33.42 23.10 47.40
C18 CLA AB . -33.55 24.31 48.32
C19 CLA AB . -32.62 24.20 49.52
C20 CLA AB . -33.31 25.61 47.56
MG CLA BB . -25.16 14.26 37.66
CHA CLA BB . -23.46 14.84 34.80
CHB CLA BB . -22.36 14.84 39.41
CHC CLA BB . -26.91 13.66 40.54
CHD CLA BB . -28.07 13.66 35.79
NA CLA BB . -23.29 14.75 37.21
C1A CLA BB . -22.79 14.94 36.07
C2A CLA BB . -21.35 15.28 36.01
C3A CLA BB . -21.00 15.31 37.47
C4A CLA BB . -22.30 14.95 38.09
CMA CLA BB . -20.02 14.20 37.78
CAA CLA BB . -21.21 16.59 35.27
CBA CLA BB . -20.21 17.52 35.91
CGA CLA BB . -19.82 18.43 34.79
O1A CLA BB . -19.14 17.94 33.94
O2A CLA BB . -20.84 19.31 34.28
NB CLA BB . -24.71 14.26 39.65
C1B CLA BB . -23.53 14.52 40.21
C2B CLA BB . -23.46 14.44 41.68
C3B CLA BB . -24.83 14.09 41.99
C4B CLA BB . -25.50 14.01 40.69
CMB CLA BB . -22.30 14.68 42.61
CAB CLA BB . -25.41 13.86 43.34
CBB CLA BB . -24.72 14.20 44.40
NC CLA BB . -27.10 13.76 38.09
C1C CLA BB . -27.64 13.55 39.30
C2C CLA BB . -29.07 13.19 39.33
C3C CLA BB . -29.40 13.19 37.91
C4C CLA BB . -28.13 13.55 37.25
CMC CLA BB . -29.93 12.91 40.51
CAC CLA BB . -30.73 12.90 37.27
CBC CLA BB . -30.71 11.47 36.79
ND CLA BB . -25.74 14.24 35.72
C1D CLA BB . -26.86 14.00 35.03
C2D CLA BB . -26.66 14.13 33.54
C3D CLA BB . -25.25 14.48 33.52
C4D CLA BB . -24.83 14.51 34.77
CMD CLA BB . -27.41 14.02 32.25
CAD CLA BB . -24.14 14.79 32.60
OBD CLA BB . -24.21 14.87 31.33
CBD CLA BB . -22.96 15.10 33.44
CGD CLA BB . -21.67 14.49 33.06
O1D CLA BB . -20.77 14.72 33.82
O2D CLA BB . -21.35 14.62 31.67
CED CLA BB . -22.06 15.61 30.93
C1 CLA BB . -20.66 19.78 32.97
C2 CLA BB . -21.93 19.70 32.15
C3 CLA BB . -22.73 20.75 32.12
C4 CLA BB . -22.37 22.00 32.88
C5 CLA BB . -23.99 20.69 31.31
C6 CLA BB . -23.76 21.37 29.97
C7 CLA BB . -25.05 21.97 29.43
C8 CLA BB . -25.37 21.35 28.07
C9 CLA BB . -24.31 21.79 27.07
C10 CLA BB . -26.74 21.77 27.60
C11 CLA BB . -26.71 22.13 26.12
C12 CLA BB . -25.73 21.26 25.35
C13 CLA BB . -25.45 21.85 23.99
C14 CLA BB . -26.15 21.04 22.90
C15 CLA BB . -23.96 21.85 23.74
C16 CLA BB . -23.61 22.88 22.67
C17 CLA BB . -22.11 22.99 22.44
C18 CLA BB . -21.88 23.80 21.18
C19 CLA BB . -23.14 24.57 20.83
C20 CLA BB . -21.50 22.90 20.01
MG CLA CB . -22.26 6.92 33.40
CHA CLA CB . -18.88 7.17 32.97
CHB CLA CB . -22.47 10.28 33.71
CHC CLA CB . -25.67 6.60 33.83
CHD CLA CB . -22.00 3.37 33.08
NA CLA CB . -20.96 8.44 33.36
C1A CLA CB . -19.68 8.39 33.19
C2A CLA CB . -18.97 9.70 33.20
C3A CLA CB . -20.10 10.67 33.43
C4A CLA CB . -21.27 9.74 33.51
CMA CLA CB . -19.94 11.40 34.76
CAA CLA CB . -18.31 9.94 31.84
CBA CLA CB . -19.35 9.93 30.72
CGA CLA CB . -19.95 11.31 30.59
O1A CLA CB . -19.31 12.21 30.07
O2A CLA CB . -21.35 11.54 30.90
NB CLA CB . -23.80 8.23 33.71
C1B CLA CB . -23.74 9.58 33.82
C2B CLA CB . -25.03 10.29 34.05
C3B CLA CB . -25.96 9.16 34.08
C4B CLA CB . -25.12 7.96 33.87
CMB CLA CB . -25.29 11.76 34.21
CAB CLA CB . -27.43 9.20 34.28
CBB CLA CB . -28.11 8.09 34.44
NC CLA CB . -23.58 5.32 33.45
C1C CLA CB . -24.92 5.35 33.62
C2C CLA CB . -25.62 4.04 33.61
C3C CLA CB . -24.52 3.09 33.38
C4C CLA CB . -23.34 3.98 33.30
CMC CLA CB . -27.09 3.76 33.78
CAC CLA CB . -24.60 1.59 33.27
CBC CLA CB . -25.58 1.05 34.28
ND CLA CB . -20.83 5.49 33.09
C1D CLA CB . -20.76 4.14 32.98
C2D CLA CB . -19.35 3.65 32.75
C3D CLA CB . -18.63 4.93 32.76
C4D CLA CB . -19.52 5.89 32.95
CMD CLA CB . -18.62 2.34 32.54
CAD CLA CB . -17.28 5.52 32.63
OBD CLA CB . -16.19 4.87 32.42
CBD CLA CB . -17.40 7.01 32.77
CGD CLA CB . -16.67 7.46 34.00
O1D CLA CB . -17.24 8.13 34.85
O2D CLA CB . -15.24 7.27 34.10
CED CLA CB . -14.64 6.04 33.66
C1 CLA CB . -22.33 11.48 29.86
C2 CLA CB . -23.68 11.89 30.41
C3 CLA CB . -24.77 11.18 30.10
C4 CLA CB . -24.68 9.99 29.21
C5 CLA CB . -26.12 11.61 30.65
C6 CLA CB . -27.03 12.02 29.51
C7 CLA CB . -28.48 11.69 29.83
C8 CLA CB . -29.04 12.63 30.90
C9 CLA CB . -30.31 12.06 31.52
C10 CLA CB . -29.30 14.00 30.27
C11 CLA CB . -30.50 14.68 30.93
C12 CLA CB . -31.80 14.11 30.42
C13 CLA CB . -32.21 14.76 29.10
C14 CLA CB . -31.47 14.14 27.93
C15 CLA CB . -31.94 16.27 29.18
C16 CLA CB . -32.92 17.05 28.33
C17 CLA CB . -32.20 17.91 27.30
C18 CLA CB . -31.44 19.05 27.98
C19 CLA CB . -31.23 20.22 27.02
C20 CLA CB . -32.16 19.50 29.24
MG CLA DB . -18.01 6.71 21.27
CHA CLA DB . -17.84 6.60 24.68
CHB CLA DB . -15.42 4.53 21.07
CHC CLA DB . -18.23 6.85 17.82
CHD CLA DB . -20.73 9.00 21.51
NA CLA DB . -16.85 5.74 22.59
C1A CLA DB . -16.90 5.80 23.87
C2A CLA DB . -15.89 4.96 24.60
C3A CLA DB . -15.15 4.31 23.46
C4A CLA DB . -15.85 4.89 22.27
CMA CLA DB . -13.68 4.76 23.44
CAA CLA DB . -16.61 3.92 25.43
CBA CLA DB . -16.10 2.51 25.13
CGA CLA DB . -17.09 1.49 25.62
O1A CLA DB . -16.81 0.30 25.61
O2A CLA DB . -18.45 1.89 25.95
NB CLA DB . -17.00 5.84 19.71
C1B CLA DB . -15.96 4.97 19.78
C2B CLA DB . -15.41 4.48 18.48
C3B CLA DB . -16.26 5.20 17.54
C4B CLA DB . -17.20 5.99 18.38
CMB CLA DB . -14.27 3.53 18.23
CAB CLA DB . -16.22 5.15 16.06
CBB CLA DB . -17.23 5.61 15.36
NC CLA DB . -19.23 7.72 19.93
C1C CLA DB . -19.19 7.68 18.58
C2C CLA DB . -20.19 8.51 17.86
C3C CLA DB . -20.93 9.14 18.97
C4C CLA DB . -20.26 8.60 20.18
CMC CLA DB . -20.40 8.67 16.38
CAC CLA DB . -22.08 10.12 18.89
CBC CLA DB . -22.46 10.56 20.28
ND CLA DB . -19.11 7.66 22.71
C1D CLA DB . -20.14 8.53 22.76
C2D CLA DB . -20.54 8.87 24.18
C3D CLA DB . -19.57 8.06 24.92
C4D CLA DB . -18.81 7.42 24.02
CMD CLA DB . -21.55 9.73 24.91
CAD CLA DB . -19.11 7.69 26.28
OBD CLA DB . -19.62 8.13 27.38
CBD CLA DB . -17.97 6.73 26.17
CGD CLA DB . -16.73 7.36 26.73
O1D CLA DB . -16.69 8.56 26.96
O2D CLA DB . -15.63 6.51 27.19
CED CLA DB . -15.83 5.11 27.37
C1 CLA DB . -18.94 1.74 27.28
C2 CLA DB . -19.57 0.39 27.44
C3 CLA DB . -20.91 0.24 27.36
C4 CLA DB . -21.77 1.45 27.13
C5 CLA DB . -21.53 -1.12 27.52
C6 CLA DB . -23.03 -0.98 27.68
C7 CLA DB . -23.59 -2.05 28.62
C8 CLA DB . -25.08 -2.27 28.37
C9 CLA DB . -25.92 -1.71 29.52
C10 CLA DB . -25.34 -3.75 28.16
C11 CLA DB . -26.72 -4.14 28.69
C12 CLA DB . -26.88 -3.71 30.14
C13 CLA DB . -28.18 -4.27 30.73
C14 CLA DB . -28.85 -3.26 31.64
C15 CLA DB . -27.87 -5.57 31.48
C16 CLA DB . -28.05 -5.38 32.98
C17 CLA DB . -28.28 -6.72 33.67
C18 CLA DB . -28.61 -6.52 35.15
C19 CLA DB . -29.98 -7.09 35.48
C20 CLA DB . -28.52 -5.05 35.54
MG CLA EB . -18.12 -3.02 26.62
CHA CLA EB . -15.13 -1.59 25.79
CHB CLA EB . -17.13 -3.16 29.86
CHC CLA EB . -21.15 -4.49 27.42
CHD CLA EB . -19.11 -2.88 23.20
NA CLA EB . -16.48 -2.49 27.64
C1A CLA EB . -15.39 -1.94 27.19
C2A CLA EB . -14.34 -1.65 28.20
C3A CLA EB . -14.97 -2.15 29.48
C4A CLA EB . -16.29 -2.64 28.97
CMA CLA EB . -14.19 -3.32 30.06
CAA CLA EB . -14.09 -0.15 28.27
CBA CLA EB . -15.36 0.63 27.93
CGA CLA EB . -15.83 1.37 29.16
O1A CLA EB . -15.03 1.79 29.98
O2A CLA EB . -17.24 1.72 29.30
NB CLA EB . -18.98 -3.71 28.35
C1B CLA EB . -18.47 -3.70 29.61
C2B CLA EB . -19.32 -4.26 30.69
C3B CLA EB . -20.51 -4.64 29.92
C4B CLA EB . -20.20 -4.27 28.53
CMB CLA EB . -19.04 -4.38 32.16
CAB CLA EB . -21.75 -5.27 30.43
CBB CLA EB . -22.17 -6.41 29.91
NC CLA EB . -19.79 -3.58 25.54
C1C CLA EB . -20.93 -4.15 26.00
C2C CLA EB . -21.98 -4.43 25.00
C3C CLA EB . -21.37 -3.95 23.74
C4C CLA EB . -20.04 -3.45 24.20
CMC CLA EB . -23.33 -5.06 25.19
CAC CLA EB . -21.94 -3.96 22.35
CBC CLA EB . -21.48 -5.21 21.63
ND CLA EB . -17.38 -2.40 24.83
C1D CLA EB . -17.78 -2.35 23.54
C2D CLA EB . -16.76 -1.75 22.62
C3D CLA EB . -15.70 -1.45 23.58
C4D CLA EB . -16.13 -1.84 24.78
CMD CLA EB . -16.58 -1.42 21.15
CAD CLA EB . -14.33 -0.88 23.71
OBD CLA EB . -13.62 -0.41 22.76
CBD CLA EB . -13.93 -0.95 25.16
CGD CLA EB . -12.75 -1.87 25.31
O1D CLA EB . -12.88 -3.08 25.21
O2D CLA EB . -11.45 -1.34 25.72
CED CLA EB . -10.56 -2.16 26.46
C1 CLA EB . -17.65 3.06 29.10
C2 CLA EB . -19.15 3.15 29.26
C3 CLA EB . -19.71 4.21 29.88
C4 CLA EB . -18.83 5.31 30.41
C5 CLA EB . -21.21 4.29 30.04
C6 CLA EB . -21.75 5.40 29.15
C7 CLA EB . -23.22 5.14 28.80
C8 CLA EB . -24.06 6.38 29.03
C9 CLA EB . -23.22 7.53 29.56
C10 CLA EB . -25.19 6.05 30.00
C11 CLA EB . -26.55 6.41 29.40
C12 CLA EB . -27.68 6.02 30.35
C13 CLA EB . -29.04 6.40 29.76
C14 CLA EB . -29.08 7.90 29.47
C15 CLA EB . -30.14 6.00 30.73
C16 CLA EB . -30.32 7.05 31.82
C17 CLA EB . -29.54 6.68 33.07
C18 CLA EB . -30.36 6.93 34.33
C19 CLA EB . -29.75 6.24 35.54
C20 CLA EB . -30.53 8.42 34.59
MG CLA FB . -17.42 -3.46 36.99
CHA CLA FB . -14.69 -5.46 37.15
CHB CLA FB . -16.60 -2.65 33.85
CHC CLA FB . -20.19 -1.45 36.85
CHD CLA FB . -18.27 -4.37 40.31
NA CLA FB . -15.95 -3.94 35.73
C1A CLA FB . -14.96 -4.72 35.92
C2A CLA FB . -14.03 -4.86 34.76
C3A CLA FB . -14.67 -3.96 33.73
C4A CLA FB . -15.83 -3.47 34.49
CMA CLA FB . -15.30 -4.67 32.58
CAA CLA FB . -13.81 -6.29 34.29
CBA CLA FB . -14.87 -6.79 33.33
CGA CLA FB . -14.30 -6.97 31.95
O1A CLA FB . -13.85 -6.00 31.39
O2A CLA FB . -14.87 -7.96 31.08
NB CLA FB . -18.25 -2.25 35.58
C1B CLA FB . -17.80 -2.02 34.34
C2B CLA FB . -18.56 -1.10 33.50
C3B CLA FB . -19.62 -0.76 34.41
C4B CLA FB . -19.35 -1.51 35.65
CMB CLA FB . -18.35 -0.62 32.09
CAB CLA FB . -20.70 0.16 34.05
CBB CLA FB . -20.69 0.58 32.80
NC CLA FB . -18.93 -3.00 38.31
C1C CLA FB . -19.98 -2.17 38.12
C2C CLA FB . -20.92 -2.01 39.26
C3C CLA FB . -20.33 -2.89 40.27
C4C CLA FB . -19.13 -3.43 39.58
CMC CLA FB . -22.18 -1.18 39.38
CAC CLA FB . -20.79 -3.19 41.67
CBC CLA FB . -20.51 -4.65 41.93
ND CLA FB . -16.72 -4.64 38.49
C1D CLA FB . -17.06 -4.96 39.75
C2D CLA FB . -16.10 -5.91 40.39
C3D CLA FB . -15.15 -6.10 39.28
C4D CLA FB . -15.58 -5.35 38.27
CMD CLA FB . -15.92 -6.63 41.69
CAD CLA FB . -13.92 -6.78 38.90
OBD CLA FB . -13.24 -7.60 39.60
CBD CLA FB . -13.64 -6.43 37.49
CGD CLA FB . -12.28 -6.05 37.15
O1D CLA FB . -11.43 -6.66 37.76
O2D CLA FB . -12.08 -5.90 35.74
CED CLA FB . -10.77 -5.65 35.25
C1 CLA FB . -15.93 -7.56 30.22
C2 CLA FB . -16.17 -8.64 29.21
C3 CLA FB . -17.36 -8.73 28.62
C4 CLA FB . -18.43 -7.76 28.97
C5 CLA FB . -17.61 -9.81 27.61
C6 CLA FB . -19.07 -9.73 27.16
C7 CLA FB . -19.51 -11.04 26.52
C8 CLA FB . -18.83 -12.23 27.19
C9 CLA FB . -18.89 -13.46 26.33
C10 CLA FB . -19.45 -12.48 28.55
C11 CLA FB . -20.20 -13.80 28.56
C12 CLA FB . -19.34 -14.92 28.03
C13 CLA FB . -20.03 -16.26 28.25
C14 CLA FB . -21.37 -16.31 27.55
C15 CLA FB . -20.18 -16.53 29.74
C16 CLA FB . -20.18 -15.21 30.49
C17 CLA FB . -20.47 -15.42 31.97
C18 CLA FB . -19.37 -16.25 32.60
C19 CLA FB . -18.51 -16.83 31.50
C20 CLA FB . -18.53 -15.41 33.54
MG CLA GB . -7.89 5.33 15.59
CHA CLA GB . -4.52 5.09 15.18
CHB CLA GB . -7.45 8.12 17.38
CHC CLA GB . -11.29 5.54 15.99
CHD CLA GB . -8.30 2.39 13.70
NA CLA GB . -6.32 6.42 16.17
C1A CLA GB . -5.10 6.19 15.94
C2A CLA GB . -4.17 7.20 16.48
C3A CLA GB . -5.08 8.12 17.20
C4A CLA GB . -6.39 7.52 16.89
CMA CLA GB . -4.89 7.96 18.69
CAA CLA GB . -4.01 7.92 15.16
CBA CLA GB . -5.43 8.15 14.67
CGA CLA GB . -5.40 8.80 13.32
O1A CLA GB . -5.28 8.13 12.33
O2A CLA GB . -5.89 10.16 13.16
NB CLA GB . -9.16 6.63 16.54
C1B CLA GB . -8.83 7.72 17.22
C2B CLA GB . -9.93 8.50 17.82
C3B CLA GB . -11.07 7.70 17.39
C4B CLA GB . -10.48 6.59 16.62
CMB CLA GB . -9.90 9.76 18.64
CAB CLA GB . -12.50 8.00 17.69
CBB CLA GB . -13.01 9.19 17.46
NC CLA GB . -9.48 4.20 14.97
C1C CLA GB . -10.79 4.41 15.21
C2C CLA GB . -11.71 3.42 14.64
C3C CLA GB . -10.81 2.49 13.96
C4C CLA GB . -9.49 3.07 14.23
CMC CLA GB . -13.21 3.40 14.74
CAC CLA GB . -11.11 1.25 13.18
CBC CLA GB . -10.44 1.41 11.84
ND CLA GB . -6.75 3.96 14.61
C1D CLA GB . -6.93 2.86 13.90
C2D CLA GB . -5.66 2.25 13.40
C3D CLA GB . -4.71 3.21 13.95
C4D CLA GB . -5.41 4.12 14.60
CMD CLA GB . -5.19 1.07 12.58
CAD CLA GB . -3.27 3.52 14.04
OBD CLA GB . -2.30 2.84 13.52
CBD CLA GB . -3.10 4.76 14.81
CGD CLA GB . -2.13 4.51 15.89
O1D CLA GB . -1.07 4.07 15.52
O2D CLA GB . -2.59 4.00 17.16
CED CLA GB . -1.71 3.14 17.87
C1 CLA GB . -5.77 10.79 11.89
C2 CLA GB . -7.10 11.35 11.49
C3 CLA GB . -7.59 11.18 10.26
C4 CLA GB . -6.78 10.42 9.24
C5 CLA GB . -8.94 11.75 9.87
C6 CLA GB . -9.64 10.78 8.92
C7 CLA GB . -10.54 11.51 7.93
C8 CLA GB . -11.51 10.56 7.20
C9 CLA GB . -11.28 10.56 5.70
C10 CLA GB . -12.93 10.98 7.48
C11 CLA GB . -13.46 11.78 6.31
C12 CLA GB . -14.88 12.26 6.59
C13 CLA GB . -15.78 11.89 5.43
C14 CLA GB . -15.02 11.84 4.12
C15 CLA GB . -16.92 12.88 5.32
C16 CLA GB . -17.38 12.94 3.87
C17 CLA GB . -18.81 13.41 3.79
C18 CLA GB . -19.26 13.23 2.36
C19 CLA GB . -20.42 14.14 2.01
C20 CLA GB . -18.06 13.47 1.45
MG CLA HB . -34.86 19.10 19.80
CHA CLA HB . -37.67 17.15 19.77
CHB CLA HB . -35.95 20.68 17.01
CHC CLA HB . -32.02 21.04 19.87
CHD CLA HB . -33.76 17.41 22.74
NA CLA HB . -36.48 18.97 18.61
C1A CLA HB . -37.47 18.16 18.72
C2A CLA HB . -38.53 18.29 17.67
C3A CLA HB . -37.98 19.40 16.81
C4A CLA HB . -36.71 19.72 17.51
CMA CLA HB . -37.68 18.90 15.40
CAA CLA HB . -39.85 18.71 18.32
CBA CLA HB . -39.63 19.15 19.76
CGA CLA HB . -38.61 20.27 19.80
O1A CLA HB . -38.29 20.84 18.77
O2A CLA HB . -38.15 20.81 21.07
NB CLA HB . -34.12 20.61 18.63
C1B CLA HB . -34.67 21.15 17.52
C2B CLA HB . -33.90 22.25 16.86
C3B CLA HB . -32.73 22.33 17.74
C4B CLA HB . -32.96 21.30 18.78
CMB CLA HB . -34.24 23.05 15.63
CAB CLA HB . -31.58 23.24 17.62
CBB CLA HB . -30.68 23.06 16.68
NC CLA HB . -33.22 19.22 21.04
C1C CLA HB . -32.16 20.05 20.94
C2C CLA HB . -31.11 19.91 21.98
C3C CLA HB . -31.63 18.83 22.84
C4C CLA HB . -32.92 18.49 22.17
CMC CLA HB . -29.83 20.69 22.14
CAC CLA HB . -31.02 18.23 24.07
CBC CLA HB . -31.95 17.17 24.62
ND CLA HB . -35.48 17.61 21.05
C1D CLA HB . -35.04 16.98 22.17
C2D CLA HB . -35.98 15.91 22.65
C3D CLA HB . -37.04 16.03 21.64
C4D CLA HB . -36.67 16.99 20.80
CMD CLA HB . -36.08 14.91 23.77
CAD CLA HB . -38.33 15.46 21.22
OBD CLA HB . -38.97 14.51 21.82
CBD CLA HB . -38.79 16.17 19.99
CGD CLA HB . -38.84 15.20 18.83
O1D CLA HB . -38.46 15.54 17.72
O2D CLA HB . -39.21 13.82 19.07
CED CLA HB . -39.65 13.01 17.98
C1 CLA HB . -37.32 21.96 21.10
C2 CLA HB . -36.86 22.21 22.52
C3 CLA HB . -36.41 23.41 22.88
C4 CLA HB . -36.33 24.52 21.87
C5 CLA HB . -35.95 23.66 24.30
C6 CLA HB . -36.70 24.87 24.87
C7 CLA HB . -35.78 26.07 24.98
C8 CLA HB . -34.73 25.85 26.08
C9 CLA HB . -35.20 24.82 27.08
C10 CLA HB . -34.42 27.18 26.75
C11 CLA HB . -33.53 26.98 27.98
C12 CLA HB . -32.34 27.92 27.95
C13 CLA HB . -32.27 28.76 29.21
C14 CLA HB . -32.31 30.25 28.88
C15 CLA HB . -31.01 28.40 30.00
C16 CLA HB . -29.84 29.27 29.57
C17 CLA HB . -28.72 28.43 28.96
C18 CLA HB . -27.35 28.92 29.41
C19 CLA HB . -26.25 27.97 28.94
C20 CLA HB . -27.10 30.34 28.92
MG CLA IB . -36.66 7.96 25.51
CHA CLA IB . -34.54 5.28 25.75
CHB CLA IB . -34.13 10.01 26.46
CHC CLA IB . -38.82 10.63 25.24
CHD CLA IB . -39.29 5.76 24.50
NA CLA IB . -34.73 7.72 26.02
C1A CLA IB . -34.05 6.62 26.06
C2A CLA IB . -32.61 6.76 26.47
C3A CLA IB . -32.50 8.25 26.69
C4A CLA IB . -33.88 8.70 26.37
CMA CLA IB . -32.19 8.57 28.15
CAA CLA IB . -31.71 6.31 25.34
CBA CLA IB . -30.25 6.52 25.69
CGA CLA IB . -29.47 5.25 25.39
O1A CLA IB . -29.28 4.90 24.23
O2A CLA IB . -28.77 4.56 26.46
NB CLA IB . -36.50 9.98 25.81
C1B CLA IB . -35.41 10.68 26.19
C2B CLA IB . -35.58 12.15 26.34
C3B CLA IB . -36.98 12.30 25.96
C4B CLA IB . -37.44 10.93 25.66
CMB CLA IB . -34.57 13.20 26.74
CAB CLA IB . -37.77 13.55 25.90
CBB CLA IB . -38.46 13.96 26.95
NC CLA IB . -38.64 8.17 24.98
C1C CLA IB . -39.37 9.30 24.92
C2C CLA IB . -40.79 9.16 24.51
C3C CLA IB . -40.92 7.72 24.29
C4C CLA IB . -39.56 7.21 24.60
CMC CLA IB . -41.84 10.23 24.35
CAC CLA IB . -42.14 6.93 23.85
CBC CLA IB . -42.60 6.06 25.00
ND CLA IB . -36.96 5.96 25.17
C1D CLA IB . -37.97 5.16 24.79
C2D CLA IB . -37.57 3.71 24.71
C3D CLA IB . -36.17 3.81 25.12
C4D CLA IB . -35.92 5.10 25.35
CMD CLA IB . -38.19 2.37 24.38
CAD CLA IB . -34.94 3.01 25.36
OBD CLA IB . -34.83 1.74 25.23
CBD CLA IB . -33.85 3.95 25.78
CGD CLA IB . -33.43 3.64 27.19
O1D CLA IB . -34.06 2.83 27.85
O2D CLA IB . -32.17 4.14 27.70
CED CLA IB . -31.88 4.03 29.10
C1 CLA IB . -28.08 3.34 26.19
C2 CLA IB . -26.84 3.28 27.03
C3 CLA IB . -26.87 2.76 28.26
C4 CLA IB . -25.61 2.68 29.09
C5 CLA IB . -28.17 2.22 28.81
C6 CLA IB . -28.16 0.70 28.77
C7 CLA IB . -29.33 0.13 29.55
C8 CLA IB . -30.47 -0.26 28.61
C9 CLA IB . -31.05 -1.63 29.00
C10 CLA IB . -29.98 -0.27 27.18
C11 CLA IB . -31.09 0.15 26.21
C12 CLA IB . -30.77 -0.30 24.79
C13 CLA IB . -31.50 0.57 23.78
C14 CLA IB . -31.40 2.05 24.15
C15 CLA IB . -32.95 0.13 23.67
C16 CLA IB . -33.47 0.28 22.25
C17 CLA IB . -35.00 0.28 22.22
C18 CLA IB . -35.52 0.97 20.97
C19 CLA IB . -35.46 0.03 19.77
C20 CLA IB . -36.93 1.50 21.18
MG CLA JB . -30.98 7.93 9.76
CHA CLA JB . -32.41 8.34 6.71
CHB CLA JB . -32.35 4.87 10.02
CHC CLA JB . -29.49 7.63 12.83
CHD CLA JB . -29.54 11.16 9.48
NA CLA JB . -32.15 6.80 8.62
C1A CLA JB . -32.61 7.10 7.47
C2A CLA JB . -33.47 6.07 6.84
C3A CLA JB . -33.44 4.97 7.88
C4A CLA JB . -32.58 5.57 8.92
CMA CLA JB . -34.79 4.95 8.56
CAA CLA JB . -32.96 5.79 5.46
CBA CLA JB . -33.03 4.32 5.15
CGA CLA JB . -31.77 3.79 5.72
O1A CLA JB . -31.69 3.82 6.93
O2A CLA JB . -30.60 4.12 4.94
NB CLA JB . -30.94 6.48 11.19
C1B CLA JB . -31.54 5.27 11.17
C2B CLA JB . -31.31 4.44 12.38
C3B CLA JB . -30.45 5.33 13.17
C4B CLA JB . -30.30 6.51 12.35
CMB CLA JB . -31.82 3.05 12.69
CAB CLA JB . -29.82 5.18 14.48
CBB CLA JB . -29.35 6.27 15.05
NC CLA JB . -29.76 9.13 10.92
C1C CLA JB . -29.25 8.88 12.12
C2C CLA JB . -28.41 9.92 12.73
C3C CLA JB . -28.43 10.97 11.72
C4C CLA JB . -29.28 10.38 10.68
CMC CLA JB . -27.72 9.88 14.06
CAC CLA JB . -27.77 12.33 11.70
CBC CLA JB . -28.83 13.41 11.64
ND CLA JB . -30.92 9.46 8.45
C1D CLA JB . -30.36 10.68 8.38
C2D CLA JB . -30.67 11.41 7.11
C3D CLA JB . -31.51 10.39 6.47
C4D CLA JB . -31.60 9.36 7.28
CMD CLA JB . -30.34 12.75 6.50
CAD CLA JB . -32.31 10.13 5.26
OBD CLA JB . -32.39 10.96 4.27
CBD CLA JB . -32.89 8.75 5.37
CGD CLA JB . -34.36 8.61 5.19
O1D CLA JB . -34.79 8.62 4.05
O2D CLA JB . -34.98 7.57 5.96
CED CLA JB . -35.18 6.33 5.32
C1 CLA JB . -29.41 3.34 5.04
C2 CLA JB . -28.92 2.97 3.67
C3 CLA JB . -27.61 2.97 3.37
C4 CLA JB . -27.17 2.60 1.99
C5 CLA JB . -26.59 3.36 4.39
C6 CLA JB . -25.29 3.59 3.67
C7 CLA JB . -24.99 5.09 3.58
C8 CLA JB . -23.49 5.38 3.47
C9 CLA JB . -23.12 6.07 2.18
C10 CLA JB . -22.99 6.14 4.69
C11 CLA JB . -21.61 5.61 5.07
C12 CLA JB . -21.54 5.37 6.56
C13 CLA JB . -20.88 4.04 6.85
C14 CLA JB . -20.08 3.58 5.66
C15 CLA JB . -20.02 4.18 8.08
C16 CLA JB . -20.88 4.82 9.15
C17 CLA JB . -20.21 4.81 10.51
C18 CLA JB . -20.64 6.04 11.27
C19 CLA JB . -21.85 6.68 10.62
C20 CLA JB . -20.83 5.79 12.76
MG CLA KB . -31.50 1.58 15.51
CHA CLA KB . -30.87 2.77 18.65
CHB CLA KB . -28.27 0.59 15.25
CHC CLA KB . -32.19 0.39 12.35
CHD CLA KB . -34.89 2.63 15.83
NA CLA KB . -29.87 1.65 16.69
C1A CLA KB . -29.79 2.14 17.87
C2A CLA KB . -28.43 2.05 18.51
C3A CLA KB . -27.63 1.37 17.44
C4A CLA KB . -28.66 1.18 16.37
CMA CLA KB . -27.13 0.00 17.91
CAA CLA KB . -28.52 1.20 19.76
CBA CLA KB . -28.90 -0.24 19.42
CGA CLA KB . -28.60 -1.14 20.59
O1A CLA KB . -29.28 -1.07 21.61
O2A CLA KB . -27.41 -1.96 20.59
NB CLA KB . -30.41 0.64 14.05
C1B CLA KB . -29.10 0.30 14.08
C2B CLA KB . -28.56 -0.37 12.86
C3B CLA KB . -29.76 -0.41 12.02
C4B CLA KB . -30.81 0.23 12.83
CMB CLA KB . -27.17 -0.87 12.58
CAB CLA KB . -29.88 -0.97 10.66
CBB CLA KB . -29.37 -0.33 9.62
NC CLA KB . -33.19 1.53 14.32
C1C CLA KB . -33.32 1.01 13.07
C2C CLA KB . -34.66 1.11 12.45
C3C CLA KB . -35.45 1.78 13.49
C4C CLA KB . -34.46 1.97 14.57
CMC CLA KB . -35.10 0.63 11.09
CAC CLA KB . -36.91 2.16 13.45
CBC CLA KB . -37.04 3.60 13.02
ND CLA KB . -32.72 2.50 16.88
C1D CLA KB . -34.00 2.89 16.96
C2D CLA KB . -34.33 3.55 18.29
C3D CLA KB . -33.01 3.48 18.93
C4D CLA KB . -32.18 2.88 18.07
CMD CLA KB . -35.50 4.18 18.99
CAD CLA KB . -32.28 3.82 20.17
OBD CLA KB . -32.78 4.40 21.20
CBD CLA KB . -30.85 3.37 20.03
CGD CLA KB . -29.95 4.56 20.05
O1D CLA KB . -29.39 4.94 19.03
O2D CLA KB . -29.86 5.39 21.24
CED CLA KB . -31.04 5.82 21.89
C1 CLA KB . -27.26 -3.02 21.54
C2 CLA KB . -27.28 -2.44 22.94
C3 CLA KB . -26.79 -1.22 23.18
C4 CLA KB . -26.81 -0.66 24.57
C5 CLA KB . -26.20 -0.41 22.05
C6 CLA KB . -24.69 -0.36 22.19
C7 CLA KB . -24.07 0.51 21.10
C8 CLA KB . -23.00 1.43 21.68
C9 CLA KB . -22.22 2.14 20.57
C10 CLA KB . -22.06 0.62 22.56
C11 CLA KB . -20.61 1.04 22.35
C12 CLA KB . -20.51 2.55 22.14
C13 CLA KB . -21.80 3.25 22.55
C14 CLA KB . -22.16 4.35 21.57
C15 CLA KB . -21.65 3.81 23.97
C16 CLA KB . -22.28 5.19 24.07
C17 CLA KB . -22.75 5.46 25.50
C18 CLA KB . -24.26 5.60 25.56
C19 CLA KB . -24.94 4.65 24.58
C20 CLA KB . -24.69 7.04 25.30
MG CLA LB . -22.97 2.49 13.90
CHA CLA LB . -24.31 1.77 10.83
CHB CLA LB . -25.56 4.62 14.49
CHC CLA LB . -21.60 3.20 16.98
CHD CLA LB . -20.28 0.26 13.23
NA CLA LB . -24.61 3.10 12.88
C1A CLA LB . -24.99 2.73 11.71
C2A CLA LB . -26.26 3.35 11.21
C3A CLA LB . -26.64 4.24 12.37
C4A CLA LB . -25.52 3.98 13.33
CMA CLA LB . -26.62 5.71 11.96
CAA CLA LB . -27.30 2.26 10.99
CBA CLA LB . -28.49 2.80 10.21
CGA CLA LB . -28.02 3.86 9.24
O1A CLA LB . -28.55 3.99 8.14
O2A CLA LB . -27.05 4.86 9.67
NB CLA LB . -23.50 3.71 15.46
C1B CLA LB . -24.57 4.51 15.57
C2B CLA LB . -24.71 5.30 16.84
C3B CLA LB . -23.52 4.85 17.56
C4B CLA LB . -22.85 3.88 16.64
CMB CLA LB . -25.78 6.27 17.27
CAB CLA LB . -23.07 5.26 18.91
CBB CLA LB . -23.88 5.94 19.69
NC CLA LB . -21.29 1.86 14.91
C1C CLA LB . -20.88 2.24 16.14
C2C CLA LB . -19.61 1.62 16.63
C3C CLA LB . -19.23 0.74 15.51
C4C CLA LB . -20.32 0.97 14.52
CMC CLA LB . -18.91 1.83 17.94
CAC CLA LB . -18.03 -0.16 15.39
CBC CLA LB . -16.83 0.53 16.01
ND CLA LB . -22.34 1.25 12.41
C1D CLA LB . -21.30 0.41 12.19
C2D CLA LB . -21.37 -0.27 10.84
C3D CLA LB . -22.62 0.33 10.33
C4D CLA LB . -23.08 1.16 11.27
CMD CLA LB . -20.59 -1.26 10.02
CAD CLA LB . -23.53 0.34 9.16
OBD CLA LB . -23.39 -0.34 8.08
CBD CLA LB . -24.66 1.28 9.45
CGD CLA LB . -24.62 2.44 8.49
O1D CLA LB . -24.29 3.55 8.87
O2D CLA LB . -25.14 2.28 7.14
CED CLA LB . -24.29 2.50 6.02
C1 CLA LB . -26.94 6.10 8.97
C2 CLA LB . -25.53 6.29 8.48
C3 CLA LB . -24.74 7.23 9.02
C4 CLA LB . -25.25 8.10 10.13
C5 CLA LB . -23.32 7.39 8.52
C6 CLA LB . -22.85 8.81 8.83
C7 CLA LB . -21.38 8.83 9.23
C8 CLA LB . -20.55 9.67 8.27
C9 CLA LB . -19.59 10.57 9.03
C10 CLA LB . -19.81 8.76 7.30
C11 CLA LB . -18.30 8.84 7.54
C12 CLA LB . -17.54 8.61 6.24
C13 CLA LB . -16.40 7.62 6.43
C14 CLA LB . -16.88 6.20 6.19
C15 CLA LB . -15.25 7.98 5.50
C16 CLA LB . -14.89 6.80 4.61
C17 CLA LB . -15.92 6.62 3.50
C18 CLA LB . -16.09 5.15 3.16
C19 CLA LB . -16.72 4.98 1.78
C20 CLA LB . -16.92 4.43 4.22
MG CLA MB . -27.36 -3.27 5.69
CHA CLA MB . -30.03 -4.38 3.93
CHB CLA MB . -28.61 -4.75 8.46
CHC CLA MB . -24.64 -2.15 7.44
CHD CLA MB . -26.08 -1.75 2.78
NA CLA MB . -28.99 -4.36 6.13
C1A CLA MB . -29.93 -4.69 5.34
C2A CLA MB . -31.01 -5.52 5.92
C3A CLA MB . -30.57 -5.61 7.35
C4A CLA MB . -29.30 -4.86 7.33
CMA CLA MB . -31.56 -4.86 8.22
CAA CLA MB . -30.72 -6.84 5.25
CBA CLA MB . -29.27 -7.21 5.51
CGA CLA MB . -28.37 -7.01 4.32
O1A CLA MB . -28.52 -6.08 3.58
O2A CLA MB . -26.97 -7.35 4.48
NB CLA MB . -26.73 -3.43 7.63
C1B CLA MB . -27.34 -4.06 8.64
C2B CLA MB . -26.65 -4.00 9.95
C3B CLA MB . -25.49 -3.23 9.60
C4B CLA MB . -25.63 -2.93 8.18
CMB CLA MB . -27.02 -4.58 11.28
CAB CLA MB . -24.41 -2.84 10.52
CBB CLA MB . -24.69 -2.86 11.80
NC CLA MB . -25.69 -2.18 5.22
C1C CLA MB . -24.69 -1.80 6.03
C2C CLA MB . -23.62 -1.01 5.42
C3C CLA MB . -24.07 -0.91 4.03
C4C CLA MB . -25.33 -1.65 4.03
CMC CLA MB . -22.38 -0.46 6.07
CAC CLA MB . -23.47 -0.24 2.85
CBC CLA MB . -24.51 -0.40 1.77
ND CLA MB . -27.86 -3.04 3.74
C1D CLA MB . -27.35 -2.46 2.65
C2D CLA MB . -28.22 -2.64 1.44
C3D CLA MB . -29.30 -3.44 2.02
C4D CLA MB . -29.00 -3.60 3.30
CMD CLA MB . -28.25 -2.28 -0.02
CAD CLA MB . -30.57 -4.10 1.71
OBD CLA MB . -31.17 -4.15 0.58
CBD CLA MB . -31.10 -4.71 2.96
CGD CLA MB . -31.39 -6.14 2.75
O1D CLA MB . -30.54 -6.97 2.96
O2D CLA MB . -32.36 -6.38 1.71
CED CLA MB . -33.08 -5.27 1.21
C1 CLA MB . -26.01 -6.34 4.27
C2 CLA MB . -25.58 -6.33 2.82
C3 CLA MB . -24.53 -5.60 2.44
C4 CLA MB . -24.07 -5.58 1.01
C5 CLA MB . -23.81 -4.81 3.48
C6 CLA MB . -22.85 -5.76 4.16
C7 CLA MB . -21.72 -6.13 3.22
C8 CLA MB . -21.02 -4.87 2.75
C9 CLA MB . -22.09 -3.94 2.22
C10 CLA MB . -20.33 -4.23 3.93
C11 CLA MB . -18.83 -4.35 3.77
C12 CLA MB . -18.51 -5.23 2.57
C13 CLA MB . -19.38 -6.46 2.61
C14 CLA MB . -19.68 -6.81 4.04
C15 CLA MB . -18.69 -7.64 1.95
C16 CLA MB . -19.62 -8.84 2.03
C17 CLA MB . -20.88 -8.44 2.78
C18 CLA MB . -21.87 -9.60 2.84
C19 CLA MB . -22.56 -9.66 4.18
C20 CLA MB . -22.90 -9.49 1.72
MG CLA NB . -35.16 -5.67 26.30
CHA CLA NB . -32.79 -5.27 23.87
CHB CLA NB . -32.71 -6.15 28.59
CHC CLA NB . -37.59 -6.09 28.72
CHD CLA NB . -37.70 -5.19 23.86
NA CLA NB . -33.15 -5.71 26.27
C1A CLA NB . -32.37 -5.52 25.26
C2A CLA NB . -30.90 -5.60 25.54
C3A CLA NB . -30.88 -5.88 27.03
C4A CLA NB . -32.35 -5.92 27.34
CMA CLA NB . -30.27 -7.24 27.33
CAA CLA NB . -30.25 -4.26 25.24
CBA CLA NB . -28.75 -4.43 24.99
CGA CLA NB . -28.06 -4.75 26.28
O1A CLA NB . -28.68 -5.26 27.21
O2A CLA NB . -26.62 -4.63 26.39
NB CLA NB . -35.14 -6.06 28.32
C1B CLA NB . -34.07 -6.22 29.13
C2B CLA NB . -34.34 -6.49 30.56
C3B CLA NB . -35.81 -6.46 30.56
C4B CLA NB . -36.19 -6.19 29.16
CMB CLA NB . -33.38 -6.71 31.71
CAB CLA NB . -36.72 -6.66 31.72
CBB CLA NB . -37.91 -6.12 31.72
NC CLA NB . -37.22 -5.65 26.30
C1C CLA NB . -38.06 -5.82 27.35
C2C CLA NB . -39.51 -5.75 27.07
C3C CLA NB . -39.53 -5.49 25.62
C4C CLA NB . -38.10 -5.44 25.26
CMC CLA NB . -40.67 -5.92 28.01
CAC CLA NB . -40.73 -5.30 24.72
CBC CLA NB . -40.97 -3.82 24.49
ND CLA NB . -35.33 -5.30 24.30
C1D CLA NB . -36.31 -5.12 23.40
C2D CLA NB . -35.79 -4.87 22.00
C3D CLA NB . -34.35 -4.94 22.26
C4D CLA NB . -34.19 -5.18 23.56
CMD CLA NB . -36.33 -4.61 20.62
CAD CLA NB . -33.02 -4.84 21.61
OBD CLA NB . -32.83 -4.61 20.35
CBD CLA NB . -31.96 -5.05 22.64
CGD CLA NB . -31.15 -3.80 22.79
O1D CLA NB . -31.71 -2.71 22.92
O2D CLA NB . -29.72 -3.82 22.58
CED CLA NB . -29.13 -4.85 21.78
C1 CLA NB . -25.79 -5.76 26.13
C2 CLA NB . -26.28 -6.94 26.94
C3 CLA NB . -25.60 -7.35 28.03
C4 CLA NB . -24.36 -6.62 28.44
C5 CLA NB . -26.10 -8.53 28.82
C6 CLA NB . -26.78 -9.53 27.89
C7 CLA NB . -27.44 -10.65 28.67
C8 CLA NB . -28.13 -11.64 27.75
C9 CLA NB . -29.45 -11.09 27.23
C10 CLA NB . -28.34 -12.96 28.47
C11 CLA NB . -29.80 -13.36 28.46
C12 CLA NB . -30.36 -13.34 27.04
C13 CLA NB . -30.77 -14.75 26.60
C14 CLA NB . -29.98 -15.81 27.35
C15 CLA NB . -32.27 -14.94 26.82
C16 CLA NB . -32.87 -13.73 27.54
C17 CLA NB . -33.32 -12.68 26.54
C18 CLA NB . -34.27 -11.67 27.19
C19 CLA NB . -34.78 -12.20 28.53
C20 CLA NB . -33.59 -10.32 27.37
MG CLA OB . -33.53 -13.49 23.07
CHA CLA OB . -34.87 -16.62 23.14
CHB CLA OB . -30.48 -14.82 22.67
CHC CLA OB . -32.23 -10.32 23.01
CHD CLA OB . -36.78 -12.12 23.50
NA CLA OB . -32.78 -15.34 22.93
C1A CLA OB . -33.41 -16.46 22.97
C2A CLA OB . -32.58 -17.69 22.81
C3A CLA OB . -31.21 -17.10 22.70
C4A CLA OB . -31.49 -15.65 22.77
CMA CLA OB . -30.39 -17.50 23.91
CAA CLA OB . -32.87 -18.18 21.40
CBA CLA OB . -33.34 -19.63 21.37
CGA CLA OB . -32.37 -20.47 22.14
O1A CLA OB . -31.73 -21.31 21.55
O2A CLA OB . -31.84 -19.93 23.37
NB CLA OB . -31.67 -12.72 22.88
C1B CLA OB . -30.51 -13.37 22.71
C2B CLA OB . -29.28 -12.53 22.59
C3B CLA OB . -29.85 -11.22 22.70
C4B CLA OB . -31.29 -11.43 22.86
CMB CLA OB . -27.86 -12.95 22.41
CAB CLA OB . -29.16 -9.92 22.66
CBB CLA OB . -29.26 -9.18 23.75
NC CLA OB . -34.33 -11.60 23.22
C1C CLA OB . -33.68 -10.42 23.18
C2C CLA OB . -34.50 -9.21 23.31
C3C CLA OB . -35.83 -9.74 23.46
C4C CLA OB . -35.62 -11.21 23.38
CMC CLA OB . -34.11 -7.75 23.31
CAC CLA OB . -37.07 -8.92 23.64
CBC CLA OB . -36.59 -7.64 24.28
ND CLA OB . -35.45 -14.12 23.28
C1D CLA OB . -36.66 -13.57 23.44
C2D CLA OB . -37.76 -14.59 23.54
C3D CLA OB . -36.96 -15.81 23.42
C4D CLA OB . -35.70 -15.46 23.28
CMD CLA OB . -39.24 -14.64 23.72
CAD CLA OB . -37.07 -17.28 23.37
OBD CLA OB . -38.14 -17.97 23.49
CBD CLA OB . -35.70 -17.86 23.21
CGD CLA OB . -35.45 -18.59 24.47
O1D CLA OB . -35.67 -17.99 25.50
O2D CLA OB . -35.81 -19.99 24.46
CED CLA OB . -37.10 -20.40 24.07
C1 CLA OB . -30.91 -20.74 24.09
C2 CLA OB . -30.66 -20.22 25.48
C3 CLA OB . -29.87 -20.93 26.29
C4 CLA OB . -29.26 -22.21 25.83
C5 CLA OB . -29.60 -20.42 27.67
C6 CLA OB . -29.27 -18.94 27.59
C7 CLA OB . -29.09 -18.39 28.98
C8 CLA OB . -28.07 -17.28 28.97
C9 CLA OB . -26.83 -17.69 28.20
C10 CLA OB . -27.73 -16.93 30.41
C11 CLA OB . -26.94 -15.63 30.45
C12 CLA OB . -27.00 -15.01 31.83
C13 CLA OB . -28.10 -13.97 31.93
C14 CLA OB . -29.45 -14.65 31.88
C15 CLA OB . -27.95 -13.23 33.25
C16 CLA OB . -26.62 -12.50 33.32
C17 CLA OB . -26.57 -11.29 32.40
C18 CLA OB . -25.77 -10.15 33.02
C19 CLA OB . -25.68 -8.94 32.10
C20 CLA OB . -26.34 -9.75 34.37
C1 BCR PB . -7.23 1.53 7.16
C2 BCR PB . -6.15 1.75 6.11
C3 BCR PB . -6.77 1.86 4.72
C4 BCR PB . -7.54 0.59 4.37
C5 BCR PB . -8.49 0.25 5.49
C6 BCR PB . -8.09 0.37 6.75
C7 BCR PB . -8.49 -0.64 7.75
C8 BCR PB . -9.68 -1.03 7.82
C9 BCR PB . -10.82 -1.23 8.31
C10 BCR PB . -11.80 -1.73 7.56
C11 BCR PB . -12.94 -1.93 8.06
C33 BCR PB . -9.88 -0.22 5.19
C31 BCR PB . -8.10 2.77 7.30
C32 BCR PB . -6.58 1.21 8.51
C34 BCR PB . -11.07 -0.89 9.76
C12 BCR PB . -13.95 -2.51 7.87
C13 BCR PB . -15.18 -2.52 8.08
C14 BCR PB . -15.97 -3.39 7.44
C15 BCR PB . -17.21 -3.41 7.66
C16 BCR PB . -18.27 -3.89 7.53
C17 BCR PB . -19.37 -4.33 7.40
C18 BCR PB . -20.34 -4.83 8.01
C19 BCR PB . -21.36 -5.18 7.37
C20 BCR PB . -22.43 -5.68 7.32
C21 BCR PB . -23.51 -6.17 7.31
C22 BCR PB . -24.25 -6.99 7.90
C23 BCR PB . -24.85 -7.93 7.16
C24 BCR PB . -25.69 -8.94 7.47
C25 BCR PB . -26.24 -9.38 8.63
C26 BCR PB . -27.04 -10.43 8.54
C27 BCR PB . -28.41 -10.39 9.17
C28 BCR PB . -28.30 -9.70 10.53
C29 BCR PB . -26.85 -9.62 10.98
C30 BCR PB . -26.02 -8.79 10.00
C35 BCR PB . -15.79 -1.56 9.06
C36 BCR PB . -20.29 -4.99 9.50
C37 BCR PB . -24.40 -6.85 9.38
C38 BCR PB . -26.59 -11.66 7.81
C39 BCR PB . -24.55 -8.91 10.39
C40 BCR PB . -26.55 -7.36 10.03
C1 BCR QB . -14.19 4.12 10.44
C2 BCR QB . -13.49 5.40 10.85
C3 BCR QB . -13.26 6.25 9.61
C4 BCR QB . -12.33 5.54 8.65
C5 BCR QB . -12.81 4.13 8.41
C6 BCR QB . -13.40 3.44 9.38
C7 BCR QB . -13.31 1.97 9.42
C8 BCR QB . -14.01 1.33 10.24
C9 BCR QB . -14.67 0.66 11.06
C10 BCR QB . -14.48 -0.67 11.14
C11 BCR QB . -15.13 -1.36 11.96
C33 BCR QB . -12.63 3.50 7.06
C31 BCR QB . -15.58 4.42 9.89
C32 BCR QB . -14.29 3.15 11.62
C34 BCR QB . -15.66 1.33 11.95
C12 BCR QB . -15.19 -2.36 12.61
C13 BCR QB . -15.35 -3.59 12.48
C14 BCR QB . -15.10 -4.43 13.51
C15 BCR QB . -15.27 -5.67 13.39
C16 BCR QB . -15.02 -6.73 13.85
C17 BCR QB . -14.85 -7.77 14.40
C18 BCR QB . -14.49 -8.94 14.16
C19 BCR QB . -14.83 -9.90 14.91
C20 BCR QB . -15.15 -10.99 15.23
C21 BCR QB . -15.52 -12.07 15.59
C22 BCR QB . -15.39 -12.90 16.52
C23 BCR QB . -15.94 -14.12 16.45
C24 BCR QB . -15.78 -14.98 17.46
C25 BCR QB . -16.33 -16.20 17.37
C26 BCR QB . -17.01 -16.53 16.30
C27 BCR QB . -18.26 -17.35 16.48
C28 BCR QB . -18.69 -17.24 17.94
C29 BCR QB . -17.59 -17.70 18.89
C30 BCR QB . -16.21 -17.23 18.46
C35 BCR QB . -15.85 -4.13 11.17
C36 BCR QB . -13.65 -9.22 12.95
C37 BCR QB . -14.62 -12.51 17.74
C38 BCR QB . -16.55 -16.08 14.94
C39 BCR QB . -15.42 -18.43 17.94
C40 BCR QB . -15.47 -16.64 19.66
C1 BCR RB . -19.93 -11.43 32.30
C2 BCR RB . -19.92 -11.41 33.82
C3 BCR RB . -21.13 -10.66 34.37
C4 BCR RB . -22.41 -11.39 34.03
C5 BCR RB . -22.26 -12.04 32.68
C6 BCR RB . -21.35 -11.60 31.84
C7 BCR RB . -21.74 -11.31 30.45
C8 BCR RB . -22.53 -12.09 29.86
C9 BCR RB . -23.47 -12.37 29.09
C10 BCR RB . -23.31 -13.34 28.17
C11 BCR RB . -24.26 -13.63 27.39
C33 BCR RB . -23.13 -13.19 32.28
C31 BCR RB . -19.09 -12.58 31.79
C32 BCR RB . -19.39 -10.10 31.77
C34 BCR RB . -24.76 -11.63 29.18
C12 BCR RB . -24.48 -14.24 26.40
C13 BCR RB . -25.13 -14.41 25.34
C14 BCR RB . -25.57 -15.63 24.99
C15 BCR RB . -26.22 -15.82 23.93
C16 BCR RB . -26.64 -16.69 23.26
C17 BCR RB . -26.94 -17.59 22.54
C18 BCR RB . -26.83 -18.39 21.59
C19 BCR RB . -27.65 -18.33 20.63
C20 BCR RB . -28.35 -18.88 19.86
C21 BCR RB . -29.06 -19.53 19.16
C22 BCR RB . -29.52 -19.55 17.99
C23 BCR RB . -28.91 -20.26 17.03
C24 BCR RB . -29.42 -20.25 15.81
C25 BCR RB . -28.84 -20.96 14.82
C26 BCR RB . -27.75 -21.68 15.08
C27 BCR RB . -26.80 -22.11 13.99
C28 BCR RB . -27.55 -22.33 12.69
C29 BCR RB . -28.40 -21.11 12.38
C30 BCR RB . -29.46 -20.92 13.45
C35 BCR RB . -25.43 -13.23 24.47
C36 BCR RB . -25.74 -19.41 21.58
C37 BCR RB . -30.75 -18.76 17.65
C38 BCR RB . -27.46 -22.07 16.50
C39 BCR RB . -30.49 -22.02 13.37
C40 BCR RB . -30.13 -19.57 13.26
C1A MGE SB . -28.72 11.36 0.56
C2A MGE SB . -27.37 11.43 -0.10
C3A MGE SB . -26.32 10.77 0.79
C4A MGE SB . -24.97 11.44 0.65
C5A MGE SB . -23.84 10.44 0.86
C6A MGE SB . -22.52 10.99 0.32
C7A MGE SB . -21.39 10.75 1.31
C8A MGE SB . -20.03 11.13 0.70
C9A MGE SB . -19.61 10.12 -0.35
CAA MGE SB . -19.93 8.69 0.11
CBA MGE SB . -18.78 8.12 0.93
CCA MGE SB . -19.20 7.92 2.38
CDA MGE SB . -18.43 6.78 3.01
O1A MGE SB . -29.72 11.10 -0.08
C1B MGE SB . -31.05 14.87 3.24
C2B MGE SB . -30.99 16.06 4.17
C3B MGE SB . -29.53 16.46 4.40
C4B MGE SB . -29.26 16.64 5.88
C5B MGE SB . -28.57 17.98 6.15
C6B MGE SB . -27.07 17.79 6.33
C7B MGE SB . -26.55 16.67 5.44
C8B MGE SB . -25.13 16.28 5.82
C9B MGE SB . -24.64 15.08 5.00
CAB MGE SB . -23.76 14.18 5.83
CBB MGE SB . -23.82 12.74 5.32
CCB MGE SB . -22.94 11.83 6.17
CDB MGE SB . -23.44 10.39 6.12
CEB MGE SB . -24.95 10.33 6.23
CFB MGE SB . -25.61 11.21 5.18
CGB MGE SB . -25.44 10.63 3.79
O1B MGE SB . -30.82 15.01 2.04
O1G MGE SB . -28.85 11.61 1.98
C1G MGE SB . -29.47 12.82 2.44
C2G MGE SB . -30.90 12.52 2.87
O2G MGE SB . -31.35 13.55 3.75
C3G MGE SB . -31.79 12.47 1.64
O3G MGE SB . -33.13 12.79 2.02
C1D MGE SB . -34.01 12.74 0.89
C2D MGE SB . -33.97 11.35 0.26
O2D MGE SB . -33.24 10.47 1.12
C3D MGE SB . -35.36 10.81 0.02
O3D MGE SB . -35.92 10.38 1.27
C4D MGE SB . -36.27 11.88 -0.59
O4D MGE SB . -37.62 11.38 -0.67
C5D MGE SB . -36.25 13.16 0.23
O5D MGE SB . -35.84 15.54 0.17
C6D MGE SB . -35.81 14.34 -0.62
O6D MGE SB . -35.35 13.01 1.33
MG CLA TB . -10.69 60.21 -31.79
CHA CLA TB . -8.95 61.84 -29.33
CHB CLA TB . -8.78 57.46 -31.29
CHC CLA TB . -12.46 58.61 -34.28
CHD CLA TB . -12.67 63.13 -32.29
NA CLA TB . -9.16 59.72 -30.56
C1A CLA TB . -8.61 60.46 -29.66
C2A CLA TB . -7.50 59.80 -28.91
C3A CLA TB . -7.44 58.43 -29.53
C4A CLA TB . -8.54 58.52 -30.54
CMA CLA TB . -6.11 58.20 -30.24
CAA CLA TB . -7.86 59.72 -27.43
CBA CLA TB . -9.27 59.16 -27.25
CGA CLA TB . -9.19 57.79 -26.63
O1A CLA TB . -8.44 57.59 -25.67
O2A CLA TB . -10.11 56.74 -27.02
NB CLA TB . -10.62 58.34 -32.64
C1B CLA TB . -9.79 57.31 -32.34
C2B CLA TB . -9.97 56.07 -33.11
C3B CLA TB . -11.06 56.44 -34.00
C4B CLA TB . -11.39 57.85 -33.63
CMB CLA TB . -9.21 54.76 -33.02
CAB CLA TB . -11.72 55.61 -35.04
CBB CLA TB . -12.67 54.76 -34.70
NC CLA TB . -12.25 60.76 -33.03
C1C CLA TB . -12.85 60.00 -33.98
C2C CLA TB . -13.95 60.65 -34.74
C3C CLA TB . -14.00 61.98 -34.14
C4C CLA TB . -12.93 61.94 -33.12
CMC CLA TB . -14.80 60.07 -35.84
CAC CLA TB . -14.93 63.13 -34.48
CBC CLA TB . -15.92 63.32 -33.35
ND CLA TB . -10.86 62.10 -31.04
C1D CLA TB . -11.63 63.20 -31.26
C2D CLA TB . -11.27 64.35 -30.35
C3D CLA TB . -10.18 63.74 -29.59
C4D CLA TB . -10.02 62.49 -30.04
CMD CLA TB . -11.71 65.77 -30.08
CAD CLA TB . -9.20 64.00 -28.51
OBD CLA TB . -9.07 65.10 -27.86
CBD CLA TB . -8.36 62.77 -28.31
CGD CLA TB . -8.61 62.21 -26.94
O1D CLA TB . -9.49 61.39 -26.75
O2D CLA TB . -7.95 62.81 -25.78
CED CLA TB . -8.00 64.22 -25.59
C1 CLA TB . -10.35 56.48 -28.41
C2 CLA TB . -11.27 55.29 -28.55
C3 CLA TB . -11.51 54.76 -29.75
C4 CLA TB . -10.88 55.36 -30.98
C5 CLA TB . -12.43 53.57 -29.88
C6 CLA TB . -12.53 53.17 -31.35
C7 CLA TB . -13.29 51.86 -31.51
C8 CLA TB . -13.45 51.48 -32.97
C9 CLA TB . -12.61 52.40 -33.86
C10 CLA TB . -14.92 51.54 -33.36
C11 CLA TB . -15.43 50.18 -33.82
C12 CLA TB . -16.15 50.29 -35.15
C13 CLA TB . -17.66 50.37 -34.94
C14 CLA TB . -18.17 49.13 -34.22
C15 CLA TB . -18.35 50.54 -36.28
C16 CLA TB . -19.64 49.72 -36.35
C17 CLA TB . -19.89 49.18 -37.75
C18 CLA TB . -18.57 48.73 -38.39
C19 CLA TB . -18.81 47.57 -39.35
C20 CLA TB . -17.88 49.89 -39.10
MG CLA UB . -17.20 58.45 -21.62
CHA CLA UB . -14.28 59.55 -23.01
CHB CLA UB . -17.22 61.10 -19.59
CHC CLA UB . -20.13 57.29 -20.26
CHD CLA UB . -17.16 55.65 -23.80
NA CLA UB . -16.00 60.03 -21.33
C1A CLA UB . -14.91 60.34 -21.95
C2A CLA UB . -14.26 61.59 -21.47
C3A CLA UB . -15.20 62.08 -20.41
C4A CLA UB . -16.22 60.99 -20.43
CMA CLA UB . -14.55 62.15 -19.04
CAA CLA UB . -14.22 62.60 -22.59
CBA CLA UB . -15.41 63.53 -22.59
CGA CLA UB . -15.77 63.54 -24.04
O1A CLA UB . -15.24 62.71 -24.72
O2A CLA UB . -16.19 64.70 -24.78
NB CLA UB . -18.46 59.08 -20.16
C1B CLA UB . -18.35 60.18 -19.41
C2B CLA UB . -19.40 60.42 -18.42
C3B CLA UB . -20.25 59.27 -18.65
C4B CLA UB . -19.59 58.53 -19.73
CMB CLA UB . -19.56 61.54 -17.44
CAB CLA UB . -21.50 58.97 -17.93
CBB CLA UB . -21.97 59.90 -17.12
NC CLA UB . -18.39 56.82 -21.95
C1C CLA UB . -19.54 56.49 -21.33
C2C CLA UB . -20.20 55.25 -21.77
C3C CLA UB . -19.31 54.77 -22.82
C4C CLA UB . -18.26 55.80 -22.84
CMC CLA UB . -21.48 54.63 -21.26
CAC CLA UB . -19.42 53.54 -23.67
CBC CLA UB . -18.41 52.53 -23.18
ND CLA UB . -16.04 57.68 -23.10
C1D CLA UB . -16.07 56.60 -23.91
C2D CLA UB . -14.90 56.56 -24.85
C3D CLA UB . -14.21 57.77 -24.44
C4D CLA UB . -14.92 58.34 -23.47
CMD CLA UB . -14.38 55.66 -25.93
CAD CLA UB . -13.03 58.61 -24.72
OBD CLA UB . -12.12 58.38 -25.58
CBD CLA UB . -13.04 59.78 -23.82
CGD CLA UB . -11.81 59.60 -23.05
O1D CLA UB . -10.86 59.19 -23.69
O2D CLA UB . -11.94 59.06 -21.73
CED CLA UB . -10.85 58.30 -21.22
C1 CLA UB . -16.39 64.41 -26.16
C2 CLA UB . -15.22 64.90 -27.00
C3 CLA UB . -13.94 64.47 -26.95
C4 CLA UB . -12.94 65.08 -27.88
C5 CLA UB . -13.46 63.42 -25.99
C6 CLA UB . -12.68 62.36 -26.76
C7 CLA UB . -13.09 62.31 -28.22
C8 CLA UB . -13.08 60.88 -28.72
C9 CLA UB . -12.54 59.96 -27.64
C10 CLA UB . -14.50 60.47 -29.10
C11 CLA UB . -14.55 59.22 -29.97
C12 CLA UB . -15.96 58.64 -30.06
C13 CLA UB . -16.49 58.23 -28.68
C14 CLA UB . -17.13 56.85 -28.71
C15 CLA UB . -17.44 59.27 -28.11
C16 CLA UB . -17.32 59.35 -26.60
C17 CLA UB . -18.53 60.03 -25.95
C18 CLA UB . -18.85 59.40 -24.60
C19 CLA UB . -19.91 60.20 -23.86
C20 CLA UB . -17.61 59.23 -23.75
MG CLA VB . -17.23 68.64 -26.25
CHA CLA VB . -20.17 69.06 -27.93
CHB CLA VB . -15.63 70.45 -28.63
CHC CLA VB . -14.28 68.20 -24.51
CHD CLA VB . -18.95 66.74 -23.77
NA CLA VB . -17.76 69.58 -27.94
C1A CLA VB . -18.94 69.65 -28.48
C2A CLA VB . -19.02 70.42 -29.75
C3A CLA VB . -17.60 70.85 -29.96
C4A CLA VB . -16.93 70.26 -28.76
CMA CLA VB . -17.47 72.37 -29.91
CAA CLA VB . -19.94 71.62 -29.56
CBA CLA VB . -20.29 71.81 -28.09
CGA CLA VB . -19.33 72.79 -27.46
O1A CLA VB . -19.02 72.70 -26.28
O2A CLA VB . -18.91 73.97 -28.21
NB CLA VB . -15.28 69.24 -26.53
C1B CLA VB . -14.77 69.97 -27.54
C2B CLA VB . -13.31 70.24 -27.49
C3B CLA VB . -12.94 69.57 -26.25
C4B CLA VB . -14.21 68.98 -25.75
CMB CLA VB . -12.45 71.02 -28.46
CAB CLA VB . -11.60 69.47 -25.64
CBB CLA VB . -11.14 68.30 -25.22
NC CLA VB . -16.71 67.67 -24.50
C1C CLA VB . -15.49 67.58 -23.93
C2C CLA VB . -15.39 66.82 -22.66
C3C CLA VB . -16.79 66.39 -22.45
C4C CLA VB . -17.49 66.97 -23.62
CMC CLA VB . -14.19 66.54 -21.80
CAC CLA VB . -17.36 65.58 -21.32
CBC CLA VB . -17.12 66.29 -20.01
ND CLA VB . -19.12 67.99 -25.84
C1D CLA VB . -19.74 67.26 -24.89
C2D CLA VB . -21.22 67.11 -25.15
C3D CLA VB . -21.34 67.86 -26.40
C4D CLA VB . -20.13 68.32 -26.71
CMD CLA VB . -22.43 66.46 -24.51
CAD CLA VB . -22.31 68.29 -27.43
OBD CLA VB . -23.57 68.03 -27.44
CBD CLA VB . -21.58 69.08 -28.48
CGD CLA VB . -21.63 68.36 -29.79
O1D CLA VB . -21.03 67.32 -29.94
O2D CLA VB . -22.24 69.00 -30.94
CED CLA VB . -23.67 69.06 -31.05
C1 CLA VB . -18.31 75.07 -27.52
C2 CLA VB . -16.83 74.82 -27.38
C3 CLA VB . -15.95 75.78 -27.68
C4 CLA VB . -14.47 75.53 -27.54
C5 CLA VB . -16.43 77.13 -28.16
C6 CLA VB . -15.24 77.97 -28.62
C7 CLA VB . -15.69 79.15 -29.45
C8 CLA VB . -14.61 79.59 -30.43
C9 CLA VB . -14.78 78.88 -31.77
C10 CLA VB . -14.65 81.10 -30.60
C11 CLA VB . -14.42 81.80 -29.27
C12 CLA VB . -15.57 82.76 -28.96
C13 CLA VB . -16.06 82.59 -27.52
C14 CLA VB . -15.29 83.49 -26.57
C15 CLA VB . -17.56 82.85 -27.46
C16 CLA VB . -18.34 81.55 -27.49
C17 CLA VB . -19.79 81.81 -27.93
C18 CLA VB . -19.86 82.04 -29.43
C19 CLA VB . -19.68 80.74 -30.21
C20 CLA VB . -21.17 82.72 -29.81
MG CLA WB . -17.35 62.68 -11.28
CHA CLA WB . -15.77 64.19 -8.65
CHB CLA WB . -14.46 61.11 -12.11
CHC CLA WB . -18.99 61.19 -13.92
CHD CLA WB . -20.37 64.36 -10.40
NA CLA WB . -15.48 62.63 -10.55
C1A CLA WB . -15.01 63.27 -9.53
C2A CLA WB . -13.57 63.04 -9.22
C3A CLA WB . -13.17 62.07 -10.31
C4A CLA WB . -14.46 61.92 -11.06
CMA CLA WB . -12.76 60.72 -9.72
CAA CLA WB . -13.44 62.39 -7.85
CBA CLA WB . -14.62 61.46 -7.56
CGA CLA WB . -14.15 60.32 -6.70
O1A CLA WB . -13.04 59.86 -6.82
O2A CLA WB . -15.10 59.65 -5.81
NB CLA WB . -16.81 61.36 -12.77
C1B CLA WB . -15.60 60.80 -12.98
C2B CLA WB . -15.49 59.87 -14.13
C3B CLA WB . -16.85 59.93 -14.66
C4B CLA WB . -17.57 60.85 -13.76
CMB CLA WB . -14.29 59.10 -14.63
CAB CLA WB . -17.40 59.20 -15.83
CBB CLA WB . -18.70 59.06 -15.97
NC CLA WB . -19.28 62.75 -12.02
C1C CLA WB . -19.79 62.09 -13.09
C2C CLA WB . -21.23 62.33 -13.40
C3C CLA WB . -21.61 63.27 -12.34
C4C CLA WB . -20.37 63.46 -11.56
CMC CLA WB . -22.06 61.75 -14.51
CAC CLA WB . -22.97 63.89 -12.10
CBC CLA WB . -23.30 63.85 -10.62
ND CLA WB . -18.03 63.99 -9.88
C1D CLA WB . -19.19 64.62 -9.56
C2D CLA WB . -19.07 65.51 -8.34
C3D CLA WB . -17.64 65.29 -8.03
C4D CLA WB . -17.16 64.44 -8.92
CMD CLA WB . -19.93 66.42 -7.52
CAD CLA WB . -16.58 65.68 -7.07
OBD CLA WB . -16.72 66.49 -6.08
CBD CLA WB . -15.32 64.96 -7.46
CGD CLA WB . -14.28 65.97 -7.87
O1D CLA WB . -13.61 65.79 -8.87
O2D CLA WB . -13.93 67.07 -6.97
CED CLA WB . -12.67 67.08 -6.33
C1 CLA WB . -15.56 58.34 -6.13
C2 CLA WB . -16.32 57.76 -4.95
C3 CLA WB . -17.47 57.12 -5.13
C4 CLA WB . -18.21 56.56 -3.95
C5 CLA WB . -18.03 56.95 -6.52
C6 CLA WB . -18.76 55.62 -6.62
C7 CLA WB . -19.22 55.34 -8.05
C8 CLA WB . -20.09 54.10 -8.12
C9 CLA WB . -21.56 54.45 -7.89
C10 CLA WB . -19.90 53.42 -9.46
C11 CLA WB . -21.07 52.48 -9.77
C12 CLA WB . -21.84 52.97 -10.99
C13 CLA WB . -21.91 51.88 -12.06
C14 CLA WB . -23.10 50.95 -11.82
C15 CLA WB . -21.99 52.53 -13.44
C16 CLA WB . -22.50 53.96 -13.34
C17 CLA WB . -21.54 54.81 -12.51
C18 CLA WB . -21.76 56.30 -12.78
C19 CLA WB . -21.07 56.72 -14.07
C20 CLA WB . -21.30 57.14 -11.60
MG CLA XB . -22.73 39.96 -31.28
CHA CLA XB . -25.34 39.70 -33.40
CHB CLA XB . -23.99 37.41 -29.49
CHC CLA XB . -20.07 40.24 -29.14
CHD CLA XB . -21.44 42.62 -33.21
NA CLA XB . -24.34 38.78 -31.40
C1A CLA XB . -25.25 38.79 -32.28
C2A CLA XB . -26.35 37.82 -32.14
C3A CLA XB . -25.92 37.09 -30.91
C4A CLA XB . -24.66 37.80 -30.56
CMA CLA XB . -25.60 35.65 -31.28
CAA CLA XB . -26.33 36.90 -33.34
CBA CLA XB . -25.00 36.17 -33.43
CGA CLA XB . -24.10 36.93 -34.37
O1A CLA XB . -23.86 36.42 -35.45
O2A CLA XB . -23.06 37.72 -33.82
NB CLA XB . -22.14 38.99 -29.59
C1B CLA XB . -22.74 37.97 -28.97
C2B CLA XB . -22.10 37.44 -27.76
C3B CLA XB . -20.94 38.31 -27.68
C4B CLA XB . -21.05 39.20 -28.84
CMB CLA XB . -22.52 36.33 -26.85
CAB CLA XB . -19.88 38.25 -26.66
CBB CLA XB . -19.00 37.27 -26.72
NC CLA XB . -21.08 41.18 -31.19
C1C CLA XB . -20.10 41.18 -30.27
C2C CLA XB . -19.03 42.18 -30.44
C3C CLA XB . -19.46 42.87 -31.64
C4C CLA XB . -20.71 42.19 -32.02
CMC CLA XB . -17.82 42.41 -29.58
CAC CLA XB . -18.81 44.01 -32.37
CBC CLA XB . -19.83 45.12 -32.45
ND CLA XB . -23.20 41.01 -32.95
C1D CLA XB . -22.69 42.02 -33.66
C2D CLA XB . -23.53 42.38 -34.85
C3D CLA XB . -24.60 41.38 -34.70
C4D CLA XB . -24.33 40.68 -33.62
CMD CLA XB . -23.49 43.36 -35.98
CAD CLA XB . -25.88 40.88 -35.26
OBD CLA XB . -26.45 41.30 -36.32
CBD CLA XB . -26.36 39.74 -34.46
CGD CLA XB . -27.74 39.88 -33.98
O1D CLA XB . -28.44 40.47 -34.74
O2D CLA XB . -28.34 38.71 -33.37
CED CLA XB . -29.55 38.19 -33.90
C1 CLA XB . -21.75 37.16 -33.73
C2 CLA XB . -21.09 37.67 -32.49
C3 CLA XB . -19.83 38.09 -32.57
C4 CLA XB . -19.11 38.05 -33.88
C5 CLA XB . -19.13 38.62 -31.35
C6 CLA XB . -17.68 38.18 -31.45
C7 CLA XB . -17.63 36.71 -31.80
C8 CLA XB . -16.59 36.03 -30.94
C9 CLA XB . -17.09 35.94 -29.51
C10 CLA XB . -16.25 34.66 -31.51
C11 CLA XB . -15.74 34.78 -32.94
C12 CLA XB . -14.24 34.63 -33.03
C13 CLA XB . -13.70 35.09 -34.38
C14 CLA XB . -12.19 35.19 -34.32
C15 CLA XB . -14.31 36.44 -34.74
C16 CLA XB . -14.31 36.69 -36.24
C17 CLA XB . -14.79 38.09 -36.54
C18 CLA XB . -16.01 38.36 -35.70
C19 CLA XB . -16.49 37.03 -35.14
C20 CLA XB . -15.72 39.34 -34.59
MG CLA YB . -20.95 51.34 -43.89
CHA CLA YB . -22.13 49.09 -46.17
CHB CLA YB . -23.26 50.25 -41.66
CHC CLA YB . -19.73 53.62 -41.60
CHD CLA YB . -18.53 52.44 -46.26
NA CLA YB . -22.41 49.96 -43.88
C1A CLA YB . -22.74 49.17 -44.84
C2A CLA YB . -23.88 48.23 -44.54
C3A CLA YB . -24.23 48.61 -43.12
C4A CLA YB . -23.23 49.68 -42.85
CMA CLA YB . -25.64 49.19 -43.05
CAA CLA YB . -23.40 46.79 -44.63
CBA CLA YB . -21.92 46.69 -44.28
CGA CLA YB . -21.72 45.72 -43.15
O1A CLA YB . -22.16 45.98 -42.03
O2A CLA YB . -20.88 44.56 -43.32
NB CLA YB . -21.42 51.84 -41.95
C1B CLA YB . -22.38 51.32 -41.17
C2B CLA YB . -22.51 51.89 -39.79
C3B CLA YB . -21.44 52.88 -39.81
C4B CLA YB . -20.85 52.78 -41.16
CMB CLA YB . -23.47 51.52 -38.69
CAB CLA YB . -21.04 53.80 -38.72
CBB CLA YB . -21.76 54.87 -38.46
NC CLA YB . -19.44 52.75 -43.91
C1C CLA YB . -19.07 53.59 -42.92
C2C CLA YB . -17.94 54.50 -43.21
C3C CLA YB . -17.59 54.15 -44.60
C4C CLA YB . -18.56 53.07 -44.92
CMC CLA YB . -17.31 55.54 -42.32
CAC CLA YB . -16.51 54.73 -45.47
CBC CLA YB . -17.14 55.64 -46.52
ND CLA YB . -20.37 50.93 -45.80
C1D CLA YB . -19.45 51.38 -46.67
C2D CLA YB . -19.50 50.67 -48.01
C3D CLA YB . -20.62 49.74 -47.74
C4D CLA YB . -21.03 49.97 -46.50
CMD CLA YB . -18.80 50.67 -49.34
CAD CLA YB . -21.43 48.67 -48.36
OBD CLA YB . -21.30 48.21 -49.54
CBD CLA YB . -22.45 48.21 -47.35
CGD CLA YB . -23.83 48.52 -47.84
O1D CLA YB . -24.73 47.72 -47.71
O2D CLA YB . -24.06 49.71 -48.67
CED CLA YB . -24.89 50.75 -48.18
C1 CLA YB . -20.43 43.83 -42.18
C2 CLA YB . -18.98 43.43 -42.38
C3 CLA YB . -18.67 42.17 -42.70
C4 CLA YB . -19.75 41.15 -42.86
C5 CLA YB . -17.22 41.78 -42.90
C6 CLA YB . -16.65 41.24 -41.60
C7 CLA YB . -15.23 40.75 -41.78
C8 CLA YB . -14.22 41.82 -41.38
C9 CLA YB . -13.14 41.97 -42.44
C10 CLA YB . -13.62 41.48 -40.02
C11 CLA YB . -13.70 42.67 -39.08
C12 CLA YB . -13.28 42.26 -37.67
C13 CLA YB . -12.94 43.49 -36.82
C14 CLA YB . -11.92 44.37 -37.54
C15 CLA YB . -12.42 43.05 -35.47
C16 CLA YB . -13.47 43.28 -34.39
C17 CLA YB . -14.35 42.06 -34.20
C18 CLA YB . -15.02 42.06 -32.83
C19 CLA YB . -16.29 41.22 -32.84
C20 CLA YB . -14.06 41.57 -31.75
MG CLA ZB . -25.77 52.03 -37.10
CHA CLA ZB . -25.52 55.35 -36.31
CHB CLA ZB . -22.91 51.42 -35.39
CHC CLA ZB . -26.07 48.70 -37.92
CHD CLA ZB . -28.79 52.72 -38.90
NA CLA ZB . -24.46 53.14 -36.05
C1A CLA ZB . -24.50 54.42 -35.83
C2A CLA ZB . -23.38 54.96 -35.01
C3A CLA ZB . -22.57 53.72 -34.73
C4A CLA ZB . -23.36 52.68 -35.44
CMA CLA ZB . -21.18 53.81 -35.36
CAA CLA ZB . -23.93 55.55 -33.72
CBA CLA ZB . -22.96 55.37 -32.56
CGA CLA ZB . -21.66 56.07 -32.89
O1A CLA ZB . -21.66 57.20 -33.32
O2A CLA ZB . -20.40 55.46 -32.52
NB CLA ZB . -24.67 50.35 -36.71
C1B CLA ZB . -23.53 50.25 -36.00
C2B CLA ZB . -22.93 48.89 -35.88
C3B CLA ZB . -23.90 48.10 -36.65
C4B CLA ZB . -24.91 49.08 -37.11
CMB CLA ZB . -21.68 48.45 -35.17
CAB CLA ZB . -23.87 46.64 -36.91
CBB CLA ZB . -23.02 46.14 -37.80
NC CLA ZB . -27.14 50.93 -38.19
C1C CLA ZB . -27.12 49.59 -38.43
C2C CLA ZB . -28.24 49.06 -39.25
C3C CLA ZB . -29.04 50.25 -39.53
C4C CLA ZB . -28.28 51.33 -38.84
CMC CLA ZB . -28.49 47.64 -39.68
CAC CLA ZB . -30.32 50.37 -40.32
CBC CLA ZB . -30.07 51.20 -41.56
ND CLA ZB . -26.97 53.62 -37.56
C1D CLA ZB . -28.11 53.86 -38.25
C2D CLA ZB . -28.53 55.31 -38.24
C3D CLA ZB . -27.43 55.87 -37.43
C4D CLA ZB . -26.62 54.87 -37.11
CMD CLA ZB . -29.63 56.19 -38.77
CAD CLA ZB . -26.92 57.13 -36.86
OBD CLA ZB . -27.46 58.29 -36.99
CBD CLA ZB . -25.65 56.84 -36.11
CGD CLA ZB . -25.86 57.12 -34.65
O1D CLA ZB . -26.97 57.05 -34.15
O2D CLA ZB . -24.77 57.69 -33.86
CED CLA ZB . -23.51 57.95 -34.47
C1 CLA ZB . -19.18 55.87 -33.15
C2 CLA ZB . -19.06 55.17 -34.49
C3 CLA ZB . -17.87 55.12 -35.12
C4 CLA ZB . -16.67 55.77 -34.50
C5 CLA ZB . -17.76 54.42 -36.44
C6 CLA ZB . -17.12 55.35 -37.46
C7 CLA ZB . -17.37 54.87 -38.88
C8 CLA ZB . -16.09 54.30 -39.50
C9 CLA ZB . -15.35 53.42 -38.51
C10 CLA ZB . -16.45 53.52 -40.76
C11 CLA ZB . -15.51 52.34 -40.96
C12 CLA ZB . -16.28 51.03 -41.07
C13 CLA ZB . -16.74 50.79 -42.50
C14 CLA ZB . -15.56 50.49 -43.41
C15 CLA ZB . -17.75 49.64 -42.52
C16 CLA ZB . -17.12 48.37 -43.06
C17 CLA ZB . -16.52 48.60 -44.45
C18 CLA ZB . -16.50 47.32 -45.25
C19 CLA ZB . -15.62 47.46 -46.50
C20 CLA ZB . -17.91 46.88 -45.64
MG CLA AC . -31.65 48.14 -21.42
CHA CLA AC . -34.92 47.19 -21.04
CHB CLA AC . -32.63 50.64 -23.48
CHC CLA AC . -28.35 49.06 -21.77
CHD CLA AC . -30.67 45.49 -19.24
NA CLA AC . -33.41 48.81 -22.14
C1A CLA AC . -34.59 48.35 -21.91
C2A CLA AC . -35.71 49.06 -22.58
C3A CLA AC . -34.99 50.13 -23.35
C4A CLA AC . -33.56 49.86 -22.97
CMA CLA AC . -35.15 49.96 -24.86
CAA CLA AC . -36.64 49.66 -21.54
CBA CLA AC . -36.15 51.02 -21.10
CGA CLA AC . -36.07 51.06 -19.59
O1A CLA AC . -36.56 50.18 -18.92
O2A CLA AC . -35.55 52.25 -18.92
NB CLA AC . -30.66 49.61 -22.46
C1B CLA AC . -31.18 50.55 -23.25
C2B CLA AC . -30.22 51.51 -23.88
C3B CLA AC . -28.96 51.00 -23.35
C4B CLA AC . -29.33 49.85 -22.49
CMB CLA AC . -30.48 52.66 -24.82
CAB CLA AC . -27.60 51.52 -23.61
CBB CLA AC . -26.62 51.28 -22.75
NC CLA AC . -29.87 47.42 -20.66
C1C CLA AC . -28.61 47.90 -20.89
C2C CLA AC . -27.50 47.19 -20.22
C3C CLA AC . -28.21 46.14 -19.47
C4C CLA AC . -29.63 46.38 -19.81
CMC CLA AC . -26.03 47.48 -20.27
CAC CLA AC . -27.62 45.08 -18.57
CBC CLA AC . -26.54 44.32 -19.32
ND CLA AC . -32.51 46.63 -20.34
C1D CLA AC . -32.11 45.64 -19.51
C2D CLA AC . -33.25 44.80 -19.00
C3D CLA AC . -34.37 45.49 -19.66
C4D CLA AC . -33.87 46.48 -20.38
CMD CLA AC . -33.48 43.61 -18.09
CAD CLA AC . -35.85 45.47 -19.80
OBD CLA AC . -36.64 44.63 -19.24
CBD CLA AC . -36.25 46.58 -20.72
CGD CLA AC . -36.86 46.02 -21.97
O1D CLA AC . -36.79 44.81 -22.20
O2D CLA AC . -37.39 46.89 -22.99
CED CLA AC . -36.53 47.41 -24.01
C1 CLA AC . -36.44 53.07 -18.17
C2 CLA AC . -36.08 53.00 -16.70
C3 CLA AC . -35.54 51.89 -16.19
C4 CLA AC . -35.29 50.70 -17.08
C5 CLA AC . -35.18 51.81 -14.73
C6 CLA AC . -33.72 52.21 -14.54
C7 CLA AC . -33.39 52.47 -13.07
C8 CLA AC . -33.23 51.16 -12.31
C9 CLA AC . -34.58 50.49 -12.07
C10 CLA AC . -32.51 51.42 -10.99
C11 CLA AC . -33.48 51.40 -9.83
C12 CLA AC . -32.87 52.06 -8.60
C13 CLA AC . -32.51 51.02 -7.55
C14 CLA AC . -31.50 51.58 -6.54
C15 CLA AC . -31.97 49.77 -8.23
C16 CLA AC . -31.28 48.85 -7.22
C17 CLA AC . -30.27 47.95 -7.91
C18 CLA AC . -30.97 46.75 -8.56
C19 CLA AC . -32.00 47.21 -9.58
C20 CLA AC . -29.94 45.81 -9.20
MG CLA BC . -31.90 55.44 -27.52
CHA CLA BC . -28.85 55.80 -29.03
CHB CLA BC . -30.97 57.69 -25.17
CHC CLA BC . -34.99 55.04 -26.04
CHD CLA BC . -32.83 53.08 -30.03
NA CLA BC . -30.26 56.54 -27.15
C1A CLA BC . -29.16 56.57 -27.82
C2A CLA BC . -28.10 57.49 -27.30
C3A CLA BC . -28.78 58.09 -26.08
C4A CLA BC . -30.11 57.40 -26.12
CMA CLA BC . -28.98 59.58 -26.24
CAA CLA BC . -27.81 58.57 -28.33
CBA CLA BC . -27.03 59.73 -27.71
CGA CLA BC . -25.57 59.38 -27.67
O1A CLA BC . -24.76 60.15 -27.17
O2A CLA BC . -25.07 58.23 -28.41
NB CLA BC . -32.81 56.23 -25.88
C1B CLA BC . -32.33 57.14 -25.00
C2B CLA BC . -33.22 57.55 -23.88
C3B CLA BC . -34.41 56.74 -24.18
C4B CLA BC . -34.05 55.98 -25.40
CMB CLA BC . -32.97 58.53 -22.76
CAB CLA BC . -35.68 56.69 -23.41
CBB CLA BC . -36.55 57.67 -23.53
NC CLA BC . -33.57 54.29 -27.94
C1C CLA BC . -34.73 54.24 -27.25
C2C CLA BC . -35.77 53.33 -27.78
C3C CLA BC . -35.13 52.75 -28.96
C4C CLA BC . -33.80 53.41 -28.96
CMC CLA BC . -37.16 53.06 -27.23
CAC CLA BC . -35.68 51.73 -29.94
CBC CLA BC . -34.54 51.12 -30.72
ND CLA BC . -31.11 54.56 -29.20
C1D CLA BC . -31.49 53.67 -30.13
C2D CLA BC . -30.42 53.40 -31.17
C3D CLA BC . -29.37 54.30 -30.67
C4D CLA BC . -29.84 54.91 -29.57
CMD CLA BC . -30.21 52.57 -32.40
CAD CLA BC . -28.00 54.78 -30.94
OBD CLA BC . -27.25 54.41 -31.92
CBD CLA BC . -27.61 55.77 -29.89
CGD CLA BC . -26.47 55.23 -29.08
O1D CLA BC . -26.12 55.78 -28.05
O2D CLA BC . -25.66 54.15 -29.61
CED CLA BC . -25.10 54.25 -30.92
C1 CLA BC . -23.76 57.73 -28.14
C2 CLA BC . -22.76 58.85 -28.27
C3 CLA BC . -22.80 59.68 -29.33
C4 CLA BC . -21.79 60.79 -29.45
C5 CLA BC . -23.85 59.49 -30.40
C6 CLA BC . -23.45 60.28 -31.64
C7 CLA BC . -24.67 60.57 -32.51
C8 CLA BC . -25.65 59.40 -32.49
C9 CLA BC . -26.61 59.51 -31.31
C10 CLA BC . -26.41 59.35 -33.81
C11 CLA BC . -27.90 59.56 -33.59
C12 CLA BC . -28.42 58.69 -32.46
C13 CLA BC . -29.66 57.90 -32.90
C14 CLA BC . -29.57 57.54 -34.38
C15 CLA BC . -30.91 58.73 -32.62
C16 CLA BC . -32.14 57.85 -32.58
C17 CLA BC . -32.30 57.07 -33.88
C18 CLA BC . -31.81 57.88 -35.07
C19 CLA BC . -31.78 59.37 -34.73
C20 CLA BC . -32.67 57.61 -36.30
MG CLA CC . -27.24 58.57 -19.48
CHA CLA CC . -25.65 61.32 -18.21
CHB CLA CC . -29.59 58.82 -17.04
CHC CLA CC . -28.81 55.79 -20.80
CHD CLA CC . -24.76 58.34 -22.02
NA CLA CC . -27.58 59.80 -17.93
C1A CLA CC . -26.88 60.82 -17.55
C2A CLA CC . -27.38 61.56 -16.35
C3A CLA CC . -28.61 60.77 -15.99
C4A CLA CC . -28.61 59.71 -17.06
CMA CLA CC . -29.87 61.62 -16.14
CAA CLA CC . -26.34 61.48 -15.25
CBA CLA CC . -26.73 60.44 -14.21
CGA CLA CC . -26.19 59.09 -14.62
O1A CLA CC . -25.80 58.28 -13.79
O2A CLA CC . -26.30 58.66 -16.01
NB CLA CC . -28.92 57.50 -18.99
C1B CLA CC . -29.78 57.70 -17.97
C2B CLA CC . -30.93 56.76 -17.85
C3B CLA CC . -30.66 55.88 -18.99
C4B CLA CC . -29.43 56.40 -19.61
CMB CLA CC . -32.05 56.72 -16.84
CAB CLA CC . -31.46 54.70 -19.42
CBB CLA CC . -31.77 54.55 -20.69
NC CLA CC . -26.87 57.32 -21.07
C1C CLA CC . -27.59 56.24 -21.48
C2C CLA CC . -27.09 55.52 -22.68
C3C CLA CC . -25.89 56.28 -23.03
C4C CLA CC . -25.85 57.35 -22.00
CMC CLA CC . -27.67 54.31 -23.34
CAC CLA CC . -24.92 56.05 -24.17
CBC CLA CC . -23.65 56.82 -23.93
ND CLA CC . -25.55 59.55 -20.07
C1D CLA CC . -24.62 59.44 -21.05
C2D CLA CC . -23.56 60.50 -20.97
C3D CLA CC . -24.04 61.24 -19.79
C4D CLA CC . -25.14 60.63 -19.36
CMD CLA CC . -22.31 60.93 -21.70
CAD CLA CC . -23.73 62.40 -18.92
OBD CLA CC . -22.73 63.20 -19.06
CBD CLA CC . -24.78 62.48 -17.85
CGD CLA CC . -25.55 63.76 -18.01
O1D CLA CC . -26.41 63.85 -18.87
O2D CLA CC . -25.15 64.95 -17.28
CED CLA CC . -25.25 66.32 -17.42
C1 CLA CC . -25.12 58.42 -16.78
C2 CLA CC . -25.14 57.01 -17.30
C3 CLA CC . -25.60 56.00 -16.53
C4 CLA CC . -26.09 56.29 -15.15
C5 CLA CC . -25.60 54.59 -17.06
C6 CLA CC . -26.14 53.65 -15.99
C7 CLA CC . -25.68 54.09 -14.61
C8 CLA CC . -26.88 54.41 -13.71
C9 CLA CC . -27.16 53.26 -12.74
C10 CLA CC . -26.63 55.70 -12.97
C11 CLA CC . -26.32 55.45 -11.50
C12 CLA CC . -27.43 54.63 -10.85
C13 CLA CC . -26.84 53.53 -9.97
C14 CLA CC . -26.86 52.19 -10.70
C15 CLA CC . -27.63 53.45 -8.66
C16 CLA CC . -27.83 52.00 -8.23
C17 CLA CC . -26.55 51.19 -8.43
C18 CLA CC . -26.80 49.70 -8.19
C19 CLA CC . -27.94 49.50 -7.20
C20 CLA CC . -25.53 49.01 -7.72
MG CLA DC . -39.27 57.73 -19.59
CHA CLA DC . -42.39 57.51 -20.99
CHB CLA DC . -38.37 59.99 -21.95
CHC CLA DC . -36.15 57.90 -18.15
CHD CLA DC . -40.25 55.34 -17.14
NA CLA DC . -40.18 58.60 -21.17
C1A CLA DC . -41.38 58.41 -21.58
C2A CLA DC . -41.77 59.21 -22.79
C3A CLA DC . -40.51 59.99 -23.08
C4A CLA DC . -39.61 59.50 -21.99
CMA CLA DC . -39.93 59.59 -24.43
CAA CLA DC . -42.92 60.15 -22.42
CBA CLA DC . -42.50 61.12 -21.31
CGA CLA DC . -43.72 61.56 -20.56
O1A CLA DC . -44.83 61.15 -20.87
O2A CLA DC . -43.58 62.34 -19.34
NB CLA DC . -37.55 58.78 -19.99
C1B CLA DC . -37.33 59.66 -20.98
C2B CLA DC . -35.98 60.28 -21.04
C3B CLA DC . -35.34 59.63 -19.89
C4B CLA DC . -36.38 58.74 -19.32
CMB CLA DC . -35.42 61.30 -22.00
CAB CLA DC . -33.96 59.84 -19.40
CBB CLA DC . -33.70 60.79 -18.53
NC CLA DC . -38.37 56.81 -17.97
C1C CLA DC . -37.11 56.98 -17.51
C2C CLA DC . -36.73 56.19 -16.33
C3C CLA DC . -37.95 55.44 -16.03
C4C CLA DC . -38.87 55.89 -17.09
CMC CLA DC . -35.40 56.17 -15.59
CAC CLA DC . -38.19 54.44 -14.92
CBC CLA DC . -39.12 55.06 -13.89
ND CLA DC . -40.91 56.62 -19.08
C1D CLA DC . -41.26 55.71 -18.13
C2D CLA DC . -42.67 55.21 -18.28
C3D CLA DC . -43.08 55.99 -19.46
C4D CLA DC . -42.05 56.73 -19.83
CMD CLA DC . -43.62 54.27 -17.60
CAD CLA DC . -44.22 56.24 -20.38
OBD CLA DC . -45.38 55.68 -20.30
CBD CLA DC . -43.80 57.25 -21.41
CGD CLA DC . -43.81 56.60 -22.77
O1D CLA DC . -44.85 56.51 -23.40
O2D CLA DC . -42.63 55.91 -23.25
CED CLA DC . -42.51 54.50 -23.08
C1 CLA DC . -44.54 63.34 -19.01
C2 CLA DC . -43.84 64.53 -18.37
C3 CLA DC . -44.18 64.94 -17.15
C4 CLA DC . -45.26 64.23 -16.39
C5 CLA DC . -43.47 66.12 -16.54
C6 CLA DC . -41.97 65.87 -16.54
C7 CLA DC . -41.20 67.17 -16.33
C8 CLA DC . -40.23 67.42 -17.48
C9 CLA DC . -40.34 66.32 -18.53
C10 CLA DC . -38.82 67.53 -16.94
C11 CLA DC . -38.25 68.93 -17.18
C12 CLA DC . -36.73 68.88 -17.28
C13 CLA DC . -36.09 70.05 -16.55
C14 CLA DC . -36.23 69.88 -15.03
C15 CLA DC . -36.74 71.36 -17.01
C16 CLA DC . -35.90 72.01 -18.11
C17 CLA DC . -36.18 73.51 -18.17
C18 CLA DC . -36.21 74.00 -19.62
C19 CLA DC . -37.63 74.00 -20.17
C20 CLA DC . -35.57 75.37 -19.75
MG CLA EC . -30.06 64.14 -36.32
CHA CLA EC . -28.50 64.19 -33.29
CHB CLA EC . -27.58 66.06 -37.62
CHC CLA EC . -31.67 64.05 -39.38
CHD CLA EC . -32.65 62.11 -34.93
NA CLA EC . -28.37 64.97 -35.62
C1A CLA EC . -27.90 64.90 -34.42
C2A CLA EC . -26.61 65.63 -34.20
C3A CLA EC . -26.34 66.21 -35.55
C4A CLA EC . -27.51 65.72 -36.33
CMA CLA EC . -26.36 67.74 -35.52
CAA CLA EC . -25.53 64.64 -33.79
CBA CLA EC . -24.59 65.25 -32.75
CGA CLA EC . -23.16 65.07 -33.21
O1A CLA EC . -22.91 64.70 -34.35
O2A CLA EC . -22.07 65.50 -32.36
NB CLA EC . -29.68 64.93 -38.18
C1B CLA EC . -28.64 65.70 -38.56
C2B CLA EC . -28.61 66.14 -39.98
C3B CLA EC . -29.84 65.52 -40.48
C4B CLA EC . -30.41 64.81 -39.31
CMB CLA EC . -27.60 66.99 -40.72
CAB CLA EC . -30.40 65.59 -41.85
CBB CLA EC . -30.05 64.69 -42.75
NC CLA EC . -31.80 63.27 -37.02
C1C CLA EC . -32.32 63.33 -38.27
C2C CLA EC . -33.59 62.60 -38.50
C3C CLA EC . -33.87 62.02 -37.17
C4C CLA EC . -32.72 62.49 -36.35
CMC CLA EC . -34.39 62.48 -39.76
CAC CLA EC . -35.04 61.17 -36.75
CBC CLA EC . -36.33 61.89 -37.06
ND CLA EC . -30.56 63.29 -34.54
C1D CLA EC . -31.55 62.52 -34.04
C2D CLA EC . -31.37 62.20 -32.58
C3D CLA EC . -30.11 62.91 -32.32
C4D CLA EC . -29.73 63.48 -33.46
CMD CLA EC . -32.07 61.44 -31.48
CAD CLA EC . -29.11 63.20 -31.27
OBD CLA EC . -29.16 62.80 -30.05
CBD CLA EC . -28.03 64.06 -31.87
CGD CLA EC . -28.03 65.41 -31.21
O1D CLA EC . -26.99 66.04 -31.09
O2D CLA EC . -29.29 66.05 -30.87
CED CLA EC . -29.62 66.32 -29.51
C1 CLA EC . -21.60 66.85 -32.43
C2 CLA EC . -20.20 66.86 -32.98
C3 CLA EC . -19.90 67.60 -34.06
C4 CLA EC . -18.50 67.61 -34.60
C5 CLA EC . -20.98 68.43 -34.73
C6 CLA EC . -20.33 69.39 -35.71
C7 CLA EC . -21.15 70.68 -35.83
C8 CLA EC . -22.21 70.55 -36.92
C9 CLA EC . -23.41 69.74 -36.42
C10 CLA EC . -22.65 71.94 -37.36
C11 CLA EC . -24.11 72.21 -36.99
C12 CLA EC . -24.37 73.71 -36.88
C13 CLA EC . -25.48 74.00 -35.88
C14 CLA EC . -26.40 72.78 -35.72
C15 CLA EC . -24.88 74.41 -34.56
C16 CLA EC . -24.42 73.20 -33.76
C17 CLA EC . -25.50 72.13 -33.69
C18 CLA EC . -25.49 71.43 -32.34
C19 CLA EC . -25.97 69.99 -32.47
C20 CLA EC . -24.11 71.49 -31.70
MG CLA FC . -37.03 70.35 -33.81
CHA CLA FC . -40.25 71.21 -34.56
CHB CLA FC . -36.94 68.33 -36.52
CHC CLA FC . -33.78 69.52 -33.00
CHD CLA FC . -37.16 72.50 -30.96
NA CLA FC . -38.31 69.85 -35.27
C1A CLA FC . -39.53 70.27 -35.43
C2A CLA FC . -40.25 69.71 -36.62
C3A CLA FC . -39.20 68.81 -37.22
C4A CLA FC . -38.06 69.00 -36.28
CMA CLA FC . -39.65 67.36 -37.19
CAA CLA FC . -40.60 70.85 -37.57
CBA CLA FC . -39.76 72.09 -37.28
CGA CLA FC . -38.36 71.88 -37.79
O1A CLA FC . -37.81 70.80 -37.69
O2A CLA FC . -37.71 72.93 -38.57
NB CLA FC . -35.60 69.13 -34.63
C1B CLA FC . -35.71 68.36 -35.74
C2B CLA FC . -34.51 67.56 -36.11
C3B CLA FC . -33.58 67.94 -35.04
C4B CLA FC . -34.35 68.89 -34.19
CMB CLA FC . -34.30 66.62 -37.27
CAB CLA FC . -32.19 67.47 -34.83
CBB CLA FC . -31.95 66.47 -34.02
NC CLA FC . -35.73 70.89 -32.29
C1C CLA FC . -34.45 70.47 -32.10
C2C CLA FC . -33.75 71.02 -30.92
C3C CLA FC . -34.75 71.91 -30.32
C4C CLA FC . -35.92 71.75 -31.23
CMC CLA FC . -32.34 70.75 -30.45
CAC CLA FC . -34.64 72.76 -29.08
CBC CLA FC . -33.44 73.67 -29.21
ND CLA FC . -38.34 71.62 -32.88
C1D CLA FC . -38.37 72.42 -31.79
C2D CLA FC . -39.68 73.12 -31.61
C3D CLA FC . -40.41 72.60 -32.77
C4D CLA FC . -39.59 71.76 -33.41
CMD CLA FC . -40.33 74.11 -30.67
CAD CLA FC . -41.71 72.66 -33.48
OBD CLA FC . -42.73 73.36 -33.13
CBD CLA FC . -41.65 71.75 -34.67
CGD CLA FC . -41.77 72.57 -35.93
O1D CLA FC . -41.40 73.73 -35.95
O2D CLA FC . -42.51 72.04 -37.07
CED CLA FC . -43.06 72.93 -38.04
C1 CLA FC . -36.67 72.60 -39.49
C2 CLA FC . -35.43 73.40 -39.16
C3 CLA FC . -35.00 74.35 -40.00
C4 CLA FC . -35.75 74.63 -41.28
C5 CLA FC . -33.77 75.15 -39.67
C6 CLA FC . -34.12 76.63 -39.58
C7 CLA FC . -33.12 77.38 -38.73
C8 CLA FC . -33.36 78.89 -38.79
C9 CLA FC . -32.11 79.62 -39.28
C10 CLA FC . -33.80 79.40 -37.42
C11 CLA FC . -35.02 78.63 -36.93
C12 CLA FC . -35.85 79.49 -35.97
C13 CLA FC . -34.96 80.12 -34.91
C14 CLA FC . -34.27 81.38 -35.42
C15 CLA FC . -35.81 80.43 -33.67
C16 CLA FC . -35.90 79.22 -32.75
C17 CLA FC . -37.23 79.20 -32.02
C18 CLA FC . -38.08 78.01 -32.45
C19 CLA FC . -38.41 77.11 -31.27
C20 CLA FC . -39.34 78.47 -33.16
C1 BCR GC . -22.18 40.24 -39.24
C2 BCR GC . -22.42 38.76 -39.09
C3 BCR GC . -21.19 38.01 -39.59
C4 BCR GC . -19.95 38.38 -38.79
C5 BCR GC . -20.14 39.66 -38.01
C6 BCR GC . -20.96 40.61 -38.44
C7 BCR GC . -20.66 42.02 -38.12
C8 BCR GC . -19.48 42.44 -38.13
C9 BCR GC . -18.38 43.03 -37.94
C10 BCR GC . -18.23 44.31 -38.33
C11 BCR GC . -17.14 44.91 -38.15
C33 BCR GC . -19.37 39.89 -36.75
C31 BCR GC . -23.39 41.01 -38.74
C32 BCR GC . -21.90 40.57 -40.70
C34 BCR GC . -17.26 42.30 -37.28
C12 BCR GC . -16.48 45.89 -38.29
C13 BCR GC . -15.70 46.69 -37.73
C14 BCR GC . -15.04 47.61 -38.43
C15 BCR GC . -14.26 48.41 -37.85
C16 BCR GC . -13.49 49.28 -38.06
C17 BCR GC . -12.72 50.11 -38.39
C18 BCR GC . -11.52 50.45 -38.20
C19 BCR GC . -11.06 51.51 -38.70
C20 BCR GC . -10.29 52.42 -38.70
C21 BCR GC . -9.55 53.32 -38.49
C22 BCR GC . -9.23 54.52 -38.27
C23 BCR GC . -8.08 54.84 -37.66
C24 BCR GC . -7.79 56.12 -37.45
C25 BCR GC . -6.63 56.44 -36.85
C26 BCR GC . -5.77 55.53 -36.47
C27 BCR GC . -4.57 55.96 -35.66
C28 BCR GC . -4.97 57.00 -34.60
C29 BCR GC . -6.02 57.99 -35.09
C30 BCR GC . -6.25 57.87 -36.59
C35 BCR GC . -15.51 46.62 -36.25
C36 BCR GC . -10.63 49.58 -37.36
C37 BCR GC . -10.16 55.62 -38.67
C38 BCR GC . -5.99 54.08 -36.82
C39 BCR GC . -4.96 58.19 -37.31
C40 BCR GC . -7.37 58.78 -37.06
C1A DGD HC . -4.82 43.18 -24.21
C2A DGD HC . -6.13 42.45 -24.36
C3A DGD HC . -6.48 42.32 -25.84
C4A DGD HC . -7.70 41.43 -26.04
C5A DGD HC . -7.80 40.97 -27.49
C6A DGD HC . -9.18 40.40 -27.78
C7A DGD HC . -9.81 39.82 -26.52
C8A DGD HC . -11.29 39.52 -26.73
C9A DGD HC . -11.87 38.77 -25.55
CAA DGD HC . -11.36 37.34 -25.50
CBA DGD HC . -10.41 37.05 -26.66
CCA DGD HC . -9.31 36.08 -26.25
CDA DGD HC . -8.58 35.54 -27.46
CEA DGD HC . -7.48 36.49 -27.90
CFA DGD HC . -6.93 36.10 -29.28
CGA DGD HC . -5.43 36.33 -29.36
CHA DGD HC . -4.89 35.92 -30.72
CIA DGD HC . -3.82 36.88 -31.20
O1A DGD HC . -4.13 43.02 -23.22
C1B DGD HC . -5.18 46.78 -25.71
C2B DGD HC . -6.42 47.41 -25.15
C3B DGD HC . -7.22 48.08 -26.27
C4B DGD HC . -7.45 47.10 -27.42
C5B DGD HC . -7.47 45.67 -26.92
C6B DGD HC . -8.84 45.31 -26.35
C7B DGD HC . -9.29 46.35 -25.34
C8B DGD HC . -9.92 45.69 -24.11
C9B DGD HC . -10.36 44.26 -24.43
CAB DGD HC . -10.88 43.56 -23.19
CBB DGD HC . -11.95 42.54 -23.54
CCB DGD HC . -11.96 41.38 -22.55
CDB DGD HC . -12.93 41.65 -21.39
CEB DGD HC . -13.57 40.36 -20.91
CFB DGD HC . -14.95 40.17 -21.54
CGB DGD HC . -16.03 40.12 -20.47
CHB DGD HC . -17.25 39.35 -20.95
CIB DGD HC . -17.12 38.99 -22.42
O1B DGD HC . -5.16 46.37 -26.86
O1G DGD HC . -4.37 44.09 -25.25
C1G DGD HC . -3.00 44.50 -25.29
C2G DGD HC . -2.93 45.99 -25.59
O2G DGD HC . -3.98 46.67 -24.89
C3G DGD HC . -1.59 46.54 -25.12
O3G DGD HC . -1.75 47.88 -24.65
C1D DGD HC . -0.53 48.42 -24.15
C2D DGD HC . 0.48 47.30 -23.97
O2D DGD HC . 0.00 46.36 -22.99
C3D DGD HC . 1.83 47.85 -23.51
O3D DGD HC . 2.81 46.80 -23.57
C4D DGD HC . 2.27 49.01 -24.39
O4D DGD HC . 2.64 48.51 -25.69
C5D DGD HC . 1.14 50.02 -24.55
O5D DGD HC . 1.77 52.34 -24.75
C6D DGD HC . 1.56 51.15 -25.50
O6D DGD HC . -0.01 49.38 -25.06
C1E DGD HC . 3.16 52.54 -24.47
C2E DGD HC . 3.31 53.66 -23.43
O2E DGD HC . 2.56 53.34 -22.26
C3E DGD HC . 2.81 54.99 -24.00
O3E DGD HC . 3.16 56.05 -23.10
C4E DGD HC . 3.41 55.27 -25.37
O4E DGD HC . 4.80 55.58 -25.23
C5E DGD HC . 3.26 54.05 -26.29
O6E DGD HC . 3.84 52.91 -25.66
C6E DGD HC . 3.91 54.29 -27.64
O5E DGD HC . 5.32 54.51 -27.45
C1A DGD IC . -18.22 60.45 -7.38
C2A DGD IC . -19.61 60.34 -7.95
C3A DGD IC . -19.53 60.14 -9.47
C4A DGD IC . -18.14 59.68 -9.88
C5A DGD IC . -17.92 58.21 -9.52
C6A DGD IC . -16.93 57.55 -10.47
C7A DGD IC . -17.17 56.05 -10.56
C8A DGD IC . -16.77 55.51 -11.93
C9A DGD IC . -15.87 54.29 -11.80
CAA DGD IC . -15.30 54.18 -10.39
CBA DGD IC . -15.36 52.75 -9.88
CCA DGD IC . -15.35 52.70 -8.36
CDA DGD IC . -16.01 51.43 -7.83
CEA DGD IC . -17.37 51.74 -7.22
CFA DGD IC . -18.06 50.45 -6.77
CGA DGD IC . -19.41 50.29 -7.47
CHA DGD IC . -20.42 49.63 -6.54
CIA DGD IC . -21.76 49.44 -7.23
O1A DGD IC . -17.35 59.66 -7.72
C1B DGD IC . -18.19 61.27 -2.75
C2B DGD IC . -19.51 60.72 -3.26
C3B DGD IC . -19.91 59.51 -2.42
C4B DGD IC . -21.36 59.14 -2.67
C5B DGD IC . -21.61 57.67 -2.34
C6B DGD IC . -22.99 57.23 -2.82
C7B DGD IC . -23.09 55.71 -2.86
C8B DGD IC . -24.48 55.26 -3.29
C9B DGD IC . -25.06 56.20 -4.33
CAB DGD IC . -23.96 56.78 -5.22
CBB DGD IC . -24.30 56.61 -6.69
CCB DGD IC . -23.16 57.09 -7.58
CDB DGD IC . -23.33 58.57 -7.92
CEB DGD IC . -23.72 59.38 -6.68
CFB DGD IC . -24.30 60.73 -7.07
CGB DGD IC . -23.53 61.87 -6.42
CHB DGD IC . -23.58 61.77 -4.90
CIB DGD IC . -23.58 60.33 -4.44
O1B DGD IC . -17.53 60.65 -1.93
O1G DGD IC . -17.90 61.49 -6.43
C1G DGD IC . -17.37 61.15 -5.15
C2G DGD IC . -16.94 62.42 -4.43
O2G DGD IC . -17.71 62.56 -3.23
C3G DGD IC . -15.46 62.34 -4.08
O3G DGD IC . -15.25 62.86 -2.77
C1D DGD IC . -14.37 63.98 -2.78
C2D DGD IC . -14.18 64.49 -1.36
O2D DGD IC . -15.44 64.95 -0.85
C3D DGD IC . -13.17 65.63 -1.32
O3D DGD IC . -12.84 65.93 0.04
C4D DGD IC . -11.90 65.26 -2.08
O4D DGD IC . -11.16 64.28 -1.33
C5D DGD IC . -12.22 64.70 -3.45
O5D DGD IC . -10.45 63.08 -3.56
C6D DGD IC . -10.95 64.25 -4.18
O6D DGD IC . -13.11 63.59 -3.32
C1E DGD IC . -9.07 62.87 -3.89
C2E DGD IC . -8.29 64.16 -3.65
O2E DGD IC . -8.45 64.57 -2.29
C3E DGD IC . -8.75 65.26 -4.59
O3E DGD IC . -7.86 66.37 -4.50
C4E DGD IC . -8.82 64.76 -6.03
O4E DGD IC . -7.49 64.59 -6.53
C5E DGD IC . -9.57 63.44 -6.12
O6E DGD IC . -8.96 62.48 -5.25
C6E DGD IC . -9.57 62.91 -7.55
O5E DGD IC . -9.63 61.48 -7.52
C1A DGD JC . -17.36 56.68 -0.20
C2A DGD JC . -17.46 55.61 -1.26
C3A DGD JC . -18.72 54.79 -1.05
C4A DGD JC . -19.13 54.07 -2.33
C5A DGD JC . -20.48 53.40 -2.17
C6A DGD JC . -20.81 52.54 -3.39
C7A DGD JC . -19.77 51.44 -3.58
C8A DGD JC . -20.44 50.06 -3.60
C9A DGD JC . -21.56 49.98 -2.56
CAA DGD JC . -22.92 50.22 -3.21
CBA DGD JC . -23.91 49.12 -2.81
CCA DGD JC . -25.29 49.40 -3.40
CDA DGD JC . -26.15 48.15 -3.40
CEA DGD JC . -27.56 48.44 -3.88
CFA DGD JC . -28.48 47.25 -3.65
CGA DGD JC . -27.99 46.41 -2.48
CHA DGD JC . -28.95 45.24 -2.22
CIA DGD JC . -28.19 43.92 -2.20
O1A DGD JC . -18.38 57.20 0.25
C1B DGD JC . -16.61 56.06 3.32
C2B DGD JC . -16.79 54.57 3.34
C3B DGD JC . -18.27 54.23 3.39
C4B DGD JC . -18.51 52.74 3.17
C5B DGD JC . -19.99 52.41 3.19
C6B DGD JC . -20.32 51.30 2.20
C7B DGD JC . -21.50 50.47 2.68
C8B DGD JC . -22.41 50.07 1.51
C9B DGD JC . -21.63 49.30 0.45
CAB DGD JC . -21.24 47.91 0.95
CBB DGD JC . -22.48 47.01 1.06
CCB DGD JC . -22.07 45.54 1.06
CDB DGD JC . -23.16 44.68 1.72
CEB DGD JC . -23.80 43.76 0.69
CFB DGD JC . -24.64 42.70 1.38
CGB DGD JC . -25.95 42.47 0.64
CHB DGD JC . -26.93 43.61 0.91
CIB DGD JC . -27.37 43.63 2.35
O1B DGD JC . -17.43 56.80 3.84
O1G DGD JC . -16.07 57.11 0.31
C1G DGD JC . -15.94 58.34 1.00
C2G DGD JC . -15.61 58.06 2.47
O2G DGD JC . -15.45 56.65 2.67
C3G DGD JC . -14.33 58.77 2.85
O3G DGD JC . -13.65 58.04 3.87
C1D DGD JC . -12.68 58.84 4.54
C2D DGD JC . -12.57 58.39 5.99
O2D DGD JC . -13.83 58.62 6.66
C3D DGD JC . -11.47 59.15 6.72
O3D DGD JC . -11.25 58.55 8.00
C4D DGD JC . -10.18 59.13 5.92
O4D DGD JC . -9.61 57.81 5.96
C5D DGD JC . -10.42 59.52 4.47
O5D DGD JC . -8.30 60.53 3.96
C6D DGD JC . -9.14 59.42 3.65
O6D DGD JC . -11.41 58.67 3.90
C1E DGD JC . -7.39 60.82 2.90
C2E DGD JC . -6.00 61.08 3.45
O2E DGD JC . -5.58 59.95 4.22
C3E DGD JC . -6.00 62.33 4.34
O3E DGD JC . -4.65 62.67 4.67
C4E DGD JC . -6.67 63.50 3.63
O4E DGD JC . -5.82 63.97 2.58
C5E DGD JC . -8.02 63.09 3.06
O6E DGD JC . -7.84 61.97 2.18
C6E DGD JC . -8.65 64.24 2.28
O5E DGD JC . -9.90 63.81 1.73
MG CLA KC . -14.88 30.98 3.32
CHA CLA KC . -16.70 30.18 6.11
CHB CLA KC . -17.44 29.92 1.36
CHC CLA KC . -13.00 31.81 0.55
CHD CLA KC . -12.22 32.09 5.43
NA CLA KC . -16.71 30.20 3.64
C1A CLA KC . -17.28 29.95 4.77
C2A CLA KC . -18.65 29.37 4.68
C3A CLA KC . -18.87 29.29 3.20
C4A CLA KC . -17.58 29.85 2.68
CMA CLA KC . -19.02 27.85 2.73
CAA CLA KC . -19.64 30.32 5.34
CBA CLA KC . -20.75 30.71 4.36
CGA CLA KC . -21.96 31.18 5.13
O1A CLA KC . -23.03 30.62 4.99
O2A CLA KC . -21.91 32.42 5.88
NB CLA KC . -15.18 30.88 1.30
C1B CLA KC . -16.27 30.43 0.64
C2B CLA KC . -16.22 30.47 -0.86
C3B CLA KC . -14.88 31.04 -1.06
C4B CLA KC . -14.33 31.25 0.31
CMB CLA KC . -17.24 30.04 -1.87
CAB CLA KC . -14.22 31.33 -2.35
CBB CLA KC . -13.77 32.55 -2.60
NC CLA KC . -13.00 31.79 3.04
C1C CLA KC . -12.38 32.06 1.86
C2C CLA KC . -11.02 32.64 1.95
C3C CLA KC . -10.80 32.71 3.40
C4C CLA KC . -12.06 32.17 3.95
CMC CLA KC . -10.10 33.05 0.83
CAC CLA KC . -9.58 33.21 4.13
CBC CLA KC . -8.61 32.08 4.34
ND CLA KC . -14.45 31.14 5.32
C1D CLA KC . -13.42 31.57 6.09
C2D CLA KC . -13.70 31.42 7.56
C3D CLA KC . -15.05 30.86 7.50
C4D CLA KC . -15.38 30.73 6.23
CMD CLA KC . -13.02 31.70 8.88
CAD CLA KC . -16.17 30.37 8.36
OBD CLA KC . -16.18 30.35 9.64
CBD CLA KC . -17.28 29.91 7.46
CGD CLA KC . -17.49 28.44 7.64
O1D CLA KC . -16.83 27.64 7.00
O2D CLA KC . -18.61 27.96 8.44
CED CLA KC . -18.41 26.87 9.36
C1 CLA KC . -23.04 32.83 6.65
C2 CLA KC . -22.66 32.87 8.11
C3 CLA KC . -23.53 32.46 9.05
C4 CLA KC . -23.15 32.50 10.50
C5 CLA KC . -24.90 31.97 8.65
C6 CLA KC . -25.89 32.26 9.77
C7 CLA KC . -26.20 33.74 9.87
C8 CLA KC . -27.50 33.98 10.65
C9 CLA KC . -28.26 32.68 10.85
C10 CLA KC . -28.35 35.00 9.91
C11 CLA KC . -28.86 36.07 10.87
C12 CLA KC . -29.25 37.34 10.11
C13 CLA KC . -30.11 38.26 10.98
C14 CLA KC . -31.48 37.64 11.23
C15 CLA KC . -30.23 39.62 10.31
C16 CLA KC . -29.36 40.65 11.03
C17 CLA KC . -28.57 41.48 10.03
C18 CLA KC . -28.29 42.88 10.58
C19 CLA KC . -27.13 43.53 9.85
C20 CLA KC . -29.54 43.75 10.50
MG CLA LC . -11.98 28.43 -8.19
CHA CLA LC . -12.21 26.20 -5.61
CHB CLA LC . -12.48 25.91 -10.40
CHC CLA LC . -11.73 30.71 -10.76
CHD CLA LC . -11.45 31.05 -5.83
NA CLA LC . -12.29 26.45 -8.06
C1A CLA LC . -12.35 25.73 -6.99
C2A CLA LC . -12.59 24.27 -7.22
C3A CLA LC . -12.68 24.18 -8.72
C4A CLA LC . -12.47 25.61 -9.11
CMA CLA LC . -11.54 23.34 -9.28
CAA CLA LC . -13.92 23.87 -6.58
CBA CLA LC . -15.02 24.85 -6.95
CGA CLA LC . -16.36 24.16 -6.84
O1A CLA LC . -16.66 23.55 -5.82
O2A CLA LC . -17.37 24.36 -7.86
NB CLA LC . -12.09 28.33 -10.23
C1B CLA LC . -12.30 27.23 -11.01
C2B CLA LC . -12.33 27.44 -12.48
C3B CLA LC . -12.11 28.88 -12.55
C4B CLA LC . -11.98 29.32 -11.13
CMB CLA LC . -12.55 26.45 -13.58
CAB CLA LC . -12.03 29.73 -13.76
CBB CLA LC . -11.63 29.20 -14.90
NC CLA LC . -11.66 30.47 -8.29
C1C CLA LC . -11.58 31.25 -9.40
C2C CLA LC . -11.34 32.70 -9.17
C3C CLA LC . -11.26 32.78 -7.71
C4C CLA LC . -11.47 31.38 -7.28
CMC CLA LC . -11.22 33.80 -10.19
CAC CLA LC . -11.03 34.00 -6.85
CBC CLA LC . -9.75 34.69 -7.29
ND CLA LC . -11.84 28.69 -6.17
C1D CLA LC . -11.64 29.71 -5.30
C2D CLA LC . -11.64 29.26 -3.86
C3D CLA LC . -11.88 27.82 -4.04
C4D CLA LC . -11.98 27.60 -5.36
CMD CLA LC . -11.49 29.84 -2.48
CAD CLA LC . -12.05 26.54 -3.32
OBD CLA LC . -12.01 26.40 -2.04
CBD CLA LC . -12.27 25.44 -4.32
CGD CLA LC . -11.13 24.47 -4.26
O1D CLA LC . -10.71 24.07 -3.18
O2D CLA LC . -10.62 23.86 -5.47
CED CLA LC . -11.23 22.68 -5.99
C1 CLA LC . -18.43 25.29 -7.65
C2 CLA LC . -19.61 24.93 -8.52
C3 CLA LC . -19.42 24.33 -9.71
C4 CLA LC . -20.60 23.97 -10.57
C5 CLA LC . -18.02 24.01 -10.17
C6 CLA LC . -17.83 22.50 -10.22
C7 CLA LC . -17.95 21.98 -11.64
C8 CLA LC . -16.60 21.96 -12.34
C9 CLA LC . -16.41 23.22 -13.19
C10 CLA LC . -15.49 21.83 -11.31
C11 CLA LC . -14.17 22.35 -11.85
C12 CLA LC . -13.67 21.49 -13.01
C13 CLA LC . -12.17 21.66 -13.21
C14 CLA LC . -11.75 23.11 -13.02
C15 CLA LC . -11.80 21.16 -14.61
C16 CLA LC . -11.61 19.65 -14.61
C17 CLA LC . -11.83 19.08 -16.01
C18 CLA LC . -10.92 19.74 -17.02
C19 CLA LC . -11.54 19.72 -18.42
C20 CLA LC . -10.59 21.18 -16.60
MG CLA MC . -31.63 36.30 28.26
CHA CLA MC . -28.46 36.46 29.52
CHB CLA MC . -31.32 32.93 27.93
CHC CLA MC . -34.83 36.19 26.99
CHD CLA MC . -31.92 39.83 28.61
NA CLA MC . -30.19 34.94 28.64
C1A CLA MC . -29.01 35.15 29.12
C2A CLA MC . -28.16 33.94 29.29
C3A CLA MC . -29.06 32.84 28.79
C4A CLA MC . -30.28 33.62 28.42
CMA CLA MC . -28.49 32.18 27.54
CAA CLA MC . -27.83 33.75 30.78
CBA CLA MC . -29.00 33.11 31.50
CGA CLA MC . -29.17 33.77 32.85
O1A CLA MC . -28.92 34.96 33.00
O2A CLA MC . -29.47 32.96 34.03
NB CLA MC . -32.86 34.80 27.57
C1B CLA MC . -32.61 33.48 27.50
C2B CLA MC . -33.69 32.61 26.96
C3B CLA MC . -34.72 33.62 26.69
C4B CLA MC . -34.12 34.90 27.09
CMB CLA MC . -33.71 31.12 26.75
CAB CLA MC . -36.08 33.38 26.12
CBB CLA MC . -36.49 32.16 25.87
NC CLA MC . -33.09 37.71 27.88
C1C CLA MC . -34.33 37.51 27.37
C2C CLA MC . -35.17 38.72 27.20
C3C CLA MC . -34.30 39.79 27.68
C4C CLA MC . -33.07 39.07 28.07
CMC CLA MC . -36.57 38.81 26.66
CAC CLA MC . -34.58 41.27 27.77
CBC CLA MC . -34.73 41.67 29.21
ND CLA MC . -30.51 37.88 28.90
C1D CLA MC . -30.65 39.22 29.03
C2D CLA MC . -29.42 39.88 29.60
C3D CLA MC . -28.56 38.71 29.77
C4D CLA MC . -29.25 37.65 29.36
CMD CLA MC . -28.95 41.27 29.96
CAD CLA MC . -27.22 38.29 30.25
OBD CLA MC . -26.31 39.07 30.70
CBD CLA MC . -27.11 36.80 30.08
CGD CLA MC . -26.04 36.48 29.08
O1D CLA MC . -26.01 35.39 28.53
O2D CLA MC . -24.93 37.38 28.90
CED CLA MC . -23.97 37.56 29.94
C1 CLA MC . -30.03 31.66 33.87
C2 CLA MC . -31.20 31.50 34.81
C3 CLA MC . -32.30 30.85 34.42
C4 CLA MC . -32.39 30.26 33.04
C5 CLA MC . -33.47 30.70 35.37
C6 CLA MC . -34.76 30.62 34.57
C7 CLA MC . -34.58 31.18 33.17
C8 CLA MC . -35.90 31.21 32.40
C9 CLA MC . -36.90 32.14 33.09
C10 CLA MC . -36.45 29.79 32.30
C11 CLA MC . -36.53 29.35 30.84
C12 CLA MC . -36.52 27.82 30.74
C13 CLA MC . -37.86 27.31 30.25
C14 CLA MC . -38.55 28.33 29.35
C15 CLA MC . -38.73 26.94 31.44
C16 CLA MC . -38.99 25.44 31.49
C17 CLA MC . -38.47 24.75 30.23
C18 CLA MC . -39.56 23.91 29.58
C19 CLA MC . -39.16 23.52 28.16
C20 CLA MC . -39.89 22.68 30.41
C1 PQ9 NC . -31.14 22.20 -17.34
O1 PQ9 NC . -30.44 21.61 -18.15
C2 PQ9 NC . -30.54 22.64 -16.05
C3 PQ9 NC . -31.37 23.38 -14.99
C4 PQ9 NC . -32.82 23.61 -15.40
O4 PQ9 NC . -33.56 24.20 -14.62
C5 PQ9 NC . -33.38 23.15 -16.71
C6 PQ9 NC . -34.90 23.45 -17.02
C9 PQ9 NC . -33.10 22.07 -18.84
C10 PQ9 NC . -32.58 22.49 -17.64
C11 PQ9 NC . -29.10 22.33 -15.76
C12 PQ9 NC . -29.12 21.11 -14.83
C13 PQ9 NC . -28.17 21.22 -13.64
C14 PQ9 NC . -28.19 20.05 -12.68
C15 PQ9 NC . -27.28 22.36 -13.39
C16 PQ9 NC . -25.89 21.95 -13.82
C17 PQ9 NC . -25.05 23.15 -13.52
C18 PQ9 NC . -24.20 22.95 -12.26
C19 PQ9 NC . -23.35 24.10 -11.88
C20 PQ9 NC . -24.19 21.67 -11.45
C21 PQ9 NC . -23.67 21.86 -9.99
C22 PQ9 NC . -23.72 20.64 -9.44
C23 PQ9 NC . -23.18 20.27 -8.18
C24 PQ9 NC . -23.28 18.99 -7.76
C25 PQ9 NC . -22.44 21.21 -7.21
C26 PQ9 NC . -23.00 20.94 -5.78
C27 PQ9 NC . -22.33 21.74 -4.73
C28 PQ9 NC . -21.71 20.96 -3.41
C29 PQ9 NC . -22.30 19.76 -4.03
C30 PQ9 NC . -21.34 19.82 -2.49
C31 PQ9 NC . -19.83 19.56 -2.66
C32 PQ9 NC . -19.50 18.36 -1.86
C33 PQ9 NC . -18.23 18.06 -1.75
C34 PQ9 NC . -17.98 16.92 -1.01
C35 PQ9 NC . -17.00 18.83 -2.34
C36 PQ9 NC . -16.57 18.71 -3.67
C37 PQ9 NC . -15.39 19.55 -3.62
C38 PQ9 NC . -14.28 20.00 -4.62
C39 PQ9 NC . -13.26 20.95 -3.96
C40 PQ9 NC . -14.09 19.62 -6.13
C41 PQ9 NC . -12.61 19.79 -6.43
C42 PQ9 NC . -12.12 19.63 -7.89
C43 PQ9 NC . -11.73 18.53 -8.51
C44 PQ9 NC . -11.74 17.18 -7.84
C45 PQ9 NC . -11.26 18.65 -9.95
C1 BCR OC . -31.79 45.10 26.55
C2 BCR OC . -30.76 44.46 27.47
C3 BCR OC . -29.52 45.31 27.51
C4 BCR OC . -28.87 45.27 26.14
C5 BCR OC . -29.87 45.68 25.09
C6 BCR OC . -31.15 45.41 25.22
C7 BCR OC . -31.97 45.46 23.98
C8 BCR OC . -31.56 46.06 22.96
C9 BCR OC . -32.02 46.63 21.93
C10 BCR OC . -31.25 46.82 20.84
C11 BCR OC . -31.74 47.40 19.83
C33 BCR OC . -29.41 46.41 23.87
C31 BCR OC . -32.27 46.39 27.20
C32 BCR OC . -32.95 44.16 26.33
C34 BCR OC . -33.43 47.10 21.89
C12 BCR OC . -31.82 48.01 18.82
C13 BCR OC . -32.01 48.53 17.70
C14 BCR OC . -31.03 49.20 17.07
C15 BCR OC . -31.24 49.72 15.95
C16 BCR OC . -30.98 50.19 14.89
C17 BCR OC . -30.90 50.62 13.80
C18 BCR OC . -30.23 51.45 13.12
C19 BCR OC . -30.37 51.52 11.87
C20 BCR OC . -30.11 51.83 10.75
C21 BCR OC . -29.62 52.01 9.68
C22 BCR OC . -29.69 51.80 8.44
C23 BCR OC . -30.16 52.78 7.65
C24 BCR OC . -30.36 52.88 6.32
C25 BCR OC . -30.18 52.05 5.28
C26 BCR OC . -30.52 52.53 4.08
C27 BCR OC . -29.62 52.35 2.89
C28 BCR OC . -29.00 50.96 2.91
C29 BCR OC . -29.71 50.07 3.93
C30 BCR OC . -29.66 50.65 5.33
C35 BCR OC . -33.35 48.44 17.05
C36 BCR OC . -29.26 52.35 13.81
C37 BCR OC . -29.25 50.47 7.92
C38 BCR OC . -31.80 53.26 3.91
C39 BCR OC . -28.23 50.65 5.87
C40 BCR OC . -30.60 49.82 6.19
C1A MGE PC . -24.65 13.55 -14.73
C2A MGE PC . -23.74 13.66 -15.92
C3A MGE PC . -22.33 14.07 -15.47
C4A MGE PC . -21.45 14.41 -16.66
C5A MGE PC . -21.69 15.85 -17.13
C6A MGE PC . -20.39 16.54 -17.47
C7A MGE PC . -20.50 17.29 -18.79
C8A MGE PC . -19.12 17.54 -19.40
C9A MGE PC . -18.97 18.99 -19.83
CAA MGE PC . -20.04 19.38 -20.84
CBA MGE PC . -19.56 20.53 -21.72
CCA MGE PC . -20.53 20.76 -22.87
CDA MGE PC . -19.87 21.54 -23.99
O1A MGE PC . -24.19 13.41 -13.61
C1B MGE PC . -28.41 15.89 -13.02
C2B MGE PC . -27.36 16.16 -11.95
C3B MGE PC . -26.48 17.32 -12.39
C4B MGE PC . -25.03 16.89 -12.53
C5B MGE PC . -24.09 17.94 -11.97
C6B MGE PC . -22.63 17.51 -12.15
C7B MGE PC . -21.89 18.45 -13.09
C8B MGE PC . -20.64 19.01 -12.43
C9B MGE PC . -19.43 18.13 -12.71
CAB MGE PC . -18.13 18.87 -12.44
CBB MGE PC . -16.95 18.18 -13.11
CCB MGE PC . -16.49 16.97 -12.30
CDB MGE PC . -15.11 17.22 -11.69
CEB MGE PC . -14.04 16.39 -12.40
CFB MGE PC . -13.44 17.16 -13.57
CGB MGE PC . -11.94 17.01 -13.59
O1B MGE PC . -29.52 16.36 -12.93
O1G MGE PC . -26.09 13.61 -14.91
C1G MGE PC . -26.94 12.93 -14.00
C2G MGE PC . -28.28 13.68 -13.90
O2G MGE PC . -28.07 15.06 -14.17
C3G MGE PC . -29.26 13.10 -14.92
O3G MGE PC . -30.59 13.35 -14.50
C1D MGE PC . -30.72 13.26 -13.08
C2D MGE PC . -31.83 14.19 -12.61
O2D MGE PC . -32.45 14.80 -13.75
C3D MGE PC . -32.89 13.43 -11.81
O3D MGE PC . -33.97 14.31 -11.49
C4D MGE PC . -33.42 12.24 -12.60
O4D MGE PC . -34.35 12.70 -13.58
C5D MGE PC . -32.28 11.50 -13.28
O5D MGE PC . -31.57 9.32 -14.03
C6D MGE PC . -32.43 9.99 -13.10
O6D MGE PC . -31.04 11.92 -12.72
CHA HEM QC . -46.72 56.47 19.63
CHB HEM QC . -42.83 57.11 16.78
CHC HEM QC . -45.09 54.82 13.14
CHD HEM QC . -49.01 54.16 15.94
C1A HEM QC . -45.48 56.84 19.17
C2A HEM QC . -44.47 57.56 19.94
C3A HEM QC . -43.40 57.72 19.16
C4A HEM QC . -43.69 57.14 17.86
CMA HEM QC . -42.09 58.44 19.56
CAA HEM QC . -44.60 58.02 21.41
CBA HEM QC . -44.03 56.97 22.33
CGA HEM QC . -42.62 56.64 21.92
O1A HEM QC . -41.83 57.60 21.68
O2A HEM QC . -42.28 55.44 21.82
C1B HEM QC . -43.10 56.55 15.55
C2B HEM QC . -42.20 56.52 14.41
C3B HEM QC . -42.83 55.89 13.41
C4B HEM QC . -44.14 55.50 13.87
CMB HEM QC . -40.78 57.12 14.37
CAB HEM QC . -42.24 55.63 12.01
CBB HEM QC . -41.42 56.52 11.45
C1C HEM QC . -46.33 54.44 13.57
C2C HEM QC . -47.34 53.73 12.80
C3C HEM QC . -48.41 53.55 13.58
C4C HEM QC . -48.14 54.14 14.86
CMC HEM QC . -47.19 53.27 11.34
CAC HEM QC . -49.72 52.85 13.16
CBC HEM QC . -49.67 51.70 12.45
C1D HEM QC . -48.76 54.71 17.19
C2D HEM QC . -49.71 54.70 18.29
C3D HEM QC . -48.99 55.43 19.44
C4D HEM QC . -47.69 55.80 18.91
CMD HEM QC . -51.13 54.10 18.30
CAD HEM QC . -49.55 55.71 20.85
CBD HEM QC . -49.08 54.61 21.81
CGD HEM QC . -48.00 55.15 22.71
O1D HEM QC . -47.20 56.00 22.24
O2D HEM QC . -47.94 54.72 23.89
NA HEM QC . -44.95 56.61 17.92
NB HEM QC . -44.28 55.92 15.19
NC HEM QC . -46.87 54.68 14.83
ND HEM QC . -47.60 55.36 17.60
FE HEM QC . -45.94 55.64 16.39
MG CLA RC . -39.94 11.28 32.97
CHA CLA RC . -43.17 11.95 32.07
CHB CLA RC . -39.17 10.74 29.71
CHC CLA RC . -36.69 10.62 33.92
CHD CLA RC . -40.79 11.86 36.38
NA CLA RC . -40.94 11.33 31.22
C1A CLA RC . -42.19 11.61 31.03
C2A CLA RC . -42.65 11.56 29.61
C3A CLA RC . -41.39 11.18 28.88
C4A CLA RC . -40.42 11.07 30.01
CMA CLA RC . -41.54 9.82 28.21
CAA CLA RC . -43.13 12.94 29.19
CBA CLA RC . -41.97 13.81 28.72
CGA CLA RC . -41.82 13.71 27.22
O1A CLA RC . -41.48 12.64 26.71
O2A CLA RC . -41.93 14.89 26.40
NB CLA RC . -38.22 10.77 31.97
C1B CLA RC . -38.05 10.58 30.64
C2B CLA RC . -36.69 10.20 30.18
C3B CLA RC . -35.98 10.18 31.47
C4B CLA RC . -36.99 10.53 32.48
CMB CLA RC . -36.18 9.93 28.80
CAB CLA RC . -34.55 9.86 31.70
CBB CLA RC . -33.74 10.77 32.23
NC CLA RC . -38.94 11.25 34.77
C1C CLA RC . -37.64 10.96 34.99
C2C CLA RC . -37.17 11.01 36.40
C3C CLA RC . -38.40 11.37 37.12
C4C CLA RC . -39.41 11.50 36.03
CMC CLA RC . -35.80 10.74 36.96
CAC CLA RC . -38.58 11.59 38.61
CBC CLA RC . -39.88 12.32 38.85
ND CLA RC . -41.57 11.79 34.08
C1D CLA RC . -41.86 12.01 35.38
C2D CLA RC . -43.31 12.37 35.60
C3D CLA RC . -43.79 12.34 34.22
C4D CLA RC . -42.76 12.00 33.45
CMD CLA RC . -44.24 12.72 36.75
CAD CLA RC . -45.00 12.53 33.39
OBD CLA RC . -46.17 12.86 33.82
CBD CLA RC . -44.64 12.29 31.95
CGD CLA RC . -45.37 11.09 31.43
O1D CLA RC . -45.61 10.15 32.17
O2D CLA RC . -45.66 10.96 30.01
CED CLA RC . -45.95 9.68 29.45
C1 CLA RC . -41.42 16.14 26.86
C2 CLA RC . -40.56 16.76 25.79
C3 CLA RC . -39.69 17.73 26.10
C4 CLA RC . -39.58 18.23 27.51
C5 CLA RC . -38.83 18.35 25.01
C6 CLA RC . -37.43 18.60 25.56
C7 CLA RC . -36.81 19.82 24.90
C8 CLA RC . -35.68 20.39 25.76
C9 CLA RC . -36.17 20.64 27.18
C10 CLA RC . -35.16 21.68 25.12
C11 CLA RC . -33.66 21.60 24.88
C12 CLA RC . -32.88 22.20 26.04
C13 CLA RC . -31.41 22.36 25.69
C14 CLA RC . -31.25 23.19 24.42
C15 CLA RC . -30.67 23.00 26.86
C16 CLA RC . -30.23 24.42 26.52
C17 CLA RC . -29.03 24.83 27.35
C18 CLA RC . -29.33 24.71 28.84
C19 CLA RC . -30.60 23.90 29.08
C20 CLA RC . -28.16 24.11 29.60
C1 BCR SC . -34.99 14.75 32.08
C2 BCR SC . -35.68 15.00 30.75
C3 BCR SC . -36.96 14.19 30.64
C4 BCR SC . -37.99 14.64 31.66
C5 BCR SC . -37.27 15.10 32.92
C6 BCR SC . -36.04 14.68 33.16
C7 BCR SC . -35.69 14.15 34.50
C8 BCR SC . -34.74 14.67 35.15
C9 BCR SC . -34.44 15.16 36.27
C10 BCR SC . -33.22 15.67 36.45
C11 BCR SC . -32.90 16.16 37.57
C33 BCR SC . -37.97 16.01 33.88
C31 BCR SC . -34.03 15.89 32.41
C32 BCR SC . -34.24 13.42 32.05
C34 BCR SC . -35.43 15.16 37.38
C12 BCR SC . -33.10 16.81 38.53
C13 BCR SC . -32.93 17.33 39.66
C14 BCR SC . -32.48 18.59 39.75
C15 BCR SC . -32.31 19.11 40.88
C16 BCR SC . -32.04 19.65 41.90
C17 BCR SC . -31.70 20.14 42.92
C18 BCR SC . -31.08 21.13 43.37
C19 BCR SC . -30.78 21.17 44.59
C20 BCR SC . -30.44 21.86 45.48
C21 BCR SC . -30.13 22.88 45.99
C22 BCR SC . -29.52 23.95 45.77
C23 BCR SC . -28.68 24.44 46.69
C24 BCR SC . -28.50 23.79 47.85
C25 BCR SC . -27.66 24.29 48.77
C26 BCR SC . -27.48 23.64 49.91
C27 BCR SC . -27.53 24.40 51.22
C28 BCR SC . -27.23 25.87 50.97
C29 BCR SC . -26.28 26.05 49.79
C30 BCR SC . -26.91 25.57 48.50
C35 BCR SC . -33.24 16.54 40.89
C36 BCR SC . -30.69 22.25 42.46
C37 BCR SC . -29.72 24.67 44.48
C38 BCR SC . -27.24 22.16 49.91
C39 BCR SC . -25.85 25.31 47.44
C40 BCR SC . -27.91 26.61 48.00
C1A DGD TC . -18.91 26.61 28.28
C2A DGD TC . -20.30 27.20 28.38
C3A DGD TC . -21.27 26.37 27.55
C4A DGD TC . -22.29 27.26 26.85
C5A DGD TC . -23.30 26.41 26.07
C6A DGD TC . -24.23 27.30 25.25
C7A DGD TC . -24.64 26.61 23.96
C8A DGD TC . -25.70 25.55 24.23
C9A DGD TC . -26.99 25.86 23.47
CAA DGD TC . -26.75 25.84 21.97
CBA DGD TC . -27.84 25.05 21.25
CCA DGD TC . -27.55 24.94 19.76
CDA DGD TC . -27.54 23.49 19.30
CEA DGD TC . -26.79 23.34 17.98
CFA DGD TC . -26.36 21.90 17.77
CGA DGD TC . -24.94 21.83 17.22
CHA DGD TC . -24.67 20.48 16.56
CIA DGD TC . -23.22 20.36 16.14
O1A DGD TC . -18.48 26.21 27.20
C1B DGD TC . -16.65 23.81 30.98
C2B DGD TC . -17.00 23.28 29.61
C3B DGD TC . -18.00 22.14 29.74
C4B DGD TC . -18.93 22.08 28.53
C5B DGD TC . -19.01 20.67 27.98
C6B DGD TC . -18.84 20.66 26.46
C7B DGD TC . -19.97 21.44 25.78
C8B DGD TC . -19.42 22.43 24.77
C9B DGD TC . -18.95 21.71 23.51
CAB DGD TC . -17.60 22.24 23.06
CBB DGD TC . -16.47 21.36 23.59
CCB DGD TC . -15.82 20.57 22.46
CDB DGD TC . -14.52 21.23 22.00
CEB DGD TC . -14.58 21.58 20.52
CFB DGD TC . -13.70 20.64 19.71
CGB DGD TC . -14.43 20.15 18.46
CHB DGD TC . -15.92 20.02 18.73
CIB DGD TC . -16.52 18.90 17.89
O1B DGD TC . -16.15 23.07 31.82
O1G DGD TC . -18.08 26.50 29.46
C1G DGD TC . -16.66 26.54 29.33
C2G DGD TC . -16.01 26.09 30.65
O2G DGD TC . -16.90 25.20 31.32
C3G DGD TC . -14.71 25.36 30.34
O3G DGD TC . -13.73 25.72 31.32
C1D DGD TC . -12.50 26.12 30.70
C2D DGD TC . -12.53 27.62 30.46
O2D DGD TC . -13.57 27.95 29.54
C3D DGD TC . -11.19 28.11 29.91
O3D DGD TC . -11.16 29.54 29.91
C4D DGD TC . -10.03 27.57 30.73
O4D DGD TC . -9.99 28.23 32.00
C5D DGD TC . -10.16 26.06 30.95
O5D DGD TC . -9.60 25.00 33.04
C6D DGD TC . -9.03 25.54 31.85
O6D DGD TC . -11.42 25.79 31.56
C1E DGD TC . -8.58 24.56 33.94
C2E DGD TC . -9.14 24.55 35.37
O2E DGD TC . -10.40 25.24 35.38
C3E DGD TC . -8.18 25.23 36.34
O3E DGD TC . -8.55 24.90 37.68
C4E DGD TC . -6.74 24.77 36.08
O4E DGD TC . -6.62 23.38 36.42
C5E DGD TC . -6.36 24.97 34.62
O6E DGD TC . -7.48 25.46 33.89
C6E DGD TC . -5.87 23.66 34.00
O5E DGD TC . -4.62 23.88 33.34
C1A MGE UC . -25.07 52.83 10.20
C2A MGE UC . -25.57 51.68 9.34
C3A MGE UC . -27.05 51.45 9.63
C4A MGE UC . -27.41 49.97 9.48
C5A MGE UC . -28.11 49.44 10.73
C6A MGE UC . -29.31 48.59 10.36
C7A MGE UC . -29.31 47.27 11.13
C8A MGE UC . -30.72 46.77 11.38
C9A MGE UC . -31.58 47.88 11.99
CAA MGE UC . -32.73 48.25 11.06
CBA MGE UC . -34.06 48.22 11.79
CCA MGE UC . -35.04 49.22 11.20
CDA MGE UC . -36.41 49.08 11.84
O1A MGE UC . -25.63 53.12 11.23
C1B MGE UC . -22.32 55.76 7.68
C2B MGE UC . -23.17 55.32 6.52
C3B MGE UC . -22.82 53.88 6.15
C4B MGE UC . -24.07 53.09 5.80
C5B MGE UC . -23.97 51.65 6.29
C6B MGE UC . -24.84 50.72 5.46
C7B MGE UC . -24.90 51.18 4.00
C8B MGE UC . -25.25 50.02 3.08
C9B MGE UC . -26.14 50.48 1.94
CAB MGE UC . -26.68 49.29 1.14
CBB MGE UC . -27.86 49.71 0.27
CCB MGE UC . -28.24 48.59 -0.69
CDB MGE UC . -29.75 48.53 -0.88
CEB MGE UC . -30.22 49.59 -1.87
CFB MGE UC . -30.52 50.90 -1.16
CGB MGE UC . -30.36 52.07 -2.11
O1B MGE UC . -21.12 55.96 7.54
O1G MGE UC . -23.90 53.59 9.77
C1G MGE UC . -23.15 54.32 10.73
C2G MGE UC . -22.20 55.28 10.02
O2G MGE UC . -22.91 55.97 9.00
C3G MGE UC . -21.65 56.29 11.01
O3G MGE UC . -20.76 57.18 10.34
C1D MGE UC . -19.71 57.63 11.20
C2D MGE UC . -18.37 57.41 10.53
O2D MGE UC . -18.57 57.16 9.12
C3D MGE UC . -17.47 58.64 10.70
O3D MGE UC . -17.87 59.66 9.77
C4D MGE UC . -17.57 59.19 12.12
O4D MGE UC . -16.80 60.38 12.22
C5D MGE UC . -19.01 59.48 12.50
O5D MGE UC . -20.44 59.51 14.45
C6D MGE UC . -19.38 58.79 13.81
O6D MGE UC . -19.89 59.02 11.47
C1 BCR VC . -29.31 75.10 -13.57
C2 BCR VC . -29.06 76.36 -12.76
C3 BCR VC . -30.40 76.98 -12.38
C4 BCR VC . -31.12 76.04 -11.43
C5 BCR VC . -31.19 74.65 -12.02
C6 BCR VC . -30.27 74.19 -12.87
C7 BCR VC . -30.21 72.73 -13.12
C8 BCR VC . -31.20 71.99 -12.88
C9 BCR VC . -31.80 70.88 -12.95
C10 BCR VC . -32.57 70.46 -11.95
C11 BCR VC . -33.16 69.35 -12.03
C33 BCR VC . -32.34 73.76 -11.66
C31 BCR VC . -27.99 74.36 -13.76
C32 BCR VC . -29.88 75.47 -14.93
C34 BCR VC . -31.65 70.03 -14.18
C12 BCR VC . -34.03 68.72 -11.52
C13 BCR VC . -34.34 68.18 -10.44
C14 BCR VC . -34.67 66.89 -10.40
C15 BCR VC . -34.98 66.36 -9.30
C16 BCR VC . -35.10 65.44 -8.57
C17 BCR VC . -35.33 64.49 -7.89
C18 BCR VC . -35.46 63.87 -6.80
C19 BCR VC . -36.08 62.78 -6.75
C20 BCR VC . -36.45 61.99 -5.96
C21 BCR VC . -36.87 61.17 -5.21
C22 BCR VC . -37.57 60.14 -5.09
C23 BCR VC . -37.12 59.14 -4.31
C24 BCR VC . -37.63 57.94 -3.99
C25 BCR VC . -38.76 57.29 -4.32
C26 BCR VC . -38.92 56.08 -3.78
C27 BCR VC . -39.24 54.90 -4.67
C28 BCR VC . -40.31 55.34 -5.66
C29 BCR VC . -40.92 56.67 -5.26
C30 BCR VC . -39.87 57.77 -5.21
C35 BCR VC . -34.35 68.99 -9.18
C36 BCR VC . -34.87 64.44 -5.55
C37 BCR VC . -38.87 60.10 -5.83
C38 BCR VC . -38.78 55.89 -2.30
C39 BCR VC . -40.50 59.03 -4.62
C40 BCR VC . -39.33 57.98 -6.62
C1 BCR WC . -24.05 79.57 -13.84
C2 BCR WC . -23.00 80.65 -14.03
C3 BCR WC . -22.27 80.48 -15.36
C4 BCR WC . -23.24 80.69 -16.53
C5 BCR WC . -24.61 80.20 -16.14
C6 BCR WC . -24.76 79.34 -15.14
C7 BCR WC . -25.60 78.14 -15.31
C8 BCR WC . -26.75 78.25 -15.81
C9 BCR WC . -27.69 77.89 -16.57
C10 BCR WC . -28.42 76.81 -16.25
C11 BCR WC . -29.35 76.45 -17.00
C33 BCR WC . -25.82 80.70 -16.87
C31 BCR WC . -25.07 80.00 -12.79
C32 BCR WC . -23.38 78.27 -13.40
C34 BCR WC . -27.99 78.67 -17.81
C12 BCR WC . -30.01 75.57 -17.43
C13 BCR WC . -30.38 74.76 -18.32
C14 BCR WC . -30.39 73.45 -18.08
C15 BCR WC . -30.77 72.65 -18.97
C16 BCR WC . -31.19 71.55 -19.13
C17 BCR WC . -31.69 70.49 -19.04
C18 BCR WC . -31.78 69.32 -19.50
C19 BCR WC . -32.24 68.40 -18.78
C20 BCR WC . -32.77 67.35 -18.84
C21 BCR WC . -33.40 66.48 -19.33
C22 BCR WC . -34.17 66.20 -20.28
C23 BCR WC . -35.29 65.50 -20.07
C24 BCR WC . -35.59 65.11 -18.83
C25 BCR WC . -36.71 64.41 -18.61
C26 BCR WC . -37.52 64.11 -19.63
C27 BCR WC . -38.19 62.75 -19.69
C28 BCR WC . -38.68 62.36 -18.30
C29 BCR WC . -37.57 62.52 -17.27
C30 BCR WC . -37.07 63.96 -17.22
C35 BCR WC . -30.83 75.29 -19.65
C36 BCR WC . -31.35 69.03 -20.90
C37 BCR WC . -33.81 66.65 -21.67
C38 BCR WC . -37.76 65.11 -20.72
C39 BCR WC . -35.83 64.06 -16.35
C40 BCR WC . -38.16 64.87 -16.68
C1A MGE XC . -26.50 8.36 -4.44
C2A MGE XC . -27.24 7.56 -3.39
C3A MGE XC . -26.39 7.47 -2.12
C4A MGE XC . -25.44 6.29 -2.19
C5A MGE XC . -24.00 6.74 -1.94
C6A MGE XC . -23.04 5.54 -1.92
C7A MGE XC . -21.63 5.99 -1.58
C8A MGE XC . -21.41 5.99 -0.07
C9A MGE XC . -20.39 4.91 0.32
CAA MGE XC . -21.08 3.69 0.90
CBA MGE XC . -20.13 2.91 1.80
CCA MGE XC . -20.79 1.61 2.28
CDA MGE XC . -19.90 0.91 3.28
O1A MGE XC . -25.38 8.80 -4.21
C1B MGE XC . -28.19 11.81 -4.48
C2B MGE XC . -27.58 12.36 -3.21
C3B MGE XC . -26.31 13.12 -3.55
C4B MGE XC . -26.33 14.52 -2.96
C5B MGE XC . -26.74 15.56 -4.00
C6B MGE XC . -25.95 15.38 -5.29
C7B MGE XC . -24.58 14.78 -5.01
C8B MGE XC . -23.74 14.73 -6.28
C9B MGE XC . -22.77 15.91 -6.34
CAB MGE XC . -21.42 15.48 -6.88
CBB MGE XC . -20.61 16.68 -7.36
CCB MGE XC . -19.51 17.03 -6.37
CDB MGE XC . -19.19 18.52 -6.42
CEB MGE XC . -18.61 18.92 -7.77
CFB MGE XC . -17.35 18.11 -8.08
CGB MGE XC . -17.62 17.08 -9.15
O1B MGE XC . -27.72 12.07 -5.57
O1G MGE XC . -27.11 8.62 -5.72
C1G MGE XC . -27.88 9.81 -5.93
C2G MGE XC . -29.17 9.72 -5.11
O2G MGE XC . -29.36 10.95 -4.41
C3G MGE XC . -30.34 9.47 -6.04
O3G MGE XC . -31.48 10.20 -5.58
C1D MGE XC . -32.64 9.37 -5.52
C2D MGE XC . -33.60 9.91 -4.46
O2D MGE XC . -33.21 11.23 -4.09
C3D MGE XC . -35.03 9.92 -4.98
O3D MGE XC . -35.21 11.06 -5.84
C4D MGE XC . -35.35 8.64 -5.76
O4D MGE XC . -36.66 8.74 -6.32
C5D MGE XC . -34.33 8.42 -6.87
O5D MGE XC . -32.86 6.80 -7.88
C6D MGE XC . -33.72 7.02 -6.76
O6D MGE XC . -33.29 9.39 -6.79
C1 BCR YC . -15.88 13.50 -25.86
C2 BCR YC . -17.10 14.05 -26.56
C3 BCR YC . -17.94 14.88 -25.58
C4 BCR YC . -17.12 15.42 -24.39
C5 BCR YC . -16.50 14.24 -23.69
C6 BCR YC . -16.31 13.17 -24.45
C7 BCR YC . -16.49 11.79 -23.96
C8 BCR YC . -15.53 10.99 -23.94
C9 BCR YC . -14.78 9.98 -23.95
C10 BCR YC . -13.75 9.90 -23.10
C11 BCR YC . -13.00 8.90 -23.10
C33 BCR YC . -16.13 14.26 -22.23
C31 BCR YC . -14.75 14.51 -25.82
C32 BCR YC . -15.41 12.22 -26.54
C34 BCR YC . -15.04 8.87 -24.92
C12 BCR YC . -12.19 8.28 -22.50
C13 BCR YC . -11.29 7.55 -22.01
C14 BCR YC . -11.16 7.46 -20.68
C15 BCR YC . -10.27 6.73 -20.19
C16 BCR YC . -9.68 6.05 -19.42
C17 BCR YC . -8.90 5.43 -18.78
C18 BCR YC . -8.78 4.47 -17.98
C19 BCR YC . -7.71 4.31 -17.35
C20 BCR YC . -6.76 3.68 -17.00
C21 BCR YC . -5.83 3.07 -16.67
C22 BCR YC . -4.59 2.82 -16.60
C23 BCR YC . -4.18 1.57 -16.89
C24 BCR YC . -2.94 1.06 -16.87
C25 BCR YC . -1.77 1.66 -16.60
C26 BCR YC . -1.60 2.91 -16.19
C27 BCR YC . -1.36 3.10 -14.72
C28 BCR YC . -0.54 1.89 -14.30
C29 BCR YC . 0.34 1.36 -15.45
C30 BCR YC . -0.50 0.87 -16.63
C35 BCR YC . -10.38 6.77 -22.91
C36 BCR YC . -9.92 3.52 -17.77
C37 BCR YC . -3.67 3.91 -16.17
C38 BCR YC . -1.60 4.06 -17.16
C39 BCR YC . -0.83 -0.61 -16.48
C40 BCR YC . 0.20 1.10 -17.96
CHA HEM ZC . 15.41 65.35 2.81
CHB HEM ZC . 12.19 68.23 5.05
CHC HEM ZC . 9.21 67.91 1.22
CHD HEM ZC . 12.40 65.03 -1.05
C1A HEM ZC . 14.80 66.16 3.75
C2A HEM ZC . 15.34 66.53 5.04
C3A HEM ZC . 14.46 67.32 5.66
C4A HEM ZC . 13.32 67.49 4.78
CMA HEM ZC . 14.63 67.94 7.06
CAA HEM ZC . 16.70 66.07 5.61
CBA HEM ZC . 16.54 65.67 7.07
CGA HEM ZC . 17.64 64.72 7.46
O1A HEM ZC . 17.77 64.41 8.67
O2A HEM ZC . 18.39 64.28 6.56
C1B HEM ZC . 11.11 68.40 4.21
C2B HEM ZC . 9.92 69.19 4.50
C3B HEM ZC . 9.10 69.10 3.44
C4B HEM ZC . 9.74 68.25 2.45
CMB HEM ZC . 9.65 69.99 5.79
CAB HEM ZC . 7.72 69.79 3.31
CBB HEM ZC . 7.32 70.25 2.13
C1C HEM ZC . 9.81 67.12 0.27
C2C HEM ZC . 9.26 66.76 -1.02
C3C HEM ZC . 10.12 65.96 -1.64
C4C HEM ZC . 11.28 65.78 -0.76
CMC HEM ZC . 7.89 67.21 -1.57
CAC HEM ZC . 9.95 65.35 -3.04
CBC HEM ZC . 11.02 65.14 -3.82
C1D HEM ZC . 13.49 64.85 -0.24
C2D HEM ZC . 14.65 64.04 -0.58
C3D HEM ZC . 15.59 64.14 0.62
C4D HEM ZC . 14.91 65.00 1.57
CMD HEM ZC . 14.88 63.26 -1.89
CAD HEM ZC . 16.98 63.48 0.79
CBD HEM ZC . 18.00 64.53 1.19
CGD HEM ZC . 19.31 64.24 0.51
O1D HEM ZC . 20.20 63.62 1.15
O2D HEM ZC . 19.47 64.64 -0.67
NA HEM ZC . 13.56 66.77 3.63
NB HEM ZC . 10.96 67.84 2.96
NC HEM ZC . 11.04 66.50 0.39
ND HEM ZC . 13.69 65.38 1.03
FE HEM ZC . 12.32 66.61 1.99
C1 BCR AD . -20.42 84.92 -21.60
C2 BCR AD . -19.09 84.84 -20.87
C3 BCR AD . -18.57 83.41 -20.83
C4 BCR AD . -18.26 82.90 -22.24
C5 BCR AD . -19.21 83.52 -23.22
C6 BCR AD . -20.38 84.02 -22.81
C7 BCR AD . -21.62 83.68 -23.52
C8 BCR AD . -21.65 82.69 -24.30
C9 BCR AD . -22.59 82.05 -24.83
C10 BCR AD . -22.37 81.37 -25.97
C11 BCR AD . -23.31 80.74 -26.51
C33 BCR AD . -18.85 83.60 -24.68
C31 BCR AD . -20.70 86.35 -22.06
C32 BCR AD . -21.55 84.44 -20.69
C34 BCR AD . -23.95 82.05 -24.21
C12 BCR AD . -23.98 80.00 -27.13
C13 BCR AD . -24.19 79.08 -27.96
C14 BCR AD . -25.43 78.61 -28.15
C15 BCR AD . -25.64 77.70 -28.97
C16 BCR AD . -26.28 76.88 -29.54
C17 BCR AD . -26.99 76.12 -30.09
C18 BCR AD . -27.32 75.75 -31.25
C19 BCR AD . -28.24 74.91 -31.40
C20 BCR AD . -29.01 74.22 -31.96
C21 BCR AD . -29.62 73.42 -32.57
C22 BCR AD . -29.46 72.41 -33.31
C23 BCR AD . -30.43 72.04 -34.16
C24 BCR AD . -30.26 70.98 -34.94
C25 BCR AD . -31.22 70.61 -35.79
C26 BCR AD . -32.36 71.32 -35.86
C27 BCR AD . -33.21 71.25 -37.11
C28 BCR AD . -33.38 69.80 -37.54
C29 BCR AD . -32.02 69.16 -37.83
C30 BCR AD . -31.04 69.40 -36.68
C35 BCR AD . -23.05 78.51 -28.74
C36 BCR AD . -26.60 76.30 -32.44
C37 BCR AD . -28.19 71.62 -33.24
C38 BCR AD . -32.78 72.17 -34.70
C39 BCR AD . -29.70 68.66 -36.65
C40 BCR AD . -30.35 70.38 -37.62
MN1 OEC BD . 17.14 -36.91 13.00
MN2 OEC BD . 18.34 -36.79 15.14
MN3 OEC BD . 15.93 -36.14 15.78
MN4 OEC BD . 14.49 -33.93 15.15
CA1 OEC BD . 14.38 -38.27 14.26
FE FE2 CD . -20.92 -41.60 -10.43
MG CLA DD . 5.16 -38.10 -0.08
CHA CLA DD . 3.21 -38.81 2.64
CHB CLA DD . 2.51 -38.69 -2.12
CHC CLA DD . 7.16 -37.37 -2.80
CHD CLA DD . 7.92 -37.49 2.09
NA CLA DD . 3.24 -38.63 0.17
C1A CLA DD . 2.63 -38.88 1.29
C2A CLA DD . 1.19 -39.27 1.17
C3A CLA DD . 0.98 -39.22 -0.33
C4A CLA DD . 2.34 -38.82 -0.80
CMA CLA DD . 0.63 -40.60 -0.87
CAA CLA DD . 0.33 -38.23 1.87
CBA CLA DD . -1.11 -38.27 1.35
CGA CLA DD . -1.88 -39.34 2.09
O1A CLA DD . -1.42 -40.46 2.21
O2A CLA DD . -3.09 -39.00 2.83
NB CLA DD . 4.87 -38.05 -2.11
C1B CLA DD . 3.74 -38.31 -2.80
C2B CLA DD . 3.81 -38.18 -4.29
C3B CLA DD . 5.21 -37.80 -4.45
C4B CLA DD . 5.76 -37.74 -3.08
CMB CLA DD . 2.74 -38.41 -5.33
CAB CLA DD . 5.93 -37.52 -5.73
CBB CLA DD . 5.25 -37.42 -6.86
NC CLA DD . 7.13 -37.55 -0.32
C1C CLA DD . 7.79 -37.29 -1.48
C2C CLA DD . 9.23 -36.91 -1.35
C3C CLA DD . 9.44 -36.95 0.10
C4C CLA DD . 8.11 -37.35 0.62
CMC CLA DD . 10.20 -36.57 -2.44
CAC CLA DD . 10.70 -36.66 0.87
CBC CLA DD . 10.36 -35.92 2.14
ND CLA DD . 5.59 -38.12 1.92
C1D CLA DD . 6.65 -37.88 2.70
C2D CLA DD . 6.34 -38.07 4.18
C3D CLA DD . 4.93 -38.44 4.08
C4D CLA DD . 4.60 -38.45 2.80
CMD CLA DD . 7.04 -37.97 5.51
CAD CLA DD . 3.74 -38.82 4.90
OBD CLA DD . 3.72 -38.91 6.18
CBD CLA DD . 2.59 -39.07 3.98
CGD CLA DD . 2.17 -40.51 4.06
O1D CLA DD . 2.27 -41.25 3.10
O2D CLA DD . 1.51 -41.01 5.27
CED CLA DD . 0.09 -41.12 5.30
C1 CLA DD . -3.29 -39.50 4.14
C2 CLA DD . -3.59 -38.35 5.07
C3 CLA DD . -4.85 -38.03 5.37
C4 CLA DD . -5.99 -38.82 4.78
C5 CLA DD . -5.14 -36.88 6.31
C6 CLA DD . -6.08 -37.35 7.41
C7 CLA DD . -7.37 -36.53 7.42
C8 CLA DD . -7.28 -35.37 8.40
C9 CLA DD . -8.36 -35.47 9.46
C10 CLA DD . -7.36 -34.06 7.65
C11 CLA DD . -7.78 -32.92 8.57
C12 CLA DD . -8.60 -31.88 7.83
C13 CLA DD . -8.57 -30.53 8.55
C14 CLA DD . -8.72 -30.72 10.06
C15 CLA DD . -9.67 -29.63 8.00
C16 CLA DD . -10.67 -29.27 9.09
C17 CLA DD . -11.92 -28.63 8.48
C18 CLA DD . -11.68 -28.24 7.03
C19 CLA DD . -12.54 -29.08 6.09
C20 CLA DD . -11.94 -26.75 6.81
MG CLA ED . 6.33 -41.86 -11.88
CHA CLA ED . 6.02 -43.62 -8.97
CHB CLA ED . 5.65 -44.67 -13.65
CHC CLA ED . 6.67 -40.04 -14.79
CHD CLA ED . 7.06 -38.92 -9.99
NA CLA ED . 5.91 -43.77 -11.43
C1A CLA ED . 5.82 -44.30 -10.26
C2A CLA ED . 5.49 -45.76 -10.23
C3A CLA ED . 5.37 -46.08 -11.70
C4A CLA ED . 5.66 -44.75 -12.32
CMA CLA ED . 6.44 -47.08 -12.14
CAA CLA ED . 4.15 -45.97 -9.53
CBA CLA ED . 3.02 -46.14 -10.53
CGA CLA ED . 1.74 -45.59 -9.95
O1A CLA ED . 1.60 -45.51 -8.75
O2A CLA ED . 0.61 -45.30 -10.81
NB CLA ED . 6.18 -42.29 -13.88
C1B CLA ED . 5.89 -43.49 -14.45
C2B CLA ED . 5.84 -43.51 -15.95
C3B CLA ED . 6.15 -42.12 -16.25
C4B CLA ED . 6.34 -41.46 -14.93
CMB CLA ED . 5.55 -44.66 -16.87
CAB CLA ED . 6.26 -41.49 -17.59
CBB CLA ED . 6.13 -40.18 -17.72
NC CLA ED . 6.78 -39.89 -12.31
C1C CLA ED . 6.87 -39.31 -13.54
C2C CLA ED . 7.21 -37.86 -13.55
C3C CLA ED . 7.32 -37.55 -12.12
C4C CLA ED . 7.04 -38.84 -11.47
CMC CLA ED . 7.39 -36.95 -14.75
CAC CLA ED . 7.64 -36.21 -11.49
CBC CLA ED . 8.29 -36.45 -10.13
ND CLA ED . 6.53 -41.29 -9.93
C1D CLA ED . 6.80 -40.16 -9.24
C2D CLA ED . 6.80 -40.37 -7.75
C3D CLA ED . 6.47 -41.80 -7.70
C4D CLA ED . 6.34 -42.22 -8.95
CMD CLA ED . 7.02 -39.57 -6.49
CAD CLA ED . 6.24 -42.93 -6.76
OBD CLA ED . 6.29 -42.86 -5.48
CBD CLA ED . 5.93 -44.16 -7.57
CGD CLA ED . 7.02 -45.17 -7.36
O1D CLA ED . 7.63 -45.21 -6.30
O2D CLA ED . 7.22 -46.24 -8.33
CED CLA ED . 6.57 -47.50 -8.16
C1 CLA ED . -0.69 -45.75 -10.46
C2 CLA ED . -1.37 -46.36 -11.66
C3 CLA ED . -2.01 -45.59 -12.55
C4 CLA ED . -2.07 -44.10 -12.34
C5 CLA ED . -2.68 -46.21 -13.75
C6 CLA ED . -1.63 -46.91 -14.61
C7 CLA ED . -0.56 -47.55 -13.74
C8 CLA ED . 0.70 -47.84 -14.56
C9 CLA ED . 0.56 -47.33 -15.98
C10 CLA ED . 0.97 -49.34 -14.55
C11 CLA ED . 2.39 -49.64 -14.06
C12 CLA ED . 2.65 -51.14 -14.02
C13 CLA ED . 4.14 -51.43 -13.99
C14 CLA ED . 4.80 -51.01 -15.30
C15 CLA ED . 4.36 -52.92 -13.72
C16 CLA ED . 3.08 -53.58 -13.24
C17 CLA ED . 2.96 -55.00 -13.77
C18 CLA ED . 1.52 -55.48 -13.76
C19 CLA ED . 0.56 -54.29 -13.72
C20 CLA ED . 1.22 -56.38 -14.95
MG CLA FD . -9.94 -31.64 27.22
CHA CLA FD . -6.60 -31.75 27.84
CHB CLA FD . -9.84 -34.83 26.22
CHC CLA FD . -13.31 -31.49 26.62
CHD CLA FD . -10.00 -28.28 28.29
NA CLA FD . -8.52 -33.04 27.06
C1A CLA FD . -7.28 -32.94 27.33
C2A CLA FD . -6.46 -34.16 27.11
C3A CLA FD . -7.49 -35.11 26.59
C4A CLA FD . -8.71 -34.28 26.62
CMA CLA FD . -7.22 -35.41 25.13
CAA CLA FD . -6.13 -34.65 28.49
CBA CLA FD . -7.41 -35.07 29.18
CGA CLA FD . -7.04 -35.70 30.50
O1A CLA FD . -6.13 -35.23 31.15
O2A CLA FD . -7.91 -36.65 31.15
NB CLA FD . -11.35 -32.95 26.54
C1B CLA FD . -11.15 -34.22 26.17
C2B CLA FD . -12.35 -34.94 25.69
C3B CLA FD . -13.37 -33.92 25.84
C4B CLA FD . -12.65 -32.75 26.35
CMB CLA FD . -12.46 -36.36 25.23
CAB CLA FD . -14.80 -34.04 25.53
CBB CLA FD . -15.52 -34.98 26.12
NC CLA FD . -11.36 -30.19 27.42
C1C CLA FD . -12.68 -30.27 27.14
C2C CLA FD . -13.47 -29.06 27.37
C3C CLA FD . -12.47 -28.12 27.86
C4C CLA FD . -11.25 -28.92 27.86
CMC CLA FD . -14.94 -28.85 27.16
CAC CLA FD . -12.64 -26.69 28.29
CBC CLA FD . -11.43 -26.31 29.11
ND CLA FD . -8.66 -30.24 27.93
C1D CLA FD . -8.72 -28.97 28.33
C2D CLA FD . -7.39 -28.43 28.75
C3D CLA FD . -6.58 -29.62 28.54
C4D CLA FD . -7.36 -30.57 28.08
CMD CLA FD . -6.79 -27.16 29.28
CAD CLA FD . -5.20 -30.11 28.64
OBD CLA FD . -4.22 -29.44 29.05
CBD CLA FD . -5.18 -31.54 28.21
CGD CLA FD . -4.27 -31.79 27.07
O1D CLA FD . -4.68 -32.62 26.29
O2D CLA FD . -2.86 -31.76 27.31
CED CLA FD . -2.39 -31.51 28.62
C1 CLA FD . -7.74 -36.92 32.53
C2 CLA FD . -9.02 -37.39 33.17
C3 CLA FD . -9.72 -38.41 32.64
C4 CLA FD . -9.21 -39.07 31.41
C5 CLA FD . -10.99 -38.88 33.29
C6 CLA FD . -10.82 -38.97 34.81
C7 CLA FD . -12.13 -38.66 35.55
C8 CLA FD . -11.82 -38.13 36.95
C9 CLA FD . -10.61 -38.82 37.54
C10 CLA FD . -13.04 -38.26 37.86
C11 CLA FD . -13.38 -36.94 38.56
C12 CLA FD . -12.60 -36.72 39.86
C13 CLA FD . -13.52 -36.15 40.93
C14 CLA FD . -14.62 -37.15 41.23
C15 CLA FD . -12.75 -35.86 42.21
C16 CLA FD . -12.31 -34.41 42.32
C17 CLA FD . -13.23 -33.60 43.23
C18 CLA FD . -12.75 -32.15 43.34
C19 CLA FD . -13.35 -31.27 42.25
C20 CLA FD . -13.05 -31.58 44.72
CHA PHO GD . -4.87 -41.82 -19.38
CHB PHO GD . -0.83 -43.45 -17.29
CHC PHO GD . -1.11 -39.49 -14.28
CHD PHO GD . -5.25 -37.89 -16.48
NA PHO GD . -2.89 -42.42 -18.19
C1A PHO GD . -3.79 -42.66 -19.15
C2A PHO GD . -3.51 -43.91 -19.94
C3A PHO GD . -2.23 -44.42 -19.27
C4A PHO GD . -1.97 -43.38 -18.20
CMA PHO GD . -2.46 -45.78 -18.61
CAA PHO GD . -3.25 -43.55 -21.39
CBA PHO GD . -2.28 -44.53 -22.04
CGA PHO GD . -1.55 -43.85 -23.16
O1A PHO GD . -1.54 -42.44 -23.27
O2A PHO GD . -0.93 -44.52 -24.01
NB PHO GD . -1.29 -41.37 -15.97
C1B PHO GD . -0.51 -42.46 -16.20
C2B PHO GD . 0.59 -42.58 -15.36
C3B PHO GD . 0.47 -41.48 -14.55
C4B PHO GD . -0.65 -40.77 -14.94
CMB PHO GD . 1.30 -43.85 -15.01
CAB PHO GD . 1.41 -41.09 -13.44
CBB PHO GD . 0.91 -41.28 -12.04
NC PHO GD . -3.18 -38.91 -15.56
C1C PHO GD . -2.29 -38.67 -14.60
C2C PHO GD . -2.60 -37.41 -13.84
C3C PHO GD . -3.87 -36.91 -14.50
C4C PHO GD . -4.11 -37.95 -15.55
CMC PHO GD . -2.85 -37.76 -12.37
CAC PHO GD . -5.03 -36.91 -13.52
CBC PHO GD . -5.01 -35.65 -12.66
ND PHO GD . -4.64 -39.98 -17.67
C1D PHO GD . -5.51 -38.91 -17.54
C2D PHO GD . -6.59 -38.90 -18.44
C3D PHO GD . -6.30 -40.13 -19.20
C4D PHO GD . -5.17 -40.67 -18.69
CMD PHO GD . -8.04 -38.92 -18.08
CAD PHO GD . -6.84 -40.85 -20.25
OBD PHO GD . -8.23 -40.99 -20.37
CBD PHO GD . -5.91 -42.04 -20.45
CGD PHO GD . -6.65 -43.33 -20.23
O1D PHO GD . -7.94 -43.53 -20.78
O2D PHO GD . -6.13 -44.24 -19.55
CED PHO GD . -6.81 -45.47 -19.39
C1 PHO GD . -0.32 -43.88 -25.12
C2 PHO GD . 1.11 -43.58 -24.80
C3 PHO GD . 2.14 -44.63 -24.87
C4 PHO GD . 1.73 -46.07 -24.98
C5 PHO GD . 3.61 -44.26 -24.86
C6 PHO GD . 3.95 -43.62 -23.51
C7 PHO GD . 4.15 -42.12 -23.66
C8 PHO GD . 5.24 -41.62 -22.72
C9 PHO GD . 5.55 -40.15 -22.98
C10 PHO GD . 6.49 -42.48 -22.89
C11 PHO GD . 7.17 -42.71 -21.55
C12 PHO GD . 7.67 -44.14 -21.42
C13 PHO GD . 8.53 -44.32 -20.18
C14 PHO GD . 8.74 -42.99 -19.46
C15 PHO GD . 7.87 -45.34 -19.25
C16 PHO GD . 7.95 -44.88 -17.80
C17 PHO GD . 8.41 -46.02 -16.89
C18 PHO GD . 9.76 -45.71 -16.26
C19 PHO GD . 9.88 -46.33 -14.89
C20 PHO GD . 10.01 -44.21 -16.22
C1 PQ9 HD . -15.33 -45.04 -15.47
O1 PQ9 HD . -15.10 -44.23 -14.59
C2 PQ9 HD . -14.33 -46.14 -15.75
C3 PQ9 HD . -14.60 -47.19 -16.86
C4 PQ9 HD . -15.92 -46.99 -17.59
O4 PQ9 HD . -16.21 -47.78 -18.47
C5 PQ9 HD . -16.89 -45.87 -17.26
C6 PQ9 HD . -18.23 -45.78 -18.11
C9 PQ9 HD . -17.49 -43.93 -15.98
C10 PQ9 HD . -16.61 -44.95 -16.27
C11 PQ9 HD . -13.04 -46.26 -14.93
C12 PQ9 HD . -11.88 -45.38 -15.46
C13 PQ9 HD . -10.58 -46.20 -15.75
C14 PQ9 HD . -9.42 -45.34 -16.27
C15 PQ9 HD . -10.46 -47.70 -15.54
C16 PQ9 HD . -9.10 -48.35 -15.91
C17 PQ9 HD . -9.36 -49.81 -15.63
C18 PQ9 HD . -8.30 -50.93 -15.94
C19 PQ9 HD . -8.77 -52.35 -15.58
C20 PQ9 HD . -6.87 -50.86 -16.52
C21 PQ9 HD . -6.47 -50.11 -17.82
C22 PQ9 HD . -5.16 -50.48 -17.86
C23 PQ9 HD . -4.09 -50.15 -18.78
C24 PQ9 HD . -2.88 -50.73 -18.63
C25 PQ9 HD . -4.27 -49.21 -19.98
C26 PQ9 HD . -2.93 -49.24 -20.84
C27 PQ9 HD . -3.08 -48.39 -22.00
C28 PQ9 HD . -2.74 -48.77 -23.59
C29 PQ9 HD . -2.41 -50.07 -23.06
C30 PQ9 HD . -2.28 -49.48 -24.84
C31 PQ9 HD . -1.07 -48.83 -25.51
C32 PQ9 HD . -0.76 -49.64 -26.79
C33 PQ9 HD . 0.35 -50.36 -26.88
C34 PQ9 HD . 0.62 -51.04 -28.09
C35 PQ9 HD . 1.42 -50.50 -25.76
C36 PQ9 HD . 1.02 -51.38 -24.77
C37 PQ9 HD . 2.11 -51.42 -23.84
C38 PQ9 HD . 2.13 -51.80 -22.34
C39 PQ9 HD . 3.50 -51.74 -21.64
C40 PQ9 HD . 0.89 -52.24 -21.51
C41 PQ9 HD . 1.42 -52.67 -20.18
C42 PQ9 HD . 0.40 -53.15 -19.17
C43 PQ9 HD . 0.34 -52.62 -17.96
C44 PQ9 HD . 1.26 -51.52 -17.48
C45 PQ9 HD . -0.70 -53.14 -17.01
C1 BCR ID . -22.43 -29.68 25.36
C2 BCR ID . -22.98 -31.09 25.56
C3 BCR ID . -22.38 -32.07 24.57
C4 BCR ID . -22.56 -31.60 23.15
C5 BCR ID . -21.95 -30.22 23.05
C6 BCR ID . -21.51 -29.65 24.17
C7 BCR ID . -20.16 -29.05 24.25
C8 BCR ID . -19.85 -27.97 23.66
C9 BCR ID . -18.99 -27.06 23.83
C10 BCR ID . -17.74 -27.21 23.36
C11 BCR ID . -16.84 -26.33 23.51
C33 BCR ID . -21.86 -29.52 21.73
C31 BCR ID . -21.65 -29.25 26.60
C32 BCR ID . -23.58 -28.71 25.13
C34 BCR ID . -19.37 -25.81 24.55
C12 BCR ID . -15.72 -25.94 23.56
C13 BCR ID . -14.58 -25.72 24.04
C14 BCR ID . -13.56 -25.30 23.27
C15 BCR ID . -12.41 -25.07 23.75
C16 BCR ID . -11.26 -24.79 23.74
C17 BCR ID . -10.12 -24.45 23.81
C18 BCR ID . -9.02 -24.44 24.45
C19 BCR ID . -8.04 -23.76 24.06
C20 BCR ID . -6.98 -23.31 24.37
C21 BCR ID . -6.04 -22.69 24.74
C22 BCR ID . -5.25 -21.72 24.54
C23 BCR ID . -4.00 -21.76 25.04
C24 BCR ID . -2.98 -20.89 24.98
C25 BCR ID . -2.79 -19.66 24.42
C26 BCR ID . -1.61 -19.07 24.55
C27 BCR ID . -1.55 -17.72 25.19
C28 BCR ID . -2.54 -16.84 24.46
C29 BCR ID . -3.08 -17.57 23.24
C30 BCR ID . -3.79 -18.87 23.62
C35 BCR ID . -14.35 -25.95 25.50
C36 BCR ID . -8.90 -25.26 25.69
C37 BCR ID . -5.76 -20.56 23.75
C38 BCR ID . -0.36 -19.71 24.05
C39 BCR ID . -4.18 -19.61 22.37
C40 BCR ID . -4.98 -18.52 24.50
O1 LHG JD . -21.41 -57.75 1.89
C1 LHG JD . -21.95 -56.61 1.21
C2 LHG JD . -21.15 -56.37 -0.07
O2 LHG JD . -21.17 -57.54 -0.88
C3 LHG JD . -19.71 -56.03 0.29
O3 LHG JD . -18.98 -55.72 -0.89
P LHG JD . -17.41 -55.34 -0.81
O4 LHG JD . -16.61 -56.60 -1.07
O5 LHG JD . -17.18 -54.54 0.45
O6 LHG JD . -17.23 -54.36 -2.08
C4 LHG JD . -15.96 -53.77 -2.35
C5 LHG JD . -14.93 -54.87 -2.60
C6 LHG JD . -14.59 -55.54 -1.28
O7 LHG JD . -15.46 -55.82 -3.49
C7 LHG JD . -14.46 -56.31 -4.43
O9 LHG JD . -13.91 -55.52 -5.19
C8 LHG JD . -14.10 -57.78 -4.46
C9 LHG JD . -14.36 -58.33 -5.86
C10 LHG JD . -13.34 -57.81 -6.86
O8 LHG JD . -13.17 -55.70 -1.18
C23 LHG JD . -12.58 -57.02 -1.30
O10 LHG JD . -12.20 -57.40 -2.40
C24 LHG JD . -12.43 -57.90 -0.09
C11 LHG JD . -13.94 -57.68 -8.26
C12 LHG JD . -13.34 -56.49 -9.00
C13 LHG JD . -14.26 -55.28 -8.93
C14 LHG JD . -14.26 -54.51 -10.24
C15 LHG JD . -12.84 -54.29 -10.75
C16 LHG JD . -12.25 -55.57 -11.31
C17 LHG JD . -12.88 -55.91 -12.65
C18 LHG JD . -11.97 -56.82 -13.48
C19 LHG JD . -12.46 -56.93 -14.91
C20 LHG JD . -13.15 -55.64 -15.36
C21 LHG JD . -14.16 -55.93 -16.46
C22 LHG JD . -14.83 -54.65 -16.91
C25 LHG JD . -11.47 -59.05 -0.40
C26 LHG JD . -10.09 -58.77 0.20
C27 LHG JD . -9.26 -60.05 0.27
C28 LHG JD . -8.28 -60.01 1.43
C29 LHG JD . -6.95 -60.65 1.04
C30 LHG JD . -5.83 -60.17 1.96
C31 LHG JD . -4.52 -60.06 1.20
C32 LHG JD . -3.78 -58.78 1.58
C33 LHG JD . -4.69 -57.83 2.36
C34 LHG JD . -4.74 -56.46 1.72
C35 LHG JD . -4.99 -55.37 2.76
C36 LHG JD . -5.33 -54.04 2.10
C37 LHG JD . -6.03 -54.26 0.76
C38 LHG JD . -7.23 -55.17 0.92
BR BR KD . 23.58 -37.30 19.40
MG CLA LD . 17.71 -20.15 -51.79
CHA CLA LD . 14.43 -19.62 -51.09
CHB CLA LD . 17.74 -22.75 -49.61
CHC CLA LD . 21.03 -20.64 -52.53
CHD CLA LD . 17.66 -17.41 -54.06
NA CLA LD . 16.37 -21.03 -50.58
C1A CLA LD . 15.14 -20.72 -50.41
C2A CLA LD . 14.38 -21.54 -49.44
C3A CLA LD . 15.43 -22.53 -48.99
C4A CLA LD . 16.61 -22.08 -49.78
CMA CLA LD . 15.73 -22.41 -47.50
CAA CLA LD . 13.21 -22.24 -50.12
CBA CLA LD . 13.22 -22.07 -51.65
CGA CLA LD . 12.05 -22.81 -52.27
O1A CLA LD . 11.32 -22.24 -53.06
O2A CLA LD . 11.58 -24.05 -51.69
NB CLA LD . 19.14 -21.48 -51.17
C1B CLA LD . 19.02 -22.48 -50.28
C2B CLA LD . 20.24 -23.29 -50.02
C3B CLA LD . 21.19 -22.63 -50.91
C4B CLA LD . 20.42 -21.55 -51.55
CMB CLA LD . 20.43 -24.47 -49.09
CAB CLA LD . 22.62 -22.93 -51.15
CBB CLA LD . 23.32 -22.15 -51.96
NC CLA LD . 19.07 -19.23 -53.04
C1C CLA LD . 20.37 -19.54 -53.23
C2C CLA LD . 21.13 -18.71 -54.19
C3C CLA LD . 20.12 -17.75 -54.65
C4C CLA LD . 18.91 -18.16 -53.87
CMC CLA LD . 22.57 -18.82 -54.60
CAC CLA LD . 20.26 -16.62 -55.64
CBC CLA LD . 21.56 -15.88 -55.41
ND CLA LD . 16.40 -18.76 -52.50
C1D CLA LD . 16.41 -17.73 -53.37
C2D CLA LD . 15.07 -17.05 -53.48
C3D CLA LD . 14.31 -17.86 -52.53
C4D CLA LD . 15.13 -18.79 -52.03
CMD CLA LD . 14.45 -15.90 -54.23
CAD CLA LD . 12.96 -18.02 -51.94
OBD CLA LD . 11.93 -17.28 -52.18
CBD CLA LD . 13.03 -19.14 -50.95
CGD CLA LD . 12.00 -20.21 -51.07
O1D CLA LD . 11.22 -20.20 -52.01
O2D CLA LD . 11.52 -20.72 -49.79
CED CLA LD . 11.96 -20.10 -48.59
C1 CLA LD . 10.19 -24.24 -51.48
C2 CLA LD . 9.52 -24.58 -52.79
C3 CLA LD . 8.35 -24.02 -53.13
C4 CLA LD . 7.68 -23.05 -52.21
C5 CLA LD . 7.71 -24.39 -54.45
C6 CLA LD . 8.81 -24.61 -55.48
C7 CLA LD . 9.19 -23.33 -56.21
C8 CLA LD . 9.95 -23.63 -57.50
C9 CLA LD . 9.64 -22.61 -58.58
C10 CLA LD . 11.45 -23.69 -57.22
C11 CLA LD . 12.10 -24.87 -57.94
C12 CLA LD . 12.66 -25.90 -56.98
C13 CLA LD . 11.56 -26.69 -56.28
C14 CLA LD . 10.98 -27.78 -57.17
C15 CLA LD . 12.12 -27.30 -54.99
C16 CLA LD . 13.64 -27.21 -54.94
C17 CLA LD . 14.22 -28.15 -53.91
C18 CLA LD . 15.19 -29.15 -54.54
C19 CLA LD . 16.47 -28.46 -55.00
C20 CLA LD . 15.50 -30.30 -53.60
MG CLA MD . 10.45 -18.13 -42.66
CHA CLA MD . 10.24 -18.32 -39.30
CHB CLA MD . 13.63 -17.15 -42.37
CHC CLA MD . 10.62 -17.95 -46.07
CHD CLA MD . 7.10 -19.16 -42.90
NA CLA MD . 11.70 -17.81 -41.16
C1A CLA MD . 11.48 -17.92 -39.92
C2A CLA MD . 12.59 -17.60 -39.00
C3A CLA MD . 13.68 -17.25 -39.97
C4A CLA MD . 12.96 -17.41 -41.27
CMA CLA MD . 14.04 -15.78 -39.82
CAA CLA MD . 12.83 -18.80 -38.12
CBA CLA MD . 14.31 -19.08 -37.92
CGA CLA MD . 14.33 -19.89 -36.66
O1A CLA MD . 14.10 -19.29 -35.66
O2A CLA MD . 13.71 -21.19 -36.71
NB CLA MD . 11.90 -17.64 -44.00
C1B CLA MD . 13.15 -17.26 -43.74
C2B CLA MD . 14.00 -16.94 -44.90
C3B CLA MD . 13.08 -17.20 -45.98
C4B CLA MD . 11.82 -17.60 -45.33
CMB CLA MD . 15.44 -16.50 -44.95
CAB CLA MD . 13.35 -17.05 -47.43
CBB CLA MD . 14.59 -16.88 -47.85
NC CLA MD . 9.14 -18.47 -44.19
C1C CLA MD . 9.35 -18.36 -45.50
C2C CLA MD . 8.23 -18.67 -46.40
C3C CLA MD . 7.19 -19.03 -45.45
C4C CLA MD . 7.85 -18.87 -44.14
CMC CLA MD . 8.18 -18.63 -47.89
CAC CLA MD . 5.77 -19.45 -45.74
CBC CLA MD . 4.88 -18.25 -45.55
ND CLA MD . 8.92 -18.66 -41.43
C1D CLA MD . 7.65 -19.04 -41.55
C2D CLA MD . 6.99 -19.30 -40.21
C3D CLA MD . 8.11 -19.00 -39.34
C4D CLA MD . 9.13 -18.64 -40.10
CMD CLA MD . 5.69 -19.72 -39.62
CAD CLA MD . 8.49 -18.90 -37.92
OBD CLA MD . 7.75 -19.20 -36.92
CBD CLA MD . 9.92 -18.53 -37.87
CGD CLA MD . 10.32 -17.49 -36.91
O1D CLA MD . 11.48 -17.18 -36.99
O2D CLA MD . 9.80 -17.67 -35.59
CED CLA MD . 9.32 -18.95 -35.26
C1 CLA MD . 13.30 -21.73 -35.46
C2 CLA MD . 11.93 -22.33 -35.56
C3 CLA MD . 11.82 -23.63 -35.82
C4 CLA MD . 13.05 -24.46 -36.05
C5 CLA MD . 10.45 -24.25 -35.90
C6 CLA MD . 10.15 -24.95 -34.58
C7 CLA MD . 9.20 -26.13 -34.80
C8 CLA MD . 7.94 -25.92 -33.98
C9 CLA MD . 8.29 -25.99 -32.51
C10 CLA MD . 6.91 -26.98 -34.32
C11 CLA MD . 6.25 -27.49 -33.06
C12 CLA MD . 6.10 -26.41 -32.01
C13 CLA MD . 5.76 -27.01 -30.66
C14 CLA MD . 4.31 -26.77 -30.31
C15 CLA MD . 6.65 -26.40 -29.61
C16 CLA MD . 6.73 -27.31 -28.40
C17 CLA MD . 7.69 -26.78 -27.33
C18 CLA MD . 7.48 -27.58 -26.07
C19 CLA MD . 6.75 -28.87 -26.38
C20 CLA MD . 6.69 -26.79 -25.04
MG CLA ND . 6.76 -10.99 -38.67
CHA CLA ND . 8.97 -9.78 -36.34
CHB CLA ND . 8.29 -14.01 -38.53
CHC CLA ND . 4.52 -12.15 -41.01
CHD CLA ND . 5.19 -7.79 -38.78
NA CLA ND . 8.31 -11.77 -37.66
C1A CLA ND . 9.07 -11.18 -36.80
C2A CLA ND . 10.16 -12.03 -36.20
C3A CLA ND . 9.93 -13.35 -36.89
C4A CLA ND . 8.76 -13.03 -37.76
CMA CLA ND . 11.12 -13.73 -37.76
CAA CLA ND . 9.93 -12.16 -34.70
CBA CLA ND . 8.58 -12.77 -34.39
CGA CLA ND . 8.70 -14.28 -34.42
O1A CLA ND . 9.24 -14.87 -33.49
O2A CLA ND . 8.00 -15.05 -35.43
NB CLA ND . 6.46 -12.79 -39.61
C1B CLA ND . 7.15 -13.94 -39.45
C2B CLA ND . 6.72 -15.10 -40.27
C3B CLA ND . 5.59 -14.50 -41.00
C4B CLA ND . 5.52 -13.11 -40.52
CMB CLA ND . 7.27 -16.50 -40.33
CAB CLA ND . 4.71 -15.17 -41.99
CBB CLA ND . 3.84 -14.45 -42.68
NC CLA ND . 5.18 -10.15 -39.69
C1C CLA ND . 4.36 -10.75 -40.61
C2C CLA ND . 3.30 -9.90 -41.19
C3C CLA ND . 3.50 -8.61 -40.53
C4C CLA ND . 4.67 -8.87 -39.64
CMC CLA ND . 2.25 -10.28 -42.21
CAC CLA ND . 2.73 -7.34 -40.69
CBC CLA ND . 2.39 -7.14 -42.15
ND CLA ND . 6.95 -9.14 -37.81
C1D CLA ND . 6.33 -7.94 -37.88
C2D CLA ND . 6.95 -6.91 -36.97
C3D CLA ND . 8.02 -7.72 -36.37
C4D CLA ND . 7.94 -8.94 -36.90
CMD CLA ND . 6.76 -5.47 -36.58
CAD CLA ND . 9.14 -7.66 -35.40
OBD CLA ND . 9.49 -6.64 -34.71
CBD CLA ND . 9.81 -9.02 -35.36
CGD CLA ND . 11.21 -8.91 -35.87
O1D CLA ND . 11.60 -9.62 -36.78
O2D CLA ND . 12.17 -8.09 -35.15
CED CLA ND . 11.79 -6.81 -34.65
C1 CLA ND . 6.70 -15.58 -35.16
C2 CLA ND . 6.27 -16.45 -36.32
C3 CLA ND . 5.03 -16.37 -36.81
C4 CLA ND . 4.05 -15.40 -36.21
C5 CLA ND . 4.61 -17.25 -37.96
C6 CLA ND . 3.50 -18.20 -37.50
C7 CLA ND . 2.53 -18.50 -38.63
C8 CLA ND . 3.17 -19.42 -39.66
C9 CLA ND . 2.40 -19.38 -40.98
C10 CLA ND . 3.24 -20.83 -39.12
C11 CLA ND . 3.09 -21.87 -40.23
C12 CLA ND . 1.64 -22.02 -40.65
C13 CLA ND . 0.90 -22.98 -39.72
C14 CLA ND . 0.47 -22.27 -38.44
C15 CLA ND . 1.80 -24.16 -39.40
C16 CLA ND . 0.97 -25.42 -39.16
C17 CLA ND . 1.27 -26.01 -37.79
C18 CLA ND . 2.68 -26.59 -37.73
C19 CLA ND . 2.78 -27.67 -36.67
C20 CLA ND . 3.10 -27.12 -39.09
MG CLA OD . 2.65 -10.74 -26.48
CHA CLA OD . 4.67 -10.05 -29.17
CHB CLA OD . 3.35 -7.69 -25.19
CHC CLA OD . 0.60 -11.48 -23.81
CHD CLA OD . 1.95 -13.94 -27.88
NA CLA OD . 3.77 -9.17 -27.04
C1A CLA OD . 4.50 -9.05 -28.10
C2A CLA OD . 5.23 -7.75 -28.24
C3A CLA OD . 4.81 -7.02 -27.00
C4A CLA OD . 3.91 -8.02 -26.35
CMA CLA OD . 6.01 -6.75 -26.09
CAA CLA OD . 4.74 -7.02 -29.49
CBA CLA OD . 4.33 -5.59 -29.17
CGA CLA OD . 3.56 -5.02 -30.34
O1A CLA OD . 3.21 -3.85 -30.33
O2A CLA OD . 3.08 -5.89 -31.39
NB CLA OD . 2.08 -9.74 -24.79
C1B CLA OD . 2.44 -8.50 -24.39
C2B CLA OD . 1.87 -8.02 -23.10
C3B CLA OD . 1.05 -9.18 -22.72
C4B CLA OD . 1.26 -10.16 -23.80
CMB CLA OD . 2.08 -6.71 -22.39
CAB CLA OD . 0.21 -9.33 -21.50
CBB CLA OD . -0.67 -10.30 -21.43
NC CLA OD . 1.51 -12.38 -25.95
C1C CLA OD . 0.74 -12.52 -24.85
C2C CLA OD . 0.01 -13.81 -24.71
C3C CLA OD . 0.42 -14.53 -25.92
C4C CLA OD . 1.32 -13.57 -26.60
CMC CLA OD . -0.90 -14.26 -23.60
CAC CLA OD . 0.01 -15.92 -26.37
CBC CLA OD . 0.72 -16.25 -27.66
ND CLA OD . 3.13 -11.85 -28.13
C1D CLA OD . 2.85 -13.07 -28.64
C2D CLA OD . 3.54 -13.34 -29.95
C3D CLA OD . 4.27 -12.07 -30.12
C4D CLA OD . 3.98 -11.31 -29.06
CMD CLA OD . 3.64 -14.44 -30.98
CAD CLA OD . 5.19 -11.35 -31.02
OBD CLA OD . 5.66 -11.80 -32.12
CBD CLA OD . 5.48 -10.00 -30.43
CGD CLA OD . 6.94 -9.91 -30.07
O1D CLA OD . 7.63 -10.92 -30.06
O2D CLA OD . 7.58 -8.62 -29.94
CED CLA OD . 6.91 -7.44 -30.40
C1 CLA OD . 3.40 -5.62 -32.76
C2 CLA OD . 2.32 -4.76 -33.36
C3 CLA OD . 1.30 -5.31 -34.01
C4 CLA OD . 1.21 -6.82 -34.14
C5 CLA OD . 0.22 -4.46 -34.62
C6 CLA OD . -0.54 -5.25 -35.68
C7 CLA OD . -0.85 -4.38 -36.89
C8 CLA OD . -2.11 -4.87 -37.60
C9 CLA OD . -1.77 -5.55 -38.92
C10 CLA OD . -3.06 -3.69 -37.81
C11 CLA OD . -3.89 -3.88 -39.08
C12 CLA OD . -2.99 -4.12 -40.28
C13 CLA OD . -3.79 -4.11 -41.58
C14 CLA OD . -3.29 -5.16 -42.55
C15 CLA OD . -3.72 -2.72 -42.20
C16 CLA OD . -2.90 -2.73 -43.49
C17 CLA OD . -3.25 -1.55 -44.38
C18 CLA OD . -2.55 -1.65 -45.73
C19 CLA OD . -3.57 -1.71 -46.86
C20 CLA OD . -1.62 -2.85 -45.77
MG CLA PD . 1.36 -1.37 -32.32
CHA CLA PD . 3.57 -1.46 -29.72
CHB CLA PD . 3.83 -0.34 -34.39
CHC CLA PD . -0.93 -1.31 -34.91
CHD CLA PD . -1.23 -2.46 -30.11
NA CLA PD . 3.31 -0.97 -32.13
C1A CLA PD . 4.03 -1.05 -31.06
C2A CLA PD . 5.47 -0.68 -31.22
C3A CLA PD . 5.55 -0.34 -32.69
C4A CLA PD . 4.13 -0.56 -33.12
CMA CLA PD . 5.91 1.13 -32.88
CAA CLA PD . 6.35 -1.90 -30.91
CBA CLA PD . 5.62 -3.19 -31.25
CGA CLA PD . 6.32 -3.88 -32.40
O1A CLA PD . 7.53 -3.78 -32.54
O2A CLA PD . 5.59 -4.78 -33.26
NB CLA PD . 1.45 -0.90 -34.31
C1B CLA PD . 2.52 -0.49 -35.03
C2B CLA PD . 2.31 -0.21 -36.47
C3B CLA PD . 0.88 -0.52 -36.59
C4B CLA PD . 0.45 -0.92 -35.23
CMB CLA PD . 3.28 0.24 -37.52
CAB CLA PD . 0.03 -0.43 -37.81
CBB CLA PD . -1.06 0.31 -37.81
NC CLA PD . -0.66 -1.80 -32.49
C1C CLA PD . -1.44 -1.71 -33.60
C2C CLA PD . -2.86 -2.08 -33.43
C3C CLA PD . -2.95 -2.43 -32.00
C4C CLA PD . -1.56 -2.21 -31.54
CMC CLA PD . -3.96 -2.09 -34.46
CAC CLA PD . -4.15 -2.87 -31.21
CBC CLA PD . -4.79 -1.68 -30.54
ND CLA PD . 1.11 -1.88 -30.35
C1D CLA PD . 0.11 -2.28 -29.54
C2D CLA PD . 0.56 -2.50 -28.12
C3D CLA PD . 1.99 -2.15 -28.25
C4D CLA PD . 2.19 -1.81 -29.52
CMD CLA PD . -0.01 -2.94 -26.80
CAD CLA PD . 3.25 -2.03 -27.50
OBD CLA PD . 3.40 -2.28 -26.25
CBD CLA PD . 4.33 -1.58 -28.43
CGD CLA PD . 4.81 -0.22 -28.01
O1D CLA PD . 4.14 0.77 -28.20
O2D CLA PD . 6.18 -0.06 -27.53
CED CLA PD . 6.86 1.17 -27.73
C1 CLA PD . 5.78 -6.19 -33.13
C2 CLA PD . 4.88 -6.91 -34.12
C3 CLA PD . 5.32 -7.99 -34.77
C4 CLA PD . 6.71 -8.50 -34.53
C5 CLA PD . 4.41 -8.71 -35.75
C6 CLA PD . 4.01 -10.06 -35.18
C7 CLA PD . 2.68 -10.53 -35.77
C8 CLA PD . 2.78 -11.97 -36.26
C9 CLA PD . 4.18 -12.53 -36.02
C10 CLA PD . 2.40 -12.02 -37.73
C11 CLA PD . 1.29 -13.04 -37.98
C12 CLA PD . 0.87 -13.04 -39.44
C13 CLA PD . -0.22 -14.07 -39.68
C14 CLA PD . 0.22 -15.46 -39.25
C15 CLA PD . -0.61 -14.06 -41.17
C16 CLA PD . 0.35 -14.90 -41.98
C17 CLA PD . 1.45 -14.05 -42.60
C18 CLA PD . 1.70 -14.45 -44.05
C19 CLA PD . 2.51 -13.38 -44.78
C20 CLA PD . 2.39 -15.80 -44.13
MG CLA QD . 7.57 0.86 -40.35
CHA CLA QD . 8.67 3.86 -39.21
CHB CLA QD . 6.71 0.03 -37.21
CHC CLA QD . 6.47 -2.16 -41.51
CHD CLA QD . 8.50 1.78 -43.64
NA CLA QD . 7.65 1.74 -38.56
C1A CLA QD . 8.10 2.91 -38.26
C2A CLA QD . 8.02 3.27 -36.82
C3A CLA QD . 7.40 2.04 -36.22
C4A CLA QD . 7.24 1.20 -37.43
CMA CLA QD . 5.97 2.21 -35.75
CAA CLA QD . 7.27 4.56 -36.53
CBA CLA QD . 5.77 4.39 -36.44
CGA CLA QD . 5.30 4.59 -35.02
O1A CLA QD . 5.71 3.85 -34.17
O2A CLA QD . 3.96 5.08 -34.80
NB CLA QD . 6.73 -0.78 -39.50
C1B CLA QD . 6.44 -0.97 -38.21
C2B CLA QD . 5.84 -2.25 -37.83
C3B CLA QD . 5.77 -2.88 -39.12
C4B CLA QD . 6.34 -1.92 -40.08
CMB CLA QD . 5.38 -2.79 -36.51
CAB CLA QD . 5.23 -4.23 -39.31
CBB CLA QD . 4.71 -4.79 -38.23
NC CLA QD . 7.50 -0.02 -42.21
C1C CLA QD . 7.03 -1.24 -42.53
C2C CLA QD . 7.10 -1.63 -43.97
C3C CLA QD . 7.70 -0.43 -44.57
C4C CLA QD . 7.90 0.46 -43.42
CMC CLA QD . 6.67 -2.90 -44.66
CAC CLA QD . 8.05 -0.17 -46.01
CBC CLA QD . 7.75 1.29 -46.27
ND CLA QD . 8.41 2.44 -41.33
C1D CLA QD . 8.74 2.76 -42.58
C2D CLA QD . 9.36 4.12 -42.69
C3D CLA QD . 9.28 4.54 -41.30
C4D CLA QD . 8.76 3.53 -40.61
CMD CLA QD . 9.91 5.02 -43.76
CAD CLA QD . 9.62 5.64 -40.38
OBD CLA QD . 10.14 6.76 -40.68
CBD CLA QD . 9.16 5.24 -39.03
CGD CLA QD . 10.07 5.46 -37.92
O1D CLA QD . 10.74 6.46 -38.02
O2D CLA QD . 9.47 5.20 -36.65
CED CLA QD . 10.21 5.47 -35.46
C1 CLA QD . 2.92 4.14 -34.65
C2 CLA QD . 1.69 4.84 -34.14
C3 CLA QD . 0.50 4.30 -34.35
C4 CLA QD . 0.40 3.02 -35.12
C5 CLA QD . -0.73 4.99 -33.85
C6 CLA QD . -1.96 4.20 -34.30
C7 CLA QD . -3.21 5.08 -34.24
C8 CLA QD . -2.88 6.53 -34.57
C9 CLA QD . -3.96 7.46 -34.09
C10 CLA QD . -2.64 6.69 -36.06
C11 CLA QD . -3.74 7.51 -36.70
C12 CLA QD . -3.94 8.82 -35.95
C13 CLA QD . -4.88 9.74 -36.71
C14 CLA QD . -6.23 9.07 -36.93
C15 CLA QD . -4.25 10.13 -38.05
C16 CLA QD . -3.23 9.06 -38.45
C17 CLA QD . -2.69 9.35 -39.84
C18 CLA QD . -1.93 10.65 -39.84
C19 CLA QD . -2.23 11.38 -38.55
C20 CLA QD . -0.43 10.43 -40.00
MG CLA RD . 5.79 -5.89 -16.32
CHA CLA RD . 7.77 -4.25 -14.09
CHB CLA RD . 8.35 -7.90 -17.08
CHC CLA RD . 3.77 -7.52 -18.56
CHD CLA RD . 3.12 -3.75 -15.47
NA CLA RD . 7.68 -6.07 -15.73
C1A CLA RD . 8.30 -5.37 -14.87
C2A CLA RD . 9.69 -5.77 -14.63
C3A CLA RD . 9.89 -6.88 -15.60
C4A CLA RD . 8.54 -6.97 -16.18
CMA CLA RD . 10.80 -6.42 -16.71
CAA CLA RD . 9.36 -6.53 -13.37
CBA CLA RD . 8.21 -7.44 -13.75
CGA CLA RD . 7.74 -8.21 -12.55
O1A CLA RD . 6.95 -7.69 -11.77
O2A CLA RD . 7.90 -9.63 -12.49
NB CLA RD . 6.03 -7.45 -17.61
C1B CLA RD . 7.12 -8.18 -17.81
C2B CLA RD . 7.04 -9.27 -18.80
C3B CLA RD . 5.67 -9.14 -19.24
C4B CLA RD . 5.14 -8.00 -18.45
CMB CLA RD . 8.10 -10.24 -19.26
CAB CLA RD . 4.99 -9.98 -20.25
CBB CLA RD . 5.03 -11.30 -20.18
NC CLA RD . 3.84 -5.69 -16.90
C1C CLA RD . 3.16 -6.41 -17.81
C2C CLA RD . 1.76 -6.03 -18.03
C3C CLA RD . 1.58 -4.92 -17.11
C4C CLA RD . 2.90 -4.79 -16.48
CMC CLA RD . 0.78 -6.66 -18.97
CAC CLA RD . 0.37 -4.07 -16.83
CBC CLA RD . 0.15 -4.12 -15.35
ND CLA RD . 5.42 -4.33 -15.08
C1D CLA RD . 4.39 -3.53 -14.78
C2D CLA RD . 4.72 -2.50 -13.74
C3D CLA RD . 6.11 -2.85 -13.50
C4D CLA RD . 6.40 -3.87 -14.28
CMD CLA RD . 4.05 -1.37 -13.00
CAD CLA RD . 7.29 -2.47 -12.70
OBD CLA RD . 7.36 -1.53 -11.83
CBD CLA RD . 8.40 -3.40 -13.04
CGD CLA RD . 9.57 -2.57 -13.40
O1D CLA RD . 9.90 -1.78 -12.55
O2D CLA RD . 9.75 -2.13 -14.75
CED CLA RD . 10.39 -0.88 -14.95
C1 CLA RD . 7.55 -10.34 -11.31
C2 CLA RD . 6.64 -11.48 -11.67
C3 CLA RD . 5.52 -11.73 -10.97
C4 CLA RD . 5.17 -10.85 -9.80
C5 CLA RD . 4.62 -12.88 -11.35
C6 CLA RD . 3.17 -12.48 -11.13
C7 CLA RD . 2.30 -13.67 -10.73
C8 CLA RD . 0.80 -13.38 -10.85
C9 CLA RD . 0.09 -13.49 -9.50
C10 CLA RD . 0.16 -14.33 -11.83
C11 CLA RD . -0.53 -15.45 -11.07
C12 CLA RD . -1.13 -16.45 -12.03
C13 CLA RD . -2.58 -16.70 -11.67
C14 CLA RD . -2.83 -16.52 -10.18
C15 CLA RD . -3.00 -18.09 -12.07
C16 CLA RD . -4.11 -18.56 -11.17
C17 CLA RD . -4.95 -19.63 -11.85
C18 CLA RD . -6.15 -19.88 -10.98
C19 CLA RD . -6.75 -21.25 -11.22
C20 CLA RD . -5.74 -19.70 -9.53
MG CLA SD . -4.35 -29.37 -33.08
CHA CLA SD . -7.17 -28.88 -34.96
CHB CLA SD . -6.00 -31.66 -31.22
CHC CLA SD . -1.48 -29.82 -31.22
CHD CLA SD . -2.65 -26.95 -35.08
NA CLA SD . -6.20 -30.14 -33.07
C1A CLA SD . -7.19 -29.86 -33.85
C2A CLA SD . -8.46 -30.59 -33.60
C3A CLA SD . -8.08 -31.46 -32.42
C4A CLA SD . -6.66 -31.06 -32.21
CMA CLA SD . -8.90 -31.10 -31.19
CAA CLA SD . -8.81 -31.44 -34.81
CBA CLA SD . -7.63 -31.52 -35.78
CGA CLA SD . -6.43 -32.07 -35.06
O1A CLA SD . -6.54 -32.57 -33.96
O2A CLA SD . -5.15 -32.13 -35.74
NB CLA SD . -3.83 -30.55 -31.49
C1B CLA SD . -4.61 -31.43 -30.83
C2B CLA SD . -3.97 -32.16 -29.69
C3B CLA SD . -2.63 -31.59 -29.72
C4B CLA SD . -2.65 -30.62 -30.84
CMB CLA SD . -4.55 -33.20 -28.77
CAB CLA SD . -1.49 -31.91 -28.83
CBB CLA SD . -1.49 -31.48 -27.58
NC CLA SD . -2.45 -28.55 -33.13
C1C CLA SD . -1.40 -28.84 -32.32
C2C CLA SD . -0.15 -28.10 -32.58
C3C CLA SD . -0.50 -27.25 -33.72
C4C CLA SD . -1.91 -27.61 -33.97
CMC CLA SD . 1.17 -28.19 -31.86
CAC CLA SD . 0.37 -26.26 -34.46
CBC CLA SD . -0.42 -25.64 -35.60
ND CLA SD . -4.72 -28.14 -34.68
C1D CLA SD . -4.04 -27.22 -35.41
C2D CLA SD . -4.88 -26.61 -36.51
C3D CLA SD . -6.15 -27.33 -36.27
C4D CLA SD . -5.96 -28.15 -35.24
CMD CLA SD . -4.76 -25.60 -37.62
CAD CLA SD . -7.54 -27.47 -36.77
OBD CLA SD . -8.05 -26.82 -37.76
CBD CLA SD . -8.25 -28.49 -35.93
CGD CLA SD . -9.37 -27.83 -35.17
O1D CLA SD . -9.59 -28.11 -34.01
O2D CLA SD . -10.10 -26.72 -35.77
CED CLA SD . -11.39 -26.36 -35.28
C1 CLA SD . -4.03 -32.78 -35.12
C2 CLA SD . -2.80 -32.60 -35.96
C3 CLA SD . -1.74 -33.40 -35.80
C4 CLA SD . -1.78 -34.51 -34.79
C5 CLA SD . -0.51 -33.21 -36.66
C6 CLA SD . -0.17 -34.52 -37.36
C7 CLA SD . 1.07 -35.16 -36.75
C8 CLA SD . 2.32 -34.35 -37.05
C9 CLA SD . 2.12 -33.48 -38.30
C10 CLA SD . 3.51 -35.29 -37.23
C11 CLA SD . 4.73 -34.53 -37.73
C12 CLA SD . 5.96 -34.84 -36.88
C13 CLA SD . 7.10 -35.36 -37.74
C14 CLA SD . 7.55 -36.74 -37.28
C15 CLA SD . 8.26 -34.37 -37.70
C16 CLA SD . 9.21 -34.68 -36.55
C17 CLA SD . 9.26 -33.53 -35.55
C18 CLA SD . 10.68 -33.30 -35.05
C19 CLA SD . 10.76 -32.04 -34.20
C20 CLA SD . 11.21 -34.51 -34.30
MG CLA TD . -3.77 -22.74 -47.78
CHA CLA TD . -6.22 -24.89 -48.80
CHB CLA TD . -5.34 -22.40 -44.79
CHC CLA TD . -1.28 -20.57 -46.79
CHD CLA TD . -2.15 -23.11 -50.93
NA CLA TD . -5.43 -23.48 -46.94
C1A CLA TD . -6.28 -24.30 -47.46
C2A CLA TD . -7.43 -24.68 -46.59
C3A CLA TD . -7.15 -23.89 -45.34
C4A CLA TD . -5.88 -23.20 -45.70
CMA CLA TD . -8.24 -22.86 -45.08
CAA CLA TD . -7.40 -26.18 -46.32
CBA CLA TD . -6.47 -26.50 -45.14
CGA CLA TD . -7.29 -26.56 -43.87
O1A CLA TD . -7.81 -25.56 -43.42
O2A CLA TD . -7.31 -27.78 -43.08
NB CLA TD . -3.38 -21.67 -46.07
C1B CLA TD . -4.10 -21.62 -44.93
C2B CLA TD . -3.59 -20.76 -43.83
C3B CLA TD . -2.38 -20.22 -44.46
C4B CLA TD . -2.35 -20.83 -45.82
CMB CLA TD . -4.15 -20.49 -42.46
CAB CLA TD . -1.39 -19.28 -43.88
CBB CLA TD . -0.14 -19.65 -43.72
NC CLA TD . -2.06 -21.98 -48.67
C1C CLA TD . -1.16 -21.13 -48.14
C2C CLA TD . -0.01 -20.75 -49.01
C3C CLA TD . -0.28 -21.51 -50.24
C4C CLA TD . -1.54 -22.23 -49.91
CMC CLA TD . 1.14 -19.82 -48.71
CAC CLA TD . 0.52 -21.56 -51.51
CBC CLA TD . 0.10 -22.75 -52.34
ND CLA TD . -4.03 -23.74 -49.54
C1D CLA TD . -3.38 -23.86 -50.72
C2D CLA TD . -4.10 -24.80 -51.67
C3D CLA TD . -5.24 -25.18 -50.84
C4D CLA TD . -5.13 -24.55 -49.67
CMD CLA TD . -3.93 -25.34 -53.07
CAD CLA TD . -6.47 -26.01 -50.82
OBD CLA TD . -6.89 -26.76 -51.79
CBD CLA TD . -7.15 -25.85 -49.49
CGD CLA TD . -8.48 -25.19 -49.69
O1D CLA TD . -8.64 -24.36 -50.56
O2D CLA TD . -9.55 -25.42 -48.73
CED CLA TD . -10.64 -24.50 -48.63
C1 CLA TD . -6.14 -28.59 -42.98
C2 CLA TD . -5.88 -28.91 -41.53
C3 CLA TD . -4.68 -29.36 -41.13
C4 CLA TD . -3.58 -29.53 -42.13
C5 CLA TD . -4.43 -29.69 -39.68
C6 CLA TD . -3.05 -29.21 -39.28
C7 CLA TD . -2.45 -30.11 -38.19
C8 CLA TD . -0.93 -29.99 -38.17
C9 CLA TD . -0.34 -30.21 -39.55
C10 CLA TD . -0.37 -30.99 -37.16
C11 CLA TD . 0.49 -30.29 -36.12
C12 CLA TD . 1.97 -30.30 -36.52
C13 CLA TD . 2.86 -29.85 -35.36
C14 CLA TD . 2.61 -30.70 -34.13
C15 CLA TD . 4.31 -29.92 -35.80
C16 CLA TD . 5.05 -31.02 -35.05
C17 CLA TD . 6.55 -30.72 -34.98
C18 CLA TD . 7.13 -30.53 -36.38
C19 CLA TD . 6.02 -30.35 -37.41
C20 CLA TD . 8.11 -29.37 -36.40
MG CLA UD . -7.24 -19.45 -40.38
CHA CLA UD . -6.83 -16.11 -39.78
CHB CLA UD . -4.04 -20.01 -39.40
CHC CLA UD . -7.70 -22.81 -41.01
CHD CLA UD . -10.60 -18.82 -41.41
NA CLA UD . -5.72 -18.31 -39.72
C1A CLA UD . -5.71 -17.04 -39.55
C2A CLA UD . -4.42 -16.47 -39.03
C3A CLA UD . -3.56 -17.69 -38.92
C4A CLA UD . -4.50 -18.77 -39.38
CMA CLA UD . -2.37 -17.62 -39.87
CAA CLA UD . -4.66 -15.83 -37.67
CBA CLA UD . -3.34 -15.32 -37.08
CGA CLA UD . -3.53 -13.90 -36.58
O1A CLA UD . -4.22 -13.68 -35.59
O2A CLA UD . -2.76 -12.82 -37.16
NB CLA UD . -6.07 -21.13 -40.23
C1B CLA UD . -4.78 -21.21 -39.82
C2B CLA UD . -4.16 -22.57 -39.80
C3B CLA UD . -5.29 -23.37 -40.29
C4B CLA UD . -6.39 -22.40 -40.51
CMB CLA UD . -2.77 -22.98 -39.40
CAB CLA UD . -5.32 -24.84 -40.50
CBB CLA UD . -5.00 -25.34 -41.68
NC CLA UD . -8.82 -20.59 -41.07
C1C CLA UD . -8.86 -21.93 -41.27
C2C CLA UD . -10.13 -22.50 -41.77
C3C CLA UD . -10.98 -21.31 -41.89
C4C CLA UD . -10.09 -20.21 -41.43
CMC CLA UD . -10.48 -23.93 -42.09
CAC CLA UD . -12.42 -21.22 -42.34
CBC CLA UD . -12.48 -20.48 -43.67
ND CLA UD . -8.52 -17.87 -40.59
C1D CLA UD . -9.80 -17.67 -40.98
C2D CLA UD . -10.20 -16.21 -40.92
C3D CLA UD . -8.95 -15.63 -40.41
C4D CLA UD . -8.08 -16.62 -40.27
CMD CLA UD . -11.41 -15.35 -41.19
CAD CLA UD . -8.33 -14.35 -40.03
OBD CLA UD . -8.89 -13.19 -40.06
CBD CLA UD . -6.91 -14.62 -39.60
CGD CLA UD . -5.96 -13.95 -40.54
O1D CLA UD . -6.37 -13.42 -41.56
O2D CLA UD . -4.56 -13.77 -40.17
CED CLA UD . -3.61 -13.33 -41.14
C1 CLA UD . -2.97 -11.48 -36.72
C2 CLA UD . -1.65 -10.74 -36.69
C3 CLA UD . -1.20 -10.10 -37.78
C4 CLA UD . 0.11 -9.38 -37.75
C5 CLA UD . -2.02 -10.14 -39.05
C6 CLA UD . -2.71 -8.80 -39.24
C7 CLA UD . -3.33 -8.68 -40.63
C8 CLA UD . -4.82 -8.98 -40.59
C9 CLA UD . -5.60 -7.98 -41.43
C10 CLA UD . -5.30 -8.97 -39.15
C11 CLA UD . -6.44 -9.98 -38.94
C12 CLA UD . -7.23 -9.65 -37.68
C13 CLA UD . -7.93 -10.90 -37.15
C14 CLA UD . -7.00 -12.10 -37.17
C15 CLA UD . -9.19 -11.16 -37.97
C16 CLA UD . -10.30 -11.74 -37.09
C17 CLA UD . -11.36 -12.41 -37.94
C18 CLA UD . -12.14 -13.44 -37.13
C19 CLA UD . -13.20 -12.77 -36.27
C20 CLA UD . -12.76 -14.51 -38.03
MG CLA VD . -12.33 -19.27 -24.45
CHA CLA VD . -14.90 -20.71 -22.75
CHB CLA VD . -14.49 -17.13 -25.90
CHC CLA VD . -9.69 -17.89 -26.12
CHD CLA VD . -10.09 -21.53 -22.91
NA CLA VD . -14.30 -18.95 -24.37
C1A CLA VD . -15.16 -19.60 -23.66
C2A CLA VD . -16.56 -19.17 -23.80
C3A CLA VD . -16.43 -18.02 -24.78
C4A CLA VD . -14.97 -18.02 -25.05
CMA CLA VD . -16.98 -18.49 -26.11
CAA CLA VD . -17.12 -18.89 -22.43
CBA CLA VD . -18.00 -17.67 -22.45
CGA CLA VD . -17.03 -16.56 -22.27
O1A CLA VD . -16.28 -16.37 -23.20
O2A CLA VD . -16.52 -16.45 -20.91
NB CLA VD . -12.15 -17.75 -25.79
C1B CLA VD . -13.09 -16.96 -26.30
C2B CLA VD . -12.62 -15.93 -27.27
C3B CLA VD . -11.18 -16.23 -27.28
C4B CLA VD . -11.01 -17.33 -26.36
CMB CLA VD . -13.40 -14.88 -28.02
CAB CLA VD . -10.06 -15.62 -28.00
CBB CLA VD . -8.93 -16.29 -28.02
NC CLA VD . -10.32 -19.62 -24.51
C1C CLA VD . -9.38 -18.98 -25.22
C2C CLA VD . -8.00 -19.45 -25.07
C3C CLA VD . -8.12 -20.54 -24.11
C4C CLA VD . -9.57 -20.54 -23.85
CMC CLA VD . -6.77 -18.91 -25.76
CAC CLA VD . -7.08 -21.45 -23.51
CBC CLA VD . -7.37 -22.89 -23.91
ND CLA VD . -12.38 -20.80 -23.13
C1D CLA VD . -11.50 -21.63 -22.56
C2D CLA VD . -12.12 -22.61 -21.62
C3D CLA VD . -13.51 -22.18 -21.74
C4D CLA VD . -13.56 -21.17 -22.59
CMD CLA VD . -11.65 -23.73 -20.74
CAD CLA VD . -14.87 -22.48 -21.25
OBD CLA VD . -15.12 -23.39 -20.38
CBD CLA VD . -15.82 -21.49 -21.88
CGD CLA VD . -17.01 -22.05 -22.60
O1D CLA VD . -17.95 -22.41 -21.93
O2D CLA VD . -17.45 -21.28 -23.73
CED CLA VD . -18.51 -20.37 -23.52
C1 CLA VD . -15.99 -15.22 -20.43
C2 CLA VD . -16.60 -14.87 -19.10
C3 CLA VD . -15.87 -14.35 -18.11
C4 CLA VD . -16.52 -14.03 -16.80
C5 CLA VD . -14.41 -14.09 -18.30
C6 CLA VD . -13.82 -13.82 -16.93
C7 CLA VD . -13.01 -15.03 -16.46
C8 CLA VD . -11.91 -14.63 -15.48
C9 CLA VD . -12.09 -15.27 -14.12
C10 CLA VD . -10.52 -14.90 -16.06
C11 CLA VD . -9.59 -13.78 -15.65
C12 CLA VD . -8.79 -13.31 -16.85
C13 CLA VD . -8.76 -11.80 -16.90
C14 CLA VD . -9.10 -11.21 -15.55
C15 CLA VD . -7.40 -11.35 -17.38
C16 CLA VD . -7.09 -12.15 -18.64
C17 CLA VD . -5.86 -11.63 -19.35
C18 CLA VD . -5.18 -12.80 -20.03
C19 CLA VD . -6.09 -14.00 -20.10
C20 CLA VD . -4.58 -12.44 -21.37
MG CLA WD . -12.22 -13.03 -30.33
CHA CLA WD . -9.46 -13.33 -32.32
CHB CLA WD . -10.58 -10.75 -28.42
CHC CLA WD . -15.03 -12.75 -28.36
CHD CLA WD . -13.91 -15.41 -32.37
NA CLA WD . -10.39 -12.19 -30.35
C1A CLA WD . -9.44 -12.41 -31.18
C2A CLA WD . -8.17 -11.63 -30.92
C3A CLA WD . -8.53 -10.83 -29.70
C4A CLA WD . -9.94 -11.28 -29.46
CMA CLA WD . -8.53 -9.34 -30.01
CAA CLA WD . -7.90 -10.72 -32.12
CBA CLA WD . -9.00 -9.68 -32.27
CGA CLA WD . -8.51 -8.58 -33.19
O1A CLA WD . -8.36 -8.79 -34.38
O2A CLA WD . -8.05 -7.32 -32.62
NB CLA WD . -12.72 -11.94 -28.67
C1B CLA WD . -11.95 -11.05 -28.00
C2B CLA WD . -12.57 -10.39 -26.81
C3B CLA WD . -13.89 -11.01 -26.82
C4B CLA WD . -13.89 -11.93 -27.99
CMB CLA WD . -11.99 -9.37 -25.86
CAB CLA WD . -15.01 -10.77 -25.87
CBB CLA WD . -14.95 -11.27 -24.66
NC CLA WD . -14.09 -13.90 -30.36
C1C CLA WD . -15.12 -13.69 -29.50
C2C CLA WD . -16.36 -14.46 -29.75
C3C CLA WD . -16.02 -15.23 -30.93
C4C CLA WD . -14.63 -14.82 -31.21
CMC CLA WD . -17.65 -14.43 -28.97
CAC CLA WD . -16.88 -16.23 -31.69
CBC CLA WD . -16.58 -17.62 -31.20
ND CLA WD . -11.87 -14.17 -31.99
C1D CLA WD . -12.54 -15.07 -32.74
C2D CLA WD . -11.72 -15.60 -33.90
C3D CLA WD . -10.47 -14.86 -33.67
C4D CLA WD . -10.65 -14.09 -32.59
CMD CLA WD . -11.84 -16.57 -35.04
CAD CLA WD . -9.10 -14.65 -34.20
OBD CLA WD . -8.60 -15.24 -35.24
CBD CLA WD . -8.40 -13.65 -33.33
CGD CLA WD . -7.23 -14.30 -32.65
O1D CLA WD . -7.27 -14.53 -31.46
O2D CLA WD . -6.12 -14.81 -33.44
CED CLA WD . -6.38 -15.62 -34.59
C1 CLA WD . -7.87 -6.18 -33.46
C2 CLA WD . -6.83 -6.50 -34.52
C3 CLA WD . -5.81 -7.33 -34.24
C4 CLA WD . -4.78 -7.62 -35.29
C5 CLA WD . -5.70 -7.96 -32.87
C6 CLA WD . -4.55 -7.30 -32.11
C7 CLA WD . -4.36 -7.96 -30.75
C8 CLA WD . -2.89 -8.21 -30.46
C9 CLA WD . -2.67 -8.67 -29.02
C10 CLA WD . -2.09 -6.95 -30.76
C11 CLA WD . -1.02 -6.71 -29.70
C12 CLA WD . -0.40 -8.03 -29.25
C13 CLA WD . -0.75 -9.15 -30.21
C14 CLA WD . -1.08 -10.44 -29.45
C15 CLA WD . 0.41 -9.38 -31.17
C16 CLA WD . 0.65 -10.86 -31.42
C17 CLA WD . 1.26 -11.10 -32.80
C18 CLA WD . 0.31 -11.88 -33.69
C19 CLA WD . -1.13 -11.48 -33.44
C20 CLA WD . 0.50 -13.39 -33.51
MG CLA XD . -6.85 -10.31 -24.02
CHA CLA XD . -9.84 -10.72 -22.41
CHB CLA XD . -7.36 -13.23 -25.66
CHC CLA XD . -3.83 -9.86 -25.61
CHD CLA XD . -6.37 -7.23 -22.28
NA CLA XD . -8.29 -11.71 -24.04
C1A CLA XD . -9.39 -11.73 -23.37
C2A CLA XD . -10.28 -12.91 -23.61
C3A CLA XD . -9.48 -13.70 -24.63
C4A CLA XD . -8.28 -12.83 -24.80
CMA CLA XD . -9.06 -15.04 -24.06
CAA CLA XD . -11.61 -12.44 -24.19
CBA CLA XD . -12.64 -13.57 -24.15
CGA CLA XD . -12.40 -14.44 -22.95
O1A CLA XD . -13.33 -14.94 -22.35
O2A CLA XD . -11.05 -14.83 -22.58
NB CLA XD . -5.78 -11.38 -25.40
C1B CLA XD . -6.10 -12.56 -25.99
C2B CLA XD . -5.13 -13.11 -26.96
C3B CLA XD . -4.09 -12.08 -26.92
C4B CLA XD . -4.58 -11.07 -25.95
CMB CLA XD . -5.20 -14.38 -27.76
CAB CLA XD . -2.83 -12.04 -27.69
CBB CLA XD . -2.63 -12.88 -28.69
NC CLA XD . -5.39 -8.85 -23.96
C1C CLA XD . -4.23 -8.81 -24.66
C2C CLA XD . -3.35 -7.64 -24.42
C3C CLA XD . -4.12 -6.87 -23.44
C4C CLA XD . -5.33 -7.70 -23.23
CMC CLA XD . -2.02 -7.32 -25.05
CAC CLA XD . -3.75 -5.55 -22.79
CBC CLA XD . -2.27 -5.52 -22.49
ND CLA XD . -7.81 -9.15 -22.64
C1D CLA XD . -7.60 -7.98 -21.99
C2D CLA XD . -8.72 -7.62 -21.05
C3D CLA XD . -9.60 -8.76 -21.26
C4D CLA XD . -9.02 -9.56 -22.16
CMD CLA XD . -9.09 -6.51 -20.09
CAD CLA XD . -10.90 -9.35 -20.84
OBD CLA XD . -11.72 -8.85 -19.99
CBD CLA XD . -11.09 -10.64 -21.58
CGD CLA XD . -11.11 -11.79 -20.61
O1D CLA XD . -10.18 -12.57 -20.55
O2D CLA XD . -12.31 -12.07 -19.84
CED CLA XD . -12.27 -12.07 -18.42
C1 CLA XD . -10.82 -15.98 -21.78
C2 CLA XD . -10.04 -15.60 -20.54
C3 CLA XD . -8.77 -15.99 -20.39
C4 CLA XD . -8.12 -16.84 -21.44
C5 CLA XD . -8.01 -15.60 -19.16
C6 CLA XD . -6.88 -16.60 -18.91
C7 CLA XD . -5.63 -15.90 -18.40
C8 CLA XD . -5.23 -16.42 -17.02
C9 CLA XD . -3.73 -16.68 -16.94
C10 CLA XD . -5.68 -15.43 -15.95
C11 CLA XD . -4.47 -14.80 -15.26
C12 CLA XD . -4.78 -14.46 -13.81
C13 CLA XD . -4.32 -13.05 -13.47
C14 CLA XD . -5.43 -12.03 -13.76
C15 CLA XD . -3.90 -13.00 -12.00
C16 CLA XD . -4.68 -11.92 -11.25
C17 CLA XD . -6.12 -12.38 -10.98
C18 CLA XD . -7.08 -11.21 -11.02
C19 CLA XD . -8.38 -11.54 -10.30
C20 CLA XD . -7.35 -10.78 -12.46
MG CLA YD . -17.13 -8.36 -20.78
CHA CLA YD . -20.47 -8.83 -21.05
CHB CLA YD . -17.05 -7.19 -23.94
CHC CLA YD . -13.75 -7.89 -20.46
CHD CLA YD . -17.24 -9.58 -17.46
NA CLA YD . -18.48 -8.06 -22.23
C1A CLA YD . -19.72 -8.30 -22.18
C2A CLA YD . -20.51 -7.97 -23.39
C3A CLA YD . -19.43 -7.47 -24.31
C4A CLA YD . -18.23 -7.57 -23.45
CMA CLA YD . -19.28 -8.44 -25.45
CAA CLA YD . -21.28 -6.76 -22.89
CBA CLA YD . -20.29 -5.76 -22.32
CGA CLA YD . -20.26 -5.70 -20.81
O1A CLA YD . -20.37 -6.71 -20.16
O2A CLA YD . -19.35 -4.77 -20.19
NB CLA YD . -15.66 -7.66 -22.01
C1B CLA YD . -15.77 -7.22 -23.27
C2B CLA YD . -14.52 -6.77 -23.92
C3B CLA YD . -13.57 -6.99 -22.85
C4B CLA YD . -14.35 -7.53 -21.73
CMB CLA YD . -14.26 -6.23 -25.28
CAB CLA YD . -12.13 -6.73 -22.91
CBB CLA YD . -11.60 -6.64 -24.11
NC CLA YD . -15.77 -8.67 -19.28
C1C CLA YD . -14.44 -8.43 -19.30
C2C CLA YD . -13.70 -8.76 -18.07
C3C CLA YD . -14.76 -9.25 -17.21
C4C CLA YD . -15.96 -9.16 -18.03
CMC CLA YD . -12.23 -8.60 -17.81
CAC CLA YD . -14.73 -9.76 -15.81
CBC CLA YD . -16.14 -10.23 -15.55
ND CLA YD . -18.49 -9.08 -19.46
C1D CLA YD . -18.50 -9.53 -18.20
C2D CLA YD . -19.88 -9.93 -17.75
C3D CLA YD . -20.64 -9.62 -18.95
C4D CLA YD . -19.78 -9.16 -19.84
CMD CLA YD . -20.57 -10.50 -16.54
CAD CLA YD . -21.99 -9.65 -19.53
OBD CLA YD . -23.07 -10.04 -18.97
CBD CLA YD . -21.91 -9.16 -20.93
CGD CLA YD . -22.86 -8.05 -21.14
O1D CLA YD . -22.53 -6.90 -20.96
O2D CLA YD . -24.23 -8.42 -20.90
CED CLA YD . -24.52 -9.80 -20.74
C1 CLA YD . -18.36 -5.27 -19.31
C2 CLA YD . -18.90 -5.30 -17.90
C3 CLA YD . -18.07 -5.53 -16.89
C4 CLA YD . -18.55 -5.58 -15.47
C5 CLA YD . -16.62 -5.78 -17.18
C6 CLA YD . -15.99 -4.41 -17.33
C7 CLA YD . -15.91 -3.71 -15.99
C8 CLA YD . -15.14 -4.59 -15.02
C9 CLA YD . -15.77 -5.97 -15.06
C10 CLA YD . -13.71 -4.67 -15.47
C11 CLA YD . -12.81 -3.92 -14.51
C12 CLA YD . -13.66 -3.18 -13.49
C13 CLA YD . -14.79 -2.47 -14.21
C14 CLA YD . -14.33 -2.08 -15.59
C15 CLA YD . -15.21 -1.22 -13.45
C16 CLA YD . -16.33 -0.56 -14.24
C17 CLA YD . -16.60 -1.36 -15.50
C18 CLA YD . -17.77 -0.77 -16.29
C19 CLA YD . -17.50 -0.82 -17.78
C20 CLA YD . -19.07 -1.47 -15.96
MG CLA ZD . -11.77 -6.61 -42.22
CHA CLA ZD . -11.34 -6.29 -38.84
CHB CLA ZD . -8.97 -4.77 -42.74
CHC CLA ZD . -12.24 -6.95 -45.61
CHD CLA ZD . -14.71 -8.54 -41.64
NA CLA ZD . -10.41 -5.70 -41.05
C1A CLA ZD . -10.38 -5.67 -39.76
C2A CLA ZD . -9.23 -4.91 -39.17
C3A CLA ZD . -8.50 -4.43 -40.39
C4A CLA ZD . -9.35 -5.00 -41.48
CMA CLA ZD . -8.50 -2.91 -40.49
CAA CLA ZD . -8.37 -5.86 -38.34
CBA CLA ZD . -7.55 -5.09 -37.30
CGA CLA ZD . -6.47 -4.30 -38.00
O1A CLA ZD . -6.59 -3.98 -39.17
O2A CLA ZD . -5.36 -3.75 -37.24
NB CLA ZD . -10.77 -5.97 -43.89
C1B CLA ZD . -9.64 -5.22 -43.95
C2B CLA ZD . -9.12 -4.90 -45.31
C3B CLA ZD . -10.13 -5.57 -46.14
C4B CLA ZD . -11.07 -6.18 -45.19
CMB CLA ZD . -7.91 -4.10 -45.71
CAB CLA ZD . -10.18 -5.62 -47.62
CBB CLA ZD . -10.77 -6.64 -48.23
NC CLA ZD . -13.18 -7.55 -43.40
C1C CLA ZD . -13.24 -7.60 -44.75
C2C CLA ZD . -14.37 -8.36 -45.33
C3C CLA ZD . -15.10 -8.82 -44.15
C4C CLA ZD . -14.29 -8.27 -43.03
CMC CLA ZD . -14.70 -8.58 -46.78
CAC CLA ZD . -16.36 -9.65 -44.07
CBC CLA ZD . -16.00 -11.10 -43.81
ND CLA ZD . -12.86 -7.31 -40.65
C1D CLA ZD . -13.99 -8.04 -40.45
C2D CLA ZD . -14.31 -8.25 -38.99
C3D CLA ZD . -13.20 -7.52 -38.39
C4D CLA ZD . -12.45 -7.03 -39.37
CMD CLA ZD . -15.37 -8.93 -38.15
CAD CLA ZD . -12.62 -7.11 -37.09
OBD CLA ZD . -13.09 -7.41 -35.93
CBD CLA ZD . -11.38 -6.30 -37.34
CGD CLA ZD . -10.19 -7.03 -36.81
O1D CLA ZD . -10.01 -8.21 -37.07
O2D CLA ZD . -9.33 -6.40 -35.83
CED CLA ZD . -9.84 -5.36 -35.00
C1 CLA ZD . -5.43 -2.42 -36.72
C2 CLA ZD . -5.83 -1.47 -37.83
C3 CLA ZD . -4.92 -0.65 -38.39
C4 CLA ZD . -3.51 -0.68 -37.90
C5 CLA ZD . -5.33 0.29 -39.49
C6 CLA ZD . -6.77 0.73 -39.27
C7 CLA ZD . -7.28 1.55 -40.47
C8 CLA ZD . -8.72 1.99 -40.25
C9 CLA ZD . -9.69 0.83 -40.51
C10 CLA ZD . -9.03 3.17 -41.16
C11 CLA ZD . -10.23 2.88 -42.05
C12 CLA ZD . -11.42 2.40 -41.23
C13 CLA ZD . -12.58 3.40 -41.31
C14 CLA ZD . -12.06 4.80 -41.62
C15 CLA ZD . -13.57 2.93 -42.36
C16 CLA ZD . -13.04 1.71 -43.11
C17 CLA ZD . -13.46 0.43 -42.41
C18 CLA ZD . -13.29 -0.78 -43.32
C19 CLA ZD . -13.13 -0.35 -44.78
C20 CLA ZD . -12.13 -1.66 -42.88
MG CLA AE . -15.95 0.54 -39.85
CHA CLA AE . -18.21 2.72 -41.15
CHB CLA AE . -14.66 3.00 -37.98
CHC CLA AE . -13.70 -1.70 -38.59
CHD CLA AE . -17.34 -2.05 -41.86
NA CLA AE . -16.33 2.49 -39.59
C1A CLA AE . -17.24 3.20 -40.15
C2A CLA AE . -17.29 4.63 -39.73
C3A CLA AE . -16.16 4.70 -38.76
C4A CLA AE . -15.68 3.29 -38.77
CMA CLA AE . -15.07 5.59 -39.34
CAA CLA AE . -18.52 4.74 -38.84
CBA CLA AE . -19.51 5.80 -39.30
CGA CLA AE . -18.76 7.08 -39.49
O1A CLA AE . -19.02 8.03 -38.78
O2A CLA AE . -17.45 7.03 -40.09
NB CLA AE . -14.43 0.65 -38.51
C1B CLA AE . -14.01 1.71 -37.81
C2B CLA AE . -12.87 1.50 -36.89
C3B CLA AE . -12.62 0.10 -37.11
C4B CLA AE . -13.61 -0.32 -38.10
CMB CLA AE . -12.17 2.47 -35.99
CAB CLA AE . -11.59 -0.75 -36.50
CBB CLA AE . -10.71 -1.29 -37.31
NC CLA AE . -15.59 -1.46 -40.15
C1C CLA AE . -14.64 -2.22 -39.57
C2C CLA AE . -14.59 -3.64 -39.96
C3C CLA AE . -15.66 -3.73 -40.92
C4C CLA AE . -16.20 -2.36 -40.97
CMC CLA AE . -13.68 -4.75 -39.53
CAC CLA AE . -16.05 -4.99 -41.65
CBC CLA AE . -14.79 -5.82 -41.70
ND CLA AE . -17.44 0.28 -41.21
C1D CLA AE . -17.94 -0.72 -41.96
C2D CLA AE . -19.08 -0.28 -42.82
C3D CLA AE . -19.15 1.12 -42.44
C4D CLA AE . -18.20 1.35 -41.55
CMD CLA AE . -20.03 -0.88 -43.82
CAD CLA AE . -19.89 2.37 -42.69
OBD CLA AE . -20.87 2.52 -43.50
CBD CLA AE . -19.30 3.45 -41.86
CGD CLA AE . -18.73 4.40 -42.85
O1D CLA AE . -18.02 3.94 -43.72
O2D CLA AE . -19.59 5.48 -43.26
CED CLA AE . -20.90 5.22 -43.75
C1 CLA AE . -16.76 8.26 -40.27
C2 CLA AE . -15.56 8.12 -41.17
C3 CLA AE . -14.86 9.20 -41.48
C4 CLA AE . -15.26 10.55 -40.94
C5 CLA AE . -13.66 9.09 -42.36
C6 CLA AE . -12.83 7.91 -41.87
C7 CLA AE . -11.66 7.73 -42.82
C8 CLA AE . -10.47 7.18 -42.05
C9 CLA AE . -10.24 7.98 -40.78
C10 CLA AE . -9.26 7.25 -42.96
C11 CLA AE . -8.12 6.45 -42.36
C12 CLA AE . -7.10 6.08 -43.42
C13 CLA AE . -7.33 4.69 -43.96
C14 CLA AE . -8.60 4.68 -44.79
C15 CLA AE . -6.16 4.29 -44.82
C16 CLA AE . -4.87 4.25 -44.01
C17 CLA AE . -4.83 3.05 -43.06
C18 CLA AE . -3.41 2.50 -42.94
C19 CLA AE . -3.35 1.33 -41.97
C20 CLA AE . -2.85 2.09 -44.29
C1 BCR BE . -0.26 -3.50 -9.72
C2 BCR BE . -0.02 -3.38 -8.22
C3 BCR BE . -1.19 -3.95 -7.44
C4 BCR BE . -2.49 -3.23 -7.79
C5 BCR BE . -2.65 -3.17 -9.29
C6 BCR BE . -1.60 -2.91 -10.06
C7 BCR BE . -1.75 -2.05 -11.24
C8 BCR BE . -2.71 -2.22 -12.03
C9 BCR BE . -3.30 -2.47 -13.11
C10 BCR BE . -4.63 -2.56 -13.15
C11 BCR BE . -5.22 -2.82 -14.22
C33 BCR BE . -4.00 -3.41 -9.91
C31 BCR BE . -0.24 -4.96 -10.14
C32 BCR BE . 0.82 -2.72 -10.48
C34 BCR BE . -2.50 -2.66 -14.38
C12 BCR BE . -6.28 -2.79 -14.74
C13 BCR BE . -7.01 -3.29 -15.62
C14 BCR BE . -8.32 -2.96 -15.69
C15 BCR BE . -9.04 -3.46 -16.58
C16 BCR BE . -10.07 -3.52 -17.16
C17 BCR BE . -11.10 -3.64 -17.73
C18 BCR BE . -11.63 -3.54 -18.86
C19 BCR BE . -12.87 -3.77 -18.99
C20 BCR BE . -13.86 -3.81 -19.62
C21 BCR BE . -14.82 -3.85 -20.31
C22 BCR BE . -15.35 -3.37 -21.33
C23 BCR BE . -16.61 -2.91 -21.23
C24 BCR BE . -17.45 -2.36 -22.10
C25 BCR BE . -17.36 -2.03 -23.42
C26 BCR BE . -18.44 -1.47 -23.97
C27 BCR BE . -19.00 -2.01 -25.25
C28 BCR BE . -17.85 -2.38 -26.19
C29 BCR BE . -16.55 -1.75 -25.70
C30 BCR BE . -16.17 -2.25 -24.32
C35 BCR BE . -6.44 -4.26 -16.61
C36 BCR BE . -10.82 -3.15 -20.06
C37 BCR BE . -14.55 -3.34 -22.59
C38 BCR BE . -19.09 -0.29 -23.30
C39 BCR BE . -14.99 -1.44 -23.81
C40 BCR BE . -15.89 -3.74 -24.41
C1 BCR CE . -2.05 -8.38 -15.97
C2 BCR CE . -0.77 -9.14 -15.69
C3 BCR CE . -0.93 -9.97 -14.43
C4 BCR CE . -1.16 -9.07 -13.24
C5 BCR CE . -2.26 -8.08 -13.53
C6 BCR CE . -2.42 -7.58 -14.75
C7 BCR CE . -2.98 -6.23 -14.95
C8 BCR CE . -3.27 -5.86 -16.10
C9 BCR CE . -3.56 -5.42 -17.25
C10 BCR CE . -3.97 -4.16 -17.41
C11 BCR CE . -4.26 -3.72 -18.55
C33 BCR CE . -3.18 -7.64 -12.44
C31 BCR CE . -3.19 -9.33 -16.26
C32 BCR CE . -1.87 -7.38 -17.11
C34 BCR CE . -3.43 -6.33 -18.43
C12 BCR CE . -4.35 -2.77 -19.25
C13 BCR CE . -5.09 -1.76 -19.43
C14 BCR CE . -4.70 -0.77 -20.23
C15 BCR CE . -5.43 0.25 -20.43
C16 BCR CE . -5.46 1.37 -20.81
C17 BCR CE . -5.48 2.44 -21.31
C18 BCR CE . -5.90 3.61 -21.08
C19 BCR CE . -6.12 4.41 -22.03
C20 BCR CE . -6.64 5.29 -22.63
C21 BCR CE . -7.17 6.12 -23.30
C22 BCR CE . -6.91 7.05 -24.10
C23 BCR CE . -7.86 7.88 -24.54
C24 BCR CE . -7.56 8.87 -25.39
C25 BCR CE . -8.53 9.70 -25.83
C26 BCR CE . -9.76 9.51 -25.39
C27 BCR CE . -10.88 9.71 -26.38
C28 BCR CE . -10.29 9.64 -27.79
C29 BCR CE . -9.19 10.68 -28.00
C30 BCR CE . -8.27 10.82 -26.79
C35 BCR CE . -6.42 -1.70 -18.74
C36 BCR CE . -6.14 4.05 -19.68
C37 BCR CE . -5.50 7.23 -24.59
C38 BCR CE . -10.02 9.11 -23.97
C39 BCR CE . -8.56 12.15 -26.10
C40 BCR CE . -6.82 10.79 -27.23
C1 BCR DE . -0.36 6.10 -39.20
C2 BCR DE . 0.53 6.32 -40.42
C3 BCR DE . 0.34 5.20 -41.44
C4 BCR DE . -1.07 5.24 -42.01
C5 BCR DE . -2.03 5.67 -40.93
C6 BCR DE . -1.68 5.56 -39.66
C7 BCR DE . -2.61 4.93 -38.72
C8 BCR DE . -3.84 5.17 -38.81
C9 BCR DE . -5.07 4.90 -38.77
C10 BCR DE . -5.91 5.68 -38.09
C11 BCR DE . -7.14 5.41 -38.05
C33 BCR DE . -3.36 6.24 -41.28
C31 BCR DE . -0.58 7.42 -38.48
C32 BCR DE . 0.29 5.09 -38.27
C34 BCR DE . -5.57 3.68 -39.48
C12 BCR DE . -8.13 5.70 -37.47
C13 BCR DE . -9.26 5.40 -37.02
C14 BCR DE . -10.29 6.24 -37.17
C15 BCR DE . -11.44 5.96 -36.72
C16 BCR DE . -12.50 6.44 -36.55
C17 BCR DE . -13.50 7.00 -36.27
C18 BCR DE . -14.34 7.61 -35.56
C19 BCR DE . -15.42 7.06 -35.25
C20 BCR DE . -16.60 7.12 -35.11
C21 BCR DE . -17.77 7.28 -35.05
C22 BCR DE . -18.76 6.91 -34.37
C23 BCR DE . -19.21 7.67 -33.36
C24 BCR DE . -20.26 7.26 -32.66
C25 BCR DE . -20.73 7.98 -31.64
C26 BCR DE . -20.16 9.14 -31.34
C27 BCR DE . -20.31 9.79 -29.98
C28 BCR DE . -21.67 9.44 -29.39
C29 BCR DE . -21.89 7.95 -29.44
C30 BCR DE . -21.93 7.48 -30.88
C35 BCR DE . -9.44 4.09 -36.30
C36 BCR DE . -14.04 9.00 -35.08
C37 BCR DE . -19.45 5.62 -34.69
C38 BCR DE . -19.32 9.82 -32.37
C39 BCR DE . -23.18 7.98 -31.58
C40 BCR DE . -21.89 5.96 -30.91
C1A MGE EE . -14.45 -22.68 -15.25
C2A MGE EE . -13.87 -22.25 -13.93
C3A MGE EE . -12.94 -21.06 -14.15
C4A MGE EE . -11.79 -21.07 -13.15
C5A MGE EE . -11.32 -19.66 -12.83
C6A MGE EE . -10.49 -19.63 -11.55
C7A MGE EE . -9.24 -18.78 -11.74
C8A MGE EE . -8.51 -18.59 -10.41
C9A MGE EE . -9.30 -17.70 -9.48
CAA MGE EE . -9.89 -16.51 -10.22
CBA MGE EE . -8.88 -15.37 -10.32
CCA MGE EE . -8.43 -15.15 -11.76
CDA MGE EE . -8.05 -13.70 -12.00
O1A MGE EE . -15.64 -22.99 -15.34
C1B MGE EE . -13.04 -26.39 -18.29
C2B MGE EE . -11.95 -27.26 -18.87
C3B MGE EE . -10.83 -27.41 -17.86
C4B MGE EE . -9.56 -26.72 -18.33
C5B MGE EE . -8.32 -27.46 -17.87
C6B MGE EE . -7.11 -26.54 -17.82
C7B MGE EE . -7.02 -25.81 -16.48
C8B MGE EE . -6.40 -24.43 -16.65
C9B MGE EE . -7.25 -23.37 -15.95
CAB MGE EE . -6.62 -21.99 -16.13
CBB MGE EE . -7.69 -20.90 -16.10
CCB MGE EE . -7.08 -19.53 -16.35
CDB MGE EE . -8.13 -18.56 -16.89
CEB MGE EE . -9.09 -19.26 -17.86
CFB MGE EE . -9.70 -20.49 -17.21
CGB MGE EE . -10.64 -20.10 -16.10
O1B MGE EE . -13.52 -26.62 -17.20
O1G MGE EE . -13.61 -22.73 -16.44
C1G MGE EE . -13.26 -23.99 -17.01
C2G MGE EE . -14.16 -24.28 -18.20
O2G MGE EE . -13.53 -25.24 -19.05
C3G MGE EE . -15.50 -24.83 -17.72
O3G MGE EE . -16.04 -25.70 -18.72
C1D MGE EE . -17.32 -26.20 -18.34
C2D MGE EE . -18.25 -25.04 -18.00
O2D MGE EE . -17.65 -23.81 -18.43
C3D MGE EE . -19.60 -25.21 -18.70
O3D MGE EE . -19.46 -24.89 -20.09
C4D MGE EE . -20.11 -26.64 -18.56
O4D MGE EE . -21.29 -26.80 -19.34
C5D MGE EE . -19.06 -27.65 -19.02
O5D MGE EE . -17.76 -29.58 -18.38
C6D MGE EE . -18.73 -28.63 -17.91
O6D MGE EE . -17.87 -26.96 -19.41
MG CLA FE . 0.96 -62.74 28.51
CHA CLA FE . 4.29 -63.04 27.77
CHB CLA FE . 1.36 -59.39 28.79
CHC CLA FE . -2.39 -62.47 29.27
CHD CLA FE . 0.60 -66.27 28.22
NA CLA FE . 2.49 -61.44 28.32
C1A CLA FE . 3.72 -61.71 28.03
C2A CLA FE . 4.64 -60.53 27.96
C3A CLA FE . 3.72 -59.39 28.28
C4A CLA FE . 2.41 -60.11 28.48
CMA CLA FE . 4.12 -58.70 29.57
CAA CLA FE . 5.19 -60.41 26.54
CBA CLA FE . 4.07 -60.50 25.50
CGA CLA FE . 3.89 -59.16 24.85
O1A CLA FE . 4.85 -58.51 24.47
O2A CLA FE . 2.55 -58.71 24.48
NB CLA FE . -0.30 -61.19 28.95
C1B CLA FE . -0.01 -59.87 29.03
C2B CLA FE . -1.13 -58.95 29.37
C3B CLA FE . -2.23 -59.91 29.50
C4B CLA FE . -1.62 -61.23 29.23
CMB CLA FE . -1.13 -57.44 29.53
CAB CLA FE . -3.64 -59.61 29.84
CBB CLA FE . -4.48 -59.23 28.90
NC CLA FE . -0.58 -64.09 28.71
C1C CLA FE . -1.88 -63.83 29.01
C2C CLA FE . -2.79 -65.00 29.09
C3C CLA FE . -1.89 -66.12 28.78
C4C CLA FE . -0.58 -65.46 28.56
CMC CLA FE . -4.26 -65.04 29.40
CAC CLA FE . -2.22 -67.59 28.69
CBC CLA FE . -2.17 -68.04 27.24
ND CLA FE . 2.11 -64.38 28.10
C1D CLA FE . 1.94 -65.72 27.98
C2D CLA FE . 3.21 -66.44 27.63
C3D CLA FE . 4.13 -65.31 27.55
C4D CLA FE . 3.43 -64.20 27.82
CMD CLA FE . 3.69 -67.85 27.38
CAD CLA FE . 5.55 -64.94 27.29
OBD CLA FE . 6.49 -65.77 27.00
CBD CLA FE . 5.69 -63.45 27.42
CGD CLA FE . 6.07 -62.87 26.09
O1D CLA FE . 5.20 -62.49 25.31
O2D CLA FE . 7.44 -62.93 25.63
CED CLA FE . 8.14 -64.17 25.65
C1 CLA FE . 1.49 -58.79 25.41
C2 CLA FE . 0.25 -58.16 24.83
C3 CLA FE . -0.84 -57.98 25.57
C4 CLA FE . -0.84 -58.42 27.02
C5 CLA FE . -2.08 -57.34 24.98
C6 CLA FE . -3.17 -57.25 26.04
C7 CLA FE . -4.36 -56.46 25.54
C8 CLA FE . -5.47 -56.41 26.58
C9 CLA FE . -5.00 -56.98 27.90
C10 CLA FE . -6.69 -57.18 26.05
C11 CLA FE . -7.90 -56.26 25.93
C12 CLA FE . -9.12 -56.88 26.61
C13 CLA FE . -10.01 -57.58 25.58
C14 CLA FE . -10.49 -56.61 24.52
C15 CLA FE . -11.18 -58.24 26.30
C16 CLA FE . -12.46 -58.09 25.48
C17 CLA FE . -13.68 -57.94 26.40
C18 CLA FE . -13.34 -57.06 27.60
C19 CLA FE . -14.56 -56.27 28.06
C20 CLA FE . -12.75 -57.88 28.74
MG CLA GE . 1.51 -62.54 16.32
CHA CLA GE . 3.21 -62.43 19.29
CHB CLA GE . 3.83 -64.59 15.06
CHC CLA GE . -0.25 -62.61 13.37
CHD CLA GE . -0.95 -60.38 17.68
NA CLA GE . 3.20 -63.37 17.01
C1A CLA GE . 3.74 -63.25 18.17
C2A CLA GE . 5.01 -64.00 18.35
C3A CLA GE . 5.18 -64.68 17.03
C4A CLA GE . 3.99 -64.18 16.30
CMA CLA GE . 6.45 -64.27 16.31
CAA CLA GE . 4.85 -65.04 19.44
CBA CLA GE . 4.43 -66.40 18.89
CGA CLA GE . 3.37 -66.78 19.86
O1A CLA GE . 2.98 -65.91 20.58
O2A CLA GE . 3.16 -68.10 20.38
NB CLA GE . 1.75 -63.44 14.52
C1B CLA GE . 2.75 -64.25 14.14
C2B CLA GE . 2.70 -64.78 12.77
C3B CLA GE . 1.47 -64.17 12.30
C4B CLA GE . 0.98 -63.39 13.43
CMB CLA GE . 3.63 -65.69 12.07
CAB CLA GE . 0.89 -64.35 10.96
CBB CLA GE . 1.43 -65.26 10.18
NC CLA GE . -0.23 -61.68 15.66
C1C CLA GE . -0.81 -61.79 14.45
C2C CLA GE . -2.06 -61.05 14.24
C3C CLA GE . -2.26 -60.40 15.52
C4C CLA GE . -1.09 -60.85 16.29
CMC CLA GE . -2.92 -61.01 13.01
CAC CLA GE . -3.37 -59.49 15.96
CBC CLA GE . -2.84 -58.07 16.00
ND CLA GE . 1.12 -61.57 18.05
C1D CLA GE . 0.16 -60.75 18.53
C2D CLA GE . 0.42 -60.34 19.95
C3D CLA GE . 1.67 -61.04 20.20
C4D CLA GE . 1.98 -61.71 19.09
CMD CLA GE . -0.25 -59.47 20.99
CAD CLA GE . 2.68 -61.32 21.23
OBD CLA GE . 2.72 -60.82 22.41
CBD CLA GE . 3.72 -62.21 20.67
CGD CLA GE . 4.92 -61.38 20.74
O1D CLA GE . 5.03 -60.71 21.73
O2D CLA GE . 5.35 -60.78 19.51
CED CLA GE . 6.05 -59.54 19.61
C1 CLA GE . 2.12 -68.14 21.34
C2 CLA GE . 2.65 -68.17 22.76
C3 CLA GE . 3.37 -67.22 23.38
C4 CLA GE . 3.80 -67.46 24.80
C5 CLA GE . 3.77 -65.93 22.73
C6 CLA GE . 3.42 -64.77 23.63
C7 CLA GE . 2.27 -65.12 24.58
C8 CLA GE . 1.36 -63.92 24.77
C9 CLA GE . 1.95 -62.72 24.07
C10 CLA GE . -0.01 -64.25 24.20
C11 CLA GE . -1.10 -63.29 24.69
C12 CLA GE . -2.37 -63.42 23.85
C13 CLA GE . -2.13 -63.08 22.39
C14 CLA GE . -3.21 -62.15 21.84
C15 CLA GE . -2.01 -64.34 21.54
C16 CLA GE . -1.03 -64.13 20.39
C17 CLA GE . -1.19 -65.17 19.28
C18 CLA GE . -0.92 -64.56 17.92
C19 CLA GE . -0.86 -65.62 16.84
C20 CLA GE . 0.36 -63.73 17.92
MG CLA HE . 3.35 -72.27 21.57
CHA CLA HE . 0.53 -74.19 21.30
CHB CLA HE . 3.87 -73.50 24.69
CHC CLA HE . 6.19 -70.33 21.81
CHD CLA HE . 2.77 -71.00 18.30
NA CLA HE . 2.41 -73.58 22.78
C1A CLA HE . 1.33 -74.24 22.54
C2A CLA HE . 0.87 -75.15 23.63
C3A CLA HE . 1.92 -74.92 24.69
C4A CLA HE . 2.82 -73.93 24.01
CMA CLA HE . 2.70 -76.21 24.96
CAA CLA HE . 0.88 -76.58 23.14
CBA CLA HE . 1.56 -76.70 21.79
CGA CLA HE . 3.01 -77.04 21.97
O1A CLA HE . 3.86 -76.64 21.19
O2A CLA HE . 3.40 -78.00 22.99
NB CLA HE . 4.79 -71.97 23.01
C1B CLA HE . 4.88 -72.54 24.24
C2B CLA HE . 6.03 -72.14 25.08
C3B CLA HE . 6.70 -71.19 24.19
C4B CLA HE . 5.87 -71.16 22.97
CMB CLA HE . 6.41 -72.58 26.47
CAB CLA HE . 7.94 -70.42 24.45
CBB CLA HE . 7.99 -69.13 24.18
NC CLA HE . 4.30 -70.93 20.31
C1C CLA HE . 5.43 -70.23 20.55
C2C CLA HE . 5.89 -69.33 19.45
C3C CLA HE . 4.87 -69.55 18.42
C4C CLA HE . 3.96 -70.53 19.05
CMC CLA HE . 7.10 -68.44 19.42
CAC CLA HE . 4.78 -68.90 17.06
CBC CLA HE . 6.12 -68.37 16.66
ND CLA HE . 2.00 -72.47 20.06
C1D CLA HE . 1.81 -71.97 18.82
C2D CLA HE . 0.57 -72.52 18.16
C3D CLA HE . 0.10 -73.42 19.21
C4D CLA HE . 0.95 -73.32 20.23
CMD CLA HE . -0.17 -72.39 16.85
CAD CLA HE . -0.99 -74.38 19.55
OBD CLA HE . -1.97 -74.70 18.80
CBD CLA HE . -0.73 -74.91 20.94
CGD CLA HE . -1.84 -74.48 21.85
O1D CLA HE . -1.97 -73.30 22.15
O2D CLA HE . -2.65 -75.48 22.52
CED CLA HE . -3.67 -76.18 21.81
C1 CLA HE . 4.70 -78.61 22.94
C2 CLA HE . 5.70 -77.71 23.63
C3 CLA HE . 6.55 -78.22 24.53
C4 CLA HE . 7.55 -77.32 25.22
C5 CLA HE . 6.54 -79.70 24.84
C6 CLA HE . 7.48 -79.98 26.02
C7 CLA HE . 7.21 -81.36 26.60
C8 CLA HE . 7.59 -81.41 28.08
C9 CLA HE . 6.40 -81.06 28.96
C10 CLA HE . 8.14 -82.78 28.42
C11 CLA HE . 9.36 -83.11 27.58
C12 CLA HE . 9.17 -84.42 26.82
C13 CLA HE . 9.58 -84.27 25.36
C14 CLA HE . 11.05 -84.59 25.17
C15 CLA HE . 8.71 -85.16 24.49
C16 CLA HE . 7.57 -84.36 23.87
C17 CLA HE . 6.43 -85.28 23.44
C18 CLA HE . 5.62 -85.75 24.64
C19 CLA HE . 4.73 -84.64 25.17
C20 CLA HE . 4.80 -86.98 24.30
MG CLA IE . 9.19 -64.81 8.54
CHA CLA IE . 12.47 -65.05 7.55
CHB CLA IE . 10.02 -62.26 10.61
CHC CLA IE . 5.89 -64.60 9.51
CHD CLA IE . 8.36 -67.49 6.34
NA CLA IE . 10.89 -63.83 9.01
C1A CLA IE . 12.08 -64.04 8.55
C2A CLA IE . 13.15 -63.15 9.09
C3A CLA IE . 12.37 -62.28 10.05
C4A CLA IE . 10.99 -62.82 9.89
CMA CLA IE . 12.40 -60.81 9.61
CAA CLA IE . 13.74 -62.31 7.96
CBA CLA IE . 12.67 -61.97 6.92
CGA CLA IE . 12.99 -60.63 6.30
O1A CLA IE . 13.49 -59.73 6.98
O2A CLA IE . 12.54 -60.32 4.96
NB CLA IE . 8.14 -63.63 9.84
C1B CLA IE . 8.61 -62.63 10.63
C2B CLA IE . 7.61 -61.92 11.49
C3B CLA IE . 6.39 -62.65 11.13
C4B CLA IE . 6.82 -63.66 10.13
CMB CLA IE . 7.81 -60.79 12.46
CAB CLA IE . 5.02 -62.43 11.65
CBB CLA IE . 3.98 -62.90 11.00
NC CLA IE . 7.47 -65.83 8.04
C1C CLA IE . 6.22 -65.64 8.50
C2C CLA IE . 5.17 -66.52 7.97
C3C CLA IE . 5.90 -67.38 7.03
C4C CLA IE . 7.30 -66.87 7.15
CMC CLA IE . 3.69 -66.55 8.29
CAC CLA IE . 5.39 -68.49 6.16
CBC CLA IE . 5.98 -68.37 4.77
ND CLA IE . 10.11 -66.06 7.21
C1D CLA IE . 9.77 -67.07 6.39
C2D CLA IE . 10.94 -67.63 5.61
C3D CLA IE . 12.00 -66.76 6.13
C4D CLA IE . 11.46 -65.92 7.01
CMD CLA IE . 11.23 -68.70 4.59
CAD CLA IE . 13.46 -66.49 6.03
OBD CLA IE . 14.29 -67.12 5.27
CBD CLA IE . 13.80 -65.36 6.96
CGD CLA IE . 14.73 -65.85 8.03
O1D CLA IE . 14.53 -65.55 9.20
O2D CLA IE . 15.96 -66.53 7.67
CED CLA IE . 17.21 -65.89 7.88
C1 CLA IE . 11.46 -59.41 4.75
C2 CLA IE . 11.37 -59.06 3.29
C3 CLA IE . 10.18 -59.02 2.67
C4 CLA IE . 10.10 -58.67 1.21
C5 CLA IE . 8.92 -59.34 3.45
C6 CLA IE . 7.78 -58.49 2.91
C7 CLA IE . 6.51 -58.66 3.76
C8 CLA IE . 5.33 -57.96 3.12
C9 CLA IE . 4.60 -58.90 2.16
C10 CLA IE . 4.39 -57.46 4.21
C11 CLA IE . 2.99 -57.20 3.66
C12 CLA IE . 1.97 -58.15 4.27
C13 CLA IE . 0.83 -57.39 4.93
C14 CLA IE . -0.26 -57.06 3.91
C15 CLA IE . 0.27 -58.20 6.08
C16 CLA IE . 0.61 -59.68 5.93
C17 CLA IE . 2.13 -59.89 5.94
C18 CLA IE . 2.48 -61.34 6.26
C19 CLA IE . 2.40 -61.60 7.76
C20 CLA IE . 3.84 -61.71 5.71
MG CLA JE . -16.01 -50.07 18.16
CHA CLA JE . -19.13 -51.31 18.34
CHB CLA JE . -16.97 -48.11 15.62
CHC CLA JE . -12.82 -48.82 18.00
CHD CLA JE . -15.04 -52.15 20.85
NA CLA JE . -17.71 -49.76 17.17
C1A CLA JE . -18.84 -50.30 17.35
C2A CLA JE . -19.95 -49.90 16.46
C3A CLA JE . -19.27 -48.89 15.61
C4A CLA JE . -17.88 -48.91 16.16
CMA CLA JE . -19.90 -47.53 15.87
CAA CLA JE . -21.03 -49.26 17.31
CBA CLA JE . -20.48 -48.05 18.04
CGA CLA JE . -20.07 -48.46 19.42
O1A CLA JE . -20.74 -48.06 20.34
O2A CLA JE . -18.67 -48.62 19.69
NB CLA JE . -15.05 -48.70 17.00
C1B CLA JE . -15.57 -47.98 16.00
C2B CLA JE . -14.66 -47.04 15.31
C3B CLA JE . -13.44 -47.29 16.04
C4B CLA JE . -13.79 -48.30 17.04
CMB CLA JE . -14.93 -46.10 14.17
CAB CLA JE . -12.15 -46.62 15.81
CBB CLA JE . -12.01 -45.37 16.23
NC CLA JE . -14.28 -50.41 19.21
C1C CLA JE . -13.08 -49.84 19.03
C2C CLA JE . -11.99 -50.27 19.94
C3C CLA JE . -12.68 -51.25 20.78
C4C CLA JE . -14.05 -51.26 20.25
CMC CLA JE . -10.56 -49.82 19.97
CAC CLA JE . -12.14 -52.08 21.90
CBC CLA JE . -12.39 -53.53 21.54
ND CLA JE . -16.82 -51.46 19.41
C1D CLA JE . -16.43 -52.24 20.42
C2D CLA JE . -17.53 -53.10 20.95
C3D CLA JE . -18.63 -52.67 20.07
C4D CLA JE . -18.13 -51.76 19.24
CMD CLA JE . -17.72 -54.12 22.04
CAD CLA JE . -20.06 -52.88 19.72
OBD CLA JE . -20.87 -53.66 20.30
CBD CLA JE . -20.42 -51.96 18.62
CGD CLA JE . -21.04 -52.61 17.46
O1D CLA JE . -21.71 -53.56 17.76
O2D CLA JE . -21.62 -51.75 16.46
CED CLA JE . -23.00 -51.91 16.10
C1 CLA JE . -17.97 -47.53 20.28
C2 CLA JE . -16.57 -47.51 19.74
C3 CLA JE . -15.57 -47.33 20.59
C4 CLA JE . -15.85 -47.17 22.05
C5 CLA JE . -14.15 -47.31 20.08
C6 CLA JE . -13.40 -46.29 20.92
C7 CLA JE . -14.21 -45.02 21.02
C8 CLA JE . -13.31 -43.82 20.82
C9 CLA JE . -12.88 -43.76 19.36
C10 CLA JE . -14.00 -42.56 21.27
C11 CLA JE . -14.42 -42.65 22.72
C12 CLA JE . -13.50 -41.86 23.64
C13 CLA JE . -13.70 -42.24 25.10
C14 CLA JE . -12.58 -41.65 25.93
C15 CLA JE . -13.73 -43.76 25.24
C16 CLA JE . -14.48 -44.19 26.49
C17 CLA JE . -14.36 -45.69 26.67
C18 CLA JE . -14.62 -46.35 25.33
C19 CLA JE . -15.21 -45.31 24.41
C20 CLA JE . -13.33 -46.92 24.75
MG CLA KE . -16.97 -61.23 31.05
CHA CLA KE . -20.09 -60.11 31.89
CHB CLA KE . -17.76 -60.96 27.77
CHC CLA KE . -13.81 -62.37 30.25
CHD CLA KE . -16.17 -61.50 34.52
NA CLA KE . -18.59 -60.65 30.01
C1A CLA KE . -19.72 -60.25 30.47
C2A CLA KE . -20.75 -59.88 29.44
C3A CLA KE . -20.01 -60.16 28.15
C4A CLA KE . -18.68 -60.62 28.66
CMA CLA KE . -20.67 -61.28 27.36
CAA CLA KE . -21.09 -58.41 29.57
CBA CLA KE . -19.92 -57.62 30.13
CGA CLA KE . -19.56 -56.50 29.17
O1A CLA KE . -19.11 -56.75 28.06
O2A CLA KE . -19.59 -55.12 29.62
NB CLA KE . -15.96 -61.60 29.30
C1B CLA KE . -16.41 -61.45 28.04
C2B CLA KE . -15.46 -61.79 26.94
C3B CLA KE . -14.29 -62.21 27.72
C4B CLA KE . -14.70 -62.05 29.13
CMB CLA KE . -15.66 -61.73 25.44
CAB CLA KE . -12.99 -62.68 27.20
CBB CLA KE . -12.86 -63.91 26.76
NC CLA KE . -15.32 -61.82 32.15
C1C CLA KE . -14.12 -62.25 31.69
C2C CLA KE . -13.11 -62.60 32.71
C3C CLA KE . -13.81 -62.34 33.97
C4C CLA KE . -15.15 -61.86 33.51
CMC CLA KE . -11.71 -63.11 32.50
CAC CLA KE . -13.32 -62.51 35.38
CBC CLA KE . -13.95 -63.74 36.00
ND CLA KE . -17.84 -60.90 32.87
C1D CLA KE . -17.51 -61.01 34.17
C2D CLA KE . -18.63 -60.61 35.10
C3D CLA KE . -19.65 -60.24 34.11
C4D CLA KE . -19.13 -60.44 32.90
CMD CLA KE . -18.91 -60.50 36.58
CAD CLA KE . -21.04 -59.75 33.98
OBD CLA KE . -21.84 -59.47 34.95
CBD CLA KE . -21.36 -59.64 32.52
CGD CLA KE . -22.47 -60.60 32.17
O1D CLA KE . -23.38 -60.27 31.42
O2D CLA KE . -22.57 -61.87 32.88
CED CLA KE . -22.41 -63.10 32.17
C1 CLA KE . -18.95 -54.10 28.85
C2 CLA KE . -18.24 -53.14 29.78
C3 CLA KE . -18.77 -51.94 30.03
C4 CLA KE . -20.06 -51.53 29.39
C5 CLA KE . -18.06 -50.99 30.96
C6 CLA KE . -17.15 -50.06 30.15
C7 CLA KE . -16.50 -49.02 31.05
C8 CLA KE . -15.09 -49.46 31.46
C9 CLA KE . -14.88 -49.27 32.95
C10 CLA KE . -14.06 -48.69 30.66
C11 CLA KE . -13.03 -49.63 30.03
C12 CLA KE . -12.12 -48.89 29.06
C13 CLA KE . -10.86 -49.70 28.77
C14 CLA KE . -10.18 -50.13 30.07
C15 CLA KE . -9.91 -48.87 27.91
C16 CLA KE . -9.92 -49.39 26.46
C17 CLA KE . -10.97 -48.66 25.63
C18 CLA KE . -10.64 -48.75 24.15
C19 CLA KE . -11.90 -48.58 23.30
C20 CLA KE . -9.58 -47.74 23.75
MG CLA LE . -16.11 -62.97 22.93
CHA CLA LE . -14.02 -65.67 22.92
CHB CLA LE . -13.42 -60.92 23.09
CHC CLA LE . -18.26 -60.28 22.92
CHD CLA LE . -18.91 -65.17 22.75
NA CLA LE . -14.12 -63.21 22.99
C1A CLA LE . -13.46 -64.32 22.98
C2A CLA LE . -11.96 -64.19 23.05
C3A CLA LE . -11.79 -62.69 23.10
C4A CLA LE . -13.20 -62.22 23.06
CMA CLA LE . -11.15 -62.26 24.42
CAA CLA LE . -11.35 -64.76 21.78
CBA CLA LE . -10.10 -64.00 21.39
CGA CLA LE . -9.07 -64.08 22.49
O1A CLA LE . -8.82 -65.16 23.02
O2A CLA LE . -8.26 -62.93 22.83
NB CLA LE . -15.87 -60.94 23.00
C1B CLA LE . -14.72 -60.23 23.06
C2B CLA LE . -14.83 -58.75 23.10
C3B CLA LE . -16.29 -58.59 23.05
C4B CLA LE . -16.83 -59.98 22.99
CMB CLA LE . -13.76 -57.70 23.17
CAB CLA LE . -17.07 -57.33 23.06
CBB CLA LE . -17.20 -56.65 24.18
NC CLA LE . -18.17 -62.75 22.85
C1C CLA LE . -18.88 -61.61 22.86
C2C CLA LE . -20.35 -61.75 22.80
C3C CLA LE . -20.54 -63.20 22.75
C4C CLA LE . -19.15 -63.71 22.79
CMC CLA LE . -21.40 -60.66 22.79
CAC CLA LE . -21.82 -63.98 22.68
CBC CLA LE . -22.00 -64.79 23.95
ND CLA LE . -16.49 -64.97 22.85
C1D CLA LE . -17.58 -65.78 22.79
C2D CLA LE . -17.22 -67.25 22.76
C3D CLA LE . -15.75 -67.14 22.81
C4D CLA LE . -15.44 -65.85 22.87
CMD CLA LE . -17.89 -68.59 22.69
CAD CLA LE . -14.51 -67.95 22.84
OBD CLA LE . -14.44 -69.23 22.80
CBD CLA LE . -13.33 -67.01 22.91
CGD CLA LE . -12.51 -67.14 21.66
O1D CLA LE . -13.03 -67.49 20.62
O2D CLA LE . -11.06 -67.05 21.74
CED CLA LE . -10.42 -66.81 22.99
C1 CLA LE . -7.60 -62.86 24.09
C2 CLA LE . -8.59 -62.38 25.14
C3 CLA LE . -8.15 -61.91 26.31
C4 CLA LE . -6.68 -61.86 26.60
C5 CLA LE . -9.15 -61.44 27.35
C6 CLA LE . -8.87 -62.13 28.67
C7 CLA LE . -10.07 -62.02 29.61
C8 CLA LE . -9.80 -61.05 30.74
C9 CLA LE . -9.11 -59.79 30.23
C10 CLA LE . -11.11 -60.70 31.44
C11 CLA LE . -11.09 -59.27 31.96
C12 CLA LE . -12.26 -58.48 31.40
C13 CLA LE . -13.51 -58.68 32.26
C14 CLA LE . -13.35 -58.02 33.63
C15 CLA LE . -14.72 -58.11 31.53
C16 CLA LE . -15.16 -56.79 32.14
C17 CLA LE . -15.44 -56.93 33.63
C18 CLA LE . -16.46 -55.91 34.10
C19 CLA LE . -16.50 -55.83 35.62
C20 CLA LE . -17.84 -56.21 33.54
MG CLA ME . -12.91 -59.79 6.34
CHA CLA ME . -15.37 -60.34 4.02
CHB CLA ME . -13.65 -62.73 7.82
CHC CLA ME . -10.42 -59.18 8.64
CHD CLA ME . -12.15 -56.68 4.75
NA CLA ME . -14.23 -61.25 6.01
C1A CLA ME . -15.12 -61.33 5.08
C2A CLA ME . -15.98 -62.56 5.10
C3A CLA ME . -15.44 -63.31 6.29
C4A CLA ME . -14.36 -62.37 6.75
CMA CLA ME . -16.49 -63.44 7.37
CAA CLA ME . -15.75 -63.35 3.81
CBA CLA ME . -14.55 -64.27 3.94
CGA CLA ME . -13.61 -64.05 2.78
O1A CLA ME . -13.97 -63.37 1.82
O2A CLA ME . -12.35 -64.77 2.70
NB CLA ME . -12.17 -60.79 7.96
C1B CLA ME . -12.57 -61.99 8.45
C2B CLA ME . -11.85 -62.50 9.65
C3B CLA ME . -10.89 -61.41 9.87
C4B CLA ME . -11.17 -60.43 8.79
CMB CLA ME . -12.05 -63.77 10.43
CAB CLA ME . -9.87 -61.31 10.93
CBB CLA ME . -8.81 -60.55 10.76
NC CLA ME . -11.55 -58.25 6.64
C1C CLA ME . -10.62 -58.15 7.61
C2C CLA ME . -9.78 -56.93 7.59
C3C CLA ME . -10.30 -56.20 6.43
C4C CLA ME . -11.38 -57.09 5.93
CMC CLA ME . -8.66 -56.54 8.53
CAC CLA ME . -9.85 -54.86 5.89
CBC CLA ME . -9.86 -53.83 7.00
ND CLA ME . -13.54 -58.66 4.75
C1D CLA ME . -13.23 -57.48 4.17
C2D CLA ME . -14.10 -57.17 2.97
C3D CLA ME . -14.94 -58.37 2.95
C4D CLA ME . -14.57 -59.14 3.98
CMD CLA ME . -14.26 -56.10 1.93
CAD CLA ME . -16.06 -59.03 2.23
OBD CLA ME . -16.66 -58.56 1.19
CBD CLA ME . -16.37 -60.34 2.91
CGD CLA ME . -17.76 -60.28 3.48
O1D CLA ME . -18.37 -59.22 3.53
O2D CLA ME . -18.31 -61.46 4.13
CED CLA ME . -18.08 -61.67 5.53
C1 CLA ME . -12.17 -65.77 1.71
C2 CLA ME . -11.11 -65.33 0.73
C3 CLA ME . -10.95 -64.03 0.46
C4 CLA ME . -11.80 -63.00 1.14
C5 CLA ME . -9.89 -63.59 -0.52
C6 CLA ME . -8.60 -63.26 0.22
C7 CLA ME . -7.42 -63.13 -0.74
C8 CLA ME . -7.45 -61.79 -1.46
C9 CLA ME . -8.54 -61.76 -2.52
C10 CLA ME . -6.08 -61.51 -2.07
C11 CLA ME . -6.09 -61.75 -3.56
C12 CLA ME . -4.67 -61.88 -4.10
C13 CLA ME . -4.28 -60.64 -4.91
C14 CLA ME . -2.77 -60.54 -5.05
C15 CLA ME . -4.85 -59.39 -4.23
C16 CLA ME . -4.20 -58.13 -4.79
C17 CLA ME . -4.31 -56.98 -3.78
C18 CLA ME . -5.68 -56.33 -3.84
C19 CLA ME . -6.78 -57.34 -3.55
C20 CLA ME . -5.76 -55.14 -2.90
MG CLA NE . -13.35 -67.25 12.21
CHA CLA NE . -11.95 -66.46 15.23
CHB CLA NE . -10.37 -68.48 11.17
CHC CLA NE . -14.81 -68.04 9.18
CHD CLA NE . -16.47 -65.95 13.35
NA CLA NE . -11.52 -67.44 13.02
C1A CLA NE . -11.13 -67.09 14.19
C2A CLA NE . -9.69 -67.36 14.51
C3A CLA NE . -9.20 -68.00 13.24
C4A CLA NE . -10.45 -67.98 12.41
CMA CLA NE . -8.78 -69.44 13.47
CAA CLA NE . -9.60 -68.34 15.68
CBA CLA NE . -8.21 -68.92 15.79
CGA CLA NE . -7.31 -67.97 16.55
O1A CLA NE . -6.14 -68.22 16.71
O2A CLA NE . -7.90 -66.83 17.25
NB CLA NE . -12.69 -68.12 10.47
C1B CLA NE . -11.45 -68.58 10.19
C2B CLA NE . -11.25 -69.17 8.84
C3B CLA NE . -12.59 -69.01 8.28
C4B CLA NE . -13.39 -68.37 9.35
CMB CLA NE . -10.00 -69.75 8.22
CAB CLA NE . -13.05 -69.42 6.92
CBB CLA NE . -13.30 -70.69 6.67
NC CLA NE . -15.25 -67.05 11.42
C1C CLA NE . -15.68 -67.42 10.19
C2C CLA NE . -17.11 -67.14 9.88
C3C CLA NE . -17.58 -66.52 11.12
C4C CLA NE . -16.38 -66.52 11.98
CMC CLA NE . -17.86 -67.43 8.61
CAC CLA NE . -18.97 -66.01 11.44
CBC CLA NE . -18.91 -65.08 12.63
ND CLA NE . -14.15 -66.39 13.88
C1D CLA NE . -15.34 -65.90 14.28
C2D CLA NE . -15.31 -65.35 15.69
C3D CLA NE . -13.91 -65.60 16.03
C4D CLA NE . -13.33 -66.18 14.97
CMD CLA NE . -16.24 -64.70 16.68
CAD CLA NE . -12.90 -65.45 17.10
OBD CLA NE . -13.12 -64.94 18.27
CBD CLA NE . -11.59 -66.01 16.62
CGD CLA NE . -10.57 -64.91 16.54
O1D CLA NE . -9.50 -65.09 16.00
O2D CLA NE . -10.80 -63.67 17.27
CED CLA NE . -11.12 -63.71 18.66
C1 CLA NE . -7.07 -65.78 17.71
C2 CLA NE . -5.96 -66.35 18.56
C3 CLA NE . -6.23 -67.26 19.51
C4 CLA NE . -5.11 -67.81 20.36
C5 CLA NE . -7.64 -67.71 19.74
C6 CLA NE . -7.74 -68.42 21.09
C7 CLA NE . -8.95 -69.35 21.13
C8 CLA NE . -10.14 -68.74 20.39
C9 CLA NE . -10.07 -69.07 18.90
C10 CLA NE . -11.43 -69.22 21.01
C11 CLA NE . -12.24 -70.04 20.01
C12 CLA NE . -12.35 -69.33 18.67
C13 CLA NE . -13.79 -69.25 18.21
C14 CLA NE . -14.75 -69.11 19.39
C15 CLA NE . -14.13 -70.49 17.38
C16 CLA NE . -15.35 -70.25 16.51
C17 CLA NE . -16.55 -69.82 17.35
C18 CLA NE . -16.53 -70.50 18.71
C19 CLA NE . -15.66 -71.75 18.69
C20 CLA NE . -17.94 -70.83 19.18
MG CLA OE . -4.11 -66.79 8.85
CHA CLA OE . -1.09 -68.32 9.17
CHB CLA OE . -4.22 -67.69 5.59
CHC CLA OE . -7.16 -65.22 8.59
CHD CLA OE . -3.96 -65.85 12.30
NA CLA OE . -2.92 -67.80 7.60
C1A CLA OE . -1.78 -68.34 7.87
C2A CLA OE . -1.11 -69.02 6.73
C3A CLA OE . -2.10 -68.83 5.62
C4A CLA OE . -3.17 -68.05 6.31
CMA CLA OE . -2.67 -70.16 5.16
CAA CLA OE . 0.14 -68.23 6.40
CBA CLA OE . -0.07 -67.34 5.19
CGA CLA OE . -0.41 -65.93 5.61
O1A CLA OE . -0.14 -65.02 4.87
O2A CLA OE . -1.51 -65.74 6.55
NB CLA OE . -5.46 -66.51 7.33
C1B CLA OE . -5.37 -66.93 6.06
C2B CLA OE . -6.51 -66.59 5.16
C3B CLA OE . -7.37 -65.84 6.10
C4B CLA OE . -6.63 -65.86 7.38
CMB CLA OE . -6.70 -66.90 3.70
CAB CLA OE . -8.68 -65.20 5.85
CBB CLA OE . -9.68 -65.43 6.67
NC CLA OE . -5.31 -65.76 10.16
C1C CLA OE . -6.51 -65.19 9.90
C2C CLA OE . -7.17 -64.50 11.04
C3C CLA OE . -6.20 -64.70 12.14
C4C CLA OE . -5.13 -65.46 11.48
CMC CLA OE . -8.50 -63.78 11.05
CAC CLA OE . -6.24 -64.25 13.57
CBC CLA OE . -4.85 -64.36 14.13
ND CLA OE . -2.87 -66.99 10.45
C1D CLA OE . -2.84 -66.62 11.75
C2D CLA OE . -1.60 -67.08 12.46
C3D CLA OE . -0.92 -67.77 11.36
C4D CLA OE . -1.70 -67.67 10.29
CMD CLA OE . -0.98 -67.02 13.83
CAD CLA OE . 0.29 -68.52 11.02
OBD CLA OE . 1.24 -68.79 11.84
CBD CLA OE . 0.23 -68.92 9.58
CGD CLA OE . 0.17 -70.41 9.47
O1D CLA OE . -0.84 -71.03 9.79
O2D CLA OE . 1.39 -71.17 9.31
CED CLA OE . 2.07 -71.19 8.05
C1 CLA OE . -1.27 -65.22 7.86
C2 CLA OE . -2.20 -64.05 8.09
C3 CLA OE . -2.49 -63.25 7.06
C4 CLA OE . -1.89 -63.53 5.72
C5 CLA OE . -3.41 -62.07 7.25
C6 CLA OE . -3.56 -61.31 5.94
C7 CLA OE . -2.27 -61.33 5.14
C8 CLA OE . -2.45 -62.05 3.80
C9 CLA OE . -2.57 -61.06 2.65
C10 CLA OE . -1.27 -62.99 3.57
C11 CLA OE . -0.34 -62.43 2.51
C12 CLA OE . -1.09 -62.08 1.24
C13 CLA OE . -0.66 -60.73 0.70
C14 CLA OE . -1.67 -59.66 1.07
C15 CLA OE . -0.48 -60.81 -0.81
C16 CLA OE . -1.03 -59.56 -1.48
C17 CLA OE . -0.58 -58.30 -0.74
C18 CLA OE . -1.28 -57.06 -1.31
C19 CLA OE . -1.58 -57.25 -2.79
C20 CLA OE . -0.46 -55.80 -1.07
MG CLA PE . -12.89 -71.35 1.94
CHA CLA PE . -15.93 -72.76 1.26
CHB CLA PE . -12.63 -73.32 4.70
CHC CLA PE . -9.83 -69.91 2.59
CHD CLA PE . -13.22 -69.31 -0.96
NA CLA PE . -14.04 -72.76 2.82
C1A CLA PE . -15.18 -73.19 2.44
C2A CLA PE . -15.79 -74.25 3.31
C3A CLA PE . -14.75 -74.42 4.39
C4A CLA PE . -13.71 -73.43 3.95
CMA CLA PE . -15.29 -74.02 5.74
CAA CLA PE . -15.96 -75.54 2.50
CBA CLA PE . -14.61 -76.04 2.00
CGA CLA PE . -14.82 -76.86 0.74
O1A CLA PE . -15.95 -77.04 0.30
O2A CLA PE . -13.68 -77.30 -0.04
NB CLA PE . -11.47 -71.58 3.40
C1B CLA PE . -11.50 -72.42 4.46
C2B CLA PE . -10.31 -72.38 5.38
C3B CLA PE . -9.50 -71.35 4.72
C4B CLA PE . -10.29 -70.94 3.53
CMB CLA PE . -10.04 -73.17 6.63
CAB CLA PE . -8.17 -70.84 5.14
CBB CLA PE . -7.07 -71.45 4.74
NC CLA PE . -11.75 -69.91 1.01
C1C CLA PE . -10.54 -69.43 1.39
C2C CLA PE . -9.93 -68.39 0.54
C3C CLA PE . -10.94 -68.22 -0.52
C4C CLA PE . -12.00 -69.19 -0.12
CMC CLA PE . -8.61 -67.67 0.70
CAC CLA PE . -10.92 -67.28 -1.71
CBC CLA PE . -10.70 -68.08 -2.97
ND CLA PE . -14.22 -71.02 0.43
C1D CLA PE . -14.31 -70.24 -0.67
C2D CLA PE . -15.59 -70.45 -1.44
C3D CLA PE . -16.21 -71.48 -0.61
C4D CLA PE . -15.38 -71.74 0.40
CMD CLA PE . -16.28 -69.92 -2.67
CAD CLA PE . -17.42 -72.35 -0.49
OBD CLA PE . -18.42 -72.35 -1.29
CBD CLA PE . -17.27 -73.20 0.74
CGD CLA PE . -18.34 -72.84 1.73
O1D CLA PE . -19.46 -73.32 1.64
O2D CLA PE . -18.11 -71.78 2.70
CED CLA PE . -18.55 -70.45 2.41
C1 CLA PE . -13.71 -78.57 -0.70
C2 CLA PE . -12.35 -79.21 -0.64
C3 CLA PE . -11.69 -79.54 -1.75
C4 CLA PE . -12.32 -79.27 -3.10
C5 CLA PE . -10.33 -80.18 -1.67
C6 CLA PE . -9.40 -79.30 -0.85
C7 CLA PE . -8.19 -80.08 -0.37
C8 CLA PE . -8.06 -80.04 1.14
C9 CLA PE . -9.22 -79.27 1.76
C10 CLA PE . -6.72 -79.44 1.54
C11 CLA PE . -5.85 -80.45 2.27
C12 CLA PE . -4.88 -79.75 3.21
C13 CLA PE . -3.51 -80.40 3.16
C14 CLA PE . -2.81 -80.09 1.84
C15 CLA PE . -3.64 -81.91 3.36
C16 CLA PE . -3.40 -82.28 4.82
C17 CLA PE . -2.96 -83.74 4.94
C18 CLA PE . -3.60 -84.40 6.16
C19 CLA PE . -4.90 -85.11 5.79
C20 CLA PE . -2.63 -85.36 6.83
MG CLA QE . -13.28 -75.46 21.67
CHA CLA QE . -10.44 -74.35 20.11
CHB CLA QE . -11.46 -76.25 24.41
CHC CLA QE . -16.17 -76.55 23.19
CHD CLA QE . -15.15 -74.59 18.76
NA CLA QE . -11.34 -75.33 22.19
C1A CLA QE . -10.35 -74.89 21.48
C2A CLA QE . -9.02 -74.93 22.15
C3A CLA QE . -9.35 -75.52 23.49
C4A CLA QE . -10.83 -75.73 23.37
CMA CLA QE . -8.67 -76.88 23.67
CAA CLA QE . -8.47 -73.51 22.30
CBA CLA QE . -6.97 -73.48 22.08
CGA CLA QE . -6.32 -72.75 23.24
O1A CLA QE . -6.97 -72.50 24.24
O2A CLA QE . -4.88 -72.53 23.24
NB CLA QE . -13.73 -76.27 23.50
C1B CLA QE . -12.89 -76.53 24.52
C2B CLA QE . -13.49 -77.13 25.75
C3B CLA QE . -14.90 -77.19 25.34
C4B CLA QE . -14.94 -76.65 23.96
CMB CLA QE . -12.83 -77.53 27.03
CAB CLA QE . -16.03 -77.71 26.14
CBB CLA QE . -16.71 -76.89 26.93
NC CLA QE . -15.26 -75.55 21.10
C1C CLA QE . -16.31 -76.02 21.82
C2C CLA QE . -17.64 -75.97 21.17
C3C CLA QE . -17.32 -75.40 19.85
C4C CLA QE . -15.86 -75.18 19.92
CMC CLA QE . -18.98 -76.41 21.71
CAC CLA QE . -18.26 -75.09 18.71
CBC CLA QE . -19.02 -76.35 18.33
ND CLA QE . -12.97 -74.65 19.80
C1D CLA QE . -13.72 -74.34 18.72
C2D CLA QE . -12.89 -73.76 17.60
C3D CLA QE . -11.57 -73.78 18.22
C4D CLA QE . -11.71 -74.29 19.45
CMD CLA QE . -13.08 -73.22 16.20
CAD CLA QE . -10.14 -73.45 17.99
OBD CLA QE . -9.65 -72.94 16.92
CBD CLA QE . -9.35 -73.82 19.22
CGD CLA QE . -8.38 -74.91 18.89
O1D CLA QE . -7.32 -74.99 19.49
O2D CLA QE . -8.78 -75.99 18.00
CED CLA QE . -8.10 -76.17 16.76
C1 CLA QE . -4.00 -73.53 23.77
C2 CLA QE . -3.35 -73.00 25.02
C3 CLA QE . -3.43 -73.69 26.18
C4 CLA QE . -2.78 -73.16 27.42
C5 CLA QE . -4.19 -74.99 26.22
C6 CLA QE . -3.89 -75.71 27.53
C7 CLA QE . -3.96 -77.23 27.35
C8 CLA QE . -5.36 -77.74 27.60
C9 CLA QE . -6.27 -77.48 26.39
C10 CLA QE . -5.31 -79.23 27.92
C11 CLA QE . -5.97 -80.05 26.82
C12 CLA QE . -5.43 -81.48 26.81
C13 CLA QE . -5.51 -82.08 25.41
C14 CLA QE . -6.59 -81.39 24.58
C15 CLA QE . -4.15 -81.99 24.74
C16 CLA QE . -3.91 -80.59 24.19
C17 CLA QE . -5.09 -80.12 23.35
C18 CLA QE . -4.61 -79.29 22.16
C19 CLA QE . -5.66 -78.25 21.77
C20 CLA QE . -3.28 -78.63 22.45
MG CLA RE . -13.90 -83.65 16.58
CHA CLA RE . -16.19 -85.96 15.48
CHB CLA RE . -16.29 -82.22 18.51
CHC CLA RE . -11.56 -81.36 17.66
CHD CLA RE . -11.41 -85.18 14.53
NA CLA RE . -15.85 -84.00 16.95
C1A CLA RE . -16.59 -84.93 16.44
C2A CLA RE . -18.02 -84.93 16.91
C3A CLA RE . -18.04 -83.76 17.86
C4A CLA RE . -16.62 -83.28 17.78
CMA CLA RE . -18.97 -82.66 17.36
CAA CLA RE . -18.30 -86.23 17.65
CBA CLA RE . -17.02 -86.92 18.07
CGA CLA RE . -16.43 -86.19 19.26
O1A CLA RE . -16.48 -84.98 19.33
O2A CLA RE . -15.96 -86.95 20.41
NB CLA RE . -13.93 -82.06 17.87
C1B CLA RE . -14.98 -81.59 18.60
C2B CLA RE . -14.72 -80.41 19.46
C3B CLA RE . -13.29 -80.18 19.18
C4B CLA RE . -12.92 -81.23 18.20
CMB CLA RE . -15.65 -79.66 20.37
CAB CLA RE . -12.43 -79.12 19.75
CBB CLA RE . -12.24 -78.00 19.07
NC CLA RE . -11.90 -83.33 16.18
C1C CLA RE . -11.10 -82.36 16.69
C2C CLA RE . -9.68 -82.36 16.23
C3C CLA RE . -9.65 -83.50 15.31
C4C CLA RE . -11.04 -84.01 15.36
CMC CLA RE . -8.57 -81.43 16.62
CAC CLA RE . -8.48 -84.02 14.49
CBC CLA RE . -7.32 -84.31 15.43
ND CLA RE . -13.72 -85.21 15.27
C1D CLA RE . -12.76 -85.77 14.50
C2D CLA RE . -13.26 -86.96 13.71
C3D CLA RE . -14.66 -86.98 14.15
C4D CLA RE . -14.83 -85.98 15.01
CMD CLA RE . -12.72 -87.96 12.72
CAD CLA RE . -15.93 -87.72 13.98
OBD CLA RE . -16.12 -88.73 13.22
CBD CLA RE . -16.97 -87.06 14.85
CGD CLA RE . -17.42 -88.03 15.91
O1D CLA RE . -16.66 -88.89 16.31
O2D CLA RE . -18.81 -88.05 16.33
CED CLA RE . -19.35 -89.23 16.93
C1 CLA RE . -15.91 -86.33 21.70
C2 CLA RE . -14.53 -86.45 22.27
C3 CLA RE . -14.29 -87.22 23.33
C4 CLA RE . -15.41 -87.98 23.97
C5 CLA RE . -12.89 -87.33 23.90
C6 CLA RE . -12.44 -88.79 23.85
C7 CLA RE . -10.91 -88.88 23.84
C8 CLA RE . -10.46 -90.33 23.99
C9 CLA RE . -9.54 -90.49 25.20
C10 CLA RE . -9.75 -90.77 22.71
C11 CLA RE . -10.64 -90.56 21.49
C12 CLA RE . -10.29 -91.54 20.38
C13 CLA RE . -8.79 -91.54 20.11
C14 CLA RE . -8.05 -92.43 21.12
C15 CLA RE . -8.53 -92.00 18.69
C16 CLA RE . -8.60 -90.84 17.71
C17 CLA RE . -9.10 -91.30 16.35
C18 CLA RE . -10.48 -90.69 16.03
C19 CLA RE . -10.42 -89.86 14.76
C20 CLA RE . -11.55 -91.76 15.95
C1 BCR SE . -20.06 -51.27 24.94
C2 BCR SE . -20.79 -50.03 24.45
C3 BCR SE . -20.57 -48.91 25.45
C4 BCR SE . -19.09 -48.56 25.57
C5 BCR SE . -18.21 -49.67 25.04
C6 BCR SE . -18.60 -50.93 25.05
C7 BCR SE . -17.59 -52.00 25.17
C8 BCR SE . -16.59 -51.85 25.92
C9 BCR SE . -15.47 -51.87 26.48
C10 BCR SE . -15.01 -52.97 27.08
C11 BCR SE . -13.89 -53.01 27.65
C33 BCR SE . -16.85 -49.34 24.49
C31 BCR SE . -20.27 -52.41 23.96
C32 BCR SE . -20.56 -51.65 26.32
C34 BCR SE . -14.63 -50.62 26.49
C12 BCR SE . -13.09 -53.60 28.28
C13 BCR SE . -11.87 -53.88 28.40
C14 BCR SE . -11.41 -54.51 29.48
C15 BCR SE . -10.19 -54.78 29.57
C16 BCR SE . -9.39 -55.24 30.32
C17 BCR SE . -8.67 -55.68 31.15
C18 BCR SE . -7.60 -55.43 31.74
C19 BCR SE . -7.09 -56.24 32.56
C20 BCR SE . -6.16 -56.70 33.13
C21 BCR SE . -5.13 -57.14 33.53
C22 BCR SE . -4.26 -58.02 33.70
C23 BCR SE . -2.97 -57.70 33.94
C24 BCR SE . -2.08 -58.68 34.12
C25 BCR SE . -0.79 -58.37 34.35
C26 BCR SE . -0.39 -57.11 34.39
C27 BCR SE . 1.10 -56.85 34.49
C28 BCR SE . 1.89 -57.78 33.58
C29 BCR SE . 1.31 -59.20 33.51
C30 BCR SE . 0.25 -59.42 34.56
C35 BCR SE . -10.92 -53.52 27.30
C36 BCR SE . -6.89 -54.14 31.44
C37 BCR SE . -4.64 -59.46 33.67
C38 BCR SE . -1.38 -56.00 34.33
C39 BCR SE . 0.88 -59.24 35.94
C40 BCR SE . -0.39 -60.79 34.45
C1A DGD TE . 1.84 -43.95 23.20
C2A DGD TE . 0.52 -43.91 22.46
C3A DGD TE . -0.62 -44.17 23.44
C4A DGD TE . -1.97 -43.95 22.77
C5A DGD TE . -3.08 -43.80 23.81
C6A DGD TE . -4.46 -43.95 23.16
C7A DGD TE . -4.42 -43.52 21.70
C8A DGD TE . -5.70 -43.95 20.98
C9A DGD TE . -5.74 -43.37 19.58
CAA DGD TE . -6.00 -41.87 19.61
CBA DGD TE . -6.14 -41.38 21.05
CCA DGD TE . -5.57 -39.97 21.20
CDA DGD TE . -6.00 -39.34 22.52
CEA DGD TE . -5.07 -39.76 23.66
CFA DGD TE . -5.66 -39.39 25.01
CGA DGD TE . -4.56 -38.94 25.97
CHA DGD TE . -5.15 -38.53 27.32
CIA DGD TE . -4.26 -38.98 28.46
O1A DGD TE . 2.81 -43.35 22.77
C1B DGD TE . 2.32 -47.51 24.75
C2B DGD TE . 2.06 -48.54 23.67
C3B DGD TE . 1.16 -49.64 24.23
C4B DGD TE . -0.09 -49.06 24.88
C5B DGD TE . -0.46 -47.72 24.24
C6B DGD TE . -1.22 -47.93 22.94
C7B DGD TE . -0.50 -48.90 22.02
C8B DGD TE . -0.53 -48.42 20.58
C9B DGD TE . -1.65 -47.39 20.37
CAB DGD TE . -1.59 -46.81 18.96
CBB DGD TE . -2.99 -46.44 18.47
CCB DGD TE . -2.94 -45.27 17.50
CDB DGD TE . -2.83 -45.76 16.06
CEB DGD TE . -3.57 -44.83 15.11
CFB DGD TE . -4.96 -45.37 14.80
CGB DGD TE . -5.12 -45.64 13.31
CHB DGD TE . -6.59 -45.57 12.89
CIB DGD TE . -7.48 -45.41 14.09
O1B DGD TE . 1.49 -47.31 25.61
O1G DGD TE . 1.95 -44.71 24.43
C1G DGD TE . 3.05 -44.48 25.31
C2G DGD TE . 3.59 -45.80 25.82
O2G DGD TE . 3.56 -46.77 24.76
C3G DGD TE . 5.03 -45.63 26.29
O3G DGD TE . 5.77 -46.81 26.03
C1D DGD TE . 7.15 -46.68 26.39
C2D DGD TE . 7.45 -45.21 26.66
O2D DGD TE . 7.27 -44.46 25.45
C3D DGD TE . 8.89 -45.03 27.14
O3D DGD TE . 9.08 -43.68 27.60
C4D DGD TE . 9.20 -46.00 28.28
O4D DGD TE . 8.50 -45.59 29.46
C5D DGD TE . 8.79 -47.42 27.92
O5D DGD TE . 10.12 -49.22 28.79
C6D DGD TE . 9.02 -48.37 29.08
O6D DGD TE . 7.40 -47.44 27.57
C1E DGD TE . 11.33 -48.75 29.38
C2E DGD TE . 12.52 -49.52 28.80
O2E DGD TE . 12.53 -49.38 27.38
C3E DGD TE . 12.44 -50.99 29.18
O3E DGD TE . 13.67 -51.64 28.81
C4E DGD TE . 12.19 -51.17 30.67
O4E DGD TE . 13.37 -50.82 31.40
C5E DGD TE . 11.02 -50.31 31.12
O6E DGD TE . 11.28 -48.94 30.79
C6E DGD TE . 10.82 -50.43 32.63
O5E DGD TE . 11.99 -49.98 33.31
C1A DGD UE . 9.84 -62.64 4.57
C2A DGD UE . 8.50 -63.24 4.21
C3A DGD UE . 7.61 -63.25 5.45
C4A DGD UE . 8.13 -62.29 6.50
C5A DGD UE . 7.83 -60.84 6.12
C6A DGD UE . 7.69 -59.96 7.36
C7A DGD UE . 6.81 -58.75 7.06
C8A DGD UE . 6.07 -58.31 8.32
C9A DGD UE . 6.22 -56.81 8.54
CAA DGD UE . 7.37 -56.25 7.71
CBA DGD UE . 6.99 -54.94 7.04
CCA DGD UE . 7.86 -54.67 5.83
CDA DGD UE . 7.13 -53.76 4.84
CEA DGD UE . 6.67 -54.54 3.61
CFA DGD UE . 5.89 -53.64 2.66
CGA DGD UE . 4.49 -54.19 2.41
CHA DGD UE . 4.03 -53.91 0.99
CIA DGD UE . 2.63 -54.44 0.77
O1A DGD UE . 9.91 -61.60 5.21
C1B DGD UE . 12.88 -62.67 0.96
C2B DGD UE . 11.45 -62.84 0.54
C3B DGD UE . 11.10 -61.82 -0.55
C4B DGD UE . 9.79 -62.16 -1.23
C5B DGD UE . 9.16 -60.93 -1.87
C6B DGD UE . 7.74 -61.21 -2.34
C7B DGD UE . 6.98 -59.92 -2.59
C8B DGD UE . 5.58 -60.21 -3.11
C9B DGD UE . 4.99 -61.45 -2.46
CAB DGD UE . 5.49 -61.60 -1.02
CBB DGD UE . 4.34 -61.82 -0.05
CCB DGD UE . 4.84 -61.89 1.38
CDB DGD UE . 5.18 -63.32 1.79
CEB DGD UE . 5.97 -64.01 0.69
CFB DGD UE . 5.95 -65.53 0.86
CGB DGD UE . 7.36 -66.09 0.96
CHB DGD UE . 8.15 -65.81 -0.32
CIB DGD UE . 7.78 -64.46 -0.89
O1B DGD UE . 13.53 -61.70 0.59
O1G DGD UE . 11.07 -63.28 4.13
C1G DGD UE . 12.02 -62.55 3.35
C2G DGD UE . 13.29 -63.38 3.20
O2G DGD UE . 13.52 -63.65 1.81
C3G DGD UE . 14.47 -62.59 3.76
O3G DGD UE . 15.60 -62.77 2.90
C1D DGD UE . 16.70 -63.37 3.59
C2D DGD UE . 17.87 -63.53 2.63
O2D DGD UE . 17.49 -64.42 1.56
C3D DGD UE . 19.10 -64.08 3.34
O3D DGD UE . 20.23 -64.01 2.48
C4D DGD UE . 19.37 -63.30 4.63
O4D DGD UE . 19.88 -62.01 4.29
C5D DGD UE . 18.11 -63.16 5.46
O5D DGD UE . 18.57 -60.96 6.32
C6D DGD UE . 18.38 -62.31 6.71
O6D DGD UE . 17.09 -62.55 4.68
C1E DGD UE . 19.24 -60.21 7.34
C2E DGD UE . 20.48 -60.96 7.80
O2E DGD UE . 21.33 -61.21 6.67
C3E DGD UE . 20.10 -62.28 8.44
O3E DGD UE . 21.26 -62.86 9.06
C4E DGD UE . 19.02 -62.10 9.49
O4E DGD UE . 19.56 -61.43 10.63
C5E DGD UE . 17.86 -61.28 8.94
O6E DGD UE . 18.35 -60.03 8.45
C6E DGD UE . 16.81 -61.01 10.01
O5E DGD UE . 16.15 -59.77 9.74
C1A DGD VE . 12.88 -57.85 -1.31
C2A DGD VE . 11.74 -57.11 -0.67
C3A DGD VE . 10.62 -56.91 -1.68
C4A DGD VE . 9.29 -56.64 -0.99
C5A DGD VE . 8.15 -56.62 -1.99
C6A DGD VE . 6.85 -56.19 -1.33
C7A DGD VE . 6.96 -54.79 -0.76
C8A DGD VE . 5.88 -53.87 -1.32
C9A DGD VE . 5.68 -54.13 -2.80
CAA DGD VE . 4.47 -55.04 -3.03
CBA DGD VE . 3.53 -54.46 -4.07
CCA DGD VE . 2.37 -55.39 -4.36
CDA DGD VE . 1.22 -54.66 -5.04
CEA DGD VE . 0.10 -55.62 -5.41
CFA DGD VE . -0.93 -54.94 -6.30
CGA DGD VE . -0.30 -53.81 -7.10
CHA DGD VE . -1.32 -53.16 -8.03
CIA DGD VE . -1.37 -51.66 -7.81
O1A DGD VE . 12.67 -58.69 -2.17
C1B DGD VE . 15.14 -56.45 -3.81
C2B DGD VE . 14.37 -55.20 -4.15
C3B DGD VE . 13.23 -55.55 -5.09
C4B DGD VE . 12.28 -54.37 -5.26
C5B DGD VE . 11.13 -54.73 -6.18
C6B DGD VE . 9.84 -54.04 -5.73
C7B DGD VE . 8.93 -53.75 -6.92
C8B DGD VE . 7.47 -53.98 -6.57
C9B DGD VE . 7.05 -53.11 -5.38
CAB DGD VE . 6.99 -51.65 -5.78
CBB DGD VE . 5.80 -51.37 -6.69
CCB DGD VE . 5.44 -49.89 -6.70
CDB DGD VE . 4.68 -49.52 -7.97
CEB DGD VE . 3.24 -49.14 -7.65
CFB DGD VE . 2.58 -48.47 -8.85
CGB DGD VE . 1.16 -48.96 -9.03
CHB DGD VE . 1.13 -50.36 -9.63
CIB DGD VE . 1.68 -50.35 -11.04
O1B DGD VE . 15.19 -57.39 -4.59
O1G DGD VE . 14.25 -57.58 -0.91
C1G DGD VE . 15.29 -58.51 -1.22
C2G DGD VE . 16.23 -57.90 -2.26
O2G DGD VE . 15.83 -56.56 -2.53
C3G DGD VE . 17.65 -57.91 -1.71
O3G DGD VE . 18.37 -56.81 -2.26
C1D DGD VE . 19.78 -56.98 -2.12
C2D DGD VE . 20.49 -56.33 -3.31
O2D DGD VE . 20.11 -56.98 -4.51
C3D DGD VE . 22.01 -56.40 -3.14
O3D DGD VE . 22.63 -55.59 -4.14
C4D DGD VE . 22.43 -55.93 -1.75
O4D DGD VE . 22.26 -54.51 -1.67
C5D DGD VE . 21.61 -56.60 -0.67
O5D DGD VE . 23.23 -56.63 1.11
C6D DGD VE . 21.99 -56.07 0.71
O6D DGD VE . 20.22 -56.37 -0.90
C1E DGD VE . 23.37 -56.64 2.53
C2E DGD VE . 24.77 -56.18 2.91
O2E DGD VE . 25.00 -54.88 2.37
C3E DGD VE . 25.82 -57.15 2.38
O3E DGD VE . 27.10 -56.81 2.95
C4E DGD VE . 25.48 -58.59 2.75
O4E DGD VE . 25.66 -58.79 4.16
C5E DGD VE . 24.03 -58.91 2.38
O6E DGD VE . 23.17 -57.97 3.02
C6E DGD VE . 23.66 -60.32 2.82
O5E DGD VE . 22.29 -60.57 2.48
MG CLA WE . 5.26 -33.50 -6.58
CHA CLA WE . 5.24 -33.18 -9.99
CHB CLA WE . 1.91 -33.99 -6.62
CHC CLA WE . 5.34 -33.82 -3.15
CHD CLA WE . 8.80 -32.98 -6.59
NA CLA WE . 3.84 -33.58 -8.00
C1A CLA WE . 3.98 -33.43 -9.28
C2A CLA WE . 2.73 -33.54 -10.08
C3A CLA WE . 1.69 -33.79 -9.02
C4A CLA WE . 2.53 -33.78 -7.78
CMA CLA WE . 0.68 -32.65 -8.96
CAA CLA WE . 2.84 -34.72 -11.04
CBA CLA WE . 1.69 -35.70 -10.81
CGA CLA WE . 1.49 -36.54 -12.05
O1A CLA WE . 0.43 -36.54 -12.65
O2A CLA WE . 2.52 -37.50 -12.45
NB CLA WE . 3.85 -33.84 -5.14
C1B CLA WE . 2.52 -34.03 -5.29
C2B CLA WE . 1.73 -34.26 -4.06
C3B CLA WE . 2.78 -34.20 -3.04
C4B CLA WE . 4.03 -33.94 -3.80
CMB CLA WE . 0.25 -34.48 -3.90
CAB CLA WE . 2.63 -34.36 -1.58
CBB CLA WE . 3.33 -35.28 -0.94
NC CLA WE . 6.75 -33.42 -5.16
C1C CLA WE . 6.63 -33.56 -3.82
C2C CLA WE . 7.88 -33.46 -3.01
C3C CLA WE . 8.90 -33.22 -4.04
C4C CLA WE . 8.10 -33.20 -5.30
CMC CLA WE . 8.06 -33.57 -1.53
CAC CLA WE . 10.38 -33.01 -3.87
CBC CLA WE . 10.66 -31.55 -3.64
ND CLA WE . 6.78 -33.15 -7.92
C1D CLA WE . 8.11 -32.95 -7.89
C2D CLA WE . 8.70 -32.75 -9.26
C3D CLA WE . 7.49 -32.84 -10.07
C4D CLA WE . 6.47 -33.07 -9.24
CMD CLA WE . 10.05 -32.49 -9.89
CAD CLA WE . 6.99 -32.78 -11.47
OBD CLA WE . 7.72 -32.57 -12.51
CBD CLA WE . 5.51 -33.00 -11.46
CGD CLA WE . 4.81 -31.76 -11.94
O1D CLA WE . 4.55 -30.86 -11.17
O2D CLA WE . 4.29 -31.71 -13.30
CED CLA WE . 4.46 -30.52 -14.08
C1 CLA WE . 2.36 -38.24 -13.66
C2 CLA WE . 3.47 -37.89 -14.62
C3 CLA WE . 3.22 -37.78 -15.93
C4 CLA WE . 4.34 -37.43 -16.87
C5 CLA WE . 1.84 -38.02 -16.46
C6 CLA WE . 1.92 -38.54 -17.90
C7 CLA WE . 2.42 -39.97 -17.93
C8 CLA WE . 2.07 -40.64 -19.26
C9 CLA WE . 1.08 -39.79 -20.05
C10 CLA WE . 1.52 -42.03 -19.00
C11 CLA WE . 2.19 -43.06 -19.90
C12 CLA WE . 2.04 -44.47 -19.32
C13 CLA WE . 2.34 -45.52 -20.38
C14 CLA WE . 1.27 -45.55 -21.45
C15 CLA WE . 2.49 -46.89 -19.71
C16 CLA WE . 3.95 -47.30 -19.64
C17 CLA WE . 4.30 -47.84 -18.25
C18 CLA WE . 5.41 -48.87 -18.32
C19 CLA WE . 6.09 -49.04 -16.96
C20 CLA WE . 4.89 -50.21 -18.84
MG CLA XE . -0.45 -31.68 3.98
CHA CLA XE . -0.12 -29.42 1.42
CHB CLA XE . -3.17 -30.00 5.09
CHC CLA XE . -0.75 -33.98 6.54
CHD CLA XE . 2.42 -33.42 2.77
NA CLA XE . -1.47 -30.04 3.40
C1A CLA XE . -1.22 -29.27 2.39
C2A CLA XE . -2.16 -28.12 2.22
C3A CLA XE . -3.11 -28.32 3.36
C4A CLA XE . -2.56 -29.54 4.01
CMA CLA XE . -3.02 -27.14 4.34
CAA CLA XE . -2.88 -28.26 0.88
CBA CLA XE . -3.43 -29.67 0.69
CGA CLA XE . -4.58 -29.64 -0.27
O1A CLA XE . -4.49 -29.08 -1.34
O2A CLA XE . -5.79 -30.42 0.01
NB CLA XE . -1.75 -31.94 5.54
C1B CLA XE . -2.81 -31.18 5.88
C2B CLA XE . -3.59 -31.59 7.08
C3B CLA XE . -2.83 -32.79 7.48
C4B CLA XE . -1.75 -32.91 6.49
CMB CLA XE . -4.81 -30.98 7.70
CAB CLA XE . -3.11 -33.68 8.63
CBB CLA XE . -3.72 -33.21 9.71
NC CLA XE . 0.62 -33.35 4.55
C1C CLA XE . 0.37 -34.17 5.60
C2C CLA XE . 1.30 -35.32 5.76
C3C CLA XE . 2.25 -35.14 4.65
C4C CLA XE . 1.73 -33.93 3.98
CMC CLA XE . 1.30 -36.39 6.83
CAC CLA XE . 3.43 -36.00 4.28
CBC CLA XE . 4.37 -36.10 5.47
ND CLA XE . 0.92 -31.55 2.47
C1D CLA XE . 2.00 -32.23 2.03
C2D CLA XE . 2.62 -31.62 0.80
C3D CLA XE . 1.71 -30.48 0.60
C4D CLA XE . 0.80 -30.52 1.56
CMD CLA XE . 3.78 -31.86 -0.13
CAD CLA XE . 1.45 -29.32 -0.28
OBD CLA XE . 2.15 -28.98 -1.31
CBD CLA XE . 0.24 -28.58 0.24
CGD CLA XE . 0.64 -27.22 0.69
O1D CLA XE . 1.36 -26.52 0.00
O2D CLA XE . 0.02 -26.63 1.87
CED CLA XE . -1.21 -25.93 1.76
C1 CLA XE . -5.99 -31.68 -0.62
C2 CLA XE . -7.46 -32.00 -0.64
C3 CLA XE . -8.27 -31.56 0.33
C4 CLA XE . -9.73 -31.90 0.29
C5 CLA XE . -7.71 -30.74 1.46
C6 CLA XE . -8.27 -29.32 1.38
C7 CLA XE . -9.41 -29.13 2.37
C8 CLA XE . -8.88 -28.62 3.71
C9 CLA XE . -8.67 -29.77 4.68
C10 CLA XE . -7.57 -27.86 3.49
C11 CLA XE . -6.74 -27.81 4.76
C12 CLA XE . -7.44 -27.01 5.84
C13 CLA XE . -6.45 -26.52 6.89
C14 CLA XE . -5.41 -27.59 7.20
C15 CLA XE . -7.21 -26.13 8.16
C16 CLA XE . -7.75 -24.71 8.05
C17 CLA XE . -8.96 -24.51 8.96
C18 CLA XE . -8.61 -24.84 10.41
C19 CLA XE . -9.85 -25.30 11.16
C20 CLA XE . -7.51 -25.90 10.47
MG CLA YE . 10.33 -41.88 -35.47
CHA CLA YE . 13.31 -40.43 -34.64
CHB CLA YE . 8.87 -38.82 -35.53
CHC CLA YE . 7.34 -43.39 -36.30
CHD CLA YE . 11.90 -45.09 -35.39
NA CLA YE . 10.93 -39.99 -35.15
C1A CLA YE . 12.12 -39.59 -34.85
C2A CLA YE . 12.28 -38.11 -34.67
C3A CLA YE . 10.88 -37.61 -34.95
C4A CLA YE . 10.17 -38.90 -35.24
CMA CLA YE . 10.28 -36.96 -33.72
CAA CLA YE . 13.26 -37.58 -35.71
CBA CLA YE . 12.59 -37.43 -37.07
CGA CLA YE . 13.53 -37.88 -38.15
O1A CLA YE . 14.32 -38.79 -37.94
O2A CLA YE . 13.65 -37.12 -39.38
NB CLA YE . 8.42 -41.22 -35.85
C1B CLA YE . 7.97 -39.94 -35.84
C2B CLA YE . 6.54 -39.73 -36.15
C3B CLA YE . 6.10 -41.11 -36.38
C4B CLA YE . 7.33 -41.93 -36.17
CMB CLA YE . 5.73 -38.45 -36.23
CAB CLA YE . 4.75 -41.60 -36.74
CBB CLA YE . 3.78 -40.73 -36.96
NC CLA YE . 9.73 -43.84 -35.79
C1C CLA YE . 8.49 -44.29 -36.12
C2C CLA YE . 8.34 -45.75 -36.28
C3C CLA YE . 9.70 -46.24 -36.01
C4C CLA YE . 10.45 -45.00 -35.72
CMC CLA YE . 7.11 -46.54 -36.64
CAC CLA YE . 10.20 -47.67 -36.03
CBC CLA YE . 11.11 -47.87 -37.22
ND CLA YE . 12.16 -42.70 -35.12
C1D CLA YE . 12.73 -43.92 -35.09
C2D CLA YE . 14.20 -43.89 -34.75
C3D CLA YE . 14.38 -42.44 -34.58
C4D CLA YE . 13.20 -41.86 -34.80
CMD CLA YE . 15.35 -44.84 -34.57
CAD CLA YE . 15.39 -41.40 -34.25
OBD CLA YE . 16.62 -41.62 -33.98
CBD CLA YE . 14.71 -40.05 -34.28
CGD CLA YE . 14.74 -39.46 -32.91
O1D CLA YE . 13.96 -38.56 -32.61
O2D CLA YE . 15.81 -39.79 -31.98
CED CLA YE . 17.14 -39.37 -32.25
C1 CLA YE . 12.60 -36.24 -39.78
C2 CLA YE . 12.26 -36.48 -41.23
C3 CLA YE . 10.98 -36.44 -41.65
C4 CLA YE . 9.87 -36.17 -40.67
C5 CLA YE . 10.65 -36.69 -43.10
C6 CLA YE . 9.27 -37.31 -43.21
C7 CLA YE . 8.84 -37.94 -41.89
C8 CLA YE . 7.50 -38.65 -42.03
C9 CLA YE . 7.61 -39.82 -43.00
C10 CLA YE . 6.44 -37.66 -42.47
C11 CLA YE . 5.36 -37.51 -41.40
C12 CLA YE . 4.63 -36.18 -41.54
C13 CLA YE . 3.19 -36.38 -41.99
C14 CLA YE . 2.66 -37.74 -41.52
C15 CLA YE . 3.10 -36.28 -43.51
C16 CLA YE . 2.30 -35.06 -43.92
C17 CLA YE . 1.63 -34.40 -42.72
C18 CLA YE . 0.14 -34.24 -42.92
C19 CLA YE . -0.58 -33.92 -41.61
C20 CLA YE . -0.15 -33.18 -43.98
CHA PHO ZE . -13.34 -36.04 4.43
CHB PHO ZE . -9.74 -32.83 4.45
CHC PHO ZE . -6.88 -36.26 2.31
CHD PHO ZE . -10.62 -39.51 2.32
NA PHO ZE . -11.41 -34.65 4.33
C1A PHO ZE . -12.68 -34.85 4.65
C2A PHO ZE . -13.32 -33.66 5.29
C3A PHO ZE . -12.18 -32.65 5.29
C4A PHO ZE . -11.06 -33.41 4.66
CMA PHO ZE . -12.53 -31.48 4.36
CAA PHO ZE . -13.73 -33.98 6.72
CBA PHO ZE . -13.17 -32.97 7.71
CGA PHO ZE . -13.13 -33.58 9.08
O1A PHO ZE . -14.12 -34.49 9.48
O2A PHO ZE . -12.23 -33.27 9.88
NB PHO ZE . -8.60 -34.78 3.38
C1B PHO ZE . -8.55 -33.49 3.83
C2B PHO ZE . -7.33 -32.87 3.68
C3B PHO ZE . -6.56 -33.85 3.08
C4B PHO ZE . -7.33 -34.97 2.92
CMB PHO ZE . -6.84 -31.73 4.51
CAB PHO ZE . -5.13 -33.71 2.68
CBB PHO ZE . -4.18 -33.29 3.77
NC PHO ZE . -8.93 -37.69 2.44
C1C PHO ZE . -7.65 -37.49 2.11
C2C PHO ZE . -7.03 -38.71 1.48
C3C PHO ZE . -8.18 -39.70 1.48
C4C PHO ZE . -9.29 -38.92 2.11
CMC PHO ZE . -6.55 -38.38 0.07
CAC PHO ZE . -8.61 -40.15 0.10
CBC PHO ZE . -9.92 -40.91 0.21
ND PHO ZE . -11.58 -37.48 3.36
C1D PHO ZE . -11.76 -38.79 2.95
C2D PHO ZE . -13.05 -39.30 3.18
C3D PHO ZE . -13.70 -38.13 3.78
C4D PHO ZE . -12.78 -37.15 3.85
CMD PHO ZE . -13.36 -40.50 4.03
CAD PHO ZE . -14.86 -37.83 4.47
OBD PHO ZE . -15.33 -38.70 5.47
CBD PHO ZE . -14.77 -36.34 4.78
CGD PHO ZE . -15.71 -35.60 3.89
O1D PHO ZE . -16.55 -34.58 4.38
O2D PHO ZE . -15.76 -35.92 2.69
CED PHO ZE . -14.92 -36.95 2.23
C1 PHO ZE . -12.51 -33.06 11.24
C2 PHO ZE . -13.53 -31.96 11.40
C3 PHO ZE . -13.13 -30.56 11.56
C4 PHO ZE . -13.61 -29.53 10.59
C5 PHO ZE . -12.21 -30.15 12.69
C6 PHO ZE . -11.53 -28.85 12.31
C7 PHO ZE . -10.34 -28.58 13.23
C8 PHO ZE . -9.04 -28.96 12.53
C9 PHO ZE . -9.13 -28.63 11.05
C10 PHO ZE . -7.88 -28.25 13.19
C11 PHO ZE . -7.44 -28.95 14.46
C12 PHO ZE . -5.93 -29.05 14.54
C13 PHO ZE . -5.30 -28.81 13.17
C14 PHO ZE . -5.40 -27.35 12.77
C15 PHO ZE . -3.84 -29.24 13.21
C16 PHO ZE . -3.58 -30.38 12.24
C17 PHO ZE . -2.54 -29.97 11.20
C18 PHO ZE . -3.09 -28.84 10.35
C19 PHO ZE . -3.76 -27.80 11.23
C20 PHO ZE . -1.99 -28.23 9.49
C1 PQ9 AF . -21.75 -35.94 -0.63
O1 PQ9 AF . -22.00 -35.27 0.35
C2 PQ9 AF . -20.44 -35.81 -1.27
C3 PQ9 AF . -20.05 -36.64 -2.52
C4 PQ9 AF . -21.13 -37.59 -2.99
O4 PQ9 AF . -20.91 -38.28 -3.96
C5 PQ9 AF . -22.47 -37.70 -2.29
C6 PQ9 AF . -23.53 -38.72 -2.88
C9 PQ9 AF . -23.99 -37.02 -0.57
C10 PQ9 AF . -22.76 -36.92 -1.18
C11 PQ9 AF . -19.46 -34.83 -0.69
C12 PQ9 AF . -19.36 -33.69 -1.70
C13 PQ9 AF . -17.92 -33.24 -1.96
C14 PQ9 AF . -17.76 -32.14 -2.99
C15 PQ9 AF . -16.71 -33.82 -1.31
C16 PQ9 AF . -16.17 -32.79 -0.33
C17 PQ9 AF . -14.94 -33.42 0.28
C18 PQ9 AF . -13.66 -32.72 -0.18
C19 PQ9 AF . -12.41 -33.30 0.36
C20 PQ9 AF . -13.62 -31.51 -1.10
C21 PQ9 AF . -12.42 -31.44 -2.07
C22 PQ9 AF . -12.65 -30.29 -2.72
C23 PQ9 AF . -11.72 -29.51 -3.47
C24 PQ9 AF . -12.13 -28.35 -4.04
C25 PQ9 AF . -10.22 -29.84 -3.69
C26 PQ9 AF . -9.89 -29.57 -5.19
C27 PQ9 AF . -8.46 -29.78 -5.53
C28 PQ9 AF . -7.64 -28.57 -6.32
C29 PQ9 AF . -8.93 -27.91 -6.31
C30 PQ9 AF . -7.42 -27.22 -6.97
C31 PQ9 AF . -6.49 -26.38 -6.07
C32 PQ9 AF . -6.44 -25.02 -6.68
C33 PQ9 AF . -5.70 -24.11 -6.06
C34 PQ9 AF . -5.71 -22.85 -6.63
C35 PQ9 AF . -4.83 -24.32 -4.82
C36 PQ9 AF . -5.34 -24.07 -3.55
C37 PQ9 AF . -4.15 -24.34 -2.76
C38 PQ9 AF . -3.79 -24.35 -1.26
C39 PQ9 AF . -2.30 -24.72 -1.04
C40 PQ9 AF . -4.72 -24.06 -0.02
C41 PQ9 AF . -3.81 -24.03 1.20
C42 PQ9 AF . -4.39 -23.83 2.63
C43 PQ9 AF . -4.97 -22.74 3.13
C44 PQ9 AF . -5.15 -21.48 2.33
C45 PQ9 AF . -5.43 -22.75 4.58
C1 BCR BF . 13.13 -50.00 -32.86
C2 BCR BF . 14.08 -48.84 -33.13
C3 BCR BF . 15.34 -49.04 -32.31
C4 BCR BF . 14.99 -48.92 -30.84
C5 BCR BF . 13.88 -49.88 -30.50
C6 BCR BF . 12.94 -50.20 -31.38
C7 BCR BF . 11.68 -50.77 -30.85
C8 BCR BF . 11.65 -51.28 -29.70
C9 BCR BF . 11.00 -52.14 -29.04
C10 BCR BF . 10.99 -52.14 -27.70
C11 BCR BF . 10.32 -53.01 -27.07
C33 BCR BF . 13.82 -50.51 -29.14
C31 BCR BF . 13.74 -51.26 -33.48
C32 BCR BF . 11.79 -49.71 -33.49
C34 BCR BF . 10.22 -53.19 -29.76
C12 BCR BF . 9.97 -53.73 -26.21
C13 BCR BF . 9.42 -54.46 -25.34
C14 BCR BF . 10.02 -54.71 -24.18
C15 BCR BF . 9.47 -55.43 -23.31
C16 BCR BF . 9.26 -55.88 -22.23
C17 BCR BF . 8.88 -56.39 -21.24
C18 BCR BF . 9.31 -56.92 -20.20
C19 BCR BF . 8.54 -57.24 -19.26
C20 BCR BF . 8.21 -57.56 -18.15
C21 BCR BF . 8.01 -57.67 -16.99
C22 BCR BF . 7.16 -57.70 -16.06
C23 BCR BF . 6.82 -58.89 -15.54
C24 BCR BF . 5.97 -59.26 -14.58
C25 BCR BF . 5.13 -58.61 -13.75
C26 BCR BF . 4.43 -59.35 -12.90
C27 BCR BF . 4.28 -58.98 -11.45
C28 BCR BF . 4.10 -57.47 -11.34
C29 BCR BF . 3.80 -56.85 -12.69
C30 BCR BF . 4.90 -57.13 -13.71
C35 BCR BF . 8.07 -55.06 -25.60
C36 BCR BF . 10.77 -57.19 -20.06
C37 BCR BF . 6.58 -56.41 -15.60
C38 BCR BF . 3.75 -60.60 -13.40
C39 BCR BF . 6.19 -56.42 -13.33
C40 BCR BF . 4.37 -56.68 -15.06
C1A MGE CF . 11.81 -56.30 -14.67
C2A MGE CF . 10.47 -55.64 -14.45
C3A MGE CF . 9.51 -56.04 -15.56
C4A MGE CF . 8.53 -54.92 -15.87
C5A MGE CF . 8.53 -54.57 -17.36
C6A MGE CF . 7.11 -54.41 -17.87
C7A MGE CF . 6.96 -53.12 -18.68
C8A MGE CF . 5.92 -53.28 -19.77
C9A MGE CF . 6.17 -54.54 -20.59
CAA MGE CF . 5.00 -55.51 -20.44
CBA MGE CF . 4.48 -55.96 -21.80
CCA MGE CF . 3.90 -57.36 -21.74
CDA MGE CF . 3.27 -57.76 -23.06
O1A MGE CF . 12.15 -56.65 -15.79
C1B MGE CF . 13.57 -58.05 -10.64
C2B MGE CF . 12.12 -58.22 -10.25
C3B MGE CF . 11.52 -56.84 -9.97
C4B MGE CF . 10.10 -56.74 -10.52
C5B MGE CF . 9.82 -55.36 -11.07
C6B MGE CF . 8.32 -55.05 -11.05
C7B MGE CF . 7.66 -55.69 -9.83
C8B MGE CF . 6.37 -54.96 -9.47
C9B MGE CF . 5.31 -55.94 -8.98
CAB MGE CF . 3.96 -55.24 -8.83
CBB MGE CF . 2.83 -56.26 -8.74
CCB MGE CF . 1.51 -55.58 -8.35
CDB MGE CF . 0.34 -56.22 -9.07
CEB MGE CF . -0.09 -57.51 -8.38
CFB MGE CF . 0.69 -58.71 -8.92
CGB MGE CF . 0.78 -59.81 -7.90
O1B MGE CF . 14.40 -57.72 -9.80
O1G MGE CF . 12.72 -56.53 -13.56
C1G MGE CF . 14.11 -56.69 -13.78
C2G MGE CF . 14.78 -57.23 -12.52
O2G MGE CF . 14.01 -58.31 -12.01
C3G MGE CF . 16.18 -57.72 -12.86
O3G MGE CF . 16.79 -58.22 -11.67
C1D MGE CF . 18.21 -58.03 -11.70
C2D MGE CF . 18.66 -57.35 -10.41
O2D MGE CF . 17.61 -57.43 -9.44
C3D MGE CF . 19.91 -58.01 -9.86
O3D MGE CF . 19.56 -59.22 -9.18
C4D MGE CF . 20.90 -58.32 -10.98
O4D MGE CF . 22.03 -59.03 -10.44
C5D MGE CF . 20.25 -59.16 -12.07
O5D MGE CF . 20.40 -59.54 -14.45
C6D MGE CF . 20.46 -58.52 -13.44
O6D MGE CF . 18.86 -59.29 -11.80
C1A MGE DF . -17.20 -19.78 -10.38
C2A MGE DF . -17.46 -19.25 -11.76
C3A MGE DF . -16.19 -18.61 -12.32
C4A MGE DF . -16.09 -17.15 -11.89
C5A MGE DF . -14.76 -16.87 -11.20
C6A MGE DF . -14.62 -15.40 -10.84
C7A MGE DF . -13.24 -15.11 -10.25
C8A MGE DF . -12.23 -14.78 -11.33
C9A MGE DF . -11.77 -13.34 -11.24
CAA MGE DF . -12.46 -12.46 -12.28
CBA MGE DF . -11.64 -11.21 -12.58
CCA MGE DF . -12.39 -10.28 -13.53
CDA MGE DF . -11.51 -9.12 -13.94
O1A MGE DF . -16.10 -19.64 -9.85
C1B MGE DF . -16.87 -23.59 -10.79
C2B MGE DF . -15.47 -23.62 -11.38
C3B MGE DF . -14.45 -23.78 -10.26
C4B MGE DF . -13.51 -24.93 -10.55
C5B MGE DF . -13.93 -26.20 -9.78
C6B MGE DF . -14.21 -25.87 -8.32
C7B MGE DF . -13.36 -24.70 -7.85
C8B MGE DF . -13.53 -24.47 -6.35
C9B MGE DF . -12.38 -25.10 -5.58
CAB MGE DF . -11.94 -24.20 -4.43
CBB MGE DF . -11.13 -24.98 -3.39
CCB MGE DF . -9.64 -24.65 -3.51
CDB MGE DF . -8.79 -25.83 -3.07
CEB MGE DF . -8.99 -26.13 -1.59
CFB MGE DF . -8.65 -24.91 -0.74
CGB MGE DF . -9.91 -24.28 -0.18
O1B MGE DF . -17.04 -23.78 -9.60
O1G MGE DF . -18.24 -20.48 -9.65
C1G MGE DF . -18.36 -21.89 -9.75
C2G MGE DF . -18.82 -22.27 -11.16
O2G MGE DF . -18.01 -23.34 -11.64
C3G MGE DF . -20.28 -22.71 -11.11
O3G MGE DF . -20.47 -23.78 -12.04
C1D MGE DF . -21.61 -23.56 -12.87
C2D MGE DF . -21.43 -24.29 -14.19
O2D MGE DF . -20.36 -25.23 -14.07
C3D MGE DF . -22.71 -25.02 -14.59
O3D MGE DF . -22.82 -26.23 -13.83
C4D MGE DF . -23.93 -24.15 -14.34
O4D MGE DF . -25.12 -24.89 -14.63
C5D MGE DF . -23.98 -23.66 -12.90
O5D MGE DF . -24.25 -21.73 -11.48
C6D MGE DF . -24.11 -22.14 -12.83
O6D MGE DF . -22.78 -24.05 -12.22
C1A MGE EF . -19.52 -25.09 -0.24
C2A MGE EF . -19.52 -24.96 1.27
C3A MGE EF . -18.12 -24.64 1.75
C4A MGE EF . -18.04 -24.73 3.27
C5A MGE EF . -17.83 -26.18 3.72
C6A MGE EF . -16.83 -26.26 4.85
C7A MGE EF . -17.32 -27.17 5.97
C8A MGE EF . -16.62 -26.88 7.28
C9A MGE EF . -16.11 -28.16 7.94
CAA MGE EF . -17.26 -29.11 8.20
CBA MGE EF . -16.93 -30.07 9.35
CCA MGE EF . -18.15 -30.87 9.77
CDA MGE EF . -17.99 -31.43 11.17
O1A MGE EF . -18.62 -24.60 -0.90
C1B MGE EF . -20.10 -28.57 -3.42
C2B MGE EF . -18.65 -28.18 -3.64
C3B MGE EF . -17.79 -28.89 -2.61
C4B MGE EF . -17.06 -27.88 -1.73
C5B MGE EF . -15.62 -28.31 -1.48
C6B MGE EF . -14.90 -27.32 -0.57
C7B MGE EF . -14.50 -27.97 0.75
C8B MGE EF . -13.02 -27.81 1.02
C9B MGE EF . -12.73 -26.53 1.81
CAB MGE EF . -11.35 -26.57 2.44
CBB MGE EF . -11.23 -25.54 3.56
CCB MGE EF . -10.98 -24.15 2.99
CDB MGE EF . -9.57 -23.67 3.32
CEB MGE EF . -9.60 -22.57 4.38
CFB MGE EF . -9.52 -23.16 5.78
CGB MGE EF . -8.56 -22.37 6.64
O1B MGE EF . -20.61 -29.46 -4.05
O1G MGE EF . -20.59 -25.81 -0.91
C1G MGE EF . -20.96 -25.45 -2.24
C2G MGE EF . -21.50 -26.68 -2.97
O2G MGE EF . -20.90 -27.86 -2.42
C3G MGE EF . -23.01 -26.76 -2.79
O3G MGE EF . -23.57 -27.51 -3.86
C1D MGE EF . -22.90 -27.28 -5.09
C2D MGE EF . -22.99 -28.52 -5.97
O2D MGE EF . -23.79 -29.51 -5.31
C3D MGE EF . -23.59 -28.19 -7.33
O3D MGE EF . -23.76 -29.40 -8.07
C4D MGE EF . -24.94 -27.49 -7.18
O4D MGE EF . -25.94 -28.45 -6.85
C5D MGE EF . -24.87 -26.43 -6.09
O5D MGE EF . -25.77 -24.30 -5.40
C6D MGE EF . -25.54 -25.14 -6.53
O6D MGE EF . -23.50 -26.18 -5.76
BR BR FF . 15.75 -29.17 10.80
CHA HEM GF . 3.87 -67.69 -34.12
CHB HEM GF . 5.21 -66.96 -29.50
CHC HEM GF . 0.55 -66.48 -28.20
CHD HEM GF . -0.83 -67.20 -32.81
C1A HEM GF . 4.64 -67.54 -32.99
C2A HEM GF . 6.09 -67.60 -32.92
C3A HEM GF . 6.45 -67.40 -31.66
C4A HEM GF . 5.26 -67.19 -30.87
CMA HEM GF . 7.90 -67.38 -31.13
CAA HEM GF . 7.03 -67.87 -34.12
CBA HEM GF . 7.50 -66.53 -34.69
CGA HEM GF . 8.10 -65.69 -33.60
O1A HEM GF . 8.93 -66.22 -32.82
O2A HEM GF . 7.73 -64.48 -33.51
C1B HEM GF . 4.07 -66.77 -28.76
C2B HEM GF . 4.02 -66.52 -27.33
C3B HEM GF . 2.75 -66.38 -26.97
C4B HEM GF . 1.93 -66.55 -28.16
CMB HEM GF . 5.24 -66.42 -26.39
CAB HEM GF . 2.23 -66.10 -25.55
CBB HEM GF . 2.88 -66.60 -24.49
C1C HEM GF . -0.22 -66.63 -29.33
C2C HEM GF . -1.67 -66.56 -29.39
C3C HEM GF . -2.05 -66.76 -30.65
C4C HEM GF . -0.86 -66.96 -31.45
CMC HEM GF . -2.61 -66.29 -28.19
CAC HEM GF . -3.51 -66.77 -31.17
CBC HEM GF . -4.38 -65.85 -30.74
C1D HEM GF . 0.28 -67.40 -33.59
C2D HEM GF . 0.26 -67.65 -35.02
C3D HEM GF . 1.74 -67.81 -35.43
C4D HEM GF . 2.49 -67.63 -34.22
CMD HEM GF . -0.98 -67.74 -35.93
CAD HEM GF . 2.28 -68.07 -36.85
CBD HEM GF . 2.67 -66.76 -37.51
CGD HEM GF . 4.17 -66.62 -37.54
O1D HEM GF . 4.83 -67.10 -36.58
O2D HEM GF . 4.70 -66.05 -38.52
NA HEM GF . 4.17 -67.29 -31.71
NB HEM GF . 2.77 -66.77 -29.23
NC HEM GF . 0.23 -66.88 -30.62
ND HEM GF . 1.61 -67.40 -33.16
FE HEM GF . 2.19 -67.09 -31.19
C1 BCR HF . 0.68 -23.74 -43.72
C2 BCR HF . -0.45 -24.47 -42.99
C3 BCR HF . -1.77 -24.33 -43.76
C4 BCR HF . -1.68 -25.04 -45.11
C5 BCR HF . -0.27 -24.93 -45.64
C6 BCR HF . 0.55 -23.99 -45.19
C7 BCR HF . 1.31 -23.16 -46.15
C8 BCR HF . 2.56 -23.11 -46.05
C9 BCR HF . 3.63 -23.23 -46.70
C10 BCR HF . 4.82 -23.12 -46.08
C11 BCR HF . 5.88 -23.25 -46.73
C33 BCR HF . 0.21 -25.91 -46.69
C31 BCR HF . 2.03 -24.27 -43.26
C32 BCR HF . 0.59 -22.24 -43.47
C34 BCR HF . 3.59 -23.51 -48.18
C12 BCR HF . 6.58 -23.78 -47.52
C13 BCR HF . 7.58 -23.99 -48.26
C14 BCR HF . 8.50 -24.89 -47.88
C15 BCR HF . 9.49 -25.11 -48.62
C16 BCR HF . 10.50 -25.31 -49.20
C17 BCR HF . 11.53 -25.43 -49.76
C18 BCR HF . 12.67 -25.97 -49.62
C19 BCR HF . 13.59 -25.70 -50.42
C20 BCR HF . 14.64 -26.02 -50.84
C21 BCR HF . 15.59 -26.72 -50.93
C22 BCR HF . 16.36 -27.42 -50.24
C23 BCR HF . 17.69 -27.35 -50.42
C24 BCR HF . 18.18 -26.52 -51.35
C25 BCR HF . 19.51 -26.46 -51.53
C26 BCR HF . 20.00 -25.63 -52.45
C27 BCR HF . 21.05 -26.13 -53.43
C28 BCR HF . 21.76 -27.33 -52.83
C29 BCR HF . 21.83 -27.23 -51.31
C30 BCR HF . 20.43 -27.29 -50.70
C35 BCR HF . 7.73 -23.25 -49.54
C36 BCR HF . 12.91 -26.92 -48.49
C37 BCR HF . 15.80 -28.35 -49.20
C38 BCR HF . 19.52 -24.21 -52.54
C39 BCR HF . 20.45 -26.75 -49.27
C40 BCR HF . 19.92 -28.73 -50.71
C1A DGD IF . 14.83 -27.69 -29.66
C2A DGD IF . 14.21 -28.81 -30.44
C3A DGD IF . 12.69 -28.63 -30.45
C4A DGD IF . 11.98 -29.98 -30.36
C5A DGD IF . 10.46 -29.79 -30.43
C6A DGD IF . 9.74 -31.11 -30.16
C7A DGD IF . 8.41 -30.88 -29.47
C8A DGD IF . 7.36 -30.37 -30.45
C9A DGD IF . 6.18 -31.31 -30.53
CAA DGD IF . 5.47 -31.42 -29.17
CBA DGD IF . 3.96 -31.31 -29.35
CCA DGD IF . 3.26 -31.31 -27.99
CDA DGD IF . 2.36 -30.09 -27.84
CEA DGD IF . 2.06 -29.82 -26.37
CFA DGD IF . 1.60 -28.39 -26.16
CGA DGD IF . 2.23 -27.78 -24.91
CHA DGD IF . 1.44 -26.56 -24.44
CIA DGD IF . 2.15 -25.88 -23.29
O1A DGD IF . 14.35 -27.31 -28.61
C1B DGD IF . 16.71 -23.82 -30.97
C2B DGD IF . 15.45 -23.71 -30.14
C3B DGD IF . 14.33 -23.12 -30.99
C4B DGD IF . 12.98 -23.66 -30.56
C5B DGD IF . 11.97 -22.53 -30.37
C6B DGD IF . 11.22 -22.68 -29.06
C7B DGD IF . 10.40 -23.96 -29.04
C8B DGD IF . 10.63 -24.75 -27.76
C9B DGD IF . 9.92 -24.09 -26.57
CAB DGD IF . 10.84 -24.03 -25.36
CBB DGD IF . 11.52 -22.66 -25.27
CCB DGD IF . 10.98 -21.85 -24.11
CDB DGD IF . 11.91 -21.94 -22.90
CEB DGD IF . 11.16 -22.48 -21.68
CFB DGD IF . 10.90 -21.38 -20.66
CGB DGD IF . 9.47 -21.46 -20.15
CHB DGD IF . 8.53 -21.96 -21.25
CIB DGD IF . 7.14 -21.37 -21.08
O1B DGD IF . 17.21 -22.82 -31.47
O1G DGD IF . 16.05 -27.05 -30.16
C1G DGD IF . 16.98 -26.48 -29.24
C2G DGD IF . 17.96 -25.60 -30.00
O2G DGD IF . 17.34 -25.11 -31.19
C3G DGD IF . 18.37 -24.43 -29.11
O3G DGD IF . 19.76 -24.16 -29.28
C1D DGD IF . 20.44 -24.07 -28.03
C2D DGD IF . 20.96 -25.45 -27.62
O2D DGD IF . 19.85 -26.34 -27.42
C3D DGD IF . 21.77 -25.36 -26.33
O3D DGD IF . 22.42 -26.61 -26.10
C4D DGD IF . 22.82 -24.25 -26.41
O4D DGD IF . 23.85 -24.64 -27.32
C5D DGD IF . 22.18 -22.95 -26.90
O5D DGD IF . 23.29 -21.43 -28.41
C6D DGD IF . 23.23 -21.85 -27.05
O6D DGD IF . 21.54 -23.16 -28.14
C1E DGD IF . 24.32 -20.47 -28.63
C2E DGD IF . 24.74 -20.50 -30.09
O2E DGD IF . 24.18 -21.66 -30.73
C3E DGD IF . 26.26 -20.52 -30.22
O3E DGD IF . 26.62 -20.20 -31.56
C4E DGD IF . 26.90 -19.53 -29.26
O4E DGD IF . 26.57 -18.19 -29.67
C5E DGD IF . 26.43 -19.75 -27.83
O6E DGD IF . 25.44 -20.79 -27.81
C6E DGD IF . 25.82 -18.47 -27.25
O5E DGD IF . 26.40 -18.21 -25.97
C1 BCR JF . 5.12 -81.42 5.40
C2 BCR JF . 6.30 -82.31 5.08
C3 BCR JF . 5.87 -83.39 4.10
C4 BCR JF . 5.50 -82.73 2.78
C5 BCR JF . 4.50 -81.63 3.01
C6 BCR JF . 4.45 -80.93 4.14
C7 BCR JF . 3.70 -79.66 4.16
C8 BCR JF . 2.83 -79.40 3.29
C9 BCR JF . 1.89 -78.69 2.84
C10 BCR JF . 1.74 -78.51 1.53
C11 BCR JF . 0.80 -77.81 1.09
C33 BCR JF . 3.53 -81.29 1.92
C31 BCR JF . 5.59 -80.22 6.19
C32 BCR JF . 4.10 -82.21 6.22
C34 BCR JF . 0.92 -78.06 3.79
C12 BCR JF . 0.21 -77.56 0.09
C13 BCR JF . 0.38 -77.05 -1.05
C14 BCR JF . -0.40 -76.06 -1.46
C15 BCR JF . -0.22 -75.56 -2.60
C16 BCR JF . -0.29 -74.69 -3.41
C17 BCR JF . -0.48 -73.85 -4.22
C18 BCR JF . -0.21 -73.20 -5.26
C19 BCR JF . -1.10 -72.50 -5.83
C20 BCR JF . -1.26 -71.84 -6.80
C21 BCR JF . -1.47 -71.20 -7.75
C22 BCR JF . -2.35 -70.58 -8.41
C23 BCR JF . -2.03 -69.38 -8.93
C24 BCR JF . -2.72 -68.50 -9.66
C25 BCR JF . -3.98 -68.46 -10.15
C26 BCR JF . -4.32 -67.39 -10.85
C27 BCR JF . -5.57 -66.62 -10.49
C28 BCR JF . -6.68 -67.62 -10.25
C29 BCR JF . -6.28 -69.01 -10.72
C30 BCR JF . -5.04 -69.51 -9.99
C35 BCR JF . 1.45 -77.58 -1.95
C36 BCR JF . 1.16 -73.26 -5.86
C37 BCR JF . -3.69 -71.22 -8.57
C38 BCR JF . -3.47 -66.93 -12.00
C39 BCR JF . -4.60 -70.81 -10.64
C40 BCR JF . -5.38 -69.67 -8.51
C1 BCR KF . 10.60 -83.09 9.30
C2 BCR KF . 11.69 -83.61 10.23
C3 BCR KF . 11.35 -83.34 11.69
C4 BCR KF . 10.12 -84.12 12.11
C5 BCR KF . 9.17 -84.25 10.94
C6 BCR KF . 9.26 -83.39 9.91
C7 BCR KF . 8.04 -82.75 9.39
C8 BCR KF . 7.01 -83.44 9.15
C9 BCR KF . 5.78 -83.63 9.14
C10 BCR KF . 5.01 -82.96 8.28
C11 BCR KF . 3.76 -83.16 8.28
C33 BCR KF . 8.14 -85.33 10.92
C31 BCR KF . 10.68 -83.77 7.95
C32 BCR KF . 10.73 -81.58 9.14
C34 BCR KF . 5.17 -84.61 10.10
C12 BCR KF . 2.73 -82.61 8.49
C13 BCR KF . 1.59 -82.28 8.13
C14 BCR KF . 1.03 -81.15 8.61
C15 BCR KF . -0.12 -80.82 8.25
C16 BCR KF . -0.93 -79.96 8.25
C17 BCR KF . -1.70 -79.20 7.76
C18 BCR KF . -2.55 -78.29 7.90
C19 BCR KF . -2.86 -77.57 6.92
C20 BCR KF . -3.72 -76.89 6.48
C21 BCR KF . -4.81 -76.46 6.40
C22 BCR KF . -6.01 -76.70 6.69
C23 BCR KF . -6.97 -76.54 5.77
C24 BCR KF . -6.65 -76.15 4.54
C25 BCR KF . -7.61 -75.98 3.62
C26 BCR KF . -8.88 -76.23 3.93
C27 BCR KF . -9.98 -75.34 3.40
C28 BCR KF . -9.69 -75.00 1.94
C29 BCR KF . -8.26 -74.49 1.77
C30 BCR KF . -7.25 -75.54 2.23
C35 BCR KF . 0.83 -83.12 7.15
C36 BCR KF . -3.17 -78.05 9.24
C37 BCR KF . -6.37 -77.14 8.08
C38 BCR KF . -9.23 -77.39 4.81
C39 BCR KF . -5.85 -74.95 2.25
C40 BCR KF . -7.30 -76.75 1.30
C1 BCR LF . -20.12 -22.95 13.63
C2 BCR LF . -19.88 -24.45 13.79
C3 BCR LF . -20.06 -25.18 12.46
C4 BCR LF . -19.02 -24.74 11.45
C5 BCR LF . -18.64 -23.29 11.69
C6 BCR LF . -19.49 -22.49 12.34
C7 BCR LF . -19.80 -21.16 11.81
C8 BCR LF . -19.30 -20.14 12.33
C9 BCR LF . -19.19 -18.95 12.73
C10 BCR LF . -18.34 -18.11 12.11
C11 BCR LF . -18.23 -16.92 12.50
C33 BCR LF . -17.33 -22.76 11.20
C31 BCR LF . -19.49 -22.19 14.79
C32 BCR LF . -21.61 -22.66 13.56
C34 BCR LF . -20.01 -18.47 13.88
C12 BCR LF . -17.66 -15.90 12.37
C13 BCR LF . -17.25 -14.72 12.38
C14 BCR LF . -16.28 -14.34 11.54
C15 BCR LF . -15.87 -13.15 11.55
C16 BCR LF . -15.07 -12.29 11.51
C17 BCR LF . -14.49 -11.34 11.10
C18 BCR LF . -14.01 -10.56 10.24
C19 BCR LF . -13.45 -9.49 10.61
C20 BCR LF . -12.92 -8.48 10.29
C21 BCR LF . -12.23 -7.53 10.22
C22 BCR LF . -11.41 -6.84 10.87
C23 BCR LF . -11.87 -5.74 11.50
C24 BCR LF . -11.20 -4.84 12.23
C25 BCR LF . -9.90 -4.80 12.58
C26 BCR LF . -8.96 -5.66 12.21
C27 BCR LF . -7.98 -5.20 11.19
C28 BCR LF . -7.76 -3.71 11.47
C29 BCR LF . -7.98 -3.36 12.95
C30 BCR LF . -9.40 -3.67 13.42
C35 BCR LF . -17.84 -13.73 13.35
C36 BCR LF . -14.10 -10.90 8.79
C37 BCR LF . -9.98 -7.26 10.91
C38 BCR LF . -8.84 -7.00 12.88
C39 BCR LF . -10.31 -2.47 13.26
C40 BCR LF . -9.37 -4.12 14.88
CHA HEM MF . 41.07 -50.59 16.33
CHB HEM MF . 41.41 -54.23 13.11
CHC HEM MF . 37.01 -55.84 14.44
CHD HEM MF . 36.64 -52.22 17.67
C1A HEM MF . 41.54 -51.44 15.35
C2A HEM MF . 42.82 -51.33 14.67
C3A HEM MF . 42.92 -52.32 13.79
C4A HEM MF . 41.70 -53.11 13.86
CMA HEM MF . 44.10 -52.59 12.84
CAA HEM MF . 43.89 -50.24 14.92
CBA HEM MF . 44.44 -49.73 13.59
CGA HEM MF . 44.99 -48.35 13.76
O1A HEM MF . 45.64 -47.84 12.81
O2A HEM MF . 44.81 -47.76 14.86
C1B HEM MF . 40.25 -54.98 13.19
C2B HEM MF . 39.94 -56.15 12.41
C3B HEM MF . 38.74 -56.59 12.77
C4B HEM MF . 38.23 -55.71 13.81
CMB HEM MF . 40.86 -56.78 11.33
CAB HEM MF . 38.01 -57.82 12.19
CBB HEM MF . 37.25 -58.59 12.98
C1C HEM MF . 36.53 -54.99 15.42
C2C HEM MF . 35.25 -55.12 16.10
C3C HEM MF . 35.15 -54.13 16.98
C4C HEM MF . 36.36 -53.33 16.91
CMC HEM MF . 34.19 -56.21 15.84
CAC HEM MF . 33.94 -53.87 17.92
CBC HEM MF . 34.15 -53.33 19.13
C1D HEM MF . 37.78 -51.44 17.62
C2D HEM MF . 38.03 -50.27 18.44
C3D HEM MF . 39.41 -49.76 18.01
C4D HEM MF . 39.86 -50.68 16.98
CMD HEM MF . 37.09 -49.66 19.51
CAD HEM MF . 40.17 -48.54 18.57
CBD HEM MF . 41.57 -48.96 18.99
CGD HEM MF . 41.96 -48.23 20.25
O1D HEM MF . 42.66 -47.19 20.15
O2D HEM MF . 41.57 -48.68 21.36
NA HEM MF . 40.89 -52.54 14.83
NB HEM MF . 39.18 -54.74 14.03
NC HEM MF . 37.17 -53.90 15.95
ND HEM MF . 38.88 -51.64 16.79
FE HEM MF . 39.03 -53.19 15.41
C1 BCR NF . 11.00 -87.38 18.43
C2 BCR NF . 12.29 -86.61 18.60
C3 BCR NF . 12.04 -85.10 18.64
C4 BCR NF . 11.22 -84.73 19.88
C5 BCR NF . 10.28 -85.85 20.23
C6 BCR NF . 9.93 -86.74 19.30
C7 BCR NF . 8.51 -87.10 19.11
C8 BCR NF . 7.61 -86.35 19.57
C9 BCR NF . 6.38 -86.28 19.37
C10 BCR NF . 5.58 -85.75 20.31
C11 BCR NF . 4.34 -85.69 20.11
C33 BCR NF . 9.74 -85.97 21.62
C31 BCR NF . 11.17 -88.83 18.86
C32 BCR NF . 10.52 -87.32 16.98
C34 BCR NF . 5.79 -86.80 18.08
C12 BCR NF . 3.19 -85.43 20.12
C13 BCR NF . 2.17 -84.82 20.52
C14 BCR NF . 0.99 -84.98 19.89
C15 BCR NF . -0.03 -84.39 20.31
C16 BCR NF . -1.15 -84.03 20.27
C17 BCR NF . -2.30 -83.77 20.20
C18 BCR NF . -3.35 -83.75 20.89
C19 BCR NF . -4.44 -83.44 20.36
C20 BCR NF . -5.60 -83.26 20.26
C21 BCR NF . -6.74 -82.91 20.29
C22 BCR NF . -7.48 -82.05 20.82
C23 BCR NF . -8.80 -82.29 20.89
C24 BCR NF . -9.61 -81.38 21.46
C25 BCR NF . -10.92 -81.62 21.54
C26 BCR NF . -11.43 -82.75 21.05
C27 BCR NF . -12.76 -83.25 21.55
C28 BCR NF . -13.76 -82.11 21.59
C29 BCR NF . -13.28 -80.99 22.51
C30 BCR NF . -11.83 -80.60 22.18
C35 BCR NF . 2.26 -83.93 21.72
C36 BCR NF . -3.29 -84.10 22.35
C37 BCR NF . -6.91 -80.78 21.37
C38 BCR NF . -10.68 -83.52 20.00
C39 BCR NF . -11.22 -79.34 22.82
C40 BCR NF . -11.47 -81.30 23.48
#